data_1GQ2
#
_entry.id   1GQ2
#
_cell.length_a   124.149
_cell.length_b   140.863
_cell.length_c   167.079
_cell.angle_alpha   90.05
_cell.angle_beta   87.16
_cell.angle_gamma   75.63
#
_symmetry.space_group_name_H-M   'P 1'
#
loop_
_entity.id
_entity.type
_entity.pdbx_description
1 polymer 'MALIC ENZYME'
2 non-polymer 'NADP NICOTINAMIDE-ADENINE-DINUCLEOTIDE PHOSPHATE'
3 non-polymer 'OXALATE ION'
4 non-polymer 'MANGANESE (II) ION'
5 non-polymer 'CHLORIDE ION'
6 non-polymer 'SODIUM ION'
7 water water
#
_entity_poly.entity_id   1
_entity_poly.type   'polypeptide(L)'
_entity_poly.pdbx_seq_one_letter_code
;KKGYEVLRDPHLNKG(MSE)AFTLEERQQLNIHGLLPPCFLGQDAQVYSILKNFERLTSDLDRYILL(MSE)SLQDRNEK
LFYKVLTSDIERF(MSE)PIVYTPTVGLACQHYGLAFRRPRGLFITIHDRGHIAT(MSE)LQSWPESVIKAIVVTDGERI
LGLGDLGCYG(MSE)GIPVGKLALYTACGGVKPHQCLPV(MSE)LDVGTDNETLLKDPLYIGLRHKRIRGQAYDDLLDEF
(MSE)EAVTSRYG(MSE)NCLIQFEDFANANAFRLLHKYRNKYCTFNDDIQGTASVAVAGLLAALRITKNRLSDHTVLFQ
GAGEAALGIANLIV(MSE)A(MSE)QKEGVSKEEAIKRIW(MSE)VDSKGLIVKGRASLTPEKEHFAHEHCE(MSE)KNL
EDIVKDIKPTVLIGVAAIGGAFTQQILQD(MSE)AAFNKRPIIFALSNPTSKAECTAEQLYKYTEGRGIFASGSPFDPVT
LPSGQTLYPGQGNNSYVFPGVALGVISCGLKHIGDDVFLTTAEVIAQEVSEENLQEGRLYPPLVTIQQVSLKIAVRIAKE
AYRNNTASTYPQPEDLEAFIRSQVYSTDYNCFVADSYTWPEEA(MSE)KVK
;
_entity_poly.pdbx_strand_id   A,B,C,D,E,F,G,H,I,J,K,L,M,N,O,P
#
loop_
_chem_comp.id
_chem_comp.type
_chem_comp.name
_chem_comp.formula
CL non-polymer 'CHLORIDE ION' 'Cl -1'
MN non-polymer 'MANGANESE (II) ION' 'Mn 2'
NA non-polymer 'SODIUM ION' 'Na 1'
NAP non-polymer 'NADP NICOTINAMIDE-ADENINE-DINUCLEOTIDE PHOSPHATE' 'C21 H28 N7 O17 P3'
OXL non-polymer 'OXALATE ION' 'C2 O4 -2'
#
# COMPACT_ATOMS: atom_id res chain seq x y z
N LYS A 1 43.73 25.86 0.90
CA LYS A 1 43.34 24.54 0.30
C LYS A 1 42.36 24.71 -0.86
N LYS A 2 41.14 24.18 -0.76
CA LYS A 2 40.20 24.33 -1.88
C LYS A 2 38.72 24.50 -1.60
N GLY A 3 38.11 25.32 -2.45
CA GLY A 3 36.68 25.52 -2.39
C GLY A 3 36.01 25.67 -1.05
N TYR A 4 34.71 25.40 -1.05
CA TYR A 4 33.88 25.51 0.13
C TYR A 4 34.39 24.75 1.35
N GLU A 5 35.14 23.66 1.13
CA GLU A 5 35.64 22.89 2.25
C GLU A 5 36.53 23.77 3.13
N VAL A 6 37.06 24.84 2.55
CA VAL A 6 37.90 25.78 3.29
C VAL A 6 37.05 26.52 4.31
N LEU A 7 35.86 26.93 3.89
CA LEU A 7 34.95 27.67 4.77
C LEU A 7 34.44 26.82 5.94
N ARG A 8 34.53 25.50 5.82
CA ARG A 8 34.06 24.62 6.88
C ARG A 8 35.17 24.20 7.81
N ASP A 9 36.39 24.51 7.43
CA ASP A 9 37.55 24.19 8.24
C ASP A 9 37.84 25.40 9.11
N PRO A 10 37.53 25.32 10.42
CA PRO A 10 37.79 26.46 11.32
C PRO A 10 39.25 26.88 11.40
N HIS A 11 40.15 25.93 11.18
CA HIS A 11 41.57 26.22 11.23
C HIS A 11 41.95 27.09 10.05
N LEU A 12 41.19 26.98 8.97
CA LEU A 12 41.46 27.78 7.78
C LEU A 12 40.50 28.96 7.63
N ASN A 13 39.22 28.69 7.80
CA ASN A 13 38.20 29.71 7.64
C ASN A 13 38.57 31.09 8.14
N LYS A 14 38.46 32.07 7.27
CA LYS A 14 38.77 33.45 7.62
C LYS A 14 37.48 34.27 7.48
N GLY A 15 36.41 33.60 7.08
CA GLY A 15 35.14 34.29 6.92
C GLY A 15 35.23 35.43 5.93
N MSE A 16 34.53 36.51 6.20
CA MSE A 16 34.56 37.64 5.29
C MSE A 16 35.89 38.38 5.25
O MSE A 16 36.03 39.39 4.57
CB MSE A 16 33.44 38.61 5.64
CG MSE A 16 32.08 38.11 5.23
SE MSE A 16 30.70 39.32 5.77
CE MSE A 16 29.97 38.34 7.26
N ALA A 17 36.88 37.87 5.98
CA ALA A 17 38.20 38.49 6.01
C ALA A 17 39.01 38.02 4.81
N PHE A 18 38.51 37.01 4.09
CA PHE A 18 39.20 36.54 2.90
C PHE A 18 39.18 37.69 1.89
N THR A 19 40.31 37.97 1.27
CA THR A 19 40.40 39.04 0.26
C THR A 19 39.68 38.60 -1.02
N LEU A 20 39.37 39.55 -1.89
CA LEU A 20 38.74 39.23 -3.16
C LEU A 20 39.64 38.26 -3.91
N GLU A 21 40.94 38.57 -3.89
CA GLU A 21 41.94 37.76 -4.57
C GLU A 21 42.03 36.36 -3.98
N GLU A 22 41.90 36.28 -2.67
CA GLU A 22 41.95 34.98 -1.99
C GLU A 22 40.73 34.15 -2.37
N ARG A 23 39.54 34.76 -2.29
CA ARG A 23 38.31 34.05 -2.62
C ARG A 23 38.33 33.53 -4.05
N GLN A 24 38.83 34.35 -4.97
CA GLN A 24 38.90 33.98 -6.37
C GLN A 24 39.86 32.81 -6.56
N GLN A 25 40.99 32.83 -5.86
CA GLN A 25 41.96 31.75 -5.97
C GLN A 25 41.56 30.51 -5.19
N LEU A 26 40.73 30.68 -4.17
CA LEU A 26 40.28 29.55 -3.36
C LEU A 26 38.98 28.95 -3.88
N ASN A 27 38.47 29.51 -4.97
CA ASN A 27 37.22 29.03 -5.56
C ASN A 27 36.05 29.15 -4.61
N ILE A 28 36.00 30.25 -3.87
CA ILE A 28 34.91 30.45 -2.95
C ILE A 28 34.27 31.81 -3.16
N HIS A 29 34.72 32.51 -4.20
CA HIS A 29 34.16 33.82 -4.49
C HIS A 29 32.72 33.63 -4.88
N GLY A 30 31.81 34.18 -4.06
CA GLY A 30 30.39 34.04 -4.33
C GLY A 30 29.73 33.33 -3.16
N LEU A 31 30.52 32.56 -2.44
CA LEU A 31 30.04 31.84 -1.29
C LEU A 31 29.98 32.72 -0.04
N LEU A 32 30.51 33.94 -0.16
CA LEU A 32 30.54 34.90 0.95
C LEU A 32 29.97 36.24 0.53
N PRO A 33 29.25 36.92 1.44
CA PRO A 33 28.69 38.22 1.05
C PRO A 33 29.80 39.16 0.52
N PRO A 34 29.43 40.13 -0.34
CA PRO A 34 30.32 41.10 -0.98
C PRO A 34 30.95 42.16 -0.09
N CYS A 35 31.43 41.78 1.09
CA CYS A 35 32.08 42.75 1.96
C CYS A 35 33.33 42.14 2.57
N PHE A 36 34.42 42.90 2.60
CA PHE A 36 35.67 42.41 3.13
C PHE A 36 36.02 43.20 4.39
N LEU A 37 36.37 42.50 5.46
CA LEU A 37 36.68 43.20 6.68
C LEU A 37 37.83 42.62 7.47
N GLY A 38 38.35 43.43 8.38
CA GLY A 38 39.47 42.99 9.20
C GLY A 38 39.00 42.34 10.46
N GLN A 39 39.93 41.82 11.26
CA GLN A 39 39.58 41.17 12.50
C GLN A 39 38.85 42.09 13.47
N ASP A 40 39.25 43.36 13.53
CA ASP A 40 38.59 44.29 14.45
C ASP A 40 37.11 44.33 14.17
N ALA A 41 36.77 44.43 12.88
CA ALA A 41 35.37 44.48 12.47
C ALA A 41 34.66 43.17 12.86
N GLN A 42 35.36 42.06 12.68
CA GLN A 42 34.80 40.76 13.00
C GLN A 42 34.57 40.63 14.50
N VAL A 43 35.53 41.08 15.29
CA VAL A 43 35.38 41.02 16.74
C VAL A 43 34.22 41.90 17.18
N TYR A 44 34.03 43.02 16.49
CA TYR A 44 32.93 43.91 16.84
C TYR A 44 31.59 43.16 16.76
N SER A 45 31.31 42.54 15.63
CA SER A 45 30.05 41.82 15.46
C SER A 45 29.91 40.74 16.52
N ILE A 46 31.01 40.05 16.83
CA ILE A 46 30.96 39.01 17.85
C ILE A 46 30.51 39.60 19.17
N LEU A 47 31.02 40.78 19.50
CA LEU A 47 30.66 41.42 20.76
C LEU A 47 29.22 41.87 20.77
N LYS A 48 28.74 42.35 19.63
CA LYS A 48 27.35 42.79 19.58
C LYS A 48 26.46 41.57 19.78
N ASN A 49 26.97 40.41 19.38
CA ASN A 49 26.26 39.13 19.53
C ASN A 49 26.34 38.62 20.96
N PHE A 50 27.48 38.87 21.60
CA PHE A 50 27.71 38.42 22.97
C PHE A 50 26.94 39.32 23.92
N GLU A 51 26.93 40.62 23.62
CA GLU A 51 26.23 41.62 24.44
C GLU A 51 24.74 41.35 24.61
N ARG A 52 24.05 41.00 23.53
CA ARG A 52 22.62 40.77 23.62
C ARG A 52 22.21 39.51 24.34
N LEU A 53 23.12 38.55 24.51
CA LEU A 53 22.77 37.32 25.19
C LEU A 53 22.41 37.61 26.65
N THR A 54 21.65 36.71 27.28
CA THR A 54 21.22 36.93 28.66
C THR A 54 21.46 35.77 29.59
N SER A 55 22.36 34.85 29.21
CA SER A 55 22.67 33.69 30.03
C SER A 55 24.10 33.28 29.82
N ASP A 56 24.75 32.83 30.87
CA ASP A 56 26.13 32.42 30.75
C ASP A 56 26.20 31.20 29.84
N LEU A 57 25.24 30.31 29.99
CA LEU A 57 25.19 29.12 29.18
C LEU A 57 25.16 29.53 27.71
N ASP A 58 24.32 30.50 27.38
CA ASP A 58 24.21 30.97 26.00
C ASP A 58 25.52 31.59 25.52
N ARG A 59 26.12 32.47 26.33
CA ARG A 59 27.39 33.11 25.96
C ARG A 59 28.42 32.01 25.68
N TYR A 60 28.32 30.93 26.44
CA TYR A 60 29.24 29.82 26.26
C TYR A 60 29.05 29.23 24.86
N ILE A 61 27.80 28.88 24.54
CA ILE A 61 27.50 28.29 23.24
C ILE A 61 27.93 29.23 22.13
N LEU A 62 27.75 30.51 22.34
CA LEU A 62 28.14 31.50 21.35
C LEU A 62 29.63 31.33 21.04
N LEU A 63 30.45 31.46 22.08
CA LEU A 63 31.89 31.32 21.91
C LEU A 63 32.28 29.97 21.33
N MSE A 64 31.69 28.89 21.86
CA MSE A 64 32.01 27.55 21.37
C MSE A 64 31.77 27.41 19.88
O MSE A 64 32.56 26.79 19.17
CB MSE A 64 31.20 26.50 22.12
CG MSE A 64 31.74 26.17 23.51
SE MSE A 64 33.61 25.64 23.58
CE MSE A 64 33.74 24.58 21.96
N SER A 65 30.66 27.97 19.41
CA SER A 65 30.35 27.91 17.99
C SER A 65 31.42 28.69 17.24
N LEU A 66 31.78 29.86 17.77
CA LEU A 66 32.79 30.69 17.15
C LEU A 66 34.05 29.83 16.95
N GLN A 67 34.44 29.11 17.99
CA GLN A 67 35.62 28.26 17.91
C GLN A 67 35.47 27.18 16.83
N ASP A 68 34.24 26.75 16.59
CA ASP A 68 34.01 25.72 15.58
C ASP A 68 33.93 26.31 14.19
N ARG A 69 33.92 27.63 14.10
CA ARG A 69 33.80 28.27 12.79
C ARG A 69 35.06 29.00 12.37
N ASN A 70 35.67 29.77 13.27
CA ASN A 70 36.88 30.53 12.92
C ASN A 70 37.91 30.58 14.06
N GLU A 71 38.89 29.68 13.97
CA GLU A 71 39.96 29.56 14.96
C GLU A 71 40.63 30.89 15.32
N LYS A 72 41.26 31.51 14.34
CA LYS A 72 41.94 32.77 14.58
C LYS A 72 41.01 33.77 15.28
N LEU A 73 39.82 33.96 14.73
CA LEU A 73 38.86 34.90 15.30
C LEU A 73 38.53 34.56 16.75
N PHE A 74 38.31 33.28 17.01
CA PHE A 74 37.97 32.82 18.34
C PHE A 74 39.03 33.29 19.35
N TYR A 75 40.29 33.00 19.07
CA TYR A 75 41.37 33.39 19.98
C TYR A 75 41.59 34.89 19.97
N LYS A 76 41.26 35.56 18.87
CA LYS A 76 41.41 36.99 18.81
C LYS A 76 40.40 37.61 19.76
N VAL A 77 39.25 36.98 19.87
CA VAL A 77 38.23 37.50 20.75
C VAL A 77 38.55 37.23 22.23
N LEU A 78 39.07 36.05 22.54
CA LEU A 78 39.41 35.74 23.92
C LEU A 78 40.49 36.67 24.48
N THR A 79 41.61 36.79 23.78
CA THR A 79 42.68 37.64 24.29
C THR A 79 42.34 39.13 24.23
N SER A 80 41.32 39.50 23.46
CA SER A 80 40.96 40.90 23.36
C SER A 80 40.51 41.43 24.72
N ASP A 81 39.99 40.53 25.56
CA ASP A 81 39.51 40.87 26.89
C ASP A 81 39.46 39.59 27.71
N ILE A 82 40.64 39.08 28.01
CA ILE A 82 40.80 37.85 28.75
C ILE A 82 39.98 37.82 30.05
N GLU A 83 39.96 38.93 30.77
CA GLU A 83 39.24 38.97 32.04
C GLU A 83 37.74 38.83 31.88
N ARG A 84 37.23 39.16 30.70
CA ARG A 84 35.81 39.08 30.42
C ARG A 84 35.37 37.74 29.85
N PHE A 85 36.21 37.16 28.99
CA PHE A 85 35.83 35.91 28.35
C PHE A 85 36.32 34.65 28.98
N MSE A 86 37.36 34.75 29.80
CA MSE A 86 37.88 33.55 30.44
C MSE A 86 36.82 32.95 31.36
O MSE A 86 36.69 31.73 31.43
CB MSE A 86 39.13 33.89 31.23
CG MSE A 86 39.91 32.68 31.63
SE MSE A 86 41.43 33.14 32.68
CE MSE A 86 42.65 33.61 31.31
N PRO A 87 36.05 33.79 32.05
CA PRO A 87 35.01 33.25 32.95
C PRO A 87 33.98 32.43 32.18
N ILE A 88 33.84 32.73 30.90
CA ILE A 88 32.88 32.05 30.03
C ILE A 88 33.42 30.75 29.46
N VAL A 89 34.66 30.81 28.99
CA VAL A 89 35.33 29.64 28.42
C VAL A 89 35.87 28.70 29.50
N TYR A 90 36.28 29.29 30.62
CA TYR A 90 36.86 28.53 31.73
C TYR A 90 35.94 28.62 32.96
N THR A 91 36.49 28.49 34.15
CA THR A 91 35.70 28.57 35.38
C THR A 91 35.03 29.94 35.44
N PRO A 92 33.77 30.00 35.91
CA PRO A 92 32.97 28.87 36.39
C PRO A 92 32.04 28.36 35.31
N THR A 93 31.77 29.20 34.31
CA THR A 93 30.87 28.83 33.24
C THR A 93 31.13 27.45 32.65
N VAL A 94 32.41 27.11 32.49
CA VAL A 94 32.75 25.81 31.93
C VAL A 94 32.15 24.69 32.79
N GLY A 95 32.01 24.95 34.09
CA GLY A 95 31.43 23.96 34.98
C GLY A 95 29.96 23.82 34.68
N LEU A 96 29.29 24.94 34.42
CA LEU A 96 27.85 24.98 34.11
C LEU A 96 27.62 24.28 32.77
N ALA A 97 28.54 24.49 31.84
CA ALA A 97 28.46 23.88 30.52
C ALA A 97 28.53 22.37 30.67
N CYS A 98 29.50 21.89 31.45
CA CYS A 98 29.64 20.45 31.67
C CYS A 98 28.36 19.85 32.25
N GLN A 99 27.76 20.56 33.19
CA GLN A 99 26.54 20.11 33.83
C GLN A 99 25.43 19.94 32.80
N HIS A 100 25.44 20.77 31.77
CA HIS A 100 24.42 20.70 30.72
C HIS A 100 25.04 20.42 29.36
N TYR A 101 26.13 19.67 29.35
CA TYR A 101 26.81 19.41 28.08
C TYR A 101 25.87 18.87 27.02
N GLY A 102 25.05 17.89 27.37
CA GLY A 102 24.14 17.32 26.41
C GLY A 102 23.31 18.39 25.72
N LEU A 103 22.78 19.32 26.51
CA LEU A 103 21.95 20.40 25.98
C LEU A 103 22.76 21.35 25.11
N ALA A 104 23.92 21.78 25.62
CA ALA A 104 24.80 22.73 24.92
C ALA A 104 25.46 22.18 23.67
N PHE A 105 25.50 20.85 23.56
CA PHE A 105 26.13 20.20 22.43
C PHE A 105 25.61 20.66 21.07
N ARG A 106 26.55 20.94 20.16
CA ARG A 106 26.22 21.36 18.81
C ARG A 106 27.10 20.53 17.88
N ARG A 107 28.38 20.91 17.78
CA ARG A 107 29.33 20.16 16.95
C ARG A 107 30.30 19.50 17.91
N PRO A 108 30.65 18.23 17.67
CA PRO A 108 31.58 17.51 18.54
C PRO A 108 32.98 18.07 18.50
N ARG A 109 33.69 17.94 19.61
CA ARG A 109 35.05 18.39 19.66
C ARG A 109 35.85 17.40 20.48
N GLY A 110 37.11 17.19 20.11
CA GLY A 110 37.93 16.26 20.86
C GLY A 110 37.82 14.83 20.41
N LEU A 111 38.58 13.96 21.07
CA LEU A 111 38.62 12.56 20.77
C LEU A 111 37.98 11.78 21.92
N PHE A 112 36.96 10.97 21.60
CA PHE A 112 36.27 10.18 22.60
C PHE A 112 36.67 8.72 22.50
N ILE A 113 37.56 8.28 23.39
CA ILE A 113 37.98 6.90 23.42
C ILE A 113 37.17 6.20 24.51
N THR A 114 36.68 5.01 24.19
CA THR A 114 35.84 4.24 25.08
C THR A 114 36.55 3.01 25.63
N ILE A 115 36.01 2.46 26.72
CA ILE A 115 36.58 1.26 27.35
C ILE A 115 36.38 0.09 26.38
N HIS A 116 35.34 0.19 25.54
CA HIS A 116 35.01 -0.85 24.56
C HIS A 116 35.86 -0.72 23.30
N ASP A 117 36.81 0.21 23.29
CA ASP A 117 37.68 0.39 22.15
C ASP A 117 39.06 -0.12 22.50
N ARG A 118 39.17 -0.89 23.58
CA ARG A 118 40.47 -1.42 23.97
C ARG A 118 41.04 -2.28 22.86
N GLY A 119 42.28 -1.98 22.47
CA GLY A 119 42.94 -2.71 21.42
C GLY A 119 42.78 -2.03 20.08
N HIS A 120 42.08 -0.90 20.06
CA HIS A 120 41.86 -0.17 18.81
C HIS A 120 42.17 1.31 18.91
N ILE A 121 42.80 1.72 20.00
CA ILE A 121 43.13 3.13 20.19
C ILE A 121 44.02 3.61 19.06
N ALA A 122 45.02 2.82 18.71
CA ALA A 122 45.93 3.18 17.64
C ALA A 122 45.19 3.64 16.38
N THR A 123 44.22 2.84 15.94
CA THR A 123 43.46 3.20 14.75
C THR A 123 42.68 4.48 14.95
N MSE A 124 42.03 4.60 16.09
CA MSE A 124 41.24 5.80 16.35
C MSE A 124 42.04 7.09 16.26
O MSE A 124 41.53 8.10 15.78
CB MSE A 124 40.57 5.68 17.71
CG MSE A 124 39.73 4.43 17.82
SE MSE A 124 38.65 4.39 19.39
CE MSE A 124 38.40 6.28 19.66
N LEU A 125 43.30 7.07 16.70
CA LEU A 125 44.12 8.29 16.64
C LEU A 125 44.25 8.76 15.21
N GLN A 126 44.12 7.83 14.26
CA GLN A 126 44.21 8.16 12.85
C GLN A 126 42.98 8.96 12.41
N SER A 127 41.82 8.66 12.99
CA SER A 127 40.59 9.37 12.65
C SER A 127 40.73 10.86 12.95
N TRP A 128 41.77 11.20 13.72
CA TRP A 128 42.05 12.58 14.07
C TRP A 128 42.78 13.21 12.90
N PRO A 129 42.20 14.26 12.31
CA PRO A 129 42.76 14.99 11.18
C PRO A 129 44.25 15.33 11.29
N GLU A 130 44.70 15.69 12.49
CA GLU A 130 46.11 16.03 12.68
C GLU A 130 46.98 14.85 13.05
N SER A 131 48.12 14.76 12.39
CA SER A 131 49.04 13.67 12.66
C SER A 131 50.20 14.17 13.52
N VAL A 132 50.26 15.49 13.71
CA VAL A 132 51.31 16.10 14.51
C VAL A 132 50.74 16.80 15.76
N ILE A 133 50.75 16.09 16.87
CA ILE A 133 50.25 16.62 18.13
C ILE A 133 51.34 16.64 19.18
N LYS A 134 51.49 17.79 19.83
CA LYS A 134 52.52 17.96 20.84
C LYS A 134 52.00 17.95 22.26
N ALA A 135 50.70 18.20 22.43
CA ALA A 135 50.09 18.22 23.76
C ALA A 135 48.73 17.53 23.77
N ILE A 136 48.37 16.98 24.92
CA ILE A 136 47.11 16.28 25.11
C ILE A 136 46.58 16.44 26.53
N VAL A 137 45.31 16.84 26.67
CA VAL A 137 44.69 16.97 27.98
C VAL A 137 43.61 15.90 28.06
N VAL A 138 43.81 14.92 28.93
CA VAL A 138 42.83 13.82 29.10
C VAL A 138 42.11 13.87 30.43
N THR A 139 40.88 13.36 30.43
CA THR A 139 40.04 13.27 31.61
C THR A 139 39.14 12.06 31.42
N ASP A 140 38.67 11.49 32.54
CA ASP A 140 37.74 10.37 32.44
C ASP A 140 36.41 10.88 32.98
N GLY A 141 36.43 12.13 33.41
CA GLY A 141 35.24 12.80 33.93
C GLY A 141 34.71 12.39 35.30
N GLU A 142 35.53 11.72 36.09
CA GLU A 142 35.07 11.28 37.40
C GLU A 142 35.11 12.36 38.47
N ARG A 143 35.98 13.36 38.31
CA ARG A 143 36.11 14.44 39.29
C ARG A 143 36.21 15.78 38.57
N ILE A 144 35.11 16.23 37.99
CA ILE A 144 35.04 17.49 37.25
C ILE A 144 34.85 18.65 38.22
N LEU A 145 35.91 19.42 38.43
CA LEU A 145 35.85 20.54 39.37
C LEU A 145 35.32 19.98 40.68
N GLY A 146 34.54 20.77 41.39
CA GLY A 146 33.98 20.28 42.64
C GLY A 146 32.56 19.83 42.35
N LEU A 147 32.33 19.41 41.11
CA LEU A 147 31.00 19.00 40.65
C LEU A 147 30.79 17.48 40.63
N GLY A 148 31.83 16.71 40.94
CA GLY A 148 31.68 15.27 40.97
C GLY A 148 31.89 14.52 39.67
N ASP A 149 31.21 13.38 39.54
CA ASP A 149 31.29 12.53 38.35
C ASP A 149 30.30 13.02 37.30
N LEU A 150 30.79 13.66 36.25
CA LEU A 150 29.90 14.15 35.20
C LEU A 150 30.11 13.32 33.94
N GLY A 151 30.66 12.13 34.11
CA GLY A 151 30.89 11.25 32.96
C GLY A 151 31.40 11.93 31.71
N CYS A 152 30.82 11.56 30.57
CA CYS A 152 31.24 12.09 29.28
C CYS A 152 31.00 13.57 29.13
N TYR A 153 30.13 14.12 29.98
CA TYR A 153 29.84 15.55 29.94
C TYR A 153 31.10 16.31 30.31
N GLY A 154 32.08 15.61 30.85
CA GLY A 154 33.33 16.23 31.27
C GLY A 154 34.25 16.69 30.16
N MSE A 155 33.92 16.33 28.93
CA MSE A 155 34.72 16.72 27.78
C MSE A 155 34.91 18.24 27.75
O MSE A 155 35.90 18.73 27.23
CB MSE A 155 34.02 16.24 26.49
CG MSE A 155 34.75 16.55 25.18
SE MSE A 155 36.63 16.08 25.19
CE MSE A 155 37.38 17.82 24.89
N GLY A 156 33.95 18.95 28.32
CA GLY A 156 34.03 20.41 28.35
C GLY A 156 35.29 20.92 29.03
N ILE A 157 35.82 20.17 29.98
CA ILE A 157 37.01 20.59 30.69
C ILE A 157 38.30 20.60 29.84
N PRO A 158 38.64 19.46 29.20
CA PRO A 158 39.86 19.47 28.38
C PRO A 158 39.81 20.56 27.33
N VAL A 159 38.60 20.84 26.85
CA VAL A 159 38.42 21.88 25.84
C VAL A 159 38.67 23.25 26.47
N GLY A 160 38.34 23.39 27.75
CA GLY A 160 38.56 24.66 28.41
C GLY A 160 40.05 24.86 28.61
N LYS A 161 40.69 23.85 29.21
CA LYS A 161 42.12 23.90 29.45
C LYS A 161 42.85 24.30 28.17
N LEU A 162 42.65 23.51 27.12
CA LEU A 162 43.31 23.79 25.86
C LEU A 162 43.04 25.20 25.37
N ALA A 163 41.85 25.73 25.64
CA ALA A 163 41.55 27.07 25.19
C ALA A 163 42.58 28.01 25.77
N LEU A 164 42.90 27.81 27.05
CA LEU A 164 43.87 28.65 27.74
C LEU A 164 45.31 28.34 27.32
N TYR A 165 45.54 27.12 26.85
CA TYR A 165 46.86 26.72 26.36
C TYR A 165 47.27 27.74 25.34
N THR A 166 46.32 28.05 24.47
CA THR A 166 46.49 29.00 23.39
C THR A 166 46.37 30.42 23.90
N ALA A 167 45.17 30.80 24.36
CA ALA A 167 44.91 32.14 24.86
C ALA A 167 45.84 32.66 25.95
N CYS A 168 46.28 31.80 26.85
CA CYS A 168 47.16 32.25 27.92
C CYS A 168 48.60 31.83 27.70
N GLY A 169 48.80 30.66 27.09
CA GLY A 169 50.13 30.13 26.88
C GLY A 169 50.80 30.38 25.54
N GLY A 170 49.99 30.60 24.51
CA GLY A 170 50.53 30.85 23.18
C GLY A 170 50.83 29.57 22.44
N VAL A 171 50.34 28.45 22.98
CA VAL A 171 50.55 27.14 22.37
C VAL A 171 49.65 27.05 21.15
N LYS A 172 50.17 26.52 20.03
CA LYS A 172 49.38 26.40 18.81
C LYS A 172 48.22 25.40 18.93
N PRO A 173 46.98 25.88 18.79
CA PRO A 173 45.77 25.06 18.88
C PRO A 173 45.81 23.78 18.06
N HIS A 174 46.25 23.89 16.81
CA HIS A 174 46.30 22.74 15.92
C HIS A 174 47.20 21.61 16.41
N GLN A 175 48.05 21.89 17.38
CA GLN A 175 48.92 20.85 17.89
C GLN A 175 48.42 20.25 19.20
N CYS A 176 47.21 20.62 19.62
CA CYS A 176 46.68 20.10 20.88
C CYS A 176 45.48 19.21 20.68
N LEU A 177 45.35 18.18 21.51
CA LEU A 177 44.25 17.23 21.39
C LEU A 177 43.52 16.97 22.69
N PRO A 178 42.25 17.41 22.78
CA PRO A 178 41.48 17.17 24.01
C PRO A 178 40.90 15.76 23.96
N VAL A 179 41.07 14.99 25.03
CA VAL A 179 40.56 13.64 25.02
C VAL A 179 39.71 13.23 26.22
N MSE A 180 38.65 12.48 25.92
CA MSE A 180 37.74 11.97 26.94
C MSE A 180 37.81 10.45 26.95
O MSE A 180 37.58 9.82 25.94
CB MSE A 180 36.29 12.39 26.64
CG MSE A 180 35.21 11.58 27.39
SE MSE A 180 35.07 11.92 29.31
CE MSE A 180 35.22 10.14 29.98
N LEU A 181 38.16 9.87 28.09
CA LEU A 181 38.22 8.42 28.17
C LEU A 181 36.96 7.96 28.90
N ASP A 182 35.92 7.61 28.14
CA ASP A 182 34.66 7.19 28.75
C ASP A 182 34.59 5.69 29.01
N VAL A 183 34.60 5.33 30.29
CA VAL A 183 34.52 3.94 30.69
C VAL A 183 33.23 3.78 31.49
N GLY A 184 32.37 4.79 31.39
CA GLY A 184 31.10 4.79 32.09
C GLY A 184 31.04 5.92 33.11
N THR A 185 30.00 5.90 33.94
CA THR A 185 29.80 6.90 34.97
C THR A 185 28.94 6.31 36.08
N ASP A 186 29.23 6.68 37.33
CA ASP A 186 28.46 6.17 38.45
C ASP A 186 27.40 7.16 38.88
N ASN A 187 27.25 8.23 38.09
CA ASN A 187 26.26 9.25 38.37
C ASN A 187 24.89 8.75 37.92
N GLU A 188 24.08 8.29 38.88
CA GLU A 188 22.76 7.77 38.58
C GLU A 188 21.89 8.76 37.84
N THR A 189 22.07 10.05 38.11
CA THR A 189 21.30 11.09 37.45
C THR A 189 21.57 11.14 35.94
N LEU A 190 22.85 11.13 35.57
CA LEU A 190 23.25 11.16 34.18
C LEU A 190 22.73 9.92 33.45
N LEU A 191 22.87 8.77 34.08
CA LEU A 191 22.43 7.52 33.49
C LEU A 191 20.96 7.58 33.11
N LYS A 192 20.18 8.37 33.84
CA LYS A 192 18.76 8.51 33.53
C LYS A 192 18.51 9.69 32.60
N ASP A 193 19.48 10.60 32.54
CA ASP A 193 19.36 11.79 31.70
C ASP A 193 19.28 11.42 30.22
N PRO A 194 18.17 11.82 29.57
CA PRO A 194 17.93 11.55 28.14
C PRO A 194 18.90 12.25 27.19
N LEU A 195 19.57 13.29 27.65
CA LEU A 195 20.51 14.00 26.81
C LEU A 195 21.94 13.51 27.02
N TYR A 196 22.13 12.66 28.02
CA TYR A 196 23.48 12.17 28.29
C TYR A 196 24.09 11.60 27.01
N ILE A 197 25.32 12.02 26.71
CA ILE A 197 26.06 11.62 25.52
C ILE A 197 27.10 10.52 25.72
N GLY A 198 27.29 10.07 26.95
CA GLY A 198 28.29 9.03 27.18
C GLY A 198 27.73 7.64 27.27
N LEU A 199 28.55 6.69 27.72
CA LEU A 199 28.11 5.31 27.87
C LEU A 199 27.13 5.26 29.04
N ARG A 200 26.03 4.57 28.85
CA ARG A 200 25.00 4.46 29.88
C ARG A 200 25.19 3.26 30.83
N HIS A 201 26.31 3.23 31.54
CA HIS A 201 26.57 2.17 32.51
C HIS A 201 27.61 2.61 33.54
N LYS A 202 27.60 1.98 34.70
CA LYS A 202 28.53 2.31 35.78
C LYS A 202 29.95 2.21 35.24
N ARG A 203 30.85 2.98 35.84
CA ARG A 203 32.24 2.98 35.40
C ARG A 203 32.86 1.61 35.54
N ILE A 204 33.65 1.22 34.54
CA ILE A 204 34.35 -0.05 34.59
C ILE A 204 35.66 0.22 35.31
N ARG A 205 35.93 -0.56 36.36
CA ARG A 205 37.14 -0.40 37.15
C ARG A 205 38.02 -1.64 37.08
N GLY A 206 39.06 -1.69 37.89
CA GLY A 206 39.93 -2.85 37.89
C GLY A 206 40.96 -2.87 36.80
N GLN A 207 41.35 -4.07 36.39
CA GLN A 207 42.38 -4.25 35.37
C GLN A 207 41.99 -3.75 33.96
N ALA A 208 40.70 -3.82 33.63
CA ALA A 208 40.24 -3.35 32.32
C ALA A 208 40.55 -1.87 32.15
N TYR A 209 40.30 -1.11 33.21
CA TYR A 209 40.57 0.32 33.20
C TYR A 209 42.07 0.58 33.05
N ASP A 210 42.88 -0.12 33.86
CA ASP A 210 44.33 0.03 33.81
C ASP A 210 44.88 -0.27 32.41
N ASP A 211 44.40 -1.34 31.79
CA ASP A 211 44.86 -1.73 30.44
C ASP A 211 44.51 -0.63 29.45
N LEU A 212 43.32 -0.08 29.58
CA LEU A 212 42.89 0.99 28.69
C LEU A 212 43.88 2.15 28.77
N LEU A 213 44.22 2.55 29.99
CA LEU A 213 45.16 3.65 30.19
C LEU A 213 46.54 3.34 29.63
N ASP A 214 47.04 2.15 29.90
CA ASP A 214 48.35 1.83 29.39
C ASP A 214 48.34 1.89 27.88
N GLU A 215 47.31 1.30 27.27
CA GLU A 215 47.22 1.31 25.82
C GLU A 215 47.20 2.74 25.31
N PHE A 216 46.37 3.55 25.92
CA PHE A 216 46.24 4.95 25.51
C PHE A 216 47.61 5.61 25.44
N MSE A 217 48.32 5.59 26.57
CA MSE A 217 49.65 6.19 26.65
C MSE A 217 50.57 5.67 25.54
O MSE A 217 51.27 6.44 24.87
CB MSE A 217 50.29 5.87 28.01
CG MSE A 217 49.60 6.51 29.22
SE MSE A 217 49.49 8.44 29.10
CE MSE A 217 47.64 8.72 29.47
N GLU A 218 50.56 4.36 25.35
CA GLU A 218 51.39 3.72 24.35
C GLU A 218 51.01 4.23 22.97
N ALA A 219 49.71 4.13 22.65
CA ALA A 219 49.20 4.57 21.37
C ALA A 219 49.61 5.99 21.03
N VAL A 220 49.32 6.89 21.97
CA VAL A 220 49.63 8.31 21.85
C VAL A 220 51.11 8.63 21.64
N THR A 221 51.99 7.94 22.38
CA THR A 221 53.42 8.20 22.24
C THR A 221 54.02 7.58 20.99
N SER A 222 53.47 6.46 20.55
CA SER A 222 54.00 5.82 19.35
C SER A 222 53.68 6.66 18.12
N ARG A 223 52.48 7.22 18.11
CA ARG A 223 52.01 8.01 16.98
C ARG A 223 52.56 9.43 16.96
N TYR A 224 52.50 10.09 18.11
CA TYR A 224 52.95 11.48 18.22
C TYR A 224 54.37 11.66 18.76
N GLY A 225 54.95 10.58 19.28
CA GLY A 225 56.31 10.66 19.81
C GLY A 225 56.39 10.75 21.32
N MSE A 226 57.49 10.22 21.86
CA MSE A 226 57.71 10.23 23.30
C MSE A 226 57.65 11.63 23.91
O MSE A 226 57.27 11.77 25.08
CB MSE A 226 59.06 9.60 23.61
CG MSE A 226 59.11 8.14 23.27
SE MSE A 226 57.79 7.12 24.26
CE MSE A 226 58.60 7.15 26.00
N ASN A 227 58.03 12.64 23.15
CA ASN A 227 58.01 14.00 23.66
C ASN A 227 56.61 14.58 23.81
N CYS A 228 55.60 13.85 23.35
CA CYS A 228 54.24 14.35 23.46
C CYS A 228 53.85 14.52 24.93
N LEU A 229 53.32 15.70 25.24
CA LEU A 229 52.91 16.05 26.59
C LEU A 229 51.50 15.54 26.85
N ILE A 230 51.34 14.79 27.94
CA ILE A 230 50.02 14.26 28.32
C ILE A 230 49.63 14.87 29.66
N GLN A 231 48.61 15.72 29.65
CA GLN A 231 48.16 16.35 30.87
C GLN A 231 46.88 15.73 31.42
N PHE A 232 47.02 15.03 32.55
CA PHE A 232 45.87 14.42 33.20
C PHE A 232 45.05 15.50 33.89
N GLU A 233 43.75 15.47 33.71
CA GLU A 233 42.89 16.48 34.31
C GLU A 233 41.61 15.85 34.84
N ASP A 234 41.22 16.28 36.02
CA ASP A 234 40.00 15.83 36.68
C ASP A 234 39.67 14.34 36.71
N PHE A 235 40.59 13.56 37.24
CA PHE A 235 40.43 12.11 37.43
C PHE A 235 40.16 12.00 38.92
N ALA A 236 39.62 10.86 39.36
CA ALA A 236 39.34 10.69 40.77
C ALA A 236 40.63 10.50 41.58
N ASN A 237 40.52 10.79 42.87
CA ASN A 237 41.63 10.68 43.82
C ASN A 237 42.59 9.54 43.51
N ALA A 238 42.14 8.32 43.80
CA ALA A 238 42.93 7.12 43.61
C ALA A 238 43.62 7.03 42.25
N ASN A 239 42.85 7.10 41.17
CA ASN A 239 43.41 7.01 39.82
C ASN A 239 44.42 8.12 39.53
N ALA A 240 44.09 9.34 39.91
CA ALA A 240 44.98 10.45 39.65
C ALA A 240 46.39 10.17 40.15
N PHE A 241 46.51 9.75 41.41
CA PHE A 241 47.82 9.48 41.99
C PHE A 241 48.55 8.30 41.37
N ARG A 242 47.91 7.14 41.34
CA ARG A 242 48.62 5.99 40.77
C ARG A 242 49.02 6.21 39.31
N LEU A 243 48.12 6.80 38.50
CA LEU A 243 48.46 7.06 37.10
C LEU A 243 49.67 7.99 37.03
N LEU A 244 49.67 9.04 37.86
CA LEU A 244 50.76 9.98 37.85
C LEU A 244 52.08 9.29 38.17
N HIS A 245 52.09 8.51 39.25
CA HIS A 245 53.29 7.80 39.66
C HIS A 245 53.70 6.72 38.67
N LYS A 246 52.73 6.15 37.98
CA LYS A 246 52.98 5.08 37.01
C LYS A 246 53.61 5.49 35.70
N TYR A 247 53.30 6.70 35.21
CA TYR A 247 53.83 7.17 33.93
C TYR A 247 54.80 8.35 34.05
N ARG A 248 54.80 8.98 35.22
CA ARG A 248 55.65 10.14 35.53
C ARG A 248 57.05 10.07 34.91
N ASN A 249 57.75 8.97 35.16
CA ASN A 249 59.12 8.80 34.67
C ASN A 249 59.24 8.13 33.31
N LYS A 250 58.14 7.55 32.82
CA LYS A 250 58.17 6.85 31.53
C LYS A 250 57.82 7.72 30.33
N TYR A 251 56.89 8.65 30.52
CA TYR A 251 56.44 9.55 29.45
C TYR A 251 56.51 11.01 29.91
N CYS A 252 56.24 11.93 28.99
CA CYS A 252 56.26 13.35 29.35
C CYS A 252 54.87 13.68 29.80
N THR A 253 54.62 13.53 31.10
CA THR A 253 53.30 13.79 31.62
C THR A 253 53.29 14.34 33.04
N PHE A 254 52.15 14.90 33.43
CA PHE A 254 51.96 15.47 34.76
C PHE A 254 50.47 15.60 34.99
N ASN A 255 50.07 15.75 36.26
CA ASN A 255 48.65 15.87 36.63
C ASN A 255 48.34 17.30 37.05
N ASP A 256 47.56 18.01 36.23
CA ASP A 256 47.23 19.39 36.53
C ASP A 256 46.62 19.66 37.91
N ASP A 257 45.73 18.78 38.36
CA ASP A 257 45.04 18.93 39.65
C ASP A 257 45.92 18.75 40.87
N ILE A 258 46.98 17.97 40.75
CA ILE A 258 47.91 17.71 41.85
C ILE A 258 49.15 18.61 41.79
N GLN A 259 49.80 18.65 40.63
CA GLN A 259 51.02 19.45 40.48
C GLN A 259 50.83 20.89 40.02
N GLY A 260 49.87 21.11 39.13
CA GLY A 260 49.63 22.45 38.63
C GLY A 260 49.08 23.35 39.73
N THR A 261 48.17 22.78 40.51
CA THR A 261 47.53 23.49 41.60
C THR A 261 48.61 23.81 42.64
N ALA A 262 49.40 22.79 42.99
CA ALA A 262 50.47 22.95 43.97
C ALA A 262 51.33 24.14 43.60
N SER A 263 51.71 24.21 42.33
CA SER A 263 52.55 25.28 41.83
C SER A 263 51.94 26.66 42.05
N VAL A 264 50.71 26.87 41.61
CA VAL A 264 50.06 28.18 41.75
C VAL A 264 49.81 28.56 43.21
N ALA A 265 49.51 27.57 44.04
CA ALA A 265 49.25 27.80 45.46
C ALA A 265 50.53 28.31 46.11
N VAL A 266 51.65 27.68 45.77
CA VAL A 266 52.94 28.07 46.33
C VAL A 266 53.35 29.44 45.81
N ALA A 267 52.98 29.71 44.56
CA ALA A 267 53.33 30.98 43.96
C ALA A 267 52.69 32.08 44.77
N GLY A 268 51.44 31.85 45.19
CA GLY A 268 50.70 32.84 45.98
C GLY A 268 51.26 33.05 47.37
N LEU A 269 51.62 31.97 48.04
CA LEU A 269 52.19 32.08 49.38
C LEU A 269 53.53 32.82 49.30
N LEU A 270 54.34 32.45 48.31
CA LEU A 270 55.63 33.11 48.10
C LEU A 270 55.41 34.60 47.97
N ALA A 271 54.35 34.98 47.28
CA ALA A 271 54.04 36.40 47.11
C ALA A 271 53.57 37.00 48.41
N ALA A 272 52.70 36.27 49.12
CA ALA A 272 52.15 36.75 50.36
C ALA A 272 53.24 37.03 51.40
N LEU A 273 54.35 36.30 51.33
CA LEU A 273 55.44 36.50 52.30
C LEU A 273 55.91 37.95 52.30
N ARG A 274 55.74 38.64 51.18
CA ARG A 274 56.16 40.02 51.06
C ARG A 274 55.18 41.00 51.66
N ILE A 275 54.09 40.47 52.19
CA ILE A 275 53.07 41.27 52.85
C ILE A 275 53.17 40.92 54.34
N THR A 276 53.33 39.63 54.61
CA THR A 276 53.43 39.16 55.98
C THR A 276 54.82 39.36 56.55
N LYS A 277 55.74 39.77 55.70
CA LYS A 277 57.11 40.05 56.12
C LYS A 277 57.78 38.92 56.93
N ASN A 278 57.58 37.68 56.52
CA ASN A 278 58.25 36.60 57.22
C ASN A 278 58.64 35.54 56.22
N ARG A 279 59.13 34.41 56.72
CA ARG A 279 59.54 33.34 55.83
C ARG A 279 58.51 32.22 55.84
N LEU A 280 58.46 31.48 54.74
CA LEU A 280 57.50 30.40 54.62
C LEU A 280 57.66 29.42 55.78
N SER A 281 58.87 29.30 56.31
CA SER A 281 59.10 28.40 57.43
C SER A 281 58.51 28.94 58.73
N ASP A 282 57.96 30.15 58.66
CA ASP A 282 57.35 30.76 59.84
C ASP A 282 55.84 30.42 59.90
N HIS A 283 55.27 29.97 58.80
CA HIS A 283 53.85 29.67 58.80
C HIS A 283 53.41 28.29 59.23
N THR A 284 52.11 28.15 59.43
CA THR A 284 51.48 26.91 59.83
C THR A 284 50.26 26.81 58.92
N VAL A 285 50.28 25.84 58.01
CA VAL A 285 49.18 25.69 57.08
C VAL A 285 48.13 24.66 57.47
N LEU A 286 46.88 25.03 57.28
CA LEU A 286 45.76 24.16 57.58
C LEU A 286 44.97 23.96 56.29
N PHE A 287 44.80 22.70 55.91
CA PHE A 287 44.08 22.36 54.67
C PHE A 287 42.69 21.78 54.93
N GLN A 288 41.66 22.38 54.36
CA GLN A 288 40.33 21.79 54.47
C GLN A 288 40.32 20.95 53.20
N GLY A 289 40.48 19.65 53.38
CA GLY A 289 40.54 18.74 52.26
C GLY A 289 41.89 18.05 52.34
N ALA A 290 41.97 16.81 51.90
CA ALA A 290 43.23 16.08 51.94
C ALA A 290 43.32 15.23 50.69
N GLY A 291 42.87 15.80 49.58
CA GLY A 291 42.88 15.08 48.32
C GLY A 291 44.00 15.48 47.38
N GLU A 292 43.73 15.31 46.08
CA GLU A 292 44.69 15.65 45.05
C GLU A 292 45.32 17.01 45.25
N ALA A 293 44.49 18.03 45.36
CA ALA A 293 44.99 19.39 45.51
C ALA A 293 45.77 19.56 46.79
N ALA A 294 45.14 19.21 47.91
CA ALA A 294 45.78 19.35 49.20
C ALA A 294 47.14 18.66 49.28
N LEU A 295 47.17 17.36 49.04
CA LEU A 295 48.42 16.62 49.12
C LEU A 295 49.48 17.17 48.18
N GLY A 296 49.07 17.59 46.99
CA GLY A 296 50.01 18.13 46.04
C GLY A 296 50.62 19.43 46.55
N ILE A 297 49.75 20.37 46.92
CA ILE A 297 50.16 21.67 47.44
C ILE A 297 51.04 21.52 48.67
N ALA A 298 50.65 20.63 49.58
CA ALA A 298 51.39 20.37 50.81
C ALA A 298 52.80 19.93 50.47
N ASN A 299 52.88 19.02 49.51
CA ASN A 299 54.17 18.50 49.07
C ASN A 299 55.07 19.62 48.53
N LEU A 300 54.53 20.52 47.71
CA LEU A 300 55.34 21.59 47.17
C LEU A 300 55.75 22.55 48.29
N ILE A 301 54.81 22.85 49.18
CA ILE A 301 55.09 23.73 50.30
C ILE A 301 56.32 23.20 51.06
N VAL A 302 56.32 21.89 51.34
CA VAL A 302 57.42 21.26 52.03
C VAL A 302 58.72 21.52 51.30
N MSE A 303 58.74 21.30 49.99
CA MSE A 303 59.94 21.52 49.18
C MSE A 303 60.41 22.97 49.26
O MSE A 303 61.60 23.25 49.39
CB MSE A 303 59.66 21.19 47.71
CG MSE A 303 59.52 19.70 47.40
SE MSE A 303 59.37 19.34 45.49
CE MSE A 303 61.24 19.23 45.00
N ALA A 304 59.45 23.88 49.20
CA ALA A 304 59.75 25.30 49.27
C ALA A 304 60.40 25.63 50.60
N MSE A 305 59.87 25.07 51.69
CA MSE A 305 60.39 25.33 53.03
C MSE A 305 61.81 24.80 53.17
O MSE A 305 62.69 25.48 53.72
CB MSE A 305 59.49 24.69 54.11
CG MSE A 305 58.09 25.28 54.19
SE MSE A 305 57.04 24.65 55.70
CE MSE A 305 56.65 22.87 55.14
N GLN A 306 62.04 23.58 52.69
CA GLN A 306 63.34 22.97 52.74
C GLN A 306 64.34 23.83 51.99
N LYS A 307 63.89 24.43 50.89
CA LYS A 307 64.76 25.27 50.09
C LYS A 307 65.14 26.52 50.87
N GLU A 308 64.36 26.81 51.91
CA GLU A 308 64.61 27.97 52.76
C GLU A 308 65.72 27.65 53.77
N GLY A 309 65.84 26.38 54.14
CA GLY A 309 66.86 25.97 55.10
C GLY A 309 66.31 25.04 56.17
N VAL A 310 64.99 24.91 56.22
CA VAL A 310 64.33 24.04 57.18
C VAL A 310 64.51 22.57 56.79
N SER A 311 64.38 21.68 57.76
CA SER A 311 64.53 20.26 57.46
C SER A 311 63.21 19.67 57.03
N LYS A 312 63.28 18.57 56.29
CA LYS A 312 62.12 17.84 55.79
C LYS A 312 61.13 17.65 56.93
N GLU A 313 61.62 17.01 58.00
CA GLU A 313 60.82 16.73 59.18
C GLU A 313 60.19 17.97 59.78
N GLU A 314 60.95 19.04 59.89
CA GLU A 314 60.42 20.27 60.46
C GLU A 314 59.34 20.88 59.58
N ALA A 315 59.55 20.80 58.27
CA ALA A 315 58.59 21.35 57.33
C ALA A 315 57.25 20.64 57.45
N ILE A 316 57.27 19.31 57.38
CA ILE A 316 56.06 18.52 57.48
C ILE A 316 55.24 18.85 58.72
N LYS A 317 55.91 19.10 59.84
CA LYS A 317 55.24 19.39 61.09
C LYS A 317 54.41 20.66 61.01
N ARG A 318 54.65 21.49 59.99
CA ARG A 318 53.92 22.73 59.86
C ARG A 318 52.66 22.65 59.01
N ILE A 319 52.31 21.43 58.60
CA ILE A 319 51.13 21.25 57.77
C ILE A 319 50.07 20.37 58.42
N TRP A 320 48.85 20.90 58.51
CA TRP A 320 47.72 20.19 59.08
C TRP A 320 46.60 20.01 58.05
N MSE A 321 45.96 18.84 58.09
CA MSE A 321 44.89 18.51 57.15
C MSE A 321 43.62 17.97 57.79
O MSE A 321 43.68 17.28 58.81
CB MSE A 321 45.36 17.49 56.14
CG MSE A 321 46.69 17.80 55.52
SE MSE A 321 46.90 16.66 53.99
CE MSE A 321 46.19 17.83 52.66
N VAL A 322 42.49 18.24 57.15
CA VAL A 322 41.18 17.79 57.61
C VAL A 322 40.46 17.14 56.43
N ASP A 323 40.00 15.90 56.60
CA ASP A 323 39.27 15.20 55.53
C ASP A 323 37.83 14.93 55.95
N SER A 324 37.08 14.17 55.14
CA SER A 324 35.67 13.84 55.42
C SER A 324 35.45 13.35 56.86
N LYS A 325 36.45 12.64 57.40
CA LYS A 325 36.36 12.09 58.75
C LYS A 325 36.81 13.06 59.84
N GLY A 326 37.42 14.18 59.44
CA GLY A 326 37.89 15.16 60.42
C GLY A 326 39.39 15.40 60.36
N LEU A 327 39.93 16.02 61.41
CA LEU A 327 41.35 16.32 61.48
C LEU A 327 42.20 15.07 61.36
N ILE A 328 43.23 15.13 60.51
CA ILE A 328 44.10 13.98 60.34
C ILE A 328 45.15 13.98 61.43
N VAL A 329 44.99 13.05 62.38
CA VAL A 329 45.93 12.93 63.49
C VAL A 329 46.53 11.53 63.50
N LYS A 330 47.69 11.40 64.13
CA LYS A 330 48.34 10.09 64.19
C LYS A 330 47.45 9.06 64.87
N GLY A 331 47.41 7.86 64.31
CA GLY A 331 46.60 6.80 64.88
C GLY A 331 45.11 6.94 64.70
N ARG A 332 44.70 7.81 63.77
CA ARG A 332 43.28 8.00 63.50
C ARG A 332 42.85 6.88 62.54
N ALA A 333 41.55 6.62 62.47
CA ALA A 333 41.03 5.58 61.57
C ALA A 333 40.84 6.11 60.16
N SER A 334 40.75 5.21 59.20
CA SER A 334 40.55 5.62 57.80
C SER A 334 41.63 6.60 57.34
N LEU A 335 42.87 6.13 57.31
CA LEU A 335 44.00 6.96 56.89
C LEU A 335 44.73 6.28 55.73
N THR A 336 45.16 7.08 54.77
CA THR A 336 45.89 6.56 53.62
C THR A 336 47.37 6.81 53.88
N PRO A 337 48.27 6.04 53.25
CA PRO A 337 49.70 6.24 53.47
C PRO A 337 50.08 7.69 53.20
N GLU A 338 49.49 8.28 52.17
CA GLU A 338 49.77 9.66 51.83
C GLU A 338 49.30 10.60 52.94
N LYS A 339 48.14 10.32 53.51
CA LYS A 339 47.61 11.17 54.57
C LYS A 339 48.33 10.99 55.91
N GLU A 340 48.77 9.76 56.19
CA GLU A 340 49.46 9.50 57.45
C GLU A 340 50.80 10.22 57.50
N HIS A 341 51.20 10.76 56.35
CA HIS A 341 52.44 11.49 56.23
C HIS A 341 52.35 12.83 56.97
N PHE A 342 51.14 13.35 57.10
CA PHE A 342 50.93 14.61 57.78
C PHE A 342 50.11 14.41 59.06
N ALA A 343 50.06 13.18 59.55
CA ALA A 343 49.30 12.88 60.76
C ALA A 343 50.17 13.22 61.96
N HIS A 344 49.78 14.25 62.69
CA HIS A 344 50.54 14.65 63.88
C HIS A 344 49.90 14.10 65.13
N GLU A 345 50.66 14.12 66.23
CA GLU A 345 50.15 13.66 67.52
C GLU A 345 49.14 14.73 67.93
N HIS A 346 47.89 14.32 68.14
CA HIS A 346 46.88 15.28 68.51
C HIS A 346 45.57 14.52 68.68
N CYS A 347 44.66 15.13 69.42
CA CYS A 347 43.36 14.52 69.66
C CYS A 347 42.46 14.68 68.44
N GLU A 348 41.62 13.69 68.19
CA GLU A 348 40.71 13.74 67.05
C GLU A 348 39.78 14.95 67.17
N MSE A 349 39.41 15.50 66.02
CA MSE A 349 38.51 16.65 65.97
C MSE A 349 37.73 16.61 64.67
O MSE A 349 38.24 16.10 63.66
CB MSE A 349 39.26 17.95 66.05
CG MSE A 349 39.97 18.17 67.36
SE MSE A 349 40.66 19.97 67.39
CE MSE A 349 39.01 20.94 67.53
N LYS A 350 36.52 17.15 64.66
CA LYS A 350 35.71 17.14 63.45
C LYS A 350 35.21 18.54 63.09
N ASN A 351 34.84 19.30 64.11
CA ASN A 351 34.34 20.65 63.92
C ASN A 351 35.44 21.48 63.28
N LEU A 352 35.14 22.11 62.15
CA LEU A 352 36.14 22.93 61.47
C LEU A 352 36.55 24.16 62.25
N GLU A 353 35.57 24.88 62.80
CA GLU A 353 35.89 26.08 63.55
C GLU A 353 36.75 25.77 64.77
N ASP A 354 36.45 24.67 65.45
CA ASP A 354 37.23 24.31 66.62
C ASP A 354 38.63 23.88 66.23
N ILE A 355 38.77 23.36 65.01
CA ILE A 355 40.07 22.94 64.50
C ILE A 355 40.91 24.20 64.22
N VAL A 356 40.26 25.22 63.63
CA VAL A 356 40.94 26.47 63.33
C VAL A 356 41.44 27.10 64.64
N LYS A 357 40.56 27.13 65.65
CA LYS A 357 40.91 27.72 66.94
C LYS A 357 41.95 26.93 67.72
N ASP A 358 42.03 25.63 67.47
CA ASP A 358 43.01 24.79 68.15
C ASP A 358 44.40 24.85 67.50
N ILE A 359 44.47 24.69 66.18
CA ILE A 359 45.74 24.73 65.46
C ILE A 359 46.23 26.17 65.29
N LYS A 360 45.30 27.11 65.20
CA LYS A 360 45.63 28.53 65.05
C LYS A 360 46.67 28.72 63.94
N PRO A 361 46.29 28.36 62.70
CA PRO A 361 47.21 28.50 61.57
C PRO A 361 47.32 29.92 61.06
N THR A 362 48.34 30.18 60.25
CA THR A 362 48.53 31.50 59.66
C THR A 362 47.96 31.50 58.24
N VAL A 363 47.85 30.31 57.67
CA VAL A 363 47.32 30.15 56.33
C VAL A 363 46.21 29.10 56.34
N LEU A 364 45.10 29.44 55.69
CA LEU A 364 43.95 28.56 55.58
C LEU A 364 43.69 28.26 54.10
N ILE A 365 43.88 27.01 53.70
CA ILE A 365 43.67 26.63 52.32
C ILE A 365 42.47 25.71 52.17
N GLY A 366 41.49 26.15 51.38
CA GLY A 366 40.30 25.35 51.14
C GLY A 366 40.35 24.60 49.82
N VAL A 367 40.30 23.27 49.89
CA VAL A 367 40.31 22.43 48.71
C VAL A 367 39.50 21.17 48.95
N ALA A 368 38.25 21.35 49.36
CA ALA A 368 37.35 20.24 49.64
C ALA A 368 36.00 20.45 48.95
N ALA A 369 35.91 21.53 48.18
CA ALA A 369 34.69 21.85 47.45
C ALA A 369 33.49 22.00 48.38
N ILE A 370 33.75 22.50 49.58
CA ILE A 370 32.70 22.71 50.57
C ILE A 370 32.18 24.14 50.54
N GLY A 371 30.99 24.29 49.93
CA GLY A 371 30.31 25.58 49.81
C GLY A 371 30.93 26.76 50.50
N GLY A 372 30.36 27.17 51.63
CA GLY A 372 30.92 28.31 52.35
C GLY A 372 31.58 27.90 53.65
N ALA A 373 32.45 26.89 53.58
CA ALA A 373 33.15 26.37 54.76
C ALA A 373 33.80 27.44 55.65
N PHE A 374 34.37 28.46 55.03
CA PHE A 374 35.02 29.53 55.76
C PHE A 374 33.99 30.57 56.17
N THR A 375 33.28 30.27 57.25
CA THR A 375 32.23 31.14 57.78
C THR A 375 32.78 32.39 58.47
N GLN A 376 31.86 33.27 58.89
CA GLN A 376 32.23 34.50 59.60
C GLN A 376 33.15 34.18 60.75
N GLN A 377 32.73 33.18 61.53
CA GLN A 377 33.49 32.71 62.69
C GLN A 377 34.93 32.42 62.30
N ILE A 378 35.10 31.43 61.42
CA ILE A 378 36.42 31.03 60.96
C ILE A 378 37.22 32.26 60.57
N LEU A 379 36.67 33.02 59.63
CA LEU A 379 37.33 34.22 59.14
C LEU A 379 37.68 35.24 60.21
N GLN A 380 36.82 35.37 61.22
CA GLN A 380 37.09 36.29 62.32
C GLN A 380 38.24 35.72 63.16
N ASP A 381 38.14 34.43 63.46
CA ASP A 381 39.17 33.74 64.23
C ASP A 381 40.53 33.97 63.59
N MSE A 382 40.60 33.74 62.28
CA MSE A 382 41.84 33.90 61.55
C MSE A 382 42.39 35.33 61.69
O MSE A 382 43.58 35.53 61.92
CB MSE A 382 41.61 33.56 60.06
CG MSE A 382 42.68 32.68 59.45
SE MSE A 382 42.85 30.94 60.32
CE MSE A 382 44.50 30.36 59.52
N ALA A 383 41.51 36.31 61.57
CA ALA A 383 41.91 37.71 61.70
C ALA A 383 42.18 38.07 63.17
N ALA A 384 41.93 37.11 64.06
CA ALA A 384 42.14 37.31 65.48
C ALA A 384 43.54 36.91 65.91
N PHE A 385 43.99 35.73 65.46
CA PHE A 385 45.33 35.29 65.84
C PHE A 385 46.38 35.55 64.77
N ASN A 386 45.98 36.23 63.71
CA ASN A 386 46.91 36.56 62.62
C ASN A 386 46.79 38.03 62.27
N LYS A 387 47.94 38.70 62.24
CA LYS A 387 47.97 40.11 61.91
C LYS A 387 47.40 40.23 60.51
N ARG A 388 47.87 39.36 59.62
CA ARG A 388 47.41 39.33 58.24
C ARG A 388 47.29 37.89 57.81
N PRO A 389 46.11 37.29 58.02
CA PRO A 389 45.86 35.90 57.66
C PRO A 389 45.78 35.65 56.16
N ILE A 390 46.29 34.50 55.71
CA ILE A 390 46.24 34.16 54.30
C ILE A 390 45.12 33.13 54.07
N ILE A 391 44.07 33.57 53.38
CA ILE A 391 42.91 32.72 53.09
C ILE A 391 42.83 32.32 51.61
N PHE A 392 42.83 31.01 51.36
CA PHE A 392 42.74 30.48 50.00
C PHE A 392 41.46 29.66 49.79
N ALA A 393 40.49 30.25 49.09
CA ALA A 393 39.25 29.54 48.78
C ALA A 393 39.46 29.02 47.35
N LEU A 394 40.15 27.89 47.24
CA LEU A 394 40.48 27.33 45.93
C LEU A 394 39.47 26.44 45.24
N SER A 395 38.46 25.96 45.95
CA SER A 395 37.50 25.07 45.30
C SER A 395 36.78 25.73 44.12
N ASN A 396 36.49 24.93 43.09
CA ASN A 396 35.79 25.39 41.89
C ASN A 396 34.57 24.53 41.59
N PRO A 397 33.57 25.11 40.91
CA PRO A 397 33.55 26.50 40.44
C PRO A 397 33.17 27.46 41.57
N THR A 398 32.72 28.66 41.22
CA THR A 398 32.36 29.64 42.24
C THR A 398 31.45 29.11 43.35
N SER A 399 30.40 28.40 42.96
CA SER A 399 29.44 27.85 43.93
C SER A 399 30.06 26.97 45.01
N LYS A 400 31.30 26.56 44.79
CA LYS A 400 32.00 25.73 45.76
C LYS A 400 33.07 26.49 46.56
N ALA A 401 33.32 27.74 46.18
CA ALA A 401 34.33 28.57 46.85
C ALA A 401 34.12 28.63 48.36
N GLU A 402 35.10 28.15 49.12
CA GLU A 402 35.01 28.15 50.59
C GLU A 402 34.43 29.46 51.16
N CYS A 403 34.63 30.56 50.44
CA CYS A 403 34.10 31.87 50.84
C CYS A 403 34.33 32.87 49.70
N THR A 404 33.64 34.01 49.76
CA THR A 404 33.77 35.04 48.74
C THR A 404 34.83 36.06 49.11
N ALA A 405 35.19 36.91 48.14
CA ALA A 405 36.16 37.97 48.38
C ALA A 405 35.51 38.95 49.36
N GLU A 406 34.25 39.29 49.12
CA GLU A 406 33.54 40.22 49.99
C GLU A 406 33.55 39.74 51.42
N GLN A 407 33.24 38.46 51.60
CA GLN A 407 33.20 37.87 52.93
C GLN A 407 34.55 37.92 53.63
N LEU A 408 35.56 37.37 52.96
CA LEU A 408 36.91 37.34 53.53
C LEU A 408 37.34 38.73 53.99
N TYR A 409 37.31 39.69 53.06
CA TYR A 409 37.69 41.06 53.36
C TYR A 409 36.85 41.73 54.43
N LYS A 410 35.58 41.34 54.54
CA LYS A 410 34.74 41.95 55.56
C LYS A 410 34.92 41.36 56.95
N TYR A 411 34.95 40.02 57.04
CA TYR A 411 35.08 39.35 58.34
C TYR A 411 36.51 39.26 58.88
N THR A 412 37.45 39.85 58.14
CA THR A 412 38.85 39.89 58.58
C THR A 412 39.26 41.36 58.62
N GLU A 413 38.26 42.23 58.72
CA GLU A 413 38.44 43.69 58.80
C GLU A 413 39.40 44.25 57.75
N GLY A 414 39.47 43.61 56.59
CA GLY A 414 40.35 44.09 55.54
C GLY A 414 41.79 43.64 55.70
N ARG A 415 42.08 42.88 56.76
CA ARG A 415 43.44 42.40 57.01
C ARG A 415 43.73 41.03 56.41
N GLY A 416 42.71 40.37 55.87
CA GLY A 416 42.91 39.06 55.29
C GLY A 416 43.54 39.13 53.91
N ILE A 417 44.37 38.16 53.57
CA ILE A 417 44.97 38.13 52.24
C ILE A 417 44.21 37.00 51.54
N PHE A 418 43.45 37.36 50.50
CA PHE A 418 42.62 36.39 49.79
C PHE A 418 43.14 35.98 48.42
N ALA A 419 42.61 34.85 47.98
CA ALA A 419 42.92 34.24 46.68
C ALA A 419 41.92 33.12 46.53
N SER A 420 41.46 32.88 45.32
CA SER A 420 40.47 31.84 45.10
C SER A 420 40.63 31.17 43.74
N GLY A 421 40.08 29.97 43.61
CA GLY A 421 40.15 29.25 42.36
C GLY A 421 39.29 29.89 41.29
N SER A 422 38.12 30.39 41.68
CA SER A 422 37.21 31.05 40.74
C SER A 422 37.27 32.57 40.94
N PRO A 423 36.95 33.34 39.88
CA PRO A 423 36.99 34.81 39.93
C PRO A 423 35.95 35.55 40.78
N PHE A 424 36.38 36.67 41.36
CA PHE A 424 35.53 37.54 42.18
C PHE A 424 35.88 38.95 41.80
N ASP A 425 34.88 39.82 41.75
CA ASP A 425 35.12 41.21 41.38
C ASP A 425 35.87 42.00 42.44
N PRO A 426 36.46 43.14 42.02
CA PRO A 426 37.20 43.99 42.95
C PRO A 426 36.33 44.34 44.14
N VAL A 427 36.95 44.51 45.30
CA VAL A 427 36.25 44.83 46.52
C VAL A 427 36.73 46.19 47.02
N THR A 428 35.80 47.08 47.34
CA THR A 428 36.19 48.38 47.87
C THR A 428 35.89 48.39 49.36
N LEU A 429 36.95 48.36 50.17
CA LEU A 429 36.85 48.35 51.64
C LEU A 429 36.24 49.65 52.17
N PRO A 430 35.72 49.64 53.40
CA PRO A 430 35.12 50.84 53.98
C PRO A 430 36.13 52.01 54.00
N SER A 431 37.41 51.68 54.07
CA SER A 431 38.45 52.70 54.10
C SER A 431 38.53 53.42 52.76
N GLY A 432 37.81 52.91 51.78
CA GLY A 432 37.81 53.53 50.46
C GLY A 432 38.78 52.88 49.51
N GLN A 433 39.69 52.05 50.05
CA GLN A 433 40.67 51.37 49.22
C GLN A 433 40.05 50.18 48.51
N THR A 434 40.38 49.99 47.23
CA THR A 434 39.82 48.86 46.50
C THR A 434 40.87 47.76 46.29
N LEU A 435 40.51 46.55 46.71
CA LEU A 435 41.39 45.40 46.58
C LEU A 435 41.01 44.58 45.35
N TYR A 436 42.01 43.98 44.71
CA TYR A 436 41.77 43.16 43.52
C TYR A 436 42.23 41.74 43.82
N PRO A 437 41.35 40.92 44.42
CA PRO A 437 41.68 39.53 44.75
C PRO A 437 42.23 38.75 43.56
N GLY A 438 43.30 38.02 43.79
CA GLY A 438 43.90 37.24 42.73
C GLY A 438 43.26 35.87 42.60
N GLN A 439 43.52 35.22 41.48
CA GLN A 439 42.94 33.91 41.23
C GLN A 439 43.98 32.80 41.27
N GLY A 440 43.98 32.05 42.37
CA GLY A 440 44.92 30.95 42.47
C GLY A 440 44.34 29.77 41.71
N ASN A 441 44.62 29.71 40.42
CA ASN A 441 44.11 28.62 39.57
C ASN A 441 45.23 28.09 38.67
N ASN A 442 45.15 26.80 38.33
CA ASN A 442 46.13 26.15 37.45
C ASN A 442 46.45 26.98 36.24
N SER A 443 45.43 27.66 35.73
CA SER A 443 45.58 28.50 34.56
C SER A 443 46.86 29.35 34.53
N TYR A 444 47.45 29.61 35.70
CA TYR A 444 48.67 30.39 35.76
C TYR A 444 49.88 29.51 35.53
N VAL A 445 49.68 28.19 35.62
CA VAL A 445 50.78 27.27 35.48
C VAL A 445 50.81 26.35 34.26
N PHE A 446 49.73 25.64 33.97
CA PHE A 446 49.77 24.72 32.83
C PHE A 446 50.04 25.35 31.45
N PRO A 447 49.58 26.57 31.20
CA PRO A 447 49.86 27.13 29.88
C PRO A 447 51.37 27.30 29.68
N GLY A 448 52.01 27.98 30.63
CA GLY A 448 53.45 28.21 30.58
C GLY A 448 54.29 26.94 30.65
N VAL A 449 53.85 25.97 31.44
CA VAL A 449 54.60 24.71 31.55
C VAL A 449 54.58 23.97 30.21
N ALA A 450 53.45 24.04 29.52
CA ALA A 450 53.30 23.37 28.22
C ALA A 450 54.21 24.06 27.19
N LEU A 451 54.16 25.39 27.12
CA LEU A 451 54.99 26.14 26.20
C LEU A 451 56.44 25.74 26.44
N GLY A 452 56.79 25.62 27.71
CA GLY A 452 58.13 25.24 28.09
C GLY A 452 58.50 23.84 27.67
N VAL A 453 57.73 22.85 28.13
CA VAL A 453 58.01 21.45 27.80
C VAL A 453 58.04 21.25 26.29
N ILE A 454 57.01 21.71 25.60
CA ILE A 454 56.98 21.55 24.15
C ILE A 454 58.20 22.17 23.49
N SER A 455 58.49 23.43 23.83
CA SER A 455 59.62 24.14 23.25
C SER A 455 60.96 23.43 23.35
N CYS A 456 61.35 23.01 24.56
CA CYS A 456 62.63 22.34 24.74
C CYS A 456 62.57 20.82 24.72
N GLY A 457 61.36 20.28 24.68
CA GLY A 457 61.23 18.84 24.64
C GLY A 457 61.71 18.17 25.92
N LEU A 458 61.28 18.71 27.06
CA LEU A 458 61.65 18.16 28.35
C LEU A 458 61.06 16.76 28.45
N LYS A 459 61.92 15.74 28.49
CA LYS A 459 61.47 14.35 28.54
C LYS A 459 60.48 14.03 29.63
N HIS A 460 60.82 14.35 30.87
CA HIS A 460 59.96 14.07 32.01
C HIS A 460 59.84 15.29 32.91
N ILE A 461 58.70 15.42 33.59
CA ILE A 461 58.49 16.57 34.45
C ILE A 461 58.58 16.24 35.93
N GLY A 462 59.67 16.67 36.57
CA GLY A 462 59.86 16.43 37.99
C GLY A 462 59.22 17.54 38.82
N ASP A 463 59.06 17.32 40.13
CA ASP A 463 58.46 18.32 40.99
C ASP A 463 59.23 19.64 41.02
N ASP A 464 60.53 19.58 40.76
CA ASP A 464 61.34 20.80 40.75
C ASP A 464 60.79 21.81 39.75
N VAL A 465 60.27 21.32 38.63
CA VAL A 465 59.70 22.16 37.58
C VAL A 465 58.58 23.04 38.10
N PHE A 466 57.74 22.47 38.95
CA PHE A 466 56.62 23.21 39.50
C PHE A 466 57.04 24.19 40.59
N LEU A 467 58.07 23.84 41.37
CA LEU A 467 58.56 24.74 42.42
C LEU A 467 59.18 25.95 41.71
N THR A 468 59.96 25.67 40.67
CA THR A 468 60.60 26.71 39.90
C THR A 468 59.57 27.60 39.23
N THR A 469 58.49 27.00 38.75
CA THR A 469 57.43 27.76 38.10
C THR A 469 56.70 28.64 39.10
N ALA A 470 56.63 28.18 40.35
CA ALA A 470 55.97 28.94 41.41
C ALA A 470 56.80 30.18 41.71
N GLU A 471 58.12 30.02 41.69
CA GLU A 471 58.99 31.15 41.97
C GLU A 471 58.87 32.14 40.82
N VAL A 472 58.83 31.63 39.60
CA VAL A 472 58.71 32.48 38.43
C VAL A 472 57.46 33.33 38.50
N ILE A 473 56.32 32.71 38.80
CA ILE A 473 55.06 33.48 38.88
C ILE A 473 55.13 34.54 39.97
N ALA A 474 55.59 34.16 41.15
CA ALA A 474 55.70 35.11 42.25
C ALA A 474 56.63 36.25 41.83
N GLN A 475 57.71 35.91 41.14
CA GLN A 475 58.67 36.92 40.70
C GLN A 475 58.01 37.99 39.83
N GLU A 476 56.87 37.67 39.25
CA GLU A 476 56.19 38.62 38.38
C GLU A 476 55.10 39.42 39.06
N VAL A 477 55.02 39.30 40.39
CA VAL A 477 54.04 40.05 41.17
C VAL A 477 54.79 41.31 41.61
N SER A 478 54.30 42.49 41.20
CA SER A 478 54.97 43.73 41.56
C SER A 478 54.49 44.26 42.91
N GLU A 479 55.25 45.20 43.47
CA GLU A 479 54.90 45.81 44.76
C GLU A 479 53.52 46.43 44.58
N GLU A 480 53.32 47.07 43.42
CA GLU A 480 52.05 47.70 43.10
C GLU A 480 50.93 46.67 43.19
N ASN A 481 51.19 45.48 42.65
CA ASN A 481 50.22 44.39 42.69
C ASN A 481 49.88 44.06 44.13
N LEU A 482 50.94 43.84 44.91
CA LEU A 482 50.81 43.52 46.32
C LEU A 482 50.00 44.56 47.08
N GLN A 483 50.26 45.82 46.78
CA GLN A 483 49.56 46.90 47.44
C GLN A 483 48.06 46.85 47.18
N GLU A 484 47.66 46.21 46.08
CA GLU A 484 46.25 46.10 45.73
C GLU A 484 45.61 44.84 46.29
N GLY A 485 46.43 43.93 46.82
CA GLY A 485 45.87 42.70 47.37
C GLY A 485 45.99 41.51 46.42
N ARG A 486 46.77 41.69 45.35
CA ARG A 486 46.98 40.64 44.35
C ARG A 486 48.16 39.75 44.72
N LEU A 487 47.91 38.46 44.87
CA LEU A 487 48.99 37.52 45.15
C LEU A 487 49.53 36.95 43.82
N TYR A 488 48.95 37.43 42.71
CA TYR A 488 49.34 36.99 41.37
C TYR A 488 49.38 38.14 40.38
N PRO A 489 50.26 38.05 39.38
CA PRO A 489 50.30 39.16 38.42
C PRO A 489 48.95 39.27 37.75
N PRO A 490 48.56 40.49 37.34
CA PRO A 490 47.27 40.67 36.68
C PRO A 490 47.04 39.68 35.53
N LEU A 491 45.80 39.26 35.33
CA LEU A 491 45.47 38.29 34.29
C LEU A 491 45.76 38.76 32.87
N VAL A 492 45.68 40.08 32.65
CA VAL A 492 45.92 40.63 31.34
C VAL A 492 47.38 40.45 30.92
N THR A 493 48.24 40.08 31.87
CA THR A 493 49.65 39.89 31.57
C THR A 493 50.03 38.42 31.56
N ILE A 494 49.03 37.55 31.67
CA ILE A 494 49.24 36.10 31.72
C ILE A 494 50.06 35.50 30.57
N GLN A 495 50.04 36.13 29.39
CA GLN A 495 50.80 35.58 28.28
C GLN A 495 52.29 35.78 28.56
N GLN A 496 52.64 36.96 29.04
CA GLN A 496 54.02 37.27 29.35
C GLN A 496 54.56 36.42 30.49
N VAL A 497 53.70 36.07 31.44
CA VAL A 497 54.13 35.26 32.57
C VAL A 497 54.38 33.82 32.10
N SER A 498 53.59 33.37 31.14
CA SER A 498 53.73 32.01 30.60
C SER A 498 55.04 31.94 29.83
N LEU A 499 55.37 33.02 29.14
CA LEU A 499 56.62 33.08 28.36
C LEU A 499 57.81 32.90 29.29
N LYS A 500 57.81 33.63 30.40
CA LYS A 500 58.90 33.55 31.35
C LYS A 500 58.95 32.18 32.00
N ILE A 501 57.78 31.56 32.22
CA ILE A 501 57.75 30.22 32.82
C ILE A 501 58.39 29.24 31.84
N ALA A 502 58.04 29.39 30.56
CA ALA A 502 58.56 28.52 29.50
C ALA A 502 60.06 28.70 29.35
N VAL A 503 60.51 29.94 29.28
CA VAL A 503 61.93 30.23 29.12
C VAL A 503 62.71 29.59 30.26
N ARG A 504 62.22 29.76 31.48
CA ARG A 504 62.87 29.21 32.65
C ARG A 504 62.96 27.69 32.58
N ILE A 505 61.84 27.03 32.32
CA ILE A 505 61.84 25.57 32.23
C ILE A 505 62.87 25.12 31.19
N ALA A 506 62.93 25.81 30.06
CA ALA A 506 63.86 25.47 29.00
C ALA A 506 65.31 25.50 29.51
N LYS A 507 65.70 26.63 30.09
CA LYS A 507 67.06 26.77 30.62
C LYS A 507 67.42 25.60 31.52
N GLU A 508 66.53 25.29 32.45
CA GLU A 508 66.77 24.18 33.37
C GLU A 508 66.96 22.88 32.60
N ALA A 509 66.07 22.64 31.64
CA ALA A 509 66.10 21.42 30.84
C ALA A 509 67.45 21.19 30.18
N TYR A 510 68.00 22.23 29.55
CA TYR A 510 69.28 22.12 28.87
C TYR A 510 70.39 21.95 29.90
N ARG A 511 70.29 22.66 31.01
CA ARG A 511 71.29 22.55 32.05
C ARG A 511 71.40 21.11 32.56
N ASN A 512 70.26 20.52 32.89
CA ASN A 512 70.22 19.17 33.42
C ASN A 512 70.18 18.11 32.33
N ASN A 513 70.33 18.55 31.09
CA ASN A 513 70.34 17.65 29.94
C ASN A 513 69.10 16.76 29.88
N THR A 514 67.94 17.34 30.14
CA THR A 514 66.69 16.59 30.09
C THR A 514 65.87 17.13 28.92
N ALA A 515 66.46 18.04 28.17
CA ALA A 515 65.82 18.63 26.99
C ALA A 515 66.01 17.67 25.82
N SER A 516 65.32 17.92 24.72
CA SER A 516 65.44 17.06 23.55
C SER A 516 65.59 17.88 22.28
N THR A 517 65.16 19.13 22.32
CA THR A 517 65.26 20.00 21.16
C THR A 517 66.70 20.49 20.98
N TYR A 518 67.36 20.01 19.93
CA TYR A 518 68.73 20.38 19.63
C TYR A 518 68.93 20.70 18.14
N PRO A 519 69.95 21.52 17.82
CA PRO A 519 70.87 22.12 18.79
C PRO A 519 70.13 23.12 19.68
N GLN A 520 70.69 23.42 20.85
CA GLN A 520 70.06 24.36 21.76
C GLN A 520 70.10 25.77 21.21
N PRO A 521 68.99 26.50 21.31
CA PRO A 521 68.94 27.88 20.81
C PRO A 521 69.89 28.80 21.56
N GLU A 522 70.52 29.72 20.86
CA GLU A 522 71.44 30.65 21.51
C GLU A 522 70.63 31.57 22.44
N ASP A 523 69.45 31.99 21.98
CA ASP A 523 68.58 32.87 22.74
C ASP A 523 67.25 32.17 22.96
N LEU A 524 67.12 31.49 24.09
CA LEU A 524 65.89 30.75 24.40
C LEU A 524 64.63 31.60 24.34
N GLU A 525 64.70 32.84 24.83
CA GLU A 525 63.53 33.70 24.80
C GLU A 525 63.12 33.99 23.35
N ALA A 526 64.07 34.39 22.53
CA ALA A 526 63.79 34.70 21.13
C ALA A 526 63.24 33.47 20.43
N PHE A 527 63.78 32.32 20.77
CA PHE A 527 63.34 31.07 20.17
C PHE A 527 61.88 30.80 20.51
N ILE A 528 61.57 30.83 21.80
CA ILE A 528 60.21 30.57 22.24
C ILE A 528 59.24 31.61 21.69
N ARG A 529 59.63 32.88 21.72
CA ARG A 529 58.76 33.94 21.19
C ARG A 529 58.35 33.63 19.77
N SER A 530 59.27 33.06 18.98
CA SER A 530 59.00 32.73 17.60
C SER A 530 58.19 31.45 17.44
N GLN A 531 58.00 30.74 18.53
CA GLN A 531 57.26 29.49 18.49
C GLN A 531 55.81 29.72 18.91
N VAL A 532 55.53 30.89 19.46
CA VAL A 532 54.19 31.19 19.92
C VAL A 532 53.16 31.41 18.82
N TYR A 533 51.94 30.96 19.09
CA TYR A 533 50.82 31.07 18.16
C TYR A 533 50.50 32.53 17.86
N SER A 534 50.10 32.80 16.64
CA SER A 534 49.74 34.15 16.24
C SER A 534 48.27 34.19 15.91
N THR A 535 47.64 35.27 16.33
CA THR A 535 46.22 35.48 16.11
C THR A 535 45.95 36.07 14.71
N ASP A 536 47.00 36.52 14.03
CA ASP A 536 46.86 37.11 12.71
C ASP A 536 46.51 36.07 11.66
N TYR A 537 45.73 36.47 10.67
CA TYR A 537 45.36 35.56 9.61
C TYR A 537 46.56 35.41 8.69
N ASN A 538 46.61 34.30 7.97
CA ASN A 538 47.68 34.08 7.00
C ASN A 538 47.11 34.54 5.67
N CYS A 539 47.96 34.65 4.65
CA CYS A 539 47.46 35.04 3.35
C CYS A 539 47.33 33.76 2.52
N PHE A 540 46.17 33.57 1.87
CA PHE A 540 45.94 32.36 1.09
C PHE A 540 46.19 32.49 -0.41
N VAL A 541 46.81 33.60 -0.79
CA VAL A 541 47.17 33.85 -2.18
C VAL A 541 48.34 32.96 -2.54
N ALA A 542 48.31 32.37 -3.74
CA ALA A 542 49.40 31.50 -4.16
C ALA A 542 50.66 32.33 -4.25
N ASP A 543 51.80 31.72 -3.94
CA ASP A 543 53.06 32.45 -4.02
C ASP A 543 53.50 32.51 -5.48
N SER A 544 53.11 33.59 -6.13
CA SER A 544 53.44 33.79 -7.52
C SER A 544 54.63 34.72 -7.68
N TYR A 545 55.48 34.38 -8.65
CA TYR A 545 56.66 35.18 -8.94
C TYR A 545 57.20 34.73 -10.27
N THR A 546 57.92 35.60 -10.93
CA THR A 546 58.46 35.29 -12.23
C THR A 546 59.91 34.85 -12.27
N TRP A 547 60.26 34.15 -13.36
CA TRP A 547 61.61 33.69 -13.64
C TRP A 547 62.00 34.64 -14.77
N PRO A 548 63.29 34.72 -15.14
CA PRO A 548 63.66 35.62 -16.23
C PRO A 548 62.68 35.51 -17.39
N GLU A 549 63.12 35.40 -18.62
CA GLU A 549 62.08 35.30 -19.63
C GLU A 549 62.43 34.25 -20.64
N GLU A 550 63.72 34.07 -20.82
CA GLU A 550 64.22 33.09 -21.75
C GLU A 550 64.01 31.74 -21.08
N ALA A 551 64.10 31.73 -19.75
CA ALA A 551 63.92 30.51 -18.96
C ALA A 551 62.45 30.17 -18.80
N MSE A 552 61.60 31.17 -18.99
CA MSE A 552 60.16 31.05 -18.84
C MSE A 552 59.44 30.86 -20.18
O MSE A 552 58.21 30.74 -20.24
CB MSE A 552 59.67 32.30 -18.13
CG MSE A 552 58.33 32.23 -17.45
SE MSE A 552 58.11 33.91 -16.49
CE MSE A 552 57.96 35.12 -17.98
N LYS A 553 60.19 30.85 -21.27
CA LYS A 553 59.62 30.69 -22.61
C LYS A 553 59.00 29.31 -22.80
N VAL A 554 58.04 29.24 -23.71
CA VAL A 554 57.39 27.97 -24.01
C VAL A 554 57.87 27.48 -25.37
N LYS A 555 58.44 26.28 -25.42
CA LYS A 555 58.95 25.73 -26.68
C LYS A 555 57.99 24.72 -27.28
N LYS B 1 32.65 10.14 0.05
CA LYS B 1 33.62 10.93 0.79
C LYS B 1 33.68 10.44 2.23
N LYS B 2 34.75 10.77 2.95
CA LYS B 2 34.92 10.30 4.32
C LYS B 2 35.73 11.20 5.26
N GLY B 3 35.82 10.78 6.52
CA GLY B 3 36.56 11.52 7.52
C GLY B 3 35.77 12.64 8.17
N TYR B 4 36.46 13.46 8.94
CA TYR B 4 35.87 14.59 9.64
C TYR B 4 35.18 15.55 8.66
N GLU B 5 35.53 15.46 7.39
CA GLU B 5 34.97 16.29 6.34
C GLU B 5 33.48 16.02 6.19
N VAL B 6 33.06 14.82 6.58
CA VAL B 6 31.67 14.40 6.53
C VAL B 6 30.86 15.12 7.60
N LEU B 7 31.40 15.20 8.80
CA LEU B 7 30.72 15.85 9.92
C LEU B 7 30.49 17.35 9.70
N ARG B 8 31.28 17.94 8.80
CA ARG B 8 31.14 19.37 8.50
C ARG B 8 30.27 19.62 7.28
N ASP B 9 29.83 18.55 6.62
CA ASP B 9 28.97 18.70 5.44
C ASP B 9 27.54 18.37 5.86
N PRO B 10 26.72 19.41 6.08
CA PRO B 10 25.32 19.29 6.49
C PRO B 10 24.45 18.39 5.64
N HIS B 11 24.84 18.18 4.39
CA HIS B 11 24.10 17.32 3.50
C HIS B 11 24.37 15.85 3.85
N LEU B 12 25.53 15.60 4.44
CA LEU B 12 25.93 14.25 4.82
C LEU B 12 25.86 13.96 6.30
N ASN B 13 26.16 14.97 7.11
CA ASN B 13 26.20 14.80 8.56
C ASN B 13 24.91 14.29 9.23
N LYS B 14 25.04 13.19 9.96
CA LYS B 14 23.92 12.59 10.69
C LYS B 14 24.13 12.81 12.19
N GLY B 15 25.27 13.38 12.55
CA GLY B 15 25.55 13.61 13.95
C GLY B 15 25.71 12.29 14.67
N MSE B 16 25.17 12.20 15.88
CA MSE B 16 25.28 10.96 16.63
C MSE B 16 24.40 9.85 16.09
O MSE B 16 24.40 8.73 16.63
CB MSE B 16 25.00 11.22 18.10
CG MSE B 16 26.13 11.94 18.81
SE MSE B 16 25.69 12.40 20.62
CE MSE B 16 24.55 13.93 20.29
N ALA B 17 23.65 10.14 15.03
CA ALA B 17 22.78 9.14 14.43
C ALA B 17 23.63 8.18 13.61
N PHE B 18 24.93 8.48 13.51
CA PHE B 18 25.89 7.65 12.78
C PHE B 18 26.11 6.33 13.52
N THR B 19 25.88 5.22 12.82
CA THR B 19 26.04 3.87 13.38
C THR B 19 27.48 3.59 13.77
N LEU B 20 27.66 2.71 14.75
CA LEU B 20 29.00 2.35 15.16
C LEU B 20 29.77 1.87 13.95
N GLU B 21 29.14 1.08 13.09
CA GLU B 21 29.84 0.58 11.92
C GLU B 21 30.02 1.65 10.84
N GLU B 22 29.10 2.62 10.79
CA GLU B 22 29.23 3.69 9.81
C GLU B 22 30.42 4.54 10.20
N ARG B 23 30.48 4.87 11.49
CA ARG B 23 31.55 5.68 12.03
C ARG B 23 32.90 5.01 11.75
N GLN B 24 32.98 3.71 12.01
CA GLN B 24 34.23 3.00 11.78
C GLN B 24 34.65 3.04 10.32
N GLN B 25 33.70 2.85 9.42
CA GLN B 25 34.00 2.86 7.99
C GLN B 25 34.26 4.26 7.46
N LEU B 26 33.64 5.25 8.07
CA LEU B 26 33.82 6.63 7.63
C LEU B 26 35.04 7.30 8.25
N ASN B 27 35.81 6.53 9.03
CA ASN B 27 36.99 7.07 9.68
C ASN B 27 36.62 8.24 10.61
N ILE B 28 35.51 8.14 11.32
CA ILE B 28 35.13 9.21 12.24
C ILE B 28 34.84 8.67 13.62
N HIS B 29 35.14 7.40 13.85
CA HIS B 29 34.90 6.81 15.15
C HIS B 29 35.83 7.46 16.17
N GLY B 30 35.25 8.09 17.18
CA GLY B 30 36.05 8.75 18.18
C GLY B 30 35.83 10.25 18.09
N LEU B 31 35.29 10.71 16.97
CA LEU B 31 35.04 12.13 16.80
C LEU B 31 33.63 12.48 17.29
N LEU B 32 32.89 11.46 17.70
CA LEU B 32 31.54 11.66 18.22
C LEU B 32 31.42 11.00 19.58
N PRO B 33 30.57 11.55 20.46
CA PRO B 33 30.47 10.87 21.76
C PRO B 33 29.91 9.46 21.56
N PRO B 34 30.18 8.54 22.50
CA PRO B 34 29.76 7.13 22.49
C PRO B 34 28.28 6.80 22.68
N CYS B 35 27.41 7.54 21.99
CA CYS B 35 25.99 7.27 22.09
C CYS B 35 25.38 7.35 20.69
N PHE B 36 24.45 6.44 20.41
CA PHE B 36 23.79 6.40 19.11
C PHE B 36 22.32 6.66 19.27
N LEU B 37 21.76 7.50 18.42
CA LEU B 37 20.35 7.82 18.52
C LEU B 37 19.65 8.00 17.19
N GLY B 38 18.32 8.00 17.26
CA GLY B 38 17.53 8.17 16.06
C GLY B 38 17.07 9.61 15.93
N GLN B 39 16.48 9.93 14.79
CA GLN B 39 16.00 11.28 14.54
C GLN B 39 15.06 11.77 15.64
N ASP B 40 14.19 10.89 16.11
CA ASP B 40 13.26 11.28 17.16
C ASP B 40 14.02 11.81 18.37
N ALA B 41 15.07 11.10 18.78
CA ALA B 41 15.86 11.53 19.91
C ALA B 41 16.49 12.87 19.62
N GLN B 42 17.11 12.99 18.44
CA GLN B 42 17.73 14.25 18.04
C GLN B 42 16.74 15.39 18.00
N VAL B 43 15.54 15.14 17.49
CA VAL B 43 14.48 16.15 17.43
C VAL B 43 14.15 16.62 18.85
N TYR B 44 14.08 15.66 19.77
CA TYR B 44 13.79 15.97 21.16
C TYR B 44 14.78 17.03 21.65
N SER B 45 16.07 16.72 21.55
CA SER B 45 17.13 17.63 21.97
C SER B 45 16.98 19.04 21.39
N ILE B 46 16.66 19.11 20.11
CA ILE B 46 16.50 20.40 19.44
C ILE B 46 15.36 21.17 20.11
N LEU B 47 14.25 20.49 20.33
CA LEU B 47 13.10 21.14 20.95
C LEU B 47 13.42 21.70 22.35
N LYS B 48 14.26 20.99 23.11
CA LYS B 48 14.64 21.47 24.43
C LYS B 48 15.40 22.78 24.25
N ASN B 49 16.23 22.84 23.22
CA ASN B 49 17.01 24.02 22.92
C ASN B 49 16.13 25.15 22.40
N PHE B 50 15.07 24.79 21.67
CA PHE B 50 14.13 25.77 21.11
C PHE B 50 13.24 26.35 22.24
N GLU B 51 12.78 25.46 23.12
CA GLU B 51 11.92 25.84 24.23
C GLU B 51 12.56 26.91 25.13
N ARG B 52 13.82 26.70 25.50
CA ARG B 52 14.53 27.62 26.39
C ARG B 52 14.86 29.01 25.84
N LEU B 53 14.83 29.19 24.53
CA LEU B 53 15.15 30.49 23.98
C LEU B 53 14.07 31.49 24.36
N THR B 54 14.39 32.78 24.31
CA THR B 54 13.43 33.82 24.70
C THR B 54 13.28 34.96 23.68
N SER B 55 13.60 34.67 22.42
CA SER B 55 13.49 35.69 21.38
C SER B 55 13.27 34.98 20.05
N ASP B 56 12.43 35.55 19.19
CA ASP B 56 12.21 34.92 17.89
C ASP B 56 13.52 34.88 17.11
N LEU B 57 14.29 35.97 17.18
CA LEU B 57 15.57 36.04 16.48
C LEU B 57 16.45 34.89 16.93
N ASP B 58 16.49 34.62 18.23
CA ASP B 58 17.30 33.54 18.76
C ASP B 58 16.78 32.19 18.24
N ARG B 59 15.46 32.06 18.10
CA ARG B 59 14.87 30.81 17.60
C ARG B 59 15.28 30.67 16.13
N TYR B 60 15.25 31.79 15.42
CA TYR B 60 15.62 31.79 14.03
C TYR B 60 17.07 31.29 13.93
N ILE B 61 17.97 31.99 14.63
CA ILE B 61 19.39 31.65 14.64
C ILE B 61 19.61 30.19 15.02
N LEU B 62 18.82 29.68 15.97
CA LEU B 62 18.98 28.29 16.37
C LEU B 62 18.72 27.37 15.17
N LEU B 63 17.61 27.58 14.50
CA LEU B 63 17.23 26.75 13.37
C LEU B 63 18.15 26.90 12.17
N MSE B 64 18.60 28.13 11.92
CA MSE B 64 19.50 28.38 10.81
C MSE B 64 20.79 27.58 10.99
O MSE B 64 21.35 27.06 10.03
CB MSE B 64 19.83 29.87 10.70
CG MSE B 64 18.75 30.69 10.01
SE MSE B 64 18.30 29.98 8.26
CE MSE B 64 20.07 29.45 7.65
N SER B 65 21.24 27.49 12.23
CA SER B 65 22.46 26.76 12.55
C SER B 65 22.23 25.27 12.38
N LEU B 66 21.02 24.81 12.71
CA LEU B 66 20.69 23.40 12.57
C LEU B 66 20.77 23.09 11.10
N GLN B 67 20.22 23.99 10.30
CA GLN B 67 20.22 23.83 8.86
C GLN B 67 21.65 23.75 8.32
N ASP B 68 22.57 24.42 8.99
CA ASP B 68 23.98 24.44 8.58
C ASP B 68 24.76 23.27 9.14
N ARG B 69 24.12 22.49 9.99
CA ARG B 69 24.80 21.36 10.61
C ARG B 69 24.33 19.98 10.16
N ASN B 70 23.02 19.78 10.09
CA ASN B 70 22.45 18.49 9.67
C ASN B 70 21.16 18.73 8.90
N GLU B 71 21.29 18.66 7.57
CA GLU B 71 20.19 18.88 6.62
C GLU B 71 18.94 18.10 6.93
N LYS B 72 19.05 16.77 6.96
CA LYS B 72 17.92 15.90 7.25
C LYS B 72 17.22 16.33 8.54
N LEU B 73 17.99 16.41 9.64
CA LEU B 73 17.40 16.78 10.92
C LEU B 73 16.70 18.14 10.87
N PHE B 74 17.26 19.08 10.12
CA PHE B 74 16.64 20.39 9.99
C PHE B 74 15.22 20.23 9.45
N TYR B 75 15.10 19.57 8.29
CA TYR B 75 13.79 19.35 7.69
C TYR B 75 12.91 18.44 8.53
N LYS B 76 13.50 17.50 9.24
CA LYS B 76 12.71 16.61 10.08
C LYS B 76 11.98 17.46 11.14
N VAL B 77 12.71 18.42 11.72
CA VAL B 77 12.14 19.29 12.74
C VAL B 77 11.07 20.21 12.14
N LEU B 78 11.38 20.78 10.98
CA LEU B 78 10.48 21.68 10.27
C LEU B 78 9.14 21.00 10.00
N THR B 79 9.18 19.82 9.40
CA THR B 79 7.96 19.09 9.07
C THR B 79 7.28 18.47 10.29
N SER B 80 8.00 18.40 11.40
CA SER B 80 7.46 17.83 12.64
C SER B 80 6.30 18.64 13.22
N ASP B 81 6.35 19.96 13.04
CA ASP B 81 5.31 20.86 13.55
C ASP B 81 5.35 22.12 12.67
N ILE B 82 5.02 21.93 11.40
CA ILE B 82 5.03 23.00 10.42
C ILE B 82 4.37 24.29 10.90
N GLU B 83 3.25 24.18 11.60
CA GLU B 83 2.54 25.36 12.07
C GLU B 83 3.38 26.16 13.07
N ARG B 84 4.21 25.46 13.82
CA ARG B 84 5.07 26.05 14.83
C ARG B 84 6.39 26.64 14.32
N PHE B 85 7.04 25.93 13.41
CA PHE B 85 8.32 26.39 12.92
C PHE B 85 8.33 27.24 11.67
N MSE B 86 7.25 27.18 10.89
CA MSE B 86 7.20 28.00 9.69
C MSE B 86 7.26 29.48 10.03
O MSE B 86 7.90 30.27 9.33
CB MSE B 86 5.93 27.70 8.91
CG MSE B 86 6.03 28.11 7.47
SE MSE B 86 4.36 27.87 6.57
CE MSE B 86 4.08 26.00 6.88
N PRO B 87 6.58 29.89 11.12
CA PRO B 87 6.59 31.30 11.52
C PRO B 87 7.98 31.79 11.91
N ILE B 88 8.88 30.85 12.19
CA ILE B 88 10.26 31.17 12.57
C ILE B 88 11.17 31.22 11.36
N VAL B 89 11.06 30.22 10.50
CA VAL B 89 11.88 30.10 9.30
C VAL B 89 11.33 30.93 8.13
N TYR B 90 10.05 31.26 8.18
CA TYR B 90 9.37 32.03 7.14
C TYR B 90 8.71 33.25 7.82
N THR B 91 7.70 33.85 7.20
CA THR B 91 7.04 35.01 7.78
C THR B 91 6.44 34.61 9.14
N PRO B 92 6.48 35.52 10.13
CA PRO B 92 7.04 36.88 10.04
C PRO B 92 8.48 36.99 10.50
N THR B 93 8.97 35.97 11.20
CA THR B 93 10.33 35.99 11.74
C THR B 93 11.44 36.18 10.68
N VAL B 94 11.21 35.71 9.46
CA VAL B 94 12.23 35.82 8.44
C VAL B 94 12.49 37.29 8.08
N GLY B 95 11.47 38.12 8.24
CA GLY B 95 11.63 39.54 7.94
C GLY B 95 12.47 40.17 9.03
N LEU B 96 12.23 39.73 10.26
CA LEU B 96 12.96 40.24 11.41
C LEU B 96 14.42 39.81 11.24
N ALA B 97 14.61 38.62 10.69
CA ALA B 97 15.96 38.12 10.47
C ALA B 97 16.66 38.98 9.42
N CYS B 98 15.95 39.34 8.36
CA CYS B 98 16.56 40.15 7.33
C CYS B 98 16.90 41.53 7.85
N GLN B 99 16.10 42.04 8.78
CA GLN B 99 16.34 43.35 9.35
C GLN B 99 17.63 43.36 10.16
N HIS B 100 18.01 42.21 10.70
CA HIS B 100 19.23 42.10 11.50
C HIS B 100 20.15 41.06 10.94
N TYR B 101 20.06 40.82 9.63
CA TYR B 101 20.88 39.79 8.99
C TYR B 101 22.35 39.87 9.38
N GLY B 102 22.88 41.09 9.41
CA GLY B 102 24.26 41.28 9.78
C GLY B 102 24.52 40.73 11.17
N LEU B 103 23.57 40.94 12.08
CA LEU B 103 23.69 40.47 13.45
C LEU B 103 23.48 38.96 13.57
N ALA B 104 22.47 38.43 12.88
CA ALA B 104 22.16 37.00 12.93
C ALA B 104 23.15 36.14 12.15
N PHE B 105 23.91 36.77 11.26
CA PHE B 105 24.87 36.06 10.44
C PHE B 105 25.82 35.19 11.25
N ARG B 106 26.07 33.99 10.75
CA ARG B 106 27.01 33.05 11.37
C ARG B 106 27.84 32.43 10.24
N ARG B 107 27.25 31.44 9.57
CA ARG B 107 27.88 30.76 8.45
C ARG B 107 27.14 31.24 7.19
N PRO B 108 27.87 31.49 6.11
CA PRO B 108 27.22 31.96 4.88
C PRO B 108 26.41 30.87 4.19
N ARG B 109 25.37 31.29 3.49
CA ARG B 109 24.52 30.37 2.76
C ARG B 109 24.08 31.05 1.48
N GLY B 110 24.08 30.32 0.37
CA GLY B 110 23.65 30.92 -0.87
C GLY B 110 24.79 31.42 -1.74
N LEU B 111 24.43 32.03 -2.87
CA LEU B 111 25.41 32.55 -3.80
C LEU B 111 25.23 34.04 -3.96
N PHE B 112 26.26 34.81 -3.62
CA PHE B 112 26.19 36.27 -3.72
C PHE B 112 26.86 36.72 -5.01
N ILE B 113 26.08 37.25 -5.94
CA ILE B 113 26.66 37.74 -7.18
C ILE B 113 26.50 39.26 -7.19
N THR B 114 27.60 39.95 -7.48
CA THR B 114 27.63 41.41 -7.46
C THR B 114 27.64 42.06 -8.85
N ILE B 115 27.19 43.31 -8.90
CA ILE B 115 27.18 44.06 -10.15
C ILE B 115 28.63 44.24 -10.62
N HIS B 116 29.58 44.06 -9.71
CA HIS B 116 30.99 44.19 -10.03
C HIS B 116 31.57 42.89 -10.56
N ASP B 117 30.75 41.84 -10.61
CA ASP B 117 31.25 40.57 -11.12
C ASP B 117 30.79 40.31 -12.53
N ARG B 118 30.24 41.33 -13.17
CA ARG B 118 29.76 41.17 -14.53
C ARG B 118 30.83 40.59 -15.42
N GLY B 119 30.42 39.63 -16.24
CA GLY B 119 31.35 38.99 -17.15
C GLY B 119 32.07 37.82 -16.52
N HIS B 120 31.74 37.52 -15.27
CA HIS B 120 32.40 36.44 -14.55
C HIS B 120 31.44 35.53 -13.80
N ILE B 121 30.15 35.68 -14.07
CA ILE B 121 29.15 34.88 -13.39
C ILE B 121 29.37 33.39 -13.62
N ALA B 122 29.56 32.99 -14.87
CA ALA B 122 29.77 31.59 -15.18
C ALA B 122 30.82 30.96 -14.26
N THR B 123 31.89 31.70 -14.00
CA THR B 123 32.97 31.21 -13.15
C THR B 123 32.52 30.99 -11.70
N MSE B 124 31.77 31.96 -11.18
CA MSE B 124 31.31 31.87 -9.81
C MSE B 124 30.37 30.68 -9.55
O MSE B 124 30.33 30.15 -8.43
CB MSE B 124 30.64 33.19 -9.45
CG MSE B 124 31.58 34.35 -9.55
SE MSE B 124 30.69 35.98 -9.15
CE MSE B 124 30.56 35.85 -7.23
N LEU B 125 29.61 30.27 -10.56
CA LEU B 125 28.70 29.14 -10.38
C LEU B 125 29.53 27.90 -10.12
N GLN B 126 30.78 27.91 -10.60
CA GLN B 126 31.67 26.78 -10.39
C GLN B 126 31.91 26.67 -8.88
N SER B 127 32.09 27.82 -8.24
CA SER B 127 32.34 27.88 -6.80
C SER B 127 31.27 27.14 -6.00
N TRP B 128 30.07 27.05 -6.58
CA TRP B 128 28.99 26.35 -5.91
C TRP B 128 29.23 24.85 -6.00
N PRO B 129 29.31 24.18 -4.84
CA PRO B 129 29.55 22.73 -4.74
C PRO B 129 28.74 21.87 -5.69
N GLU B 130 27.42 22.04 -5.67
CA GLU B 130 26.58 21.26 -6.56
C GLU B 130 26.65 21.74 -8.00
N SER B 131 26.70 20.78 -8.91
CA SER B 131 26.78 21.07 -10.34
C SER B 131 25.42 20.84 -10.99
N VAL B 132 24.53 20.17 -10.26
CA VAL B 132 23.18 19.85 -10.73
C VAL B 132 22.11 20.58 -9.90
N ILE B 133 21.70 21.74 -10.39
CA ILE B 133 20.70 22.56 -9.74
C ILE B 133 19.45 22.57 -10.62
N LYS B 134 18.28 22.36 -10.01
CA LYS B 134 17.03 22.36 -10.77
C LYS B 134 16.16 23.58 -10.49
N ALA B 135 16.40 24.26 -9.38
CA ALA B 135 15.62 25.44 -9.03
C ALA B 135 16.47 26.54 -8.39
N ILE B 136 16.03 27.79 -8.57
CA ILE B 136 16.75 28.92 -8.03
C ILE B 136 15.79 30.03 -7.61
N VAL B 137 15.97 30.57 -6.41
CA VAL B 137 15.15 31.68 -5.95
C VAL B 137 16.15 32.82 -5.83
N VAL B 138 15.94 33.87 -6.62
CA VAL B 138 16.83 35.02 -6.65
C VAL B 138 16.15 36.31 -6.23
N THR B 139 16.94 37.20 -5.63
CA THR B 139 16.43 38.50 -5.21
C THR B 139 17.53 39.55 -5.30
N ASP B 140 17.18 40.82 -5.40
CA ASP B 140 18.18 41.88 -5.43
C ASP B 140 17.93 42.72 -4.18
N GLY B 141 17.01 42.22 -3.36
CA GLY B 141 16.67 42.84 -2.08
C GLY B 141 16.06 44.23 -2.03
N GLU B 142 15.51 44.70 -3.14
CA GLU B 142 14.93 46.02 -3.15
C GLU B 142 13.50 46.12 -2.59
N ARG B 143 12.83 44.99 -2.49
CA ARG B 143 11.47 45.01 -1.96
C ARG B 143 11.26 43.80 -1.08
N ILE B 144 11.96 43.78 0.06
CA ILE B 144 11.87 42.68 1.00
C ILE B 144 10.58 42.78 1.80
N LEU B 145 9.59 41.99 1.39
CA LEU B 145 8.27 41.97 2.04
C LEU B 145 7.75 43.40 2.00
N GLY B 146 7.16 43.85 3.10
CA GLY B 146 6.69 45.22 3.15
C GLY B 146 7.71 46.03 3.94
N LEU B 147 8.95 45.53 3.96
CA LEU B 147 10.01 46.18 4.72
C LEU B 147 10.93 47.11 3.91
N GLY B 148 10.73 47.14 2.60
CA GLY B 148 11.53 48.02 1.75
C GLY B 148 12.83 47.45 1.20
N ASP B 149 13.80 48.34 0.97
CA ASP B 149 15.11 47.95 0.46
C ASP B 149 15.99 47.51 1.60
N LEU B 150 16.27 46.22 1.70
CA LEU B 150 17.13 45.71 2.76
C LEU B 150 18.44 45.26 2.18
N GLY B 151 18.68 45.60 0.92
CA GLY B 151 19.93 45.22 0.29
C GLY B 151 20.34 43.77 0.45
N CYS B 152 21.62 43.57 0.76
CA CYS B 152 22.17 42.24 0.91
C CYS B 152 21.62 41.49 2.11
N TYR B 153 20.96 42.22 3.00
CA TYR B 153 20.37 41.58 4.17
C TYR B 153 19.18 40.76 3.68
N GLY B 154 18.76 41.03 2.44
CA GLY B 154 17.62 40.34 1.86
C GLY B 154 17.83 38.85 1.55
N MSE B 155 19.08 38.39 1.64
CA MSE B 155 19.37 36.98 1.34
C MSE B 155 18.51 36.06 2.20
O MSE B 155 18.26 34.91 1.85
CB MSE B 155 20.85 36.68 1.58
CG MSE B 155 21.24 35.21 1.40
SE MSE B 155 20.89 34.53 -0.39
CE MSE B 155 22.69 34.41 -1.06
N GLY B 156 18.05 36.58 3.34
CA GLY B 156 17.23 35.78 4.22
C GLY B 156 16.00 35.21 3.54
N ILE B 157 15.41 35.99 2.63
CA ILE B 157 14.21 35.53 1.94
C ILE B 157 14.42 34.29 1.07
N PRO B 158 15.31 34.36 0.06
CA PRO B 158 15.52 33.17 -0.78
C PRO B 158 15.72 31.91 0.07
N VAL B 159 16.48 32.05 1.15
CA VAL B 159 16.75 30.95 2.05
C VAL B 159 15.45 30.43 2.63
N GLY B 160 14.58 31.35 3.03
CA GLY B 160 13.30 30.97 3.60
C GLY B 160 12.41 30.30 2.57
N LYS B 161 12.28 30.92 1.42
CA LYS B 161 11.48 30.35 0.35
C LYS B 161 11.93 28.91 0.09
N LEU B 162 13.22 28.69 -0.16
CA LEU B 162 13.69 27.33 -0.43
C LEU B 162 13.44 26.36 0.72
N ALA B 163 13.40 26.88 1.95
CA ALA B 163 13.15 26.04 3.12
C ALA B 163 11.77 25.37 2.95
N LEU B 164 10.82 26.14 2.42
CA LEU B 164 9.49 25.62 2.21
C LEU B 164 9.47 24.77 0.95
N TYR B 165 10.33 25.07 -0.01
CA TYR B 165 10.40 24.28 -1.24
C TYR B 165 10.48 22.82 -0.82
N THR B 166 11.33 22.58 0.18
CA THR B 166 11.55 21.24 0.71
C THR B 166 10.51 20.87 1.77
N ALA B 167 10.35 21.71 2.79
CA ALA B 167 9.42 21.46 3.88
C ALA B 167 7.96 21.29 3.44
N CYS B 168 7.48 22.18 2.59
CA CYS B 168 6.09 22.13 2.14
C CYS B 168 5.89 21.54 0.75
N GLY B 169 6.93 21.53 -0.08
CA GLY B 169 6.79 21.00 -1.43
C GLY B 169 7.45 19.67 -1.72
N GLY B 170 8.46 19.30 -0.94
CA GLY B 170 9.14 18.03 -1.17
C GLY B 170 10.28 18.10 -2.17
N VAL B 171 10.64 19.31 -2.59
CA VAL B 171 11.74 19.48 -3.54
C VAL B 171 13.04 19.19 -2.78
N LYS B 172 13.94 18.41 -3.36
CA LYS B 172 15.20 18.08 -2.71
C LYS B 172 16.07 19.33 -2.48
N PRO B 173 16.52 19.54 -1.24
CA PRO B 173 17.35 20.67 -0.84
C PRO B 173 18.60 20.88 -1.70
N HIS B 174 19.35 19.80 -1.88
CA HIS B 174 20.59 19.83 -2.64
C HIS B 174 20.47 20.33 -4.07
N GLN B 175 19.27 20.32 -4.64
CA GLN B 175 19.11 20.76 -6.00
C GLN B 175 18.73 22.25 -6.11
N CYS B 176 18.56 22.90 -4.97
CA CYS B 176 18.16 24.31 -4.95
C CYS B 176 19.26 25.29 -4.63
N LEU B 177 19.16 26.47 -5.21
CA LEU B 177 20.16 27.50 -5.06
C LEU B 177 19.61 28.89 -4.75
N PRO B 178 19.80 29.37 -3.53
CA PRO B 178 19.30 30.70 -3.16
C PRO B 178 20.33 31.71 -3.68
N VAL B 179 19.87 32.77 -4.33
CA VAL B 179 20.80 33.74 -4.87
C VAL B 179 20.51 35.18 -4.56
N MSE B 180 21.56 35.92 -4.27
CA MSE B 180 21.47 37.35 -3.98
C MSE B 180 22.25 38.13 -5.04
O MSE B 180 23.42 37.84 -5.31
CB MSE B 180 22.08 37.67 -2.61
CG MSE B 180 22.34 39.15 -2.39
SE MSE B 180 20.72 40.16 -2.17
CE MSE B 180 20.88 41.40 -3.61
N LEU B 181 21.59 39.09 -5.66
CA LEU B 181 22.23 39.91 -6.67
C LEU B 181 22.40 41.28 -6.09
N ASP B 182 23.54 41.50 -5.43
CA ASP B 182 23.83 42.79 -4.80
C ASP B 182 24.42 43.76 -5.81
N VAL B 183 23.65 44.81 -6.08
CA VAL B 183 24.04 45.85 -7.01
C VAL B 183 24.08 47.13 -6.21
N GLY B 184 24.02 46.96 -4.89
CA GLY B 184 24.05 48.10 -4.00
C GLY B 184 22.73 48.22 -3.26
N THR B 185 22.54 49.34 -2.57
CA THR B 185 21.32 49.59 -1.81
C THR B 185 21.12 51.09 -1.63
N ASP B 186 19.87 51.53 -1.70
CA ASP B 186 19.58 52.95 -1.55
C ASP B 186 19.21 53.27 -0.10
N ASN B 187 19.15 52.24 0.73
CA ASN B 187 18.79 52.41 2.13
C ASN B 187 19.92 53.10 2.89
N GLU B 188 19.73 54.39 3.16
CA GLU B 188 20.73 55.18 3.88
C GLU B 188 21.15 54.54 5.19
N THR B 189 20.18 54.06 5.96
CA THR B 189 20.47 53.43 7.24
C THR B 189 21.44 52.26 7.13
N LEU B 190 21.26 51.43 6.11
CA LEU B 190 22.16 50.30 5.92
C LEU B 190 23.56 50.80 5.56
N LEU B 191 23.64 51.75 4.64
CA LEU B 191 24.93 52.28 4.21
C LEU B 191 25.77 52.78 5.39
N LYS B 192 25.10 53.10 6.48
CA LYS B 192 25.77 53.58 7.67
C LYS B 192 25.92 52.46 8.71
N ASP B 193 25.12 51.41 8.58
CA ASP B 193 25.18 50.28 9.52
C ASP B 193 26.54 49.57 9.43
N PRO B 194 27.24 49.44 10.57
CA PRO B 194 28.54 48.79 10.65
C PRO B 194 28.51 47.29 10.41
N LEU B 195 27.34 46.69 10.57
CA LEU B 195 27.21 45.25 10.38
C LEU B 195 26.74 44.88 8.98
N TYR B 196 26.37 45.87 8.17
CA TYR B 196 25.88 45.60 6.83
C TYR B 196 26.88 44.75 6.07
N ILE B 197 26.38 43.70 5.43
CA ILE B 197 27.25 42.78 4.70
C ILE B 197 27.33 43.00 3.20
N GLY B 198 26.52 43.92 2.67
CA GLY B 198 26.52 44.17 1.24
C GLY B 198 27.39 45.31 0.78
N LEU B 199 27.31 45.63 -0.50
CA LEU B 199 28.10 46.71 -1.09
C LEU B 199 27.64 48.02 -0.50
N ARG B 200 28.60 48.83 -0.08
CA ARG B 200 28.27 50.10 0.52
C ARG B 200 28.10 51.24 -0.48
N HIS B 201 27.20 51.08 -1.45
CA HIS B 201 26.97 52.15 -2.40
C HIS B 201 25.54 52.07 -2.97
N LYS B 202 24.99 53.22 -3.36
CA LYS B 202 23.64 53.27 -3.91
C LYS B 202 23.49 52.22 -5.00
N ARG B 203 22.26 51.76 -5.22
CA ARG B 203 21.99 50.74 -6.21
C ARG B 203 22.39 51.20 -7.61
N ILE B 204 23.02 50.32 -8.36
CA ILE B 204 23.43 50.65 -9.72
C ILE B 204 22.25 50.30 -10.62
N ARG B 205 21.82 51.24 -11.45
CA ARG B 205 20.67 50.99 -12.31
C ARG B 205 21.03 51.05 -13.77
N GLY B 206 20.02 51.17 -14.63
CA GLY B 206 20.26 51.26 -16.05
C GLY B 206 20.78 50.04 -16.77
N GLN B 207 21.47 50.29 -17.89
CA GLN B 207 22.01 49.24 -18.74
C GLN B 207 22.87 48.26 -17.96
N ALA B 208 23.66 48.75 -17.01
CA ALA B 208 24.53 47.89 -16.24
C ALA B 208 23.73 46.81 -15.52
N TYR B 209 22.65 47.26 -14.87
CA TYR B 209 21.80 46.35 -14.13
C TYR B 209 21.22 45.32 -15.08
N ASP B 210 20.64 45.79 -16.17
CA ASP B 210 20.04 44.91 -17.16
C ASP B 210 20.98 43.87 -17.71
N ASP B 211 22.22 44.27 -17.99
CA ASP B 211 23.19 43.32 -18.53
C ASP B 211 23.57 42.30 -17.48
N LEU B 212 23.61 42.71 -16.22
CA LEU B 212 23.94 41.80 -15.14
C LEU B 212 22.90 40.68 -15.15
N LEU B 213 21.63 41.06 -15.16
CA LEU B 213 20.53 40.10 -15.17
C LEU B 213 20.53 39.17 -16.39
N ASP B 214 20.85 39.68 -17.57
CA ASP B 214 20.88 38.85 -18.75
C ASP B 214 22.01 37.81 -18.60
N GLU B 215 23.17 38.26 -18.11
CA GLU B 215 24.29 37.37 -17.93
C GLU B 215 23.94 36.29 -16.91
N PHE B 216 23.26 36.70 -15.84
CA PHE B 216 22.88 35.75 -14.80
C PHE B 216 22.06 34.63 -15.39
N MSE B 217 21.00 35.00 -16.11
CA MSE B 217 20.10 34.04 -16.72
C MSE B 217 20.80 33.14 -17.73
O MSE B 217 20.60 31.93 -17.75
CB MSE B 217 18.94 34.78 -17.39
CG MSE B 217 18.16 35.63 -16.40
SE MSE B 217 17.01 34.62 -15.19
CE MSE B 217 18.26 33.39 -14.41
N GLU B 218 21.64 33.76 -18.56
CA GLU B 218 22.38 33.02 -19.55
C GLU B 218 23.32 32.03 -18.87
N ALA B 219 24.08 32.50 -17.87
CA ALA B 219 25.03 31.66 -17.15
C ALA B 219 24.38 30.47 -16.43
N VAL B 220 23.31 30.75 -15.69
CA VAL B 220 22.62 29.70 -14.95
C VAL B 220 22.11 28.56 -15.83
N THR B 221 21.39 28.93 -16.88
CA THR B 221 20.82 27.94 -17.80
C THR B 221 21.87 27.21 -18.64
N SER B 222 23.02 27.84 -18.85
CA SER B 222 24.08 27.21 -19.60
C SER B 222 24.68 26.09 -18.76
N ARG B 223 24.92 26.40 -17.51
CA ARG B 223 25.49 25.42 -16.59
C ARG B 223 24.49 24.37 -16.19
N TYR B 224 23.35 24.82 -15.64
CA TYR B 224 22.32 23.91 -15.15
C TYR B 224 21.29 23.40 -16.16
N GLY B 225 21.22 23.99 -17.35
CA GLY B 225 20.27 23.55 -18.36
C GLY B 225 19.12 24.52 -18.56
N MSE B 226 18.41 24.42 -19.69
CA MSE B 226 17.29 25.32 -19.97
C MSE B 226 16.07 25.00 -19.12
O MSE B 226 15.13 25.79 -19.05
CB MSE B 226 16.90 25.26 -21.45
CG MSE B 226 17.85 25.98 -22.38
SE MSE B 226 18.02 27.87 -21.94
CE MSE B 226 16.67 28.61 -23.09
N ASN B 227 16.09 23.83 -18.48
CA ASN B 227 14.97 23.44 -17.65
C ASN B 227 15.04 23.98 -16.24
N CYS B 228 16.16 24.61 -15.90
CA CYS B 228 16.34 25.15 -14.56
C CYS B 228 15.28 26.20 -14.26
N LEU B 229 14.58 26.00 -13.15
CA LEU B 229 13.52 26.91 -12.74
C LEU B 229 14.10 28.11 -12.02
N ILE B 230 13.79 29.32 -12.50
CA ILE B 230 14.29 30.52 -11.87
C ILE B 230 13.11 31.30 -11.29
N GLN B 231 13.09 31.43 -9.97
CA GLN B 231 12.00 32.14 -9.29
C GLN B 231 12.41 33.52 -8.75
N PHE B 232 11.93 34.58 -9.40
CA PHE B 232 12.26 35.91 -8.93
C PHE B 232 11.48 36.20 -7.68
N GLU B 233 12.14 36.82 -6.71
CA GLU B 233 11.51 37.13 -5.44
C GLU B 233 11.93 38.50 -4.91
N ASP B 234 10.95 39.21 -4.39
CA ASP B 234 11.17 40.53 -3.81
C ASP B 234 12.08 41.51 -4.54
N PHE B 235 11.73 41.77 -5.80
CA PHE B 235 12.45 42.74 -6.62
C PHE B 235 11.51 43.95 -6.60
N ALA B 236 12.01 45.13 -6.92
CA ALA B 236 11.17 46.33 -6.94
C ALA B 236 10.18 46.24 -8.10
N ASN B 237 9.11 47.01 -8.00
CA ASN B 237 8.04 47.03 -9.01
C ASN B 237 8.50 47.02 -10.47
N ALA B 238 9.12 48.11 -10.91
CA ALA B 238 9.55 48.19 -12.29
C ALA B 238 10.37 46.98 -12.73
N ASN B 239 11.43 46.67 -11.98
CA ASN B 239 12.27 45.53 -12.33
C ASN B 239 11.50 44.22 -12.41
N ALA B 240 10.64 43.99 -11.41
CA ALA B 240 9.87 42.76 -11.35
C ALA B 240 9.12 42.48 -12.65
N PHE B 241 8.32 43.45 -13.09
CA PHE B 241 7.55 43.25 -14.30
C PHE B 241 8.37 43.13 -15.56
N ARG B 242 9.24 44.11 -15.82
CA ARG B 242 10.05 44.04 -17.03
C ARG B 242 10.83 42.74 -17.10
N LEU B 243 11.45 42.33 -16.00
CA LEU B 243 12.22 41.09 -16.02
C LEU B 243 11.33 39.90 -16.34
N LEU B 244 10.15 39.86 -15.74
CA LEU B 244 9.25 38.75 -15.98
C LEU B 244 8.92 38.69 -17.47
N HIS B 245 8.44 39.80 -17.98
CA HIS B 245 8.07 39.90 -19.38
C HIS B 245 9.23 39.56 -20.30
N LYS B 246 10.42 39.96 -19.91
CA LYS B 246 11.60 39.73 -20.72
C LYS B 246 12.04 38.28 -20.80
N TYR B 247 11.93 37.55 -19.71
CA TYR B 247 12.40 36.17 -19.69
C TYR B 247 11.30 35.12 -19.68
N ARG B 248 10.10 35.53 -19.33
CA ARG B 248 8.97 34.61 -19.22
C ARG B 248 8.92 33.52 -20.31
N ASN B 249 9.05 33.93 -21.56
CA ASN B 249 8.99 33.00 -22.69
C ASN B 249 10.35 32.46 -23.16
N LYS B 250 11.45 33.00 -22.63
CA LYS B 250 12.78 32.55 -23.03
C LYS B 250 13.33 31.47 -22.11
N TYR B 251 13.04 31.58 -20.81
CA TYR B 251 13.50 30.59 -19.84
C TYR B 251 12.35 30.03 -19.01
N CYS B 252 12.66 29.06 -18.16
CA CYS B 252 11.65 28.47 -17.28
C CYS B 252 11.66 29.34 -16.05
N THR B 253 10.84 30.38 -16.06
CA THR B 253 10.84 31.31 -14.95
C THR B 253 9.51 31.96 -14.62
N PHE B 254 9.39 32.46 -13.40
CA PHE B 254 8.17 33.14 -12.97
C PHE B 254 8.48 34.01 -11.76
N ASN B 255 7.65 35.02 -11.53
CA ASN B 255 7.85 35.91 -10.40
C ASN B 255 6.86 35.55 -9.29
N ASP B 256 7.37 35.17 -8.13
CA ASP B 256 6.52 34.77 -7.01
C ASP B 256 5.55 35.85 -6.55
N ASP B 257 6.06 37.04 -6.31
CA ASP B 257 5.26 38.15 -5.83
C ASP B 257 4.15 38.58 -6.77
N ILE B 258 4.35 38.41 -8.08
CA ILE B 258 3.35 38.80 -9.05
C ILE B 258 2.36 37.68 -9.36
N GLN B 259 2.90 36.51 -9.68
CA GLN B 259 2.09 35.36 -10.06
C GLN B 259 1.73 34.39 -8.93
N GLY B 260 2.67 34.14 -8.02
CA GLY B 260 2.41 33.22 -6.92
C GLY B 260 1.36 33.75 -5.96
N THR B 261 1.37 35.05 -5.75
CA THR B 261 0.40 35.68 -4.85
C THR B 261 -0.96 35.66 -5.51
N ALA B 262 -0.99 35.92 -6.81
CA ALA B 262 -2.24 35.93 -7.56
C ALA B 262 -2.87 34.55 -7.44
N SER B 263 -2.06 33.51 -7.61
CA SER B 263 -2.57 32.16 -7.53
C SER B 263 -3.26 31.93 -6.18
N VAL B 264 -2.56 32.21 -5.09
CA VAL B 264 -3.15 31.98 -3.77
C VAL B 264 -4.33 32.90 -3.48
N ALA B 265 -4.28 34.11 -4.00
CA ALA B 265 -5.36 35.08 -3.81
C ALA B 265 -6.64 34.56 -4.43
N VAL B 266 -6.55 34.13 -5.68
CA VAL B 266 -7.71 33.62 -6.38
C VAL B 266 -8.18 32.32 -5.74
N ALA B 267 -7.23 31.53 -5.24
CA ALA B 267 -7.58 30.26 -4.60
C ALA B 267 -8.48 30.49 -3.39
N GLY B 268 -8.30 31.63 -2.73
CA GLY B 268 -9.10 31.95 -1.57
C GLY B 268 -10.48 32.46 -1.94
N LEU B 269 -10.56 33.27 -2.99
CA LEU B 269 -11.82 33.81 -3.44
C LEU B 269 -12.67 32.67 -4.02
N LEU B 270 -12.02 31.77 -4.75
CA LEU B 270 -12.70 30.62 -5.33
C LEU B 270 -13.33 29.83 -4.20
N ALA B 271 -12.60 29.71 -3.09
CA ALA B 271 -13.10 29.01 -1.91
C ALA B 271 -14.20 29.83 -1.22
N ALA B 272 -13.97 31.14 -1.12
CA ALA B 272 -14.95 32.02 -0.49
C ALA B 272 -16.31 31.95 -1.17
N LEU B 273 -16.32 31.76 -2.49
CA LEU B 273 -17.59 31.70 -3.22
C LEU B 273 -18.56 30.65 -2.64
N ARG B 274 -18.02 29.65 -1.97
CA ARG B 274 -18.85 28.60 -1.39
C ARG B 274 -19.52 29.08 -0.09
N ILE B 275 -19.13 30.26 0.35
CA ILE B 275 -19.69 30.83 1.57
C ILE B 275 -20.64 31.95 1.18
N THR B 276 -20.20 32.77 0.23
CA THR B 276 -21.03 33.88 -0.23
C THR B 276 -22.15 33.43 -1.19
N LYS B 277 -22.12 32.15 -1.59
CA LYS B 277 -23.14 31.59 -2.47
C LYS B 277 -23.35 32.37 -3.78
N ASN B 278 -22.28 32.76 -4.45
CA ASN B 278 -22.46 33.48 -5.71
C ASN B 278 -21.35 33.15 -6.71
N ARG B 279 -21.31 33.91 -7.80
CA ARG B 279 -20.29 33.70 -8.83
C ARG B 279 -19.22 34.76 -8.66
N LEU B 280 -17.99 34.46 -9.04
CA LEU B 280 -16.89 35.40 -8.92
C LEU B 280 -17.19 36.66 -9.71
N SER B 281 -17.91 36.52 -10.83
CA SER B 281 -18.24 37.66 -11.67
C SER B 281 -19.34 38.56 -11.09
N ASP B 282 -19.82 38.23 -9.90
CA ASP B 282 -20.84 39.04 -9.27
C ASP B 282 -20.16 39.97 -8.28
N HIS B 283 -18.89 39.70 -7.99
CA HIS B 283 -18.16 40.53 -7.04
C HIS B 283 -17.60 41.82 -7.60
N THR B 284 -17.18 42.70 -6.70
CA THR B 284 -16.57 43.98 -7.05
C THR B 284 -15.37 44.09 -6.10
N VAL B 285 -14.19 43.88 -6.64
CA VAL B 285 -12.95 43.91 -5.86
C VAL B 285 -12.24 45.27 -5.75
N LEU B 286 -11.83 45.62 -4.53
CA LEU B 286 -11.11 46.88 -4.32
C LEU B 286 -9.73 46.58 -3.73
N PHE B 287 -8.69 47.06 -4.41
CA PHE B 287 -7.32 46.85 -3.95
C PHE B 287 -6.71 48.07 -3.27
N GLN B 288 -6.07 47.85 -2.13
CA GLN B 288 -5.35 48.93 -1.47
C GLN B 288 -3.95 48.60 -1.91
N GLY B 289 -3.48 49.32 -2.93
CA GLY B 289 -2.17 49.09 -3.47
C GLY B 289 -2.42 48.75 -4.93
N ALA B 290 -1.45 49.03 -5.79
CA ALA B 290 -1.61 48.77 -7.20
C ALA B 290 -0.27 48.33 -7.78
N GLY B 291 0.45 47.53 -7.01
CA GLY B 291 1.75 47.08 -7.48
C GLY B 291 1.82 45.63 -7.93
N GLU B 292 2.96 45.00 -7.69
CA GLU B 292 3.17 43.62 -8.07
C GLU B 292 2.01 42.72 -7.67
N ALA B 293 1.70 42.68 -6.38
CA ALA B 293 0.64 41.82 -5.89
C ALA B 293 -0.73 42.20 -6.43
N ALA B 294 -1.09 43.47 -6.36
CA ALA B 294 -2.39 43.90 -6.85
C ALA B 294 -2.57 43.57 -8.34
N LEU B 295 -1.64 44.07 -9.16
CA LEU B 295 -1.70 43.84 -10.61
C LEU B 295 -1.66 42.36 -10.97
N GLY B 296 -0.85 41.58 -10.26
CA GLY B 296 -0.80 40.16 -10.53
C GLY B 296 -2.13 39.52 -10.18
N ILE B 297 -2.61 39.77 -8.97
CA ILE B 297 -3.87 39.23 -8.49
C ILE B 297 -5.05 39.66 -9.35
N ALA B 298 -5.10 40.94 -9.67
CA ALA B 298 -6.19 41.47 -10.49
C ALA B 298 -6.26 40.75 -11.84
N ASN B 299 -5.11 40.54 -12.46
CA ASN B 299 -5.07 39.85 -13.74
C ASN B 299 -5.64 38.43 -13.61
N LEU B 300 -5.24 37.69 -12.59
CA LEU B 300 -5.74 36.32 -12.42
C LEU B 300 -7.23 36.33 -12.15
N ILE B 301 -7.72 37.31 -11.39
CA ILE B 301 -9.14 37.37 -11.12
C ILE B 301 -9.89 37.50 -12.44
N VAL B 302 -9.39 38.35 -13.34
CA VAL B 302 -10.04 38.55 -14.63
C VAL B 302 -10.11 37.23 -15.43
N MSE B 303 -9.01 36.48 -15.44
CA MSE B 303 -8.99 35.21 -16.15
C MSE B 303 -10.00 34.26 -15.53
O MSE B 303 -10.69 33.53 -16.24
CB MSE B 303 -7.61 34.56 -16.06
CG MSE B 303 -6.59 35.15 -17.00
SE MSE B 303 -4.91 34.19 -16.85
CE MSE B 303 -5.43 32.46 -17.53
N ALA B 304 -10.07 34.26 -14.21
CA ALA B 304 -11.00 33.41 -13.50
C ALA B 304 -12.44 33.78 -13.83
N MSE B 305 -12.70 35.09 -13.91
CA MSE B 305 -14.03 35.58 -14.22
C MSE B 305 -14.44 35.21 -15.64
O MSE B 305 -15.59 34.82 -15.87
CB MSE B 305 -14.11 37.11 -14.06
CG MSE B 305 -13.91 37.61 -12.64
SE MSE B 305 -14.38 39.50 -12.47
CE MSE B 305 -14.73 39.60 -10.59
N GLN B 306 -13.51 35.33 -16.59
CA GLN B 306 -13.82 34.98 -17.98
C GLN B 306 -14.18 33.50 -18.05
N LYS B 307 -13.51 32.70 -17.23
CA LYS B 307 -13.76 31.26 -17.19
C LYS B 307 -15.22 31.01 -16.82
N GLU B 308 -15.84 31.97 -16.16
CA GLU B 308 -17.23 31.83 -15.74
C GLU B 308 -18.17 32.19 -16.88
N GLY B 309 -17.62 32.79 -17.92
CA GLY B 309 -18.41 33.15 -19.09
C GLY B 309 -18.55 34.65 -19.32
N VAL B 310 -17.98 35.44 -18.42
CA VAL B 310 -18.02 36.90 -18.57
C VAL B 310 -16.95 37.31 -19.56
N SER B 311 -17.11 38.49 -20.14
CA SER B 311 -16.14 38.99 -21.11
C SER B 311 -15.00 39.67 -20.41
N LYS B 312 -13.87 39.75 -21.10
CA LYS B 312 -12.67 40.38 -20.58
C LYS B 312 -12.99 41.79 -20.08
N GLU B 313 -13.76 42.53 -20.89
CA GLU B 313 -14.14 43.90 -20.57
C GLU B 313 -15.00 44.01 -19.32
N GLU B 314 -15.99 43.15 -19.22
CA GLU B 314 -16.88 43.18 -18.08
C GLU B 314 -16.10 42.87 -16.80
N ALA B 315 -15.18 41.91 -16.90
CA ALA B 315 -14.39 41.50 -15.75
C ALA B 315 -13.53 42.63 -15.19
N ILE B 316 -12.85 43.35 -16.07
CA ILE B 316 -11.99 44.43 -15.64
C ILE B 316 -12.77 45.56 -14.98
N LYS B 317 -14.03 45.74 -15.34
CA LYS B 317 -14.86 46.79 -14.77
C LYS B 317 -15.21 46.55 -13.31
N ARG B 318 -15.04 45.32 -12.83
CA ARG B 318 -15.35 45.00 -11.45
C ARG B 318 -14.14 45.08 -10.53
N ILE B 319 -13.04 45.61 -11.06
CA ILE B 319 -11.80 45.72 -10.29
C ILE B 319 -11.31 47.16 -10.12
N TRP B 320 -11.24 47.58 -8.85
CA TRP B 320 -10.79 48.92 -8.51
C TRP B 320 -9.47 48.91 -7.74
N MSE B 321 -8.66 49.93 -7.98
CA MSE B 321 -7.34 50.01 -7.37
C MSE B 321 -7.04 51.38 -6.76
O MSE B 321 -7.45 52.40 -7.28
CB MSE B 321 -6.32 49.72 -8.45
CG MSE B 321 -5.23 48.75 -8.10
SE MSE B 321 -4.60 48.03 -9.78
CE MSE B 321 -5.41 46.28 -9.72
N VAL B 322 -6.27 51.37 -5.68
CA VAL B 322 -5.86 52.59 -5.01
C VAL B 322 -4.36 52.56 -4.77
N ASP B 323 -3.65 53.58 -5.25
CA ASP B 323 -2.21 53.64 -5.05
C ASP B 323 -1.86 54.82 -4.13
N SER B 324 -0.56 55.10 -3.98
CA SER B 324 -0.12 56.19 -3.10
C SER B 324 -0.76 57.55 -3.42
N LYS B 325 -1.26 57.73 -4.64
CA LYS B 325 -1.88 59.00 -4.98
C LYS B 325 -3.39 59.00 -4.84
N GLY B 326 -3.95 57.81 -4.59
CA GLY B 326 -5.39 57.69 -4.42
C GLY B 326 -6.03 56.72 -5.39
N LEU B 327 -7.36 56.77 -5.50
CA LEU B 327 -8.10 55.88 -6.38
C LEU B 327 -7.63 56.05 -7.82
N ILE B 328 -7.41 54.94 -8.52
CA ILE B 328 -6.96 54.99 -9.91
C ILE B 328 -8.19 55.15 -10.80
N VAL B 329 -8.33 56.33 -11.40
CA VAL B 329 -9.48 56.61 -12.26
C VAL B 329 -9.01 57.07 -13.63
N LYS B 330 -9.89 56.96 -14.61
CA LYS B 330 -9.58 57.36 -15.97
C LYS B 330 -9.10 58.81 -16.03
N GLY B 331 -8.03 59.05 -16.78
CA GLY B 331 -7.51 60.39 -16.91
C GLY B 331 -6.74 60.91 -15.72
N ARG B 332 -6.59 60.10 -14.68
CA ARG B 332 -5.87 60.54 -13.50
C ARG B 332 -4.39 60.73 -13.83
N ALA B 333 -3.71 61.59 -13.07
CA ALA B 333 -2.29 61.84 -13.29
C ALA B 333 -1.45 60.71 -12.67
N SER B 334 -0.19 60.64 -13.06
CA SER B 334 0.71 59.63 -12.51
C SER B 334 0.17 58.20 -12.64
N LEU B 335 -0.13 57.79 -13.85
CA LEU B 335 -0.64 56.44 -14.07
C LEU B 335 0.26 55.68 -15.02
N THR B 336 0.38 54.37 -14.79
CA THR B 336 1.22 53.53 -15.63
C THR B 336 0.34 52.77 -16.62
N PRO B 337 0.93 52.27 -17.72
CA PRO B 337 0.14 51.52 -18.71
C PRO B 337 -0.62 50.38 -18.06
N GLU B 338 0.00 49.76 -17.06
CA GLU B 338 -0.60 48.66 -16.33
C GLU B 338 -1.73 49.11 -15.44
N LYS B 339 -1.57 50.27 -14.83
CA LYS B 339 -2.61 50.77 -13.96
C LYS B 339 -3.78 51.28 -14.80
N GLU B 340 -3.45 51.94 -15.90
CA GLU B 340 -4.44 52.51 -16.82
C GLU B 340 -5.48 51.44 -17.22
N HIS B 341 -5.09 50.18 -17.09
CA HIS B 341 -5.97 49.05 -17.41
C HIS B 341 -7.23 49.04 -16.55
N PHE B 342 -7.07 49.50 -15.30
CA PHE B 342 -8.18 49.52 -14.36
C PHE B 342 -8.62 50.92 -13.97
N ALA B 343 -8.30 51.90 -14.82
CA ALA B 343 -8.70 53.28 -14.59
C ALA B 343 -10.11 53.41 -15.14
N HIS B 344 -11.08 53.53 -14.24
CA HIS B 344 -12.47 53.64 -14.67
C HIS B 344 -12.95 55.06 -14.56
N GLU B 345 -14.08 55.36 -15.19
CA GLU B 345 -14.65 56.70 -15.16
C GLU B 345 -15.13 56.87 -13.73
N HIS B 346 -14.58 57.86 -13.03
CA HIS B 346 -14.94 58.11 -11.64
C HIS B 346 -14.19 59.36 -11.20
N CYS B 347 -14.76 60.11 -10.26
CA CYS B 347 -14.08 61.32 -9.80
C CYS B 347 -12.87 60.85 -8.99
N GLU B 348 -11.92 61.74 -8.75
CA GLU B 348 -10.74 61.36 -7.98
C GLU B 348 -11.03 61.36 -6.48
N MSE B 349 -10.34 60.49 -5.75
CA MSE B 349 -10.50 60.36 -4.31
C MSE B 349 -9.18 59.91 -3.68
O MSE B 349 -8.41 59.20 -4.30
CB MSE B 349 -11.58 59.33 -3.99
CG MSE B 349 -12.95 59.72 -4.46
SE MSE B 349 -14.23 58.39 -3.91
CE MSE B 349 -14.54 58.93 -2.09
N LYS B 350 -8.96 60.31 -2.43
CA LYS B 350 -7.73 59.95 -1.72
C LYS B 350 -7.96 59.12 -0.45
N ASN B 351 -8.97 59.51 0.32
CA ASN B 351 -9.29 58.85 1.57
C ASN B 351 -9.82 57.44 1.34
N LEU B 352 -9.15 56.44 1.91
CA LEU B 352 -9.56 55.05 1.72
C LEU B 352 -10.97 54.73 2.19
N GLU B 353 -11.37 55.27 3.34
CA GLU B 353 -12.70 55.01 3.85
C GLU B 353 -13.81 55.55 2.94
N ASP B 354 -13.59 56.74 2.37
CA ASP B 354 -14.58 57.35 1.47
C ASP B 354 -14.69 56.47 0.23
N ILE B 355 -13.55 56.00 -0.25
CA ILE B 355 -13.50 55.13 -1.42
C ILE B 355 -14.26 53.83 -1.15
N VAL B 356 -14.11 53.27 0.04
CA VAL B 356 -14.83 52.05 0.36
C VAL B 356 -16.33 52.30 0.36
N LYS B 357 -16.73 53.46 0.88
CA LYS B 357 -18.13 53.81 0.95
C LYS B 357 -18.72 54.08 -0.43
N ASP B 358 -17.89 54.65 -1.29
CA ASP B 358 -18.33 54.98 -2.65
C ASP B 358 -18.43 53.76 -3.55
N ILE B 359 -17.34 53.00 -3.63
CA ILE B 359 -17.28 51.79 -4.46
C ILE B 359 -18.11 50.63 -3.91
N LYS B 360 -18.27 50.59 -2.59
CA LYS B 360 -19.02 49.52 -1.94
C LYS B 360 -18.66 48.14 -2.52
N PRO B 361 -17.39 47.74 -2.39
CA PRO B 361 -16.91 46.45 -2.91
C PRO B 361 -17.36 45.27 -2.06
N THR B 362 -17.26 44.08 -2.64
CA THR B 362 -17.65 42.86 -1.94
C THR B 362 -16.39 42.15 -1.44
N VAL B 363 -15.25 42.61 -1.97
CA VAL B 363 -13.94 42.06 -1.64
C VAL B 363 -12.91 43.18 -1.39
N LEU B 364 -12.30 43.17 -0.21
CA LEU B 364 -11.29 44.17 0.11
C LEU B 364 -9.94 43.49 0.23
N ILE B 365 -9.03 43.81 -0.69
CA ILE B 365 -7.69 43.21 -0.71
C ILE B 365 -6.61 44.23 -0.38
N GLY B 366 -5.84 43.95 0.67
CA GLY B 366 -4.76 44.83 1.09
C GLY B 366 -3.39 44.31 0.69
N VAL B 367 -2.74 45.07 -0.17
CA VAL B 367 -1.41 44.73 -0.68
C VAL B 367 -0.56 46.00 -0.87
N ALA B 368 -0.53 46.85 0.17
CA ALA B 368 0.23 48.10 0.11
C ALA B 368 1.16 48.27 1.31
N ALA B 369 1.28 47.23 2.13
CA ALA B 369 2.13 47.28 3.32
C ALA B 369 1.77 48.43 4.25
N ILE B 370 0.49 48.82 4.22
CA ILE B 370 0.04 49.91 5.06
C ILE B 370 -0.53 49.41 6.37
N GLY B 371 0.25 49.60 7.44
CA GLY B 371 -0.12 49.21 8.79
C GLY B 371 -1.52 48.67 9.02
N GLY B 372 -2.35 49.44 9.71
CA GLY B 372 -3.71 48.98 9.96
C GLY B 372 -4.68 49.78 9.11
N ALA B 373 -4.44 49.77 7.80
CA ALA B 373 -5.26 50.49 6.84
C ALA B 373 -6.74 50.12 6.96
N PHE B 374 -7.01 48.87 7.29
CA PHE B 374 -8.38 48.39 7.42
C PHE B 374 -8.90 48.66 8.82
N THR B 375 -9.20 49.93 9.07
CA THR B 375 -9.70 50.39 10.35
C THR B 375 -11.08 49.82 10.67
N GLN B 376 -11.51 50.00 11.92
CA GLN B 376 -12.81 49.50 12.37
C GLN B 376 -13.93 50.14 11.57
N GLN B 377 -13.73 51.37 11.15
CA GLN B 377 -14.74 52.08 10.35
C GLN B 377 -14.87 51.35 9.01
N ILE B 378 -13.74 51.21 8.31
CA ILE B 378 -13.71 50.52 7.03
C ILE B 378 -14.36 49.12 7.18
N LEU B 379 -13.91 48.37 8.19
CA LEU B 379 -14.42 47.03 8.44
C LEU B 379 -15.90 47.00 8.73
N GLN B 380 -16.39 48.02 9.42
CA GLN B 380 -17.80 48.13 9.78
C GLN B 380 -18.59 48.38 8.50
N ASP B 381 -18.06 49.28 7.67
CA ASP B 381 -18.69 49.63 6.40
C ASP B 381 -18.83 48.40 5.50
N MSE B 382 -17.80 47.57 5.48
CA MSE B 382 -17.83 46.37 4.66
C MSE B 382 -18.91 45.42 5.20
O MSE B 382 -19.63 44.79 4.43
CB MSE B 382 -16.48 45.65 4.67
CG MSE B 382 -16.07 45.07 3.32
SE MSE B 382 -15.80 46.50 2.03
CE MSE B 382 -14.46 47.48 2.97
N ALA B 383 -19.02 45.33 6.51
CA ALA B 383 -20.00 44.47 7.14
C ALA B 383 -21.40 45.04 6.92
N ALA B 384 -21.45 46.32 6.57
CA ALA B 384 -22.72 47.01 6.32
C ALA B 384 -23.26 46.79 4.92
N PHE B 385 -22.39 46.91 3.90
CA PHE B 385 -22.80 46.69 2.51
C PHE B 385 -22.76 45.22 2.09
N ASN B 386 -22.16 44.36 2.90
CA ASN B 386 -22.06 42.95 2.52
C ASN B 386 -22.54 42.02 3.62
N LYS B 387 -23.29 41.00 3.21
CA LYS B 387 -23.81 39.99 4.13
C LYS B 387 -22.59 39.30 4.72
N ARG B 388 -21.62 39.00 3.86
CA ARG B 388 -20.40 38.34 4.27
C ARG B 388 -19.24 38.90 3.44
N PRO B 389 -18.67 40.04 3.86
CA PRO B 389 -17.56 40.66 3.14
C PRO B 389 -16.28 39.84 3.21
N ILE B 390 -15.52 39.85 2.13
CA ILE B 390 -14.27 39.11 2.08
C ILE B 390 -13.12 40.09 2.32
N ILE B 391 -12.35 39.83 3.37
CA ILE B 391 -11.24 40.70 3.74
C ILE B 391 -9.88 40.01 3.65
N PHE B 392 -9.02 40.56 2.80
CA PHE B 392 -7.68 40.04 2.60
C PHE B 392 -6.60 41.03 3.01
N ALA B 393 -5.96 40.79 4.15
CA ALA B 393 -4.88 41.64 4.65
C ALA B 393 -3.65 40.86 4.25
N LEU B 394 -3.20 41.09 3.03
CA LEU B 394 -2.08 40.32 2.51
C LEU B 394 -0.67 40.82 2.78
N SER B 395 -0.50 42.10 3.07
CA SER B 395 0.84 42.62 3.32
C SER B 395 1.57 41.84 4.41
N ASN B 396 2.88 41.66 4.21
CA ASN B 396 3.73 40.95 5.16
C ASN B 396 4.91 41.87 5.51
N PRO B 397 5.53 41.70 6.68
CA PRO B 397 5.18 40.71 7.72
C PRO B 397 3.98 41.15 8.54
N THR B 398 3.78 40.50 9.69
CA THR B 398 2.67 40.77 10.59
C THR B 398 2.45 42.25 10.90
N SER B 399 3.53 42.99 11.13
CA SER B 399 3.41 44.42 11.46
C SER B 399 2.83 45.25 10.34
N LYS B 400 2.73 44.68 9.15
CA LYS B 400 2.19 45.40 8.00
C LYS B 400 0.77 44.96 7.62
N ALA B 401 0.27 43.95 8.31
CA ALA B 401 -1.07 43.42 8.04
C ALA B 401 -2.13 44.51 8.10
N GLU B 402 -2.86 44.70 7.00
CA GLU B 402 -3.90 45.72 6.93
C GLU B 402 -4.83 45.70 8.15
N CYS B 403 -4.94 44.54 8.77
CA CYS B 403 -5.75 44.38 9.97
C CYS B 403 -5.52 42.99 10.53
N THR B 404 -6.00 42.77 11.73
CA THR B 404 -5.83 41.47 12.39
C THR B 404 -7.08 40.62 12.29
N ALA B 405 -6.91 39.31 12.46
CA ALA B 405 -8.02 38.39 12.42
C ALA B 405 -9.00 38.85 13.48
N GLU B 406 -8.48 39.11 14.67
CA GLU B 406 -9.29 39.55 15.80
C GLU B 406 -10.16 40.76 15.45
N GLN B 407 -9.55 41.79 14.89
CA GLN B 407 -10.31 42.97 14.56
C GLN B 407 -11.24 42.72 13.40
N LEU B 408 -10.78 41.96 12.42
CA LEU B 408 -11.63 41.67 11.29
C LEU B 408 -12.93 41.09 11.83
N TYR B 409 -12.84 39.99 12.57
CA TYR B 409 -14.02 39.33 13.11
C TYR B 409 -14.82 40.19 14.09
N LYS B 410 -14.11 41.02 14.84
CA LYS B 410 -14.75 41.89 15.82
C LYS B 410 -15.56 43.00 15.15
N TYR B 411 -14.96 43.70 14.21
CA TYR B 411 -15.66 44.80 13.56
C TYR B 411 -16.59 44.42 12.41
N THR B 412 -16.75 43.13 12.15
CA THR B 412 -17.68 42.73 11.10
C THR B 412 -18.70 41.78 11.70
N GLU B 413 -18.80 41.83 13.03
CA GLU B 413 -19.73 40.97 13.76
C GLU B 413 -19.54 39.48 13.42
N GLY B 414 -18.31 39.04 13.22
CA GLY B 414 -18.07 37.65 12.90
C GLY B 414 -18.63 37.19 11.56
N ARG B 415 -18.96 38.14 10.69
CA ARG B 415 -19.49 37.83 9.37
C ARG B 415 -18.48 38.03 8.24
N GLY B 416 -17.36 38.66 8.58
CA GLY B 416 -16.32 38.89 7.58
C GLY B 416 -15.56 37.60 7.30
N ILE B 417 -15.17 37.43 6.04
CA ILE B 417 -14.41 36.26 5.65
C ILE B 417 -12.97 36.76 5.60
N PHE B 418 -12.10 36.18 6.42
CA PHE B 418 -10.73 36.68 6.48
C PHE B 418 -9.61 35.77 6.00
N ALA B 419 -8.53 36.43 5.58
CA ALA B 419 -7.33 35.77 5.13
C ALA B 419 -6.21 36.82 5.22
N SER B 420 -5.00 36.37 5.51
CA SER B 420 -3.86 37.28 5.62
C SER B 420 -2.60 36.60 5.15
N GLY B 421 -1.60 37.39 4.82
CA GLY B 421 -0.33 36.84 4.36
C GLY B 421 0.48 36.25 5.51
N SER B 422 0.40 36.89 6.68
CA SER B 422 1.12 36.42 7.86
C SER B 422 0.14 35.77 8.83
N PRO B 423 0.60 34.75 9.57
CA PRO B 423 -0.19 34.00 10.54
C PRO B 423 -0.80 34.75 11.72
N PHE B 424 -2.01 34.32 12.09
CA PHE B 424 -2.80 34.84 13.20
C PHE B 424 -3.41 33.63 13.89
N ASP B 425 -3.52 33.69 15.22
CA ASP B 425 -4.10 32.59 15.96
C ASP B 425 -5.60 32.48 15.75
N PRO B 426 -6.18 31.33 16.11
CA PRO B 426 -7.62 31.16 15.94
C PRO B 426 -8.33 32.22 16.76
N VAL B 427 -9.55 32.56 16.36
CA VAL B 427 -10.32 33.54 17.11
C VAL B 427 -11.65 32.92 17.53
N THR B 428 -11.99 33.04 18.80
CA THR B 428 -13.25 32.48 19.31
C THR B 428 -14.23 33.62 19.45
N LEU B 429 -15.21 33.66 18.56
CA LEU B 429 -16.22 34.70 18.60
C LEU B 429 -16.98 34.70 19.92
N PRO B 430 -17.82 35.73 20.17
CA PRO B 430 -18.60 35.82 21.40
C PRO B 430 -19.59 34.64 21.49
N SER B 431 -20.02 34.15 20.34
CA SER B 431 -20.96 33.05 20.27
C SER B 431 -20.28 31.75 20.72
N GLY B 432 -18.98 31.80 20.95
CA GLY B 432 -18.23 30.63 21.38
C GLY B 432 -17.64 29.84 20.23
N GLN B 433 -18.02 30.22 19.00
CA GLN B 433 -17.53 29.57 17.80
C GLN B 433 -16.10 30.01 17.54
N THR B 434 -15.24 29.04 17.26
CA THR B 434 -13.83 29.29 16.99
C THR B 434 -13.55 29.26 15.49
N LEU B 435 -13.04 30.38 14.96
CA LEU B 435 -12.71 30.48 13.56
C LEU B 435 -11.21 30.37 13.40
N TYR B 436 -10.78 29.76 12.29
CA TYR B 436 -9.36 29.57 12.01
C TYR B 436 -8.98 30.29 10.73
N PRO B 437 -8.62 31.58 10.84
CA PRO B 437 -8.23 32.41 9.70
C PRO B 437 -7.11 31.78 8.84
N GLY B 438 -7.37 31.69 7.54
CA GLY B 438 -6.40 31.09 6.63
C GLY B 438 -5.27 32.03 6.22
N GLN B 439 -4.16 31.45 5.76
CA GLN B 439 -3.02 32.24 5.35
C GLN B 439 -2.87 32.36 3.85
N GLY B 440 -3.32 33.47 3.28
CA GLY B 440 -3.16 33.66 1.85
C GLY B 440 -1.70 34.04 1.61
N ASN B 441 -0.84 33.04 1.44
CA ASN B 441 0.58 33.29 1.23
C ASN B 441 1.14 32.42 0.09
N ASN B 442 2.10 32.98 -0.67
CA ASN B 442 2.75 32.27 -1.77
C ASN B 442 3.01 30.83 -1.40
N SER B 443 3.44 30.66 -0.16
CA SER B 443 3.76 29.37 0.41
C SER B 443 2.81 28.24 0.01
N TYR B 444 1.59 28.58 -0.41
CA TYR B 444 0.65 27.55 -0.86
C TYR B 444 0.88 27.22 -2.32
N VAL B 445 1.47 28.16 -3.04
CA VAL B 445 1.71 28.01 -4.48
C VAL B 445 3.11 27.60 -4.96
N PHE B 446 4.13 28.39 -4.65
CA PHE B 446 5.46 28.07 -5.16
C PHE B 446 6.05 26.68 -4.86
N PRO B 447 5.74 26.08 -3.70
CA PRO B 447 6.34 24.76 -3.52
C PRO B 447 5.83 23.72 -4.53
N GLY B 448 4.50 23.69 -4.72
CA GLY B 448 3.93 22.72 -5.65
C GLY B 448 4.28 23.04 -7.09
N VAL B 449 4.21 24.32 -7.45
CA VAL B 449 4.55 24.72 -8.80
C VAL B 449 5.97 24.22 -9.11
N ALA B 450 6.88 24.36 -8.14
CA ALA B 450 8.26 23.92 -8.34
C ALA B 450 8.33 22.41 -8.49
N LEU B 451 7.69 21.69 -7.57
CA LEU B 451 7.67 20.23 -7.63
C LEU B 451 7.17 19.82 -9.00
N GLY B 452 6.14 20.52 -9.48
CA GLY B 452 5.58 20.22 -10.77
C GLY B 452 6.52 20.49 -11.92
N VAL B 453 6.94 21.74 -12.07
CA VAL B 453 7.84 22.14 -13.13
C VAL B 453 9.07 21.22 -13.18
N ILE B 454 9.71 21.05 -12.04
CA ILE B 454 10.90 20.21 -11.98
C ILE B 454 10.60 18.79 -12.43
N SER B 455 9.45 18.26 -12.01
CA SER B 455 9.06 16.88 -12.35
C SER B 455 8.92 16.62 -13.84
N CYS B 456 8.10 17.42 -14.52
CA CYS B 456 7.87 17.22 -15.94
C CYS B 456 8.74 18.11 -16.84
N GLY B 457 9.49 19.02 -16.22
CA GLY B 457 10.35 19.90 -17.00
C GLY B 457 9.57 20.83 -17.90
N LEU B 458 8.57 21.49 -17.33
CA LEU B 458 7.77 22.43 -18.10
C LEU B 458 8.74 23.50 -18.58
N LYS B 459 8.81 23.71 -19.89
CA LYS B 459 9.70 24.71 -20.47
C LYS B 459 9.42 26.15 -20.05
N HIS B 460 8.16 26.55 -20.06
CA HIS B 460 7.80 27.91 -19.66
C HIS B 460 6.50 27.88 -18.88
N ILE B 461 6.33 28.86 -17.99
CA ILE B 461 5.14 28.90 -17.15
C ILE B 461 4.15 30.01 -17.52
N GLY B 462 3.04 29.59 -18.12
CA GLY B 462 2.02 30.54 -18.53
C GLY B 462 1.10 30.87 -17.36
N ASP B 463 0.32 31.92 -17.52
CA ASP B 463 -0.60 32.32 -16.47
C ASP B 463 -1.66 31.27 -16.18
N ASP B 464 -1.92 30.41 -17.17
CA ASP B 464 -2.91 29.34 -16.99
C ASP B 464 -2.46 28.37 -15.91
N VAL B 465 -1.13 28.23 -15.74
CA VAL B 465 -0.58 27.34 -14.72
C VAL B 465 -0.98 27.81 -13.33
N PHE B 466 -0.97 29.12 -13.11
CA PHE B 466 -1.34 29.63 -11.81
C PHE B 466 -2.85 29.58 -11.59
N LEU B 467 -3.64 29.85 -12.63
CA LEU B 467 -5.11 29.80 -12.49
C LEU B 467 -5.47 28.36 -12.12
N THR B 468 -4.97 27.41 -12.90
CA THR B 468 -5.25 26.00 -12.64
C THR B 468 -4.82 25.65 -11.21
N THR B 469 -3.64 26.12 -10.81
CA THR B 469 -3.14 25.85 -9.46
C THR B 469 -4.04 26.48 -8.41
N ALA B 470 -4.65 27.61 -8.74
CA ALA B 470 -5.56 28.29 -7.81
C ALA B 470 -6.76 27.38 -7.59
N GLU B 471 -7.17 26.69 -8.64
CA GLU B 471 -8.32 25.79 -8.58
C GLU B 471 -7.98 24.54 -7.79
N VAL B 472 -6.80 23.97 -8.05
CA VAL B 472 -6.39 22.77 -7.32
C VAL B 472 -6.38 23.02 -5.82
N ILE B 473 -5.89 24.20 -5.41
CA ILE B 473 -5.84 24.54 -3.99
C ILE B 473 -7.25 24.60 -3.39
N ALA B 474 -8.11 25.40 -4.01
CA ALA B 474 -9.49 25.58 -3.56
C ALA B 474 -10.25 24.27 -3.53
N GLN B 475 -9.91 23.36 -4.43
CA GLN B 475 -10.58 22.07 -4.48
C GLN B 475 -10.21 21.22 -3.28
N GLU B 476 -9.19 21.65 -2.55
CA GLU B 476 -8.72 20.93 -1.38
C GLU B 476 -9.25 21.51 -0.07
N VAL B 477 -10.09 22.53 -0.18
CA VAL B 477 -10.69 23.17 0.99
C VAL B 477 -12.01 22.45 1.26
N SER B 478 -12.05 21.69 2.35
CA SER B 478 -13.24 20.93 2.73
C SER B 478 -14.37 21.79 3.28
N GLU B 479 -15.57 21.20 3.29
CA GLU B 479 -16.74 21.88 3.81
C GLU B 479 -16.45 22.18 5.29
N GLU B 480 -15.80 21.23 5.95
CA GLU B 480 -15.43 21.37 7.35
C GLU B 480 -14.52 22.59 7.51
N ASN B 481 -13.54 22.71 6.61
CA ASN B 481 -12.60 23.84 6.63
C ASN B 481 -13.39 25.13 6.52
N LEU B 482 -14.21 25.19 5.49
CA LEU B 482 -15.05 26.35 5.23
C LEU B 482 -15.89 26.76 6.44
N GLN B 483 -16.44 25.78 7.16
CA GLN B 483 -17.26 26.06 8.33
C GLN B 483 -16.47 26.67 9.48
N GLU B 484 -15.16 26.52 9.46
CA GLU B 484 -14.29 27.08 10.51
C GLU B 484 -13.72 28.43 10.09
N GLY B 485 -14.08 28.86 8.88
CA GLY B 485 -13.60 30.14 8.39
C GLY B 485 -12.32 30.02 7.57
N ARG B 486 -11.92 28.79 7.23
CA ARG B 486 -10.71 28.56 6.46
C ARG B 486 -10.96 28.74 4.97
N LEU B 487 -10.13 29.52 4.31
CA LEU B 487 -10.24 29.72 2.88
C LEU B 487 -9.18 28.88 2.18
N TYR B 488 -8.36 28.18 2.97
CA TYR B 488 -7.31 27.33 2.42
C TYR B 488 -7.21 26.06 3.25
N PRO B 489 -6.75 24.97 2.62
CA PRO B 489 -6.65 23.75 3.43
C PRO B 489 -5.67 23.98 4.57
N PRO B 490 -5.89 23.31 5.71
CA PRO B 490 -4.99 23.48 6.85
C PRO B 490 -3.53 23.34 6.43
N LEU B 491 -2.65 24.09 7.09
CA LEU B 491 -1.23 24.08 6.80
C LEU B 491 -0.60 22.71 6.94
N VAL B 492 -1.00 21.97 7.97
CA VAL B 492 -0.44 20.65 8.17
C VAL B 492 -0.60 19.71 6.96
N THR B 493 -1.48 20.07 6.03
CA THR B 493 -1.69 19.22 4.85
C THR B 493 -1.03 19.78 3.60
N ILE B 494 -0.27 20.85 3.77
CA ILE B 494 0.44 21.55 2.68
C ILE B 494 1.18 20.63 1.72
N GLN B 495 1.83 19.60 2.24
CA GLN B 495 2.56 18.70 1.37
C GLN B 495 1.64 17.99 0.40
N GLN B 496 0.53 17.45 0.91
CA GLN B 496 -0.42 16.78 0.07
C GLN B 496 -0.94 17.74 -0.99
N VAL B 497 -1.20 18.99 -0.58
CA VAL B 497 -1.68 20.00 -1.51
C VAL B 497 -0.67 20.26 -2.63
N SER B 498 0.60 20.33 -2.24
CA SER B 498 1.67 20.58 -3.19
C SER B 498 1.76 19.46 -4.21
N LEU B 499 1.64 18.23 -3.74
CA LEU B 499 1.71 17.09 -4.62
C LEU B 499 0.63 17.21 -5.71
N LYS B 500 -0.61 17.45 -5.29
CA LYS B 500 -1.71 17.59 -6.25
C LYS B 500 -1.43 18.69 -7.26
N ILE B 501 -0.90 19.81 -6.79
CA ILE B 501 -0.58 20.93 -7.67
C ILE B 501 0.48 20.49 -8.67
N ALA B 502 1.42 19.67 -8.19
CA ALA B 502 2.51 19.21 -9.02
C ALA B 502 2.00 18.22 -10.05
N VAL B 503 1.18 17.27 -9.61
CA VAL B 503 0.63 16.28 -10.52
C VAL B 503 -0.20 16.94 -11.59
N ARG B 504 -1.02 17.91 -11.18
CA ARG B 504 -1.89 18.60 -12.12
C ARG B 504 -1.11 19.40 -13.14
N ILE B 505 -0.02 20.03 -12.70
CA ILE B 505 0.82 20.81 -13.60
C ILE B 505 1.46 19.88 -14.63
N ALA B 506 1.84 18.68 -14.19
CA ALA B 506 2.46 17.69 -15.07
C ALA B 506 1.48 17.22 -16.14
N LYS B 507 0.28 16.86 -15.71
CA LYS B 507 -0.74 16.39 -16.63
C LYS B 507 -0.94 17.42 -17.74
N GLU B 508 -1.04 18.68 -17.36
CA GLU B 508 -1.25 19.70 -18.37
C GLU B 508 -0.01 19.89 -19.26
N ALA B 509 1.17 19.79 -18.67
CA ALA B 509 2.40 19.95 -19.42
C ALA B 509 2.45 18.95 -20.59
N TYR B 510 2.28 17.67 -20.27
CA TYR B 510 2.31 16.63 -21.27
C TYR B 510 1.19 16.78 -22.30
N ARG B 511 0.01 17.19 -21.82
CA ARG B 511 -1.15 17.37 -22.68
C ARG B 511 -0.88 18.42 -23.75
N ASN B 512 -0.32 19.55 -23.33
CA ASN B 512 0.00 20.65 -24.23
C ASN B 512 1.40 20.53 -24.78
N ASN B 513 2.03 19.39 -24.53
CA ASN B 513 3.39 19.11 -24.99
C ASN B 513 4.42 20.19 -24.69
N THR B 514 4.33 20.72 -23.47
CA THR B 514 5.26 21.75 -23.00
C THR B 514 6.25 21.10 -22.03
N ALA B 515 6.00 19.84 -21.69
CA ALA B 515 6.86 19.11 -20.80
C ALA B 515 8.22 18.82 -21.46
N SER B 516 9.13 18.23 -20.71
CA SER B 516 10.44 17.90 -21.26
C SER B 516 10.92 16.54 -20.77
N THR B 517 10.38 16.08 -19.65
CA THR B 517 10.76 14.78 -19.09
C THR B 517 10.10 13.64 -19.86
N TYR B 518 10.92 12.83 -20.54
CA TYR B 518 10.43 11.70 -21.34
C TYR B 518 11.25 10.41 -21.21
N PRO B 519 10.61 9.25 -21.47
CA PRO B 519 9.20 9.14 -21.87
C PRO B 519 8.27 9.56 -20.73
N GLN B 520 7.01 9.83 -21.05
CA GLN B 520 6.05 10.23 -20.02
C GLN B 520 5.70 9.08 -19.06
N PRO B 521 5.68 9.35 -17.75
CA PRO B 521 5.34 8.32 -16.75
C PRO B 521 3.90 7.81 -16.94
N GLU B 522 3.71 6.50 -16.83
CA GLU B 522 2.37 5.96 -16.99
C GLU B 522 1.49 6.46 -15.86
N ASP B 523 2.10 6.66 -14.69
CA ASP B 523 1.37 7.14 -13.52
C ASP B 523 2.07 8.34 -12.87
N LEU B 524 1.70 9.55 -13.29
CA LEU B 524 2.29 10.78 -12.77
C LEU B 524 2.35 10.94 -11.25
N GLU B 525 1.27 10.61 -10.55
CA GLU B 525 1.29 10.77 -9.10
C GLU B 525 2.36 9.87 -8.50
N ALA B 526 2.40 8.63 -8.97
CA ALA B 526 3.38 7.67 -8.47
C ALA B 526 4.79 8.13 -8.78
N PHE B 527 4.98 8.66 -9.97
CA PHE B 527 6.30 9.15 -10.37
C PHE B 527 6.76 10.31 -9.51
N ILE B 528 5.92 11.33 -9.37
CA ILE B 528 6.30 12.49 -8.56
C ILE B 528 6.54 12.08 -7.11
N ARG B 529 5.66 11.24 -6.56
CA ARG B 529 5.82 10.80 -5.18
C ARG B 529 7.20 10.19 -4.99
N SER B 530 7.71 9.52 -6.03
CA SER B 530 9.03 8.88 -5.93
C SER B 530 10.18 9.87 -6.16
N GLN B 531 9.85 11.10 -6.52
CA GLN B 531 10.85 12.14 -6.76
C GLN B 531 10.96 13.11 -5.58
N VAL B 532 10.10 12.91 -4.58
CA VAL B 532 10.08 13.77 -3.42
C VAL B 532 11.15 13.47 -2.37
N TYR B 533 11.65 14.52 -1.75
CA TYR B 533 12.68 14.41 -0.73
C TYR B 533 12.29 13.50 0.42
N SER B 534 13.28 12.88 1.05
CA SER B 534 12.99 12.04 2.20
C SER B 534 13.75 12.51 3.44
N THR B 535 13.02 12.61 4.54
CA THR B 535 13.56 13.03 5.82
C THR B 535 14.51 11.99 6.39
N ASP B 536 14.26 10.73 6.06
CA ASP B 536 15.08 9.64 6.57
C ASP B 536 16.57 9.77 6.23
N TYR B 537 17.41 9.25 7.12
CA TYR B 537 18.85 9.25 6.92
C TYR B 537 19.19 8.07 6.01
N ASN B 538 20.23 8.21 5.20
CA ASN B 538 20.66 7.14 4.31
C ASN B 538 21.67 6.31 5.08
N CYS B 539 22.04 5.15 4.54
CA CYS B 539 23.00 4.30 5.21
C CYS B 539 24.37 4.52 4.58
N PHE B 540 25.37 4.86 5.39
CA PHE B 540 26.70 5.12 4.86
C PHE B 540 27.62 3.92 4.86
N VAL B 541 27.07 2.76 5.10
CA VAL B 541 27.86 1.55 5.10
C VAL B 541 28.18 1.13 3.66
N ALA B 542 29.40 0.65 3.44
CA ALA B 542 29.81 0.22 2.11
C ALA B 542 28.92 -0.95 1.67
N ASP B 543 28.59 -0.98 0.39
CA ASP B 543 27.75 -2.03 -0.19
C ASP B 543 28.61 -3.26 -0.36
N SER B 544 28.75 -4.05 0.71
CA SER B 544 29.56 -5.26 0.66
C SER B 544 28.73 -6.49 0.35
N TYR B 545 29.31 -7.36 -0.45
CA TYR B 545 28.68 -8.61 -0.84
C TYR B 545 29.77 -9.55 -1.34
N THR B 546 29.46 -10.83 -1.33
CA THR B 546 30.42 -11.85 -1.70
C THR B 546 30.22 -12.42 -3.10
N TRP B 547 31.31 -12.93 -3.67
CA TRP B 547 31.32 -13.57 -4.99
C TRP B 547 31.45 -15.06 -4.70
N PRO B 548 31.13 -15.94 -5.67
CA PRO B 548 31.27 -17.37 -5.40
C PRO B 548 32.68 -17.50 -4.85
N GLU B 549 33.04 -18.62 -4.24
CA GLU B 549 34.39 -18.65 -3.68
C GLU B 549 35.52 -18.92 -4.67
N GLU B 550 35.18 -19.60 -5.75
CA GLU B 550 36.13 -19.93 -6.81
C GLU B 550 36.59 -18.63 -7.49
N ALA B 551 35.63 -17.78 -7.81
CA ALA B 551 35.88 -16.52 -8.50
C ALA B 551 36.50 -15.46 -7.61
N MSE B 552 36.48 -15.71 -6.32
CA MSE B 552 36.99 -14.75 -5.37
C MSE B 552 38.35 -15.16 -4.82
O MSE B 552 38.99 -14.41 -4.07
CB MSE B 552 35.98 -14.63 -4.25
CG MSE B 552 36.22 -13.59 -3.25
SE MSE B 552 34.67 -13.73 -2.14
CE MSE B 552 35.19 -15.19 -1.02
N LYS B 553 38.80 -16.35 -5.20
CA LYS B 553 40.08 -16.86 -4.74
C LYS B 553 41.25 -16.00 -5.21
N VAL B 554 42.28 -15.92 -4.37
CA VAL B 554 43.47 -15.14 -4.70
C VAL B 554 44.50 -16.06 -5.36
N LYS B 555 44.94 -15.71 -6.56
CA LYS B 555 45.90 -16.56 -7.24
C LYS B 555 47.33 -16.46 -6.71
N LYS C 1 41.46 21.32 -9.90
CA LYS C 1 41.89 20.55 -8.74
C LYS C 1 43.22 21.15 -8.31
N LYS C 2 43.99 20.43 -7.50
CA LYS C 2 45.29 20.93 -7.07
C LYS C 2 46.27 19.88 -6.57
N GLY C 3 47.54 20.26 -6.55
CA GLY C 3 48.59 19.38 -6.08
C GLY C 3 49.00 18.32 -7.07
N TYR C 4 49.87 17.45 -6.60
CA TYR C 4 50.39 16.34 -7.38
C TYR C 4 49.28 15.48 -7.95
N GLU C 5 48.10 15.60 -7.35
CA GLU C 5 46.92 14.84 -7.77
C GLU C 5 46.59 15.23 -9.22
N VAL C 6 46.87 16.49 -9.56
CA VAL C 6 46.63 17.02 -10.88
C VAL C 6 47.48 16.33 -11.92
N LEU C 7 48.75 16.15 -11.60
CA LEU C 7 49.70 15.50 -12.49
C LEU C 7 49.34 14.05 -12.79
N ARG C 8 48.61 13.42 -11.87
CA ARG C 8 48.22 12.01 -12.02
C ARG C 8 46.87 11.81 -12.68
N ASP C 9 46.18 12.91 -12.95
CA ASP C 9 44.89 12.83 -13.63
C ASP C 9 45.12 13.16 -15.10
N PRO C 10 45.09 12.13 -15.97
CA PRO C 10 45.30 12.36 -17.40
C PRO C 10 44.35 13.36 -18.02
N HIS C 11 43.16 13.50 -17.45
CA HIS C 11 42.20 14.45 -17.99
C HIS C 11 42.62 15.90 -17.70
N LEU C 12 43.48 16.07 -16.71
CA LEU C 12 43.95 17.40 -16.33
C LEU C 12 45.41 17.64 -16.68
N ASN C 13 46.23 16.63 -16.41
CA ASN C 13 47.66 16.72 -16.63
C ASN C 13 48.09 17.29 -17.97
N LYS C 14 48.88 18.35 -17.90
CA LYS C 14 49.38 19.02 -19.08
C LYS C 14 50.89 18.80 -19.22
N GLY C 15 51.47 18.11 -18.25
CA GLY C 15 52.90 17.85 -18.28
C GLY C 15 53.72 19.12 -18.19
N MSE C 16 54.82 19.18 -18.91
CA MSE C 16 55.66 20.37 -18.88
C MSE C 16 55.05 21.50 -19.68
O MSE C 16 55.68 22.54 -19.92
CB MSE C 16 57.06 20.05 -19.43
CG MSE C 16 57.89 19.20 -18.50
SE MSE C 16 59.47 18.52 -19.38
CE MSE C 16 58.89 16.74 -19.78
N ALA C 17 53.81 21.30 -20.12
CA ALA C 17 53.09 22.33 -20.85
C ALA C 17 52.47 23.29 -19.84
N PHE C 18 52.56 22.94 -18.56
CA PHE C 18 52.03 23.77 -17.48
C PHE C 18 52.85 25.05 -17.38
N THR C 19 52.16 26.18 -17.40
CA THR C 19 52.79 27.49 -17.28
C THR C 19 53.42 27.64 -15.92
N LEU C 20 54.46 28.46 -15.82
CA LEU C 20 55.09 28.66 -14.52
C LEU C 20 54.02 29.14 -13.56
N GLU C 21 53.21 30.09 -14.01
CA GLU C 21 52.15 30.63 -13.17
C GLU C 21 51.14 29.55 -12.80
N GLU C 22 50.86 28.64 -13.73
CA GLU C 22 49.91 27.56 -13.46
C GLU C 22 50.51 26.64 -12.38
N ARG C 23 51.79 26.31 -12.52
CA ARG C 23 52.43 25.44 -11.57
C ARG C 23 52.41 26.04 -10.17
N GLN C 24 52.66 27.33 -10.09
CA GLN C 24 52.69 27.99 -8.79
C GLN C 24 51.31 27.99 -8.13
N GLN C 25 50.27 28.26 -8.91
CA GLN C 25 48.91 28.28 -8.38
C GLN C 25 48.31 26.91 -8.13
N LEU C 26 48.78 25.90 -8.85
CA LEU C 26 48.29 24.53 -8.70
C LEU C 26 49.09 23.78 -7.65
N ASN C 27 50.10 24.44 -7.09
CA ASN C 27 50.99 23.84 -6.07
C ASN C 27 51.78 22.65 -6.59
N ILE C 28 52.25 22.75 -7.83
CA ILE C 28 53.04 21.68 -8.41
C ILE C 28 54.41 22.18 -8.85
N HIS C 29 54.66 23.48 -8.73
CA HIS C 29 55.94 24.04 -9.10
C HIS C 29 57.07 23.31 -8.36
N GLY C 30 57.99 22.72 -9.13
CA GLY C 30 59.08 21.97 -8.53
C GLY C 30 58.88 20.49 -8.78
N LEU C 31 57.65 20.08 -9.09
CA LEU C 31 57.34 18.68 -9.35
C LEU C 31 57.59 18.34 -10.83
N LEU C 32 57.90 19.38 -11.61
CA LEU C 32 58.17 19.25 -13.04
C LEU C 32 59.48 19.93 -13.37
N PRO C 33 60.27 19.37 -14.31
CA PRO C 33 61.54 19.98 -14.69
C PRO C 33 61.33 21.43 -15.13
N PRO C 34 62.37 22.27 -14.98
CA PRO C 34 62.41 23.70 -15.31
C PRO C 34 62.25 24.10 -16.77
N CYS C 35 61.39 23.43 -17.51
CA CYS C 35 61.20 23.80 -18.90
C CYS C 35 59.72 23.76 -19.26
N PHE C 36 59.30 24.69 -20.13
CA PHE C 36 57.92 24.77 -20.53
C PHE C 36 57.84 24.61 -22.03
N LEU C 37 56.90 23.79 -22.48
CA LEU C 37 56.78 23.57 -23.91
C LEU C 37 55.36 23.52 -24.41
N GLY C 38 55.22 23.60 -25.73
CA GLY C 38 53.91 23.55 -26.34
C GLY C 38 53.60 22.13 -26.75
N GLN C 39 52.36 21.90 -27.17
CA GLN C 39 51.94 20.57 -27.61
C GLN C 39 52.85 20.09 -28.75
N ASP C 40 53.17 20.97 -29.68
CA ASP C 40 54.02 20.56 -30.78
C ASP C 40 55.32 19.99 -30.27
N ALA C 41 55.93 20.68 -29.31
CA ALA C 41 57.18 20.18 -28.75
C ALA C 41 56.95 18.80 -28.14
N GLN C 42 55.86 18.66 -27.39
CA GLN C 42 55.53 17.38 -26.75
C GLN C 42 55.31 16.26 -27.74
N VAL C 43 54.56 16.55 -28.81
CA VAL C 43 54.31 15.54 -29.83
C VAL C 43 55.62 15.06 -30.42
N TYR C 44 56.55 16.00 -30.61
CA TYR C 44 57.87 15.70 -31.15
C TYR C 44 58.55 14.59 -30.34
N SER C 45 58.57 14.75 -29.02
CA SER C 45 59.20 13.77 -28.15
C SER C 45 58.45 12.44 -28.20
N ILE C 46 57.13 12.49 -28.37
CA ILE C 46 56.36 11.25 -28.47
C ILE C 46 56.80 10.51 -29.73
N LEU C 47 56.87 11.25 -30.83
CA LEU C 47 57.27 10.66 -32.09
C LEU C 47 58.66 10.07 -32.01
N LYS C 48 59.57 10.75 -31.29
CA LYS C 48 60.92 10.22 -31.15
C LYS C 48 60.80 8.87 -30.48
N ASN C 49 59.99 8.81 -29.43
CA ASN C 49 59.78 7.57 -28.68
C ASN C 49 59.08 6.47 -29.45
N PHE C 50 58.24 6.85 -30.39
CA PHE C 50 57.50 5.90 -31.21
C PHE C 50 58.45 5.33 -32.27
N GLU C 51 59.23 6.22 -32.88
CA GLU C 51 60.21 5.85 -33.92
C GLU C 51 61.13 4.72 -33.50
N ARG C 52 61.73 4.85 -32.31
CA ARG C 52 62.67 3.85 -31.83
C ARG C 52 62.10 2.48 -31.46
N LEU C 53 60.79 2.35 -31.43
CA LEU C 53 60.21 1.07 -31.07
C LEU C 53 60.32 0.13 -32.25
N THR C 54 60.34 -1.17 -31.97
CA THR C 54 60.51 -2.17 -33.01
C THR C 54 59.41 -3.23 -33.09
N SER C 55 58.26 -2.96 -32.50
CA SER C 55 57.17 -3.93 -32.53
C SER C 55 55.84 -3.22 -32.41
N ASP C 56 54.83 -3.74 -33.09
CA ASP C 56 53.52 -3.12 -33.01
C ASP C 56 52.97 -3.17 -31.58
N LEU C 57 53.18 -4.27 -30.88
CA LEU C 57 52.68 -4.35 -29.52
C LEU C 57 53.32 -3.27 -28.65
N ASP C 58 54.59 -2.97 -28.90
CA ASP C 58 55.26 -1.95 -28.13
C ASP C 58 54.76 -0.56 -28.48
N ARG C 59 54.38 -0.36 -29.73
CA ARG C 59 53.86 0.94 -30.13
C ARG C 59 52.51 1.13 -29.45
N TYR C 60 51.75 0.04 -29.37
CA TYR C 60 50.45 0.06 -28.74
C TYR C 60 50.64 0.53 -27.31
N ILE C 61 51.41 -0.25 -26.55
CA ILE C 61 51.67 0.07 -25.16
C ILE C 61 52.15 1.52 -24.96
N LEU C 62 53.08 1.99 -25.80
CA LEU C 62 53.53 3.37 -25.67
C LEU C 62 52.32 4.32 -25.71
N LEU C 63 51.51 4.20 -26.75
CA LEU C 63 50.34 5.06 -26.93
C LEU C 63 49.27 4.90 -25.84
N MSE C 64 49.09 3.68 -25.33
CA MSE C 64 48.12 3.45 -24.26
C MSE C 64 48.59 4.15 -23.00
O MSE C 64 47.79 4.72 -22.25
CB MSE C 64 47.95 1.94 -23.98
CG MSE C 64 47.15 1.18 -25.05
SE MSE C 64 45.38 1.97 -25.39
CE MSE C 64 44.86 2.33 -23.54
N SER C 65 49.90 4.12 -22.76
CA SER C 65 50.45 4.77 -21.60
C SER C 65 50.32 6.26 -21.77
N LEU C 66 50.40 6.74 -23.01
CA LEU C 66 50.27 8.17 -23.24
C LEU C 66 48.86 8.54 -22.79
N GLN C 67 47.88 7.75 -23.25
CA GLN C 67 46.47 7.96 -22.93
C GLN C 67 46.20 7.97 -21.42
N ASP C 68 46.99 7.20 -20.67
CA ASP C 68 46.82 7.14 -19.22
C ASP C 68 47.60 8.25 -18.55
N ARG C 69 48.27 9.10 -19.33
CA ARG C 69 49.10 10.16 -18.75
C ARG C 69 48.62 11.57 -19.10
N ASN C 70 48.35 11.78 -20.37
CA ASN C 70 47.92 13.09 -20.84
C ASN C 70 46.91 12.92 -21.96
N GLU C 71 45.64 13.11 -21.60
CA GLU C 71 44.51 12.97 -22.50
C GLU C 71 44.60 13.84 -23.76
N LYS C 72 44.71 15.15 -23.59
CA LYS C 72 44.78 16.02 -24.75
C LYS C 72 45.98 15.63 -25.62
N LEU C 73 47.15 15.47 -25.01
CA LEU C 73 48.33 15.11 -25.78
C LEU C 73 48.08 13.84 -26.57
N PHE C 74 47.41 12.88 -25.94
CA PHE C 74 47.12 11.61 -26.60
C PHE C 74 46.35 11.86 -27.88
N TYR C 75 45.22 12.53 -27.79
CA TYR C 75 44.41 12.80 -28.97
C TYR C 75 45.05 13.78 -29.94
N LYS C 76 45.98 14.58 -29.44
CA LYS C 76 46.69 15.53 -30.30
C LYS C 76 47.58 14.69 -31.21
N VAL C 77 48.20 13.65 -30.65
CA VAL C 77 49.06 12.80 -31.43
C VAL C 77 48.28 11.99 -32.46
N LEU C 78 47.20 11.37 -32.01
CA LEU C 78 46.37 10.56 -32.89
C LEU C 78 45.94 11.35 -34.12
N THR C 79 45.34 12.52 -33.88
CA THR C 79 44.86 13.37 -34.97
C THR C 79 45.96 14.06 -35.77
N SER C 80 47.21 13.95 -35.34
CA SER C 80 48.28 14.61 -36.07
C SER C 80 48.64 13.81 -37.33
N ASP C 81 48.37 12.51 -37.31
CA ASP C 81 48.64 11.61 -38.44
C ASP C 81 47.72 10.41 -38.24
N ILE C 82 46.42 10.62 -38.46
CA ILE C 82 45.44 9.57 -38.26
C ILE C 82 45.73 8.27 -39.03
N GLU C 83 46.24 8.39 -40.25
CA GLU C 83 46.54 7.20 -41.04
C GLU C 83 47.65 6.36 -40.46
N ARG C 84 48.50 6.99 -39.67
CA ARG C 84 49.63 6.31 -39.06
C ARG C 84 49.31 5.70 -37.71
N PHE C 85 48.57 6.44 -36.89
CA PHE C 85 48.28 5.95 -35.56
C PHE C 85 47.03 5.10 -35.40
N MSE C 86 46.05 5.29 -36.27
CA MSE C 86 44.84 4.50 -36.19
C MSE C 86 45.11 3.00 -36.28
O MSE C 86 44.50 2.21 -35.56
CB MSE C 86 43.86 4.91 -37.29
CG MSE C 86 42.57 4.14 -37.28
SE MSE C 86 41.31 4.87 -38.52
CE MSE C 86 40.35 6.04 -37.35
N PRO C 87 46.03 2.59 -37.17
CA PRO C 87 46.34 1.16 -37.29
C PRO C 87 46.97 0.61 -36.00
N ILE C 88 47.45 1.50 -35.14
CA ILE C 88 48.07 1.09 -33.88
C ILE C 88 47.06 1.02 -32.76
N VAL C 89 46.27 2.07 -32.63
CA VAL C 89 45.24 2.17 -31.61
C VAL C 89 43.99 1.37 -31.97
N TYR C 90 43.82 1.08 -33.27
CA TYR C 90 42.65 0.36 -33.76
C TYR C 90 43.11 -0.88 -34.54
N THR C 91 42.34 -1.26 -35.56
CA THR C 91 42.69 -2.43 -36.38
C THR C 91 43.90 -2.10 -37.22
N PRO C 92 44.84 -3.07 -37.35
CA PRO C 92 44.83 -4.41 -36.75
C PRO C 92 45.53 -4.58 -35.42
N THR C 93 46.33 -3.60 -35.00
CA THR C 93 47.09 -3.73 -33.75
C THR C 93 46.25 -3.98 -32.50
N VAL C 94 45.04 -3.43 -32.47
CA VAL C 94 44.16 -3.59 -31.31
C VAL C 94 43.81 -5.07 -31.14
N GLY C 95 43.76 -5.80 -32.26
CA GLY C 95 43.45 -7.21 -32.20
C GLY C 95 44.63 -7.95 -31.60
N LEU C 96 45.81 -7.46 -31.92
CA LEU C 96 47.05 -8.04 -31.42
C LEU C 96 47.10 -7.76 -29.92
N ALA C 97 46.80 -6.51 -29.57
CA ALA C 97 46.77 -6.10 -28.17
C ALA C 97 45.84 -7.00 -27.37
N CYS C 98 44.59 -7.17 -27.84
CA CYS C 98 43.64 -8.02 -27.15
C CYS C 98 44.19 -9.44 -26.94
N GLN C 99 44.85 -9.99 -27.95
CA GLN C 99 45.40 -11.33 -27.82
C GLN C 99 46.51 -11.43 -26.77
N HIS C 100 47.10 -10.29 -26.40
CA HIS C 100 48.17 -10.25 -25.41
C HIS C 100 47.84 -9.23 -24.35
N TYR C 101 46.55 -8.97 -24.16
CA TYR C 101 46.11 -7.97 -23.19
C TYR C 101 46.72 -8.20 -21.81
N GLY C 102 46.77 -9.44 -21.35
CA GLY C 102 47.34 -9.70 -20.04
C GLY C 102 48.77 -9.23 -19.96
N LEU C 103 49.51 -9.41 -21.05
CA LEU C 103 50.92 -9.03 -21.15
C LEU C 103 51.10 -7.52 -21.31
N ALA C 104 50.23 -6.88 -22.10
CA ALA C 104 50.32 -5.45 -22.35
C ALA C 104 49.77 -4.59 -21.24
N PHE C 105 48.99 -5.21 -20.36
CA PHE C 105 48.37 -4.52 -19.24
C PHE C 105 49.36 -3.73 -18.40
N ARG C 106 48.98 -2.52 -18.01
CA ARG C 106 49.81 -1.67 -17.15
C ARG C 106 48.86 -1.05 -16.12
N ARG C 107 48.11 -0.03 -16.53
CA ARG C 107 47.15 0.60 -15.64
C ARG C 107 45.75 0.24 -16.17
N PRO C 108 44.80 -0.07 -15.28
CA PRO C 108 43.46 -0.44 -15.74
C PRO C 108 42.72 0.70 -16.43
N ARG C 109 41.79 0.35 -17.32
CA ARG C 109 40.99 1.33 -18.04
C ARG C 109 39.62 0.75 -18.30
N GLY C 110 38.58 1.55 -18.05
CA GLY C 110 37.23 1.09 -18.27
C GLY C 110 36.57 0.49 -17.04
N LEU C 111 35.34 0.04 -17.21
CA LEU C 111 34.57 -0.53 -16.12
C LEU C 111 34.40 -2.04 -16.32
N PHE C 112 34.77 -2.82 -15.31
CA PHE C 112 34.62 -4.26 -15.41
C PHE C 112 33.46 -4.73 -14.56
N ILE C 113 32.38 -5.15 -15.22
CA ILE C 113 31.23 -5.65 -14.50
C ILE C 113 31.15 -7.15 -14.74
N THR C 114 31.07 -7.88 -13.64
CA THR C 114 31.03 -9.33 -13.66
C THR C 114 29.63 -9.88 -13.49
N ILE C 115 29.45 -11.14 -13.86
CA ILE C 115 28.15 -11.77 -13.71
C ILE C 115 27.91 -12.01 -12.22
N HIS C 116 28.99 -12.07 -11.46
CA HIS C 116 28.89 -12.28 -10.03
C HIS C 116 28.52 -10.99 -9.32
N ASP C 117 28.33 -9.92 -10.08
CA ASP C 117 27.97 -8.62 -9.50
C ASP C 117 26.51 -8.29 -9.69
N ARG C 118 25.73 -9.26 -10.13
CA ARG C 118 24.30 -9.04 -10.34
C ARG C 118 23.66 -8.45 -9.11
N GLY C 119 22.87 -7.40 -9.31
CA GLY C 119 22.19 -6.74 -8.22
C GLY C 119 23.00 -5.65 -7.55
N HIS C 120 24.19 -5.36 -8.09
CA HIS C 120 25.06 -4.36 -7.51
C HIS C 120 25.68 -3.45 -8.55
N ILE C 121 25.23 -3.57 -9.79
CA ILE C 121 25.77 -2.74 -10.85
C ILE C 121 25.62 -1.25 -10.52
N ALA C 122 24.43 -0.85 -10.09
CA ALA C 122 24.23 0.56 -9.77
C ALA C 122 25.33 1.07 -8.83
N THR C 123 25.71 0.24 -7.86
CA THR C 123 26.75 0.60 -6.91
C THR C 123 28.08 0.81 -7.62
N MSE C 124 28.39 -0.10 -8.53
CA MSE C 124 29.64 -0.04 -9.28
C MSE C 124 29.78 1.18 -10.19
O MSE C 124 30.88 1.66 -10.42
CB MSE C 124 29.81 -1.31 -10.10
CG MSE C 124 29.72 -2.58 -9.28
SE MSE C 124 30.19 -4.11 -10.34
CE MSE C 124 32.02 -3.70 -10.75
N LEU C 125 28.66 1.68 -10.70
CA LEU C 125 28.72 2.84 -11.58
C LEU C 125 29.22 4.07 -10.80
N GLN C 126 29.06 4.02 -9.48
CA GLN C 126 29.48 5.10 -8.59
C GLN C 126 31.00 5.15 -8.54
N SER C 127 31.61 3.96 -8.56
CA SER C 127 33.08 3.83 -8.51
C SER C 127 33.70 4.63 -9.63
N TRP C 128 32.92 4.84 -10.68
CA TRP C 128 33.40 5.57 -11.82
C TRP C 128 33.43 7.06 -11.51
N PRO C 129 34.60 7.70 -11.66
CA PRO C 129 34.80 9.13 -11.38
C PRO C 129 33.75 10.06 -12.00
N GLU C 130 33.47 9.87 -13.28
CA GLU C 130 32.48 10.72 -13.95
C GLU C 130 31.06 10.31 -13.63
N SER C 131 30.22 11.31 -13.40
CA SER C 131 28.82 11.06 -13.09
C SER C 131 27.97 11.45 -14.28
N VAL C 132 28.63 12.04 -15.28
CA VAL C 132 27.94 12.48 -16.47
C VAL C 132 28.51 11.82 -17.73
N ILE C 133 27.98 10.63 -18.02
CA ILE C 133 28.39 9.86 -19.18
C ILE C 133 27.28 9.96 -20.22
N LYS C 134 27.64 10.10 -21.49
CA LYS C 134 26.64 10.22 -22.55
C LYS C 134 26.74 9.12 -23.60
N ALA C 135 27.78 8.29 -23.48
CA ALA C 135 28.01 7.20 -24.42
C ALA C 135 28.80 6.09 -23.78
N ILE C 136 28.45 4.86 -24.15
CA ILE C 136 29.10 3.68 -23.63
C ILE C 136 29.27 2.68 -24.74
N VAL C 137 30.39 1.95 -24.71
CA VAL C 137 30.67 0.90 -25.68
C VAL C 137 30.84 -0.34 -24.83
N VAL C 138 29.97 -1.32 -25.02
CA VAL C 138 30.02 -2.55 -24.23
C VAL C 138 30.32 -3.79 -25.05
N THR C 139 31.02 -4.73 -24.41
CA THR C 139 31.34 -5.99 -25.05
C THR C 139 31.45 -7.05 -23.96
N ASP C 140 31.21 -8.31 -24.32
CA ASP C 140 31.37 -9.37 -23.35
C ASP C 140 32.58 -10.19 -23.82
N GLY C 141 33.20 -9.70 -24.89
CA GLY C 141 34.38 -10.33 -25.46
C GLY C 141 34.25 -11.68 -26.14
N GLU C 142 33.03 -12.11 -26.47
CA GLU C 142 32.84 -13.41 -27.08
C GLU C 142 33.14 -13.47 -28.59
N ARG C 143 33.12 -12.32 -29.27
CA ARG C 143 33.42 -12.28 -30.70
C ARG C 143 34.27 -11.05 -31.04
N ILE C 144 35.51 -11.04 -30.56
CA ILE C 144 36.44 -9.93 -30.78
C ILE C 144 37.03 -10.04 -32.18
N LEU C 145 36.57 -9.17 -33.08
CA LEU C 145 37.02 -9.19 -34.45
C LEU C 145 36.86 -10.65 -34.89
N GLY C 146 37.75 -11.10 -35.78
CA GLY C 146 37.66 -12.49 -36.23
C GLY C 146 38.58 -13.37 -35.43
N LEU C 147 38.88 -12.96 -34.20
CA LEU C 147 39.79 -13.70 -33.35
C LEU C 147 39.07 -14.63 -32.35
N GLY C 148 37.75 -14.56 -32.29
CA GLY C 148 37.04 -15.45 -31.39
C GLY C 148 36.73 -14.94 -30.00
N ASP C 149 36.61 -15.88 -29.06
CA ASP C 149 36.29 -15.54 -27.68
C ASP C 149 37.58 -15.20 -26.95
N LEU C 150 37.80 -13.92 -26.68
CA LEU C 150 39.01 -13.52 -25.98
C LEU C 150 38.66 -13.06 -24.58
N GLY C 151 37.49 -13.48 -24.12
CA GLY C 151 37.06 -13.12 -22.80
C GLY C 151 37.37 -11.71 -22.36
N CYS C 152 37.90 -11.58 -21.15
CA CYS C 152 38.22 -10.28 -20.58
C CYS C 152 39.30 -9.52 -21.35
N TYR C 153 40.10 -10.23 -22.13
CA TYR C 153 41.12 -9.59 -22.93
C TYR C 153 40.46 -8.68 -23.97
N GLY C 154 39.16 -8.84 -24.16
CA GLY C 154 38.47 -8.02 -25.13
C GLY C 154 38.25 -6.56 -24.78
N MSE C 155 38.66 -6.14 -23.60
CA MSE C 155 38.48 -4.75 -23.17
C MSE C 155 39.15 -3.80 -24.14
O MSE C 155 38.76 -2.64 -24.26
CB MSE C 155 39.09 -4.52 -21.80
CG MSE C 155 38.12 -3.98 -20.78
SE MSE C 155 37.15 -2.41 -21.30
CE MSE C 155 36.64 -1.79 -19.56
N GLY C 156 40.17 -4.29 -24.83
CA GLY C 156 40.89 -3.47 -25.78
C GLY C 156 40.01 -2.89 -26.87
N ILE C 157 38.95 -3.61 -27.24
CA ILE C 157 38.04 -3.13 -28.28
C ILE C 157 37.25 -1.89 -27.88
N PRO C 158 36.50 -1.94 -26.76
CA PRO C 158 35.75 -0.73 -26.38
C PRO C 158 36.68 0.49 -26.23
N VAL C 159 37.90 0.25 -25.73
CA VAL C 159 38.89 1.30 -25.54
C VAL C 159 39.32 1.86 -26.88
N GLY C 160 39.43 0.99 -27.87
CA GLY C 160 39.80 1.42 -29.20
C GLY C 160 38.66 2.21 -29.86
N LYS C 161 37.46 1.66 -29.80
CA LYS C 161 36.29 2.32 -30.39
C LYS C 161 36.16 3.74 -29.85
N LEU C 162 36.21 3.90 -28.53
CA LEU C 162 36.08 5.21 -27.95
C LEU C 162 37.25 6.14 -28.31
N ALA C 163 38.38 5.54 -28.65
CA ALA C 163 39.52 6.36 -29.01
C ALA C 163 39.12 7.06 -30.28
N LEU C 164 38.45 6.34 -31.18
CA LEU C 164 38.01 6.94 -32.43
C LEU C 164 36.77 7.81 -32.28
N TYR C 165 36.01 7.61 -31.21
CA TYR C 165 34.83 8.44 -30.96
C TYR C 165 35.34 9.86 -30.94
N THR C 166 36.45 10.03 -30.22
CA THR C 166 37.09 11.32 -30.05
C THR C 166 37.98 11.72 -31.22
N ALA C 167 38.90 10.85 -31.59
CA ALA C 167 39.82 11.10 -32.70
C ALA C 167 39.13 11.33 -34.05
N CYS C 168 38.17 10.47 -34.37
CA CYS C 168 37.47 10.61 -35.65
C CYS C 168 36.13 11.32 -35.57
N GLY C 169 35.47 11.23 -34.42
CA GLY C 169 34.16 11.85 -34.27
C GLY C 169 34.11 13.22 -33.64
N GLY C 170 34.99 13.45 -32.66
CA GLY C 170 34.98 14.73 -32.00
C GLY C 170 34.20 14.70 -30.70
N VAL C 171 33.89 13.50 -30.24
CA VAL C 171 33.14 13.34 -28.99
C VAL C 171 34.08 13.49 -27.80
N LYS C 172 33.62 14.17 -26.76
CA LYS C 172 34.46 14.38 -25.59
C LYS C 172 34.79 13.06 -24.89
N PRO C 173 36.09 12.80 -24.69
CA PRO C 173 36.56 11.58 -24.04
C PRO C 173 35.97 11.34 -22.66
N HIS C 174 35.90 12.37 -21.83
CA HIS C 174 35.39 12.18 -20.48
C HIS C 174 33.91 11.81 -20.37
N GLN C 175 33.14 12.05 -21.43
CA GLN C 175 31.73 11.71 -21.40
C GLN C 175 31.47 10.28 -21.88
N CYS C 176 32.55 9.54 -22.18
CA CYS C 176 32.42 8.17 -22.68
C CYS C 176 32.97 7.12 -21.70
N LEU C 177 32.31 5.98 -21.64
CA LEU C 177 32.69 4.90 -20.73
C LEU C 177 32.79 3.54 -21.39
N PRO C 178 34.01 2.98 -21.45
CA PRO C 178 34.18 1.66 -22.06
C PRO C 178 33.83 0.60 -21.00
N VAL C 179 32.99 -0.37 -21.36
CA VAL C 179 32.60 -1.39 -20.39
C VAL C 179 32.81 -2.83 -20.83
N MSE C 180 33.30 -3.65 -19.91
CA MSE C 180 33.50 -5.08 -20.20
C MSE C 180 32.56 -5.85 -19.28
O MSE C 180 32.58 -5.65 -18.07
CB MSE C 180 34.94 -5.48 -19.91
CG MSE C 180 35.63 -6.24 -21.05
SE MSE C 180 34.95 -8.02 -21.44
CE MSE C 180 34.80 -8.70 -19.67
N LEU C 181 31.72 -6.72 -19.86
CA LEU C 181 30.82 -7.55 -19.05
C LEU C 181 31.40 -8.95 -19.07
N ASP C 182 32.12 -9.31 -17.99
CA ASP C 182 32.77 -10.61 -17.89
C ASP C 182 31.90 -11.66 -17.21
N VAL C 183 31.47 -12.64 -17.97
CA VAL C 183 30.63 -13.72 -17.45
C VAL C 183 31.40 -15.01 -17.64
N GLY C 184 32.70 -14.87 -17.92
CA GLY C 184 33.52 -16.04 -18.15
C GLY C 184 33.95 -16.11 -19.59
N THR C 185 34.60 -17.20 -19.96
CA THR C 185 35.07 -17.37 -21.33
C THR C 185 35.18 -18.85 -21.61
N ASP C 186 34.87 -19.23 -22.84
CA ASP C 186 34.93 -20.63 -23.23
C ASP C 186 36.25 -20.98 -23.88
N ASN C 187 37.14 -19.99 -23.98
CA ASN C 187 38.44 -20.22 -24.60
C ASN C 187 39.37 -20.99 -23.66
N GLU C 188 39.55 -22.28 -23.96
CA GLU C 188 40.40 -23.15 -23.14
C GLU C 188 41.81 -22.57 -22.94
N THR C 189 42.35 -21.97 -23.99
CA THR C 189 43.68 -21.39 -23.94
C THR C 189 43.78 -20.30 -22.88
N LEU C 190 42.79 -19.41 -22.84
CA LEU C 190 42.81 -18.33 -21.84
C LEU C 190 42.63 -18.85 -20.42
N LEU C 191 41.80 -19.88 -20.24
CA LEU C 191 41.59 -20.41 -18.92
C LEU C 191 42.93 -20.86 -18.35
N LYS C 192 43.76 -21.43 -19.21
CA LYS C 192 45.08 -21.93 -18.82
C LYS C 192 46.16 -20.84 -18.77
N ASP C 193 45.88 -19.72 -19.42
CA ASP C 193 46.84 -18.62 -19.48
C ASP C 193 47.04 -17.98 -18.11
N PRO C 194 48.28 -17.97 -17.61
CA PRO C 194 48.61 -17.40 -16.31
C PRO C 194 48.49 -15.88 -16.28
N LEU C 195 48.46 -15.26 -17.45
CA LEU C 195 48.33 -13.81 -17.51
C LEU C 195 46.88 -13.33 -17.70
N TYR C 196 45.94 -14.27 -17.86
CA TYR C 196 44.53 -13.93 -18.08
C TYR C 196 43.96 -13.13 -16.92
N ILE C 197 43.32 -12.01 -17.24
CA ILE C 197 42.77 -11.14 -16.20
C ILE C 197 41.27 -11.26 -15.95
N GLY C 198 40.60 -12.16 -16.66
CA GLY C 198 39.18 -12.30 -16.43
C GLY C 198 38.87 -13.48 -15.54
N LEU C 199 37.58 -13.79 -15.41
CA LEU C 199 37.10 -14.92 -14.60
C LEU C 199 37.51 -16.22 -15.25
N ARG C 200 38.13 -17.10 -14.48
CA ARG C 200 38.60 -18.38 -14.98
C ARG C 200 37.55 -19.48 -14.95
N HIS C 201 36.46 -19.29 -15.70
CA HIS C 201 35.42 -20.29 -15.79
C HIS C 201 34.65 -20.11 -17.09
N LYS C 202 34.06 -21.20 -17.57
CA LYS C 202 33.30 -21.16 -18.81
C LYS C 202 32.24 -20.07 -18.68
N ARG C 203 31.84 -19.51 -19.81
CA ARG C 203 30.85 -18.45 -19.85
C ARG C 203 29.52 -18.88 -19.25
N ILE C 204 28.89 -17.97 -18.52
CA ILE C 204 27.59 -18.27 -17.94
C ILE C 204 26.56 -17.82 -18.94
N ARG C 205 25.59 -18.69 -19.22
CA ARG C 205 24.57 -18.39 -20.20
C ARG C 205 23.18 -18.49 -19.61
N GLY C 206 22.16 -18.45 -20.46
CA GLY C 206 20.81 -18.56 -19.96
C GLY C 206 20.23 -17.34 -19.29
N GLN C 207 19.28 -17.57 -18.39
CA GLN C 207 18.60 -16.50 -17.68
C GLN C 207 19.50 -15.60 -16.86
N ALA C 208 20.52 -16.20 -16.25
CA ALA C 208 21.46 -15.44 -15.43
C ALA C 208 22.11 -14.35 -16.27
N TYR C 209 22.55 -14.74 -17.48
CA TYR C 209 23.18 -13.82 -18.41
C TYR C 209 22.21 -12.71 -18.80
N ASP C 210 21.01 -13.10 -19.19
CA ASP C 210 19.99 -12.14 -19.60
C ASP C 210 19.61 -11.16 -18.51
N ASP C 211 19.65 -11.60 -17.25
CA ASP C 211 19.31 -10.74 -16.13
C ASP C 211 20.41 -9.71 -15.89
N LEU C 212 21.64 -10.15 -16.06
CA LEU C 212 22.78 -9.25 -15.89
C LEU C 212 22.65 -8.12 -16.89
N LEU C 213 22.36 -8.46 -18.14
CA LEU C 213 22.19 -7.45 -19.19
C LEU C 213 21.05 -6.49 -18.90
N ASP C 214 19.93 -7.01 -18.42
CA ASP C 214 18.81 -6.14 -18.12
C ASP C 214 19.23 -5.16 -17.03
N GLU C 215 19.85 -5.69 -15.98
CA GLU C 215 20.27 -4.85 -14.87
C GLU C 215 21.27 -3.80 -15.32
N PHE C 216 22.10 -4.15 -16.30
CA PHE C 216 23.11 -3.24 -16.81
C PHE C 216 22.45 -2.04 -17.48
N MSE C 217 21.56 -2.32 -18.42
CA MSE C 217 20.86 -1.28 -19.15
C MSE C 217 20.06 -0.39 -18.24
O MSE C 217 20.01 0.82 -18.42
CB MSE C 217 19.93 -1.91 -20.20
CG MSE C 217 20.61 -2.77 -21.24
SE MSE C 217 21.85 -1.77 -22.33
CE MSE C 217 20.64 -0.89 -23.54
N GLU C 218 19.40 -0.99 -17.25
CA GLU C 218 18.59 -0.24 -16.30
C GLU C 218 19.44 0.69 -15.44
N ALA C 219 20.53 0.16 -14.89
CA ALA C 219 21.42 0.94 -14.03
C ALA C 219 22.08 2.10 -14.78
N VAL C 220 22.60 1.82 -15.97
CA VAL C 220 23.28 2.82 -16.78
C VAL C 220 22.39 4.00 -17.16
N THR C 221 21.16 3.72 -17.54
CA THR C 221 20.21 4.76 -17.94
C THR C 221 19.58 5.45 -16.75
N SER C 222 19.53 4.76 -15.61
CA SER C 222 18.95 5.34 -14.41
C SER C 222 19.91 6.37 -13.87
N ARG C 223 21.19 6.03 -13.92
CA ARG C 223 22.21 6.94 -13.44
C ARG C 223 22.56 8.02 -14.45
N TYR C 224 22.75 7.64 -15.71
CA TYR C 224 23.16 8.59 -16.74
C TYR C 224 22.04 9.17 -17.61
N GLY C 225 20.83 8.66 -17.45
CA GLY C 225 19.72 9.17 -18.25
C GLY C 225 19.34 8.29 -19.42
N MSE C 226 18.07 8.33 -19.81
CA MSE C 226 17.57 7.54 -20.92
C MSE C 226 18.19 7.90 -22.27
O MSE C 226 18.09 7.14 -23.24
CB MSE C 226 16.03 7.68 -21.02
CG MSE C 226 15.26 7.04 -19.90
SE MSE C 226 15.48 5.11 -19.80
CE MSE C 226 14.63 4.59 -21.44
N ASN C 227 18.83 9.07 -22.34
CA ASN C 227 19.46 9.54 -23.56
C ASN C 227 20.87 9.02 -23.71
N CYS C 228 21.32 8.26 -22.73
CA CYS C 228 22.67 7.73 -22.80
C CYS C 228 22.75 6.75 -23.96
N LEU C 229 23.78 6.93 -24.81
CA LEU C 229 24.03 6.10 -25.97
C LEU C 229 24.78 4.84 -25.54
N ILE C 230 24.21 3.68 -25.88
CA ILE C 230 24.83 2.39 -25.53
C ILE C 230 25.18 1.63 -26.81
N GLN C 231 26.47 1.52 -27.13
CA GLN C 231 26.90 0.83 -28.34
C GLN C 231 27.38 -0.58 -28.04
N PHE C 232 26.67 -1.58 -28.54
CA PHE C 232 27.07 -2.98 -28.31
C PHE C 232 28.16 -3.33 -29.29
N GLU C 233 29.21 -3.98 -28.79
CA GLU C 233 30.32 -4.32 -29.65
C GLU C 233 30.89 -5.69 -29.40
N ASP C 234 31.14 -6.40 -30.49
CA ASP C 234 31.72 -7.73 -30.43
C ASP C 234 31.10 -8.78 -29.52
N PHE C 235 29.78 -8.90 -29.57
CA PHE C 235 29.07 -9.92 -28.80
C PHE C 235 28.89 -11.07 -29.80
N ALA C 236 28.63 -12.28 -29.31
CA ALA C 236 28.43 -13.42 -30.21
C ALA C 236 27.11 -13.22 -30.97
N ASN C 237 26.98 -13.91 -32.10
CA ASN C 237 25.80 -13.82 -32.96
C ASN C 237 24.44 -13.84 -32.26
N ALA C 238 24.08 -14.98 -31.67
CA ALA C 238 22.81 -15.09 -30.98
C ALA C 238 22.54 -13.94 -30.02
N ASN C 239 23.49 -13.66 -29.13
CA ASN C 239 23.35 -12.57 -28.16
C ASN C 239 23.23 -11.20 -28.82
N ALA C 240 24.02 -10.97 -29.85
CA ALA C 240 23.98 -9.70 -30.54
C ALA C 240 22.58 -9.36 -31.05
N PHE C 241 22.00 -10.24 -31.84
CA PHE C 241 20.68 -9.98 -32.39
C PHE C 241 19.57 -9.85 -31.36
N ARG C 242 19.48 -10.78 -30.41
CA ARG C 242 18.40 -10.67 -29.45
C ARG C 242 18.55 -9.44 -28.56
N LEU C 243 19.77 -9.11 -28.15
CA LEU C 243 19.96 -7.93 -27.30
C LEU C 243 19.54 -6.67 -28.05
N LEU C 244 19.93 -6.61 -29.33
CA LEU C 244 19.59 -5.46 -30.15
C LEU C 244 18.09 -5.32 -30.29
N HIS C 245 17.44 -6.44 -30.59
CA HIS C 245 16.01 -6.44 -30.76
C HIS C 245 15.27 -6.13 -29.45
N LYS C 246 15.82 -6.62 -28.34
CA LYS C 246 15.20 -6.40 -27.05
C LYS C 246 15.27 -4.99 -26.48
N TYR C 247 16.31 -4.23 -26.82
CA TYR C 247 16.51 -2.88 -26.28
C TYR C 247 16.36 -1.75 -27.29
N ARG C 248 16.47 -2.12 -28.56
CA ARG C 248 16.35 -1.20 -29.69
C ARG C 248 15.37 -0.04 -29.48
N ASN C 249 14.12 -0.36 -29.17
CA ASN C 249 13.09 0.64 -28.97
C ASN C 249 12.90 1.09 -27.53
N LYS C 250 13.59 0.45 -26.59
CA LYS C 250 13.46 0.81 -25.19
C LYS C 250 14.49 1.85 -24.78
N TYR C 251 15.73 1.67 -25.24
CA TYR C 251 16.80 2.60 -24.90
C TYR C 251 17.45 3.20 -26.16
N CYS C 252 18.47 4.04 -25.97
CA CYS C 252 19.17 4.65 -27.09
C CYS C 252 20.38 3.77 -27.34
N THR C 253 20.18 2.73 -28.13
CA THR C 253 21.23 1.77 -28.36
C THR C 253 21.23 1.17 -29.78
N PHE C 254 22.38 0.67 -30.19
CA PHE C 254 22.55 0.05 -31.51
C PHE C 254 23.72 -0.89 -31.41
N ASN C 255 23.80 -1.83 -32.35
CA ASN C 255 24.90 -2.79 -32.36
C ASN C 255 25.82 -2.45 -33.53
N ASP C 256 27.00 -1.95 -33.19
CA ASP C 256 28.00 -1.54 -34.18
C ASP C 256 28.28 -2.56 -35.26
N ASP C 257 28.43 -3.82 -34.85
CA ASP C 257 28.74 -4.90 -35.77
C ASP C 257 27.65 -5.21 -36.76
N ILE C 258 26.40 -5.13 -36.33
CA ILE C 258 25.29 -5.42 -37.21
C ILE C 258 24.89 -4.20 -37.99
N GLN C 259 24.67 -3.08 -37.32
CA GLN C 259 24.22 -1.87 -37.96
C GLN C 259 25.29 -0.93 -38.50
N GLY C 260 26.36 -0.74 -37.74
CA GLY C 260 27.42 0.13 -38.20
C GLY C 260 28.06 -0.44 -39.46
N THR C 261 28.39 -1.71 -39.43
CA THR C 261 29.00 -2.34 -40.58
C THR C 261 28.09 -2.23 -41.81
N ALA C 262 26.78 -2.48 -41.60
CA ALA C 262 25.82 -2.37 -42.69
C ALA C 262 25.95 -1.00 -43.36
N SER C 263 25.89 0.04 -42.53
CA SER C 263 25.99 1.40 -43.01
C SER C 263 27.23 1.63 -43.87
N VAL C 264 28.40 1.31 -43.34
CA VAL C 264 29.63 1.53 -44.09
C VAL C 264 29.69 0.68 -45.37
N ALA C 265 29.19 -0.56 -45.31
CA ALA C 265 29.21 -1.42 -46.50
C ALA C 265 28.34 -0.83 -47.62
N VAL C 266 27.14 -0.35 -47.27
CA VAL C 266 26.27 0.23 -48.27
C VAL C 266 26.85 1.54 -48.77
N ALA C 267 27.54 2.25 -47.88
CA ALA C 267 28.16 3.51 -48.24
C ALA C 267 29.12 3.27 -49.40
N GLY C 268 29.86 2.17 -49.31
CA GLY C 268 30.83 1.81 -50.33
C GLY C 268 30.20 1.40 -51.64
N LEU C 269 29.07 0.68 -51.56
CA LEU C 269 28.36 0.24 -52.75
C LEU C 269 27.77 1.45 -53.45
N LEU C 270 27.19 2.35 -52.67
CA LEU C 270 26.62 3.55 -53.26
C LEU C 270 27.68 4.25 -54.10
N ALA C 271 28.88 4.38 -53.53
CA ALA C 271 29.98 5.05 -54.22
C ALA C 271 30.42 4.24 -55.43
N ALA C 272 30.48 2.93 -55.27
CA ALA C 272 30.88 2.05 -56.35
C ALA C 272 30.00 2.19 -57.59
N LEU C 273 28.71 2.45 -57.37
CA LEU C 273 27.74 2.62 -58.47
C LEU C 273 28.16 3.69 -59.47
N ARG C 274 28.99 4.63 -59.02
CA ARG C 274 29.44 5.72 -59.86
C ARG C 274 30.60 5.32 -60.74
N ILE C 275 31.08 4.10 -60.55
CA ILE C 275 32.15 3.57 -61.36
C ILE C 275 31.52 2.53 -62.29
N THR C 276 30.67 1.68 -61.72
CA THR C 276 29.99 0.65 -62.49
C THR C 276 28.90 1.28 -63.35
N LYS C 277 28.62 2.55 -63.10
CA LYS C 277 27.62 3.26 -63.88
C LYS C 277 26.27 2.54 -64.01
N ASN C 278 25.70 2.10 -62.90
CA ASN C 278 24.40 1.44 -62.93
C ASN C 278 23.68 1.61 -61.60
N ARG C 279 22.55 0.92 -61.44
CA ARG C 279 21.80 1.05 -60.21
C ARG C 279 22.01 -0.14 -59.27
N LEU C 280 21.85 0.12 -57.99
CA LEU C 280 22.02 -0.92 -56.98
C LEU C 280 21.14 -2.12 -57.29
N SER C 281 19.97 -1.87 -57.85
CA SER C 281 19.06 -2.94 -58.18
C SER C 281 19.59 -3.81 -59.31
N ASP C 282 20.68 -3.37 -59.94
CA ASP C 282 21.27 -4.11 -61.04
C ASP C 282 22.29 -5.16 -60.60
N HIS C 283 22.71 -5.08 -59.35
CA HIS C 283 23.69 -6.01 -58.84
C HIS C 283 23.12 -7.27 -58.22
N THR C 284 24.01 -8.23 -58.01
CA THR C 284 23.69 -9.50 -57.38
C THR C 284 24.80 -9.69 -56.36
N VAL C 285 24.44 -9.65 -55.08
CA VAL C 285 25.40 -9.76 -54.01
C VAL C 285 25.56 -11.16 -53.47
N LEU C 286 26.80 -11.53 -53.18
CA LEU C 286 27.13 -12.82 -52.61
C LEU C 286 27.96 -12.59 -51.36
N PHE C 287 27.48 -13.10 -50.23
CA PHE C 287 28.21 -12.95 -48.97
C PHE C 287 28.92 -14.22 -48.57
N GLN C 288 30.16 -14.05 -48.10
CA GLN C 288 30.96 -15.15 -47.58
C GLN C 288 30.73 -14.95 -46.09
N GLY C 289 29.76 -15.66 -45.55
CA GLY C 289 29.41 -15.52 -44.15
C GLY C 289 27.93 -15.18 -44.07
N ALA C 290 27.28 -15.59 -42.99
CA ALA C 290 25.87 -15.30 -42.85
C ALA C 290 25.57 -14.90 -41.42
N GLY C 291 26.41 -14.04 -40.84
CA GLY C 291 26.21 -13.63 -39.46
C GLY C 291 25.83 -12.18 -39.23
N GLU C 292 26.27 -11.66 -38.08
CA GLU C 292 26.00 -10.29 -37.69
C GLU C 292 26.25 -9.29 -38.82
N ALA C 293 27.44 -9.32 -39.39
CA ALA C 293 27.76 -8.39 -40.46
C ALA C 293 26.94 -8.70 -41.70
N ALA C 294 26.98 -9.95 -42.13
CA ALA C 294 26.26 -10.36 -43.34
C ALA C 294 24.77 -9.98 -43.34
N LEU C 295 24.05 -10.37 -42.29
CA LEU C 295 22.62 -10.08 -42.20
C LEU C 295 22.33 -8.60 -42.09
N GLY C 296 23.18 -7.89 -41.35
CA GLY C 296 22.97 -6.47 -41.18
C GLY C 296 23.16 -5.73 -42.48
N ILE C 297 24.23 -6.05 -43.20
CA ILE C 297 24.54 -5.41 -44.47
C ILE C 297 23.47 -5.76 -45.48
N ALA C 298 23.11 -7.04 -45.51
CA ALA C 298 22.11 -7.54 -46.43
C ALA C 298 20.82 -6.75 -46.24
N ASN C 299 20.45 -6.54 -44.99
CA ASN C 299 19.24 -5.80 -44.65
C ASN C 299 19.30 -4.36 -45.15
N LEU C 300 20.44 -3.69 -44.94
CA LEU C 300 20.55 -2.31 -45.39
C LEU C 300 20.52 -2.24 -46.90
N ILE C 301 21.19 -3.18 -47.58
CA ILE C 301 21.18 -3.17 -49.04
C ILE C 301 19.75 -3.25 -49.56
N VAL C 302 18.96 -4.15 -49.00
CA VAL C 302 17.57 -4.31 -49.40
C VAL C 302 16.83 -2.99 -49.27
N MSE C 303 16.93 -2.35 -48.12
CA MSE C 303 16.26 -1.07 -47.91
C MSE C 303 16.72 -0.09 -48.99
O MSE C 303 15.92 0.65 -49.53
CB MSE C 303 16.58 -0.50 -46.53
CG MSE C 303 16.15 -1.43 -45.41
SE MSE C 303 16.42 -0.70 -43.64
CE MSE C 303 15.87 1.13 -43.93
N ALA C 304 18.01 -0.11 -49.30
CA ALA C 304 18.60 0.76 -50.31
C ALA C 304 18.00 0.49 -51.68
N MSE C 305 17.81 -0.79 -52.00
CA MSE C 305 17.25 -1.15 -53.30
C MSE C 305 15.78 -0.75 -53.40
O MSE C 305 15.32 -0.33 -54.46
CB MSE C 305 17.39 -2.65 -53.56
CG MSE C 305 18.79 -3.06 -53.95
SE MSE C 305 18.98 -4.96 -54.25
CE MSE C 305 19.17 -5.57 -52.44
N GLN C 306 15.05 -0.87 -52.30
CA GLN C 306 13.65 -0.48 -52.31
C GLN C 306 13.54 1.01 -52.54
N LYS C 307 14.50 1.77 -52.03
CA LYS C 307 14.47 3.21 -52.21
C LYS C 307 14.73 3.57 -53.66
N GLU C 308 15.15 2.60 -54.47
CA GLU C 308 15.38 2.87 -55.89
C GLU C 308 14.08 2.60 -56.65
N GLY C 309 13.13 1.96 -55.97
CA GLY C 309 11.85 1.64 -56.58
C GLY C 309 11.52 0.16 -56.59
N VAL C 310 12.54 -0.67 -56.39
CA VAL C 310 12.36 -2.12 -56.38
C VAL C 310 11.56 -2.57 -55.15
N SER C 311 10.75 -3.61 -55.32
CA SER C 311 9.95 -4.13 -54.21
C SER C 311 10.84 -4.93 -53.29
N LYS C 312 10.42 -5.10 -52.04
CA LYS C 312 11.19 -5.83 -51.05
C LYS C 312 11.52 -7.25 -51.52
N GLU C 313 10.54 -7.93 -52.09
CA GLU C 313 10.76 -9.28 -52.56
C GLU C 313 11.79 -9.35 -53.68
N GLU C 314 11.66 -8.45 -54.65
CA GLU C 314 12.58 -8.41 -55.78
C GLU C 314 14.02 -8.16 -55.29
N ALA C 315 14.16 -7.27 -54.31
CA ALA C 315 15.47 -6.93 -53.76
C ALA C 315 16.13 -8.11 -53.06
N ILE C 316 15.35 -8.81 -52.25
CA ILE C 316 15.87 -9.97 -51.53
C ILE C 316 16.36 -11.03 -52.49
N LYS C 317 15.76 -11.10 -53.68
CA LYS C 317 16.15 -12.11 -54.64
C LYS C 317 17.56 -11.92 -55.17
N ARG C 318 18.09 -10.71 -55.00
CA ARG C 318 19.43 -10.43 -55.51
C ARG C 318 20.54 -10.67 -54.51
N ILE C 319 20.20 -11.18 -53.33
CA ILE C 319 21.20 -11.40 -52.29
C ILE C 319 21.34 -12.85 -51.91
N TRP C 320 22.59 -13.36 -51.99
CA TRP C 320 22.90 -14.75 -51.66
C TRP C 320 23.90 -14.78 -50.53
N MSE C 321 23.86 -15.84 -49.71
CA MSE C 321 24.75 -15.99 -48.58
C MSE C 321 25.27 -17.41 -48.46
O MSE C 321 24.60 -18.38 -48.83
CB MSE C 321 24.05 -15.66 -47.27
CG MSE C 321 23.32 -14.34 -47.24
SE MSE C 321 22.74 -13.94 -45.42
CE MSE C 321 22.25 -12.11 -45.63
N VAL C 322 26.48 -17.52 -47.90
CA VAL C 322 27.15 -18.78 -47.69
C VAL C 322 27.58 -18.81 -46.21
N ASP C 323 27.33 -19.91 -45.50
CA ASP C 323 27.77 -19.98 -44.12
C ASP C 323 28.70 -21.18 -43.97
N SER C 324 29.04 -21.55 -42.74
CA SER C 324 29.93 -22.69 -42.52
C SER C 324 29.44 -24.01 -43.13
N LYS C 325 28.14 -24.10 -43.40
CA LYS C 325 27.57 -25.32 -43.97
C LYS C 325 27.46 -25.24 -45.48
N GLY C 326 27.73 -24.06 -46.01
CA GLY C 326 27.67 -23.87 -47.46
C GLY C 326 26.66 -22.83 -47.91
N LEU C 327 26.28 -22.90 -49.18
CA LEU C 327 25.31 -21.97 -49.74
C LEU C 327 23.96 -22.10 -49.03
N ILE C 328 23.36 -20.96 -48.69
CA ILE C 328 22.06 -20.97 -48.02
C ILE C 328 20.94 -21.04 -49.06
N VAL C 329 20.29 -22.19 -49.12
CA VAL C 329 19.22 -22.42 -50.09
C VAL C 329 17.99 -22.95 -49.40
N LYS C 330 16.84 -22.78 -50.04
CA LYS C 330 15.58 -23.25 -49.48
C LYS C 330 15.61 -24.72 -49.05
N GLY C 331 15.02 -25.01 -47.90
CA GLY C 331 14.97 -26.38 -47.40
C GLY C 331 16.28 -26.96 -46.88
N ARG C 332 17.33 -26.15 -46.89
CA ARG C 332 18.64 -26.57 -46.40
C ARG C 332 18.55 -26.77 -44.89
N ALA C 333 19.35 -27.70 -44.36
CA ALA C 333 19.36 -27.98 -42.93
C ALA C 333 20.13 -26.90 -42.17
N SER C 334 19.99 -26.90 -40.86
CA SER C 334 20.65 -25.93 -39.99
C SER C 334 20.54 -24.48 -40.47
N LEU C 335 19.31 -24.01 -40.65
CA LEU C 335 19.07 -22.65 -41.10
C LEU C 335 18.34 -21.88 -40.00
N THR C 336 18.60 -20.58 -39.96
CA THR C 336 18.01 -19.69 -38.96
C THR C 336 16.90 -18.84 -39.58
N PRO C 337 15.90 -18.44 -38.77
CA PRO C 337 14.81 -17.62 -39.31
C PRO C 337 15.36 -16.48 -40.14
N GLU C 338 16.42 -15.87 -39.65
CA GLU C 338 17.05 -14.75 -40.34
C GLU C 338 17.69 -15.20 -41.63
N LYS C 339 18.36 -16.35 -41.61
CA LYS C 339 18.99 -16.84 -42.81
C LYS C 339 17.96 -17.29 -43.85
N GLU C 340 16.94 -18.03 -43.39
CA GLU C 340 15.87 -18.56 -44.25
C GLU C 340 15.33 -17.44 -45.12
N HIS C 341 15.53 -16.22 -44.67
CA HIS C 341 15.07 -15.03 -45.37
C HIS C 341 15.71 -14.91 -46.74
N PHE C 342 16.93 -15.45 -46.87
CA PHE C 342 17.65 -15.38 -48.12
C PHE C 342 17.87 -16.76 -48.71
N ALA C 343 17.08 -17.72 -48.27
CA ALA C 343 17.20 -19.07 -48.78
C ALA C 343 16.43 -19.13 -50.09
N HIS C 344 17.17 -19.20 -51.19
CA HIS C 344 16.56 -19.26 -52.51
C HIS C 344 16.48 -20.69 -53.02
N GLU C 345 15.59 -20.95 -53.97
CA GLU C 345 15.47 -22.28 -54.55
C GLU C 345 16.73 -22.45 -55.36
N HIS C 346 17.51 -23.46 -55.02
CA HIS C 346 18.77 -23.68 -55.72
C HIS C 346 19.35 -24.94 -55.12
N CYS C 347 20.18 -25.65 -55.87
CA CYS C 347 20.78 -26.88 -55.33
C CYS C 347 21.81 -26.50 -54.28
N GLU C 348 22.04 -27.38 -53.32
CA GLU C 348 23.02 -27.10 -52.28
C GLU C 348 24.43 -27.10 -52.87
N MSE C 349 25.30 -26.28 -52.29
CA MSE C 349 26.71 -26.16 -52.71
C MSE C 349 27.56 -25.84 -51.48
O MSE C 349 27.09 -25.15 -50.57
CB MSE C 349 26.87 -25.05 -53.74
CG MSE C 349 26.03 -25.20 -55.00
SE MSE C 349 26.62 -23.98 -56.42
CE MSE C 349 28.09 -24.99 -57.12
N LYS C 350 28.80 -26.31 -51.47
CA LYS C 350 29.71 -26.07 -50.35
C LYS C 350 30.99 -25.37 -50.73
N ASN C 351 31.45 -25.60 -51.96
CA ASN C 351 32.67 -24.97 -52.43
C ASN C 351 32.43 -23.54 -52.87
N LEU C 352 33.12 -22.61 -52.23
CA LEU C 352 32.96 -21.19 -52.55
C LEU C 352 33.21 -20.86 -54.01
N GLU C 353 34.29 -21.42 -54.56
CA GLU C 353 34.61 -21.12 -55.96
C GLU C 353 33.49 -21.54 -56.90
N ASP C 354 32.94 -22.73 -56.68
CA ASP C 354 31.86 -23.24 -57.51
C ASP C 354 30.64 -22.31 -57.36
N ILE C 355 30.39 -21.88 -56.12
CA ILE C 355 29.26 -21.00 -55.85
C ILE C 355 29.44 -19.68 -56.61
N VAL C 356 30.66 -19.17 -56.64
CA VAL C 356 30.91 -17.93 -57.34
C VAL C 356 30.67 -18.14 -58.83
N LYS C 357 31.10 -19.27 -59.36
CA LYS C 357 30.90 -19.54 -60.78
C LYS C 357 29.44 -19.72 -61.13
N ASP C 358 28.67 -20.23 -60.18
CA ASP C 358 27.24 -20.47 -60.41
C ASP C 358 26.39 -19.21 -60.31
N ILE C 359 26.43 -18.56 -59.16
CA ILE C 359 25.65 -17.34 -58.92
C ILE C 359 26.12 -16.16 -59.78
N LYS C 360 27.41 -16.15 -60.11
CA LYS C 360 27.98 -15.06 -60.90
C LYS C 360 27.57 -13.68 -60.36
N PRO C 361 27.89 -13.37 -59.10
CA PRO C 361 27.53 -12.08 -58.49
C PRO C 361 28.39 -10.94 -59.02
N THR C 362 27.91 -9.72 -58.82
CA THR C 362 28.64 -8.54 -59.26
C THR C 362 29.31 -7.93 -58.06
N VAL C 363 28.91 -8.38 -56.88
CA VAL C 363 29.48 -7.89 -55.63
C VAL C 363 29.79 -9.08 -54.74
N LEU C 364 31.04 -9.15 -54.27
CA LEU C 364 31.48 -10.23 -53.43
C LEU C 364 31.87 -9.63 -52.10
N ILE C 365 31.14 -9.94 -51.04
CA ILE C 365 31.46 -9.40 -49.73
C ILE C 365 31.84 -10.53 -48.78
N GLY C 366 32.99 -10.34 -48.14
CA GLY C 366 33.50 -11.33 -47.20
C GLY C 366 33.41 -10.87 -45.76
N VAL C 367 32.65 -11.61 -44.97
CA VAL C 367 32.49 -11.31 -43.55
C VAL C 367 32.41 -12.62 -42.77
N ALA C 368 33.36 -13.51 -43.00
CA ALA C 368 33.39 -14.80 -42.32
C ALA C 368 34.71 -15.05 -41.60
N ALA C 369 35.58 -14.05 -41.63
CA ALA C 369 36.88 -14.17 -40.99
C ALA C 369 37.67 -15.36 -41.51
N ILE C 370 37.52 -15.66 -42.80
CA ILE C 370 38.24 -16.77 -43.35
C ILE C 370 39.43 -16.30 -44.17
N GLY C 371 40.60 -16.52 -43.57
CA GLY C 371 41.88 -16.18 -44.17
C GLY C 371 41.88 -15.58 -45.56
N GLY C 372 42.37 -16.33 -46.54
CA GLY C 372 42.40 -15.81 -47.89
C GLY C 372 41.30 -16.45 -48.71
N ALA C 373 40.08 -16.41 -48.19
CA ALA C 373 38.94 -17.00 -48.89
C ALA C 373 38.86 -16.61 -50.35
N PHE C 374 39.13 -15.34 -50.64
CA PHE C 374 39.06 -14.88 -52.02
C PHE C 374 40.33 -15.22 -52.78
N THR C 375 40.43 -16.48 -53.15
CA THR C 375 41.57 -17.01 -53.89
C THR C 375 41.76 -16.34 -55.25
N GLN C 376 42.90 -16.63 -55.88
CA GLN C 376 43.19 -16.07 -57.18
C GLN C 376 42.13 -16.53 -58.19
N GLN C 377 41.74 -17.80 -58.10
CA GLN C 377 40.73 -18.35 -59.00
C GLN C 377 39.44 -17.54 -58.86
N ILE C 378 38.98 -17.39 -57.62
CA ILE C 378 37.75 -16.66 -57.38
C ILE C 378 37.86 -15.23 -57.90
N LEU C 379 39.00 -14.59 -57.64
CA LEU C 379 39.22 -13.21 -58.09
C LEU C 379 39.25 -13.10 -59.60
N GLN C 380 39.77 -14.13 -60.26
CA GLN C 380 39.84 -14.16 -61.71
C GLN C 380 38.44 -14.36 -62.28
N ASP C 381 37.68 -15.26 -61.67
CA ASP C 381 36.31 -15.55 -62.09
C ASP C 381 35.48 -14.25 -62.02
N MSE C 382 35.60 -13.55 -60.90
CA MSE C 382 34.87 -12.31 -60.71
C MSE C 382 35.19 -11.28 -61.79
O MSE C 382 34.31 -10.58 -62.29
CB MSE C 382 35.17 -11.73 -59.33
CG MSE C 382 34.03 -10.95 -58.71
SE MSE C 382 32.56 -12.09 -58.19
CE MSE C 382 33.54 -13.47 -57.31
N ALA C 383 36.46 -11.20 -62.17
CA ALA C 383 36.87 -10.24 -63.20
C ALA C 383 36.47 -10.76 -64.58
N ALA C 384 36.08 -12.04 -64.63
CA ALA C 384 35.65 -12.69 -65.87
C ALA C 384 34.20 -12.36 -66.19
N PHE C 385 33.30 -12.52 -65.22
CA PHE C 385 31.92 -12.17 -65.54
C PHE C 385 31.51 -10.77 -65.13
N ASN C 386 32.47 -9.94 -64.78
CA ASN C 386 32.16 -8.56 -64.42
C ASN C 386 33.22 -7.66 -65.01
N LYS C 387 32.78 -6.62 -65.69
CA LYS C 387 33.70 -5.69 -66.29
C LYS C 387 34.51 -5.11 -65.13
N ARG C 388 33.81 -4.76 -64.05
CA ARG C 388 34.44 -4.18 -62.86
C ARG C 388 33.81 -4.72 -61.60
N PRO C 389 34.26 -5.90 -61.14
CA PRO C 389 33.74 -6.54 -59.93
C PRO C 389 34.05 -5.74 -58.68
N ILE C 390 33.15 -5.83 -57.71
CA ILE C 390 33.31 -5.12 -56.46
C ILE C 390 33.61 -6.18 -55.41
N ILE C 391 34.83 -6.09 -54.86
CA ILE C 391 35.34 -7.02 -53.87
C ILE C 391 35.55 -6.35 -52.51
N PHE C 392 34.89 -6.87 -51.49
CA PHE C 392 34.98 -6.33 -50.14
C PHE C 392 35.50 -7.40 -49.20
N ALA C 393 36.74 -7.25 -48.73
CA ALA C 393 37.31 -8.18 -47.76
C ALA C 393 37.18 -7.44 -46.44
N LEU C 394 35.99 -7.55 -45.85
CA LEU C 394 35.70 -6.84 -44.62
C LEU C 394 36.16 -7.49 -43.32
N SER C 395 36.56 -8.75 -43.34
CA SER C 395 36.98 -9.40 -42.10
C SER C 395 38.22 -8.75 -41.46
N ASN C 396 38.20 -8.65 -40.12
CA ASN C 396 39.29 -8.06 -39.35
C ASN C 396 39.79 -9.07 -38.32
N PRO C 397 41.07 -8.96 -37.90
CA PRO C 397 42.07 -7.98 -38.35
C PRO C 397 42.67 -8.39 -39.68
N THR C 398 43.74 -7.73 -40.09
CA THR C 398 44.36 -8.02 -41.38
C THR C 398 44.64 -9.48 -41.69
N SER C 399 44.99 -10.27 -40.68
CA SER C 399 45.29 -11.68 -40.93
C SER C 399 44.05 -12.47 -41.30
N LYS C 400 42.89 -11.85 -41.16
CA LYS C 400 41.62 -12.50 -41.47
C LYS C 400 40.97 -12.00 -42.77
N ALA C 401 41.57 -10.98 -43.39
CA ALA C 401 41.05 -10.39 -44.63
C ALA C 401 40.95 -11.42 -45.75
N GLU C 402 39.76 -11.52 -46.36
CA GLU C 402 39.50 -12.46 -47.44
C GLU C 402 40.63 -12.46 -48.48
N CYS C 403 41.21 -11.29 -48.71
CA CYS C 403 42.32 -11.15 -49.64
C CYS C 403 42.99 -9.79 -49.46
N THR C 404 44.16 -9.60 -50.06
CA THR C 404 44.90 -8.36 -49.97
C THR C 404 44.56 -7.41 -51.11
N ALA C 405 44.89 -6.14 -50.94
CA ALA C 405 44.63 -5.15 -51.98
C ALA C 405 45.47 -5.54 -53.19
N GLU C 406 46.70 -5.95 -52.95
CA GLU C 406 47.61 -6.36 -54.00
C GLU C 406 47.03 -7.52 -54.77
N GLN C 407 46.57 -8.54 -54.06
CA GLN C 407 46.02 -9.72 -54.69
C GLN C 407 44.78 -9.41 -55.51
N LEU C 408 43.87 -8.63 -54.94
CA LEU C 408 42.65 -8.27 -55.63
C LEU C 408 42.98 -7.58 -56.96
N TYR C 409 43.78 -6.53 -56.91
CA TYR C 409 44.18 -5.79 -58.09
C TYR C 409 44.99 -6.63 -59.08
N LYS C 410 45.81 -7.52 -58.57
CA LYS C 410 46.63 -8.35 -59.44
C LYS C 410 45.79 -9.36 -60.21
N TYR C 411 44.95 -10.11 -59.51
CA TYR C 411 44.15 -11.12 -60.16
C TYR C 411 42.88 -10.66 -60.88
N THR C 412 42.53 -9.38 -60.76
CA THR C 412 41.36 -8.88 -61.48
C THR C 412 41.91 -7.99 -62.59
N GLU C 413 43.23 -8.03 -62.75
CA GLU C 413 43.91 -7.25 -63.77
C GLU C 413 43.59 -5.76 -63.63
N GLY C 414 43.57 -5.29 -62.39
CA GLY C 414 43.31 -3.89 -62.12
C GLY C 414 41.88 -3.41 -62.34
N ARG C 415 40.97 -4.32 -62.64
CA ARG C 415 39.58 -3.94 -62.88
C ARG C 415 38.68 -4.07 -61.64
N GLY C 416 39.16 -4.82 -60.66
CA GLY C 416 38.37 -5.01 -59.45
C GLY C 416 38.34 -3.81 -58.54
N ILE C 417 37.15 -3.49 -58.03
CA ILE C 417 36.93 -2.38 -57.11
C ILE C 417 37.05 -2.96 -55.71
N PHE C 418 38.06 -2.53 -54.97
CA PHE C 418 38.34 -3.09 -53.64
C PHE C 418 38.09 -2.20 -52.43
N ALA C 419 37.88 -2.85 -51.28
CA ALA C 419 37.68 -2.19 -50.00
C ALA C 419 37.88 -3.29 -48.97
N SER C 420 38.44 -2.94 -47.82
CA SER C 420 38.68 -3.94 -46.79
C SER C 420 38.43 -3.34 -45.42
N GLY C 421 38.22 -4.23 -44.44
CA GLY C 421 37.98 -3.79 -43.08
C GLY C 421 39.27 -3.23 -42.46
N SER C 422 40.39 -3.86 -42.79
CA SER C 422 41.67 -3.42 -42.27
C SER C 422 42.45 -2.74 -43.36
N PRO C 423 43.32 -1.80 -42.98
CA PRO C 423 44.14 -1.03 -43.92
C PRO C 423 45.16 -1.78 -44.75
N PHE C 424 45.28 -1.36 -46.01
CA PHE C 424 46.24 -1.89 -46.96
C PHE C 424 46.91 -0.72 -47.65
N ASP C 425 48.20 -0.83 -47.91
CA ASP C 425 48.93 0.26 -48.55
C ASP C 425 48.52 0.42 -49.99
N PRO C 426 48.74 1.64 -50.52
CA PRO C 426 48.40 1.95 -51.91
C PRO C 426 49.04 0.89 -52.81
N VAL C 427 48.48 0.71 -54.00
CA VAL C 427 49.01 -0.26 -54.93
C VAL C 427 49.23 0.42 -56.29
N THR C 428 50.43 0.21 -56.85
CA THR C 428 50.74 0.78 -58.14
C THR C 428 50.64 -0.32 -59.17
N LEU C 429 49.63 -0.23 -60.01
CA LEU C 429 49.38 -1.21 -61.06
C LEU C 429 50.46 -1.19 -62.13
N PRO C 430 50.57 -2.25 -62.93
CA PRO C 430 51.59 -2.29 -63.98
C PRO C 430 51.51 -1.07 -64.91
N SER C 431 50.31 -0.54 -65.08
CA SER C 431 50.11 0.64 -65.93
C SER C 431 50.79 1.87 -65.35
N GLY C 432 51.14 1.78 -64.06
CA GLY C 432 51.80 2.89 -63.39
C GLY C 432 50.82 3.63 -62.50
N GLN C 433 49.53 3.40 -62.70
CA GLN C 433 48.52 4.06 -61.90
C GLN C 433 48.51 3.53 -60.48
N THR C 434 48.36 4.42 -59.51
CA THR C 434 48.34 4.01 -58.11
C THR C 434 46.94 4.09 -57.55
N LEU C 435 46.49 2.98 -56.97
CA LEU C 435 45.15 2.91 -56.39
C LEU C 435 45.23 2.94 -54.87
N TYR C 436 44.26 3.60 -54.26
CA TYR C 436 44.22 3.70 -52.81
C TYR C 436 43.00 2.97 -52.26
N PRO C 437 43.14 1.65 -52.02
CA PRO C 437 42.02 0.87 -51.49
C PRO C 437 41.41 1.52 -50.26
N GLY C 438 40.09 1.68 -50.29
CA GLY C 438 39.41 2.30 -49.18
C GLY C 438 39.23 1.32 -48.04
N GLN C 439 38.91 1.85 -46.88
CA GLN C 439 38.71 1.01 -45.72
C GLN C 439 37.24 1.00 -45.30
N GLY C 440 36.55 -0.09 -45.62
CA GLY C 440 35.15 -0.22 -45.23
C GLY C 440 35.13 -0.73 -43.80
N ASN C 441 35.14 0.21 -42.85
CA ASN C 441 35.17 -0.14 -41.44
C ASN C 441 34.21 0.76 -40.65
N ASN C 442 33.58 0.19 -39.62
CA ASN C 442 32.61 0.94 -38.77
C ASN C 442 33.13 2.32 -38.43
N SER C 443 34.43 2.41 -38.24
CA SER C 443 35.07 3.67 -37.90
C SER C 443 34.51 4.85 -38.68
N TYR C 444 33.89 4.59 -39.83
CA TYR C 444 33.32 5.65 -40.65
C TYR C 444 31.93 6.01 -40.16
N VAL C 445 31.31 5.08 -39.45
CA VAL C 445 29.94 5.29 -38.97
C VAL C 445 29.72 5.65 -37.51
N PHE C 446 30.18 4.82 -36.58
CA PHE C 446 29.90 5.11 -35.18
C PHE C 446 30.35 6.46 -34.64
N PRO C 447 31.52 6.98 -35.08
CA PRO C 447 31.92 8.28 -34.55
C PRO C 447 30.86 9.34 -34.83
N GLY C 448 30.53 9.50 -36.11
CA GLY C 448 29.53 10.48 -36.51
C GLY C 448 28.13 10.20 -35.98
N VAL C 449 27.75 8.93 -35.89
CA VAL C 449 26.44 8.56 -35.38
C VAL C 449 26.36 8.91 -33.91
N ALA C 450 27.48 8.77 -33.22
CA ALA C 450 27.50 9.07 -31.80
C ALA C 450 27.42 10.57 -31.58
N LEU C 451 28.21 11.32 -32.34
CA LEU C 451 28.24 12.77 -32.23
C LEU C 451 26.84 13.30 -32.48
N GLY C 452 26.12 12.63 -33.38
CA GLY C 452 24.77 13.03 -33.71
C GLY C 452 23.74 12.69 -32.65
N VAL C 453 23.73 11.45 -32.19
CA VAL C 453 22.75 11.07 -31.18
C VAL C 453 22.92 11.88 -29.91
N ILE C 454 24.15 11.95 -29.43
CA ILE C 454 24.44 12.68 -28.23
C ILE C 454 24.05 14.14 -28.33
N SER C 455 24.34 14.75 -29.47
CA SER C 455 24.06 16.15 -29.67
C SER C 455 22.58 16.55 -29.61
N CYS C 456 21.72 15.80 -30.30
CA CYS C 456 20.29 16.11 -30.32
C CYS C 456 19.47 15.19 -29.42
N GLY C 457 20.13 14.21 -28.82
CA GLY C 457 19.42 13.31 -27.93
C GLY C 457 18.34 12.47 -28.58
N LEU C 458 18.67 11.84 -29.70
CA LEU C 458 17.74 10.98 -30.41
C LEU C 458 17.38 9.83 -29.48
N LYS C 459 16.10 9.68 -29.14
CA LYS C 459 15.67 8.61 -28.22
C LYS C 459 16.05 7.19 -28.61
N HIS C 460 15.78 6.84 -29.86
CA HIS C 460 16.09 5.50 -30.37
C HIS C 460 16.62 5.63 -31.79
N ILE C 461 17.48 4.69 -32.17
CA ILE C 461 18.10 4.68 -33.50
C ILE C 461 17.51 3.63 -34.42
N GLY C 462 16.67 4.06 -35.36
CA GLY C 462 16.10 3.11 -36.30
C GLY C 462 17.04 2.86 -37.46
N ASP C 463 16.77 1.84 -38.27
CA ASP C 463 17.65 1.56 -39.41
C ASP C 463 17.76 2.70 -40.42
N ASP C 464 16.73 3.52 -40.50
CA ASP C 464 16.76 4.65 -41.41
C ASP C 464 18.03 5.48 -41.18
N VAL C 465 18.41 5.64 -39.91
CA VAL C 465 19.59 6.41 -39.54
C VAL C 465 20.84 5.88 -40.22
N PHE C 466 20.99 4.56 -40.23
CA PHE C 466 22.16 3.97 -40.84
C PHE C 466 22.11 4.08 -42.36
N LEU C 467 20.93 3.93 -42.94
CA LEU C 467 20.78 4.04 -44.39
C LEU C 467 21.13 5.45 -44.84
N THR C 468 20.61 6.46 -44.15
CA THR C 468 20.89 7.83 -44.51
C THR C 468 22.36 8.15 -44.29
N THR C 469 22.93 7.61 -43.22
CA THR C 469 24.33 7.83 -42.91
C THR C 469 25.17 7.29 -44.06
N ALA C 470 24.78 6.14 -44.59
CA ALA C 470 25.51 5.56 -45.71
C ALA C 470 25.50 6.54 -46.89
N GLU C 471 24.36 7.20 -47.06
CA GLU C 471 24.22 8.17 -48.15
C GLU C 471 25.07 9.39 -47.89
N VAL C 472 25.14 9.80 -46.63
CA VAL C 472 25.94 10.96 -46.28
C VAL C 472 27.42 10.72 -46.57
N ILE C 473 27.89 9.52 -46.25
CA ILE C 473 29.28 9.15 -46.47
C ILE C 473 29.61 9.08 -47.98
N ALA C 474 28.77 8.39 -48.74
CA ALA C 474 28.97 8.26 -50.17
C ALA C 474 28.98 9.64 -50.83
N GLN C 475 28.20 10.54 -50.26
CA GLN C 475 28.11 11.91 -50.77
C GLN C 475 29.47 12.60 -50.66
N GLU C 476 30.28 12.19 -49.68
CA GLU C 476 31.58 12.80 -49.46
C GLU C 476 32.72 12.19 -50.27
N VAL C 477 32.41 11.23 -51.14
CA VAL C 477 33.43 10.62 -51.98
C VAL C 477 33.48 11.43 -53.29
N SER C 478 34.58 12.14 -53.51
CA SER C 478 34.72 12.96 -54.72
C SER C 478 35.06 12.16 -55.97
N GLU C 479 34.94 12.82 -57.12
CA GLU C 479 35.25 12.20 -58.40
C GLU C 479 36.72 11.75 -58.36
N GLU C 480 37.57 12.62 -57.80
CA GLU C 480 38.99 12.32 -57.66
C GLU C 480 39.19 11.08 -56.79
N ASN C 481 38.47 10.99 -55.68
CA ASN C 481 38.57 9.85 -54.78
C ASN C 481 38.32 8.56 -55.56
N LEU C 482 37.21 8.55 -56.27
CA LEU C 482 36.81 7.41 -57.09
C LEU C 482 37.86 7.04 -58.13
N GLN C 483 38.43 8.04 -58.79
CA GLN C 483 39.43 7.77 -59.82
C GLN C 483 40.68 7.10 -59.28
N GLU C 484 40.89 7.21 -57.97
CA GLU C 484 42.06 6.60 -57.33
C GLU C 484 41.71 5.21 -56.83
N GLY C 485 40.43 4.86 -56.94
CA GLY C 485 39.97 3.56 -56.48
C GLY C 485 39.41 3.61 -55.08
N ARG C 486 39.17 4.81 -54.58
CA ARG C 486 38.64 5.03 -53.22
C ARG C 486 37.10 4.97 -53.16
N LEU C 487 36.56 4.07 -52.34
CA LEU C 487 35.11 3.97 -52.20
C LEU C 487 34.64 4.78 -50.99
N TYR C 488 35.58 5.33 -50.24
CA TYR C 488 35.25 6.13 -49.07
C TYR C 488 36.10 7.38 -49.04
N PRO C 489 35.60 8.45 -48.41
CA PRO C 489 36.44 9.65 -48.39
C PRO C 489 37.73 9.34 -47.65
N PRO C 490 38.83 10.02 -48.00
CA PRO C 490 40.13 9.80 -47.35
C PRO C 490 39.99 9.93 -45.83
N LEU C 491 40.71 9.06 -45.12
CA LEU C 491 40.69 9.02 -43.67
C LEU C 491 41.03 10.36 -43.04
N VAL C 492 41.93 11.10 -43.66
CA VAL C 492 42.31 12.37 -43.08
C VAL C 492 41.14 13.33 -42.98
N THR C 493 40.06 13.07 -43.71
CA THR C 493 38.90 13.95 -43.66
C THR C 493 37.77 13.36 -42.82
N ILE C 494 38.04 12.27 -42.13
CA ILE C 494 37.02 11.60 -41.33
C ILE C 494 36.30 12.45 -40.29
N GLN C 495 36.97 13.47 -39.77
CA GLN C 495 36.34 14.32 -38.77
C GLN C 495 35.28 15.19 -39.42
N GLN C 496 35.54 15.58 -40.66
CA GLN C 496 34.61 16.42 -41.41
C GLN C 496 33.40 15.57 -41.83
N VAL C 497 33.64 14.31 -42.16
CA VAL C 497 32.58 13.42 -42.56
C VAL C 497 31.67 13.18 -41.35
N SER C 498 32.28 12.84 -40.22
CA SER C 498 31.53 12.58 -38.99
C SER C 498 30.59 13.74 -38.66
N LEU C 499 31.08 14.96 -38.81
CA LEU C 499 30.27 16.14 -38.54
C LEU C 499 29.02 16.11 -39.42
N LYS C 500 29.21 15.90 -40.71
CA LYS C 500 28.10 15.85 -41.65
C LYS C 500 27.12 14.78 -41.23
N ILE C 501 27.64 13.62 -40.84
CA ILE C 501 26.79 12.53 -40.38
C ILE C 501 25.91 13.01 -39.22
N ALA C 502 26.55 13.66 -38.24
CA ALA C 502 25.86 14.16 -37.06
C ALA C 502 24.81 15.21 -37.35
N VAL C 503 25.15 16.19 -38.17
CA VAL C 503 24.21 17.26 -38.51
C VAL C 503 22.99 16.70 -39.22
N ARG C 504 23.17 15.66 -40.03
CA ARG C 504 22.05 15.06 -40.75
C ARG C 504 21.17 14.27 -39.79
N ILE C 505 21.80 13.54 -38.87
CA ILE C 505 21.07 12.76 -37.89
C ILE C 505 20.23 13.70 -37.03
N ALA C 506 20.80 14.85 -36.71
CA ALA C 506 20.11 15.85 -35.89
C ALA C 506 18.90 16.40 -36.62
N LYS C 507 19.13 16.87 -37.84
CA LYS C 507 18.06 17.42 -38.67
C LYS C 507 16.86 16.50 -38.66
N GLU C 508 17.08 15.24 -39.00
CA GLU C 508 15.98 14.29 -39.05
C GLU C 508 15.37 14.04 -37.67
N ALA C 509 16.19 14.09 -36.62
CA ALA C 509 15.68 13.86 -35.26
C ALA C 509 14.64 14.91 -34.86
N TYR C 510 14.91 16.16 -35.22
CA TYR C 510 13.97 17.21 -34.90
C TYR C 510 12.76 17.12 -35.84
N ARG C 511 13.01 16.80 -37.10
CA ARG C 511 11.92 16.68 -38.08
C ARG C 511 10.89 15.65 -37.61
N ASN C 512 11.39 14.48 -37.21
CA ASN C 512 10.53 13.39 -36.74
C ASN C 512 10.21 13.50 -35.27
N ASN C 513 10.62 14.61 -34.68
CA ASN C 513 10.42 14.87 -33.26
C ASN C 513 10.83 13.69 -32.37
N THR C 514 12.01 13.15 -32.64
CA THR C 514 12.56 12.05 -31.87
C THR C 514 13.77 12.56 -31.12
N ALA C 515 14.03 13.86 -31.25
CA ALA C 515 15.15 14.50 -30.58
C ALA C 515 14.75 14.76 -29.14
N SER C 516 15.70 15.20 -28.33
CA SER C 516 15.43 15.46 -26.92
C SER C 516 16.01 16.81 -26.49
N THR C 517 17.07 17.24 -27.15
CA THR C 517 17.70 18.49 -26.79
C THR C 517 16.90 19.66 -27.30
N TYR C 518 16.39 20.47 -26.39
CA TYR C 518 15.60 21.63 -26.73
C TYR C 518 15.97 22.80 -25.83
N PRO C 519 15.77 24.04 -26.31
CA PRO C 519 15.22 24.35 -27.62
C PRO C 519 16.14 23.89 -28.75
N GLN C 520 15.59 23.76 -29.94
CA GLN C 520 16.38 23.34 -31.09
C GLN C 520 17.28 24.47 -31.56
N PRO C 521 18.54 24.15 -31.86
CA PRO C 521 19.45 25.21 -32.32
C PRO C 521 18.97 25.75 -33.65
N GLU C 522 19.21 27.04 -33.91
CA GLU C 522 18.79 27.63 -35.18
C GLU C 522 19.74 27.15 -36.27
N ASP C 523 20.99 26.94 -35.90
CA ASP C 523 21.99 26.45 -36.83
C ASP C 523 22.61 25.18 -36.28
N LEU C 524 22.08 24.03 -36.69
CA LEU C 524 22.59 22.76 -36.21
C LEU C 524 24.07 22.52 -36.45
N GLU C 525 24.57 22.88 -37.62
CA GLU C 525 25.98 22.67 -37.90
C GLU C 525 26.83 23.47 -36.90
N ALA C 526 26.45 24.72 -36.69
CA ALA C 526 27.17 25.57 -35.76
C ALA C 526 27.06 25.05 -34.34
N PHE C 527 25.89 24.55 -33.97
CA PHE C 527 25.72 24.03 -32.63
C PHE C 527 26.65 22.85 -32.39
N ILE C 528 26.59 21.86 -33.28
CA ILE C 528 27.42 20.67 -33.14
C ILE C 528 28.91 20.99 -33.18
N ARG C 529 29.32 21.88 -34.07
CA ARG C 529 30.73 22.24 -34.14
C ARG C 529 31.19 22.74 -32.78
N SER C 530 30.34 23.52 -32.11
CA SER C 530 30.68 24.08 -30.81
C SER C 530 30.75 23.05 -29.71
N GLN C 531 30.22 21.86 -29.95
CA GLN C 531 30.21 20.81 -28.94
C GLN C 531 31.37 19.81 -29.08
N VAL C 532 32.04 19.85 -30.23
CA VAL C 532 33.14 18.95 -30.51
C VAL C 532 34.33 19.14 -29.55
N TYR C 533 35.06 18.06 -29.30
CA TYR C 533 36.23 18.07 -28.42
C TYR C 533 37.36 18.94 -28.95
N SER C 534 38.06 19.61 -28.04
CA SER C 534 39.16 20.45 -28.46
C SER C 534 40.46 19.84 -27.94
N THR C 535 41.42 19.72 -28.84
CA THR C 535 42.71 19.14 -28.53
C THR C 535 43.60 20.09 -27.73
N ASP C 536 43.22 21.36 -27.71
CA ASP C 536 43.99 22.36 -26.99
C ASP C 536 43.86 22.29 -25.49
N TYR C 537 44.95 22.65 -24.80
CA TYR C 537 44.98 22.64 -23.36
C TYR C 537 44.20 23.83 -22.83
N ASN C 538 43.64 23.68 -21.64
CA ASN C 538 42.87 24.75 -21.01
C ASN C 538 43.86 25.52 -20.15
N CYS C 539 43.44 26.69 -19.69
CA CYS C 539 44.29 27.52 -18.84
C CYS C 539 43.84 27.30 -17.40
N PHE C 540 44.75 26.82 -16.55
CA PHE C 540 44.41 26.54 -15.17
C PHE C 540 44.63 27.69 -14.20
N VAL C 541 44.85 28.89 -14.71
CA VAL C 541 45.05 30.05 -13.86
C VAL C 541 43.71 30.50 -13.27
N ALA C 542 43.71 30.87 -12.00
CA ALA C 542 42.46 31.32 -11.38
C ALA C 542 41.93 32.53 -12.13
N ASP C 543 40.61 32.62 -12.25
CA ASP C 543 39.97 33.74 -12.92
C ASP C 543 40.08 34.95 -11.99
N SER C 544 41.17 35.69 -12.12
CA SER C 544 41.39 36.84 -11.26
C SER C 544 40.95 38.13 -11.95
N TYR C 545 40.34 39.02 -11.18
CA TYR C 545 39.89 40.32 -11.67
C TYR C 545 39.57 41.18 -10.47
N THR C 546 39.50 42.48 -10.68
CA THR C 546 39.24 43.37 -9.57
C THR C 546 37.91 44.09 -9.61
N TRP C 547 37.51 44.59 -8.46
CA TRP C 547 36.29 45.36 -8.32
C TRP C 547 36.75 46.79 -8.15
N PRO C 548 35.83 47.76 -8.15
CA PRO C 548 36.26 49.15 -7.95
C PRO C 548 37.03 49.15 -6.63
N GLU C 549 37.67 50.23 -6.25
CA GLU C 549 38.44 50.14 -5.01
C GLU C 549 37.68 50.37 -3.72
N GLU C 550 36.58 51.08 -3.79
CA GLU C 550 35.78 51.35 -2.60
C GLU C 550 35.04 50.08 -2.19
N ALA C 551 34.63 49.29 -3.18
CA ALA C 551 33.91 48.05 -2.95
C ALA C 551 34.86 46.95 -2.49
N MSE C 552 36.15 47.14 -2.76
CA MSE C 552 37.17 46.17 -2.36
C MSE C 552 37.81 46.53 -1.02
O MSE C 552 38.60 45.77 -0.48
CB MSE C 552 38.29 46.13 -3.40
CG MSE C 552 38.10 45.14 -4.50
SE MSE C 552 39.68 45.08 -5.60
CE MSE C 552 40.44 43.41 -5.03
N LYS C 553 37.45 47.70 -0.52
CA LYS C 553 37.96 48.22 0.75
C LYS C 553 37.75 47.27 1.93
N VAL C 554 38.81 47.05 2.70
CA VAL C 554 38.73 46.18 3.86
C VAL C 554 38.41 47.01 5.10
N LYS C 555 37.39 46.60 5.84
CA LYS C 555 37.05 47.31 7.07
C LYS C 555 37.89 46.64 8.15
N LYS D 1 42.26 7.35 2.84
CA LYS D 1 41.60 7.95 1.69
C LYS D 1 41.07 6.87 0.74
N LYS D 2 40.36 7.28 -0.31
CA LYS D 2 39.74 6.33 -1.26
C LYS D 2 39.43 6.80 -2.68
N GLY D 3 38.81 5.90 -3.45
CA GLY D 3 38.45 6.19 -4.82
C GLY D 3 39.58 5.85 -5.78
N TYR D 4 39.32 6.07 -7.06
CA TYR D 4 40.31 5.82 -8.11
C TYR D 4 41.60 6.56 -7.80
N GLU D 5 41.52 7.55 -6.93
CA GLU D 5 42.68 8.34 -6.53
C GLU D 5 43.74 7.42 -5.94
N VAL D 6 43.31 6.34 -5.30
CA VAL D 6 44.21 5.35 -4.70
C VAL D 6 44.99 4.55 -5.77
N LEU D 7 44.33 4.25 -6.87
CA LEU D 7 44.99 3.49 -7.94
C LEU D 7 46.13 4.30 -8.57
N ARG D 8 46.00 5.64 -8.53
CA ARG D 8 46.98 6.56 -9.11
C ARG D 8 48.15 6.90 -8.19
N ASP D 9 48.02 6.56 -6.91
CA ASP D 9 49.05 6.83 -5.93
C ASP D 9 49.88 5.56 -5.78
N PRO D 10 51.08 5.53 -6.38
CA PRO D 10 51.96 4.35 -6.32
C PRO D 10 52.32 3.91 -4.90
N HIS D 11 52.16 4.78 -3.93
CA HIS D 11 52.48 4.40 -2.57
C HIS D 11 51.37 3.49 -2.00
N LEU D 12 50.14 3.70 -2.48
CA LEU D 12 49.02 2.92 -2.01
C LEU D 12 48.60 1.80 -2.97
N ASN D 13 48.58 2.11 -4.26
CA ASN D 13 48.16 1.16 -5.30
C ASN D 13 48.71 -0.24 -5.19
N LYS D 14 47.82 -1.22 -5.18
CA LYS D 14 48.21 -2.62 -5.11
C LYS D 14 47.87 -3.32 -6.40
N GLY D 15 47.26 -2.57 -7.32
CA GLY D 15 46.88 -3.15 -8.59
C GLY D 15 45.81 -4.21 -8.36
N MSE D 16 45.95 -5.35 -9.04
CA MSE D 16 44.97 -6.40 -8.88
C MSE D 16 45.19 -7.21 -7.60
O MSE D 16 44.57 -8.26 -7.40
CB MSE D 16 45.00 -7.31 -10.11
CG MSE D 16 44.46 -6.63 -11.35
SE MSE D 16 44.64 -7.79 -12.89
CE MSE D 16 46.28 -7.12 -13.61
N ALA D 17 46.07 -6.74 -6.74
CA ALA D 17 46.34 -7.44 -5.48
C ALA D 17 45.30 -6.97 -4.45
N PHE D 18 44.52 -5.97 -4.84
CA PHE D 18 43.48 -5.47 -3.97
C PHE D 18 42.43 -6.58 -3.87
N THR D 19 42.03 -6.88 -2.64
CA THR D 19 41.03 -7.91 -2.36
C THR D 19 39.66 -7.39 -2.75
N LEU D 20 38.72 -8.32 -2.96
CA LEU D 20 37.37 -7.96 -3.32
C LEU D 20 36.79 -7.06 -2.24
N GLU D 21 37.11 -7.37 -0.99
CA GLU D 21 36.58 -6.55 0.08
C GLU D 21 37.24 -5.19 0.09
N GLU D 22 38.55 -5.18 -0.13
CA GLU D 22 39.28 -3.92 -0.16
C GLU D 22 38.70 -3.05 -1.25
N ARG D 23 38.50 -3.63 -2.44
CA ARG D 23 37.94 -2.86 -3.56
C ARG D 23 36.58 -2.29 -3.25
N GLN D 24 35.73 -3.08 -2.60
CA GLN D 24 34.41 -2.59 -2.27
C GLN D 24 34.45 -1.46 -1.27
N GLN D 25 35.32 -1.56 -0.26
CA GLN D 25 35.41 -0.50 0.73
C GLN D 25 36.14 0.75 0.19
N LEU D 26 37.08 0.53 -0.72
CA LEU D 26 37.86 1.63 -1.30
C LEU D 26 37.11 2.35 -2.41
N ASN D 27 35.94 1.83 -2.77
CA ASN D 27 35.14 2.42 -3.85
C ASN D 27 35.85 2.30 -5.20
N ILE D 28 36.51 1.18 -5.46
CA ILE D 28 37.18 1.00 -6.72
C ILE D 28 36.79 -0.32 -7.39
N HIS D 29 35.84 -1.03 -6.80
CA HIS D 29 35.42 -2.30 -7.39
C HIS D 29 34.85 -2.03 -8.75
N GLY D 30 35.46 -2.63 -9.76
CA GLY D 30 34.99 -2.44 -11.12
C GLY D 30 36.00 -1.69 -11.95
N LEU D 31 36.95 -1.02 -11.29
CA LEU D 31 37.96 -0.27 -12.00
C LEU D 31 39.11 -1.20 -12.32
N LEU D 32 39.08 -2.38 -11.72
CA LEU D 32 40.11 -3.38 -11.94
C LEU D 32 39.49 -4.66 -12.50
N PRO D 33 40.22 -5.36 -13.38
CA PRO D 33 39.64 -6.59 -13.93
C PRO D 33 39.30 -7.57 -12.79
N PRO D 34 38.36 -8.49 -13.03
CA PRO D 34 37.86 -9.51 -12.09
C PRO D 34 38.86 -10.59 -11.69
N CYS D 35 40.07 -10.19 -11.36
CA CYS D 35 41.10 -11.14 -11.01
C CYS D 35 41.87 -10.66 -9.78
N PHE D 36 42.17 -11.58 -8.86
CA PHE D 36 42.89 -11.24 -7.63
C PHE D 36 44.18 -12.03 -7.56
N LEU D 37 45.31 -11.33 -7.48
CA LEU D 37 46.57 -12.05 -7.42
C LEU D 37 47.51 -11.61 -6.31
N GLY D 38 48.43 -12.50 -5.96
CA GLY D 38 49.39 -12.19 -4.94
C GLY D 38 50.56 -11.48 -5.58
N GLN D 39 51.46 -10.98 -4.74
CA GLN D 39 52.64 -10.28 -5.19
C GLN D 39 53.44 -11.13 -6.17
N ASP D 40 53.69 -12.40 -5.84
CA ASP D 40 54.46 -13.23 -6.73
C ASP D 40 53.86 -13.42 -8.13
N ALA D 41 52.53 -13.45 -8.21
CA ALA D 41 51.89 -13.59 -9.51
C ALA D 41 52.13 -12.29 -10.26
N GLN D 42 52.19 -11.19 -9.52
CA GLN D 42 52.44 -9.89 -10.12
C GLN D 42 53.89 -9.80 -10.59
N VAL D 43 54.80 -10.32 -9.79
CA VAL D 43 56.21 -10.30 -10.14
C VAL D 43 56.41 -11.07 -11.43
N TYR D 44 55.72 -12.20 -11.53
CA TYR D 44 55.81 -13.04 -12.71
C TYR D 44 55.47 -12.26 -13.98
N SER D 45 54.41 -11.47 -13.95
CA SER D 45 54.02 -10.72 -15.14
C SER D 45 55.02 -9.63 -15.43
N ILE D 46 55.65 -9.09 -14.38
CA ILE D 46 56.66 -8.05 -14.61
C ILE D 46 57.85 -8.69 -15.35
N LEU D 47 58.26 -9.87 -14.90
CA LEU D 47 59.38 -10.56 -15.53
C LEU D 47 59.12 -10.90 -16.99
N LYS D 48 57.89 -11.28 -17.31
CA LYS D 48 57.55 -11.59 -18.70
C LYS D 48 57.68 -10.32 -19.54
N ASN D 49 57.33 -9.18 -18.95
CA ASN D 49 57.43 -7.92 -19.66
C ASN D 49 58.85 -7.45 -19.79
N PHE D 50 59.68 -7.85 -18.83
CA PHE D 50 61.08 -7.47 -18.79
C PHE D 50 61.83 -8.30 -19.83
N GLU D 51 61.60 -9.61 -19.79
CA GLU D 51 62.22 -10.56 -20.70
C GLU D 51 62.14 -10.18 -22.16
N ARG D 52 60.94 -9.96 -22.67
CA ARG D 52 60.77 -9.64 -24.06
C ARG D 52 61.47 -8.37 -24.54
N LEU D 53 61.96 -7.53 -23.62
CA LEU D 53 62.61 -6.31 -24.04
C LEU D 53 63.99 -6.60 -24.66
N THR D 54 64.47 -5.71 -25.52
CA THR D 54 65.77 -5.93 -26.15
C THR D 54 66.68 -4.70 -26.13
N SER D 55 66.55 -3.89 -25.08
CA SER D 55 67.36 -2.67 -24.92
C SER D 55 67.41 -2.30 -23.45
N ASP D 56 68.59 -2.00 -22.94
CA ASP D 56 68.70 -1.62 -21.54
C ASP D 56 67.90 -0.36 -21.25
N LEU D 57 67.83 0.56 -22.21
CA LEU D 57 67.08 1.77 -21.98
C LEU D 57 65.61 1.40 -21.84
N ASP D 58 65.17 0.39 -22.60
CA ASP D 58 63.77 -0.02 -22.51
C ASP D 58 63.51 -0.68 -21.17
N ARG D 59 64.44 -1.53 -20.71
CA ARG D 59 64.26 -2.17 -19.41
C ARG D 59 64.26 -1.12 -18.32
N TYR D 60 65.04 -0.06 -18.52
CA TYR D 60 65.08 1.01 -17.54
C TYR D 60 63.68 1.63 -17.47
N ILE D 61 63.15 2.03 -18.62
CA ILE D 61 61.83 2.63 -18.72
C ILE D 61 60.71 1.74 -18.12
N LEU D 62 60.78 0.44 -18.38
CA LEU D 62 59.79 -0.49 -17.85
C LEU D 62 59.76 -0.39 -16.32
N LEU D 63 60.93 -0.52 -15.70
CA LEU D 63 61.03 -0.46 -14.25
C LEU D 63 60.66 0.91 -13.69
N MSE D 64 61.06 2.00 -14.35
CA MSE D 64 60.73 3.32 -13.85
C MSE D 64 59.23 3.50 -13.85
O MSE D 64 58.68 4.14 -12.96
CB MSE D 64 61.37 4.42 -14.71
CG MSE D 64 62.88 4.48 -14.56
SE MSE D 64 63.43 4.68 -12.70
CE MSE D 64 62.21 6.10 -12.18
N SER D 65 58.56 2.93 -14.84
CA SER D 65 57.11 3.01 -14.91
C SER D 65 56.45 2.17 -13.84
N LEU D 66 57.09 1.07 -13.49
CA LEU D 66 56.54 0.21 -12.44
C LEU D 66 56.63 1.03 -11.15
N GLN D 67 57.77 1.70 -10.96
CA GLN D 67 57.99 2.51 -9.77
C GLN D 67 56.95 3.61 -9.63
N ASP D 68 56.51 4.14 -10.77
CA ASP D 68 55.54 5.22 -10.79
C ASP D 68 54.12 4.69 -10.67
N ARG D 69 53.99 3.37 -10.65
CA ARG D 69 52.68 2.76 -10.61
C ARG D 69 52.36 2.04 -9.32
N ASN D 70 53.28 1.20 -8.86
CA ASN D 70 53.10 0.40 -7.66
C ASN D 70 54.42 0.24 -6.90
N GLU D 71 54.65 1.14 -5.94
CA GLU D 71 55.83 1.14 -5.11
C GLU D 71 56.25 -0.20 -4.53
N LYS D 72 55.36 -0.84 -3.78
CA LYS D 72 55.66 -2.12 -3.16
C LYS D 72 56.12 -3.17 -4.16
N LEU D 73 55.40 -3.29 -5.26
CA LEU D 73 55.75 -4.26 -6.30
C LEU D 73 57.12 -3.91 -6.90
N PHE D 74 57.37 -2.62 -7.08
CA PHE D 74 58.65 -2.18 -7.63
C PHE D 74 59.81 -2.74 -6.81
N TYR D 75 59.78 -2.49 -5.49
CA TYR D 75 60.85 -2.95 -4.62
C TYR D 75 60.82 -4.45 -4.47
N LYS D 76 59.65 -5.04 -4.65
CA LYS D 76 59.52 -6.49 -4.59
C LYS D 76 60.32 -7.07 -5.75
N VAL D 77 60.20 -6.43 -6.91
CA VAL D 77 60.92 -6.91 -8.09
C VAL D 77 62.42 -6.75 -7.94
N LEU D 78 62.88 -5.56 -7.55
CA LEU D 78 64.32 -5.33 -7.38
C LEU D 78 64.96 -6.32 -6.44
N THR D 79 64.39 -6.44 -5.25
CA THR D 79 64.94 -7.33 -4.25
C THR D 79 64.71 -8.82 -4.52
N SER D 80 64.00 -9.15 -5.60
CA SER D 80 63.79 -10.55 -5.92
C SER D 80 65.03 -11.11 -6.62
N ASP D 81 65.76 -10.22 -7.30
CA ASP D 81 66.98 -10.58 -8.02
C ASP D 81 67.86 -9.33 -8.15
N ILE D 82 68.29 -8.81 -7.01
CA ILE D 82 69.11 -7.62 -6.97
C ILE D 82 70.25 -7.59 -7.99
N GLU D 83 70.93 -8.73 -8.19
CA GLU D 83 72.04 -8.76 -9.14
C GLU D 83 71.60 -8.52 -10.57
N ARG D 84 70.34 -8.80 -10.86
CA ARG D 84 69.84 -8.62 -12.20
C ARG D 84 69.27 -7.23 -12.45
N PHE D 85 68.54 -6.71 -11.48
CA PHE D 85 67.91 -5.41 -11.63
C PHE D 85 68.69 -4.19 -11.15
N MSE D 86 69.77 -4.41 -10.41
CA MSE D 86 70.55 -3.27 -9.94
C MSE D 86 71.28 -2.59 -11.12
O MSE D 86 71.38 -1.37 -11.14
CB MSE D 86 71.55 -3.72 -8.89
CG MSE D 86 72.26 -2.57 -8.21
SE MSE D 86 73.44 -3.10 -6.78
CE MSE D 86 72.25 -2.97 -5.30
N PRO D 87 71.77 -3.38 -12.09
CA PRO D 87 72.48 -2.84 -13.26
C PRO D 87 71.55 -2.00 -14.16
N ILE D 88 70.25 -2.23 -14.03
CA ILE D 88 69.28 -1.51 -14.83
C ILE D 88 68.89 -0.22 -14.14
N VAL D 89 68.54 -0.32 -12.86
CA VAL D 89 68.13 0.83 -12.06
C VAL D 89 69.29 1.71 -11.58
N TYR D 90 70.49 1.14 -11.50
CA TYR D 90 71.69 1.85 -11.06
C TYR D 90 72.75 1.70 -12.15
N THR D 91 74.03 1.73 -11.80
CA THR D 91 75.11 1.60 -12.78
C THR D 91 75.07 0.25 -13.48
N PRO D 92 75.29 0.24 -14.82
CA PRO D 92 75.59 1.38 -15.69
C PRO D 92 74.39 1.97 -16.44
N THR D 93 73.28 1.23 -16.46
CA THR D 93 72.10 1.67 -17.19
C THR D 93 71.60 3.05 -16.81
N VAL D 94 71.72 3.41 -15.53
CA VAL D 94 71.28 4.72 -15.05
C VAL D 94 72.10 5.83 -15.74
N GLY D 95 73.33 5.53 -16.12
CA GLY D 95 74.14 6.53 -16.79
C GLY D 95 73.64 6.73 -18.22
N LEU D 96 73.20 5.62 -18.80
CA LEU D 96 72.67 5.62 -20.15
C LEU D 96 71.33 6.36 -20.12
N ALA D 97 70.59 6.17 -19.03
CA ALA D 97 69.29 6.82 -18.88
C ALA D 97 69.46 8.32 -18.78
N CYS D 98 70.42 8.77 -17.97
CA CYS D 98 70.66 10.19 -17.83
C CYS D 98 71.09 10.82 -19.17
N GLN D 99 71.83 10.06 -19.97
CA GLN D 99 72.27 10.59 -21.26
C GLN D 99 71.06 10.77 -22.18
N HIS D 100 70.00 10.01 -21.94
CA HIS D 100 68.80 10.12 -22.77
C HIS D 100 67.55 10.40 -21.91
N TYR D 101 67.75 11.02 -20.77
CA TYR D 101 66.66 11.33 -19.86
C TYR D 101 65.49 12.02 -20.55
N GLY D 102 65.78 12.94 -21.47
CA GLY D 102 64.72 13.64 -22.15
C GLY D 102 63.86 12.65 -22.90
N LEU D 103 64.53 11.68 -23.51
CA LEU D 103 63.85 10.65 -24.29
C LEU D 103 63.11 9.65 -23.40
N ALA D 104 63.73 9.24 -22.30
CA ALA D 104 63.13 8.26 -21.40
C ALA D 104 62.10 8.85 -20.44
N PHE D 105 61.98 10.17 -20.43
CA PHE D 105 61.03 10.84 -19.54
C PHE D 105 59.58 10.38 -19.79
N ARG D 106 58.83 10.15 -18.72
CA ARG D 106 57.44 9.78 -18.85
C ARG D 106 56.67 10.59 -17.83
N ARG D 107 56.71 10.19 -16.56
CA ARG D 107 56.04 10.92 -15.50
C ARG D 107 57.17 11.53 -14.66
N PRO D 108 57.00 12.77 -14.18
CA PRO D 108 58.07 13.40 -13.36
C PRO D 108 58.27 12.74 -12.01
N ARG D 109 59.51 12.81 -11.51
CA ARG D 109 59.85 12.24 -10.22
C ARG D 109 60.87 13.12 -9.52
N GLY D 110 60.61 13.46 -8.27
CA GLY D 110 61.54 14.29 -7.54
C GLY D 110 61.21 15.77 -7.52
N LEU D 111 62.09 16.55 -6.89
CA LEU D 111 61.89 17.98 -6.76
C LEU D 111 62.95 18.71 -7.56
N PHE D 112 62.52 19.67 -8.37
CA PHE D 112 63.43 20.45 -9.20
C PHE D 112 63.47 21.88 -8.72
N ILE D 113 64.53 22.25 -8.00
CA ILE D 113 64.69 23.62 -7.55
C ILE D 113 65.59 24.31 -8.57
N THR D 114 65.21 25.52 -8.96
CA THR D 114 65.97 26.27 -9.95
C THR D 114 66.68 27.47 -9.32
N ILE D 115 67.74 27.95 -9.97
CA ILE D 115 68.47 29.11 -9.45
C ILE D 115 67.53 30.31 -9.47
N HIS D 116 66.53 30.26 -10.34
CA HIS D 116 65.56 31.34 -10.45
C HIS D 116 64.49 31.32 -9.36
N ASP D 117 64.46 30.33 -8.48
CA ASP D 117 63.47 30.39 -7.41
C ASP D 117 64.09 30.64 -6.05
N ARG D 118 65.17 31.41 -6.05
CA ARG D 118 65.84 31.77 -4.81
C ARG D 118 64.86 32.59 -3.99
N GLY D 119 64.81 32.30 -2.69
CA GLY D 119 63.91 33.01 -1.81
C GLY D 119 62.54 32.38 -1.74
N HIS D 120 62.33 31.30 -2.48
CA HIS D 120 61.03 30.64 -2.47
C HIS D 120 61.10 29.14 -2.28
N ILE D 121 62.28 28.62 -1.99
CA ILE D 121 62.46 27.19 -1.79
C ILE D 121 61.51 26.64 -0.73
N ALA D 122 61.40 27.34 0.38
CA ALA D 122 60.52 26.88 1.46
C ALA D 122 59.11 26.58 0.94
N THR D 123 58.61 27.45 0.06
CA THR D 123 57.30 27.31 -0.54
C THR D 123 57.24 26.07 -1.41
N MSE D 124 58.29 25.83 -2.16
CA MSE D 124 58.34 24.67 -3.04
C MSE D 124 58.34 23.34 -2.32
O MSE D 124 57.85 22.34 -2.85
CB MSE D 124 59.54 24.78 -3.98
CG MSE D 124 59.39 25.90 -5.00
SE MSE D 124 60.98 26.10 -6.04
CE MSE D 124 60.75 24.65 -7.28
N LEU D 125 58.93 23.30 -1.13
CA LEU D 125 58.98 22.06 -0.38
C LEU D 125 57.54 21.66 -0.02
N GLN D 126 56.66 22.65 0.04
CA GLN D 126 55.27 22.42 0.37
C GLN D 126 54.59 21.62 -0.74
N SER D 127 54.86 22.00 -1.98
CA SER D 127 54.30 21.32 -3.14
C SER D 127 54.53 19.81 -3.06
N TRP D 128 55.57 19.42 -2.33
CA TRP D 128 55.90 18.02 -2.17
C TRP D 128 54.91 17.37 -1.22
N PRO D 129 54.19 16.32 -1.68
CA PRO D 129 53.19 15.56 -0.93
C PRO D 129 53.56 15.15 0.50
N GLU D 130 54.80 14.71 0.69
CA GLU D 130 55.29 14.30 2.01
C GLU D 130 55.76 15.48 2.86
N SER D 131 55.41 15.47 4.14
CA SER D 131 55.82 16.53 5.05
C SER D 131 56.85 16.00 6.02
N VAL D 132 57.04 14.68 5.98
CA VAL D 132 58.00 14.01 6.84
C VAL D 132 59.05 13.28 6.01
N ILE D 133 60.14 13.98 5.72
CA ILE D 133 61.23 13.40 4.96
C ILE D 133 62.39 13.19 5.91
N LYS D 134 63.07 12.08 5.77
CA LYS D 134 64.18 11.81 6.65
C LYS D 134 65.52 11.79 5.93
N ALA D 135 65.47 11.62 4.62
CA ALA D 135 66.69 11.60 3.81
C ALA D 135 66.48 12.28 2.46
N ILE D 136 67.53 12.97 1.99
CA ILE D 136 67.54 13.68 0.72
C ILE D 136 68.85 13.47 -0.05
N VAL D 137 68.75 13.22 -1.34
CA VAL D 137 69.93 13.04 -2.19
C VAL D 137 69.83 14.12 -3.27
N VAL D 138 70.74 15.08 -3.23
CA VAL D 138 70.74 16.18 -4.19
C VAL D 138 71.95 16.20 -5.11
N THR D 139 71.76 16.78 -6.29
CA THR D 139 72.82 16.87 -7.26
C THR D 139 72.50 18.07 -8.11
N ASP D 140 73.51 18.66 -8.72
CA ASP D 140 73.28 19.80 -9.59
C ASP D 140 73.62 19.31 -10.99
N GLY D 141 73.91 18.02 -11.09
CA GLY D 141 74.25 17.38 -12.35
C GLY D 141 75.50 17.80 -13.12
N GLU D 142 76.48 18.41 -12.45
CA GLU D 142 77.67 18.84 -13.14
C GLU D 142 78.72 17.74 -13.26
N ARG D 143 78.60 16.69 -12.46
CA ARG D 143 79.56 15.60 -12.54
C ARG D 143 78.84 14.25 -12.38
N ILE D 144 77.98 13.94 -13.35
CA ILE D 144 77.22 12.69 -13.36
C ILE D 144 78.14 11.54 -13.78
N LEU D 145 78.52 10.71 -12.82
CA LEU D 145 79.42 9.60 -13.10
C LEU D 145 80.61 10.18 -13.88
N GLY D 146 81.18 9.39 -14.77
CA GLY D 146 82.30 9.89 -15.55
C GLY D 146 81.77 10.39 -16.87
N LEU D 147 80.51 10.84 -16.87
CA LEU D 147 79.86 11.31 -18.09
C LEU D 147 79.85 12.82 -18.24
N GLY D 148 80.32 13.53 -17.22
CA GLY D 148 80.37 14.98 -17.30
C GLY D 148 79.16 15.75 -16.84
N ASP D 149 79.04 16.97 -17.33
CA ASP D 149 77.92 17.85 -16.99
C ASP D 149 76.67 17.43 -17.81
N LEU D 150 75.72 16.78 -17.14
CA LEU D 150 74.49 16.36 -17.84
C LEU D 150 73.30 17.20 -17.41
N GLY D 151 73.57 18.32 -16.78
CA GLY D 151 72.53 19.22 -16.33
C GLY D 151 71.38 18.52 -15.63
N CYS D 152 70.17 18.96 -15.99
CA CYS D 152 68.93 18.45 -15.42
C CYS D 152 68.71 16.97 -15.71
N TYR D 153 69.35 16.45 -16.76
CA TYR D 153 69.26 15.03 -17.12
C TYR D 153 69.87 14.20 -16.00
N GLY D 154 70.58 14.85 -15.08
CA GLY D 154 71.20 14.13 -14.00
C GLY D 154 70.25 13.72 -12.89
N MSE D 155 68.97 14.07 -13.00
CA MSE D 155 68.00 13.72 -11.96
C MSE D 155 67.91 12.21 -11.80
O MSE D 155 67.49 11.72 -10.76
CB MSE D 155 66.61 14.28 -12.31
CG MSE D 155 65.51 13.81 -11.37
SE MSE D 155 65.84 14.31 -9.52
CE MSE D 155 64.70 15.84 -9.40
N GLY D 156 68.31 11.49 -12.84
CA GLY D 156 68.27 10.04 -12.81
C GLY D 156 69.13 9.43 -11.73
N ILE D 157 70.16 10.17 -11.32
CA ILE D 157 71.09 9.71 -10.29
C ILE D 157 70.48 9.69 -8.90
N PRO D 158 69.92 10.82 -8.45
CA PRO D 158 69.33 10.77 -7.11
C PRO D 158 68.26 9.67 -7.01
N VAL D 159 67.42 9.57 -8.04
CA VAL D 159 66.38 8.54 -8.08
C VAL D 159 67.01 7.16 -7.95
N GLY D 160 68.10 6.95 -8.67
CA GLY D 160 68.76 5.65 -8.61
C GLY D 160 69.35 5.41 -7.24
N LYS D 161 69.96 6.45 -6.68
CA LYS D 161 70.57 6.35 -5.37
C LYS D 161 69.53 5.96 -4.33
N LEU D 162 68.39 6.65 -4.36
CA LEU D 162 67.33 6.37 -3.42
C LEU D 162 66.71 4.97 -3.61
N ALA D 163 66.67 4.52 -4.86
CA ALA D 163 66.11 3.20 -5.12
C ALA D 163 66.90 2.19 -4.30
N LEU D 164 68.23 2.35 -4.26
CA LEU D 164 69.04 1.42 -3.47
C LEU D 164 68.90 1.71 -1.98
N TYR D 165 68.59 2.94 -1.61
CA TYR D 165 68.42 3.27 -0.20
C TYR D 165 67.43 2.26 0.37
N THR D 166 66.38 1.98 -0.42
CA THR D 166 65.36 1.04 -0.01
C THR D 166 65.70 -0.40 -0.34
N ALA D 167 66.02 -0.67 -1.61
CA ALA D 167 66.36 -2.03 -2.02
C ALA D 167 67.53 -2.61 -1.23
N CYS D 168 68.56 -1.78 -1.01
CA CYS D 168 69.76 -2.22 -0.32
C CYS D 168 69.80 -1.89 1.17
N GLY D 169 69.34 -0.70 1.50
CA GLY D 169 69.36 -0.28 2.89
C GLY D 169 68.13 -0.67 3.70
N GLY D 170 66.96 -0.59 3.09
CA GLY D 170 65.76 -0.91 3.82
C GLY D 170 65.14 0.38 4.33
N VAL D 171 65.64 1.51 3.84
CA VAL D 171 65.12 2.82 4.22
C VAL D 171 63.78 2.95 3.49
N LYS D 172 62.80 3.56 4.16
CA LYS D 172 61.47 3.72 3.59
C LYS D 172 61.41 4.75 2.47
N PRO D 173 60.96 4.31 1.28
CA PRO D 173 60.84 5.14 0.09
C PRO D 173 60.11 6.46 0.33
N HIS D 174 59.01 6.39 1.06
CA HIS D 174 58.20 7.58 1.30
C HIS D 174 58.91 8.70 2.06
N GLN D 175 59.92 8.34 2.86
CA GLN D 175 60.64 9.32 3.65
C GLN D 175 61.86 9.88 2.92
N CYS D 176 62.03 9.51 1.66
CA CYS D 176 63.17 9.97 0.86
C CYS D 176 62.78 10.98 -0.21
N LEU D 177 63.67 11.95 -0.45
CA LEU D 177 63.40 12.98 -1.44
C LEU D 177 64.57 13.24 -2.39
N PRO D 178 64.41 12.91 -3.69
CA PRO D 178 65.48 13.15 -4.65
C PRO D 178 65.36 14.59 -5.15
N VAL D 179 66.45 15.34 -5.11
CA VAL D 179 66.39 16.72 -5.53
C VAL D 179 67.40 17.09 -6.62
N MSE D 180 66.96 17.92 -7.55
CA MSE D 180 67.80 18.41 -8.63
C MSE D 180 67.87 19.93 -8.56
O MSE D 180 66.85 20.62 -8.71
CB MSE D 180 67.24 17.98 -10.00
CG MSE D 180 67.81 18.75 -11.20
SE MSE D 180 69.72 18.57 -11.50
CE MSE D 180 69.79 16.89 -12.41
N LEU D 181 69.05 20.47 -8.29
CA LEU D 181 69.25 21.91 -8.23
C LEU D 181 69.77 22.28 -9.61
N ASP D 182 68.88 22.79 -10.46
CA ASP D 182 69.24 23.18 -11.81
C ASP D 182 69.63 24.67 -11.84
N VAL D 183 70.91 24.95 -12.04
CA VAL D 183 71.37 26.34 -12.09
C VAL D 183 71.87 26.64 -13.49
N GLY D 184 71.61 25.70 -14.40
CA GLY D 184 72.03 25.83 -15.79
C GLY D 184 72.93 24.65 -16.12
N THR D 185 73.46 24.63 -17.34
CA THR D 185 74.35 23.57 -17.74
C THR D 185 75.35 24.14 -18.75
N ASP D 186 76.61 23.76 -18.62
CA ASP D 186 77.64 24.26 -19.51
C ASP D 186 77.81 23.34 -20.72
N ASN D 187 77.05 22.26 -20.75
CA ASN D 187 77.12 21.30 -21.84
C ASN D 187 76.45 21.86 -23.10
N GLU D 188 77.27 22.32 -24.04
CA GLU D 188 76.75 22.90 -25.29
C GLU D 188 75.78 21.96 -26.01
N THR D 189 76.08 20.67 -26.00
CA THR D 189 75.25 19.68 -26.65
C THR D 189 73.81 19.72 -26.14
N LEU D 190 73.66 19.71 -24.82
CA LEU D 190 72.33 19.74 -24.21
C LEU D 190 71.58 21.04 -24.47
N LEU D 191 72.29 22.16 -24.46
CA LEU D 191 71.67 23.46 -24.71
C LEU D 191 71.01 23.44 -26.08
N LYS D 192 71.55 22.64 -26.99
CA LYS D 192 71.01 22.52 -28.33
C LYS D 192 70.05 21.34 -28.49
N ASP D 193 70.01 20.46 -27.49
CA ASP D 193 69.14 19.28 -27.50
C ASP D 193 67.68 19.71 -27.37
N PRO D 194 66.83 19.29 -28.31
CA PRO D 194 65.41 19.64 -28.30
C PRO D 194 64.64 18.93 -27.18
N LEU D 195 65.20 17.84 -26.67
CA LEU D 195 64.56 17.07 -25.60
C LEU D 195 65.07 17.48 -24.22
N TYR D 196 66.10 18.32 -24.14
CA TYR D 196 66.61 18.72 -22.83
C TYR D 196 65.50 19.33 -21.99
N ILE D 197 65.44 18.89 -20.74
CA ILE D 197 64.41 19.33 -19.79
C ILE D 197 64.84 20.42 -18.80
N GLY D 198 66.12 20.77 -18.79
CA GLY D 198 66.59 21.78 -17.87
C GLY D 198 66.65 23.17 -18.46
N LEU D 199 67.07 24.14 -17.65
CA LEU D 199 67.22 25.51 -18.08
C LEU D 199 68.19 25.55 -19.24
N ARG D 200 67.85 26.28 -20.29
CA ARG D 200 68.75 26.35 -21.45
C ARG D 200 69.74 27.51 -21.37
N HIS D 201 70.61 27.51 -20.37
CA HIS D 201 71.60 28.55 -20.23
C HIS D 201 72.78 28.05 -19.42
N LYS D 202 73.93 28.71 -19.55
CA LYS D 202 75.15 28.32 -18.83
C LYS D 202 74.92 28.29 -17.32
N ARG D 203 75.66 27.43 -16.62
CA ARG D 203 75.50 27.33 -15.19
C ARG D 203 75.79 28.66 -14.50
N ILE D 204 74.95 29.03 -13.54
CA ILE D 204 75.16 30.26 -12.79
C ILE D 204 76.13 29.92 -11.67
N ARG D 205 77.16 30.72 -11.53
CA ARG D 205 78.14 30.47 -10.50
C ARG D 205 78.26 31.68 -9.60
N GLY D 206 79.23 31.66 -8.70
CA GLY D 206 79.42 32.80 -7.83
C GLY D 206 78.59 32.82 -6.59
N GLN D 207 78.29 34.02 -6.10
CA GLN D 207 77.51 34.17 -4.88
C GLN D 207 76.08 33.70 -5.02
N ALA D 208 75.50 33.88 -6.20
CA ALA D 208 74.13 33.45 -6.45
C ALA D 208 73.97 31.95 -6.15
N TYR D 209 74.89 31.16 -6.67
CA TYR D 209 74.90 29.72 -6.47
C TYR D 209 75.08 29.42 -4.98
N ASP D 210 76.07 30.03 -4.36
CA ASP D 210 76.32 29.79 -2.95
C ASP D 210 75.11 30.09 -2.10
N ASP D 211 74.42 31.16 -2.44
CA ASP D 211 73.23 31.56 -1.70
C ASP D 211 72.09 30.57 -1.90
N LEU D 212 71.97 30.04 -3.11
CA LEU D 212 70.93 29.07 -3.41
C LEU D 212 71.11 27.84 -2.53
N LEU D 213 72.37 27.41 -2.40
CA LEU D 213 72.69 26.24 -1.60
C LEU D 213 72.45 26.49 -0.12
N ASP D 214 72.74 27.71 0.34
CA ASP D 214 72.53 28.05 1.74
C ASP D 214 71.04 27.99 2.02
N GLU D 215 70.26 28.57 1.12
CA GLU D 215 68.80 28.61 1.26
C GLU D 215 68.23 27.18 1.26
N PHE D 216 68.72 26.35 0.36
CA PHE D 216 68.24 24.99 0.26
C PHE D 216 68.41 24.23 1.56
N MSE D 217 69.60 24.33 2.14
CA MSE D 217 69.89 23.63 3.38
C MSE D 217 69.02 24.15 4.52
O MSE D 217 68.50 23.38 5.34
CB MSE D 217 71.36 23.76 3.73
CG MSE D 217 72.32 23.11 2.72
SE MSE D 217 72.24 21.17 2.64
CE MSE D 217 72.02 20.93 0.76
N GLU D 218 68.83 25.46 4.56
CA GLU D 218 68.03 26.03 5.62
C GLU D 218 66.59 25.53 5.47
N ALA D 219 65.98 25.83 4.32
CA ALA D 219 64.59 25.45 4.05
C ALA D 219 64.29 24.00 4.38
N VAL D 220 65.14 23.12 3.88
CA VAL D 220 64.99 21.68 4.09
C VAL D 220 65.07 21.23 5.56
N THR D 221 65.99 21.80 6.32
CA THR D 221 66.14 21.42 7.74
C THR D 221 65.08 22.10 8.60
N SER D 222 64.62 23.25 8.16
CA SER D 222 63.60 23.98 8.89
C SER D 222 62.26 23.26 8.76
N ARG D 223 62.00 22.70 7.59
CA ARG D 223 60.76 22.00 7.40
C ARG D 223 60.80 20.57 7.88
N TYR D 224 61.87 19.85 7.55
CA TYR D 224 61.98 18.44 7.92
C TYR D 224 62.77 18.17 9.21
N GLY D 225 63.47 19.17 9.72
CA GLY D 225 64.23 18.97 10.95
C GLY D 225 65.72 18.91 10.70
N MSE D 226 66.51 19.27 11.73
CA MSE D 226 67.97 19.27 11.65
C MSE D 226 68.53 17.88 11.47
O MSE D 226 69.65 17.70 10.99
CB MSE D 226 68.57 19.88 12.93
CG MSE D 226 68.35 21.36 13.09
SE MSE D 226 69.13 22.37 11.63
CE MSE D 226 70.98 22.38 12.16
N ASN D 227 67.76 16.87 11.86
CA ASN D 227 68.20 15.50 11.73
C ASN D 227 68.06 14.96 10.31
N CYS D 228 67.43 15.74 9.45
CA CYS D 228 67.26 15.31 8.08
C CYS D 228 68.62 15.05 7.44
N LEU D 229 68.77 13.86 6.85
CA LEU D 229 70.01 13.48 6.18
C LEU D 229 70.07 14.09 4.78
N ILE D 230 71.13 14.81 4.45
CA ILE D 230 71.25 15.38 3.12
C ILE D 230 72.48 14.76 2.48
N GLN D 231 72.27 14.07 1.37
CA GLN D 231 73.37 13.43 0.67
C GLN D 231 73.71 14.18 -0.62
N PHE D 232 74.92 14.68 -0.72
CA PHE D 232 75.33 15.37 -1.94
C PHE D 232 75.87 14.32 -2.88
N GLU D 233 75.52 14.44 -4.16
CA GLU D 233 75.91 13.46 -5.16
C GLU D 233 76.22 14.13 -6.48
N ASP D 234 77.31 13.70 -7.10
CA ASP D 234 77.74 14.19 -8.41
C ASP D 234 77.80 15.69 -8.64
N PHE D 235 78.45 16.40 -7.71
CA PHE D 235 78.64 17.83 -7.84
C PHE D 235 80.07 17.93 -8.39
N ALA D 236 80.40 19.04 -9.04
CA ALA D 236 81.75 19.19 -9.56
C ALA D 236 82.73 19.24 -8.39
N ASN D 237 84.00 18.96 -8.69
CA ASN D 237 85.06 18.96 -7.70
C ASN D 237 85.04 20.13 -6.70
N ALA D 238 85.27 21.35 -7.19
CA ALA D 238 85.30 22.51 -6.31
C ALA D 238 84.08 22.62 -5.42
N ASN D 239 82.89 22.63 -6.02
CA ASN D 239 81.65 22.72 -5.27
C ASN D 239 81.56 21.59 -4.26
N ALA D 240 81.91 20.38 -4.69
CA ALA D 240 81.83 19.24 -3.81
C ALA D 240 82.52 19.51 -2.48
N PHE D 241 83.83 19.69 -2.50
CA PHE D 241 84.56 19.94 -1.26
C PHE D 241 84.11 21.15 -0.47
N ARG D 242 83.97 22.29 -1.15
CA ARG D 242 83.56 23.51 -0.46
C ARG D 242 82.25 23.30 0.30
N LEU D 243 81.26 22.72 -0.38
CA LEU D 243 79.98 22.49 0.29
C LEU D 243 80.11 21.54 1.48
N LEU D 244 80.81 20.42 1.28
CA LEU D 244 80.96 19.45 2.36
C LEU D 244 81.56 20.12 3.59
N HIS D 245 82.69 20.78 3.39
CA HIS D 245 83.39 21.46 4.47
C HIS D 245 82.54 22.56 5.12
N LYS D 246 81.69 23.20 4.33
CA LYS D 246 80.84 24.28 4.83
C LYS D 246 79.64 23.84 5.68
N TYR D 247 79.00 22.73 5.32
CA TYR D 247 77.82 22.23 6.04
C TYR D 247 78.06 21.02 6.94
N ARG D 248 79.13 20.31 6.65
CA ARG D 248 79.53 19.12 7.38
C ARG D 248 79.19 19.14 8.88
N ASN D 249 79.51 20.25 9.55
CA ASN D 249 79.28 20.39 10.99
C ASN D 249 78.06 21.17 11.37
N LYS D 250 77.37 21.73 10.39
CA LYS D 250 76.19 22.52 10.69
C LYS D 250 74.92 21.69 10.52
N TYR D 251 74.96 20.75 9.59
CA TYR D 251 73.81 19.89 9.34
C TYR D 251 74.24 18.44 9.24
N CYS D 252 73.25 17.54 9.17
CA CYS D 252 73.53 16.10 9.04
C CYS D 252 73.67 15.84 7.55
N THR D 253 74.89 15.94 7.07
CA THR D 253 75.15 15.78 5.66
C THR D 253 76.50 15.11 5.39
N PHE D 254 76.69 14.64 4.17
CA PHE D 254 77.93 14.00 3.75
C PHE D 254 77.90 13.92 2.23
N ASN D 255 79.07 13.79 1.62
CA ASN D 255 79.13 13.68 0.18
C ASN D 255 79.48 12.26 -0.22
N ASP D 256 78.58 11.64 -0.97
CA ASP D 256 78.74 10.27 -1.39
C ASP D 256 79.97 10.00 -2.25
N ASP D 257 80.28 10.95 -3.13
CA ASP D 257 81.42 10.81 -4.02
C ASP D 257 82.76 10.87 -3.30
N ILE D 258 82.86 11.75 -2.31
CA ILE D 258 84.08 11.93 -1.56
C ILE D 258 84.24 10.95 -0.39
N GLN D 259 83.18 10.83 0.40
CA GLN D 259 83.21 9.98 1.58
C GLN D 259 82.73 8.55 1.36
N GLY D 260 81.64 8.38 0.63
CA GLY D 260 81.11 7.05 0.37
C GLY D 260 82.08 6.16 -0.38
N THR D 261 82.73 6.74 -1.38
CA THR D 261 83.70 6.03 -2.18
C THR D 261 84.90 5.66 -1.35
N ALA D 262 85.31 6.58 -0.50
CA ALA D 262 86.46 6.35 0.35
C ALA D 262 86.23 5.11 1.21
N SER D 263 85.03 5.00 1.77
CA SER D 263 84.70 3.86 2.61
C SER D 263 84.73 2.52 1.86
N VAL D 264 84.08 2.45 0.70
CA VAL D 264 84.07 1.19 -0.05
C VAL D 264 85.44 0.83 -0.60
N ALA D 265 86.25 1.82 -0.94
CA ALA D 265 87.59 1.56 -1.46
C ALA D 265 88.45 0.93 -0.36
N VAL D 266 88.42 1.53 0.83
CA VAL D 266 89.17 1.02 1.97
C VAL D 266 88.61 -0.34 2.41
N ALA D 267 87.29 -0.50 2.36
CA ALA D 267 86.70 -1.77 2.74
C ALA D 267 87.36 -2.85 1.89
N GLY D 268 87.55 -2.53 0.62
CA GLY D 268 88.17 -3.47 -0.31
C GLY D 268 89.61 -3.76 0.05
N LEU D 269 90.39 -2.70 0.29
CA LEU D 269 91.78 -2.91 0.64
C LEU D 269 91.91 -3.75 1.91
N LEU D 270 91.10 -3.43 2.92
CA LEU D 270 91.12 -4.17 4.17
C LEU D 270 90.90 -5.66 3.90
N ALA D 271 89.96 -5.95 3.01
CA ALA D 271 89.64 -7.33 2.64
C ALA D 271 90.83 -7.93 1.90
N ALA D 272 91.38 -7.17 0.97
CA ALA D 272 92.52 -7.61 0.16
C ALA D 272 93.74 -8.00 1.00
N LEU D 273 93.94 -7.30 2.11
CA LEU D 273 95.06 -7.58 3.00
C LEU D 273 95.08 -9.07 3.40
N ARG D 274 93.92 -9.70 3.40
CA ARG D 274 93.84 -11.11 3.77
C ARG D 274 94.31 -12.05 2.67
N ILE D 275 94.48 -11.48 1.47
CA ILE D 275 94.96 -12.24 0.32
C ILE D 275 96.45 -12.01 0.18
N THR D 276 96.89 -10.76 0.37
CA THR D 276 98.30 -10.42 0.26
C THR D 276 99.07 -10.71 1.57
N LYS D 277 98.33 -11.07 2.62
CA LYS D 277 98.94 -11.42 3.90
C LYS D 277 99.88 -10.39 4.50
N ASN D 278 99.56 -9.11 4.39
CA ASN D 278 100.40 -8.08 4.97
C ASN D 278 99.53 -7.01 5.59
N ARG D 279 100.13 -5.88 5.92
CA ARG D 279 99.39 -4.80 6.53
C ARG D 279 99.30 -3.60 5.60
N LEU D 280 98.26 -2.81 5.80
CA LEU D 280 98.01 -1.64 4.99
C LEU D 280 99.23 -0.74 4.92
N SER D 281 100.03 -0.74 5.98
CA SER D 281 101.21 0.08 6.05
C SER D 281 102.37 -0.44 5.18
N ASP D 282 102.15 -1.58 4.52
CA ASP D 282 103.18 -2.14 3.65
C ASP D 282 102.92 -1.83 2.19
N HIS D 283 101.74 -1.31 1.86
CA HIS D 283 101.42 -1.00 0.48
C HIS D 283 101.79 0.40 0.04
N THR D 284 101.86 0.56 -1.28
CA THR D 284 102.15 1.84 -1.89
C THR D 284 101.06 2.00 -2.94
N VAL D 285 100.16 2.95 -2.68
CA VAL D 285 99.01 3.20 -3.54
C VAL D 285 99.22 4.34 -4.51
N LEU D 286 98.87 4.08 -5.78
CA LEU D 286 98.97 5.07 -6.85
C LEU D 286 97.57 5.32 -7.43
N PHE D 287 97.14 6.57 -7.43
CA PHE D 287 95.82 6.93 -7.95
C PHE D 287 95.86 7.54 -9.35
N GLN D 288 95.01 7.03 -10.23
CA GLN D 288 94.90 7.58 -11.57
C GLN D 288 93.76 8.57 -11.40
N GLY D 289 94.12 9.84 -11.17
CA GLY D 289 93.12 10.86 -10.93
C GLY D 289 93.40 11.47 -9.56
N ALA D 290 92.98 12.71 -9.34
CA ALA D 290 93.22 13.35 -8.07
C ALA D 290 92.05 14.26 -7.67
N GLY D 291 90.84 13.75 -7.83
CA GLY D 291 89.68 14.54 -7.52
C GLY D 291 88.92 14.10 -6.29
N GLU D 292 87.60 14.24 -6.37
CA GLU D 292 86.71 13.88 -5.28
C GLU D 292 86.99 12.49 -4.74
N ALA D 293 86.95 11.48 -5.61
CA ALA D 293 87.18 10.11 -5.16
C ALA D 293 88.62 9.84 -4.71
N ALA D 294 89.59 10.32 -5.48
CA ALA D 294 90.98 10.10 -5.14
C ALA D 294 91.30 10.68 -3.76
N LEU D 295 91.05 11.98 -3.59
CA LEU D 295 91.32 12.63 -2.33
C LEU D 295 90.54 12.03 -1.16
N GLY D 296 89.28 11.71 -1.38
CA GLY D 296 88.48 11.12 -0.32
C GLY D 296 89.00 9.76 0.09
N ILE D 297 89.37 8.95 -0.91
CA ILE D 297 89.91 7.61 -0.65
C ILE D 297 91.27 7.69 0.02
N ALA D 298 92.16 8.52 -0.54
CA ALA D 298 93.51 8.68 0.00
C ALA D 298 93.44 9.04 1.48
N ASN D 299 92.56 9.98 1.79
CA ASN D 299 92.36 10.45 3.14
C ASN D 299 91.96 9.30 4.06
N LEU D 300 90.92 8.56 3.69
CA LEU D 300 90.49 7.43 4.54
C LEU D 300 91.60 6.37 4.66
N ILE D 301 92.39 6.17 3.60
CA ILE D 301 93.46 5.20 3.67
C ILE D 301 94.44 5.60 4.77
N VAL D 302 94.81 6.88 4.77
CA VAL D 302 95.74 7.42 5.76
C VAL D 302 95.25 7.15 7.18
N MSE D 303 93.98 7.46 7.45
CA MSE D 303 93.41 7.23 8.76
C MSE D 303 93.49 5.76 9.10
O MSE D 303 93.72 5.37 10.24
CB MSE D 303 91.96 7.67 8.81
CG MSE D 303 91.76 9.17 8.82
SE MSE D 303 89.88 9.66 8.96
CE MSE D 303 89.26 8.31 10.22
N ALA D 304 93.29 4.92 8.09
CA ALA D 304 93.34 3.48 8.27
C ALA D 304 94.75 3.06 8.65
N MSE D 305 95.75 3.64 7.99
CA MSE D 305 97.16 3.32 8.28
C MSE D 305 97.60 3.86 9.65
O MSE D 305 98.42 3.25 10.33
CB MSE D 305 98.08 3.87 7.21
CG MSE D 305 97.83 3.30 5.82
SE MSE D 305 99.21 3.90 4.59
CE MSE D 305 98.50 5.61 4.11
N GLN D 306 97.05 5.00 10.03
CA GLN D 306 97.39 5.57 11.32
C GLN D 306 96.85 4.66 12.42
N LYS D 307 95.69 4.05 12.16
CA LYS D 307 95.09 3.16 13.13
C LYS D 307 95.96 1.92 13.30
N GLU D 308 96.75 1.59 12.29
CA GLU D 308 97.62 0.42 12.37
C GLU D 308 98.89 0.74 13.15
N GLY D 309 99.06 2.01 13.50
CA GLY D 309 100.22 2.41 14.28
C GLY D 309 101.15 3.35 13.56
N VAL D 310 101.02 3.45 12.24
CA VAL D 310 101.86 4.33 11.43
C VAL D 310 101.52 5.79 11.69
N SER D 311 102.52 6.66 11.56
CA SER D 311 102.30 8.09 11.78
C SER D 311 101.72 8.73 10.53
N LYS D 312 101.00 9.83 10.72
CA LYS D 312 100.37 10.54 9.61
C LYS D 312 101.39 10.84 8.52
N GLU D 313 102.57 11.31 8.89
CA GLU D 313 103.59 11.64 7.90
C GLU D 313 104.03 10.41 7.10
N GLU D 314 104.26 9.30 7.80
CA GLU D 314 104.68 8.07 7.15
C GLU D 314 103.62 7.66 6.14
N ALA D 315 102.39 7.58 6.63
CA ALA D 315 101.25 7.16 5.81
C ALA D 315 101.14 7.94 4.50
N ILE D 316 101.11 9.27 4.62
CA ILE D 316 100.99 10.13 3.45
C ILE D 316 102.05 9.83 2.38
N LYS D 317 103.24 9.45 2.82
CA LYS D 317 104.32 9.16 1.89
C LYS D 317 104.06 7.91 1.05
N ARG D 318 103.09 7.10 1.45
CA ARG D 318 102.79 5.89 0.71
C ARG D 318 101.70 6.08 -0.34
N ILE D 319 101.27 7.32 -0.54
CA ILE D 319 100.22 7.58 -1.51
C ILE D 319 100.64 8.56 -2.61
N TRP D 320 100.49 8.14 -3.87
CA TRP D 320 100.83 8.96 -5.02
C TRP D 320 99.60 9.20 -5.90
N MSE D 321 99.57 10.33 -6.59
CA MSE D 321 98.44 10.68 -7.45
C MSE D 321 98.88 11.26 -8.77
O MSE D 321 99.94 11.88 -8.87
CB MSE D 321 97.55 11.69 -6.78
CG MSE D 321 96.62 11.14 -5.76
SE MSE D 321 95.68 12.57 -4.93
CE MSE D 321 95.94 12.12 -3.09
N VAL D 322 98.02 11.08 -9.77
CA VAL D 322 98.26 11.59 -11.11
C VAL D 322 97.00 12.33 -11.55
N ASP D 323 97.13 13.59 -11.96
CA ASP D 323 95.96 14.32 -12.44
C ASP D 323 96.11 14.60 -13.93
N SER D 324 95.25 15.45 -14.48
CA SER D 324 95.28 15.73 -15.92
C SER D 324 96.61 16.29 -16.43
N LYS D 325 97.42 16.83 -15.54
CA LYS D 325 98.70 17.38 -15.96
C LYS D 325 99.88 16.44 -15.69
N GLY D 326 99.62 15.30 -15.06
CA GLY D 326 100.68 14.35 -14.77
C GLY D 326 100.84 14.03 -13.30
N LEU D 327 101.90 13.33 -12.95
CA LEU D 327 102.14 12.95 -11.56
C LEU D 327 102.16 14.20 -10.70
N ILE D 328 101.61 14.10 -9.49
CA ILE D 328 101.57 15.22 -8.58
C ILE D 328 102.86 15.20 -7.75
N VAL D 329 103.76 16.11 -8.08
CA VAL D 329 105.04 16.19 -7.39
C VAL D 329 105.27 17.56 -6.76
N LYS D 330 106.08 17.58 -5.72
CA LYS D 330 106.38 18.82 -5.01
C LYS D 330 106.88 19.87 -6.00
N GLY D 331 106.40 21.10 -5.85
CA GLY D 331 106.84 22.18 -6.71
C GLY D 331 106.23 22.19 -8.11
N ARG D 332 105.38 21.23 -8.42
CA ARG D 332 104.79 21.19 -9.74
C ARG D 332 103.78 22.31 -9.90
N ALA D 333 103.56 22.74 -11.13
CA ALA D 333 102.59 23.79 -11.39
C ALA D 333 101.17 23.24 -11.29
N SER D 334 100.21 24.15 -11.21
CA SER D 334 98.80 23.80 -11.13
C SER D 334 98.47 22.76 -10.07
N LEU D 335 98.72 23.11 -8.81
CA LEU D 335 98.42 22.23 -7.70
C LEU D 335 97.45 22.89 -6.72
N THR D 336 96.60 22.07 -6.10
CA THR D 336 95.60 22.54 -5.15
C THR D 336 96.09 22.27 -3.74
N PRO D 337 95.66 23.08 -2.75
CA PRO D 337 96.13 22.81 -1.39
C PRO D 337 95.92 21.36 -1.04
N GLU D 338 94.83 20.80 -1.56
CA GLU D 338 94.53 19.40 -1.30
C GLU D 338 95.53 18.49 -2.00
N LYS D 339 95.85 18.79 -3.26
CA LYS D 339 96.81 17.97 -3.99
C LYS D 339 98.22 18.07 -3.41
N GLU D 340 98.64 19.30 -3.10
CA GLU D 340 99.97 19.55 -2.54
C GLU D 340 100.26 18.58 -1.39
N HIS D 341 99.21 18.21 -0.67
CA HIS D 341 99.31 17.29 0.46
C HIS D 341 100.02 15.99 0.11
N PHE D 342 99.86 15.52 -1.12
CA PHE D 342 100.49 14.29 -1.55
C PHE D 342 101.58 14.52 -2.57
N ALA D 343 102.00 15.77 -2.71
CA ALA D 343 103.08 16.09 -3.64
C ALA D 343 104.39 15.66 -2.98
N HIS D 344 105.08 14.71 -3.61
CA HIS D 344 106.33 14.23 -3.04
C HIS D 344 107.51 14.70 -3.88
N GLU D 345 108.69 14.71 -3.27
CA GLU D 345 109.91 15.09 -3.99
C GLU D 345 110.04 14.05 -5.08
N HIS D 346 110.07 14.49 -6.33
CA HIS D 346 110.17 13.56 -7.43
C HIS D 346 110.19 14.36 -8.71
N CYS D 347 110.72 13.78 -9.79
CA CYS D 347 110.75 14.50 -11.06
C CYS D 347 109.36 14.45 -11.70
N GLU D 348 109.03 15.43 -12.52
CA GLU D 348 107.73 15.45 -13.18
C GLU D 348 107.60 14.35 -14.22
N MSE D 349 106.38 13.86 -14.39
CA MSE D 349 106.09 12.80 -15.35
C MSE D 349 104.65 12.90 -15.84
O MSE D 349 103.78 13.39 -15.13
CB MSE D 349 106.32 11.43 -14.74
CG MSE D 349 107.75 11.14 -14.41
SE MSE D 349 107.87 9.39 -13.70
CE MSE D 349 108.12 8.38 -15.31
N LYS D 350 104.42 12.41 -17.05
CA LYS D 350 103.10 12.47 -17.63
C LYS D 350 102.55 11.11 -18.07
N ASN D 351 103.41 10.27 -18.61
CA ASN D 351 103.01 8.96 -19.10
C ASN D 351 102.69 8.04 -17.94
N LEU D 352 101.44 7.55 -17.90
CA LEU D 352 101.00 6.68 -16.82
C LEU D 352 101.82 5.39 -16.70
N GLU D 353 102.17 4.79 -17.84
CA GLU D 353 102.95 3.56 -17.82
C GLU D 353 104.27 3.80 -17.11
N ASP D 354 104.98 4.86 -17.50
CA ASP D 354 106.27 5.19 -16.90
C ASP D 354 106.13 5.49 -15.41
N ILE D 355 105.00 6.10 -15.05
CA ILE D 355 104.72 6.41 -13.65
C ILE D 355 104.59 5.09 -12.87
N VAL D 356 103.90 4.12 -13.46
CA VAL D 356 103.71 2.81 -12.83
C VAL D 356 105.06 2.13 -12.64
N LYS D 357 105.86 2.12 -13.70
CA LYS D 357 107.17 1.49 -13.65
C LYS D 357 108.11 2.17 -12.66
N ASP D 358 107.98 3.48 -12.52
CA ASP D 358 108.83 4.25 -11.60
C ASP D 358 108.44 4.10 -10.14
N ILE D 359 107.15 4.27 -9.86
CA ILE D 359 106.61 4.16 -8.51
C ILE D 359 106.49 2.72 -8.03
N LYS D 360 106.26 1.79 -8.95
CA LYS D 360 106.12 0.37 -8.61
C LYS D 360 105.16 0.18 -7.43
N PRO D 361 103.91 0.65 -7.56
CA PRO D 361 102.91 0.53 -6.50
C PRO D 361 102.36 -0.87 -6.32
N THR D 362 101.81 -1.13 -5.14
CA THR D 362 101.22 -2.43 -4.81
C THR D 362 99.72 -2.39 -5.05
N VAL D 363 99.18 -1.18 -5.15
CA VAL D 363 97.74 -0.97 -5.37
C VAL D 363 97.52 0.13 -6.41
N LEU D 364 96.76 -0.17 -7.45
CA LEU D 364 96.46 0.80 -8.50
C LEU D 364 94.98 1.16 -8.49
N ILE D 365 94.66 2.38 -8.14
CA ILE D 365 93.27 2.83 -8.06
C ILE D 365 92.91 3.83 -9.15
N GLY D 366 91.97 3.43 -10.02
CA GLY D 366 91.55 4.30 -11.10
C GLY D 366 90.25 5.03 -10.83
N VAL D 367 90.31 6.35 -10.78
CA VAL D 367 89.14 7.18 -10.55
C VAL D 367 89.26 8.46 -11.38
N ALA D 368 89.56 8.32 -12.66
CA ALA D 368 89.69 9.49 -13.52
C ALA D 368 88.76 9.39 -14.73
N ALA D 369 87.92 8.35 -14.74
CA ALA D 369 86.99 8.14 -15.82
C ALA D 369 87.71 8.06 -17.15
N ILE D 370 88.90 7.49 -17.14
CA ILE D 370 89.67 7.35 -18.36
C ILE D 370 89.55 5.96 -18.95
N GLY D 371 88.78 5.88 -20.04
CA GLY D 371 88.54 4.64 -20.77
C GLY D 371 89.27 3.40 -20.32
N GLY D 372 90.25 2.95 -21.10
CA GLY D 372 91.00 1.77 -20.73
C GLY D 372 92.40 2.11 -20.28
N ALA D 373 92.51 3.07 -19.37
CA ALA D 373 93.79 3.52 -18.85
C ALA D 373 94.71 2.39 -18.41
N PHE D 374 94.14 1.37 -17.77
CA PHE D 374 94.96 0.26 -17.31
C PHE D 374 95.19 -0.75 -18.43
N THR D 375 96.08 -0.37 -19.34
CA THR D 375 96.47 -1.17 -20.50
C THR D 375 97.11 -2.49 -20.13
N GLN D 376 97.26 -3.34 -21.13
CA GLN D 376 97.86 -4.64 -20.97
C GLN D 376 99.26 -4.48 -20.36
N GLN D 377 99.99 -3.48 -20.86
CA GLN D 377 101.33 -3.20 -20.38
C GLN D 377 101.31 -2.89 -18.88
N ILE D 378 100.53 -1.88 -18.50
CA ILE D 378 100.42 -1.48 -17.10
C ILE D 378 100.02 -2.67 -16.22
N LEU D 379 99.04 -3.44 -16.66
CA LEU D 379 98.60 -4.58 -15.89
C LEU D 379 99.71 -5.62 -15.79
N GLN D 380 100.49 -5.79 -16.84
CA GLN D 380 101.59 -6.76 -16.81
C GLN D 380 102.70 -6.24 -15.88
N ASP D 381 102.93 -4.93 -15.92
CA ASP D 381 103.93 -4.28 -15.06
C ASP D 381 103.54 -4.52 -13.58
N MSE D 382 102.25 -4.38 -13.29
CA MSE D 382 101.73 -4.57 -11.94
C MSE D 382 101.90 -6.01 -11.48
O MSE D 382 102.17 -6.26 -10.30
CB MSE D 382 100.26 -4.16 -11.88
CG MSE D 382 99.86 -3.42 -10.63
SE MSE D 382 100.79 -1.75 -10.42
CE MSE D 382 100.11 -0.78 -11.91
N ALA D 383 101.74 -6.95 -12.40
CA ALA D 383 101.88 -8.37 -12.05
C ALA D 383 103.35 -8.76 -12.00
N ALA D 384 104.23 -7.83 -12.39
CA ALA D 384 105.67 -8.08 -12.37
C ALA D 384 106.32 -7.65 -11.08
N PHE D 385 105.99 -6.46 -10.56
CA PHE D 385 106.60 -6.05 -9.29
C PHE D 385 105.82 -6.56 -8.08
N ASN D 386 104.62 -7.11 -8.30
CA ASN D 386 103.81 -7.58 -7.19
C ASN D 386 103.39 -9.03 -7.38
N LYS D 387 103.41 -9.80 -6.31
CA LYS D 387 102.98 -11.21 -6.40
C LYS D 387 101.49 -11.18 -6.66
N ARG D 388 100.76 -10.40 -5.86
CA ARG D 388 99.32 -10.26 -6.02
C ARG D 388 98.97 -8.78 -6.04
N PRO D 389 99.06 -8.13 -7.22
CA PRO D 389 98.73 -6.71 -7.29
C PRO D 389 97.22 -6.45 -7.08
N ILE D 390 96.91 -5.30 -6.50
CA ILE D 390 95.52 -4.92 -6.26
C ILE D 390 95.14 -3.88 -7.32
N ILE D 391 94.10 -4.20 -8.10
CA ILE D 391 93.63 -3.33 -9.17
C ILE D 391 92.17 -2.91 -8.97
N PHE D 392 91.96 -1.60 -8.93
CA PHE D 392 90.64 -1.02 -8.73
C PHE D 392 90.25 -0.11 -9.89
N ALA D 393 89.30 -0.56 -10.70
CA ALA D 393 88.83 0.24 -11.82
C ALA D 393 87.51 0.83 -11.31
N LEU D 394 87.61 1.90 -10.54
CA LEU D 394 86.43 2.50 -9.94
C LEU D 394 85.56 3.42 -10.78
N SER D 395 86.04 3.88 -11.92
CA SER D 395 85.23 4.81 -12.72
C SER D 395 83.97 4.17 -13.29
N ASN D 396 82.89 4.96 -13.31
CA ASN D 396 81.59 4.52 -13.85
C ASN D 396 81.19 5.51 -14.94
N PRO D 397 80.35 5.08 -15.89
CA PRO D 397 79.81 3.72 -15.93
C PRO D 397 80.82 2.74 -16.51
N THR D 398 80.32 1.57 -16.93
CA THR D 398 81.19 0.54 -17.49
C THR D 398 82.13 1.03 -18.57
N SER D 399 81.63 1.88 -19.45
CA SER D 399 82.43 2.40 -20.55
C SER D 399 83.66 3.19 -20.09
N LYS D 400 83.61 3.74 -18.88
CA LYS D 400 84.73 4.51 -18.35
C LYS D 400 85.68 3.70 -17.45
N ALA D 401 85.39 2.41 -17.25
CA ALA D 401 86.22 1.57 -16.39
C ALA D 401 87.66 1.46 -16.88
N GLU D 402 88.61 1.72 -15.99
CA GLU D 402 90.03 1.66 -16.35
C GLU D 402 90.42 0.37 -17.05
N CYS D 403 89.71 -0.72 -16.74
CA CYS D 403 89.96 -2.01 -17.39
C CYS D 403 88.88 -2.99 -16.99
N THR D 404 88.75 -4.07 -17.77
CA THR D 404 87.75 -5.10 -17.54
C THR D 404 88.26 -6.13 -16.54
N ALA D 405 87.35 -6.96 -16.01
CA ALA D 405 87.75 -8.01 -15.09
C ALA D 405 88.52 -9.01 -15.93
N GLU D 406 87.98 -9.31 -17.11
CA GLU D 406 88.61 -10.22 -18.04
C GLU D 406 90.05 -9.79 -18.29
N GLN D 407 90.21 -8.53 -18.69
CA GLN D 407 91.53 -7.99 -18.98
C GLN D 407 92.48 -8.08 -17.80
N LEU D 408 92.02 -7.61 -16.64
CA LEU D 408 92.84 -7.63 -15.44
C LEU D 408 93.33 -9.06 -15.20
N TYR D 409 92.39 -9.98 -15.08
CA TYR D 409 92.72 -11.36 -14.84
C TYR D 409 93.66 -11.96 -15.87
N LYS D 410 93.49 -11.63 -17.14
CA LYS D 410 94.37 -12.23 -18.15
C LYS D 410 95.77 -11.65 -18.18
N TYR D 411 95.87 -10.32 -18.08
CA TYR D 411 97.16 -9.64 -18.12
C TYR D 411 97.99 -9.67 -16.82
N THR D 412 97.41 -10.22 -15.76
CA THR D 412 98.13 -10.33 -14.50
C THR D 412 98.21 -11.82 -14.19
N GLU D 413 97.90 -12.62 -15.21
CA GLU D 413 97.95 -14.07 -15.12
C GLU D 413 97.20 -14.64 -13.92
N GLY D 414 95.97 -14.16 -13.72
CA GLY D 414 95.16 -14.64 -12.62
C GLY D 414 95.63 -14.27 -11.22
N ARG D 415 96.71 -13.49 -11.13
CA ARG D 415 97.26 -13.09 -9.82
C ARG D 415 96.76 -11.72 -9.33
N GLY D 416 96.17 -10.93 -10.23
CA GLY D 416 95.66 -9.63 -9.81
C GLY D 416 94.37 -9.73 -9.02
N ILE D 417 94.24 -8.86 -8.02
CA ILE D 417 93.06 -8.79 -7.16
C ILE D 417 92.25 -7.62 -7.73
N PHE D 418 91.07 -7.93 -8.29
CA PHE D 418 90.26 -6.91 -8.95
C PHE D 418 88.96 -6.49 -8.27
N ALA D 419 88.56 -5.28 -8.62
CA ALA D 419 87.33 -4.69 -8.11
C ALA D 419 87.06 -3.55 -9.07
N SER D 420 85.78 -3.25 -9.31
CA SER D 420 85.42 -2.15 -10.19
C SER D 420 84.14 -1.47 -9.69
N GLY D 421 83.91 -0.24 -10.13
CA GLY D 421 82.73 0.48 -9.73
C GLY D 421 81.49 -0.06 -10.42
N SER D 422 81.67 -0.50 -11.66
CA SER D 422 80.57 -1.05 -12.45
C SER D 422 80.73 -2.55 -12.55
N PRO D 423 79.60 -3.27 -12.58
CA PRO D 423 79.58 -4.73 -12.65
C PRO D 423 80.20 -5.40 -13.88
N PHE D 424 80.86 -6.53 -13.62
CA PHE D 424 81.47 -7.34 -14.66
C PHE D 424 81.09 -8.78 -14.32
N ASP D 425 80.86 -9.60 -15.33
CA ASP D 425 80.47 -10.97 -15.06
C ASP D 425 81.61 -11.79 -14.55
N PRO D 426 81.31 -12.95 -13.97
CA PRO D 426 82.33 -13.86 -13.43
C PRO D 426 83.32 -14.23 -14.53
N VAL D 427 84.54 -14.54 -14.12
CA VAL D 427 85.57 -14.90 -15.08
C VAL D 427 86.18 -16.26 -14.73
N THR D 428 86.27 -17.12 -15.74
CA THR D 428 86.84 -18.44 -15.54
C THR D 428 88.25 -18.45 -16.08
N LEU D 429 89.21 -18.60 -15.19
CA LEU D 429 90.62 -18.61 -15.57
C LEU D 429 90.95 -19.85 -16.38
N PRO D 430 92.10 -19.85 -17.08
CA PRO D 430 92.48 -21.04 -17.87
C PRO D 430 92.53 -22.27 -16.96
N SER D 431 92.88 -22.03 -15.70
CA SER D 431 92.98 -23.10 -14.71
C SER D 431 91.64 -23.77 -14.41
N GLY D 432 90.56 -23.18 -14.91
CA GLY D 432 89.24 -23.73 -14.67
C GLY D 432 88.57 -23.07 -13.48
N GLN D 433 89.33 -22.28 -12.72
CA GLN D 433 88.79 -21.60 -11.56
C GLN D 433 88.04 -20.33 -11.96
N THR D 434 86.85 -20.16 -11.41
CA THR D 434 86.03 -19.00 -11.71
C THR D 434 86.15 -17.96 -10.61
N LEU D 435 86.36 -16.72 -11.01
CA LEU D 435 86.49 -15.61 -10.08
C LEU D 435 85.29 -14.68 -10.20
N TYR D 436 84.80 -14.19 -9.06
CA TYR D 436 83.67 -13.28 -9.02
C TYR D 436 84.11 -11.87 -8.62
N PRO D 437 84.64 -11.08 -9.56
CA PRO D 437 85.09 -9.71 -9.28
C PRO D 437 84.05 -8.88 -8.55
N GLY D 438 84.42 -8.39 -7.36
CA GLY D 438 83.52 -7.58 -6.56
C GLY D 438 83.29 -6.21 -7.13
N GLN D 439 82.28 -5.52 -6.59
CA GLN D 439 81.95 -4.19 -7.08
C GLN D 439 82.19 -3.12 -6.03
N GLY D 440 83.34 -2.43 -6.12
CA GLY D 440 83.65 -1.38 -5.17
C GLY D 440 82.85 -0.15 -5.58
N ASN D 441 81.65 -0.03 -5.02
CA ASN D 441 80.75 1.08 -5.33
C ASN D 441 80.11 1.63 -4.05
N ASN D 442 79.73 2.90 -4.03
CA ASN D 442 79.11 3.53 -2.84
C ASN D 442 77.91 2.73 -2.33
N SER D 443 77.21 2.11 -3.27
CA SER D 443 76.04 1.30 -2.98
C SER D 443 76.22 0.42 -1.76
N TYR D 444 77.46 0.06 -1.45
CA TYR D 444 77.68 -0.76 -0.28
C TYR D 444 77.69 0.09 0.99
N VAL D 445 77.88 1.39 0.84
CA VAL D 445 77.98 2.29 1.98
C VAL D 445 76.82 3.23 2.31
N PHE D 446 76.35 4.01 1.34
CA PHE D 446 75.30 4.95 1.65
C PHE D 446 73.97 4.37 2.13
N PRO D 447 73.63 3.11 1.75
CA PRO D 447 72.36 2.57 2.24
C PRO D 447 72.45 2.37 3.77
N GLY D 448 73.48 1.64 4.19
CA GLY D 448 73.69 1.37 5.60
C GLY D 448 73.93 2.63 6.43
N VAL D 449 74.67 3.58 5.88
CA VAL D 449 74.93 4.82 6.61
C VAL D 449 73.64 5.58 6.80
N ALA D 450 72.80 5.56 5.77
CA ALA D 450 71.52 6.24 5.83
C ALA D 450 70.65 5.58 6.88
N LEU D 451 70.51 4.27 6.80
CA LEU D 451 69.71 3.51 7.76
C LEU D 451 70.18 3.87 9.16
N GLY D 452 71.49 3.77 9.38
CA GLY D 452 72.06 4.09 10.70
C GLY D 452 71.74 5.49 11.18
N VAL D 453 72.16 6.49 10.39
CA VAL D 453 71.94 7.89 10.73
C VAL D 453 70.47 8.18 11.07
N ILE D 454 69.56 7.73 10.22
CA ILE D 454 68.15 7.97 10.45
C ILE D 454 67.66 7.26 11.72
N SER D 455 68.12 6.03 11.93
CA SER D 455 67.70 5.26 13.09
C SER D 455 68.01 5.92 14.41
N CYS D 456 69.24 6.40 14.56
CA CYS D 456 69.69 7.01 15.81
C CYS D 456 69.74 8.53 15.79
N GLY D 457 69.44 9.13 14.65
CA GLY D 457 69.48 10.58 14.59
C GLY D 457 70.84 11.19 14.82
N LEU D 458 71.89 10.55 14.29
CA LEU D 458 73.24 11.08 14.40
C LEU D 458 73.16 12.51 13.84
N LYS D 459 73.60 13.48 14.63
CA LYS D 459 73.54 14.88 14.20
C LYS D 459 74.52 15.25 13.08
N HIS D 460 75.74 14.75 13.15
CA HIS D 460 76.73 15.03 12.11
C HIS D 460 77.54 13.78 11.80
N ILE D 461 78.03 13.68 10.57
CA ILE D 461 78.76 12.48 10.17
C ILE D 461 80.24 12.73 9.98
N GLY D 462 81.04 12.23 10.94
CA GLY D 462 82.48 12.41 10.85
C GLY D 462 83.15 11.30 10.07
N ASP D 463 84.37 11.56 9.60
CA ASP D 463 85.09 10.55 8.84
C ASP D 463 85.18 9.21 9.56
N ASP D 464 85.26 9.24 10.88
CA ASP D 464 85.36 8.01 11.65
C ASP D 464 84.24 7.07 11.26
N VAL D 465 83.06 7.65 10.99
CA VAL D 465 81.90 6.88 10.61
C VAL D 465 82.15 6.03 9.37
N PHE D 466 82.86 6.59 8.40
CA PHE D 466 83.16 5.86 7.19
C PHE D 466 84.30 4.86 7.34
N LEU D 467 85.31 5.19 8.14
CA LEU D 467 86.40 4.23 8.33
C LEU D 467 85.79 3.03 9.02
N THR D 468 84.96 3.30 10.03
CA THR D 468 84.30 2.23 10.77
C THR D 468 83.42 1.38 9.88
N THR D 469 82.60 2.01 9.06
CA THR D 469 81.74 1.24 8.17
C THR D 469 82.58 0.49 7.11
N ALA D 470 83.79 0.97 6.84
CA ALA D 470 84.66 0.31 5.89
C ALA D 470 85.04 -1.02 6.53
N GLU D 471 85.32 -0.96 7.84
CA GLU D 471 85.71 -2.14 8.58
C GLU D 471 84.54 -3.12 8.69
N VAL D 472 83.34 -2.59 8.92
CA VAL D 472 82.15 -3.43 9.05
C VAL D 472 81.96 -4.24 7.77
N ILE D 473 82.07 -3.57 6.63
CA ILE D 473 81.92 -4.21 5.33
C ILE D 473 82.95 -5.33 5.13
N ALA D 474 84.22 -5.00 5.34
CA ALA D 474 85.30 -5.97 5.19
C ALA D 474 85.10 -7.15 6.10
N GLN D 475 84.57 -6.90 7.30
CA GLN D 475 84.32 -7.93 8.30
C GLN D 475 83.33 -8.98 7.79
N GLU D 476 82.48 -8.57 6.85
CA GLU D 476 81.47 -9.48 6.29
C GLU D 476 81.92 -10.20 5.03
N VAL D 477 83.21 -10.12 4.72
CA VAL D 477 83.72 -10.81 3.55
C VAL D 477 84.29 -12.13 4.08
N SER D 478 83.64 -13.24 3.74
CA SER D 478 84.08 -14.55 4.21
C SER D 478 85.33 -15.09 3.53
N GLU D 479 85.91 -16.12 4.12
CA GLU D 479 87.09 -16.74 3.57
C GLU D 479 86.73 -17.23 2.16
N GLU D 480 85.56 -17.84 2.04
CA GLU D 480 85.07 -18.34 0.76
C GLU D 480 84.93 -17.23 -0.27
N ASN D 481 84.47 -16.08 0.18
CA ASN D 481 84.31 -14.94 -0.71
C ASN D 481 85.70 -14.63 -1.28
N LEU D 482 86.66 -14.43 -0.39
CA LEU D 482 88.03 -14.11 -0.77
C LEU D 482 88.62 -15.11 -1.75
N GLN D 483 88.36 -16.39 -1.52
CA GLN D 483 88.89 -17.43 -2.39
C GLN D 483 88.29 -17.40 -3.79
N GLU D 484 87.17 -16.72 -3.95
CA GLU D 484 86.53 -16.61 -5.26
C GLU D 484 87.00 -15.33 -5.92
N GLY D 485 87.73 -14.50 -5.18
CA GLY D 485 88.20 -13.25 -5.73
C GLY D 485 87.29 -12.10 -5.38
N ARG D 486 86.44 -12.29 -4.38
CA ARG D 486 85.52 -11.24 -3.96
C ARG D 486 86.11 -10.37 -2.85
N LEU D 487 86.22 -9.07 -3.07
CA LEU D 487 86.76 -8.17 -2.06
C LEU D 487 85.61 -7.66 -1.20
N TYR D 488 84.39 -7.85 -1.67
CA TYR D 488 83.19 -7.41 -0.97
C TYR D 488 82.18 -8.55 -0.84
N PRO D 489 81.34 -8.50 0.20
CA PRO D 489 80.34 -9.56 0.38
C PRO D 489 79.38 -9.57 -0.82
N PRO D 490 78.96 -10.77 -1.26
CA PRO D 490 78.05 -10.88 -2.40
C PRO D 490 76.88 -9.91 -2.33
N LEU D 491 76.49 -9.34 -3.47
CA LEU D 491 75.38 -8.39 -3.53
C LEU D 491 74.08 -8.92 -2.92
N VAL D 492 73.87 -10.23 -3.03
CA VAL D 492 72.67 -10.84 -2.48
C VAL D 492 72.50 -10.61 -0.97
N THR D 493 73.59 -10.38 -0.25
CA THR D 493 73.53 -10.13 1.20
C THR D 493 73.59 -8.65 1.54
N ILE D 494 73.55 -7.80 0.52
CA ILE D 494 73.65 -6.36 0.71
C ILE D 494 72.74 -5.79 1.80
N GLN D 495 71.56 -6.37 2.00
CA GLN D 495 70.65 -5.86 3.03
C GLN D 495 71.20 -6.18 4.42
N GLN D 496 71.66 -7.42 4.61
CA GLN D 496 72.24 -7.84 5.89
C GLN D 496 73.44 -6.97 6.22
N VAL D 497 74.24 -6.66 5.20
CA VAL D 497 75.44 -5.84 5.36
C VAL D 497 75.04 -4.45 5.81
N SER D 498 74.07 -3.87 5.11
CA SER D 498 73.59 -2.55 5.46
C SER D 498 73.09 -2.46 6.90
N LEU D 499 72.43 -3.51 7.40
CA LEU D 499 71.94 -3.50 8.78
C LEU D 499 73.11 -3.42 9.76
N LYS D 500 74.11 -4.27 9.56
CA LYS D 500 75.26 -4.27 10.43
C LYS D 500 75.89 -2.89 10.44
N ILE D 501 75.98 -2.25 9.28
CA ILE D 501 76.58 -0.91 9.20
C ILE D 501 75.79 0.08 10.05
N ALA D 502 74.47 0.00 9.95
CA ALA D 502 73.57 0.88 10.68
C ALA D 502 73.64 0.64 12.18
N VAL D 503 73.72 -0.62 12.58
CA VAL D 503 73.78 -0.93 13.99
C VAL D 503 75.07 -0.35 14.58
N ARG D 504 76.19 -0.61 13.91
CA ARG D 504 77.48 -0.14 14.37
C ARG D 504 77.45 1.39 14.49
N ILE D 505 76.96 2.05 13.45
CA ILE D 505 76.88 3.50 13.47
C ILE D 505 76.08 3.97 14.68
N ALA D 506 74.97 3.30 14.96
CA ALA D 506 74.11 3.65 16.10
C ALA D 506 74.86 3.48 17.42
N LYS D 507 75.44 2.32 17.64
CA LYS D 507 76.20 2.07 18.86
C LYS D 507 77.16 3.22 19.11
N GLU D 508 78.01 3.49 18.13
CA GLU D 508 78.99 4.56 18.23
C GLU D 508 78.31 5.88 18.54
N ALA D 509 77.18 6.13 17.90
CA ALA D 509 76.47 7.39 18.11
C ALA D 509 76.04 7.59 19.56
N TYR D 510 75.62 6.53 20.22
CA TYR D 510 75.19 6.64 21.61
C TYR D 510 76.37 6.81 22.54
N ARG D 511 77.43 6.08 22.23
CA ARG D 511 78.65 6.12 23.01
C ARG D 511 79.23 7.52 23.06
N ASN D 512 79.31 8.16 21.90
CA ASN D 512 79.87 9.50 21.81
C ASN D 512 78.82 10.57 21.99
N ASN D 513 77.62 10.13 22.32
CA ASN D 513 76.50 11.03 22.54
C ASN D 513 76.25 11.99 21.39
N THR D 514 76.33 11.47 20.16
CA THR D 514 76.07 12.25 18.97
C THR D 514 74.69 11.88 18.42
N ALA D 515 74.07 10.90 19.08
CA ALA D 515 72.75 10.44 18.68
C ALA D 515 71.68 11.42 19.13
N SER D 516 70.46 11.24 18.60
CA SER D 516 69.33 12.09 18.91
C SER D 516 68.08 11.29 19.23
N THR D 517 68.02 10.03 18.83
CA THR D 517 66.84 9.21 19.10
C THR D 517 66.85 8.65 20.53
N TYR D 518 65.97 9.15 21.38
CA TYR D 518 65.90 8.68 22.77
C TYR D 518 64.44 8.45 23.18
N PRO D 519 64.22 7.58 24.18
CA PRO D 519 65.23 6.83 24.92
C PRO D 519 66.01 5.85 24.04
N GLN D 520 67.24 5.57 24.43
CA GLN D 520 68.05 4.65 23.65
C GLN D 520 67.53 3.22 23.70
N PRO D 521 67.37 2.58 22.54
CA PRO D 521 66.89 1.21 22.50
C PRO D 521 67.83 0.29 23.26
N GLU D 522 67.26 -0.68 23.97
CA GLU D 522 68.03 -1.63 24.74
C GLU D 522 68.72 -2.58 23.77
N ASP D 523 68.05 -2.89 22.67
CA ASP D 523 68.60 -3.76 21.62
C ASP D 523 68.52 -3.06 20.26
N LEU D 524 69.59 -2.38 19.89
CA LEU D 524 69.66 -1.62 18.63
C LEU D 524 69.40 -2.43 17.37
N GLU D 525 69.89 -3.66 17.34
CA GLU D 525 69.66 -4.48 16.15
C GLU D 525 68.18 -4.70 15.98
N ALA D 526 67.53 -5.17 17.03
CA ALA D 526 66.10 -5.43 16.97
C ALA D 526 65.34 -4.15 16.63
N PHE D 527 65.79 -3.03 17.18
CA PHE D 527 65.10 -1.77 16.92
C PHE D 527 65.19 -1.41 15.45
N ILE D 528 66.40 -1.39 14.91
CA ILE D 528 66.55 -1.02 13.51
C ILE D 528 65.84 -2.01 12.60
N ARG D 529 65.82 -3.29 12.99
CA ARG D 529 65.14 -4.30 12.18
C ARG D 529 63.66 -3.96 12.04
N SER D 530 63.08 -3.45 13.12
CA SER D 530 61.67 -3.07 13.14
C SER D 530 61.40 -1.75 12.44
N GLN D 531 62.45 -1.05 12.03
CA GLN D 531 62.27 0.24 11.36
C GLN D 531 62.44 0.08 9.84
N VAL D 532 62.97 -1.06 9.42
CA VAL D 532 63.20 -1.32 8.00
C VAL D 532 61.93 -1.44 7.13
N TYR D 533 62.02 -0.97 5.90
CA TYR D 533 60.90 -1.01 4.94
C TYR D 533 60.44 -2.43 4.70
N SER D 534 59.14 -2.60 4.53
CA SER D 534 58.60 -3.93 4.26
C SER D 534 58.00 -3.95 2.87
N THR D 535 58.33 -5.01 2.14
CA THR D 535 57.86 -5.21 0.80
C THR D 535 56.39 -5.62 0.76
N ASP D 536 55.92 -6.24 1.84
CA ASP D 536 54.54 -6.71 1.93
C ASP D 536 53.48 -5.64 1.84
N TYR D 537 52.40 -5.97 1.13
CA TYR D 537 51.29 -5.02 0.98
C TYR D 537 50.61 -4.90 2.33
N ASN D 538 49.87 -3.82 2.51
CA ASN D 538 49.14 -3.62 3.75
C ASN D 538 47.67 -3.86 3.43
N CYS D 539 46.87 -4.07 4.47
CA CYS D 539 45.44 -4.32 4.28
C CYS D 539 44.65 -3.01 4.38
N PHE D 540 43.87 -2.69 3.35
CA PHE D 540 43.09 -1.46 3.34
C PHE D 540 41.68 -1.56 3.93
N VAL D 541 41.32 -2.75 4.40
CA VAL D 541 40.01 -2.97 4.98
C VAL D 541 39.91 -2.16 6.26
N ALA D 542 38.77 -1.51 6.48
CA ALA D 542 38.58 -0.72 7.69
C ALA D 542 38.64 -1.58 8.94
N ASP D 543 39.25 -1.03 9.98
CA ASP D 543 39.37 -1.73 11.26
C ASP D 543 37.98 -1.80 11.87
N SER D 544 37.29 -2.91 11.62
CA SER D 544 35.95 -3.11 12.13
C SER D 544 35.92 -4.04 13.34
N TYR D 545 35.13 -3.66 14.34
CA TYR D 545 35.02 -4.46 15.55
C TYR D 545 33.79 -3.97 16.30
N THR D 546 33.23 -4.85 17.12
CA THR D 546 32.03 -4.47 17.85
C THR D 546 32.19 -4.20 19.34
N TRP D 547 31.30 -3.37 19.85
CA TRP D 547 31.23 -3.00 21.26
C TRP D 547 30.26 -4.00 21.80
N PRO D 548 30.07 -4.04 23.15
CA PRO D 548 29.12 -4.99 23.73
C PRO D 548 27.81 -4.81 22.99
N GLU D 549 26.68 -4.92 23.64
CA GLU D 549 25.47 -4.73 22.86
C GLU D 549 24.62 -3.63 23.43
N GLU D 550 24.65 -3.50 24.74
CA GLU D 550 23.89 -2.47 25.40
C GLU D 550 24.56 -1.13 25.07
N ALA D 551 25.88 -1.15 24.94
CA ALA D 551 26.67 0.05 24.62
C ALA D 551 26.51 0.44 23.16
N MSE D 552 26.17 -0.54 22.33
CA MSE D 552 25.97 -0.35 20.90
C MSE D 552 24.52 0.01 20.59
O MSE D 552 24.16 0.27 19.45
CB MSE D 552 26.27 -1.63 20.14
CG MSE D 552 27.66 -1.78 19.61
SE MSE D 552 27.53 -3.02 18.14
CE MSE D 552 27.29 -4.68 19.07
N LYS D 553 23.68 -0.01 21.63
CA LYS D 553 22.25 0.28 21.53
C LYS D 553 21.97 1.63 20.86
N VAL D 554 21.00 1.64 19.96
CA VAL D 554 20.63 2.88 19.30
C VAL D 554 19.42 3.42 20.07
N LYS D 555 19.56 4.59 20.68
CA LYS D 555 18.47 5.17 21.45
C LYS D 555 17.33 5.70 20.57
N LYS E 1 -39.94 43.70 -62.39
CA LYS E 1 -41.31 43.47 -62.83
C LYS E 1 -41.74 44.61 -63.76
N LYS E 2 -42.91 44.48 -64.36
CA LYS E 2 -43.39 45.50 -65.26
C LYS E 2 -44.90 45.64 -65.29
N GLY E 3 -45.34 46.73 -65.89
CA GLY E 3 -46.76 47.00 -66.05
C GLY E 3 -47.52 47.34 -64.79
N TYR E 4 -48.83 47.46 -64.96
CA TYR E 4 -49.75 47.78 -63.88
C TYR E 4 -49.47 46.93 -62.64
N GLU E 5 -48.89 45.76 -62.86
CA GLU E 5 -48.54 44.82 -61.80
C GLU E 5 -47.66 45.52 -60.76
N VAL E 6 -46.79 46.39 -61.24
CA VAL E 6 -45.88 47.12 -60.39
C VAL E 6 -46.59 48.12 -59.49
N LEU E 7 -47.65 48.73 -59.99
CA LEU E 7 -48.40 49.70 -59.21
C LEU E 7 -49.18 49.09 -58.05
N ARG E 8 -49.51 47.80 -58.20
CA ARG E 8 -50.26 47.10 -57.16
C ARG E 8 -49.36 46.38 -56.17
N ASP E 9 -48.06 46.45 -56.40
CA ASP E 9 -47.09 45.84 -55.49
C ASP E 9 -46.58 46.97 -54.60
N PRO E 10 -47.06 47.05 -53.36
CA PRO E 10 -46.65 48.09 -52.40
C PRO E 10 -45.16 48.14 -52.13
N HIS E 11 -44.49 47.01 -52.31
CA HIS E 11 -43.05 46.98 -52.09
C HIS E 11 -42.28 47.63 -53.26
N LEU E 12 -42.94 47.80 -54.41
CA LEU E 12 -42.31 48.42 -55.56
C LEU E 12 -42.89 49.80 -55.85
N ASN E 13 -44.21 49.88 -55.86
CA ASN E 13 -44.96 51.10 -56.16
C ASN E 13 -44.46 52.41 -55.56
N LYS E 14 -44.12 53.37 -56.40
CA LYS E 14 -43.64 54.67 -55.94
C LYS E 14 -44.70 55.73 -56.16
N GLY E 15 -45.82 55.33 -56.74
CA GLY E 15 -46.87 56.30 -57.01
C GLY E 15 -46.39 57.31 -58.02
N MSE E 16 -46.83 58.55 -57.88
CA MSE E 16 -46.41 59.58 -58.83
C MSE E 16 -44.94 59.96 -58.67
O MSE E 16 -44.46 60.91 -59.28
CB MSE E 16 -47.31 60.81 -58.67
CG MSE E 16 -48.73 60.57 -59.11
SE MSE E 16 -49.88 62.11 -58.90
CE MSE E 16 -50.64 61.69 -57.17
N ALA E 17 -44.21 59.20 -57.84
CA ALA E 17 -42.78 59.45 -57.64
C ALA E 17 -42.00 58.77 -58.77
N PHE E 18 -42.71 58.02 -59.60
CA PHE E 18 -42.09 57.34 -60.73
C PHE E 18 -41.76 58.38 -61.77
N THR E 19 -40.49 58.50 -62.14
CA THR E 19 -40.07 59.47 -63.13
C THR E 19 -40.67 59.14 -64.50
N LEU E 20 -40.63 60.11 -65.41
CA LEU E 20 -41.14 59.88 -66.76
C LEU E 20 -40.41 58.71 -67.37
N GLU E 21 -39.09 58.73 -67.20
CA GLU E 21 -38.21 57.69 -67.71
C GLU E 21 -38.58 56.31 -67.19
N GLU E 22 -38.87 56.25 -65.89
CA GLU E 22 -39.24 55.00 -65.25
C GLU E 22 -40.58 54.49 -65.77
N ARG E 23 -41.57 55.37 -65.84
CA ARG E 23 -42.89 54.98 -66.31
C ARG E 23 -42.81 54.42 -67.72
N GLN E 24 -42.12 55.12 -68.62
CA GLN E 24 -41.98 54.65 -70.00
C GLN E 24 -41.31 53.27 -70.07
N GLN E 25 -40.24 53.07 -69.31
CA GLN E 25 -39.57 51.77 -69.34
C GLN E 25 -40.37 50.69 -68.61
N LEU E 26 -41.12 51.09 -67.59
CA LEU E 26 -41.91 50.16 -66.79
C LEU E 26 -43.26 49.86 -67.44
N ASN E 27 -43.54 50.53 -68.54
CA ASN E 27 -44.79 50.31 -69.26
C ASN E 27 -46.03 50.66 -68.45
N ILE E 28 -45.96 51.78 -67.75
CA ILE E 28 -47.07 52.26 -66.96
C ILE E 28 -47.33 53.71 -67.29
N HIS E 29 -46.61 54.24 -68.28
CA HIS E 29 -46.80 55.64 -68.65
C HIS E 29 -48.22 55.80 -69.14
N GLY E 30 -48.95 56.69 -68.47
CA GLY E 30 -50.35 56.91 -68.84
C GLY E 30 -51.29 56.34 -67.79
N LEU E 31 -50.77 55.51 -66.88
CA LEU E 31 -51.57 54.92 -65.83
C LEU E 31 -51.51 55.80 -64.57
N LEU E 32 -50.65 56.81 -64.62
CA LEU E 32 -50.48 57.74 -63.52
C LEU E 32 -50.74 59.16 -64.05
N PRO E 33 -51.31 60.05 -63.23
CA PRO E 33 -51.54 61.39 -63.72
C PRO E 33 -50.20 62.04 -64.08
N PRO E 34 -50.22 63.03 -64.98
CA PRO E 34 -49.07 63.79 -65.48
C PRO E 34 -48.30 64.71 -64.53
N CYS E 35 -48.01 64.23 -63.32
CA CYS E 35 -47.24 65.04 -62.40
C CYS E 35 -46.27 64.14 -61.64
N PHE E 36 -45.04 64.62 -61.48
CA PHE E 36 -44.01 63.85 -60.81
C PHE E 36 -43.63 64.55 -59.53
N LEU E 37 -43.57 63.81 -58.43
CA LEU E 37 -43.21 64.43 -57.17
C LEU E 37 -42.28 63.56 -56.33
N GLY E 38 -41.66 64.19 -55.34
CA GLY E 38 -40.74 63.50 -54.46
C GLY E 38 -41.44 63.10 -53.20
N GLN E 39 -40.75 62.32 -52.37
CA GLN E 39 -41.34 61.84 -51.13
C GLN E 39 -41.95 62.94 -50.27
N ASP E 40 -41.23 64.02 -50.05
CA ASP E 40 -41.77 65.11 -49.23
C ASP E 40 -43.13 65.58 -49.72
N ALA E 41 -43.30 65.68 -51.04
CA ALA E 41 -44.57 66.12 -51.59
C ALA E 41 -45.65 65.08 -51.32
N GLN E 42 -45.28 63.81 -51.42
CA GLN E 42 -46.22 62.73 -51.17
C GLN E 42 -46.64 62.71 -49.69
N VAL E 43 -45.67 62.92 -48.80
CA VAL E 43 -45.92 62.94 -47.36
C VAL E 43 -46.88 64.07 -47.04
N TYR E 44 -46.61 65.24 -47.58
CA TYR E 44 -47.46 66.39 -47.34
C TYR E 44 -48.93 65.99 -47.61
N SER E 45 -49.15 65.30 -48.73
CA SER E 45 -50.47 64.85 -49.16
C SER E 45 -51.09 63.88 -48.14
N ILE E 46 -50.27 63.00 -47.58
CA ILE E 46 -50.76 62.06 -46.59
C ILE E 46 -51.19 62.83 -45.34
N LEU E 47 -50.37 63.79 -44.91
CA LEU E 47 -50.69 64.58 -43.73
C LEU E 47 -51.99 65.36 -43.89
N LYS E 48 -52.26 65.86 -45.09
CA LYS E 48 -53.51 66.58 -45.29
C LYS E 48 -54.66 65.60 -45.11
N ASN E 49 -54.47 64.38 -45.61
CA ASN E 49 -55.48 63.35 -45.48
C ASN E 49 -55.64 62.86 -44.06
N PHE E 50 -54.55 62.93 -43.28
CA PHE E 50 -54.57 62.48 -41.89
C PHE E 50 -55.27 63.56 -41.06
N GLU E 51 -54.83 64.80 -41.24
CA GLU E 51 -55.39 65.95 -40.52
C GLU E 51 -56.92 66.02 -40.54
N ARG E 52 -57.53 65.83 -41.70
CA ARG E 52 -58.98 65.91 -41.80
C ARG E 52 -59.77 64.77 -41.18
N LEU E 53 -59.09 63.71 -40.73
CA LEU E 53 -59.83 62.61 -40.11
C LEU E 53 -60.25 62.99 -38.69
N THR E 54 -61.36 62.41 -38.24
CA THR E 54 -61.91 62.72 -36.92
C THR E 54 -62.06 61.52 -36.01
N SER E 55 -61.25 60.49 -36.22
CA SER E 55 -61.35 59.31 -35.37
C SER E 55 -60.05 58.50 -35.43
N ASP E 56 -59.61 58.00 -34.29
CA ASP E 56 -58.37 57.24 -34.29
C ASP E 56 -58.47 56.00 -35.17
N LEU E 57 -59.63 55.34 -35.19
CA LEU E 57 -59.78 54.15 -36.01
C LEU E 57 -59.64 54.51 -37.50
N ASP E 58 -60.15 55.67 -37.90
CA ASP E 58 -60.04 56.11 -39.28
C ASP E 58 -58.58 56.43 -39.62
N ARG E 59 -57.87 57.07 -38.70
CA ARG E 59 -56.47 57.39 -38.94
C ARG E 59 -55.69 56.09 -39.12
N TYR E 60 -56.05 55.08 -38.35
CA TYR E 60 -55.41 53.77 -38.44
C TYR E 60 -55.63 53.20 -39.83
N ILE E 61 -56.90 53.19 -40.23
CA ILE E 61 -57.28 52.66 -41.53
C ILE E 61 -56.57 53.41 -42.65
N LEU E 62 -56.44 54.72 -42.49
CA LEU E 62 -55.74 55.51 -43.50
C LEU E 62 -54.30 55.00 -43.61
N LEU E 63 -53.61 54.87 -42.48
CA LEU E 63 -52.23 54.40 -42.49
C LEU E 63 -52.04 52.96 -42.94
N MSE E 64 -52.98 52.09 -42.61
CA MSE E 64 -52.86 50.70 -43.02
C MSE E 64 -52.96 50.61 -44.52
O MSE E 64 -52.28 49.81 -45.15
CB MSE E 64 -53.96 49.85 -42.37
CG MSE E 64 -53.74 49.57 -40.90
SE MSE E 64 -51.98 48.78 -40.54
CE MSE E 64 -51.92 47.51 -42.02
N SER E 65 -53.83 51.43 -45.11
CA SER E 65 -54.01 51.44 -46.55
C SER E 65 -52.78 52.00 -47.23
N LEU E 66 -52.13 52.95 -46.58
CA LEU E 66 -50.92 53.53 -47.15
C LEU E 66 -49.92 52.40 -47.21
N GLN E 67 -49.85 51.63 -46.12
CA GLN E 67 -48.91 50.53 -46.06
C GLN E 67 -49.16 49.49 -47.14
N ASP E 68 -50.42 49.34 -47.56
CA ASP E 68 -50.76 48.39 -48.60
C ASP E 68 -50.64 48.97 -50.00
N ARG E 69 -50.26 50.24 -50.09
CA ARG E 69 -50.14 50.91 -51.37
C ARG E 69 -48.71 51.30 -51.73
N ASN E 70 -47.98 51.85 -50.77
CA ASN E 70 -46.61 52.32 -51.01
C ASN E 70 -45.79 52.12 -49.75
N GLU E 71 -45.02 51.03 -49.72
CA GLU E 71 -44.16 50.69 -48.60
C GLU E 71 -43.20 51.79 -48.16
N LYS E 72 -42.35 52.25 -49.07
CA LYS E 72 -41.40 53.31 -48.73
C LYS E 72 -42.11 54.52 -48.14
N LEU E 73 -43.16 54.98 -48.81
CA LEU E 73 -43.89 56.15 -48.34
C LEU E 73 -44.48 55.91 -46.96
N PHE E 74 -44.94 54.69 -46.70
CA PHE E 74 -45.52 54.34 -45.40
C PHE E 74 -44.49 54.54 -44.30
N TYR E 75 -43.36 53.86 -44.40
CA TYR E 75 -42.34 54.02 -43.38
C TYR E 75 -41.74 55.43 -43.40
N LYS E 76 -41.84 56.12 -44.52
CA LYS E 76 -41.32 57.47 -44.56
C LYS E 76 -42.18 58.33 -43.63
N VAL E 77 -43.50 58.16 -43.74
CA VAL E 77 -44.44 58.93 -42.93
C VAL E 77 -44.27 58.62 -41.45
N LEU E 78 -44.21 57.35 -41.11
CA LEU E 78 -44.05 56.88 -39.75
C LEU E 78 -42.82 57.48 -39.08
N THR E 79 -41.68 57.42 -39.75
CA THR E 79 -40.46 57.96 -39.17
C THR E 79 -40.35 59.48 -39.25
N SER E 80 -41.26 60.11 -39.98
CA SER E 80 -41.23 61.56 -40.10
C SER E 80 -41.62 62.22 -38.78
N ASP E 81 -42.44 61.53 -37.99
CA ASP E 81 -42.88 62.03 -36.69
C ASP E 81 -43.37 60.83 -35.92
N ILE E 82 -42.41 60.00 -35.53
CA ILE E 82 -42.68 58.77 -34.79
C ILE E 82 -43.57 58.95 -33.56
N GLU E 83 -43.47 60.08 -32.89
CA GLU E 83 -44.28 60.26 -31.70
C GLU E 83 -45.73 60.47 -32.05
N ARG E 84 -45.97 60.96 -33.25
CA ARG E 84 -47.32 61.23 -33.71
C ARG E 84 -48.00 60.00 -34.29
N PHE E 85 -47.26 59.19 -35.03
CA PHE E 85 -47.86 58.04 -35.67
C PHE E 85 -47.73 56.72 -34.97
N MSE E 86 -46.77 56.59 -34.07
CA MSE E 86 -46.64 55.33 -33.36
C MSE E 86 -47.90 55.06 -32.53
O MSE E 86 -48.33 53.92 -32.40
CB MSE E 86 -45.41 55.37 -32.44
CG MSE E 86 -44.99 53.99 -31.93
SE MSE E 86 -43.41 54.03 -30.82
CE MSE E 86 -44.05 53.06 -29.29
N PRO E 87 -48.50 56.10 -31.95
CA PRO E 87 -49.72 55.92 -31.14
C PRO E 87 -50.89 55.41 -31.99
N ILE E 88 -50.75 55.56 -33.31
CA ILE E 88 -51.78 55.12 -34.25
C ILE E 88 -51.54 53.70 -34.74
N VAL E 89 -50.33 53.42 -35.22
CA VAL E 89 -49.98 52.10 -35.72
C VAL E 89 -49.71 51.10 -34.60
N TYR E 90 -49.37 51.62 -33.42
CA TYR E 90 -49.06 50.78 -32.26
C TYR E 90 -50.01 51.15 -31.12
N THR E 91 -49.63 50.91 -29.86
CA THR E 91 -50.52 51.26 -28.75
C THR E 91 -50.71 52.76 -28.66
N PRO E 92 -51.93 53.21 -28.31
CA PRO E 92 -53.08 52.36 -28.00
C PRO E 92 -54.04 52.05 -29.16
N THR E 93 -53.97 52.82 -30.24
CA THR E 93 -54.86 52.61 -31.38
C THR E 93 -54.86 51.18 -31.97
N VAL E 94 -53.73 50.50 -31.94
CA VAL E 94 -53.69 49.14 -32.48
C VAL E 94 -54.59 48.18 -31.69
N GLY E 95 -54.89 48.53 -30.44
CA GLY E 95 -55.76 47.71 -29.63
C GLY E 95 -57.20 47.96 -30.07
N LEU E 96 -57.50 49.22 -30.34
CA LEU E 96 -58.80 49.66 -30.80
C LEU E 96 -59.03 49.01 -32.16
N ALA E 97 -57.96 48.98 -32.95
CA ALA E 97 -58.03 48.39 -34.29
C ALA E 97 -58.42 46.92 -34.13
N CYS E 98 -57.66 46.19 -33.32
CA CYS E 98 -57.96 44.78 -33.10
C CYS E 98 -59.40 44.55 -32.66
N GLN E 99 -59.88 45.37 -31.73
CA GLN E 99 -61.23 45.21 -31.22
C GLN E 99 -62.26 45.34 -32.32
N HIS E 100 -61.92 46.07 -33.39
CA HIS E 100 -62.82 46.28 -34.50
C HIS E 100 -62.19 45.84 -35.82
N TYR E 101 -61.29 44.86 -35.74
CA TYR E 101 -60.58 44.38 -36.91
C TYR E 101 -61.52 44.04 -38.07
N GLY E 102 -62.56 43.26 -37.80
CA GLY E 102 -63.51 42.90 -38.83
C GLY E 102 -64.01 44.13 -39.57
N LEU E 103 -64.27 45.19 -38.82
CA LEU E 103 -64.75 46.45 -39.39
C LEU E 103 -63.66 47.15 -40.19
N ALA E 104 -62.47 47.28 -39.61
CA ALA E 104 -61.36 47.97 -40.25
C ALA E 104 -60.75 47.22 -41.43
N PHE E 105 -61.03 45.93 -41.52
CA PHE E 105 -60.49 45.12 -42.60
C PHE E 105 -60.74 45.67 -44.01
N ARG E 106 -59.70 45.66 -44.84
CA ARG E 106 -59.82 46.11 -46.22
C ARG E 106 -59.08 45.09 -47.09
N ARG E 107 -57.75 45.11 -47.04
CA ARG E 107 -56.95 44.15 -47.78
C ARG E 107 -56.29 43.28 -46.72
N PRO E 108 -56.09 41.99 -46.99
CA PRO E 108 -55.46 41.12 -46.00
C PRO E 108 -53.97 41.37 -45.86
N ARG E 109 -53.41 40.95 -44.74
CA ARG E 109 -51.99 41.11 -44.48
C ARG E 109 -51.52 40.04 -43.53
N GLY E 110 -50.42 39.39 -43.90
CA GLY E 110 -49.89 38.36 -43.03
C GLY E 110 -50.31 36.98 -43.46
N LEU E 111 -49.84 35.98 -42.72
CA LEU E 111 -50.15 34.60 -43.01
C LEU E 111 -51.09 34.10 -41.93
N PHE E 112 -52.21 33.51 -42.32
CA PHE E 112 -53.17 32.99 -41.36
C PHE E 112 -53.13 31.46 -41.44
N ILE E 113 -52.58 30.83 -40.41
CA ILE E 113 -52.51 29.39 -40.37
C ILE E 113 -53.54 28.86 -39.36
N THR E 114 -54.34 27.90 -39.80
CA THR E 114 -55.39 27.33 -38.99
C THR E 114 -55.05 25.97 -38.37
N ILE E 115 -55.71 25.65 -37.26
CA ILE E 115 -55.51 24.37 -36.59
C ILE E 115 -55.99 23.26 -37.53
N HIS E 116 -56.81 23.63 -38.51
CA HIS E 116 -57.34 22.69 -39.49
C HIS E 116 -56.37 22.45 -40.65
N ASP E 117 -55.27 23.17 -40.65
CA ASP E 117 -54.25 23.02 -41.69
C ASP E 117 -53.10 22.16 -41.20
N ARG E 118 -53.31 21.43 -40.11
CA ARG E 118 -52.25 20.60 -39.57
C ARG E 118 -51.75 19.67 -40.65
N GLY E 119 -50.44 19.69 -40.87
CA GLY E 119 -49.85 18.81 -41.87
C GLY E 119 -49.66 19.43 -43.24
N HIS E 120 -50.03 20.70 -43.37
CA HIS E 120 -49.91 21.39 -44.67
C HIS E 120 -49.32 22.78 -44.56
N ILE E 121 -48.70 23.08 -43.42
CA ILE E 121 -48.11 24.38 -43.17
C ILE E 121 -47.01 24.68 -44.19
N ALA E 122 -46.15 23.70 -44.43
CA ALA E 122 -45.05 23.90 -45.38
C ALA E 122 -45.63 24.43 -46.71
N THR E 123 -46.70 23.79 -47.16
CA THR E 123 -47.36 24.18 -48.40
C THR E 123 -47.85 25.63 -48.36
N MSE E 124 -48.39 26.04 -47.22
CA MSE E 124 -48.92 27.39 -47.08
C MSE E 124 -47.83 28.44 -47.11
O MSE E 124 -48.05 29.56 -47.60
CB MSE E 124 -49.72 27.49 -45.79
CG MSE E 124 -50.87 26.50 -45.74
SE MSE E 124 -51.91 26.67 -44.14
CE MSE E 124 -52.78 28.35 -44.48
N LEU E 125 -46.65 28.10 -46.60
CA LEU E 125 -45.55 29.04 -46.59
C LEU E 125 -45.16 29.41 -48.01
N GLN E 126 -45.46 28.53 -48.97
CA GLN E 126 -45.13 28.79 -50.36
C GLN E 126 -46.05 29.88 -50.88
N SER E 127 -47.29 29.88 -50.38
CA SER E 127 -48.28 30.87 -50.79
C SER E 127 -47.78 32.26 -50.51
N TRP E 128 -46.79 32.37 -49.63
CA TRP E 128 -46.26 33.67 -49.29
C TRP E 128 -45.22 34.06 -50.34
N PRO E 129 -45.44 35.19 -51.02
CA PRO E 129 -44.56 35.70 -52.06
C PRO E 129 -43.06 35.58 -51.74
N GLU E 130 -42.63 36.17 -50.63
CA GLU E 130 -41.22 36.09 -50.23
C GLU E 130 -40.82 34.69 -49.80
N SER E 131 -39.65 34.28 -50.27
CA SER E 131 -39.10 32.97 -49.95
C SER E 131 -37.91 33.14 -49.00
N VAL E 132 -37.56 34.39 -48.73
CA VAL E 132 -36.46 34.71 -47.85
C VAL E 132 -36.95 35.61 -46.71
N ILE E 133 -37.34 34.98 -45.62
CA ILE E 133 -37.84 35.66 -44.42
C ILE E 133 -36.81 35.49 -43.32
N LYS E 134 -36.54 36.55 -42.57
CA LYS E 134 -35.55 36.47 -41.49
C LYS E 134 -36.15 36.65 -40.11
N ALA E 135 -37.41 37.08 -40.05
CA ALA E 135 -38.09 37.29 -38.78
C ALA E 135 -39.59 37.09 -38.91
N ILE E 136 -40.20 36.53 -37.86
CA ILE E 136 -41.63 36.24 -37.80
C ILE E 136 -42.16 36.62 -36.42
N VAL E 137 -43.33 37.26 -36.38
CA VAL E 137 -43.98 37.62 -35.11
C VAL E 137 -45.31 36.88 -35.13
N VAL E 138 -45.44 35.85 -34.31
CA VAL E 138 -46.67 35.05 -34.26
C VAL E 138 -47.48 35.25 -33.02
N THR E 139 -48.78 35.08 -33.17
CA THR E 139 -49.71 35.20 -32.06
C THR E 139 -50.88 34.27 -32.32
N ASP E 140 -51.58 33.85 -31.28
CA ASP E 140 -52.76 33.03 -31.48
C ASP E 140 -53.93 33.88 -30.98
N GLY E 141 -53.61 35.11 -30.63
CA GLY E 141 -54.59 36.07 -30.15
C GLY E 141 -55.33 35.79 -28.86
N GLU E 142 -54.81 34.90 -28.01
CA GLU E 142 -55.50 34.62 -26.77
C GLU E 142 -55.32 35.72 -25.71
N ARG E 143 -54.23 36.48 -25.78
CA ARG E 143 -53.99 37.55 -24.81
C ARG E 143 -53.48 38.81 -25.50
N ILE E 144 -54.37 39.50 -26.22
CA ILE E 144 -54.00 40.71 -26.95
C ILE E 144 -53.98 41.93 -26.04
N LEU E 145 -52.78 42.33 -25.62
CA LEU E 145 -52.66 43.45 -24.70
C LEU E 145 -53.53 43.05 -23.51
N GLY E 146 -54.12 44.03 -22.82
CA GLY E 146 -54.97 43.71 -21.70
C GLY E 146 -56.42 43.63 -22.15
N LEU E 147 -56.62 43.30 -23.43
CA LEU E 147 -57.97 43.21 -23.99
C LEU E 147 -58.53 41.80 -24.05
N GLY E 148 -57.72 40.81 -23.66
CA GLY E 148 -58.20 39.44 -23.66
C GLY E 148 -58.07 38.66 -24.95
N ASP E 149 -58.90 37.63 -25.09
CA ASP E 149 -58.91 36.76 -26.27
C ASP E 149 -59.66 37.43 -27.42
N LEU E 150 -58.93 37.99 -28.37
CA LEU E 150 -59.59 38.63 -29.51
C LEU E 150 -59.54 37.75 -30.75
N GLY E 151 -59.19 36.48 -30.55
CA GLY E 151 -59.13 35.57 -31.67
C GLY E 151 -58.39 36.09 -32.88
N CYS E 152 -58.91 35.79 -34.06
CA CYS E 152 -58.25 36.20 -35.30
C CYS E 152 -58.13 37.71 -35.47
N TYR E 153 -58.86 38.47 -34.66
CA TYR E 153 -58.79 39.93 -34.72
C TYR E 153 -57.44 40.35 -34.16
N GLY E 154 -56.72 39.40 -33.58
CA GLY E 154 -55.42 39.71 -33.02
C GLY E 154 -54.30 39.92 -34.02
N MSE E 155 -54.57 39.64 -35.30
CA MSE E 155 -53.58 39.81 -36.35
C MSE E 155 -53.01 41.23 -36.36
O MSE E 155 -51.89 41.46 -36.78
CB MSE E 155 -54.20 39.47 -37.71
CG MSE E 155 -53.26 39.65 -38.90
SE MSE E 155 -51.58 38.75 -38.66
CE MSE E 155 -51.87 37.18 -39.73
N GLY E 156 -53.80 42.19 -35.87
CA GLY E 156 -53.35 43.57 -35.84
C GLY E 156 -52.06 43.77 -35.04
N ILE E 157 -51.85 42.95 -34.02
CA ILE E 157 -50.67 43.05 -33.18
C ILE E 157 -49.37 42.72 -33.94
N PRO E 158 -49.27 41.50 -34.48
CA PRO E 158 -48.03 41.17 -35.22
C PRO E 158 -47.71 42.23 -36.28
N VAL E 159 -48.73 42.75 -36.94
CA VAL E 159 -48.56 43.75 -37.98
C VAL E 159 -47.98 45.03 -37.38
N GLY E 160 -48.46 45.36 -36.19
CA GLY E 160 -47.98 46.55 -35.52
C GLY E 160 -46.56 46.34 -35.04
N LYS E 161 -46.28 45.16 -34.50
CA LYS E 161 -44.95 44.84 -34.01
C LYS E 161 -43.92 45.01 -35.11
N LEU E 162 -44.21 44.42 -36.28
CA LEU E 162 -43.33 44.53 -37.41
C LEU E 162 -43.19 45.96 -37.94
N ALA E 163 -44.27 46.74 -37.88
CA ALA E 163 -44.22 48.10 -38.35
C ALA E 163 -43.10 48.82 -37.64
N LEU E 164 -42.92 48.50 -36.36
CA LEU E 164 -41.87 49.12 -35.55
C LEU E 164 -40.53 48.42 -35.76
N TYR E 165 -40.58 47.16 -36.20
CA TYR E 165 -39.35 46.44 -36.48
C TYR E 165 -38.59 47.33 -37.45
N THR E 166 -39.32 47.85 -38.42
CA THR E 166 -38.76 48.71 -39.44
C THR E 166 -38.61 50.16 -39.04
N ALA E 167 -39.69 50.75 -38.54
CA ALA E 167 -39.68 52.16 -38.16
C ALA E 167 -38.73 52.50 -37.01
N CYS E 168 -38.61 51.59 -36.05
CA CYS E 168 -37.75 51.81 -34.88
C CYS E 168 -36.44 51.03 -34.93
N GLY E 169 -36.45 49.88 -35.59
CA GLY E 169 -35.25 49.07 -35.66
C GLY E 169 -34.44 49.22 -36.93
N GLY E 170 -35.14 49.43 -38.04
CA GLY E 170 -34.44 49.54 -39.30
C GLY E 170 -34.36 48.19 -39.99
N VAL E 171 -35.12 47.22 -39.49
CA VAL E 171 -35.15 45.90 -40.11
C VAL E 171 -35.95 46.05 -41.38
N LYS E 172 -35.51 45.40 -42.46
CA LYS E 172 -36.21 45.49 -43.74
C LYS E 172 -37.58 44.81 -43.69
N PRO E 173 -38.64 45.55 -44.06
CA PRO E 173 -40.02 45.05 -44.07
C PRO E 173 -40.21 43.78 -44.86
N HIS E 174 -39.60 43.72 -46.04
CA HIS E 174 -39.76 42.56 -46.89
C HIS E 174 -39.23 41.24 -46.36
N GLN E 175 -38.41 41.29 -45.31
CA GLN E 175 -37.88 40.07 -44.74
C GLN E 175 -38.68 39.62 -43.54
N CYS E 176 -39.74 40.35 -43.21
CA CYS E 176 -40.57 40.03 -42.04
C CYS E 176 -41.97 39.50 -42.37
N LEU E 177 -42.39 38.50 -41.61
CA LEU E 177 -43.70 37.87 -41.83
C LEU E 177 -44.57 37.79 -40.59
N PRO E 178 -45.71 38.51 -40.60
CA PRO E 178 -46.64 38.50 -39.46
C PRO E 178 -47.52 37.24 -39.57
N VAL E 179 -47.66 36.49 -38.49
CA VAL E 179 -48.46 35.26 -38.53
C VAL E 179 -49.52 35.12 -37.45
N MSE E 180 -50.69 34.65 -37.85
CA MSE E 180 -51.80 34.44 -36.92
C MSE E 180 -52.12 32.95 -36.91
O MSE E 180 -52.41 32.37 -37.95
CB MSE E 180 -53.02 35.24 -37.38
CG MSE E 180 -54.33 34.84 -36.71
SE MSE E 180 -54.50 35.25 -34.81
CE MSE E 180 -54.48 33.48 -34.12
N LEU E 181 -52.03 32.32 -35.73
CA LEU E 181 -52.34 30.91 -35.59
C LEU E 181 -53.74 30.79 -35.03
N ASP E 182 -54.73 30.63 -35.91
CA ASP E 182 -56.12 30.55 -35.48
C ASP E 182 -56.53 29.13 -35.15
N VAL E 183 -56.79 28.87 -33.89
CA VAL E 183 -57.21 27.55 -33.43
C VAL E 183 -58.61 27.65 -32.82
N GLY E 184 -59.22 28.82 -33.00
CA GLY E 184 -60.54 29.08 -32.47
C GLY E 184 -60.41 30.21 -31.47
N THR E 185 -61.53 30.60 -30.85
CA THR E 185 -61.53 31.68 -29.86
C THR E 185 -62.58 31.37 -28.80
N ASP E 186 -62.28 31.72 -27.55
CA ASP E 186 -63.24 31.45 -26.49
C ASP E 186 -64.14 32.65 -26.24
N ASN E 187 -63.90 33.72 -26.97
CA ASN E 187 -64.69 34.93 -26.80
C ASN E 187 -66.10 34.73 -27.37
N GLU E 188 -67.08 34.57 -26.48
CA GLU E 188 -68.47 34.39 -26.89
C GLU E 188 -68.99 35.54 -27.76
N THR E 189 -68.48 36.73 -27.49
CA THR E 189 -68.87 37.91 -28.23
C THR E 189 -68.45 37.83 -29.69
N LEU E 190 -67.20 37.45 -29.91
CA LEU E 190 -66.69 37.32 -31.27
C LEU E 190 -67.40 36.21 -32.04
N LEU E 191 -67.66 35.11 -31.36
CA LEU E 191 -68.35 33.99 -31.98
C LEU E 191 -69.70 34.43 -32.52
N LYS E 192 -70.26 35.49 -31.95
CA LYS E 192 -71.55 36.01 -32.40
C LYS E 192 -71.39 37.24 -33.32
N ASP E 193 -70.21 37.85 -33.34
CA ASP E 193 -69.96 39.03 -34.17
C ASP E 193 -70.09 38.65 -35.64
N PRO E 194 -71.00 39.32 -36.37
CA PRO E 194 -71.19 39.01 -37.79
C PRO E 194 -69.99 39.43 -38.64
N LEU E 195 -69.10 40.23 -38.06
CA LEU E 195 -67.92 40.68 -38.78
C LEU E 195 -66.69 39.87 -38.47
N TYR E 196 -66.80 38.91 -37.54
CA TYR E 196 -65.63 38.10 -37.17
C TYR E 196 -65.03 37.38 -38.37
N ILE E 197 -63.70 37.41 -38.46
CA ILE E 197 -62.99 36.80 -39.58
C ILE E 197 -62.28 35.48 -39.25
N GLY E 198 -62.33 35.07 -37.98
CA GLY E 198 -61.65 33.84 -37.60
C GLY E 198 -62.59 32.66 -37.53
N LEU E 199 -62.04 31.50 -37.15
CA LEU E 199 -62.84 30.30 -37.02
C LEU E 199 -63.89 30.51 -35.95
N ARG E 200 -65.12 30.11 -36.25
CA ARG E 200 -66.22 30.28 -35.33
C ARG E 200 -66.46 29.13 -34.37
N HIS E 201 -65.46 28.78 -33.58
CA HIS E 201 -65.61 27.72 -32.58
C HIS E 201 -64.60 27.93 -31.46
N LYS E 202 -64.87 27.34 -30.31
CA LYS E 202 -63.97 27.47 -29.17
C LYS E 202 -62.56 27.03 -29.52
N ARG E 203 -61.59 27.62 -28.82
CA ARG E 203 -60.19 27.31 -29.05
C ARG E 203 -59.92 25.83 -28.87
N ILE E 204 -59.09 25.27 -29.76
CA ILE E 204 -58.73 23.86 -29.65
C ILE E 204 -57.48 23.78 -28.79
N ARG E 205 -57.51 22.90 -27.78
CA ARG E 205 -56.37 22.77 -26.88
C ARG E 205 -55.81 21.37 -26.90
N GLY E 206 -54.91 21.09 -25.97
CA GLY E 206 -54.32 19.77 -25.88
C GLY E 206 -53.26 19.46 -26.92
N GLN E 207 -53.13 18.17 -27.25
CA GLN E 207 -52.14 17.70 -28.22
C GLN E 207 -52.28 18.29 -29.62
N ALA E 208 -53.52 18.49 -30.05
CA ALA E 208 -53.73 19.05 -31.38
C ALA E 208 -53.01 20.39 -31.46
N TYR E 209 -53.22 21.21 -30.45
CA TYR E 209 -52.59 22.54 -30.37
C TYR E 209 -51.06 22.39 -30.42
N ASP E 210 -50.51 21.65 -29.47
CA ASP E 210 -49.07 21.45 -29.40
C ASP E 210 -48.47 20.97 -30.70
N ASP E 211 -49.16 20.05 -31.37
CA ASP E 211 -48.67 19.51 -32.65
C ASP E 211 -48.62 20.58 -33.73
N LEU E 212 -49.60 21.46 -33.73
CA LEU E 212 -49.65 22.53 -34.71
C LEU E 212 -48.41 23.39 -34.52
N LEU E 213 -48.16 23.78 -33.27
CA LEU E 213 -47.02 24.62 -32.96
C LEU E 213 -45.72 23.95 -33.38
N ASP E 214 -45.58 22.67 -33.06
CA ASP E 214 -44.38 21.97 -33.45
C ASP E 214 -44.19 22.02 -34.96
N GLU E 215 -45.26 21.74 -35.70
CA GLU E 215 -45.20 21.72 -37.14
C GLU E 215 -44.87 23.11 -37.67
N PHE E 216 -45.46 24.12 -37.06
CA PHE E 216 -45.21 25.48 -37.49
C PHE E 216 -43.73 25.82 -37.39
N MSE E 217 -43.15 25.58 -36.23
CA MSE E 217 -41.74 25.87 -36.00
C MSE E 217 -40.84 25.11 -36.97
O MSE E 217 -39.85 25.64 -37.47
CB MSE E 217 -41.39 25.54 -34.54
CG MSE E 217 -42.13 26.39 -33.53
SE MSE E 217 -41.52 28.23 -33.42
CE MSE E 217 -42.19 28.91 -35.07
N GLU E 218 -41.21 23.86 -37.24
CA GLU E 218 -40.43 23.00 -38.14
C GLU E 218 -40.52 23.49 -39.59
N ALA E 219 -41.74 23.82 -40.01
CA ALA E 219 -41.96 24.28 -41.37
C ALA E 219 -41.23 25.59 -41.66
N VAL E 220 -41.36 26.54 -40.75
CA VAL E 220 -40.74 27.84 -40.90
C VAL E 220 -39.22 27.78 -41.00
N THR E 221 -38.61 26.97 -40.13
CA THR E 221 -37.16 26.85 -40.12
C THR E 221 -36.62 26.03 -41.27
N SER E 222 -37.46 25.12 -41.77
CA SER E 222 -37.05 24.28 -42.89
C SER E 222 -36.97 25.09 -44.15
N ARG E 223 -37.93 25.98 -44.33
CA ARG E 223 -37.98 26.82 -45.52
C ARG E 223 -37.10 28.06 -45.41
N TYR E 224 -37.20 28.76 -44.28
CA TYR E 224 -36.45 30.00 -44.07
C TYR E 224 -35.08 29.84 -43.42
N GLY E 225 -34.82 28.69 -42.81
CA GLY E 225 -33.53 28.46 -42.16
C GLY E 225 -33.58 28.50 -40.64
N MSE E 226 -32.66 27.79 -39.99
CA MSE E 226 -32.62 27.74 -38.53
C MSE E 226 -32.28 29.08 -37.90
O MSE E 226 -32.46 29.27 -36.70
CB MSE E 226 -31.61 26.69 -38.08
CG MSE E 226 -32.01 25.28 -38.43
SE MSE E 226 -33.49 24.61 -37.39
CE MSE E 226 -32.85 22.83 -37.02
N ASN E 227 -31.79 30.02 -38.71
CA ASN E 227 -31.47 31.34 -38.22
C ASN E 227 -32.68 32.27 -38.24
N CYS E 228 -33.81 31.77 -38.70
CA CYS E 228 -35.00 32.61 -38.75
C CYS E 228 -35.45 32.96 -37.33
N LEU E 229 -35.66 34.24 -37.10
CA LEU E 229 -36.08 34.75 -35.81
C LEU E 229 -37.59 34.56 -35.66
N ILE E 230 -38.02 33.92 -34.58
CA ILE E 230 -39.45 33.73 -34.33
C ILE E 230 -39.80 34.40 -33.00
N GLN E 231 -40.62 35.44 -33.06
CA GLN E 231 -41.01 36.18 -31.86
C GLN E 231 -42.45 35.86 -31.50
N PHE E 232 -42.63 35.26 -30.32
CA PHE E 232 -43.98 34.95 -29.84
C PHE E 232 -44.59 36.19 -29.20
N GLU E 233 -45.84 36.47 -29.54
CA GLU E 233 -46.49 37.66 -29.02
C GLU E 233 -47.95 37.40 -28.65
N ASP E 234 -48.34 37.94 -27.50
CA ASP E 234 -49.70 37.82 -27.01
C ASP E 234 -50.38 36.45 -26.92
N PHE E 235 -49.65 35.45 -26.42
CA PHE E 235 -50.20 34.12 -26.22
C PHE E 235 -50.64 34.14 -24.76
N ALA E 236 -51.53 33.22 -24.39
CA ALA E 236 -51.99 33.14 -23.02
C ALA E 236 -50.85 32.64 -22.14
N ASN E 237 -50.94 33.00 -20.87
CA ASN E 237 -49.96 32.66 -19.83
C ASN E 237 -49.33 31.29 -19.96
N ALA E 238 -50.13 30.23 -19.78
CA ALA E 238 -49.61 28.87 -19.84
C ALA E 238 -48.83 28.58 -21.12
N ASN E 239 -49.48 28.73 -22.27
CA ASN E 239 -48.82 28.49 -23.55
C ASN E 239 -47.55 29.31 -23.71
N ALA E 240 -47.63 30.59 -23.36
CA ALA E 240 -46.50 31.49 -23.50
C ALA E 240 -45.24 30.90 -22.87
N PHE E 241 -45.33 30.51 -21.60
CA PHE E 241 -44.17 29.95 -20.90
C PHE E 241 -43.73 28.58 -21.42
N ARG E 242 -44.65 27.64 -21.63
CA ARG E 242 -44.21 26.34 -22.10
C ARG E 242 -43.64 26.40 -23.51
N LEU E 243 -44.27 27.16 -24.38
CA LEU E 243 -43.75 27.29 -25.73
C LEU E 243 -42.34 27.85 -25.68
N LEU E 244 -42.15 28.92 -24.91
CA LEU E 244 -40.82 29.54 -24.79
C LEU E 244 -39.77 28.56 -24.30
N HIS E 245 -40.07 27.86 -23.21
CA HIS E 245 -39.13 26.89 -22.67
C HIS E 245 -38.91 25.71 -23.62
N LYS E 246 -39.89 25.41 -24.45
CA LYS E 246 -39.77 24.28 -25.37
C LYS E 246 -38.92 24.53 -26.62
N TYR E 247 -38.96 25.74 -27.14
CA TYR E 247 -38.24 26.07 -28.36
C TYR E 247 -37.01 26.98 -28.14
N ARG E 248 -36.95 27.63 -26.99
CA ARG E 248 -35.86 28.54 -26.63
C ARG E 248 -34.45 28.10 -27.09
N ASN E 249 -34.09 26.85 -26.83
CA ASN E 249 -32.78 26.32 -27.19
C ASN E 249 -32.71 25.51 -28.46
N LYS E 250 -33.86 25.27 -29.07
CA LYS E 250 -33.91 24.50 -30.31
C LYS E 250 -33.88 25.46 -31.50
N TYR E 251 -34.61 26.56 -31.40
CA TYR E 251 -34.66 27.55 -32.48
C TYR E 251 -34.25 28.95 -32.05
N CYS E 252 -34.23 29.88 -32.98
CA CYS E 252 -33.87 31.26 -32.66
C CYS E 252 -35.19 31.95 -32.34
N THR E 253 -35.61 31.85 -31.09
CA THR E 253 -36.88 32.43 -30.70
C THR E 253 -36.87 33.03 -29.30
N PHE E 254 -37.85 33.89 -29.03
CA PHE E 254 -38.02 34.54 -27.73
C PHE E 254 -39.46 35.08 -27.66
N ASN E 255 -39.96 35.27 -26.45
CA ASN E 255 -41.31 35.79 -26.22
C ASN E 255 -41.26 37.24 -25.79
N ASP E 256 -41.74 38.12 -26.65
CA ASP E 256 -41.76 39.55 -26.38
C ASP E 256 -42.42 39.93 -25.06
N ASP E 257 -43.59 39.36 -24.80
CA ASP E 257 -44.33 39.66 -23.57
C ASP E 257 -43.55 39.35 -22.31
N ILE E 258 -42.88 38.20 -22.29
CA ILE E 258 -42.11 37.75 -21.13
C ILE E 258 -40.69 38.31 -20.99
N GLN E 259 -39.93 38.25 -22.08
CA GLN E 259 -38.55 38.71 -22.09
C GLN E 259 -38.38 40.15 -22.52
N GLY E 260 -39.05 40.53 -23.60
CA GLY E 260 -38.95 41.90 -24.05
C GLY E 260 -39.33 42.90 -22.98
N THR E 261 -40.46 42.65 -22.32
CA THR E 261 -40.97 43.53 -21.27
C THR E 261 -40.01 43.59 -20.08
N ALA E 262 -39.47 42.44 -19.70
CA ALA E 262 -38.54 42.37 -18.59
C ALA E 262 -37.34 43.28 -18.88
N SER E 263 -36.86 43.22 -20.12
CA SER E 263 -35.73 44.02 -20.55
C SER E 263 -35.99 45.51 -20.39
N VAL E 264 -37.15 45.97 -20.87
CA VAL E 264 -37.49 47.39 -20.78
C VAL E 264 -37.81 47.80 -19.36
N ALA E 265 -38.39 46.89 -18.60
CA ALA E 265 -38.74 47.22 -17.23
C ALA E 265 -37.45 47.45 -16.43
N VAL E 266 -36.47 46.55 -16.61
CA VAL E 266 -35.20 46.67 -15.91
C VAL E 266 -34.42 47.87 -16.44
N ALA E 267 -34.56 48.16 -17.73
CA ALA E 267 -33.84 49.30 -18.29
C ALA E 267 -34.28 50.56 -17.54
N GLY E 268 -35.58 50.66 -17.27
CA GLY E 268 -36.12 51.81 -16.57
C GLY E 268 -35.62 51.91 -15.16
N LEU E 269 -35.59 50.78 -14.46
CA LEU E 269 -35.11 50.75 -13.09
C LEU E 269 -33.64 51.21 -13.09
N LEU E 270 -32.84 50.56 -13.92
CA LEU E 270 -31.43 50.91 -14.01
C LEU E 270 -31.28 52.42 -14.15
N ALA E 271 -32.10 53.02 -14.99
CA ALA E 271 -32.05 54.47 -15.18
C ALA E 271 -32.51 55.16 -13.89
N ALA E 272 -33.57 54.64 -13.30
CA ALA E 272 -34.10 55.21 -12.06
C ALA E 272 -33.06 55.32 -10.95
N LEU E 273 -32.22 54.30 -10.82
CA LEU E 273 -31.18 54.28 -9.78
C LEU E 273 -30.34 55.56 -9.75
N ARG E 274 -30.28 56.27 -10.87
CA ARG E 274 -29.50 57.49 -10.94
C ARG E 274 -30.23 58.67 -10.35
N ILE E 275 -31.51 58.48 -10.06
CA ILE E 275 -32.30 59.54 -9.44
C ILE E 275 -32.41 59.19 -7.95
N THR E 276 -32.81 57.96 -7.66
CA THR E 276 -32.96 57.54 -6.29
C THR E 276 -31.61 57.36 -5.64
N LYS E 277 -30.55 57.56 -6.41
CA LYS E 277 -29.17 57.46 -5.89
C LYS E 277 -28.87 56.27 -4.97
N ASN E 278 -29.16 55.05 -5.39
CA ASN E 278 -28.86 53.88 -4.57
C ASN E 278 -28.64 52.70 -5.48
N ARG E 279 -28.61 51.52 -4.88
CA ARG E 279 -28.40 50.30 -5.66
C ARG E 279 -29.70 49.54 -5.83
N LEU E 280 -29.78 48.77 -6.92
CA LEU E 280 -30.98 47.99 -7.21
C LEU E 280 -31.24 47.05 -6.04
N SER E 281 -30.19 46.71 -5.32
CA SER E 281 -30.30 45.80 -4.19
C SER E 281 -30.92 46.45 -2.98
N ASP E 282 -31.22 47.74 -3.08
CA ASP E 282 -31.81 48.42 -1.95
C ASP E 282 -33.31 48.57 -2.08
N HIS E 283 -33.82 48.31 -3.28
CA HIS E 283 -35.25 48.44 -3.49
C HIS E 283 -36.03 47.20 -3.12
N THR E 284 -37.34 47.39 -3.00
CA THR E 284 -38.28 46.32 -2.66
C THR E 284 -39.39 46.48 -3.71
N VAL E 285 -39.54 45.49 -4.57
CA VAL E 285 -40.52 45.56 -5.65
C VAL E 285 -41.82 44.81 -5.42
N LEU E 286 -42.93 45.48 -5.69
CA LEU E 286 -44.26 44.89 -5.56
C LEU E 286 -44.98 44.91 -6.90
N PHE E 287 -45.33 43.73 -7.40
CA PHE E 287 -46.01 43.61 -8.69
C PHE E 287 -47.51 43.44 -8.52
N GLN E 288 -48.29 44.14 -9.33
CA GLN E 288 -49.73 43.98 -9.30
C GLN E 288 -49.94 43.10 -10.52
N GLY E 289 -49.98 41.80 -10.28
CA GLY E 289 -50.14 40.85 -11.36
C GLY E 289 -49.02 39.84 -11.19
N ALA E 290 -49.20 38.63 -11.69
CA ALA E 290 -48.17 37.61 -11.56
C ALA E 290 -48.13 36.71 -12.79
N GLY E 291 -48.27 37.32 -13.95
CA GLY E 291 -48.25 36.53 -15.17
C GLY E 291 -47.00 36.72 -15.98
N GLU E 292 -47.14 36.55 -17.29
CA GLU E 292 -46.06 36.68 -18.25
C GLU E 292 -45.13 37.86 -17.98
N ALA E 293 -45.67 39.07 -17.92
CA ALA E 293 -44.86 40.25 -17.68
C ALA E 293 -44.21 40.27 -16.30
N ALA E 294 -45.00 40.06 -15.26
CA ALA E 294 -44.50 40.08 -13.90
C ALA E 294 -43.37 39.09 -13.65
N LEU E 295 -43.62 37.80 -13.90
CA LEU E 295 -42.60 36.78 -13.69
C LEU E 295 -41.34 37.03 -14.52
N GLY E 296 -41.54 37.52 -15.74
CA GLY E 296 -40.41 37.81 -16.61
C GLY E 296 -39.59 38.98 -16.08
N ILE E 297 -40.27 40.06 -15.72
CA ILE E 297 -39.61 41.24 -15.19
C ILE E 297 -38.87 40.88 -13.91
N ALA E 298 -39.56 40.15 -13.03
CA ALA E 298 -38.97 39.75 -11.76
C ALA E 298 -37.69 38.94 -11.97
N ASN E 299 -37.73 38.02 -12.92
CA ASN E 299 -36.57 37.18 -13.23
C ASN E 299 -35.38 38.08 -13.61
N LEU E 300 -35.60 39.01 -14.55
CA LEU E 300 -34.51 39.91 -14.96
C LEU E 300 -34.00 40.75 -13.81
N ILE E 301 -34.90 41.23 -12.96
CA ILE E 301 -34.51 42.05 -11.82
C ILE E 301 -33.56 41.26 -10.93
N VAL E 302 -33.94 40.03 -10.64
CA VAL E 302 -33.12 39.16 -9.81
C VAL E 302 -31.73 39.06 -10.39
N MSE E 303 -31.66 38.78 -11.69
CA MSE E 303 -30.37 38.65 -12.37
C MSE E 303 -29.56 39.92 -12.28
O MSE E 303 -28.34 39.86 -12.14
CB MSE E 303 -30.60 38.26 -13.83
CG MSE E 303 -31.21 36.88 -13.99
SE MSE E 303 -31.39 36.31 -15.83
CE MSE E 303 -29.63 36.78 -16.46
N ALA E 304 -30.24 41.05 -12.37
CA ALA E 304 -29.60 42.37 -12.30
C ALA E 304 -29.05 42.57 -10.90
N MSE E 305 -29.83 42.14 -9.89
CA MSE E 305 -29.42 42.27 -8.50
C MSE E 305 -28.23 41.40 -8.17
O MSE E 305 -27.34 41.78 -7.40
CB MSE E 305 -30.59 41.92 -7.56
CG MSE E 305 -31.63 43.03 -7.40
SE MSE E 305 -33.04 42.60 -6.12
CE MSE E 305 -33.70 40.98 -6.92
N GLN E 306 -28.19 40.20 -8.77
CA GLN E 306 -27.08 39.29 -8.52
C GLN E 306 -25.82 39.89 -9.12
N LYS E 307 -25.96 40.56 -10.26
CA LYS E 307 -24.81 41.17 -10.89
C LYS E 307 -24.25 42.27 -10.00
N GLU E 308 -25.05 42.75 -9.04
CA GLU E 308 -24.58 43.80 -8.14
C GLU E 308 -23.78 43.19 -7.00
N GLY E 309 -23.90 41.88 -6.84
CA GLY E 309 -23.16 41.23 -5.78
C GLY E 309 -24.06 40.40 -4.88
N VAL E 310 -25.32 40.79 -4.79
CA VAL E 310 -26.25 40.07 -3.92
C VAL E 310 -26.46 38.63 -4.42
N SER E 311 -26.89 37.76 -3.51
CA SER E 311 -27.11 36.37 -3.86
C SER E 311 -28.50 36.16 -4.41
N LYS E 312 -28.67 35.08 -5.16
CA LYS E 312 -29.95 34.74 -5.77
C LYS E 312 -31.06 34.72 -4.70
N GLU E 313 -30.78 34.06 -3.59
CA GLU E 313 -31.74 33.96 -2.50
C GLU E 313 -32.16 35.32 -1.95
N GLU E 314 -31.20 36.16 -1.62
CA GLU E 314 -31.49 37.50 -1.09
C GLU E 314 -32.24 38.35 -2.10
N ALA E 315 -31.84 38.22 -3.37
CA ALA E 315 -32.45 38.99 -4.44
C ALA E 315 -33.95 38.67 -4.49
N ILE E 316 -34.27 37.38 -4.50
CA ILE E 316 -35.66 36.93 -4.55
C ILE E 316 -36.48 37.48 -3.39
N LYS E 317 -35.84 37.64 -2.24
CA LYS E 317 -36.57 38.15 -1.07
C LYS E 317 -37.07 39.59 -1.23
N ARG E 318 -36.57 40.31 -2.21
CA ARG E 318 -36.98 41.69 -2.38
C ARG E 318 -38.12 41.88 -3.38
N ILE E 319 -38.66 40.78 -3.88
CA ILE E 319 -39.74 40.86 -4.85
C ILE E 319 -41.03 40.26 -4.33
N TRP E 320 -42.09 41.05 -4.34
CA TRP E 320 -43.42 40.60 -3.90
C TRP E 320 -44.41 40.69 -5.05
N MSE E 321 -45.36 39.77 -5.09
CA MSE E 321 -46.34 39.74 -6.17
C MSE E 321 -47.77 39.58 -5.68
O MSE E 321 -48.02 38.97 -4.64
CB MSE E 321 -46.04 38.61 -7.12
CG MSE E 321 -45.02 38.92 -8.15
SE MSE E 321 -44.71 37.37 -9.22
CE MSE E 321 -42.80 37.43 -9.34
N VAL E 322 -48.70 40.09 -6.48
CA VAL E 322 -50.11 39.98 -6.17
C VAL E 322 -50.85 39.51 -7.42
N ASP E 323 -51.70 38.48 -7.26
CA ASP E 323 -52.48 37.98 -8.40
C ASP E 323 -53.99 38.14 -8.12
N SER E 324 -54.83 37.53 -8.94
CA SER E 324 -56.29 37.64 -8.79
C SER E 324 -56.82 37.20 -7.43
N LYS E 325 -56.07 36.33 -6.76
CA LYS E 325 -56.48 35.81 -5.46
C LYS E 325 -55.92 36.64 -4.30
N GLY E 326 -54.93 37.48 -4.59
CA GLY E 326 -54.33 38.31 -3.57
C GLY E 326 -52.81 38.19 -3.49
N LEU E 327 -52.24 38.68 -2.40
CA LEU E 327 -50.81 38.62 -2.19
C LEU E 327 -50.34 37.18 -2.24
N ILE E 328 -49.22 36.93 -2.92
CA ILE E 328 -48.73 35.57 -3.02
C ILE E 328 -47.81 35.29 -1.85
N VAL E 329 -48.29 34.48 -0.91
CA VAL E 329 -47.53 34.15 0.27
C VAL E 329 -47.31 32.66 0.41
N LYS E 330 -46.25 32.31 1.15
CA LYS E 330 -45.89 30.93 1.37
C LYS E 330 -47.14 30.17 1.85
N GLY E 331 -47.30 28.95 1.37
CA GLY E 331 -48.44 28.15 1.76
C GLY E 331 -49.83 28.65 1.38
N ARG E 332 -49.93 29.60 0.46
CA ARG E 332 -51.25 30.08 0.06
C ARG E 332 -51.83 29.09 -0.95
N ALA E 333 -53.14 29.18 -1.19
CA ALA E 333 -53.82 28.29 -2.14
C ALA E 333 -53.67 28.76 -3.58
N SER E 334 -53.97 27.88 -4.53
CA SER E 334 -53.86 28.18 -5.96
C SER E 334 -52.58 28.92 -6.34
N LEU E 335 -51.45 28.25 -6.20
CA LEU E 335 -50.16 28.81 -6.55
C LEU E 335 -49.46 27.90 -7.57
N THR E 336 -48.71 28.48 -8.49
CA THR E 336 -48.00 27.68 -9.47
C THR E 336 -46.53 27.62 -9.06
N PRO E 337 -45.78 26.62 -9.53
CA PRO E 337 -44.38 26.53 -9.17
C PRO E 337 -43.63 27.83 -9.44
N GLU E 338 -44.01 28.52 -10.50
CA GLU E 338 -43.37 29.79 -10.85
C GLU E 338 -43.76 30.88 -9.85
N LYS E 339 -44.98 30.82 -9.35
CA LYS E 339 -45.46 31.81 -8.38
C LYS E 339 -44.89 31.56 -7.00
N GLU E 340 -44.80 30.30 -6.61
CA GLU E 340 -44.27 29.95 -5.32
C GLU E 340 -42.82 30.43 -5.15
N HIS E 341 -42.15 30.66 -6.27
CA HIS E 341 -40.78 31.12 -6.25
C HIS E 341 -40.67 32.45 -5.48
N PHE E 342 -41.73 33.25 -5.52
CA PHE E 342 -41.74 34.53 -4.82
C PHE E 342 -42.75 34.51 -3.68
N ALA E 343 -43.05 33.32 -3.18
CA ALA E 343 -43.98 33.16 -2.07
C ALA E 343 -43.23 33.33 -0.75
N HIS E 344 -43.40 34.47 -0.09
CA HIS E 344 -42.70 34.72 1.17
C HIS E 344 -43.61 34.42 2.34
N GLU E 345 -43.03 34.14 3.51
CA GLU E 345 -43.88 33.88 4.66
C GLU E 345 -44.46 35.23 5.01
N HIS E 346 -45.79 35.27 5.03
CA HIS E 346 -46.49 36.49 5.34
C HIS E 346 -47.96 36.10 5.44
N CYS E 347 -48.74 36.90 6.15
CA CYS E 347 -50.15 36.59 6.29
C CYS E 347 -50.82 36.92 4.97
N GLU E 348 -51.87 36.19 4.63
CA GLU E 348 -52.58 36.40 3.37
C GLU E 348 -53.30 37.74 3.36
N MSE E 349 -53.32 38.37 2.20
CA MSE E 349 -53.97 39.66 2.03
C MSE E 349 -54.60 39.74 0.66
O MSE E 349 -54.14 39.06 -0.26
CB MSE E 349 -52.97 40.79 2.18
CG MSE E 349 -52.35 40.92 3.56
SE MSE E 349 -51.50 42.65 3.70
CE MSE E 349 -53.05 43.78 3.76
N LYS E 350 -55.62 40.58 0.52
CA LYS E 350 -56.32 40.74 -0.74
C LYS E 350 -56.40 42.19 -1.24
N ASN E 351 -56.60 43.13 -0.32
CA ASN E 351 -56.71 44.56 -0.68
C ASN E 351 -55.36 45.15 -1.07
N LEU E 352 -55.28 45.69 -2.28
CA LEU E 352 -54.04 46.25 -2.78
C LEU E 352 -53.46 47.36 -1.93
N GLU E 353 -54.28 48.31 -1.52
CA GLU E 353 -53.76 49.39 -0.71
C GLU E 353 -53.20 48.92 0.63
N ASP E 354 -53.88 47.98 1.28
CA ASP E 354 -53.39 47.47 2.55
C ASP E 354 -52.05 46.75 2.30
N ILE E 355 -51.94 46.14 1.12
CA ILE E 355 -50.71 45.42 0.77
C ILE E 355 -49.58 46.41 0.54
N VAL E 356 -49.89 47.50 -0.13
CA VAL E 356 -48.87 48.51 -0.36
C VAL E 356 -48.40 49.08 0.99
N LYS E 357 -49.34 49.26 1.92
CA LYS E 357 -49.00 49.81 3.23
C LYS E 357 -48.21 48.83 4.10
N ASP E 358 -48.40 47.54 3.87
CA ASP E 358 -47.68 46.55 4.65
C ASP E 358 -46.26 46.37 4.13
N ILE E 359 -46.14 46.03 2.84
CA ILE E 359 -44.84 45.80 2.20
C ILE E 359 -44.00 47.07 2.13
N LYS E 360 -44.67 48.21 1.95
CA LYS E 360 -44.01 49.50 1.85
C LYS E 360 -42.85 49.39 0.86
N PRO E 361 -43.17 49.05 -0.40
CA PRO E 361 -42.17 48.90 -1.47
C PRO E 361 -41.65 50.23 -1.98
N THR E 362 -40.55 50.16 -2.72
CA THR E 362 -39.94 51.36 -3.29
C THR E 362 -40.26 51.42 -4.77
N VAL E 363 -40.69 50.27 -5.30
CA VAL E 363 -41.05 50.18 -6.71
C VAL E 363 -42.39 49.46 -6.88
N LEU E 364 -43.32 50.12 -7.55
CA LEU E 364 -44.65 49.55 -7.77
C LEU E 364 -44.88 49.31 -9.27
N ILE E 365 -44.84 48.06 -9.69
CA ILE E 365 -45.05 47.75 -11.10
C ILE E 365 -46.41 47.12 -11.37
N GLY E 366 -47.21 47.77 -12.21
CA GLY E 366 -48.53 47.24 -12.52
C GLY E 366 -48.55 46.54 -13.88
N VAL E 367 -48.85 45.24 -13.86
CA VAL E 367 -48.92 44.44 -15.08
C VAL E 367 -50.08 43.45 -14.99
N ALA E 368 -51.25 43.94 -14.60
CA ALA E 368 -52.42 43.09 -14.44
C ALA E 368 -53.59 43.60 -15.27
N ALA E 369 -53.36 44.67 -16.03
CA ALA E 369 -54.40 45.23 -16.86
C ALA E 369 -55.59 45.70 -16.05
N ILE E 370 -55.35 46.14 -14.82
CA ILE E 370 -56.45 46.62 -14.01
C ILE E 370 -56.59 48.13 -14.04
N GLY E 371 -57.62 48.57 -14.76
CA GLY E 371 -57.96 49.98 -14.91
C GLY E 371 -57.13 50.96 -14.14
N GLY E 372 -57.69 51.57 -13.09
CA GLY E 372 -56.92 52.54 -12.32
C GLY E 372 -56.50 52.00 -10.98
N ALA E 373 -55.87 50.82 -11.00
CA ALA E 373 -55.42 50.17 -9.78
C ALA E 373 -54.65 51.11 -8.86
N PHE E 374 -53.79 51.94 -9.46
CA PHE E 374 -53.00 52.86 -8.66
C PHE E 374 -53.80 54.11 -8.31
N THR E 375 -54.67 53.97 -7.32
CA THR E 375 -55.51 55.06 -6.84
C THR E 375 -54.73 56.15 -6.12
N GLN E 376 -55.37 57.28 -5.88
CA GLN E 376 -54.74 58.41 -5.19
C GLN E 376 -54.15 58.00 -3.87
N GLN E 377 -54.88 57.18 -3.13
CA GLN E 377 -54.44 56.71 -1.85
C GLN E 377 -53.14 55.94 -2.02
N ILE E 378 -53.15 54.96 -2.91
CA ILE E 378 -51.96 54.16 -3.16
C ILE E 378 -50.80 55.03 -3.61
N LEU E 379 -51.07 56.00 -4.48
CA LEU E 379 -50.00 56.88 -4.96
C LEU E 379 -49.46 57.73 -3.81
N GLN E 380 -50.36 58.31 -3.02
CA GLN E 380 -49.94 59.12 -1.88
C GLN E 380 -49.15 58.32 -0.85
N ASP E 381 -49.55 57.07 -0.61
CA ASP E 381 -48.86 56.22 0.34
C ASP E 381 -47.44 55.96 -0.16
N MSE E 382 -47.34 55.76 -1.47
CA MSE E 382 -46.07 55.50 -2.11
C MSE E 382 -45.15 56.72 -1.91
O MSE E 382 -43.96 56.57 -1.67
CB MSE E 382 -46.30 55.22 -3.59
CG MSE E 382 -45.41 54.16 -4.17
SE MSE E 382 -45.65 52.42 -3.34
CE MSE E 382 -44.10 51.53 -4.04
N ALA E 383 -45.73 57.91 -2.01
CA ALA E 383 -44.94 59.13 -1.84
C ALA E 383 -44.67 59.38 -0.35
N ALA E 384 -45.32 58.62 0.51
CA ALA E 384 -45.15 58.78 1.95
C ALA E 384 -43.97 58.00 2.50
N PHE E 385 -43.80 56.73 2.08
CA PHE E 385 -42.66 55.97 2.57
C PHE E 385 -41.49 56.00 1.60
N ASN E 386 -41.59 56.82 0.58
CA ASN E 386 -40.51 56.93 -0.40
C ASN E 386 -40.28 58.40 -0.71
N LYS E 387 -39.02 58.80 -0.78
CA LYS E 387 -38.69 60.18 -1.12
C LYS E 387 -39.00 60.35 -2.60
N ARG E 388 -38.66 59.32 -3.38
CA ARG E 388 -38.91 59.30 -4.84
C ARG E 388 -39.37 57.90 -5.23
N PRO E 389 -40.68 57.63 -5.08
CA PRO E 389 -41.22 56.31 -5.42
C PRO E 389 -41.21 56.03 -6.93
N ILE E 390 -41.03 54.78 -7.30
CA ILE E 390 -41.02 54.43 -8.70
C ILE E 390 -42.33 53.74 -9.05
N ILE E 391 -43.07 54.37 -9.95
CA ILE E 391 -44.37 53.87 -10.38
C ILE E 391 -44.36 53.49 -11.87
N PHE E 392 -44.63 52.23 -12.16
CA PHE E 392 -44.67 51.74 -13.53
C PHE E 392 -46.08 51.25 -13.84
N ALA E 393 -46.80 51.98 -14.69
CA ALA E 393 -48.14 51.57 -15.11
C ALA E 393 -47.94 50.97 -16.51
N LEU E 394 -47.51 49.71 -16.53
CA LEU E 394 -47.20 49.03 -17.77
C LEU E 394 -48.34 48.38 -18.56
N SER E 395 -49.49 48.16 -17.95
CA SER E 395 -50.58 47.54 -18.70
C SER E 395 -51.03 48.36 -19.92
N ASN E 396 -51.37 47.66 -21.01
CA ASN E 396 -51.85 48.28 -22.25
C ASN E 396 -53.22 47.76 -22.67
N PRO E 397 -53.98 48.55 -23.43
CA PRO E 397 -53.61 49.88 -23.92
C PRO E 397 -53.88 50.90 -22.82
N THR E 398 -53.95 52.17 -23.19
CA THR E 398 -54.16 53.25 -22.24
C THR E 398 -55.32 53.05 -21.25
N SER E 399 -56.44 52.53 -21.73
CA SER E 399 -57.60 52.32 -20.86
C SER E 399 -57.29 51.34 -19.75
N LYS E 400 -56.20 50.58 -19.91
CA LYS E 400 -55.79 49.58 -18.93
C LYS E 400 -54.66 50.07 -18.00
N ALA E 401 -54.14 51.26 -18.25
CA ALA E 401 -53.04 51.80 -17.44
C ALA E 401 -53.40 51.92 -15.94
N GLU E 402 -52.56 51.35 -15.08
CA GLU E 402 -52.79 51.38 -13.63
C GLU E 402 -53.08 52.79 -13.15
N CYS E 403 -52.59 53.79 -13.87
CA CYS E 403 -52.81 55.19 -13.56
C CYS E 403 -52.16 56.09 -14.62
N THR E 404 -52.55 57.36 -14.61
CA THR E 404 -52.04 58.33 -15.58
C THR E 404 -50.79 59.04 -15.08
N ALA E 405 -50.10 59.68 -16.01
CA ALA E 405 -48.89 60.43 -15.68
C ALA E 405 -49.34 61.61 -14.82
N GLU E 406 -50.45 62.22 -15.21
CA GLU E 406 -50.99 63.34 -14.47
C GLU E 406 -51.30 62.95 -13.03
N GLN E 407 -51.97 61.81 -12.86
CA GLN E 407 -52.35 61.36 -11.55
C GLN E 407 -51.12 61.05 -10.71
N LEU E 408 -50.18 60.31 -11.29
CA LEU E 408 -48.95 59.94 -10.57
C LEU E 408 -48.21 61.18 -10.06
N TYR E 409 -47.99 62.14 -10.94
CA TYR E 409 -47.28 63.36 -10.57
C TYR E 409 -48.07 64.24 -9.61
N LYS E 410 -49.39 64.18 -9.70
CA LYS E 410 -50.22 64.99 -8.81
C LYS E 410 -50.30 64.43 -7.40
N TYR E 411 -50.57 63.13 -7.27
CA TYR E 411 -50.69 62.51 -5.96
C TYR E 411 -49.41 62.12 -5.25
N THR E 412 -48.27 62.25 -5.94
CA THR E 412 -46.99 61.96 -5.33
C THR E 412 -46.32 63.32 -5.19
N GLU E 413 -47.10 64.36 -5.45
CA GLU E 413 -46.60 65.73 -5.37
C GLU E 413 -45.28 65.94 -6.09
N GLY E 414 -45.28 65.51 -7.35
CA GLY E 414 -44.12 65.65 -8.22
C GLY E 414 -42.88 64.84 -7.88
N ARG E 415 -42.94 63.98 -6.88
CA ARG E 415 -41.78 63.18 -6.51
C ARG E 415 -41.79 61.76 -7.07
N GLY E 416 -42.89 61.38 -7.69
CA GLY E 416 -42.96 60.04 -8.23
C GLY E 416 -42.23 59.94 -9.56
N ILE E 417 -41.49 58.85 -9.74
CA ILE E 417 -40.77 58.60 -10.98
C ILE E 417 -41.73 57.68 -11.76
N PHE E 418 -42.29 58.20 -12.85
CA PHE E 418 -43.25 57.43 -13.62
C PHE E 418 -42.78 56.88 -14.95
N ALA E 419 -43.51 55.90 -15.45
CA ALA E 419 -43.26 55.24 -16.73
C ALA E 419 -44.50 54.39 -16.97
N SER E 420 -44.92 54.29 -18.22
CA SER E 420 -46.11 53.51 -18.54
C SER E 420 -45.96 52.79 -19.86
N GLY E 421 -46.79 51.76 -20.05
CA GLY E 421 -46.75 50.98 -21.27
C GLY E 421 -47.31 51.75 -22.44
N SER E 422 -48.23 52.66 -22.17
CA SER E 422 -48.84 53.45 -23.23
C SER E 422 -48.46 54.91 -23.06
N PRO E 423 -48.43 55.66 -24.16
CA PRO E 423 -48.05 57.08 -24.14
C PRO E 423 -48.97 58.07 -23.44
N PHE E 424 -48.36 58.98 -22.69
CA PHE E 424 -49.06 60.06 -21.99
C PHE E 424 -48.34 61.36 -22.33
N ASP E 425 -49.09 62.44 -22.49
CA ASP E 425 -48.48 63.73 -22.81
C ASP E 425 -47.65 64.23 -21.66
N PRO E 426 -46.78 65.22 -21.94
CA PRO E 426 -45.92 65.81 -20.93
C PRO E 426 -46.77 66.45 -19.85
N VAL E 427 -46.30 66.43 -18.61
CA VAL E 427 -47.03 67.02 -17.51
C VAL E 427 -46.28 68.21 -16.91
N THR E 428 -46.96 69.34 -16.76
CA THR E 428 -46.33 70.51 -16.18
C THR E 428 -46.77 70.62 -14.73
N LEU E 429 -45.84 70.38 -13.81
CA LEU E 429 -46.12 70.45 -12.38
C LEU E 429 -46.49 71.88 -11.99
N PRO E 430 -47.10 72.07 -10.82
CA PRO E 430 -47.48 73.42 -10.38
C PRO E 430 -46.24 74.30 -10.27
N SER E 431 -45.09 73.66 -10.02
CA SER E 431 -43.83 74.37 -9.88
C SER E 431 -43.44 75.02 -11.20
N GLY E 432 -44.08 74.60 -12.27
CA GLY E 432 -43.76 75.13 -13.58
C GLY E 432 -42.86 74.18 -14.35
N GLN E 433 -42.22 73.27 -13.64
CA GLN E 433 -41.34 72.29 -14.29
C GLN E 433 -42.16 71.29 -15.12
N THR E 434 -41.71 71.04 -16.33
CA THR E 434 -42.41 70.09 -17.21
C THR E 434 -41.72 68.73 -17.18
N LEU E 435 -42.49 67.67 -16.97
CA LEU E 435 -41.94 66.32 -16.95
C LEU E 435 -42.43 65.53 -18.16
N TYR E 436 -41.55 64.73 -18.75
CA TYR E 436 -41.89 63.95 -19.92
C TYR E 436 -41.89 62.48 -19.56
N PRO E 437 -43.03 61.96 -19.12
CA PRO E 437 -43.14 60.54 -18.74
C PRO E 437 -42.66 59.61 -19.84
N GLY E 438 -41.74 58.72 -19.49
CA GLY E 438 -41.20 57.79 -20.47
C GLY E 438 -42.12 56.61 -20.69
N GLN E 439 -41.94 55.92 -21.81
CA GLN E 439 -42.79 54.79 -22.12
C GLN E 439 -42.10 53.43 -21.99
N GLY E 440 -42.34 52.75 -20.87
CA GLY E 440 -41.75 51.43 -20.67
C GLY E 440 -42.54 50.42 -21.51
N ASN E 441 -42.14 50.26 -22.77
CA ASN E 441 -42.81 49.35 -23.69
C ASN E 441 -41.79 48.48 -24.44
N ASN E 442 -42.21 47.29 -24.85
CA ASN E 442 -41.34 46.38 -25.61
C ASN E 442 -40.70 47.06 -26.80
N SER E 443 -41.44 47.98 -27.40
CA SER E 443 -40.96 48.71 -28.56
C SER E 443 -39.49 49.14 -28.43
N TYR E 444 -39.02 49.33 -27.19
CA TYR E 444 -37.63 49.73 -26.98
C TYR E 444 -36.64 48.59 -27.13
N VAL E 445 -37.14 47.37 -27.01
CA VAL E 445 -36.28 46.21 -27.08
C VAL E 445 -36.36 45.29 -28.30
N PHE E 446 -37.56 44.88 -28.73
CA PHE E 446 -37.62 43.94 -29.85
C PHE E 446 -37.07 44.47 -31.18
N PRO E 447 -37.20 45.77 -31.43
CA PRO E 447 -36.66 46.29 -32.71
C PRO E 447 -35.15 46.04 -32.77
N GLY E 448 -34.44 46.48 -31.72
CA GLY E 448 -33.00 46.30 -31.66
C GLY E 448 -32.56 44.84 -31.58
N VAL E 449 -33.27 44.04 -30.80
CA VAL E 449 -32.91 42.64 -30.65
C VAL E 449 -33.01 41.96 -32.00
N ALA E 450 -34.05 42.30 -32.77
CA ALA E 450 -34.23 41.70 -34.08
C ALA E 450 -33.07 42.07 -34.99
N LEU E 451 -32.76 43.37 -35.03
CA LEU E 451 -31.67 43.88 -35.86
C LEU E 451 -30.40 43.14 -35.49
N GLY E 452 -30.19 42.96 -34.20
CA GLY E 452 -29.00 42.28 -33.72
C GLY E 452 -28.96 40.81 -34.10
N VAL E 453 -30.02 40.08 -33.76
CA VAL E 453 -30.07 38.65 -34.06
C VAL E 453 -30.00 38.35 -35.56
N ILE E 454 -30.77 39.09 -36.35
CA ILE E 454 -30.75 38.89 -37.78
C ILE E 454 -29.39 39.18 -38.38
N SER E 455 -28.75 40.24 -37.89
CA SER E 455 -27.44 40.69 -38.34
C SER E 455 -26.27 39.71 -38.14
N CYS E 456 -26.11 39.17 -36.94
CA CYS E 456 -25.01 38.25 -36.67
C CYS E 456 -25.46 36.79 -36.66
N GLY E 457 -26.76 36.57 -36.79
CA GLY E 457 -27.28 35.21 -36.81
C GLY E 457 -27.15 34.46 -35.50
N LEU E 458 -27.46 35.14 -34.41
CA LEU E 458 -27.40 34.52 -33.10
C LEU E 458 -28.34 33.31 -33.15
N LYS E 459 -27.80 32.12 -32.91
CA LYS E 459 -28.61 30.91 -33.01
C LYS E 459 -29.71 30.81 -31.97
N HIS E 460 -29.42 31.25 -30.75
CA HIS E 460 -30.40 31.20 -29.67
C HIS E 460 -30.23 32.44 -28.78
N ILE E 461 -31.31 32.86 -28.16
CA ILE E 461 -31.32 34.05 -27.31
C ILE E 461 -31.42 33.74 -25.81
N GLY E 462 -30.32 33.88 -25.09
CA GLY E 462 -30.36 33.63 -23.65
C GLY E 462 -30.80 34.87 -22.89
N ASP E 463 -31.21 34.70 -21.63
CA ASP E 463 -31.66 35.83 -20.84
C ASP E 463 -30.64 36.94 -20.72
N ASP E 464 -29.37 36.56 -20.83
CA ASP E 464 -28.28 37.52 -20.78
C ASP E 464 -28.49 38.62 -21.82
N VAL E 465 -28.95 38.21 -23.00
CA VAL E 465 -29.19 39.16 -24.09
C VAL E 465 -30.08 40.29 -23.65
N PHE E 466 -31.12 39.94 -22.90
CA PHE E 466 -32.06 40.94 -22.43
C PHE E 466 -31.49 41.78 -21.29
N LEU E 467 -30.73 41.18 -20.39
CA LEU E 467 -30.15 41.95 -19.30
C LEU E 467 -29.23 42.97 -19.93
N THR E 468 -28.35 42.49 -20.80
CA THR E 468 -27.40 43.36 -21.50
C THR E 468 -28.13 44.47 -22.25
N THR E 469 -29.19 44.11 -22.99
CA THR E 469 -29.97 45.09 -23.73
C THR E 469 -30.57 46.12 -22.77
N ALA E 470 -30.93 45.68 -21.57
CA ALA E 470 -31.49 46.60 -20.58
C ALA E 470 -30.41 47.65 -20.22
N GLU E 471 -29.19 47.19 -20.05
CA GLU E 471 -28.08 48.06 -19.70
C GLU E 471 -27.80 49.02 -20.86
N VAL E 472 -27.85 48.49 -22.09
CA VAL E 472 -27.61 49.29 -23.30
C VAL E 472 -28.58 50.46 -23.38
N ILE E 473 -29.86 50.17 -23.17
CA ILE E 473 -30.90 51.18 -23.20
C ILE E 473 -30.69 52.22 -22.10
N ALA E 474 -30.49 51.76 -20.88
CA ALA E 474 -30.29 52.68 -19.77
C ALA E 474 -29.07 53.56 -20.04
N GLN E 475 -28.06 52.99 -20.70
CA GLN E 475 -26.85 53.72 -21.03
C GLN E 475 -27.15 54.93 -21.91
N GLU E 476 -28.23 54.87 -22.67
CA GLU E 476 -28.58 55.97 -23.56
C GLU E 476 -29.47 57.05 -22.99
N VAL E 477 -29.74 56.94 -21.69
CA VAL E 477 -30.56 57.91 -20.99
C VAL E 477 -29.59 58.96 -20.46
N SER E 478 -29.69 60.18 -20.97
CA SER E 478 -28.81 61.27 -20.55
C SER E 478 -29.25 61.86 -19.22
N GLU E 479 -28.39 62.67 -18.61
CA GLU E 479 -28.73 63.31 -17.36
C GLU E 479 -29.82 64.33 -17.61
N GLU E 480 -29.80 64.92 -18.79
CA GLU E 480 -30.82 65.88 -19.16
C GLU E 480 -32.15 65.14 -19.28
N ASN E 481 -32.10 63.89 -19.75
CA ASN E 481 -33.30 63.05 -19.88
C ASN E 481 -33.89 62.84 -18.48
N LEU E 482 -33.06 62.33 -17.57
CA LEU E 482 -33.48 62.09 -16.19
C LEU E 482 -34.04 63.36 -15.54
N GLN E 483 -33.43 64.50 -15.84
CA GLN E 483 -33.85 65.78 -15.27
C GLN E 483 -35.30 66.14 -15.65
N GLU E 484 -35.79 65.54 -16.73
CA GLU E 484 -37.16 65.81 -17.19
C GLU E 484 -38.08 64.68 -16.79
N GLY E 485 -37.54 63.72 -16.02
CA GLY E 485 -38.35 62.60 -15.59
C GLY E 485 -38.44 61.48 -16.61
N ARG E 486 -37.50 61.44 -17.56
CA ARG E 486 -37.49 60.40 -18.59
C ARG E 486 -36.65 59.20 -18.15
N LEU E 487 -37.25 58.02 -18.09
CA LEU E 487 -36.47 56.85 -17.70
C LEU E 487 -35.98 56.10 -18.91
N TYR E 488 -36.33 56.60 -20.10
CA TYR E 488 -35.91 55.99 -21.35
C TYR E 488 -35.50 57.08 -22.32
N PRO E 489 -34.56 56.77 -23.23
CA PRO E 489 -34.17 57.83 -24.16
C PRO E 489 -35.38 58.29 -24.97
N PRO E 490 -35.39 59.57 -25.37
CA PRO E 490 -36.54 60.05 -26.14
C PRO E 490 -36.82 59.17 -27.36
N LEU E 491 -38.10 59.00 -27.66
CA LEU E 491 -38.55 58.17 -28.77
C LEU E 491 -37.96 58.54 -30.13
N VAL E 492 -37.76 59.82 -30.35
CA VAL E 492 -37.20 60.24 -31.62
C VAL E 492 -35.82 59.61 -31.87
N THR E 493 -35.15 59.16 -30.80
CA THR E 493 -33.83 58.54 -30.93
C THR E 493 -33.88 57.02 -30.98
N ILE E 494 -35.08 56.45 -30.92
CA ILE E 494 -35.23 55.00 -30.92
C ILE E 494 -34.42 54.25 -31.97
N GLN E 495 -34.25 54.83 -33.16
CA GLN E 495 -33.50 54.17 -34.22
C GLN E 495 -32.03 53.98 -33.84
N GLN E 496 -31.44 55.02 -33.28
CA GLN E 496 -30.04 54.94 -32.87
C GLN E 496 -29.91 54.00 -31.68
N VAL E 497 -30.91 53.98 -30.81
CA VAL E 497 -30.88 53.08 -29.64
C VAL E 497 -30.90 51.63 -30.09
N SER E 498 -31.73 51.35 -31.09
CA SER E 498 -31.83 49.98 -31.62
C SER E 498 -30.50 49.56 -32.21
N LEU E 499 -29.80 50.51 -32.82
CA LEU E 499 -28.52 50.24 -33.45
C LEU E 499 -27.53 49.76 -32.40
N LYS E 500 -27.40 50.55 -31.33
CA LYS E 500 -26.50 50.22 -30.24
C LYS E 500 -26.87 48.86 -29.65
N ILE E 501 -28.16 48.58 -29.53
CA ILE E 501 -28.57 47.28 -28.98
C ILE E 501 -28.13 46.15 -29.91
N ALA E 502 -28.33 46.34 -31.21
CA ALA E 502 -27.94 45.33 -32.20
C ALA E 502 -26.44 45.06 -32.19
N VAL E 503 -25.64 46.14 -32.23
CA VAL E 503 -24.20 45.98 -32.20
C VAL E 503 -23.74 45.21 -30.96
N ARG E 504 -24.19 45.63 -29.78
CA ARG E 504 -23.79 44.93 -28.57
C ARG E 504 -24.13 43.44 -28.66
N ILE E 505 -25.35 43.12 -29.08
CA ILE E 505 -25.74 41.72 -29.22
C ILE E 505 -24.79 41.00 -30.17
N ALA E 506 -24.42 41.69 -31.25
CA ALA E 506 -23.50 41.13 -32.23
C ALA E 506 -22.14 40.81 -31.62
N LYS E 507 -21.55 41.79 -30.94
CA LYS E 507 -20.26 41.58 -30.32
C LYS E 507 -20.28 40.36 -29.40
N GLU E 508 -21.29 40.28 -28.55
CA GLU E 508 -21.40 39.14 -27.65
C GLU E 508 -21.56 37.84 -28.42
N ALA E 509 -22.31 37.88 -29.52
CA ALA E 509 -22.53 36.67 -30.31
C ALA E 509 -21.25 36.10 -30.88
N TYR E 510 -20.35 36.97 -31.31
CA TYR E 510 -19.10 36.50 -31.86
C TYR E 510 -18.19 36.04 -30.75
N ARG E 511 -18.15 36.81 -29.67
CA ARG E 511 -17.31 36.46 -28.54
C ARG E 511 -17.66 35.08 -27.98
N ASN E 512 -18.95 34.79 -27.83
CA ASN E 512 -19.36 33.50 -27.30
C ASN E 512 -19.52 32.42 -28.35
N ASN E 513 -19.19 32.79 -29.59
CA ASN E 513 -19.29 31.88 -30.73
C ASN E 513 -20.71 31.39 -30.99
N THR E 514 -21.69 32.24 -30.74
CA THR E 514 -23.07 31.86 -30.97
C THR E 514 -23.60 32.50 -32.25
N ALA E 515 -22.75 33.30 -32.88
CA ALA E 515 -23.11 33.97 -34.11
C ALA E 515 -23.08 32.95 -35.26
N SER E 516 -23.65 33.31 -36.39
CA SER E 516 -23.67 32.43 -37.56
C SER E 516 -23.22 33.15 -38.84
N THR E 517 -23.21 34.48 -38.77
CA THR E 517 -22.78 35.29 -39.91
C THR E 517 -21.26 35.37 -39.97
N TYR E 518 -20.66 34.78 -41.00
CA TYR E 518 -19.21 34.81 -41.16
C TYR E 518 -18.80 35.04 -42.61
N PRO E 519 -17.62 35.62 -42.85
CA PRO E 519 -16.66 36.05 -41.83
C PRO E 519 -17.19 37.18 -40.94
N GLN E 520 -16.60 37.31 -39.75
CA GLN E 520 -17.01 38.36 -38.84
C GLN E 520 -16.60 39.73 -39.35
N PRO E 521 -17.54 40.67 -39.44
CA PRO E 521 -17.20 42.01 -39.93
C PRO E 521 -16.10 42.62 -39.07
N GLU E 522 -15.26 43.45 -39.68
CA GLU E 522 -14.19 44.10 -38.93
C GLU E 522 -14.76 45.24 -38.10
N ASP E 523 -15.80 45.86 -38.63
CA ASP E 523 -16.47 46.97 -37.95
C ASP E 523 -17.97 46.64 -37.85
N LEU E 524 -18.37 46.04 -36.74
CA LEU E 524 -19.77 45.66 -36.55
C LEU E 524 -20.78 46.78 -36.75
N GLU E 525 -20.52 47.93 -36.16
CA GLU E 525 -21.45 49.04 -36.31
C GLU E 525 -21.62 49.44 -37.77
N ALA E 526 -20.50 49.56 -38.49
CA ALA E 526 -20.56 49.93 -39.89
C ALA E 526 -21.29 48.85 -40.68
N PHE E 527 -21.10 47.60 -40.29
CA PHE E 527 -21.79 46.54 -40.99
C PHE E 527 -23.30 46.62 -40.80
N ILE E 528 -23.74 46.67 -39.54
CA ILE E 528 -25.16 46.75 -39.24
C ILE E 528 -25.77 48.00 -39.86
N ARG E 529 -25.04 49.11 -39.83
CA ARG E 529 -25.56 50.33 -40.42
C ARG E 529 -25.84 50.13 -41.91
N SER E 530 -25.01 49.34 -42.57
CA SER E 530 -25.19 49.09 -43.99
C SER E 530 -26.34 48.12 -44.24
N GLN E 531 -26.79 47.44 -43.18
CA GLN E 531 -27.89 46.50 -43.34
C GLN E 531 -29.26 47.14 -43.06
N VAL E 532 -29.27 48.29 -42.41
CA VAL E 532 -30.55 48.92 -42.09
C VAL E 532 -31.36 49.33 -43.32
N TYR E 533 -32.67 49.28 -43.16
CA TYR E 533 -33.61 49.62 -44.22
C TYR E 533 -33.49 51.08 -44.58
N SER E 534 -33.77 51.39 -45.83
CA SER E 534 -33.74 52.77 -46.28
C SER E 534 -35.13 53.21 -46.76
N THR E 535 -35.44 54.45 -46.42
CA THR E 535 -36.69 55.09 -46.75
C THR E 535 -36.69 55.62 -48.18
N ASP E 536 -35.51 55.74 -48.79
CA ASP E 536 -35.45 56.26 -50.14
C ASP E 536 -35.91 55.29 -51.22
N TYR E 537 -36.48 55.86 -52.28
CA TYR E 537 -36.97 55.10 -53.43
C TYR E 537 -35.78 54.65 -54.28
N ASN E 538 -35.88 53.48 -54.89
CA ASN E 538 -34.80 53.00 -55.76
C ASN E 538 -35.11 53.47 -57.18
N CYS E 539 -34.14 53.37 -58.08
CA CYS E 539 -34.37 53.80 -59.46
C CYS E 539 -34.70 52.59 -60.32
N PHE E 540 -35.86 52.62 -60.97
CA PHE E 540 -36.27 51.48 -61.78
C PHE E 540 -35.81 51.47 -63.22
N VAL E 541 -35.03 52.47 -63.59
CA VAL E 541 -34.50 52.57 -64.95
C VAL E 541 -33.52 51.43 -65.19
N ALA E 542 -33.53 50.88 -66.39
CA ALA E 542 -32.62 49.79 -66.72
C ALA E 542 -31.18 50.26 -66.63
N ASP E 543 -30.28 49.35 -66.25
CA ASP E 543 -28.86 49.66 -66.15
C ASP E 543 -28.31 49.70 -67.56
N SER E 544 -28.40 50.86 -68.18
CA SER E 544 -27.94 51.04 -69.57
C SER E 544 -26.53 51.61 -69.64
N TYR E 545 -25.69 51.00 -70.46
CA TYR E 545 -24.33 51.45 -70.65
C TYR E 545 -23.85 50.88 -71.97
N THR E 546 -22.78 51.45 -72.49
CA THR E 546 -22.28 51.03 -73.76
C THR E 546 -20.96 50.25 -73.71
N TRP E 547 -20.65 49.57 -74.81
CA TRP E 547 -19.42 48.79 -74.94
C TRP E 547 -18.66 49.52 -76.03
N PRO E 548 -17.36 49.22 -76.19
CA PRO E 548 -16.62 49.89 -77.26
C PRO E 548 -17.44 49.70 -78.54
N GLU E 549 -17.16 50.42 -79.62
CA GLU E 549 -18.02 50.23 -80.81
C GLU E 549 -17.76 49.01 -81.69
N GLU E 550 -16.53 48.55 -81.69
CA GLU E 550 -16.12 47.38 -82.45
C GLU E 550 -16.81 46.14 -81.86
N ALA E 551 -16.81 46.06 -80.52
CA ALA E 551 -17.41 44.94 -79.80
C ALA E 551 -18.93 44.99 -79.78
N MSE E 552 -19.48 46.15 -80.14
CA MSE E 552 -20.92 46.39 -80.16
C MSE E 552 -21.47 46.32 -81.59
O MSE E 552 -22.68 46.45 -81.82
CB MSE E 552 -21.17 47.78 -79.56
CG MSE E 552 -22.54 48.05 -78.99
SE MSE E 552 -22.51 49.72 -77.95
CE MSE E 552 -23.18 50.97 -79.26
N LYS E 553 -20.58 46.09 -82.55
CA LYS E 553 -20.94 45.99 -83.97
C LYS E 553 -21.96 44.88 -84.25
N VAL E 554 -22.89 45.13 -85.16
CA VAL E 554 -23.90 44.14 -85.55
C VAL E 554 -23.42 43.47 -86.84
N LYS E 555 -23.14 42.18 -86.77
CA LYS E 555 -22.65 41.44 -87.92
C LYS E 555 -23.72 40.56 -88.55
N LYS F 1 -53.97 33.30 -64.44
CA LYS F 1 -53.23 34.01 -63.41
C LYS F 1 -53.49 33.46 -62.00
N LYS F 2 -52.44 33.39 -61.18
CA LYS F 2 -52.53 32.84 -59.82
C LYS F 2 -51.56 33.49 -58.82
N GLY F 3 -51.72 33.15 -57.54
CA GLY F 3 -50.86 33.71 -56.50
C GLY F 3 -51.44 34.98 -55.89
N TYR F 4 -50.65 35.65 -55.06
CA TYR F 4 -51.05 36.88 -54.40
C TYR F 4 -51.41 37.94 -55.44
N GLU F 5 -50.94 37.74 -56.66
CA GLU F 5 -51.20 38.66 -57.76
C GLU F 5 -52.71 38.74 -58.03
N VAL F 6 -53.44 37.67 -57.72
CA VAL F 6 -54.88 37.62 -57.93
C VAL F 6 -55.63 38.48 -56.92
N LEU F 7 -55.15 38.55 -55.70
CA LEU F 7 -55.80 39.35 -54.66
C LEU F 7 -55.67 40.84 -54.94
N ARG F 8 -54.63 41.21 -55.69
CA ARG F 8 -54.37 42.62 -56.00
C ARG F 8 -55.11 43.06 -57.27
N ASP F 9 -55.64 42.08 -58.00
CA ASP F 9 -56.38 42.38 -59.23
C ASP F 9 -57.89 42.42 -58.91
N PRO F 10 -58.47 43.62 -58.76
CA PRO F 10 -59.89 43.77 -58.45
C PRO F 10 -60.83 43.05 -59.40
N HIS F 11 -60.37 42.78 -60.62
CA HIS F 11 -61.21 42.06 -61.58
C HIS F 11 -61.33 40.59 -61.18
N LEU F 12 -60.30 40.07 -60.51
CA LEU F 12 -60.30 38.68 -60.09
C LEU F 12 -60.65 38.50 -58.62
N ASN F 13 -60.04 39.32 -57.78
CA ASN F 13 -60.22 39.26 -56.34
C ASN F 13 -61.64 39.11 -55.81
N LYS F 14 -61.85 38.07 -55.01
CA LYS F 14 -63.17 37.82 -54.41
C LYS F 14 -63.08 38.04 -52.91
N GLY F 15 -61.87 38.27 -52.41
CA GLY F 15 -61.72 38.48 -50.99
C GLY F 15 -61.95 37.18 -50.24
N MSE F 16 -62.60 37.27 -49.10
CA MSE F 16 -62.86 36.09 -48.30
C MSE F 16 -63.92 35.19 -48.93
O MSE F 16 -64.27 34.13 -48.40
CB MSE F 16 -63.25 36.50 -46.89
CG MSE F 16 -62.10 37.16 -46.15
SE MSE F 16 -62.53 37.62 -44.34
CE MSE F 16 -62.79 39.52 -44.54
N ALA F 17 -64.43 35.61 -50.08
CA ALA F 17 -65.43 34.83 -50.79
C ALA F 17 -64.77 33.65 -51.51
N PHE F 18 -63.44 33.63 -51.53
CA PHE F 18 -62.71 32.54 -52.15
C PHE F 18 -62.95 31.28 -51.33
N THR F 19 -63.27 30.19 -52.02
CA THR F 19 -63.53 28.90 -51.40
C THR F 19 -62.21 28.28 -50.94
N LEU F 20 -62.27 27.43 -49.93
CA LEU F 20 -61.08 26.78 -49.45
C LEU F 20 -60.38 26.14 -50.64
N GLU F 21 -61.14 25.43 -51.46
CA GLU F 21 -60.59 24.77 -52.64
C GLU F 21 -59.94 25.75 -53.59
N GLU F 22 -60.60 26.88 -53.82
CA GLU F 22 -60.04 27.87 -54.73
C GLU F 22 -58.75 28.46 -54.21
N ARG F 23 -58.71 28.75 -52.91
CA ARG F 23 -57.51 29.32 -52.30
C ARG F 23 -56.38 28.33 -52.43
N GLN F 24 -56.68 27.05 -52.24
CA GLN F 24 -55.65 26.02 -52.33
C GLN F 24 -55.10 25.91 -53.75
N GLN F 25 -55.98 25.96 -54.73
CA GLN F 25 -55.57 25.87 -56.12
C GLN F 25 -54.96 27.15 -56.65
N LEU F 26 -55.35 28.29 -56.09
CA LEU F 26 -54.81 29.57 -56.54
C LEU F 26 -53.53 29.90 -55.82
N ASN F 27 -53.12 29.04 -54.90
CA ASN F 27 -51.90 29.26 -54.14
C ASN F 27 -51.97 30.53 -53.29
N ILE F 28 -53.12 30.77 -52.66
CA ILE F 28 -53.28 31.93 -51.79
C ILE F 28 -53.85 31.55 -50.44
N HIS F 29 -53.89 30.25 -50.16
CA HIS F 29 -54.42 29.76 -48.88
C HIS F 29 -53.49 30.21 -47.78
N GLY F 30 -54.02 31.01 -46.88
CA GLY F 30 -53.24 31.53 -45.77
C GLY F 30 -53.04 33.02 -45.90
N LEU F 31 -53.39 33.57 -47.06
CA LEU F 31 -53.22 35.00 -47.28
C LEU F 31 -54.49 35.71 -46.92
N LEU F 32 -55.50 34.91 -46.58
CA LEU F 32 -56.79 35.43 -46.18
C LEU F 32 -57.21 34.81 -44.86
N PRO F 33 -57.86 35.58 -43.98
CA PRO F 33 -58.29 35.02 -42.70
C PRO F 33 -59.11 33.76 -42.93
N PRO F 34 -59.10 32.82 -41.96
CA PRO F 34 -59.81 31.53 -42.00
C PRO F 34 -61.34 31.55 -42.00
N CYS F 35 -61.95 32.39 -42.83
CA CYS F 35 -63.40 32.42 -42.87
C CYS F 35 -63.86 32.65 -44.31
N PHE F 36 -64.93 31.96 -44.70
CA PHE F 36 -65.47 32.07 -46.05
C PHE F 36 -66.85 32.69 -46.00
N LEU F 37 -67.12 33.64 -46.86
CA LEU F 37 -68.41 34.27 -46.83
C LEU F 37 -68.94 34.57 -48.22
N GLY F 38 -70.25 34.75 -48.32
CA GLY F 38 -70.86 35.05 -49.60
C GLY F 38 -70.93 36.54 -49.80
N GLN F 39 -71.43 36.97 -50.95
CA GLN F 39 -71.54 38.39 -51.23
C GLN F 39 -72.41 39.14 -50.24
N ASP F 40 -73.48 38.52 -49.77
CA ASP F 40 -74.33 39.24 -48.84
C ASP F 40 -73.58 39.58 -47.58
N ALA F 41 -72.76 38.66 -47.09
CA ALA F 41 -72.00 38.92 -45.88
C ALA F 41 -71.02 40.06 -46.15
N GLN F 42 -70.41 40.05 -47.34
CA GLN F 42 -69.45 41.07 -47.71
C GLN F 42 -70.11 42.45 -47.81
N VAL F 43 -71.30 42.49 -48.41
CA VAL F 43 -72.06 43.72 -48.58
C VAL F 43 -72.43 44.30 -47.22
N TYR F 44 -72.71 43.41 -46.28
CA TYR F 44 -73.05 43.84 -44.94
C TYR F 44 -71.88 44.62 -44.32
N SER F 45 -70.66 44.11 -44.48
CA SER F 45 -69.46 44.76 -43.94
C SER F 45 -69.27 46.13 -44.59
N ILE F 46 -69.48 46.19 -45.91
CA ILE F 46 -69.34 47.43 -46.63
C ILE F 46 -70.33 48.45 -46.06
N LEU F 47 -71.57 48.01 -45.81
CA LEU F 47 -72.58 48.92 -45.29
C LEU F 47 -72.23 49.42 -43.89
N LYS F 48 -71.68 48.55 -43.04
CA LYS F 48 -71.33 49.01 -41.70
C LYS F 48 -70.23 50.08 -41.83
N ASN F 49 -69.33 49.92 -42.79
CA ASN F 49 -68.26 50.87 -43.01
C ASN F 49 -68.81 52.17 -43.58
N PHE F 50 -69.79 52.05 -44.47
CA PHE F 50 -70.41 53.21 -45.10
C PHE F 50 -71.18 54.01 -44.04
N GLU F 51 -72.05 53.33 -43.31
CA GLU F 51 -72.87 53.94 -42.25
C GLU F 51 -72.09 54.85 -41.29
N ARG F 52 -70.96 54.36 -40.77
CA ARG F 52 -70.18 55.14 -39.81
C ARG F 52 -69.49 56.40 -40.35
N LEU F 53 -69.40 56.54 -41.66
CA LEU F 53 -68.75 57.72 -42.21
C LEU F 53 -69.61 58.97 -41.99
N THR F 54 -68.98 60.13 -41.89
CA THR F 54 -69.71 61.36 -41.67
C THR F 54 -69.44 62.48 -42.67
N SER F 55 -69.11 62.12 -43.91
CA SER F 55 -68.85 63.10 -44.95
C SER F 55 -69.06 62.47 -46.30
N ASP F 56 -69.60 63.22 -47.25
CA ASP F 56 -69.83 62.64 -48.58
C ASP F 56 -68.51 62.23 -49.24
N LEU F 57 -67.49 63.07 -49.04
CA LEU F 57 -66.18 62.81 -49.60
C LEU F 57 -65.65 61.48 -49.06
N ASP F 58 -65.85 61.24 -47.77
CA ASP F 58 -65.40 59.99 -47.19
C ASP F 58 -66.18 58.80 -47.75
N ARG F 59 -67.46 58.99 -48.03
CA ARG F 59 -68.26 57.89 -48.58
C ARG F 59 -67.76 57.60 -49.99
N TYR F 60 -67.39 58.67 -50.69
CA TYR F 60 -66.88 58.54 -52.04
C TYR F 60 -65.60 57.70 -51.99
N ILE F 61 -64.62 58.19 -51.24
CA ILE F 61 -63.35 57.49 -51.09
C ILE F 61 -63.55 56.04 -50.72
N LEU F 62 -64.47 55.78 -49.80
CA LEU F 62 -64.77 54.42 -49.38
C LEU F 62 -65.14 53.56 -50.56
N LEU F 63 -66.09 54.04 -51.37
CA LEU F 63 -66.54 53.30 -52.54
C LEU F 63 -65.49 53.16 -53.63
N MSE F 64 -64.71 54.22 -53.86
CA MSE F 64 -63.67 54.15 -54.89
C MSE F 64 -62.66 53.09 -54.55
O MSE F 64 -62.16 52.38 -55.42
CB MSE F 64 -62.98 55.51 -55.03
CG MSE F 64 -63.85 56.57 -55.68
SE MSE F 64 -64.44 55.99 -57.46
CE MSE F 64 -62.79 55.13 -58.07
N SER F 65 -62.36 52.96 -53.27
CA SER F 65 -61.39 51.98 -52.83
C SER F 65 -61.94 50.57 -52.92
N LEU F 66 -63.26 50.43 -52.82
CA LEU F 66 -63.91 49.12 -52.94
C LEU F 66 -63.75 48.74 -54.41
N GLN F 67 -63.98 49.71 -55.30
CA GLN F 67 -63.86 49.50 -56.72
C GLN F 67 -62.44 49.08 -57.08
N ASP F 68 -61.46 49.55 -56.31
CA ASP F 68 -60.06 49.21 -56.57
C ASP F 68 -59.64 47.90 -55.92
N ARG F 69 -60.54 47.34 -55.14
CA ARG F 69 -60.22 46.11 -54.43
C ARG F 69 -61.00 44.90 -54.93
N ASN F 70 -62.31 45.06 -55.12
CA ASN F 70 -63.18 43.96 -55.54
C ASN F 70 -64.29 44.39 -56.52
N GLU F 71 -64.02 44.23 -57.82
CA GLU F 71 -64.95 44.60 -58.89
C GLU F 71 -66.40 44.16 -58.65
N LYS F 72 -66.63 42.85 -58.65
CA LYS F 72 -67.96 42.30 -58.43
C LYS F 72 -68.64 42.88 -57.18
N LEU F 73 -67.91 42.85 -56.06
CA LEU F 73 -68.43 43.36 -54.79
C LEU F 73 -68.84 44.81 -54.91
N PHE F 74 -68.04 45.59 -55.64
CA PHE F 74 -68.34 47.01 -55.81
C PHE F 74 -69.69 47.17 -56.51
N TYR F 75 -69.84 46.53 -57.67
CA TYR F 75 -71.09 46.63 -58.41
C TYR F 75 -72.22 45.91 -57.72
N LYS F 76 -71.89 44.96 -56.85
CA LYS F 76 -72.93 44.28 -56.11
C LYS F 76 -73.48 45.27 -55.12
N VAL F 77 -72.61 46.10 -54.56
CA VAL F 77 -73.05 47.11 -53.60
C VAL F 77 -73.90 48.19 -54.24
N LEU F 78 -73.40 48.79 -55.32
CA LEU F 78 -74.15 49.84 -55.98
C LEU F 78 -75.57 49.43 -56.37
N THR F 79 -75.70 48.28 -57.01
CA THR F 79 -77.00 47.80 -57.46
C THR F 79 -77.88 47.27 -56.34
N SER F 80 -77.32 47.17 -55.14
CA SER F 80 -78.10 46.69 -54.02
C SER F 80 -79.04 47.79 -53.56
N ASP F 81 -78.61 49.03 -53.75
CA ASP F 81 -79.40 50.19 -53.34
C ASP F 81 -78.96 51.40 -54.21
N ILE F 82 -79.24 51.29 -55.49
CA ILE F 82 -78.87 52.28 -56.47
C ILE F 82 -79.27 53.71 -56.15
N GLU F 83 -80.41 53.91 -55.51
CA GLU F 83 -80.84 55.26 -55.22
C GLU F 83 -80.00 55.84 -54.09
N ARG F 84 -79.36 54.95 -53.34
CA ARG F 84 -78.54 55.38 -52.22
C ARG F 84 -77.10 55.63 -52.61
N PHE F 85 -76.57 54.78 -53.47
CA PHE F 85 -75.17 54.94 -53.83
C PHE F 85 -74.89 55.76 -55.08
N MSE F 86 -75.86 55.89 -55.97
CA MSE F 86 -75.62 56.66 -57.17
C MSE F 86 -75.19 58.10 -56.86
O MSE F 86 -74.30 58.63 -57.51
CB MSE F 86 -76.88 56.66 -58.06
CG MSE F 86 -76.63 57.27 -59.42
SE MSE F 86 -78.17 57.08 -60.58
CE MSE F 86 -78.06 55.22 -60.96
N PRO F 87 -75.83 58.75 -55.87
CA PRO F 87 -75.47 60.13 -55.54
C PRO F 87 -74.05 60.23 -54.96
N ILE F 88 -73.50 59.10 -54.54
CA ILE F 88 -72.17 59.06 -53.98
C ILE F 88 -71.15 58.88 -55.10
N VAL F 89 -71.41 57.92 -55.97
CA VAL F 89 -70.52 57.61 -57.09
C VAL F 89 -70.71 58.54 -58.29
N TYR F 90 -71.89 59.14 -58.40
CA TYR F 90 -72.26 60.02 -59.51
C TYR F 90 -72.65 61.40 -58.94
N THR F 91 -73.51 62.13 -59.64
CA THR F 91 -73.93 63.45 -59.15
C THR F 91 -74.74 63.28 -57.87
N PRO F 92 -74.55 64.19 -56.89
CA PRO F 92 -73.65 65.35 -56.90
C PRO F 92 -72.26 65.08 -56.32
N THR F 93 -72.11 64.01 -55.55
CA THR F 93 -70.83 63.75 -54.93
C THR F 93 -69.64 63.64 -55.85
N VAL F 94 -69.84 63.18 -57.09
CA VAL F 94 -68.73 63.05 -58.01
C VAL F 94 -68.12 64.43 -58.33
N GLY F 95 -68.95 65.46 -58.30
CA GLY F 95 -68.47 66.80 -58.59
C GLY F 95 -67.61 67.30 -57.43
N LEU F 96 -68.03 66.95 -56.23
CA LEU F 96 -67.30 67.33 -55.03
C LEU F 96 -65.98 66.57 -55.08
N ALA F 97 -66.02 65.32 -55.49
CA ALA F 97 -64.82 64.52 -55.57
C ALA F 97 -63.85 65.16 -56.56
N CYS F 98 -64.37 65.59 -57.72
CA CYS F 98 -63.50 66.21 -58.72
C CYS F 98 -62.84 67.46 -58.18
N GLN F 99 -63.60 68.24 -57.40
CA GLN F 99 -63.09 69.49 -56.81
C GLN F 99 -61.99 69.21 -55.82
N HIS F 100 -61.95 68.00 -55.28
CA HIS F 100 -60.93 67.61 -54.32
C HIS F 100 -60.24 66.34 -54.79
N TYR F 101 -60.11 66.16 -56.10
CA TYR F 101 -59.50 64.96 -56.64
C TYR F 101 -58.08 64.74 -56.15
N GLY F 102 -57.34 65.83 -55.98
CA GLY F 102 -55.98 65.69 -55.51
C GLY F 102 -55.95 65.10 -54.12
N LEU F 103 -56.88 65.55 -53.28
CA LEU F 103 -56.96 65.09 -51.89
C LEU F 103 -57.54 63.68 -51.76
N ALA F 104 -58.55 63.36 -52.57
CA ALA F 104 -59.21 62.05 -52.52
C ALA F 104 -58.42 60.95 -53.21
N PHE F 105 -57.45 61.34 -54.04
CA PHE F 105 -56.65 60.36 -54.76
C PHE F 105 -55.98 59.31 -53.87
N ARG F 106 -56.05 58.06 -54.30
CA ARG F 106 -55.42 56.96 -53.57
C ARG F 106 -54.69 56.11 -54.60
N ARG F 107 -55.42 55.32 -55.38
CA ARG F 107 -54.80 54.51 -56.43
C ARG F 107 -55.27 55.11 -57.75
N PRO F 108 -54.41 55.14 -58.79
CA PRO F 108 -54.83 55.72 -60.06
C PRO F 108 -55.79 54.81 -60.78
N ARG F 109 -56.62 55.40 -61.64
CA ARG F 109 -57.60 54.67 -62.41
C ARG F 109 -57.79 55.40 -63.75
N GLY F 110 -57.84 54.64 -64.83
CA GLY F 110 -58.03 55.25 -66.14
C GLY F 110 -56.74 55.57 -66.86
N LEU F 111 -56.86 56.04 -68.09
CA LEU F 111 -55.70 56.37 -68.90
C LEU F 111 -55.54 57.88 -68.96
N PHE F 112 -54.33 58.35 -68.68
CA PHE F 112 -54.01 59.78 -68.73
C PHE F 112 -53.13 60.06 -69.94
N ILE F 113 -53.69 60.73 -70.93
CA ILE F 113 -52.94 61.05 -72.13
C ILE F 113 -52.74 62.55 -72.14
N THR F 114 -51.50 62.96 -72.39
CA THR F 114 -51.13 64.36 -72.41
C THR F 114 -50.85 64.92 -73.80
N ILE F 115 -50.92 66.24 -73.90
CA ILE F 115 -50.64 66.97 -75.14
C ILE F 115 -49.17 66.73 -75.51
N HIS F 116 -48.36 66.42 -74.50
CA HIS F 116 -46.94 66.16 -74.70
C HIS F 116 -46.66 64.72 -75.12
N ASP F 117 -47.70 63.92 -75.30
CA ASP F 117 -47.48 62.54 -75.74
C ASP F 117 -47.88 62.38 -77.21
N ARG F 118 -48.01 63.51 -77.92
CA ARG F 118 -48.39 63.44 -79.32
C ARG F 118 -47.43 62.51 -80.06
N GLY F 119 -47.98 61.64 -80.90
CA GLY F 119 -47.16 60.72 -81.67
C GLY F 119 -46.81 59.43 -80.95
N HIS F 120 -47.30 59.30 -79.72
CA HIS F 120 -47.01 58.10 -78.94
C HIS F 120 -48.24 57.51 -78.25
N ILE F 121 -49.44 57.98 -78.61
CA ILE F 121 -50.65 57.47 -77.99
C ILE F 121 -50.77 55.96 -78.20
N ALA F 122 -50.59 55.51 -79.44
CA ALA F 122 -50.70 54.10 -79.74
C ALA F 122 -49.91 53.29 -78.70
N THR F 123 -48.69 53.71 -78.43
CA THR F 123 -47.85 53.02 -77.46
C THR F 123 -48.45 52.97 -76.07
N MSE F 124 -49.04 54.08 -75.64
CA MSE F 124 -49.63 54.14 -74.32
C MSE F 124 -50.83 53.23 -74.15
O MSE F 124 -51.09 52.72 -73.06
CB MSE F 124 -50.02 55.57 -73.99
CG MSE F 124 -48.84 56.48 -73.82
SE MSE F 124 -49.37 58.31 -73.63
CE MSE F 124 -49.52 58.43 -71.72
N LEU F 125 -51.58 53.00 -75.23
CA LEU F 125 -52.75 52.15 -75.15
C LEU F 125 -52.29 50.75 -74.75
N GLN F 126 -51.08 50.40 -75.14
CA GLN F 126 -50.53 49.10 -74.81
C GLN F 126 -50.33 48.96 -73.30
N SER F 127 -49.98 50.07 -72.64
CA SER F 127 -49.77 50.06 -71.19
C SER F 127 -51.04 49.66 -70.46
N TRP F 128 -52.18 49.79 -71.12
CA TRP F 128 -53.43 49.42 -70.50
C TRP F 128 -53.59 47.90 -70.58
N PRO F 129 -53.68 47.25 -69.41
CA PRO F 129 -53.82 45.79 -69.30
C PRO F 129 -54.75 45.14 -70.32
N GLU F 130 -55.91 45.75 -70.56
CA GLU F 130 -56.86 45.20 -71.53
C GLU F 130 -56.53 45.55 -72.97
N SER F 131 -56.71 44.58 -73.84
CA SER F 131 -56.47 44.75 -75.27
C SER F 131 -57.82 44.72 -75.99
N VAL F 132 -58.87 44.36 -75.26
CA VAL F 132 -60.22 44.30 -75.80
C VAL F 132 -61.16 45.27 -75.09
N ILE F 133 -61.22 46.48 -75.62
CA ILE F 133 -62.04 47.57 -75.09
C ILE F 133 -63.19 47.79 -76.07
N LYS F 134 -64.40 47.93 -75.54
CA LYS F 134 -65.56 48.13 -76.40
C LYS F 134 -66.17 49.51 -76.26
N ALA F 135 -65.82 50.20 -75.18
CA ALA F 135 -66.34 51.53 -74.94
C ALA F 135 -65.33 52.40 -74.21
N ILE F 136 -65.41 53.71 -74.48
CA ILE F 136 -64.51 54.71 -73.89
C ILE F 136 -65.26 56.01 -73.58
N VAL F 137 -65.00 56.57 -72.40
CA VAL F 137 -65.60 57.86 -72.03
C VAL F 137 -64.40 58.75 -71.81
N VAL F 138 -64.25 59.75 -72.68
CA VAL F 138 -63.11 60.65 -72.60
C VAL F 138 -63.52 62.07 -72.26
N THR F 139 -62.62 62.78 -71.60
CA THR F 139 -62.87 64.17 -71.23
C THR F 139 -61.54 64.91 -71.22
N ASP F 140 -61.60 66.23 -71.29
CA ASP F 140 -60.38 67.03 -71.22
C ASP F 140 -60.56 67.91 -69.99
N GLY F 141 -61.69 67.71 -69.34
CA GLY F 141 -62.00 68.43 -68.11
C GLY F 141 -62.23 69.93 -68.16
N GLU F 142 -62.48 70.50 -69.33
CA GLU F 142 -62.69 71.94 -69.37
C GLU F 142 -64.11 72.35 -68.94
N ARG F 143 -65.03 71.40 -68.93
CA ARG F 143 -66.40 71.72 -68.53
C ARG F 143 -67.03 70.62 -67.70
N ILE F 144 -66.47 70.42 -66.50
CA ILE F 144 -66.94 69.40 -65.57
C ILE F 144 -68.25 69.88 -64.91
N LEU F 145 -69.37 69.30 -65.32
CA LEU F 145 -70.68 69.72 -64.79
C LEU F 145 -70.72 71.25 -64.85
N GLY F 146 -71.36 71.90 -63.90
CA GLY F 146 -71.41 73.35 -63.94
C GLY F 146 -70.32 73.93 -63.05
N LEU F 147 -69.25 73.16 -62.88
CA LEU F 147 -68.13 73.57 -62.02
C LEU F 147 -66.94 74.16 -62.78
N GLY F 148 -67.04 74.23 -64.11
CA GLY F 148 -65.99 74.82 -64.91
C GLY F 148 -64.80 73.97 -65.28
N ASP F 149 -63.66 74.64 -65.51
CA ASP F 149 -62.42 73.99 -65.87
C ASP F 149 -61.76 73.40 -64.63
N LEU F 150 -61.82 72.07 -64.49
CA LEU F 150 -61.19 71.41 -63.35
C LEU F 150 -59.98 70.63 -63.81
N GLY F 151 -59.53 70.91 -65.03
CA GLY F 151 -58.39 70.22 -65.58
C GLY F 151 -58.36 68.74 -65.29
N CYS F 152 -57.18 68.23 -64.96
CA CYS F 152 -56.98 66.83 -64.70
C CYS F 152 -57.81 66.23 -63.58
N TYR F 153 -58.35 67.09 -62.72
CA TYR F 153 -59.22 66.64 -61.63
C TYR F 153 -60.54 66.09 -62.19
N GLY F 154 -60.81 66.39 -63.47
CA GLY F 154 -62.02 65.93 -64.10
C GLY F 154 -62.09 64.45 -64.39
N MSE F 155 -61.01 63.72 -64.11
CA MSE F 155 -61.01 62.29 -64.38
C MSE F 155 -62.13 61.60 -63.62
O MSE F 155 -62.60 60.54 -64.02
CB MSE F 155 -59.67 61.66 -63.98
CG MSE F 155 -59.65 60.13 -64.13
SE MSE F 155 -59.67 59.48 -65.97
CE MSE F 155 -61.19 60.40 -66.65
N GLY F 156 -62.55 62.22 -62.53
CA GLY F 156 -63.62 61.64 -61.72
C GLY F 156 -64.89 61.42 -62.51
N ILE F 157 -65.13 62.26 -63.51
CA ILE F 157 -66.33 62.16 -64.32
C ILE F 157 -66.38 60.87 -65.14
N PRO F 158 -65.40 60.64 -66.02
CA PRO F 158 -65.46 59.40 -66.79
C PRO F 158 -65.62 58.15 -65.93
N VAL F 159 -64.92 58.13 -64.80
CA VAL F 159 -64.97 57.01 -63.87
C VAL F 159 -66.39 56.84 -63.37
N GLY F 160 -67.06 57.96 -63.12
CA GLY F 160 -68.43 57.90 -62.65
C GLY F 160 -69.36 57.43 -63.75
N LYS F 161 -69.19 58.01 -64.93
CA LYS F 161 -70.03 57.62 -66.05
C LYS F 161 -69.95 56.12 -66.26
N LEU F 162 -68.73 55.61 -66.43
CA LEU F 162 -68.56 54.19 -66.65
C LEU F 162 -69.10 53.36 -65.50
N ALA F 163 -69.10 53.90 -64.29
CA ALA F 163 -69.61 53.14 -63.15
C ALA F 163 -71.07 52.83 -63.39
N LEU F 164 -71.77 53.78 -64.00
CA LEU F 164 -73.18 53.61 -64.33
C LEU F 164 -73.35 52.78 -65.59
N TYR F 165 -72.34 52.76 -66.45
CA TYR F 165 -72.43 51.95 -67.66
C TYR F 165 -72.75 50.53 -67.21
N THR F 166 -72.13 50.13 -66.12
CA THR F 166 -72.30 48.80 -65.57
C THR F 166 -73.50 48.72 -64.64
N ALA F 167 -73.46 49.48 -63.56
CA ALA F 167 -74.53 49.48 -62.57
C ALA F 167 -75.93 49.69 -63.19
N CYS F 168 -76.03 50.61 -64.14
CA CYS F 168 -77.31 50.89 -64.76
C CYS F 168 -77.55 50.29 -66.15
N GLY F 169 -76.48 50.04 -66.89
CA GLY F 169 -76.62 49.49 -68.23
C GLY F 169 -76.35 48.00 -68.38
N GLY F 170 -75.40 47.46 -67.63
CA GLY F 170 -75.10 46.06 -67.73
C GLY F 170 -73.88 45.80 -68.59
N VAL F 171 -73.22 46.87 -68.99
CA VAL F 171 -72.00 46.77 -69.80
C VAL F 171 -70.90 46.20 -68.89
N LYS F 172 -70.07 45.31 -69.41
CA LYS F 172 -69.00 44.74 -68.58
C LYS F 172 -67.94 45.79 -68.31
N PRO F 173 -67.57 45.96 -67.03
CA PRO F 173 -66.56 46.94 -66.65
C PRO F 173 -65.21 46.75 -67.34
N HIS F 174 -64.81 45.49 -67.51
CA HIS F 174 -63.51 45.22 -68.12
C HIS F 174 -63.37 45.71 -69.55
N GLN F 175 -64.49 45.89 -70.24
CA GLN F 175 -64.43 46.34 -71.62
C GLN F 175 -64.49 47.87 -71.73
N CYS F 176 -64.49 48.55 -70.60
CA CYS F 176 -64.58 50.00 -70.60
C CYS F 176 -63.29 50.71 -70.21
N LEU F 177 -63.03 51.85 -70.86
CA LEU F 177 -61.82 52.63 -70.59
C LEU F 177 -62.09 54.11 -70.35
N PRO F 178 -61.83 54.58 -69.13
CA PRO F 178 -62.05 56.00 -68.83
C PRO F 178 -60.77 56.75 -69.24
N VAL F 179 -60.92 57.81 -70.02
CA VAL F 179 -59.74 58.54 -70.46
C VAL F 179 -59.74 60.02 -70.15
N MSE F 180 -58.57 60.54 -69.81
CA MSE F 180 -58.41 61.98 -69.55
C MSE F 180 -57.35 62.54 -70.50
O MSE F 180 -56.19 62.11 -70.47
CB MSE F 180 -57.96 62.24 -68.11
CG MSE F 180 -57.34 63.64 -67.87
SE MSE F 180 -58.60 65.14 -67.84
CE MSE F 180 -57.52 66.57 -68.54
N LEU F 181 -57.75 63.47 -71.34
CA LEU F 181 -56.80 64.10 -72.24
C LEU F 181 -56.35 65.38 -71.58
N ASP F 182 -55.19 65.36 -70.92
CA ASP F 182 -54.69 66.57 -70.27
C ASP F 182 -53.82 67.45 -71.16
N VAL F 183 -54.38 68.58 -71.57
CA VAL F 183 -53.68 69.51 -72.41
C VAL F 183 -53.38 70.77 -71.61
N GLY F 184 -53.60 70.67 -70.30
CA GLY F 184 -53.36 71.80 -69.44
C GLY F 184 -54.68 72.28 -68.85
N THR F 185 -54.62 73.36 -68.09
CA THR F 185 -55.82 73.93 -67.47
C THR F 185 -55.71 75.45 -67.39
N ASP F 186 -56.83 76.14 -67.54
CA ASP F 186 -56.81 77.59 -67.47
C ASP F 186 -57.30 78.06 -66.12
N ASN F 187 -57.55 77.11 -65.22
CA ASN F 187 -58.02 77.42 -63.88
C ASN F 187 -56.86 77.87 -62.98
N GLU F 188 -56.73 79.17 -62.80
CA GLU F 188 -55.66 79.75 -61.98
C GLU F 188 -55.50 79.04 -60.64
N THR F 189 -56.61 78.74 -59.99
CA THR F 189 -56.60 78.07 -58.69
C THR F 189 -55.87 76.74 -58.73
N LEU F 190 -56.20 75.88 -59.70
CA LEU F 190 -55.54 74.58 -59.81
C LEU F 190 -54.02 74.72 -60.03
N LEU F 191 -53.63 75.59 -60.94
CA LEU F 191 -52.21 75.79 -61.22
C LEU F 191 -51.44 76.05 -59.93
N LYS F 192 -52.10 76.72 -58.98
CA LYS F 192 -51.53 77.05 -57.68
C LYS F 192 -51.73 75.94 -56.65
N ASP F 193 -52.77 75.13 -56.82
CA ASP F 193 -53.06 74.04 -55.89
C ASP F 193 -51.94 73.02 -55.81
N PRO F 194 -51.33 72.89 -54.62
CA PRO F 194 -50.23 71.94 -54.41
C PRO F 194 -50.59 70.47 -54.60
N LEU F 195 -51.88 70.16 -54.57
CA LEU F 195 -52.33 68.77 -54.74
C LEU F 195 -52.78 68.50 -56.17
N TYR F 196 -52.73 69.51 -57.04
CA TYR F 196 -53.13 69.34 -58.43
C TYR F 196 -52.28 68.26 -59.08
N ILE F 197 -52.94 67.34 -59.77
CA ILE F 197 -52.28 66.22 -60.42
C ILE F 197 -52.08 66.34 -61.94
N GLY F 198 -52.57 67.43 -62.53
CA GLY F 198 -52.40 67.59 -63.96
C GLY F 198 -51.26 68.53 -64.31
N LEU F 199 -51.02 68.68 -65.61
CA LEU F 199 -49.97 69.55 -66.10
C LEU F 199 -50.20 70.94 -65.52
N ARG F 200 -49.14 71.60 -65.06
CA ARG F 200 -49.27 72.93 -64.49
C ARG F 200 -49.09 74.09 -65.47
N HIS F 201 -49.85 74.11 -66.56
CA HIS F 201 -49.75 75.22 -67.51
C HIS F 201 -51.11 75.42 -68.19
N LYS F 202 -51.32 76.61 -68.77
CA LYS F 202 -52.57 76.92 -69.44
C LYS F 202 -52.85 75.92 -70.55
N ARG F 203 -54.12 75.71 -70.86
CA ARG F 203 -54.52 74.75 -71.90
C ARG F 203 -53.88 75.07 -73.25
N ILE F 204 -53.47 74.02 -73.95
CA ILE F 204 -52.88 74.15 -75.27
C ILE F 204 -54.05 74.11 -76.24
N ARG F 205 -54.17 75.12 -77.09
CA ARG F 205 -55.26 75.17 -78.05
C ARG F 205 -54.76 75.04 -79.48
N GLY F 206 -55.66 75.33 -80.43
CA GLY F 206 -55.30 75.28 -81.83
C GLY F 206 -54.92 73.94 -82.45
N GLN F 207 -54.07 74.02 -83.47
CA GLN F 207 -53.59 72.88 -84.24
C GLN F 207 -53.14 71.69 -83.41
N ALA F 208 -52.32 71.95 -82.40
CA ALA F 208 -51.78 70.90 -81.55
C ALA F 208 -52.89 70.11 -80.85
N TYR F 209 -53.88 70.83 -80.34
CA TYR F 209 -55.00 70.21 -79.67
C TYR F 209 -55.73 69.30 -80.64
N ASP F 210 -56.00 69.83 -81.82
CA ASP F 210 -56.73 69.11 -82.86
C ASP F 210 -56.02 67.86 -83.34
N ASP F 211 -54.70 67.96 -83.50
CA ASP F 211 -53.93 66.81 -83.96
C ASP F 211 -53.90 65.75 -82.87
N LEU F 212 -53.91 66.17 -81.62
CA LEU F 212 -53.91 65.24 -80.51
C LEU F 212 -55.16 64.40 -80.55
N LEU F 213 -56.31 65.07 -80.68
CA LEU F 213 -57.60 64.39 -80.75
C LEU F 213 -57.69 63.48 -81.97
N ASP F 214 -57.26 63.95 -83.13
CA ASP F 214 -57.29 63.12 -84.32
C ASP F 214 -56.52 61.83 -84.04
N GLU F 215 -55.31 61.98 -83.49
CA GLU F 215 -54.43 60.86 -83.16
C GLU F 215 -55.07 59.88 -82.20
N PHE F 216 -55.72 60.43 -81.18
CA PHE F 216 -56.39 59.65 -80.15
C PHE F 216 -57.46 58.76 -80.79
N MSE F 217 -58.27 59.34 -81.65
CA MSE F 217 -59.33 58.60 -82.33
C MSE F 217 -58.79 57.50 -83.21
O MSE F 217 -59.33 56.38 -83.23
CB MSE F 217 -60.19 59.56 -83.16
CG MSE F 217 -60.87 60.62 -82.30
SE MSE F 217 -62.28 59.90 -81.16
CE MSE F 217 -61.27 58.96 -79.86
N GLU F 218 -57.71 57.80 -83.93
CA GLU F 218 -57.10 56.83 -84.82
C GLU F 218 -56.49 55.68 -84.02
N ALA F 219 -55.72 56.03 -82.99
CA ALA F 219 -55.05 55.05 -82.15
C ALA F 219 -56.01 54.10 -81.46
N VAL F 220 -57.09 54.63 -80.90
CA VAL F 220 -58.05 53.79 -80.22
C VAL F 220 -58.80 52.86 -81.14
N THR F 221 -59.22 53.36 -82.29
CA THR F 221 -59.97 52.53 -83.25
C THR F 221 -59.08 51.56 -83.98
N SER F 222 -57.80 51.89 -84.10
CA SER F 222 -56.85 51.02 -84.77
C SER F 222 -56.53 49.84 -83.87
N ARG F 223 -56.49 50.10 -82.57
CA ARG F 223 -56.19 49.08 -81.59
C ARG F 223 -57.39 48.26 -81.20
N TYR F 224 -58.50 48.95 -80.92
CA TYR F 224 -59.72 48.32 -80.47
C TYR F 224 -60.76 48.05 -81.56
N GLY F 225 -60.54 48.59 -82.76
CA GLY F 225 -61.48 48.38 -83.85
C GLY F 225 -62.38 49.57 -84.09
N MSE F 226 -62.88 49.68 -85.31
CA MSE F 226 -63.78 50.79 -85.67
C MSE F 226 -65.10 50.76 -84.90
O MSE F 226 -65.79 51.79 -84.81
CB MSE F 226 -64.10 50.74 -87.17
CG MSE F 226 -62.95 51.07 -88.05
SE MSE F 226 -62.34 52.86 -87.69
CE MSE F 226 -63.77 53.86 -88.47
N ASN F 227 -65.47 49.60 -84.36
CA ASN F 227 -66.71 49.49 -83.61
C ASN F 227 -66.58 50.04 -82.21
N CYS F 228 -65.36 50.35 -81.78
CA CYS F 228 -65.19 50.86 -80.43
C CYS F 228 -66.00 52.12 -80.26
N LEU F 229 -66.80 52.16 -79.19
CA LEU F 229 -67.69 53.30 -78.88
C LEU F 229 -66.92 54.33 -78.05
N ILE F 230 -66.92 55.57 -78.52
CA ILE F 230 -66.20 56.61 -77.82
C ILE F 230 -67.19 57.67 -77.39
N GLN F 231 -67.30 57.88 -76.08
CA GLN F 231 -68.21 58.87 -75.55
C GLN F 231 -67.48 60.12 -75.05
N PHE F 232 -67.77 61.26 -75.69
CA PHE F 232 -67.18 62.52 -75.27
C PHE F 232 -67.96 63.06 -74.09
N GLU F 233 -67.24 63.47 -73.05
CA GLU F 233 -67.85 63.98 -71.83
C GLU F 233 -67.20 65.24 -71.29
N ASP F 234 -68.02 66.22 -70.97
CA ASP F 234 -67.57 67.47 -70.40
C ASP F 234 -66.43 68.20 -71.09
N PHE F 235 -66.61 68.45 -72.39
CA PHE F 235 -65.64 69.20 -73.16
C PHE F 235 -66.27 70.59 -73.25
N ALA F 236 -65.45 71.61 -73.45
CA ALA F 236 -66.02 72.96 -73.54
C ALA F 236 -66.86 73.07 -74.81
N ASN F 237 -67.77 74.04 -74.79
CA ASN F 237 -68.70 74.30 -75.90
C ASN F 237 -68.12 74.14 -77.30
N ALA F 238 -67.24 75.05 -77.69
CA ALA F 238 -66.64 75.01 -79.02
C ALA F 238 -66.11 73.63 -79.41
N ASN F 239 -65.19 73.09 -78.61
CA ASN F 239 -64.61 71.79 -78.90
C ASN F 239 -65.67 70.68 -78.94
N ALA F 240 -66.63 70.74 -78.03
CA ALA F 240 -67.67 69.72 -78.00
C ALA F 240 -68.40 69.60 -79.34
N PHE F 241 -68.86 70.72 -79.87
CA PHE F 241 -69.57 70.66 -81.14
C PHE F 241 -68.70 70.28 -82.32
N ARG F 242 -67.58 70.96 -82.50
CA ARG F 242 -66.73 70.67 -83.65
C ARG F 242 -66.26 69.22 -83.67
N LEU F 243 -65.85 68.70 -82.51
CA LEU F 243 -65.40 67.32 -82.41
C LEU F 243 -66.51 66.35 -82.79
N LEU F 244 -67.72 66.61 -82.29
CA LEU F 244 -68.87 65.75 -82.60
C LEU F 244 -69.08 65.72 -84.09
N HIS F 245 -69.20 66.90 -84.67
CA HIS F 245 -69.42 67.00 -86.10
C HIS F 245 -68.29 66.36 -86.90
N LYS F 246 -67.06 66.53 -86.44
CA LYS F 246 -65.89 65.98 -87.13
C LYS F 246 -65.75 64.46 -87.14
N TYR F 247 -66.16 63.77 -86.06
CA TYR F 247 -66.01 62.31 -85.99
C TYR F 247 -67.32 61.54 -86.08
N ARG F 248 -68.42 62.23 -85.86
CA ARG F 248 -69.77 61.68 -85.88
C ARG F 248 -70.01 60.55 -86.92
N ASN F 249 -69.61 60.78 -88.17
CA ASN F 249 -69.82 59.78 -89.21
C ASN F 249 -68.59 58.98 -89.63
N LYS F 250 -67.48 59.23 -88.94
CA LYS F 250 -66.21 58.57 -89.23
C LYS F 250 -66.00 57.44 -88.24
N TYR F 251 -66.41 57.66 -87.00
CA TYR F 251 -66.25 56.67 -85.94
C TYR F 251 -67.55 56.45 -85.17
N CYS F 252 -67.59 55.41 -84.33
CA CYS F 252 -68.75 55.13 -83.51
C CYS F 252 -68.63 55.98 -82.25
N THR F 253 -69.13 57.20 -82.32
CA THR F 253 -69.03 58.14 -81.21
C THR F 253 -70.25 59.04 -81.06
N PHE F 254 -70.36 59.67 -79.90
CA PHE F 254 -71.44 60.61 -79.62
C PHE F 254 -71.04 61.45 -78.41
N ASN F 255 -71.64 62.62 -78.28
CA ASN F 255 -71.34 63.48 -77.17
C ASN F 255 -72.49 63.43 -76.19
N ASP F 256 -72.23 62.89 -75.01
CA ASP F 256 -73.23 62.74 -73.97
C ASP F 256 -73.91 64.05 -73.54
N ASP F 257 -73.13 65.12 -73.40
CA ASP F 257 -73.66 66.41 -72.98
C ASP F 257 -74.58 67.06 -73.98
N ILE F 258 -74.36 66.76 -75.27
CA ILE F 258 -75.21 67.33 -76.30
C ILE F 258 -76.35 66.40 -76.68
N GLN F 259 -76.03 65.14 -76.91
CA GLN F 259 -77.03 64.17 -77.35
C GLN F 259 -77.72 63.37 -76.26
N GLY F 260 -76.96 62.97 -75.25
CA GLY F 260 -77.52 62.19 -74.15
C GLY F 260 -78.55 63.03 -73.39
N THR F 261 -78.16 64.25 -73.08
CA THR F 261 -79.04 65.16 -72.36
C THR F 261 -80.31 65.36 -73.18
N ALA F 262 -80.13 65.65 -74.47
CA ALA F 262 -81.27 65.87 -75.36
C ALA F 262 -82.26 64.71 -75.27
N SER F 263 -81.73 63.49 -75.28
CA SER F 263 -82.58 62.31 -75.23
C SER F 263 -83.43 62.28 -73.96
N VAL F 264 -82.80 62.46 -72.80
CA VAL F 264 -83.53 62.41 -71.54
C VAL F 264 -84.45 63.59 -71.33
N ALA F 265 -84.12 64.73 -71.90
CA ALA F 265 -84.94 65.92 -71.76
C ALA F 265 -86.25 65.70 -72.52
N VAL F 266 -86.13 65.14 -73.71
CA VAL F 266 -87.30 64.87 -74.54
C VAL F 266 -88.08 63.72 -73.95
N ALA F 267 -87.39 62.80 -73.28
CA ALA F 267 -88.08 61.67 -72.65
C ALA F 267 -89.00 62.23 -71.55
N GLY F 268 -88.54 63.28 -70.88
CA GLY F 268 -89.34 63.88 -69.83
C GLY F 268 -90.58 64.55 -70.38
N LEU F 269 -90.40 65.37 -71.41
CA LEU F 269 -91.50 66.08 -72.04
C LEU F 269 -92.50 65.12 -72.66
N LEU F 270 -92.01 64.04 -73.25
CA LEU F 270 -92.90 63.07 -73.85
C LEU F 270 -93.82 62.54 -72.74
N ALA F 271 -93.25 62.37 -71.56
CA ALA F 271 -93.99 61.88 -70.41
C ALA F 271 -94.91 62.96 -69.84
N ALA F 272 -94.43 64.18 -69.78
CA ALA F 272 -95.22 65.29 -69.25
C ALA F 272 -96.50 65.53 -70.04
N LEU F 273 -96.48 65.26 -71.36
CA LEU F 273 -97.65 65.46 -72.22
C LEU F 273 -98.84 64.65 -71.71
N ARG F 274 -98.57 63.54 -71.04
CA ARG F 274 -99.65 62.71 -70.53
C ARG F 274 -100.32 63.36 -69.32
N ILE F 275 -99.68 64.40 -68.80
CA ILE F 275 -100.19 65.13 -67.64
C ILE F 275 -100.86 66.43 -68.07
N THR F 276 -100.28 67.10 -69.06
CA THR F 276 -100.82 68.36 -69.55
C THR F 276 -101.81 68.11 -70.68
N LYS F 277 -101.99 66.82 -70.97
CA LYS F 277 -102.90 66.33 -72.01
C LYS F 277 -102.99 67.14 -73.29
N ASN F 278 -101.85 67.40 -73.92
CA ASN F 278 -101.82 68.13 -75.18
C ASN F 278 -100.69 67.52 -76.00
N ARG F 279 -100.40 68.11 -77.16
CA ARG F 279 -99.35 67.59 -78.01
C ARG F 279 -98.11 68.45 -77.87
N LEU F 280 -96.97 67.82 -78.14
CA LEU F 280 -95.70 68.49 -78.06
C LEU F 280 -95.71 69.78 -78.89
N SER F 281 -96.47 69.78 -79.97
CA SER F 281 -96.54 70.95 -80.84
C SER F 281 -97.34 72.11 -80.22
N ASP F 282 -97.91 71.88 -79.03
CA ASP F 282 -98.71 72.88 -78.32
C ASP F 282 -97.85 73.75 -77.38
N HIS F 283 -96.68 73.23 -77.02
CA HIS F 283 -95.80 73.96 -76.10
C HIS F 283 -94.91 75.03 -76.68
N THR F 284 -94.33 75.81 -75.78
CA THR F 284 -93.39 76.86 -76.12
C THR F 284 -92.28 76.72 -75.09
N VAL F 285 -91.12 76.33 -75.57
CA VAL F 285 -89.97 76.11 -74.71
C VAL F 285 -89.04 77.30 -74.57
N LEU F 286 -88.62 77.56 -73.34
CA LEU F 286 -87.68 78.65 -73.06
C LEU F 286 -86.47 78.08 -72.34
N PHE F 287 -85.30 78.23 -72.94
CA PHE F 287 -84.09 77.72 -72.33
C PHE F 287 -83.28 78.82 -71.63
N GLN F 288 -82.80 78.50 -70.43
CA GLN F 288 -81.93 79.44 -69.74
C GLN F 288 -80.63 78.76 -70.07
N GLY F 289 -79.87 79.36 -70.97
CA GLY F 289 -78.61 78.78 -71.38
C GLY F 289 -78.78 78.43 -72.85
N ALA F 290 -77.71 78.53 -73.62
CA ALA F 290 -77.78 78.24 -75.05
C ALA F 290 -76.51 77.50 -75.48
N GLY F 291 -76.08 76.54 -74.66
CA GLY F 291 -74.88 75.80 -74.98
C GLY F 291 -75.15 74.37 -75.39
N GLU F 292 -74.17 73.51 -75.13
CA GLU F 292 -74.26 72.10 -75.46
C GLU F 292 -75.62 71.46 -75.13
N ALA F 293 -76.07 71.57 -73.89
CA ALA F 293 -77.34 70.98 -73.50
C ALA F 293 -78.53 71.67 -74.15
N ALA F 294 -78.58 72.99 -74.10
CA ALA F 294 -79.69 73.73 -74.69
C ALA F 294 -79.86 73.39 -76.18
N LEU F 295 -78.79 73.60 -76.96
CA LEU F 295 -78.80 73.31 -78.39
C LEU F 295 -79.11 71.85 -78.72
N GLY F 296 -78.55 70.92 -77.97
CA GLY F 296 -78.83 69.52 -78.22
C GLY F 296 -80.28 69.17 -77.92
N ILE F 297 -80.77 69.64 -76.78
CA ILE F 297 -82.15 69.41 -76.39
C ILE F 297 -83.11 70.07 -77.38
N ALA F 298 -82.86 71.32 -77.74
CA ALA F 298 -83.72 72.02 -78.68
C ALA F 298 -83.87 71.20 -79.96
N ASN F 299 -82.73 70.80 -80.52
CA ASN F 299 -82.71 70.04 -81.76
C ASN F 299 -83.54 68.77 -81.68
N LEU F 300 -83.44 68.05 -80.57
CA LEU F 300 -84.21 66.81 -80.43
C LEU F 300 -85.70 67.16 -80.32
N ILE F 301 -86.02 68.28 -79.66
CA ILE F 301 -87.43 68.66 -79.53
C ILE F 301 -88.03 68.92 -80.90
N VAL F 302 -87.33 69.70 -81.72
CA VAL F 302 -87.80 70.01 -83.06
C VAL F 302 -88.07 68.74 -83.84
N MSE F 303 -87.18 67.78 -83.73
CA MSE F 303 -87.36 66.50 -84.42
C MSE F 303 -88.60 65.79 -83.87
O MSE F 303 -89.34 65.14 -84.60
CB MSE F 303 -86.15 65.61 -84.21
CG MSE F 303 -84.98 65.94 -85.06
SE MSE F 303 -83.53 64.76 -84.63
CE MSE F 303 -84.39 63.04 -84.88
N ALA F 304 -88.81 65.91 -82.56
CA ALA F 304 -89.94 65.27 -81.92
C ALA F 304 -91.26 65.94 -82.36
N MSE F 305 -91.20 67.24 -82.62
CA MSE F 305 -92.38 67.96 -83.06
C MSE F 305 -92.67 67.66 -84.51
O MSE F 305 -93.83 67.49 -84.90
CB MSE F 305 -92.17 69.46 -82.91
CG MSE F 305 -91.86 69.86 -81.51
SE MSE F 305 -92.30 71.68 -81.26
CE MSE F 305 -90.58 72.48 -81.56
N GLN F 306 -91.62 67.61 -85.32
CA GLN F 306 -91.79 67.31 -86.74
C GLN F 306 -92.49 65.97 -86.83
N LYS F 307 -92.10 65.05 -85.97
CA LYS F 307 -92.69 63.72 -85.99
C LYS F 307 -94.19 63.76 -85.71
N GLU F 308 -94.67 64.82 -85.07
CA GLU F 308 -96.10 64.93 -84.80
C GLU F 308 -96.81 65.52 -86.01
N GLY F 309 -96.04 65.90 -87.03
CA GLY F 309 -96.63 66.48 -88.22
C GLY F 309 -96.33 67.94 -88.47
N VAL F 310 -95.70 68.59 -87.49
CA VAL F 310 -95.34 70.00 -87.59
C VAL F 310 -94.19 70.22 -88.57
N SER F 311 -94.10 71.40 -89.16
CA SER F 311 -93.02 71.71 -90.10
C SER F 311 -91.76 72.12 -89.33
N LYS F 312 -90.60 71.76 -89.86
CA LYS F 312 -89.34 72.11 -89.22
C LYS F 312 -89.35 73.58 -88.87
N GLU F 313 -89.87 74.40 -89.77
CA GLU F 313 -89.94 75.83 -89.60
C GLU F 313 -90.81 76.22 -88.38
N GLU F 314 -92.03 75.68 -88.33
CA GLU F 314 -92.94 75.97 -87.22
C GLU F 314 -92.41 75.48 -85.89
N ALA F 315 -91.75 74.33 -85.91
CA ALA F 315 -91.19 73.75 -84.70
C ALA F 315 -90.18 74.70 -84.07
N ILE F 316 -89.24 75.17 -84.87
CA ILE F 316 -88.22 76.09 -84.39
C ILE F 316 -88.82 77.36 -83.80
N LYS F 317 -90.00 77.75 -84.27
CA LYS F 317 -90.65 78.97 -83.78
C LYS F 317 -91.10 78.84 -82.33
N ARG F 318 -91.30 77.61 -81.87
CA ARG F 318 -91.75 77.37 -80.52
C ARG F 318 -90.62 77.29 -79.49
N ILE F 319 -89.38 77.53 -79.93
CA ILE F 319 -88.24 77.44 -79.03
C ILE F 319 -87.46 78.73 -78.88
N TRP F 320 -87.26 79.14 -77.63
CA TRP F 320 -86.52 80.36 -77.34
C TRP F 320 -85.34 80.07 -76.44
N MSE F 321 -84.29 80.87 -76.56
CA MSE F 321 -83.07 80.69 -75.77
C MSE F 321 -82.53 81.98 -75.18
O MSE F 321 -82.71 83.07 -75.75
CB MSE F 321 -81.97 80.08 -76.65
CG MSE F 321 -81.68 78.62 -76.41
SE MSE F 321 -80.69 77.85 -77.90
CE MSE F 321 -81.82 76.34 -78.28
N VAL F 322 -81.86 81.86 -74.03
CA VAL F 322 -81.27 82.99 -73.36
C VAL F 322 -79.85 82.60 -72.98
N ASP F 323 -78.87 83.40 -73.40
CA ASP F 323 -77.48 83.10 -73.05
C ASP F 323 -76.90 84.23 -72.18
N SER F 324 -75.61 84.19 -71.91
CA SER F 324 -74.98 85.20 -71.05
C SER F 324 -75.26 86.66 -71.43
N LYS F 325 -75.56 86.93 -72.69
CA LYS F 325 -75.82 88.29 -73.13
C LYS F 325 -77.30 88.62 -73.15
N GLY F 326 -78.14 87.62 -72.92
CA GLY F 326 -79.57 87.84 -72.88
C GLY F 326 -80.36 86.99 -73.85
N LEU F 327 -81.61 87.40 -74.11
CA LEU F 327 -82.46 86.66 -75.03
C LEU F 327 -81.84 86.65 -76.42
N ILE F 328 -81.86 85.49 -77.05
CA ILE F 328 -81.33 85.35 -78.39
C ILE F 328 -82.39 85.71 -79.41
N VAL F 329 -82.22 86.88 -80.03
CA VAL F 329 -83.14 87.40 -81.04
C VAL F 329 -82.40 87.68 -82.34
N LYS F 330 -83.15 87.73 -83.45
CA LYS F 330 -82.58 87.98 -84.77
C LYS F 330 -81.80 89.28 -84.84
N GLY F 331 -80.60 89.22 -85.42
CA GLY F 331 -79.75 90.40 -85.56
C GLY F 331 -79.02 90.80 -84.29
N ARG F 332 -79.13 89.99 -83.25
CA ARG F 332 -78.48 90.33 -81.99
C ARG F 332 -76.97 90.34 -82.14
N ALA F 333 -76.31 90.95 -81.17
CA ALA F 333 -74.86 91.08 -81.22
C ALA F 333 -73.99 89.85 -81.12
N SER F 334 -73.92 89.13 -80.02
CA SER F 334 -72.97 88.02 -80.04
C SER F 334 -73.55 86.66 -80.30
N LEU F 335 -73.92 86.38 -81.54
CA LEU F 335 -74.51 85.08 -81.86
C LEU F 335 -73.62 84.12 -82.65
N THR F 336 -73.86 82.81 -82.47
CA THR F 336 -73.08 81.78 -83.18
C THR F 336 -73.98 81.16 -84.24
N PRO F 337 -73.40 80.42 -85.20
CA PRO F 337 -74.20 79.81 -86.26
C PRO F 337 -75.34 78.94 -85.73
N GLU F 338 -75.07 78.25 -84.64
CA GLU F 338 -76.07 77.38 -84.06
C GLU F 338 -77.14 78.16 -83.30
N LYS F 339 -76.76 79.26 -82.68
CA LYS F 339 -77.72 80.08 -81.94
C LYS F 339 -78.66 80.78 -82.90
N GLU F 340 -78.09 81.27 -84.01
CA GLU F 340 -78.83 81.98 -85.05
C GLU F 340 -80.07 81.19 -85.46
N HIS F 341 -79.98 79.87 -85.28
CA HIS F 341 -81.08 78.97 -85.63
C HIS F 341 -82.35 79.33 -84.89
N PHE F 342 -82.22 79.79 -83.65
CA PHE F 342 -83.39 80.13 -82.84
C PHE F 342 -83.55 81.61 -82.59
N ALA F 343 -82.87 82.44 -83.37
CA ALA F 343 -82.98 83.88 -83.22
C ALA F 343 -84.24 84.33 -83.92
N HIS F 344 -85.25 84.67 -83.14
CA HIS F 344 -86.50 85.10 -83.71
C HIS F 344 -86.61 86.63 -83.60
N GLU F 345 -87.52 87.20 -84.37
CA GLU F 345 -87.72 88.64 -84.37
C GLU F 345 -88.30 89.01 -83.01
N HIS F 346 -87.60 89.86 -82.26
CA HIS F 346 -88.05 90.23 -80.94
C HIS F 346 -87.09 91.27 -80.39
N CYS F 347 -87.56 92.14 -79.50
CA CYS F 347 -86.68 93.15 -78.95
C CYS F 347 -85.72 92.45 -77.99
N GLU F 348 -84.54 93.02 -77.82
CA GLU F 348 -83.56 92.45 -76.91
C GLU F 348 -84.00 92.59 -75.46
N MSE F 349 -83.74 91.56 -74.66
CA MSE F 349 -84.08 91.57 -73.24
C MSE F 349 -82.96 90.89 -72.48
O MSE F 349 -82.29 90.02 -73.02
CB MSE F 349 -85.38 90.81 -73.00
CG MSE F 349 -86.61 91.46 -73.65
SE MSE F 349 -88.22 90.41 -73.33
CE MSE F 349 -88.50 90.79 -71.47
N LYS F 350 -82.74 91.30 -71.23
CA LYS F 350 -81.67 90.71 -70.45
C LYS F 350 -82.19 90.03 -69.18
N ASN F 351 -83.22 90.62 -68.59
CA ASN F 351 -83.79 90.09 -67.36
C ASN F 351 -84.58 88.81 -67.63
N LEU F 352 -84.21 87.73 -66.97
CA LEU F 352 -84.91 86.45 -67.17
C LEU F 352 -86.38 86.50 -66.78
N GLU F 353 -86.68 87.13 -65.65
CA GLU F 353 -88.06 87.22 -65.18
C GLU F 353 -88.89 87.93 -66.24
N ASP F 354 -88.38 89.04 -66.75
CA ASP F 354 -89.09 89.81 -67.78
C ASP F 354 -89.29 88.94 -69.01
N ILE F 355 -88.25 88.18 -69.33
CA ILE F 355 -88.31 87.31 -70.50
C ILE F 355 -89.40 86.27 -70.31
N VAL F 356 -89.47 85.66 -69.12
CA VAL F 356 -90.52 84.67 -68.89
C VAL F 356 -91.89 85.31 -69.04
N LYS F 357 -92.04 86.52 -68.51
CA LYS F 357 -93.30 87.24 -68.60
C LYS F 357 -93.69 87.54 -70.05
N ASP F 358 -92.71 87.92 -70.86
CA ASP F 358 -93.01 88.23 -72.25
C ASP F 358 -93.30 87.00 -73.08
N ILE F 359 -92.36 86.05 -73.11
CA ILE F 359 -92.53 84.81 -73.88
C ILE F 359 -93.67 83.93 -73.34
N LYS F 360 -93.92 83.97 -72.03
CA LYS F 360 -94.98 83.15 -71.44
C LYS F 360 -94.90 81.72 -71.93
N PRO F 361 -93.74 81.05 -71.69
CA PRO F 361 -93.52 79.66 -72.12
C PRO F 361 -94.30 78.63 -71.32
N THR F 362 -94.44 77.43 -71.88
CA THR F 362 -95.14 76.33 -71.20
C THR F 362 -94.12 75.39 -70.54
N VAL F 363 -92.90 75.37 -71.08
CA VAL F 363 -91.83 74.54 -70.56
C VAL F 363 -90.61 75.43 -70.32
N LEU F 364 -90.07 75.37 -69.10
CA LEU F 364 -88.92 76.18 -68.73
C LEU F 364 -87.75 75.24 -68.47
N ILE F 365 -86.70 75.36 -69.27
CA ILE F 365 -85.54 74.50 -69.16
C ILE F 365 -84.27 75.24 -68.74
N GLY F 366 -83.71 74.83 -67.61
CA GLY F 366 -82.50 75.45 -67.11
C GLY F 366 -81.27 74.60 -67.33
N VAL F 367 -80.33 75.14 -68.13
CA VAL F 367 -79.07 74.47 -68.44
C VAL F 367 -77.98 75.52 -68.61
N ALA F 368 -77.83 76.38 -67.60
CA ALA F 368 -76.84 77.44 -67.64
C ALA F 368 -75.99 77.46 -66.38
N ALA F 369 -76.18 76.45 -65.54
CA ALA F 369 -75.45 76.32 -64.29
C ALA F 369 -75.53 77.58 -63.44
N ILE F 370 -76.72 78.20 -63.42
CA ILE F 370 -76.91 79.42 -62.64
C ILE F 370 -77.74 79.16 -61.39
N GLY F 371 -77.04 78.98 -60.26
CA GLY F 371 -77.66 78.73 -58.98
C GLY F 371 -79.16 78.64 -58.91
N GLY F 372 -79.78 79.62 -58.26
CA GLY F 372 -81.23 79.60 -58.12
C GLY F 372 -81.90 80.50 -59.12
N ALA F 373 -81.53 80.34 -60.39
CA ALA F 373 -82.10 81.14 -61.47
C ALA F 373 -83.63 81.19 -61.47
N PHE F 374 -84.27 80.08 -61.14
CA PHE F 374 -85.73 80.04 -61.14
C PHE F 374 -86.28 80.47 -59.80
N THR F 375 -86.30 81.78 -59.60
CA THR F 375 -86.78 82.41 -58.39
C THR F 375 -88.26 82.18 -58.13
N GLN F 376 -88.71 82.61 -56.95
CA GLN F 376 -90.10 82.51 -56.54
C GLN F 376 -90.92 83.12 -57.64
N GLN F 377 -90.57 84.36 -57.95
CA GLN F 377 -91.24 85.13 -58.97
C GLN F 377 -91.43 84.33 -60.25
N ILE F 378 -90.33 83.89 -60.84
CA ILE F 378 -90.40 83.14 -62.07
C ILE F 378 -91.26 81.89 -61.95
N LEU F 379 -91.09 81.15 -60.86
CA LEU F 379 -91.89 79.95 -60.64
C LEU F 379 -93.39 80.27 -60.54
N GLN F 380 -93.70 81.35 -59.84
CA GLN F 380 -95.08 81.78 -59.67
C GLN F 380 -95.63 82.28 -61.02
N ASP F 381 -94.80 83.01 -61.78
CA ASP F 381 -95.19 83.49 -63.09
C ASP F 381 -95.55 82.27 -63.95
N MSE F 382 -94.75 81.24 -63.88
CA MSE F 382 -94.99 80.04 -64.66
C MSE F 382 -96.30 79.37 -64.26
O MSE F 382 -97.02 78.83 -65.12
CB MSE F 382 -93.83 79.06 -64.52
CG MSE F 382 -93.52 78.23 -65.77
SE MSE F 382 -92.89 79.30 -67.27
CE MSE F 382 -91.67 80.44 -66.35
N ALA F 383 -96.62 79.41 -62.96
CA ALA F 383 -97.86 78.78 -62.48
C ALA F 383 -99.06 79.67 -62.78
N ALA F 384 -98.81 80.89 -63.22
CA ALA F 384 -99.87 81.83 -63.56
C ALA F 384 -100.33 81.69 -65.01
N PHE F 385 -99.39 81.62 -65.94
CA PHE F 385 -99.72 81.48 -67.36
C PHE F 385 -100.06 80.04 -67.72
N ASN F 386 -99.69 79.08 -66.88
CA ASN F 386 -99.92 77.69 -67.22
C ASN F 386 -100.66 76.93 -66.12
N LYS F 387 -101.62 76.10 -66.52
CA LYS F 387 -102.38 75.31 -65.56
C LYS F 387 -101.37 74.41 -64.86
N ARG F 388 -100.46 73.83 -65.63
CA ARG F 388 -99.42 72.98 -65.06
C ARG F 388 -98.11 73.11 -65.81
N PRO F 389 -97.29 74.11 -65.43
CA PRO F 389 -95.99 74.39 -66.02
C PRO F 389 -94.97 73.28 -65.84
N ILE F 390 -94.13 73.08 -66.86
CA ILE F 390 -93.10 72.05 -66.80
C ILE F 390 -91.76 72.72 -66.51
N ILE F 391 -91.21 72.43 -65.33
CA ILE F 391 -89.94 73.02 -64.91
C ILE F 391 -88.77 72.03 -64.85
N PHE F 392 -87.74 72.31 -65.62
CA PHE F 392 -86.56 71.47 -65.66
C PHE F 392 -85.33 72.20 -65.13
N ALA F 393 -84.84 71.79 -63.96
CA ALA F 393 -83.65 72.39 -63.39
C ALA F 393 -82.59 71.34 -63.69
N LEU F 394 -82.02 71.42 -64.89
CA LEU F 394 -81.05 70.44 -65.33
C LEU F 394 -79.59 70.62 -64.96
N SER F 395 -79.20 71.83 -64.55
CA SER F 395 -77.80 72.07 -64.21
C SER F 395 -77.30 71.23 -63.02
N ASN F 396 -76.05 70.74 -63.14
CA ASN F 396 -75.40 69.93 -62.08
C ASN F 396 -74.11 70.59 -61.61
N PRO F 397 -73.68 70.28 -60.38
CA PRO F 397 -74.37 69.38 -59.46
C PRO F 397 -75.52 70.12 -58.75
N THR F 398 -76.05 69.51 -57.69
CA THR F 398 -77.16 70.07 -56.94
C THR F 398 -77.01 71.57 -56.64
N SER F 399 -75.77 71.97 -56.36
CA SER F 399 -75.48 73.37 -56.06
C SER F 399 -75.75 74.35 -57.20
N LYS F 400 -75.90 73.83 -58.41
CA LYS F 400 -76.15 74.70 -59.56
C LYS F 400 -77.59 74.60 -60.06
N ALA F 401 -78.36 73.67 -59.50
CA ALA F 401 -79.75 73.46 -59.90
C ALA F 401 -80.53 74.78 -59.86
N GLU F 402 -81.18 75.11 -60.98
CA GLU F 402 -81.94 76.36 -61.10
C GLU F 402 -82.95 76.58 -59.98
N CYS F 403 -83.34 75.49 -59.32
CA CYS F 403 -84.27 75.57 -58.20
C CYS F 403 -84.44 74.18 -57.61
N THR F 404 -84.94 74.12 -56.39
CA THR F 404 -85.16 72.88 -55.67
C THR F 404 -86.53 72.31 -55.98
N ALA F 405 -86.73 71.03 -55.71
CA ALA F 405 -88.04 70.42 -55.92
C ALA F 405 -88.99 71.11 -54.95
N GLU F 406 -88.55 71.25 -53.70
CA GLU F 406 -89.34 71.91 -52.66
C GLU F 406 -89.83 73.27 -53.15
N GLN F 407 -88.90 74.05 -53.65
CA GLN F 407 -89.21 75.40 -54.14
C GLN F 407 -90.20 75.36 -55.29
N LEU F 408 -89.89 74.52 -56.28
CA LEU F 408 -90.73 74.38 -57.45
C LEU F 408 -92.17 74.08 -57.03
N TYR F 409 -92.35 73.02 -56.26
CA TYR F 409 -93.67 72.63 -55.81
C TYR F 409 -94.37 73.67 -54.94
N LYS F 410 -93.60 74.41 -54.14
CA LYS F 410 -94.18 75.43 -53.28
C LYS F 410 -94.65 76.63 -54.07
N TYR F 411 -93.76 77.20 -54.88
CA TYR F 411 -94.09 78.39 -55.66
C TYR F 411 -94.98 78.19 -56.88
N THR F 412 -95.39 76.96 -57.13
CA THR F 412 -96.27 76.68 -58.26
C THR F 412 -97.51 76.01 -57.68
N GLU F 413 -97.62 76.10 -56.35
CA GLU F 413 -98.74 75.53 -55.61
C GLU F 413 -99.04 74.09 -56.02
N GLY F 414 -97.99 73.29 -56.05
CA GLY F 414 -98.11 71.88 -56.40
C GLY F 414 -98.53 71.58 -57.81
N ARG F 415 -98.66 72.61 -58.63
CA ARG F 415 -99.08 72.38 -60.02
C ARG F 415 -97.94 72.19 -60.98
N GLY F 416 -96.74 72.58 -60.56
CA GLY F 416 -95.58 72.43 -61.40
C GLY F 416 -95.10 71.00 -61.55
N ILE F 417 -94.77 70.62 -62.78
CA ILE F 417 -94.25 69.30 -63.08
C ILE F 417 -92.73 69.48 -63.11
N PHE F 418 -92.05 68.89 -62.14
CA PHE F 418 -90.60 69.08 -62.03
C PHE F 418 -89.71 67.90 -62.36
N ALA F 419 -88.48 68.23 -62.72
CA ALA F 419 -87.42 67.27 -63.05
C ALA F 419 -86.13 68.06 -62.93
N SER F 420 -85.07 67.39 -62.46
CA SER F 420 -83.78 68.04 -62.32
C SER F 420 -82.68 67.06 -62.65
N GLY F 421 -81.47 67.59 -62.84
CA GLY F 421 -80.33 66.75 -63.17
C GLY F 421 -79.77 66.06 -61.95
N SER F 422 -79.86 66.73 -60.81
CA SER F 422 -79.36 66.18 -59.56
C SER F 422 -80.56 65.74 -58.75
N PRO F 423 -80.38 64.71 -57.90
CA PRO F 423 -81.45 64.17 -57.06
C PRO F 423 -81.93 65.05 -55.91
N PHE F 424 -83.25 65.09 -55.75
CA PHE F 424 -83.90 65.82 -54.67
C PHE F 424 -84.83 64.81 -54.00
N ASP F 425 -85.03 64.96 -52.70
CA ASP F 425 -85.88 64.03 -51.96
C ASP F 425 -87.34 64.27 -52.24
N PRO F 426 -88.16 63.23 -52.06
CA PRO F 426 -89.60 63.33 -52.28
C PRO F 426 -90.16 64.53 -51.53
N VAL F 427 -91.23 65.10 -52.02
CA VAL F 427 -91.83 66.25 -51.37
C VAL F 427 -93.28 65.97 -51.05
N THR F 428 -93.67 66.29 -49.83
CA THR F 428 -95.04 66.12 -49.42
C THR F 428 -95.66 67.51 -49.42
N LEU F 429 -96.65 67.70 -50.29
CA LEU F 429 -97.32 68.98 -50.40
C LEU F 429 -98.22 69.14 -49.17
N PRO F 430 -98.77 70.34 -48.96
CA PRO F 430 -99.65 70.55 -47.80
C PRO F 430 -100.88 69.64 -47.86
N SER F 431 -101.31 69.33 -49.07
CA SER F 431 -102.47 68.47 -49.26
C SER F 431 -102.20 67.07 -48.71
N GLY F 432 -100.94 66.78 -48.45
CA GLY F 432 -100.56 65.46 -47.95
C GLY F 432 -100.03 64.54 -49.04
N GLN F 433 -100.27 64.90 -50.31
CA GLN F 433 -99.78 64.07 -51.42
C GLN F 433 -98.26 64.14 -51.40
N THR F 434 -97.62 63.04 -51.76
CA THR F 434 -96.17 63.00 -51.80
C THR F 434 -95.72 62.85 -53.25
N LEU F 435 -94.92 63.81 -53.70
CA LEU F 435 -94.40 63.82 -55.07
C LEU F 435 -92.95 63.38 -55.11
N TYR F 436 -92.61 62.52 -56.08
CA TYR F 436 -91.25 62.03 -56.23
C TYR F 436 -90.62 62.62 -57.48
N PRO F 437 -90.00 63.82 -57.36
CA PRO F 437 -89.36 64.48 -58.50
C PRO F 437 -88.36 63.61 -59.27
N GLY F 438 -88.58 63.51 -60.58
CA GLY F 438 -87.71 62.69 -61.39
C GLY F 438 -86.35 63.30 -61.71
N GLN F 439 -85.41 62.43 -62.07
CA GLN F 439 -84.08 62.90 -62.40
C GLN F 439 -83.82 62.91 -63.92
N GLY F 440 -83.86 64.09 -64.52
CA GLY F 440 -83.57 64.22 -65.94
C GLY F 440 -82.07 64.33 -66.09
N ASN F 441 -81.42 63.18 -66.28
CA ASN F 441 -79.97 63.13 -66.37
C ASN F 441 -79.51 62.09 -67.40
N ASN F 442 -78.36 62.32 -68.03
CA ASN F 442 -77.81 61.40 -69.04
C ASN F 442 -77.85 59.95 -68.62
N SER F 443 -77.68 59.71 -67.32
CA SER F 443 -77.66 58.37 -66.79
C SER F 443 -78.80 57.47 -67.25
N TYR F 444 -79.90 58.05 -67.70
CA TYR F 444 -81.03 57.25 -68.20
C TYR F 444 -80.79 56.83 -69.64
N VAL F 445 -79.91 57.55 -70.32
CA VAL F 445 -79.61 57.30 -71.71
C VAL F 445 -78.30 56.58 -72.08
N PHE F 446 -77.16 57.17 -71.75
CA PHE F 446 -75.91 56.53 -72.15
C PHE F 446 -75.72 55.06 -71.78
N PRO F 447 -76.18 54.62 -70.58
CA PRO F 447 -75.99 53.20 -70.25
C PRO F 447 -76.64 52.31 -71.30
N GLY F 448 -77.89 52.60 -71.63
CA GLY F 448 -78.64 51.83 -72.62
C GLY F 448 -78.08 51.98 -74.02
N VAL F 449 -77.80 53.22 -74.44
CA VAL F 449 -77.23 53.47 -75.77
C VAL F 449 -75.94 52.65 -75.93
N ALA F 450 -75.15 52.57 -74.86
CA ALA F 450 -73.91 51.82 -74.87
C ALA F 450 -74.17 50.32 -75.07
N LEU F 451 -75.05 49.76 -74.25
CA LEU F 451 -75.36 48.34 -74.35
C LEU F 451 -75.84 48.04 -75.76
N GLY F 452 -76.66 48.94 -76.30
CA GLY F 452 -77.19 48.75 -77.64
C GLY F 452 -76.13 48.77 -78.72
N VAL F 453 -75.39 49.88 -78.80
CA VAL F 453 -74.34 50.05 -79.78
C VAL F 453 -73.32 48.90 -79.73
N ILE F 454 -72.84 48.57 -78.54
CA ILE F 454 -71.86 47.51 -78.41
C ILE F 454 -72.41 46.13 -78.76
N SER F 455 -73.68 45.89 -78.48
CA SER F 455 -74.25 44.58 -78.77
C SER F 455 -74.39 44.31 -80.26
N CYS F 456 -74.92 45.28 -81.01
CA CYS F 456 -75.13 45.09 -82.44
C CYS F 456 -74.01 45.64 -83.32
N GLY F 457 -73.17 46.50 -82.75
CA GLY F 457 -72.10 47.06 -83.53
C GLY F 457 -72.57 48.17 -84.46
N LEU F 458 -73.44 49.04 -83.96
CA LEU F 458 -73.89 50.15 -84.76
C LEU F 458 -72.62 50.96 -85.09
N LYS F 459 -72.35 51.16 -86.37
CA LYS F 459 -71.16 51.89 -86.81
C LYS F 459 -71.15 53.39 -86.50
N HIS F 460 -72.31 54.02 -86.65
CA HIS F 460 -72.41 55.44 -86.35
C HIS F 460 -73.74 55.72 -85.68
N ILE F 461 -73.74 56.67 -84.76
CA ILE F 461 -74.95 57.01 -84.01
C ILE F 461 -75.64 58.26 -84.51
N GLY F 462 -76.77 58.09 -85.18
CA GLY F 462 -77.49 59.24 -85.68
C GLY F 462 -78.45 59.79 -84.63
N ASP F 463 -78.96 61.00 -84.87
CA ASP F 463 -79.88 61.61 -83.93
C ASP F 463 -81.13 60.77 -83.74
N ASP F 464 -81.55 60.07 -84.79
CA ASP F 464 -82.74 59.23 -84.70
C ASP F 464 -82.61 58.30 -83.51
N VAL F 465 -81.41 57.80 -83.27
CA VAL F 465 -81.13 56.90 -82.17
C VAL F 465 -81.53 57.54 -80.84
N PHE F 466 -81.19 58.80 -80.67
CA PHE F 466 -81.51 59.49 -79.44
C PHE F 466 -82.98 59.83 -79.32
N LEU F 467 -83.64 60.07 -80.46
CA LEU F 467 -85.06 60.36 -80.43
C LEU F 467 -85.82 59.09 -80.10
N THR F 468 -85.42 58.00 -80.72
CA THR F 468 -86.06 56.72 -80.46
C THR F 468 -85.87 56.31 -79.00
N THR F 469 -84.67 56.54 -78.48
CA THR F 469 -84.38 56.20 -77.09
C THR F 469 -85.26 57.05 -76.17
N ALA F 470 -85.43 58.32 -76.51
CA ALA F 470 -86.27 59.17 -75.69
C ALA F 470 -87.64 58.51 -75.60
N GLU F 471 -88.14 58.06 -76.75
CA GLU F 471 -89.46 57.43 -76.80
C GLU F 471 -89.50 56.15 -76.00
N VAL F 472 -88.42 55.38 -76.03
CA VAL F 472 -88.38 54.15 -75.27
C VAL F 472 -88.46 54.43 -73.78
N ILE F 473 -87.75 55.46 -73.33
CA ILE F 473 -87.74 55.81 -71.91
C ILE F 473 -89.12 56.27 -71.41
N ALA F 474 -89.76 57.15 -72.18
CA ALA F 474 -91.08 57.66 -71.81
C ALA F 474 -92.10 56.51 -71.75
N GLN F 475 -91.97 55.58 -72.67
CA GLN F 475 -92.88 54.46 -72.74
C GLN F 475 -92.86 53.66 -71.44
N GLU F 476 -91.75 53.74 -70.72
CA GLU F 476 -91.61 53.00 -69.47
C GLU F 476 -92.10 53.76 -68.24
N VAL F 477 -92.66 54.94 -68.45
CA VAL F 477 -93.19 55.74 -67.35
C VAL F 477 -94.66 55.37 -67.21
N SER F 478 -94.99 54.64 -66.14
CA SER F 478 -96.36 54.19 -65.88
C SER F 478 -97.28 55.31 -65.42
N GLU F 479 -98.59 55.05 -65.49
CA GLU F 479 -99.58 56.03 -65.07
C GLU F 479 -99.39 56.29 -63.58
N GLU F 480 -99.05 55.22 -62.86
CA GLU F 480 -98.80 55.31 -61.43
C GLU F 480 -97.61 56.26 -61.20
N ASN F 481 -96.58 56.13 -62.02
CA ASN F 481 -95.40 56.99 -61.93
C ASN F 481 -95.81 58.46 -62.09
N LEU F 482 -96.54 58.74 -63.17
CA LEU F 482 -97.00 60.10 -63.45
C LEU F 482 -97.82 60.68 -62.34
N GLN F 483 -98.63 59.84 -61.70
CA GLN F 483 -99.47 60.29 -60.59
C GLN F 483 -98.67 60.74 -59.39
N GLU F 484 -97.45 60.21 -59.25
CA GLU F 484 -96.59 60.58 -58.13
C GLU F 484 -95.75 61.81 -58.49
N GLY F 485 -95.83 62.22 -59.76
CA GLY F 485 -95.05 63.37 -60.20
C GLY F 485 -93.75 63.00 -60.88
N ARG F 486 -93.60 61.74 -61.26
CA ARG F 486 -92.39 61.28 -61.94
C ARG F 486 -92.51 61.37 -63.47
N LEU F 487 -91.52 61.97 -64.11
CA LEU F 487 -91.49 62.09 -65.57
C LEU F 487 -90.57 61.00 -66.13
N TYR F 488 -89.92 60.27 -65.21
CA TYR F 488 -89.02 59.18 -65.60
C TYR F 488 -89.30 57.91 -64.78
N PRO F 489 -89.04 56.74 -65.35
CA PRO F 489 -89.31 55.54 -64.57
C PRO F 489 -88.38 55.51 -63.36
N PRO F 490 -88.85 54.94 -62.24
CA PRO F 490 -88.06 54.85 -61.00
C PRO F 490 -86.63 54.33 -61.23
N LEU F 491 -85.66 55.00 -60.61
CA LEU F 491 -84.25 54.61 -60.75
C LEU F 491 -83.99 53.13 -60.50
N VAL F 492 -84.80 52.51 -59.65
CA VAL F 492 -84.63 51.10 -59.33
C VAL F 492 -84.87 50.20 -60.53
N THR F 493 -85.53 50.73 -61.56
CA THR F 493 -85.81 49.93 -62.74
C THR F 493 -84.94 50.32 -63.92
N ILE F 494 -83.92 51.14 -63.68
CA ILE F 494 -83.02 51.62 -64.71
C ILE F 494 -82.35 50.52 -65.56
N GLN F 495 -82.13 49.34 -64.97
CA GLN F 495 -81.51 48.27 -65.74
C GLN F 495 -82.47 47.72 -66.78
N GLN F 496 -83.74 47.60 -66.40
CA GLN F 496 -84.77 47.11 -67.32
C GLN F 496 -84.93 48.11 -68.45
N VAL F 497 -84.95 49.38 -68.09
CA VAL F 497 -85.08 50.45 -69.05
C VAL F 497 -83.94 50.37 -70.05
N SER F 498 -82.73 50.25 -69.52
CA SER F 498 -81.55 50.17 -70.36
C SER F 498 -81.61 48.98 -71.33
N LEU F 499 -82.15 47.84 -70.88
CA LEU F 499 -82.26 46.68 -71.76
C LEU F 499 -83.19 46.99 -72.93
N LYS F 500 -84.31 47.62 -72.64
CA LYS F 500 -85.24 47.97 -73.69
C LYS F 500 -84.63 48.97 -74.64
N ILE F 501 -83.87 49.92 -74.11
CA ILE F 501 -83.24 50.91 -74.96
C ILE F 501 -82.23 50.24 -75.90
N ALA F 502 -81.49 49.26 -75.38
CA ALA F 502 -80.51 48.54 -76.18
C ALA F 502 -81.16 47.69 -77.24
N VAL F 503 -82.22 46.98 -76.86
CA VAL F 503 -82.93 46.12 -77.79
C VAL F 503 -83.51 46.91 -78.95
N ARG F 504 -84.15 48.05 -78.64
CA ARG F 504 -84.73 48.88 -79.68
C ARG F 504 -83.65 49.40 -80.64
N ILE F 505 -82.50 49.81 -80.11
CA ILE F 505 -81.41 50.29 -80.97
C ILE F 505 -80.91 49.16 -81.88
N ALA F 506 -80.75 47.97 -81.29
CA ALA F 506 -80.30 46.80 -82.03
C ALA F 506 -81.28 46.49 -83.18
N LYS F 507 -82.58 46.57 -82.89
CA LYS F 507 -83.59 46.29 -83.88
C LYS F 507 -83.52 47.28 -85.04
N GLU F 508 -83.38 48.57 -84.72
CA GLU F 508 -83.28 49.59 -85.76
C GLU F 508 -81.99 49.44 -86.55
N ALA F 509 -80.94 49.02 -85.86
CA ALA F 509 -79.65 48.85 -86.51
C ALA F 509 -79.69 47.80 -87.62
N TYR F 510 -80.28 46.66 -87.33
CA TYR F 510 -80.37 45.59 -88.32
C TYR F 510 -81.28 45.99 -89.49
N ARG F 511 -82.37 46.66 -89.17
CA ARG F 511 -83.31 47.09 -90.20
C ARG F 511 -82.64 48.04 -91.18
N ASN F 512 -81.89 49.00 -90.66
CA ASN F 512 -81.21 49.99 -91.49
C ASN F 512 -79.83 49.51 -91.94
N ASN F 513 -79.52 48.25 -91.66
CA ASN F 513 -78.25 47.67 -92.04
C ASN F 513 -77.05 48.48 -91.56
N THR F 514 -77.17 49.07 -90.38
CA THR F 514 -76.09 49.85 -89.81
C THR F 514 -75.42 49.04 -88.69
N ALA F 515 -75.90 47.82 -88.48
CA ALA F 515 -75.34 46.94 -87.45
C ALA F 515 -74.06 46.33 -87.98
N SER F 516 -73.30 45.67 -87.11
CA SER F 516 -72.06 45.03 -87.54
C SER F 516 -71.94 43.62 -86.97
N THR F 517 -72.75 43.31 -85.98
CA THR F 517 -72.67 41.98 -85.38
C THR F 517 -73.55 40.99 -86.17
N TYR F 518 -72.89 39.98 -86.75
CA TYR F 518 -73.58 38.95 -87.54
C TYR F 518 -73.04 37.56 -87.24
N PRO F 519 -73.86 36.53 -87.49
CA PRO F 519 -75.22 36.62 -88.00
C PRO F 519 -76.14 37.32 -87.01
N GLN F 520 -77.25 37.90 -87.50
CA GLN F 520 -78.19 38.58 -86.62
C GLN F 520 -78.93 37.58 -85.75
N PRO F 521 -78.97 37.84 -84.43
CA PRO F 521 -79.63 36.99 -83.44
C PRO F 521 -81.12 36.85 -83.74
N GLU F 522 -81.64 35.63 -83.66
CA GLU F 522 -83.06 35.44 -83.91
C GLU F 522 -83.88 36.19 -82.86
N ASP F 523 -83.42 36.22 -81.62
CA ASP F 523 -84.10 36.93 -80.53
C ASP F 523 -83.13 37.89 -79.86
N LEU F 524 -83.25 39.17 -80.20
CA LEU F 524 -82.38 40.21 -79.65
C LEU F 524 -82.42 40.34 -78.14
N GLU F 525 -83.62 40.36 -77.57
CA GLU F 525 -83.73 40.49 -76.13
C GLU F 525 -82.92 39.41 -75.45
N ALA F 526 -83.11 38.16 -75.87
CA ALA F 526 -82.37 37.07 -75.26
C ALA F 526 -80.88 37.28 -75.48
N PHE F 527 -80.51 37.59 -76.71
CA PHE F 527 -79.11 37.79 -77.02
C PHE F 527 -78.47 38.86 -76.13
N ILE F 528 -79.14 40.00 -76.02
CA ILE F 528 -78.60 41.07 -75.20
C ILE F 528 -78.62 40.72 -73.73
N ARG F 529 -79.64 40.00 -73.29
CA ARG F 529 -79.71 39.61 -71.88
C ARG F 529 -78.50 38.75 -71.54
N SER F 530 -78.03 37.95 -72.50
CA SER F 530 -76.89 37.08 -72.27
C SER F 530 -75.58 37.87 -72.25
N GLN F 531 -75.54 38.97 -72.98
CA GLN F 531 -74.36 39.80 -73.09
C GLN F 531 -74.11 40.67 -71.85
N VAL F 532 -75.13 40.80 -70.99
CA VAL F 532 -75.00 41.63 -69.80
C VAL F 532 -74.11 41.10 -68.67
N TYR F 533 -73.54 42.03 -67.94
CA TYR F 533 -72.64 41.77 -66.81
C TYR F 533 -73.37 41.10 -65.68
N SER F 534 -72.73 40.12 -65.05
CA SER F 534 -73.32 39.45 -63.92
C SER F 534 -72.52 39.84 -62.71
N THR F 535 -73.22 40.08 -61.62
CA THR F 535 -72.62 40.49 -60.38
C THR F 535 -72.06 39.31 -59.61
N ASP F 536 -72.41 38.11 -60.04
CA ASP F 536 -71.93 36.92 -59.35
C ASP F 536 -70.48 36.60 -59.56
N TYR F 537 -69.86 36.00 -58.54
CA TYR F 537 -68.47 35.61 -58.63
C TYR F 537 -68.38 34.39 -59.51
N ASN F 538 -67.22 34.20 -60.15
CA ASN F 538 -67.02 33.02 -60.97
C ASN F 538 -66.21 32.04 -60.15
N CYS F 539 -66.23 30.77 -60.52
CA CYS F 539 -65.48 29.77 -59.77
C CYS F 539 -64.07 29.68 -60.32
N PHE F 540 -63.08 29.78 -59.45
CA PHE F 540 -61.70 29.75 -59.89
C PHE F 540 -61.06 28.36 -59.87
N VAL F 541 -61.85 27.34 -59.51
CA VAL F 541 -61.33 25.98 -59.47
C VAL F 541 -61.06 25.49 -60.88
N ALA F 542 -59.96 24.78 -61.06
CA ALA F 542 -59.60 24.25 -62.37
C ALA F 542 -60.68 23.29 -62.84
N ASP F 543 -60.84 23.18 -64.15
CA ASP F 543 -61.82 22.30 -64.75
C ASP F 543 -61.33 20.87 -64.80
N SER F 544 -61.52 20.14 -63.72
CA SER F 544 -61.07 18.75 -63.67
C SER F 544 -62.16 17.77 -64.09
N TYR F 545 -61.75 16.76 -64.84
CA TYR F 545 -62.65 15.71 -65.30
C TYR F 545 -61.80 14.52 -65.71
N THR F 546 -62.40 13.35 -65.69
CA THR F 546 -61.66 12.15 -66.01
C THR F 546 -61.90 11.58 -67.41
N TRP F 547 -60.89 10.88 -67.94
CA TRP F 547 -61.00 10.22 -69.23
C TRP F 547 -61.21 8.78 -68.82
N PRO F 548 -61.57 7.88 -69.76
CA PRO F 548 -61.79 6.48 -69.41
C PRO F 548 -60.74 5.99 -68.43
N GLU F 549 -60.11 4.86 -68.67
CA GLU F 549 -59.13 4.46 -67.68
C GLU F 549 -57.92 3.91 -68.37
N GLU F 550 -58.17 3.24 -69.48
CA GLU F 550 -57.08 2.69 -70.24
C GLU F 550 -56.50 3.84 -71.04
N ALA F 551 -57.33 4.84 -71.32
CA ALA F 551 -56.88 6.01 -72.09
C ALA F 551 -56.15 6.99 -71.19
N MSE F 552 -56.18 6.70 -69.89
CA MSE F 552 -55.56 7.55 -68.90
C MSE F 552 -54.37 6.85 -68.26
O MSE F 552 -53.70 7.40 -67.38
CB MSE F 552 -56.60 7.90 -67.85
CG MSE F 552 -56.33 9.14 -67.09
SE MSE F 552 -57.97 9.53 -66.21
CE MSE F 552 -58.00 8.09 -64.93
N LYS F 553 -54.10 5.63 -68.73
CA LYS F 553 -53.01 4.83 -68.20
C LYS F 553 -51.62 5.39 -68.51
N VAL F 554 -50.75 5.38 -67.51
CA VAL F 554 -49.39 5.87 -67.70
C VAL F 554 -48.55 4.72 -68.25
N LYS F 555 -47.76 5.01 -69.28
CA LYS F 555 -46.91 4.00 -69.90
C LYS F 555 -45.44 4.30 -69.65
N LYS G 1 -43.09 41.71 -72.90
CA LYS G 1 -42.68 41.26 -71.57
C LYS G 1 -41.17 41.29 -71.38
N LYS G 2 -40.67 40.58 -70.36
CA LYS G 2 -39.23 40.58 -70.07
C LYS G 2 -38.60 39.35 -69.40
N GLY G 3 -37.28 39.40 -69.29
CA GLY G 3 -36.53 38.33 -68.69
C GLY G 3 -36.21 37.21 -69.65
N TYR G 4 -35.63 36.16 -69.10
CA TYR G 4 -35.23 34.99 -69.86
C TYR G 4 -36.45 34.35 -70.53
N GLU G 5 -37.64 34.69 -70.07
CA GLU G 5 -38.86 34.12 -70.63
C GLU G 5 -39.01 34.57 -72.08
N VAL G 6 -38.40 35.70 -72.41
CA VAL G 6 -38.45 36.24 -73.76
C VAL G 6 -37.66 35.33 -74.69
N LEU G 7 -36.52 34.84 -74.21
CA LEU G 7 -35.69 33.98 -75.02
C LEU G 7 -36.37 32.65 -75.31
N ARG G 8 -37.30 32.21 -74.45
CA ARG G 8 -38.00 30.93 -74.65
C ARG G 8 -39.28 31.07 -75.45
N ASP G 9 -39.64 32.30 -75.78
CA ASP G 9 -40.84 32.56 -76.56
C ASP G 9 -40.37 32.80 -78.00
N PRO G 10 -40.60 31.82 -78.89
CA PRO G 10 -40.19 31.94 -80.29
C PRO G 10 -40.83 33.11 -81.04
N HIS G 11 -41.95 33.61 -80.54
CA HIS G 11 -42.62 34.74 -81.19
C HIS G 11 -41.88 36.05 -80.91
N LEU G 12 -41.10 36.05 -79.83
CA LEU G 12 -40.33 37.19 -79.39
C LEU G 12 -38.84 37.06 -79.61
N ASN G 13 -38.31 35.91 -79.24
CA ASN G 13 -36.89 35.64 -79.35
C ASN G 13 -36.21 36.01 -80.67
N LYS G 14 -35.19 36.86 -80.57
CA LYS G 14 -34.42 37.28 -81.74
C LYS G 14 -33.01 36.71 -81.59
N GLY G 15 -32.79 35.95 -80.53
CA GLY G 15 -31.49 35.35 -80.31
C GLY G 15 -30.40 36.42 -80.22
N MSE G 16 -29.25 36.17 -80.83
CA MSE G 16 -28.17 37.13 -80.79
C MSE G 16 -28.42 38.41 -81.59
O MSE G 16 -27.57 39.30 -81.63
CB MSE G 16 -26.88 36.48 -81.23
CG MSE G 16 -26.33 35.52 -80.20
SE MSE G 16 -24.71 34.65 -80.81
CE MSE G 16 -25.47 33.02 -81.51
N ALA G 17 -29.59 38.51 -82.22
CA ALA G 17 -29.93 39.70 -83.00
C ALA G 17 -30.33 40.82 -82.04
N PHE G 18 -30.54 40.45 -80.78
CA PHE G 18 -30.91 41.44 -79.77
C PHE G 18 -29.77 42.41 -79.56
N THR G 19 -30.08 43.71 -79.65
CA THR G 19 -29.08 44.74 -79.48
C THR G 19 -28.68 44.84 -78.02
N LEU G 20 -27.53 45.43 -77.76
CA LEU G 20 -27.05 45.60 -76.40
C LEU G 20 -28.11 46.31 -75.57
N GLU G 21 -28.64 47.40 -76.13
CA GLU G 21 -29.66 48.14 -75.41
C GLU G 21 -30.90 47.30 -75.12
N GLU G 22 -31.31 46.49 -76.10
CA GLU G 22 -32.50 45.65 -75.94
C GLU G 22 -32.26 44.67 -74.80
N ARG G 23 -31.09 44.03 -74.81
CA ARG G 23 -30.74 43.06 -73.79
C ARG G 23 -30.73 43.69 -72.40
N GLN G 24 -30.23 44.92 -72.30
CA GLN G 24 -30.16 45.60 -71.03
C GLN G 24 -31.54 45.92 -70.48
N GLN G 25 -32.44 46.36 -71.35
CA GLN G 25 -33.79 46.72 -70.94
C GLN G 25 -34.69 45.51 -70.77
N LEU G 26 -34.38 44.43 -71.51
CA LEU G 26 -35.17 43.20 -71.46
C LEU G 26 -34.67 42.32 -70.31
N ASN G 27 -33.61 42.77 -69.64
CA ASN G 27 -33.05 42.02 -68.53
C ASN G 27 -32.58 40.65 -68.91
N ILE G 28 -31.92 40.56 -70.06
CA ILE G 28 -31.36 39.30 -70.54
C ILE G 28 -29.89 39.47 -70.85
N HIS G 29 -29.37 40.69 -70.64
CA HIS G 29 -27.97 40.95 -70.90
C HIS G 29 -27.14 40.00 -70.05
N GLY G 30 -26.40 39.13 -70.74
CA GLY G 30 -25.58 38.14 -70.06
C GLY G 30 -26.05 36.73 -70.37
N LEU G 31 -27.31 36.60 -70.79
CA LEU G 31 -27.85 35.30 -71.10
C LEU G 31 -27.50 34.91 -72.53
N LEU G 32 -26.95 35.86 -73.28
CA LEU G 32 -26.54 35.65 -74.69
C LEU G 32 -25.07 35.95 -74.91
N PRO G 33 -24.39 35.18 -75.75
CA PRO G 33 -22.97 35.46 -76.01
C PRO G 33 -22.75 36.92 -76.41
N PRO G 34 -21.54 37.45 -76.19
CA PRO G 34 -21.14 38.84 -76.50
C PRO G 34 -21.02 39.24 -77.95
N CYS G 35 -21.93 38.81 -78.80
CA CYS G 35 -21.89 39.20 -80.20
C CYS G 35 -23.30 39.54 -80.68
N PHE G 36 -23.39 40.51 -81.58
CA PHE G 36 -24.67 40.96 -82.12
C PHE G 36 -24.67 40.80 -83.62
N LEU G 37 -25.66 40.09 -84.16
CA LEU G 37 -25.70 39.92 -85.59
C LEU G 37 -27.08 40.10 -86.18
N GLY G 38 -27.12 40.34 -87.49
CA GLY G 38 -28.37 40.53 -88.19
C GLY G 38 -28.93 39.23 -88.71
N GLN G 39 -30.13 39.30 -89.27
CA GLN G 39 -30.79 38.12 -89.82
C GLN G 39 -29.96 37.37 -90.85
N ASP G 40 -29.32 38.10 -91.76
CA ASP G 40 -28.50 37.45 -92.77
C ASP G 40 -27.45 36.57 -92.10
N ALA G 41 -26.80 37.12 -91.08
CA ALA G 41 -25.79 36.38 -90.35
C ALA G 41 -26.43 35.12 -89.75
N GLN G 42 -27.59 35.30 -89.13
CA GLN G 42 -28.32 34.18 -88.53
C GLN G 42 -28.67 33.14 -89.59
N VAL G 43 -29.13 33.60 -90.74
CA VAL G 43 -29.49 32.68 -91.82
C VAL G 43 -28.28 31.85 -92.22
N TYR G 44 -27.16 32.53 -92.38
CA TYR G 44 -25.91 31.88 -92.76
C TYR G 44 -25.63 30.71 -91.84
N SER G 45 -25.73 30.95 -90.53
CA SER G 45 -25.52 29.91 -89.53
C SER G 45 -26.49 28.76 -89.76
N ILE G 46 -27.77 29.09 -89.99
CA ILE G 46 -28.77 28.06 -90.21
C ILE G 46 -28.35 27.19 -91.38
N LEU G 47 -27.95 27.83 -92.48
CA LEU G 47 -27.55 27.09 -93.67
C LEU G 47 -26.40 26.12 -93.47
N LYS G 48 -25.38 26.54 -92.73
CA LYS G 48 -24.25 25.66 -92.49
C LYS G 48 -24.72 24.43 -91.75
N ASN G 49 -25.72 24.60 -90.88
CA ASN G 49 -26.27 23.49 -90.11
C ASN G 49 -27.16 22.58 -90.96
N PHE G 50 -27.80 23.19 -91.96
CA PHE G 50 -28.69 22.46 -92.86
C PHE G 50 -27.82 21.64 -93.81
N GLU G 51 -26.76 22.27 -94.33
CA GLU G 51 -25.85 21.64 -95.28
C GLU G 51 -25.18 20.36 -94.77
N ARG G 52 -24.74 20.37 -93.52
CA ARG G 52 -24.06 19.19 -92.97
C ARG G 52 -24.95 18.01 -92.61
N LEU G 53 -26.26 18.20 -92.68
CA LEU G 53 -27.17 17.09 -92.38
C LEU G 53 -27.16 16.13 -93.56
N THR G 54 -27.55 14.89 -93.33
CA THR G 54 -27.55 13.91 -94.40
C THR G 54 -28.83 13.08 -94.48
N SER G 55 -29.93 13.69 -94.08
CA SER G 55 -31.22 13.00 -94.11
C SER G 55 -32.35 14.02 -94.15
N ASP G 56 -33.36 13.74 -94.97
CA ASP G 56 -34.48 14.64 -95.07
C ASP G 56 -35.11 14.77 -93.70
N LEU G 57 -35.25 13.64 -93.02
CA LEU G 57 -35.85 13.63 -91.69
C LEU G 57 -35.11 14.57 -90.73
N ASP G 58 -33.79 14.57 -90.81
CA ASP G 58 -32.99 15.43 -89.96
C ASP G 58 -33.13 16.91 -90.37
N ARG G 59 -33.22 17.18 -91.66
CA ARG G 59 -33.38 18.56 -92.12
C ARG G 59 -34.71 19.07 -91.60
N TYR G 60 -35.68 18.16 -91.55
CA TYR G 60 -36.99 18.50 -91.05
C TYR G 60 -36.88 18.90 -89.58
N ILE G 61 -36.30 18.01 -88.78
CA ILE G 61 -36.15 18.27 -87.36
C ILE G 61 -35.40 19.57 -87.12
N LEU G 62 -34.38 19.83 -87.92
CA LEU G 62 -33.62 21.05 -87.77
C LEU G 62 -34.56 22.24 -87.91
N LEU G 63 -35.31 22.24 -89.00
CA LEU G 63 -36.21 23.33 -89.29
C LEU G 63 -37.34 23.47 -88.30
N MSE G 64 -37.88 22.35 -87.85
CA MSE G 64 -38.98 22.41 -86.89
C MSE G 64 -38.48 23.03 -85.60
O MSE G 64 -39.20 23.78 -84.95
CB MSE G 64 -39.54 21.01 -86.59
CG MSE G 64 -40.40 20.44 -87.73
SE MSE G 64 -41.91 21.56 -88.19
CE MSE G 64 -42.36 22.25 -86.43
N SER G 65 -37.25 22.70 -85.23
CA SER G 65 -36.67 23.25 -84.03
C SER G 65 -36.36 24.74 -84.19
N LEU G 66 -36.04 25.16 -85.41
CA LEU G 66 -35.76 26.56 -85.67
C LEU G 66 -37.08 27.29 -85.41
N GLN G 67 -38.17 26.63 -85.81
CA GLN G 67 -39.50 27.20 -85.67
C GLN G 67 -39.94 27.33 -84.20
N ASP G 68 -39.48 26.41 -83.35
CA ASP G 68 -39.83 26.48 -81.94
C ASP G 68 -38.90 27.40 -81.18
N ARG G 69 -37.92 27.98 -81.85
CA ARG G 69 -36.94 28.84 -81.19
C ARG G 69 -36.91 30.28 -81.67
N ASN G 70 -37.13 30.49 -82.96
CA ASN G 70 -37.13 31.85 -83.49
C ASN G 70 -38.05 31.96 -84.68
N GLU G 71 -39.24 32.50 -84.44
CA GLU G 71 -40.26 32.67 -85.46
C GLU G 71 -39.79 33.44 -86.68
N LYS G 72 -39.42 34.70 -86.49
CA LYS G 72 -38.94 35.54 -87.58
C LYS G 72 -37.86 34.84 -88.40
N LEU G 73 -36.82 34.36 -87.74
CA LEU G 73 -35.74 33.68 -88.44
C LEU G 73 -36.22 32.46 -89.20
N PHE G 74 -37.18 31.73 -88.64
CA PHE G 74 -37.70 30.55 -89.30
C PHE G 74 -38.33 30.88 -90.66
N TYR G 75 -39.15 31.92 -90.70
CA TYR G 75 -39.78 32.32 -91.93
C TYR G 75 -38.83 33.07 -92.83
N LYS G 76 -37.80 33.67 -92.25
CA LYS G 76 -36.80 34.36 -93.05
C LYS G 76 -36.06 33.30 -93.84
N VAL G 77 -35.75 32.18 -93.19
CA VAL G 77 -35.05 31.07 -93.84
C VAL G 77 -35.91 30.46 -94.97
N LEU G 78 -37.14 30.08 -94.67
CA LEU G 78 -38.03 29.49 -95.67
C LEU G 78 -38.14 30.37 -96.90
N THR G 79 -38.45 31.65 -96.66
CA THR G 79 -38.62 32.59 -97.76
C THR G 79 -37.31 32.99 -98.42
N SER G 80 -36.18 32.50 -97.90
CA SER G 80 -34.91 32.83 -98.51
C SER G 80 -34.67 31.97 -99.74
N ASP G 81 -35.21 30.75 -99.71
CA ASP G 81 -35.08 29.81 -100.83
C ASP G 81 -36.29 28.86 -100.80
N ILE G 82 -37.46 29.39 -101.08
CA ILE G 82 -38.69 28.61 -101.04
C ILE G 82 -38.63 27.27 -101.76
N GLU G 83 -38.00 27.22 -102.92
CA GLU G 83 -37.92 25.97 -103.65
C GLU G 83 -37.01 24.96 -102.96
N ARG G 84 -36.13 25.46 -102.10
CA ARG G 84 -35.23 24.59 -101.38
C ARG G 84 -35.80 24.06 -100.08
N PHE G 85 -36.48 24.91 -99.32
CA PHE G 85 -37.03 24.46 -98.04
C PHE G 85 -38.47 23.97 -98.05
N MSE G 86 -39.23 24.35 -99.08
CA MSE G 86 -40.61 23.91 -99.14
C MSE G 86 -40.71 22.38 -99.18
O MSE G 86 -41.62 21.79 -98.62
CB MSE G 86 -41.31 24.51 -100.36
CG MSE G 86 -42.80 24.49 -100.23
SE MSE G 86 -43.70 25.32 -101.71
CE MSE G 86 -44.90 23.89 -102.20
N PRO G 87 -39.76 21.72 -99.85
CA PRO G 87 -39.81 20.26 -99.91
C PRO G 87 -39.50 19.61 -98.54
N ILE G 88 -38.93 20.39 -97.63
CA ILE G 88 -38.57 19.87 -96.31
C ILE G 88 -39.70 20.10 -95.29
N VAL G 89 -40.23 21.32 -95.30
CA VAL G 89 -41.31 21.71 -94.41
C VAL G 89 -42.69 21.22 -94.88
N TYR G 90 -42.79 20.96 -96.18
CA TYR G 90 -44.03 20.52 -96.80
C TYR G 90 -43.79 19.21 -97.61
N THR G 91 -44.62 18.92 -98.61
CA THR G 91 -44.44 17.69 -99.43
C THR G 91 -43.08 17.73 -100.09
N PRO G 92 -42.37 16.58 -100.12
CA PRO G 92 -42.77 15.28 -99.59
C PRO G 92 -42.32 14.98 -98.17
N THR G 93 -41.28 15.66 -97.72
CA THR G 93 -40.75 15.41 -96.39
C THR G 93 -41.77 15.48 -95.28
N VAL G 94 -42.77 16.34 -95.43
CA VAL G 94 -43.77 16.46 -94.38
C VAL G 94 -44.51 15.15 -94.22
N GLY G 95 -44.53 14.34 -95.27
CA GLY G 95 -45.19 13.06 -95.22
C GLY G 95 -44.33 12.07 -94.46
N LEU G 96 -43.03 12.13 -94.72
CA LEU G 96 -42.07 11.25 -94.06
C LEU G 96 -42.04 11.58 -92.57
N ALA G 97 -42.22 12.86 -92.25
CA ALA G 97 -42.23 13.29 -90.85
C ALA G 97 -43.42 12.69 -90.11
N CYS G 98 -44.60 12.77 -90.71
CA CYS G 98 -45.80 12.21 -90.09
C CYS G 98 -45.63 10.71 -89.85
N GLN G 99 -45.02 10.00 -90.81
CA GLN G 99 -44.81 8.57 -90.66
C GLN G 99 -43.87 8.27 -89.49
N HIS G 100 -43.04 9.24 -89.11
CA HIS G 100 -42.10 9.06 -88.02
C HIS G 100 -42.29 10.16 -86.98
N TYR G 101 -43.50 10.72 -86.94
CA TYR G 101 -43.77 11.82 -86.01
C TYR G 101 -43.34 11.50 -84.59
N GLY G 102 -43.60 10.27 -84.13
CA GLY G 102 -43.22 9.89 -82.79
C GLY G 102 -41.73 10.03 -82.57
N LEU G 103 -40.97 9.66 -83.60
CA LEU G 103 -39.49 9.74 -83.54
C LEU G 103 -39.00 11.19 -83.66
N ALA G 104 -39.59 11.96 -84.58
CA ALA G 104 -39.18 13.33 -84.79
C ALA G 104 -39.65 14.31 -83.71
N PHE G 105 -40.56 13.87 -82.85
CA PHE G 105 -41.11 14.73 -81.80
C PHE G 105 -40.11 15.28 -80.81
N ARG G 106 -40.16 16.59 -80.59
CA ARG G 106 -39.29 17.25 -79.64
C ARG G 106 -40.16 18.12 -78.73
N ARG G 107 -40.56 19.29 -79.24
CA ARG G 107 -41.44 20.18 -78.49
C ARG G 107 -42.82 20.11 -79.14
N PRO G 108 -43.88 20.17 -78.34
CA PRO G 108 -45.21 20.11 -78.94
C PRO G 108 -45.60 21.39 -79.67
N ARG G 109 -46.49 21.25 -80.65
CA ARG G 109 -47.00 22.38 -81.41
C ARG G 109 -48.45 22.08 -81.81
N GLY G 110 -49.31 23.07 -81.63
CA GLY G 110 -50.70 22.88 -81.98
C GLY G 110 -51.58 22.45 -80.83
N LEU G 111 -52.89 22.42 -81.09
CA LEU G 111 -53.89 22.02 -80.10
C LEU G 111 -54.32 20.58 -80.36
N PHE G 112 -54.30 19.75 -79.31
CA PHE G 112 -54.71 18.35 -79.44
C PHE G 112 -56.01 18.15 -78.68
N ILE G 113 -57.11 18.07 -79.42
CA ILE G 113 -58.41 17.87 -78.81
C ILE G 113 -58.79 16.42 -79.05
N THR G 114 -59.28 15.76 -78.01
CA THR G 114 -59.66 14.36 -78.05
C THR G 114 -61.17 14.09 -77.96
N ILE G 115 -61.60 12.93 -78.47
CA ILE G 115 -63.01 12.55 -78.42
C ILE G 115 -63.39 12.52 -76.95
N HIS G 116 -62.41 12.24 -76.09
CA HIS G 116 -62.62 12.18 -74.63
C HIS G 116 -62.75 13.56 -73.94
N ASP G 117 -62.64 14.63 -74.71
CA ASP G 117 -62.73 15.97 -74.14
C ASP G 117 -64.05 16.63 -74.51
N ARG G 118 -64.97 15.84 -75.02
CA ARG G 118 -66.29 16.33 -75.40
C ARG G 118 -66.89 17.08 -74.22
N GLY G 119 -67.42 18.26 -74.48
CA GLY G 119 -68.00 19.05 -73.42
C GLY G 119 -67.01 19.99 -72.76
N HIS G 120 -65.74 19.90 -73.16
CA HIS G 120 -64.71 20.76 -72.58
C HIS G 120 -63.79 21.51 -73.55
N ILE G 121 -64.12 21.45 -74.84
CA ILE G 121 -63.30 22.12 -75.83
C ILE G 121 -63.12 23.63 -75.58
N ALA G 122 -64.20 24.31 -75.24
CA ALA G 122 -64.10 25.74 -74.97
C ALA G 122 -63.02 26.01 -73.91
N THR G 123 -62.98 25.15 -72.89
CA THR G 123 -61.99 25.34 -71.84
C THR G 123 -60.61 25.17 -72.40
N MSE G 124 -60.43 24.16 -73.23
CA MSE G 124 -59.12 23.91 -73.82
C MSE G 124 -58.62 25.06 -74.68
O MSE G 124 -57.45 25.39 -74.67
CB MSE G 124 -59.15 22.61 -74.62
CG MSE G 124 -59.26 21.41 -73.72
SE MSE G 124 -59.47 19.76 -74.66
CE MSE G 124 -57.64 19.39 -75.12
N LEU G 125 -59.53 25.69 -75.42
CA LEU G 125 -59.12 26.81 -76.27
C LEU G 125 -58.41 27.85 -75.42
N GLN G 126 -58.72 27.87 -74.12
CA GLN G 126 -58.12 28.83 -73.21
C GLN G 126 -56.63 28.56 -73.01
N SER G 127 -56.29 27.28 -72.88
CA SER G 127 -54.91 26.87 -72.67
C SER G 127 -54.01 27.39 -73.77
N TRP G 128 -54.62 27.80 -74.87
CA TRP G 128 -53.87 28.32 -76.00
C TRP G 128 -53.51 29.77 -75.70
N PRO G 129 -52.19 30.07 -75.68
CA PRO G 129 -51.66 31.40 -75.39
C PRO G 129 -52.41 32.53 -76.08
N GLU G 130 -52.64 32.37 -77.38
CA GLU G 130 -53.34 33.38 -78.17
C GLU G 130 -54.86 33.34 -77.95
N SER G 131 -55.45 34.52 -77.82
CA SER G 131 -56.89 34.59 -77.64
C SER G 131 -57.49 35.12 -78.93
N VAL G 132 -56.64 35.56 -79.83
CA VAL G 132 -57.07 36.10 -81.11
C VAL G 132 -56.51 35.26 -82.25
N ILE G 133 -57.34 34.37 -82.76
CA ILE G 133 -56.99 33.48 -83.85
C ILE G 133 -57.88 33.84 -85.03
N LYS G 134 -57.30 33.90 -86.23
CA LYS G 134 -58.10 34.24 -87.40
C LYS G 134 -58.23 33.09 -88.37
N ALA G 135 -57.36 32.09 -88.22
CA ALA G 135 -57.40 30.94 -89.10
C ALA G 135 -56.99 29.68 -88.37
N ILE G 136 -57.66 28.58 -88.73
CA ILE G 136 -57.42 27.26 -88.15
C ILE G 136 -57.34 26.19 -89.24
N VAL G 137 -56.40 25.27 -89.10
CA VAL G 137 -56.27 24.18 -90.04
C VAL G 137 -56.44 22.94 -89.19
N VAL G 138 -57.50 22.16 -89.43
CA VAL G 138 -57.77 20.94 -88.66
C VAL G 138 -57.70 19.64 -89.45
N THR G 139 -57.45 18.57 -88.72
CA THR G 139 -57.38 17.25 -89.33
C THR G 139 -57.61 16.23 -88.23
N ASP G 140 -58.03 15.03 -88.62
CA ASP G 140 -58.24 13.98 -87.64
C ASP G 140 -57.27 12.86 -88.02
N GLY G 141 -56.44 13.16 -89.01
CA GLY G 141 -55.43 12.24 -89.49
C GLY G 141 -55.87 10.91 -90.10
N GLU G 142 -57.04 10.86 -90.72
CA GLU G 142 -57.51 9.62 -91.32
C GLU G 142 -57.05 9.45 -92.77
N ARG G 143 -56.79 10.56 -93.47
CA ARG G 143 -56.31 10.48 -94.84
C ARG G 143 -55.16 11.47 -95.06
N ILE G 144 -53.99 11.13 -94.51
CA ILE G 144 -52.80 11.97 -94.60
C ILE G 144 -52.09 11.74 -95.91
N LEU G 145 -52.23 12.69 -96.83
CA LEU G 145 -51.65 12.58 -98.16
C LEU G 145 -52.13 11.20 -98.64
N GLY G 146 -51.32 10.51 -99.43
CA GLY G 146 -51.72 9.19 -99.89
C GLY G 146 -51.11 8.16 -98.98
N LEU G 147 -50.89 8.52 -97.72
CA LEU G 147 -50.27 7.60 -96.75
C LEU G 147 -51.27 6.93 -95.81
N GLY G 148 -52.55 7.27 -95.94
CA GLY G 148 -53.55 6.63 -95.10
C GLY G 148 -53.85 7.21 -93.74
N ASP G 149 -54.27 6.33 -92.83
CA ASP G 149 -54.61 6.73 -91.47
C ASP G 149 -53.35 6.75 -90.63
N LEU G 150 -52.91 7.97 -90.29
CA LEU G 150 -51.71 8.14 -89.48
C LEU G 150 -52.09 8.60 -88.09
N GLY G 151 -53.39 8.70 -87.84
CA GLY G 151 -53.88 9.13 -86.55
C GLY G 151 -53.25 10.42 -86.06
N CYS G 152 -52.83 10.42 -84.80
CA CYS G 152 -52.23 11.60 -84.19
C CYS G 152 -50.93 12.06 -84.85
N TYR G 153 -50.24 11.14 -85.49
CA TYR G 153 -49.01 11.48 -86.20
C TYR G 153 -49.31 12.50 -87.30
N GLY G 154 -50.60 12.65 -87.62
CA GLY G 154 -51.01 13.58 -88.66
C GLY G 154 -50.90 15.06 -88.34
N MSE G 155 -50.52 15.40 -87.12
CA MSE G 155 -50.39 16.80 -86.73
C MSE G 155 -49.38 17.52 -87.60
O MSE G 155 -49.43 18.73 -87.75
CB MSE G 155 -49.96 16.89 -85.27
CG MSE G 155 -49.81 18.30 -84.73
SE MSE G 155 -51.41 19.35 -84.88
CE MSE G 155 -50.66 21.02 -85.35
N GLY G 156 -48.45 16.76 -88.17
CA GLY G 156 -47.45 17.35 -89.02
C GLY G 156 -48.03 18.13 -90.19
N ILE G 157 -49.20 17.73 -90.66
CA ILE G 157 -49.85 18.39 -91.79
C ILE G 157 -50.34 19.81 -91.50
N PRO G 158 -51.21 19.99 -90.49
CA PRO G 158 -51.71 21.33 -90.18
C PRO G 158 -50.56 22.28 -89.92
N VAL G 159 -49.49 21.75 -89.33
CA VAL G 159 -48.28 22.51 -89.04
C VAL G 159 -47.63 22.94 -90.37
N GLY G 160 -47.51 22.00 -91.30
CA GLY G 160 -46.92 22.31 -92.59
C GLY G 160 -47.78 23.28 -93.39
N LYS G 161 -49.08 23.03 -93.44
CA LYS G 161 -49.96 23.92 -94.16
C LYS G 161 -49.81 25.36 -93.67
N LEU G 162 -49.89 25.54 -92.35
CA LEU G 162 -49.78 26.86 -91.75
C LEU G 162 -48.40 27.49 -92.00
N ALA G 163 -47.40 26.66 -92.20
CA ALA G 163 -46.07 27.17 -92.46
C ALA G 163 -46.15 27.94 -93.77
N LEU G 164 -46.88 27.37 -94.73
CA LEU G 164 -47.05 27.99 -96.04
C LEU G 164 -48.07 29.14 -96.03
N TYR G 165 -48.96 29.12 -95.04
CA TYR G 165 -49.93 30.20 -94.87
C TYR G 165 -49.09 31.49 -94.76
N THR G 166 -48.02 31.37 -93.97
CA THR G 166 -47.09 32.47 -93.70
C THR G 166 -46.06 32.64 -94.81
N ALA G 167 -45.32 31.59 -95.07
CA ALA G 167 -44.29 31.62 -96.08
C ALA G 167 -44.79 31.93 -97.48
N CYS G 168 -45.96 31.43 -97.85
CA CYS G 168 -46.48 31.68 -99.19
C CYS G 168 -47.62 32.69 -99.25
N GLY G 169 -48.40 32.75 -98.18
CA GLY G 169 -49.53 33.67 -98.16
C GLY G 169 -49.28 35.03 -97.53
N GLY G 170 -48.48 35.06 -96.48
CA GLY G 170 -48.18 36.31 -95.81
C GLY G 170 -49.06 36.49 -94.62
N VAL G 171 -49.68 35.40 -94.19
CA VAL G 171 -50.56 35.42 -93.02
C VAL G 171 -49.72 35.42 -91.76
N LYS G 172 -50.09 36.25 -90.78
CA LYS G 172 -49.34 36.31 -89.51
C LYS G 172 -49.41 34.97 -88.78
N PRO G 173 -48.25 34.37 -88.50
CA PRO G 173 -48.22 33.08 -87.81
C PRO G 173 -48.98 33.06 -86.51
N HIS G 174 -48.81 34.11 -85.71
CA HIS G 174 -49.43 34.18 -84.42
C HIS G 174 -50.94 34.13 -84.43
N GLN G 175 -51.55 34.41 -85.57
CA GLN G 175 -53.00 34.38 -85.64
C GLN G 175 -53.55 33.06 -86.17
N CYS G 176 -52.66 32.08 -86.36
CA CYS G 176 -53.06 30.77 -86.86
C CYS G 176 -52.97 29.69 -85.79
N LEU G 177 -53.85 28.71 -85.88
CA LEU G 177 -53.86 27.62 -84.92
C LEU G 177 -54.03 26.27 -85.57
N PRO G 178 -53.02 25.40 -85.49
CA PRO G 178 -53.14 24.07 -86.09
C PRO G 178 -53.82 23.15 -85.07
N VAL G 179 -54.76 22.35 -85.54
CA VAL G 179 -55.47 21.48 -84.62
C VAL G 179 -55.59 20.04 -85.06
N MSE G 180 -55.41 19.14 -84.09
CA MSE G 180 -55.51 17.71 -84.33
C MSE G 180 -56.66 17.17 -83.48
O MSE G 180 -56.64 17.30 -82.26
CB MSE G 180 -54.22 17.01 -83.93
CG MSE G 180 -54.34 15.51 -83.70
SE MSE G 180 -54.67 14.47 -85.30
CE MSE G 180 -55.97 13.22 -84.61
N LEU G 181 -57.65 16.58 -84.15
CA LEU G 181 -58.78 15.99 -83.42
C LEU G 181 -58.53 14.49 -83.40
N ASP G 182 -58.03 13.99 -82.27
CA ASP G 182 -57.74 12.56 -82.13
C ASP G 182 -58.91 11.79 -81.57
N VAL G 183 -59.55 10.98 -82.40
CA VAL G 183 -60.69 10.18 -81.94
C VAL G 183 -60.23 8.74 -81.97
N GLY G 184 -58.93 8.55 -82.12
CA GLY G 184 -58.35 7.22 -82.19
C GLY G 184 -57.75 7.00 -83.56
N THR G 185 -57.40 5.76 -83.86
CA THR G 185 -56.81 5.44 -85.17
C THR G 185 -57.09 3.97 -85.47
N ASP G 186 -57.28 3.62 -86.74
CA ASP G 186 -57.54 2.23 -87.10
C ASP G 186 -56.30 1.58 -87.67
N ASN G 187 -55.19 2.31 -87.61
CA ASN G 187 -53.92 1.82 -88.12
C ASN G 187 -53.32 0.85 -87.10
N GLU G 188 -53.49 -0.44 -87.36
CA GLU G 188 -52.98 -1.48 -86.46
C GLU G 188 -51.50 -1.30 -86.15
N THR G 189 -50.75 -0.81 -87.14
CA THR G 189 -49.32 -0.63 -86.92
C THR G 189 -49.05 0.42 -85.86
N LEU G 190 -49.74 1.55 -85.96
CA LEU G 190 -49.58 2.62 -84.99
C LEU G 190 -50.00 2.22 -83.57
N LEU G 191 -51.08 1.46 -83.45
CA LEU G 191 -51.55 1.04 -82.14
C LEU G 191 -50.49 0.17 -81.45
N LYS G 192 -49.62 -0.43 -82.24
CA LYS G 192 -48.56 -1.28 -81.72
C LYS G 192 -47.26 -0.50 -81.57
N ASP G 193 -47.16 0.60 -82.30
CA ASP G 193 -45.96 1.43 -82.28
C ASP G 193 -45.73 2.06 -80.91
N PRO G 194 -44.61 1.71 -80.26
CA PRO G 194 -44.26 2.23 -78.94
C PRO G 194 -44.07 3.75 -78.90
N LEU G 195 -43.83 4.34 -80.06
CA LEU G 195 -43.64 5.79 -80.14
C LEU G 195 -44.91 6.56 -80.47
N TYR G 196 -45.99 5.88 -80.79
CA TYR G 196 -47.23 6.58 -81.13
C TYR G 196 -47.60 7.53 -80.00
N ILE G 197 -48.06 8.72 -80.36
CA ILE G 197 -48.42 9.72 -79.38
C ILE G 197 -49.92 9.93 -79.23
N GLY G 198 -50.71 9.25 -80.05
CA GLY G 198 -52.15 9.43 -79.96
C GLY G 198 -52.89 8.38 -79.14
N LEU G 199 -54.21 8.46 -79.13
CA LEU G 199 -55.03 7.50 -78.40
C LEU G 199 -54.84 6.12 -79.02
N ARG G 200 -54.53 5.15 -78.17
CA ARG G 200 -54.32 3.79 -78.61
C ARG G 200 -55.61 2.99 -78.71
N HIS G 201 -56.52 3.44 -79.57
CA HIS G 201 -57.76 2.71 -79.75
C HIS G 201 -58.38 3.03 -81.10
N LYS G 202 -59.13 2.09 -81.63
CA LYS G 202 -59.80 2.24 -82.91
C LYS G 202 -60.56 3.56 -82.93
N ARG G 203 -60.74 4.13 -84.11
CA ARG G 203 -61.43 5.40 -84.24
C ARG G 203 -62.87 5.30 -83.78
N ILE G 204 -63.32 6.31 -83.05
CA ILE G 204 -64.69 6.37 -82.56
C ILE G 204 -65.49 6.98 -83.72
N ARG G 205 -66.59 6.32 -84.10
CA ARG G 205 -67.41 6.80 -85.21
C ARG G 205 -68.83 7.10 -84.72
N GLY G 206 -69.72 7.39 -85.66
CA GLY G 206 -71.10 7.66 -85.32
C GLY G 206 -71.41 9.03 -84.74
N GLN G 207 -72.45 9.08 -83.92
CA GLN G 207 -72.91 10.33 -83.31
C GLN G 207 -71.86 11.00 -82.42
N ALA G 208 -71.06 10.22 -81.70
CA ALA G 208 -70.02 10.78 -80.83
C ALA G 208 -69.08 11.67 -81.63
N TYR G 209 -68.60 11.13 -82.75
CA TYR G 209 -67.71 11.86 -83.64
C TYR G 209 -68.43 13.12 -84.08
N ASP G 210 -69.64 12.94 -84.59
CA ASP G 210 -70.44 14.05 -85.08
C ASP G 210 -70.57 15.18 -84.05
N ASP G 211 -70.88 14.83 -82.80
CA ASP G 211 -71.02 15.83 -81.74
C ASP G 211 -69.72 16.58 -81.41
N LEU G 212 -68.61 15.86 -81.42
CA LEU G 212 -67.32 16.47 -81.14
C LEU G 212 -67.05 17.54 -82.19
N LEU G 213 -67.29 17.22 -83.45
CA LEU G 213 -67.07 18.18 -84.51
C LEU G 213 -67.93 19.41 -84.31
N ASP G 214 -69.21 19.19 -84.06
CA ASP G 214 -70.13 20.29 -83.84
C ASP G 214 -69.59 21.16 -82.71
N GLU G 215 -69.28 20.54 -81.57
CA GLU G 215 -68.78 21.25 -80.41
C GLU G 215 -67.54 22.07 -80.76
N PHE G 216 -66.62 21.43 -81.48
CA PHE G 216 -65.40 22.08 -81.88
C PHE G 216 -65.68 23.36 -82.64
N MSE G 217 -66.53 23.26 -83.67
CA MSE G 217 -66.87 24.39 -84.51
C MSE G 217 -67.50 25.51 -83.70
O MSE G 217 -67.18 26.67 -83.90
CB MSE G 217 -67.82 23.94 -85.63
CG MSE G 217 -67.20 22.96 -86.62
SE MSE G 217 -65.77 23.75 -87.70
CE MSE G 217 -64.49 22.35 -87.63
N GLU G 218 -68.39 25.14 -82.79
CA GLU G 218 -69.08 26.13 -81.96
C GLU G 218 -68.11 26.80 -80.97
N ALA G 219 -67.25 25.99 -80.39
CA ALA G 219 -66.27 26.47 -79.43
C ALA G 219 -65.32 27.48 -80.05
N VAL G 220 -64.75 27.12 -81.19
CA VAL G 220 -63.82 27.99 -81.87
C VAL G 220 -64.40 29.31 -82.35
N THR G 221 -65.63 29.30 -82.90
CA THR G 221 -66.24 30.53 -83.37
C THR G 221 -66.72 31.38 -82.23
N SER G 222 -67.09 30.75 -81.12
CA SER G 222 -67.57 31.52 -79.97
C SER G 222 -66.40 32.34 -79.42
N ARG G 223 -65.27 31.68 -79.25
CA ARG G 223 -64.10 32.35 -78.73
C ARG G 223 -63.45 33.30 -79.72
N TYR G 224 -63.17 32.80 -80.93
CA TYR G 224 -62.49 33.58 -81.97
C TYR G 224 -63.35 34.39 -82.93
N GLY G 225 -64.66 34.13 -82.91
CA GLY G 225 -65.55 34.86 -83.80
C GLY G 225 -66.04 34.06 -84.99
N MSE G 226 -67.21 34.44 -85.51
CA MSE G 226 -67.81 33.76 -86.65
C MSE G 226 -66.97 33.91 -87.90
O MSE G 226 -67.11 33.13 -88.84
CB MSE G 226 -69.20 34.32 -86.90
CG MSE G 226 -70.19 33.97 -85.81
SE MSE G 226 -70.49 32.06 -85.73
CE MSE G 226 -71.51 31.85 -87.35
N ASN G 227 -66.11 34.93 -87.92
CA ASN G 227 -65.25 35.16 -89.07
C ASN G 227 -64.03 34.27 -89.08
N CYS G 228 -63.80 33.54 -87.99
CA CYS G 228 -62.65 32.67 -87.95
C CYS G 228 -62.71 31.66 -89.09
N LEU G 229 -61.62 31.57 -89.84
CA LEU G 229 -61.57 30.66 -90.95
C LEU G 229 -61.17 29.26 -90.49
N ILE G 230 -61.92 28.25 -90.90
CA ILE G 230 -61.57 26.88 -90.51
C ILE G 230 -61.33 26.06 -91.77
N GLN G 231 -60.09 25.61 -91.95
CA GLN G 231 -59.71 24.83 -93.11
C GLN G 231 -59.59 23.34 -92.78
N PHE G 232 -60.49 22.53 -93.31
CA PHE G 232 -60.44 21.10 -93.05
C PHE G 232 -59.36 20.48 -93.91
N GLU G 233 -58.57 19.59 -93.31
CA GLU G 233 -57.47 18.96 -94.04
C GLU G 233 -57.33 17.47 -93.74
N ASP G 234 -57.05 16.72 -94.80
CA ASP G 234 -56.84 15.28 -94.71
C ASP G 234 -57.80 14.43 -93.87
N PHE G 235 -59.10 14.63 -94.09
CA PHE G 235 -60.12 13.83 -93.41
C PHE G 235 -60.49 12.73 -94.41
N ALA G 236 -61.04 11.62 -93.93
CA ALA G 236 -61.46 10.53 -94.83
C ALA G 236 -62.62 11.01 -95.68
N ASN G 237 -62.79 10.35 -96.83
CA ASN G 237 -63.82 10.66 -97.82
C ASN G 237 -65.18 11.08 -97.30
N ALA G 238 -65.88 10.14 -96.65
CA ALA G 238 -67.21 10.39 -96.12
C ALA G 238 -67.26 11.62 -95.24
N ASN G 239 -66.47 11.61 -94.17
CA ASN G 239 -66.44 12.72 -93.25
C ASN G 239 -66.16 14.03 -93.96
N ALA G 240 -65.17 14.03 -94.85
CA ALA G 240 -64.81 15.23 -95.59
C ALA G 240 -66.01 15.93 -96.21
N PHE G 241 -66.75 15.22 -97.06
CA PHE G 241 -67.91 15.82 -97.70
C PHE G 241 -69.01 16.21 -96.72
N ARG G 242 -69.36 15.29 -95.83
CA ARG G 242 -70.42 15.55 -94.85
C ARG G 242 -70.13 16.78 -94.00
N LEU G 243 -68.91 16.89 -93.50
CA LEU G 243 -68.55 18.04 -92.69
C LEU G 243 -68.62 19.32 -93.52
N LEU G 244 -68.11 19.27 -94.74
CA LEU G 244 -68.10 20.44 -95.62
C LEU G 244 -69.49 20.97 -95.89
N HIS G 245 -70.40 20.07 -96.29
CA HIS G 245 -71.77 20.47 -96.59
C HIS G 245 -72.51 20.98 -95.36
N LYS G 246 -72.18 20.41 -94.21
CA LYS G 246 -72.83 20.76 -92.96
C LYS G 246 -72.46 22.12 -92.37
N TYR G 247 -71.23 22.56 -92.59
CA TYR G 247 -70.76 23.81 -92.04
C TYR G 247 -70.52 24.89 -93.10
N ARG G 248 -70.44 24.46 -94.36
CA ARG G 248 -70.19 25.35 -95.49
C ARG G 248 -70.86 26.71 -95.40
N ASN G 249 -72.17 26.72 -95.18
CA ASN G 249 -72.91 27.98 -95.12
C ASN G 249 -73.21 28.52 -93.72
N LYS G 250 -72.74 27.81 -92.70
CA LYS G 250 -72.98 28.23 -91.33
C LYS G 250 -71.77 28.95 -90.74
N TYR G 251 -70.59 28.52 -91.16
CA TYR G 251 -69.35 29.10 -90.66
C TYR G 251 -68.46 29.48 -91.84
N CYS G 252 -67.32 30.09 -91.55
CA CYS G 252 -66.37 30.45 -92.60
C CYS G 252 -65.43 29.28 -92.70
N THR G 253 -65.73 28.36 -93.62
CA THR G 253 -64.92 27.17 -93.74
C THR G 253 -64.88 26.61 -95.17
N PHE G 254 -63.88 25.76 -95.41
CA PHE G 254 -63.73 25.11 -96.71
C PHE G 254 -62.84 23.91 -96.49
N ASN G 255 -62.89 22.95 -97.41
CA ASN G 255 -62.05 21.77 -97.31
C ASN G 255 -60.96 21.83 -98.37
N ASP G 256 -59.71 21.91 -97.91
CA ASP G 256 -58.54 22.00 -98.78
C ASP G 256 -58.41 20.89 -99.83
N ASP G 257 -58.54 19.64 -99.39
CA ASP G 257 -58.44 18.49 -100.29
C ASP G 257 -59.50 18.43 -101.39
N ILE G 258 -60.69 18.95 -101.12
CA ILE G 258 -61.78 18.94 -102.09
C ILE G 258 -61.80 20.19 -102.97
N GLN G 259 -61.89 21.34 -102.31
CA GLN G 259 -61.96 22.63 -102.98
C GLN G 259 -60.62 23.25 -103.34
N GLY G 260 -59.63 23.13 -102.46
CA GLY G 260 -58.32 23.69 -102.72
C GLY G 260 -57.69 23.06 -103.94
N THR G 261 -57.70 21.73 -103.96
CA THR G 261 -57.15 20.95 -105.07
C THR G 261 -57.84 21.25 -106.39
N ALA G 262 -59.17 21.33 -106.35
CA ALA G 262 -59.94 21.62 -107.54
C ALA G 262 -59.42 22.93 -108.15
N SER G 263 -59.32 23.94 -107.30
CA SER G 263 -58.86 25.24 -107.73
C SER G 263 -57.54 25.21 -108.50
N VAL G 264 -56.53 24.56 -107.93
CA VAL G 264 -55.23 24.49 -108.56
C VAL G 264 -55.25 23.60 -109.80
N ALA G 265 -56.09 22.56 -109.77
CA ALA G 265 -56.18 21.65 -110.92
C ALA G 265 -56.75 22.39 -112.13
N VAL G 266 -57.78 23.19 -111.90
CA VAL G 266 -58.39 23.95 -112.99
C VAL G 266 -57.49 25.10 -113.44
N ALA G 267 -56.70 25.65 -112.52
CA ALA G 267 -55.80 26.72 -112.89
C ALA G 267 -54.81 26.12 -113.88
N GLY G 268 -54.37 24.91 -113.61
CA GLY G 268 -53.43 24.26 -114.50
C GLY G 268 -54.00 24.00 -115.88
N LEU G 269 -55.24 23.52 -115.92
CA LEU G 269 -55.91 23.24 -117.19
C LEU G 269 -56.13 24.56 -117.94
N LEU G 270 -56.52 25.59 -117.20
CA LEU G 270 -56.76 26.89 -117.81
C LEU G 270 -55.50 27.36 -118.51
N ALA G 271 -54.37 27.14 -117.86
CA ALA G 271 -53.08 27.53 -118.45
C ALA G 271 -52.75 26.67 -119.64
N ALA G 272 -52.95 25.36 -119.50
CA ALA G 272 -52.65 24.43 -120.57
C ALA G 272 -53.38 24.76 -121.88
N LEU G 273 -54.59 25.28 -121.79
CA LEU G 273 -55.35 25.61 -122.99
C LEU G 273 -54.56 26.49 -123.95
N ARG G 274 -53.64 27.27 -123.40
CA ARG G 274 -52.83 28.20 -124.19
C ARG G 274 -51.74 27.49 -124.96
N ILE G 275 -51.59 26.20 -124.66
CA ILE G 275 -50.62 25.36 -125.32
C ILE G 275 -51.33 24.46 -126.32
N THR G 276 -52.45 23.87 -125.89
CA THR G 276 -53.22 22.99 -126.75
C THR G 276 -54.09 23.83 -127.71
N LYS G 277 -54.10 25.13 -127.48
CA LYS G 277 -54.84 26.08 -128.32
C LYS G 277 -56.32 25.79 -128.60
N ASN G 278 -57.05 25.33 -127.59
CA ASN G 278 -58.48 25.07 -127.77
C ASN G 278 -59.21 25.50 -126.51
N ARG G 279 -60.48 25.14 -126.41
CA ARG G 279 -61.26 25.50 -125.23
C ARG G 279 -61.39 24.34 -124.27
N LEU G 280 -61.60 24.65 -123.00
CA LEU G 280 -61.75 23.61 -121.99
C LEU G 280 -62.89 22.67 -122.39
N SER G 281 -63.91 23.20 -123.04
CA SER G 281 -65.06 22.41 -123.47
C SER G 281 -64.71 21.39 -124.56
N ASP G 282 -63.51 21.53 -125.13
CA ASP G 282 -63.09 20.62 -126.18
C ASP G 282 -62.47 19.34 -125.62
N HIS G 283 -62.05 19.41 -124.36
CA HIS G 283 -61.41 18.26 -123.73
C HIS G 283 -62.31 17.16 -123.20
N THR G 284 -61.65 16.09 -122.77
CA THR G 284 -62.30 14.93 -122.21
C THR G 284 -61.37 14.46 -121.10
N VAL G 285 -61.81 14.65 -119.86
CA VAL G 285 -61.00 14.27 -118.71
C VAL G 285 -61.28 12.90 -118.16
N LEU G 286 -60.20 12.21 -117.81
CA LEU G 286 -60.27 10.88 -117.25
C LEU G 286 -59.55 10.93 -115.90
N PHE G 287 -60.26 10.67 -114.81
CA PHE G 287 -59.67 10.69 -113.46
C PHE G 287 -59.35 9.29 -112.94
N GLN G 288 -58.15 9.09 -112.40
CA GLN G 288 -57.87 7.80 -111.79
C GLN G 288 -58.13 8.17 -110.33
N GLY G 289 -59.21 7.62 -109.78
CA GLY G 289 -59.58 7.92 -108.42
C GLY G 289 -60.89 8.69 -108.53
N ALA G 290 -61.76 8.51 -107.55
CA ALA G 290 -63.05 9.21 -107.58
C ALA G 290 -63.44 9.66 -106.17
N GLY G 291 -62.47 10.20 -105.46
CA GLY G 291 -62.70 10.66 -104.10
C GLY G 291 -62.70 12.17 -103.94
N GLU G 292 -62.33 12.61 -102.76
CA GLU G 292 -62.29 14.03 -102.43
C GLU G 292 -61.75 14.93 -103.53
N ALA G 293 -60.54 14.65 -104.00
CA ALA G 293 -59.90 15.45 -105.04
C ALA G 293 -60.61 15.31 -106.37
N ALA G 294 -60.78 14.07 -106.82
CA ALA G 294 -61.44 13.79 -108.10
C ALA G 294 -62.76 14.54 -108.23
N LEU G 295 -63.70 14.24 -107.32
CA LEU G 295 -65.02 14.86 -107.31
C LEU G 295 -64.92 16.38 -107.23
N GLY G 296 -63.98 16.88 -106.43
CA GLY G 296 -63.80 18.32 -106.29
C GLY G 296 -63.37 18.97 -107.59
N ILE G 297 -62.30 18.42 -108.17
CA ILE G 297 -61.76 18.90 -109.44
C ILE G 297 -62.82 18.81 -110.54
N ALA G 298 -63.47 17.65 -110.61
CA ALA G 298 -64.52 17.41 -111.60
C ALA G 298 -65.57 18.50 -111.55
N ASN G 299 -66.05 18.79 -110.35
CA ASN G 299 -67.07 19.81 -110.15
C ASN G 299 -66.62 21.20 -110.59
N LEU G 300 -65.38 21.58 -110.26
CA LEU G 300 -64.88 22.89 -110.65
C LEU G 300 -64.72 22.93 -112.17
N ILE G 301 -64.21 21.85 -112.75
CA ILE G 301 -64.04 21.76 -114.21
C ILE G 301 -65.38 22.04 -114.91
N VAL G 302 -66.44 21.40 -114.42
CA VAL G 302 -67.76 21.60 -115.00
C VAL G 302 -68.18 23.06 -114.97
N MSE G 303 -67.96 23.71 -113.83
CA MSE G 303 -68.31 25.12 -113.69
C MSE G 303 -67.53 25.94 -114.71
O MSE G 303 -68.05 26.82 -115.37
CB MSE G 303 -67.98 25.62 -112.29
CG MSE G 303 -68.86 25.05 -111.20
SE MSE G 303 -68.47 25.85 -109.47
CE MSE G 303 -68.30 27.71 -109.97
N ALA G 304 -66.23 25.64 -114.80
CA ALA G 304 -65.38 26.33 -115.74
C ALA G 304 -65.91 26.16 -117.15
N MSE G 305 -66.34 24.94 -117.49
CA MSE G 305 -66.87 24.69 -118.83
C MSE G 305 -68.21 25.40 -119.08
O MSE G 305 -68.50 25.85 -120.20
CB MSE G 305 -67.06 23.19 -119.06
CG MSE G 305 -65.76 22.42 -119.11
SE MSE G 305 -66.12 20.57 -119.50
CE MSE G 305 -67.49 20.80 -120.83
N GLN G 306 -69.04 25.52 -118.06
CA GLN G 306 -70.33 26.18 -118.21
C GLN G 306 -70.06 27.66 -118.44
N LYS G 307 -68.97 28.16 -117.86
CA LYS G 307 -68.62 29.56 -118.00
C LYS G 307 -68.21 29.85 -119.43
N GLU G 308 -67.81 28.81 -120.16
CA GLU G 308 -67.42 28.99 -121.56
C GLU G 308 -68.64 29.04 -122.48
N GLY G 309 -69.78 28.53 -122.01
CA GLY G 309 -70.97 28.55 -122.82
C GLY G 309 -71.61 27.19 -123.00
N VAL G 310 -70.93 26.14 -122.56
CA VAL G 310 -71.44 24.78 -122.66
C VAL G 310 -72.47 24.55 -121.53
N SER G 311 -73.40 23.62 -121.75
CA SER G 311 -74.43 23.33 -120.76
C SER G 311 -73.90 22.44 -119.66
N LYS G 312 -74.54 22.51 -118.50
CA LYS G 312 -74.18 21.72 -117.34
C LYS G 312 -74.14 20.24 -117.72
N GLU G 313 -75.17 19.81 -118.43
CA GLU G 313 -75.24 18.41 -118.81
C GLU G 313 -74.16 18.01 -119.82
N GLU G 314 -73.91 18.85 -120.82
CA GLU G 314 -72.89 18.53 -121.80
C GLU G 314 -71.50 18.47 -121.16
N ALA G 315 -71.23 19.39 -120.24
CA ALA G 315 -69.94 19.45 -119.55
C ALA G 315 -69.65 18.16 -118.81
N ILE G 316 -70.67 17.66 -118.13
CA ILE G 316 -70.55 16.44 -117.35
C ILE G 316 -70.21 15.24 -118.20
N LYS G 317 -70.66 15.25 -119.46
CA LYS G 317 -70.40 14.14 -120.36
C LYS G 317 -68.94 14.03 -120.73
N ARG G 318 -68.19 15.11 -120.54
CA ARG G 318 -66.77 15.12 -120.87
C ARG G 318 -65.89 14.57 -119.75
N ILE G 319 -66.49 14.24 -118.63
CA ILE G 319 -65.72 13.75 -117.49
C ILE G 319 -65.92 12.25 -117.20
N TRP G 320 -64.81 11.52 -117.06
CA TRP G 320 -64.83 10.09 -116.77
C TRP G 320 -63.99 9.81 -115.52
N MSE G 321 -64.45 8.87 -114.69
CA MSE G 321 -63.72 8.51 -113.47
C MSE G 321 -63.54 7.01 -113.30
O MSE G 321 -64.31 6.20 -113.84
CB MSE G 321 -64.43 9.03 -112.23
CG MSE G 321 -64.70 10.50 -112.27
SE MSE G 321 -65.33 11.08 -110.57
CE MSE G 321 -64.76 12.91 -110.61
N VAL G 322 -62.54 6.64 -112.52
CA VAL G 322 -62.26 5.24 -112.25
C VAL G 322 -61.94 5.12 -110.77
N ASP G 323 -62.60 4.19 -110.09
CA ASP G 323 -62.34 3.99 -108.66
C ASP G 323 -61.78 2.59 -108.41
N SER G 324 -61.62 2.24 -107.14
CA SER G 324 -61.05 0.93 -106.78
C SER G 324 -61.74 -0.26 -107.46
N LYS G 325 -63.00 -0.07 -107.87
CA LYS G 325 -63.75 -1.13 -108.54
C LYS G 325 -63.63 -1.08 -110.06
N GLY G 326 -63.15 0.04 -110.60
CA GLY G 326 -63.00 0.19 -112.03
C GLY G 326 -63.73 1.41 -112.59
N LEU G 327 -63.85 1.50 -113.90
CA LEU G 327 -64.54 2.63 -114.50
C LEU G 327 -65.93 2.82 -113.90
N ILE G 328 -66.37 4.07 -113.78
CA ILE G 328 -67.70 4.36 -113.24
C ILE G 328 -68.66 4.49 -114.40
N VAL G 329 -69.55 3.50 -114.53
CA VAL G 329 -70.54 3.47 -115.61
C VAL G 329 -71.96 3.36 -115.09
N LYS G 330 -72.93 3.82 -115.87
CA LYS G 330 -74.33 3.77 -115.45
C LYS G 330 -74.74 2.34 -115.07
N GLY G 331 -75.47 2.21 -113.97
CA GLY G 331 -75.91 0.91 -113.53
C GLY G 331 -74.85 -0.03 -112.99
N ARG G 332 -73.69 0.50 -112.62
CA ARG G 332 -72.62 -0.32 -112.06
C ARG G 332 -72.89 -0.45 -110.56
N ALA G 333 -72.36 -1.51 -109.96
CA ALA G 333 -72.56 -1.72 -108.52
C ALA G 333 -71.59 -0.84 -107.75
N SER G 334 -71.79 -0.72 -106.44
CA SER G 334 -70.90 0.08 -105.60
C SER G 334 -70.71 1.53 -106.07
N LEU G 335 -71.82 2.24 -106.27
CA LEU G 335 -71.76 3.64 -106.69
C LEU G 335 -72.37 4.55 -105.64
N THR G 336 -71.86 5.77 -105.59
CA THR G 336 -72.33 6.75 -104.64
C THR G 336 -73.16 7.80 -105.36
N PRO G 337 -74.04 8.50 -104.65
CA PRO G 337 -74.81 9.51 -105.37
C PRO G 337 -73.87 10.46 -106.10
N GLU G 338 -72.77 10.84 -105.45
CA GLU G 338 -71.79 11.74 -106.08
C GLU G 338 -71.10 11.10 -107.28
N LYS G 339 -70.84 9.80 -107.21
CA LYS G 339 -70.20 9.09 -108.32
C LYS G 339 -71.17 8.88 -109.47
N GLU G 340 -72.38 8.45 -109.15
CA GLU G 340 -73.41 8.18 -110.16
C GLU G 340 -73.61 9.39 -111.05
N HIS G 341 -73.14 10.54 -110.55
CA HIS G 341 -73.25 11.80 -111.26
C HIS G 341 -72.38 11.85 -112.52
N PHE G 342 -71.29 11.08 -112.53
CA PHE G 342 -70.43 11.02 -113.69
C PHE G 342 -70.47 9.62 -114.30
N ALA G 343 -71.53 8.88 -113.98
CA ALA G 343 -71.70 7.52 -114.51
C ALA G 343 -72.32 7.63 -115.89
N HIS G 344 -71.55 7.22 -116.90
CA HIS G 344 -72.02 7.28 -118.27
C HIS G 344 -72.39 5.88 -118.74
N GLU G 345 -73.20 5.79 -119.78
CA GLU G 345 -73.56 4.49 -120.31
C GLU G 345 -72.32 4.01 -121.03
N HIS G 346 -71.80 2.88 -120.57
CA HIS G 346 -70.59 2.31 -121.13
C HIS G 346 -70.44 0.93 -120.51
N CYS G 347 -69.66 0.07 -121.15
CA CYS G 347 -69.45 -1.27 -120.62
C CYS G 347 -68.51 -1.17 -119.43
N GLU G 348 -68.61 -2.10 -118.49
CA GLU G 348 -67.75 -2.08 -117.33
C GLU G 348 -66.32 -2.41 -117.74
N MSE G 349 -65.35 -1.81 -117.06
CA MSE G 349 -63.94 -2.04 -117.35
C MSE G 349 -63.12 -1.96 -116.07
O MSE G 349 -63.43 -1.17 -115.18
CB MSE G 349 -63.42 -1.00 -118.35
CG MSE G 349 -64.21 -0.94 -119.63
SE MSE G 349 -63.19 -0.06 -121.00
CE MSE G 349 -61.73 -1.30 -121.16
N LYS G 350 -62.05 -2.76 -115.98
CA LYS G 350 -61.21 -2.80 -114.79
C LYS G 350 -59.78 -2.32 -115.02
N ASN G 351 -59.19 -2.72 -116.14
CA ASN G 351 -57.82 -2.35 -116.48
C ASN G 351 -57.74 -0.87 -116.88
N LEU G 352 -56.79 -0.15 -116.29
CA LEU G 352 -56.64 1.27 -116.59
C LEU G 352 -56.13 1.54 -117.99
N GLU G 353 -55.18 0.73 -118.45
CA GLU G 353 -54.65 0.91 -119.78
C GLU G 353 -55.74 0.83 -120.83
N ASP G 354 -56.61 -0.16 -120.69
CA ASP G 354 -57.68 -0.33 -121.66
C ASP G 354 -58.70 0.77 -121.55
N ILE G 355 -58.97 1.24 -120.33
CA ILE G 355 -59.92 2.32 -120.17
C ILE G 355 -59.37 3.52 -120.93
N VAL G 356 -58.08 3.78 -120.76
CA VAL G 356 -57.43 4.88 -121.44
C VAL G 356 -57.59 4.74 -122.96
N LYS G 357 -57.36 3.53 -123.49
CA LYS G 357 -57.47 3.26 -124.93
C LYS G 357 -58.91 3.39 -125.43
N ASP G 358 -59.86 3.10 -124.57
CA ASP G 358 -61.28 3.18 -124.92
C ASP G 358 -61.81 4.61 -124.92
N ILE G 359 -61.66 5.31 -123.80
CA ILE G 359 -62.13 6.68 -123.68
C ILE G 359 -61.33 7.66 -124.51
N LYS G 360 -60.04 7.40 -124.63
CA LYS G 360 -59.16 8.28 -125.40
C LYS G 360 -59.34 9.73 -124.95
N PRO G 361 -58.96 10.03 -123.70
CA PRO G 361 -59.06 11.36 -123.11
C PRO G 361 -57.91 12.27 -123.50
N THR G 362 -58.13 13.57 -123.35
CA THR G 362 -57.14 14.58 -123.66
C THR G 362 -56.40 14.94 -122.38
N VAL G 363 -57.06 14.70 -121.26
CA VAL G 363 -56.50 14.99 -119.94
C VAL G 363 -56.56 13.77 -119.05
N LEU G 364 -55.43 13.45 -118.43
CA LEU G 364 -55.34 12.30 -117.52
C LEU G 364 -54.96 12.84 -116.15
N ILE G 365 -55.88 12.74 -115.20
CA ILE G 365 -55.62 13.23 -113.85
C ILE G 365 -55.58 12.09 -112.83
N GLY G 366 -54.43 11.92 -112.19
CA GLY G 366 -54.28 10.88 -111.19
C GLY G 366 -54.44 11.41 -109.77
N VAL G 367 -55.36 10.81 -109.02
CA VAL G 367 -55.62 11.21 -107.66
C VAL G 367 -56.15 10.01 -106.89
N ALA G 368 -55.41 8.91 -106.94
CA ALA G 368 -55.84 7.70 -106.26
C ALA G 368 -54.71 7.13 -105.43
N ALA G 369 -53.61 7.87 -105.38
CA ALA G 369 -52.43 7.46 -104.64
C ALA G 369 -51.91 6.12 -105.09
N ILE G 370 -52.01 5.85 -106.39
CA ILE G 370 -51.50 4.58 -106.90
C ILE G 370 -50.12 4.76 -107.53
N GLY G 371 -49.09 4.38 -106.77
CA GLY G 371 -47.71 4.47 -107.21
C GLY G 371 -47.43 4.91 -108.62
N GLY G 372 -47.07 3.99 -109.50
CA GLY G 372 -46.77 4.38 -110.88
C GLY G 372 -47.86 4.06 -111.88
N ALA G 373 -49.10 4.30 -111.47
CA ALA G 373 -50.25 4.02 -112.32
C ALA G 373 -50.06 4.42 -113.78
N PHE G 374 -49.45 5.58 -114.01
CA PHE G 374 -49.25 6.03 -115.37
C PHE G 374 -48.00 5.42 -115.96
N THR G 375 -48.18 4.20 -116.47
CA THR G 375 -47.12 3.41 -117.07
C THR G 375 -46.67 3.93 -118.43
N GLN G 376 -45.54 3.42 -118.87
CA GLN G 376 -44.97 3.78 -120.16
C GLN G 376 -46.03 3.58 -121.22
N GLN G 377 -46.70 2.45 -121.17
CA GLN G 377 -47.74 2.12 -122.13
C GLN G 377 -48.81 3.21 -122.14
N ILE G 378 -49.38 3.49 -120.96
CA ILE G 378 -50.41 4.52 -120.82
C ILE G 378 -49.93 5.86 -121.37
N LEU G 379 -48.76 6.31 -120.94
CA LEU G 379 -48.22 7.58 -121.38
C LEU G 379 -48.02 7.57 -122.90
N GLN G 380 -47.56 6.45 -123.45
CA GLN G 380 -47.37 6.36 -124.89
C GLN G 380 -48.71 6.51 -125.62
N ASP G 381 -49.74 5.86 -125.10
CA ASP G 381 -51.07 5.95 -125.69
C ASP G 381 -51.56 7.39 -125.71
N MSE G 382 -51.44 8.05 -124.57
CA MSE G 382 -51.90 9.43 -124.46
C MSE G 382 -51.23 10.28 -125.53
O MSE G 382 -51.87 11.13 -126.14
CB MSE G 382 -51.58 9.99 -123.07
CG MSE G 382 -52.64 10.95 -122.55
SE MSE G 382 -54.30 10.00 -122.17
CE MSE G 382 -53.57 8.49 -121.22
N ALA G 383 -49.94 10.02 -125.74
CA ALA G 383 -49.16 10.74 -126.73
C ALA G 383 -49.56 10.30 -128.13
N ALA G 384 -50.19 9.13 -128.21
CA ALA G 384 -50.65 8.61 -129.49
C ALA G 384 -51.92 9.29 -129.96
N PHE G 385 -52.96 9.37 -129.14
CA PHE G 385 -54.16 10.05 -129.61
C PHE G 385 -54.29 11.51 -129.28
N ASN G 386 -53.19 12.11 -128.81
CA ASN G 386 -53.17 13.54 -128.48
C ASN G 386 -51.91 14.19 -128.97
N LYS G 387 -52.07 15.33 -129.64
CA LYS G 387 -50.95 16.09 -130.15
C LYS G 387 -50.10 16.44 -128.93
N ARG G 388 -50.75 16.98 -127.90
CA ARG G 388 -50.07 17.36 -126.67
C ARG G 388 -50.94 17.03 -125.46
N PRO G 389 -50.85 15.78 -124.97
CA PRO G 389 -51.64 15.32 -123.83
C PRO G 389 -51.29 16.04 -122.53
N ILE G 390 -52.30 16.18 -121.68
CA ILE G 390 -52.14 16.82 -120.39
C ILE G 390 -52.09 15.72 -119.34
N ILE G 391 -50.97 15.62 -118.65
CA ILE G 391 -50.76 14.60 -117.63
C ILE G 391 -50.63 15.23 -116.23
N PHE G 392 -51.52 14.85 -115.32
CA PHE G 392 -51.51 15.37 -113.95
C PHE G 392 -51.33 14.26 -112.91
N ALA G 393 -50.12 14.15 -112.37
CA ALA G 393 -49.80 13.16 -111.33
C ALA G 393 -49.89 13.92 -110.01
N LEU G 394 -51.12 14.09 -109.52
CA LEU G 394 -51.36 14.85 -108.31
C LEU G 394 -51.20 14.15 -106.98
N SER G 395 -51.12 12.82 -106.97
CA SER G 395 -50.98 12.14 -105.69
C SER G 395 -49.69 12.52 -104.94
N ASN G 396 -49.79 12.60 -103.61
CA ASN G 396 -48.65 12.93 -102.74
C ASN G 396 -48.52 11.84 -101.66
N PRO G 397 -47.31 11.66 -101.11
CA PRO G 397 -46.10 12.40 -101.45
C PRO G 397 -45.51 11.83 -102.74
N THR G 398 -44.27 12.20 -103.06
CA THR G 398 -43.64 11.73 -104.29
C THR G 398 -43.75 10.24 -104.56
N SER G 399 -43.60 9.42 -103.53
CA SER G 399 -43.67 7.98 -103.69
C SER G 399 -45.00 7.54 -104.32
N LYS G 400 -46.03 8.36 -104.13
CA LYS G 400 -47.35 8.05 -104.62
C LYS G 400 -47.72 8.69 -105.97
N ALA G 401 -46.81 9.49 -106.53
CA ALA G 401 -47.04 10.17 -107.81
C ALA G 401 -47.29 9.20 -108.96
N GLU G 402 -48.40 9.40 -109.68
CA GLU G 402 -48.77 8.56 -110.81
C GLU G 402 -47.56 8.23 -111.72
N CYS G 403 -46.68 9.20 -111.88
CA CYS G 403 -45.49 9.04 -112.69
C CYS G 403 -44.57 10.23 -112.45
N THR G 404 -43.31 10.10 -112.85
CA THR G 404 -42.32 11.15 -112.67
C THR G 404 -42.30 12.11 -113.85
N ALA G 405 -41.65 13.25 -113.68
CA ALA G 405 -41.54 14.23 -114.76
C ALA G 405 -40.74 13.57 -115.88
N GLU G 406 -39.62 12.96 -115.50
CA GLU G 406 -38.74 12.29 -116.44
C GLU G 406 -39.49 11.25 -117.28
N GLN G 407 -40.34 10.48 -116.63
CA GLN G 407 -41.11 9.45 -117.35
C GLN G 407 -42.10 10.06 -118.31
N LEU G 408 -42.85 11.04 -117.83
CA LEU G 408 -43.86 11.69 -118.65
C LEU G 408 -43.23 12.23 -119.92
N TYR G 409 -42.18 13.03 -119.77
CA TYR G 409 -41.49 13.63 -120.90
C TYR G 409 -40.79 12.62 -121.80
N LYS G 410 -40.42 11.48 -121.23
CA LYS G 410 -39.77 10.44 -122.00
C LYS G 410 -40.75 9.63 -122.84
N TYR G 411 -41.79 9.11 -122.22
CA TYR G 411 -42.77 8.29 -122.93
C TYR G 411 -43.79 9.05 -123.78
N THR G 412 -43.75 10.37 -123.72
CA THR G 412 -44.66 11.18 -124.53
C THR G 412 -43.84 11.97 -125.55
N GLU G 413 -42.59 11.53 -125.75
CA GLU G 413 -41.68 12.18 -126.69
C GLU G 413 -41.63 13.68 -126.44
N GLY G 414 -41.67 14.08 -125.18
CA GLY G 414 -41.61 15.49 -124.86
C GLY G 414 -42.82 16.31 -125.31
N ARG G 415 -43.92 15.65 -125.64
CA ARG G 415 -45.12 16.37 -126.07
C ARG G 415 -46.12 16.45 -124.93
N GLY G 416 -45.84 15.71 -123.86
CA GLY G 416 -46.72 15.69 -122.71
C GLY G 416 -46.62 16.93 -121.86
N ILE G 417 -47.78 17.49 -121.51
CA ILE G 417 -47.84 18.67 -120.65
C ILE G 417 -48.03 18.13 -119.23
N PHE G 418 -46.95 18.10 -118.45
CA PHE G 418 -46.97 17.55 -117.09
C PHE G 418 -47.17 18.52 -115.94
N ALA G 419 -47.64 17.96 -114.84
CA ALA G 419 -47.86 18.69 -113.60
C ALA G 419 -47.99 17.59 -112.53
N SER G 420 -47.56 17.88 -111.31
CA SER G 420 -47.66 16.90 -110.23
C SER G 420 -47.84 17.58 -108.88
N GLY G 421 -48.38 16.84 -107.92
CA GLY G 421 -48.59 17.37 -106.59
C GLY G 421 -47.28 17.55 -105.85
N SER G 422 -46.36 16.60 -106.04
CA SER G 422 -45.04 16.67 -105.41
C SER G 422 -44.01 17.16 -106.42
N PRO G 423 -42.99 17.89 -105.95
CA PRO G 423 -41.91 18.45 -106.78
C PRO G 423 -40.97 17.48 -107.49
N PHE G 424 -40.65 17.82 -108.74
CA PHE G 424 -39.71 17.04 -109.54
C PHE G 424 -38.74 18.03 -110.15
N ASP G 425 -37.48 17.63 -110.28
CA ASP G 425 -36.47 18.51 -110.86
C ASP G 425 -36.71 18.76 -112.34
N PRO G 426 -36.10 19.83 -112.90
CA PRO G 426 -36.26 20.17 -114.32
C PRO G 426 -35.75 19.04 -115.19
N VAL G 427 -36.31 18.90 -116.39
CA VAL G 427 -35.84 17.84 -117.26
C VAL G 427 -35.38 18.42 -118.60
N THR G 428 -34.19 18.02 -119.01
CA THR G 428 -33.62 18.47 -120.27
C THR G 428 -33.86 17.40 -121.33
N LEU G 429 -34.84 17.66 -122.20
CA LEU G 429 -35.19 16.73 -123.28
C LEU G 429 -33.97 16.46 -124.17
N PRO G 430 -34.03 15.36 -124.96
CA PRO G 430 -32.89 15.05 -125.83
C PRO G 430 -32.62 16.19 -126.83
N SER G 431 -33.63 17.03 -127.05
CA SER G 431 -33.47 18.16 -127.96
C SER G 431 -32.67 19.30 -127.35
N GLY G 432 -32.37 19.19 -126.05
CA GLY G 432 -31.61 20.24 -125.39
C GLY G 432 -32.49 21.19 -124.62
N GLN G 433 -33.78 21.16 -124.91
CA GLN G 433 -34.80 22.00 -124.23
C GLN G 433 -34.97 21.55 -122.79
N THR G 434 -34.97 22.49 -121.86
CA THR G 434 -35.18 22.11 -120.48
C THR G 434 -36.57 22.55 -120.09
N LEU G 435 -37.36 21.58 -119.63
CA LEU G 435 -38.73 21.83 -119.20
C LEU G 435 -38.75 21.87 -117.68
N TYR G 436 -39.57 22.76 -117.12
CA TYR G 436 -39.69 22.90 -115.68
C TYR G 436 -41.09 22.53 -115.22
N PRO G 437 -41.34 21.23 -114.97
CA PRO G 437 -42.65 20.76 -114.52
C PRO G 437 -43.24 21.55 -113.35
N GLY G 438 -44.47 22.01 -113.53
CA GLY G 438 -45.13 22.78 -112.48
C GLY G 438 -45.66 21.88 -111.37
N GLN G 439 -45.92 22.47 -110.21
CA GLN G 439 -46.44 21.72 -109.09
C GLN G 439 -47.91 22.03 -108.84
N GLY G 440 -48.80 21.12 -109.25
CA GLY G 440 -50.21 21.34 -109.01
C GLY G 440 -50.52 20.92 -107.58
N ASN G 441 -50.40 21.85 -106.64
CA ASN G 441 -50.65 21.55 -105.25
C ASN G 441 -51.45 22.66 -104.56
N ASN G 442 -52.25 22.30 -103.55
CA ASN G 442 -53.06 23.29 -102.80
C ASN G 442 -52.28 24.54 -102.50
N SER G 443 -50.98 24.36 -102.25
CA SER G 443 -50.07 25.45 -101.92
C SER G 443 -50.31 26.72 -102.70
N TYR G 444 -50.71 26.60 -103.95
CA TYR G 444 -50.96 27.80 -104.73
C TYR G 444 -52.28 28.43 -104.41
N VAL G 445 -53.14 27.69 -103.72
CA VAL G 445 -54.47 28.19 -103.41
C VAL G 445 -54.81 28.64 -101.99
N PHE G 446 -54.71 27.75 -101.01
CA PHE G 446 -55.09 28.09 -99.64
C PHE G 446 -54.37 29.27 -98.99
N PRO G 447 -53.08 29.49 -99.30
CA PRO G 447 -52.41 30.64 -98.66
C PRO G 447 -53.13 31.92 -99.07
N GLY G 448 -53.37 32.06 -100.38
CA GLY G 448 -54.04 33.25 -100.90
C GLY G 448 -55.51 33.34 -100.57
N VAL G 449 -56.16 32.20 -100.44
CA VAL G 449 -57.58 32.18 -100.10
C VAL G 449 -57.74 32.65 -98.65
N ALA G 450 -56.80 32.24 -97.80
CA ALA G 450 -56.79 32.63 -96.39
C ALA G 450 -56.52 34.13 -96.24
N LEU G 451 -55.52 34.62 -96.97
CA LEU G 451 -55.15 36.02 -96.94
C LEU G 451 -56.37 36.83 -97.32
N GLY G 452 -57.07 36.34 -98.34
CA GLY G 452 -58.26 37.01 -98.81
C GLY G 452 -59.38 37.00 -97.78
N VAL G 453 -59.79 35.81 -97.36
CA VAL G 453 -60.87 35.67 -96.40
C VAL G 453 -60.61 36.53 -95.17
N ILE G 454 -59.46 36.31 -94.53
CA ILE G 454 -59.12 37.05 -93.32
C ILE G 454 -59.22 38.56 -93.52
N SER G 455 -58.59 39.04 -94.59
CA SER G 455 -58.56 40.46 -94.89
C SER G 455 -59.91 41.16 -95.03
N CYS G 456 -60.84 40.58 -95.78
CA CYS G 456 -62.15 41.20 -95.97
C CYS G 456 -63.23 40.64 -95.05
N GLY G 457 -62.97 39.48 -94.48
CA GLY G 457 -63.95 38.89 -93.59
C GLY G 457 -65.07 38.18 -94.34
N LEU G 458 -64.75 37.52 -95.44
CA LEU G 458 -65.75 36.77 -96.21
C LEU G 458 -66.42 35.81 -95.23
N LYS G 459 -67.72 35.98 -95.03
CA LYS G 459 -68.44 35.15 -94.08
C LYS G 459 -68.50 33.68 -94.44
N HIS G 460 -68.74 33.39 -95.72
CA HIS G 460 -68.81 32.01 -96.21
C HIS G 460 -68.13 31.90 -97.60
N ILE G 461 -67.52 30.75 -97.87
CA ILE G 461 -66.80 30.56 -99.11
C ILE G 461 -67.52 29.68 -100.13
N GLY G 462 -68.01 30.29 -101.21
CA GLY G 462 -68.70 29.52 -102.24
C GLY G 462 -67.76 28.99 -103.30
N ASP G 463 -68.21 28.01 -104.09
CA ASP G 463 -67.36 27.44 -105.15
C ASP G 463 -66.85 28.49 -106.12
N ASP G 464 -67.61 29.55 -106.30
CA ASP G 464 -67.23 30.63 -107.20
C ASP G 464 -65.83 31.14 -106.83
N VAL G 465 -65.60 31.27 -105.52
CA VAL G 465 -64.33 31.73 -104.97
C VAL G 465 -63.15 30.93 -105.53
N PHE G 466 -63.31 29.62 -105.58
CA PHE G 466 -62.27 28.76 -106.09
C PHE G 466 -62.11 28.83 -107.60
N LEU G 467 -63.22 29.02 -108.31
CA LEU G 467 -63.16 29.12 -109.76
C LEU G 467 -62.40 30.40 -110.06
N THR G 468 -62.79 31.48 -109.40
CA THR G 468 -62.15 32.76 -109.59
C THR G 468 -60.66 32.66 -109.25
N THR G 469 -60.34 31.97 -108.17
CA THR G 469 -58.96 31.79 -107.77
C THR G 469 -58.17 31.05 -108.84
N ALA G 470 -58.78 30.04 -109.43
CA ALA G 470 -58.12 29.26 -110.48
C ALA G 470 -57.75 30.16 -111.64
N GLU G 471 -58.62 31.12 -111.95
CA GLU G 471 -58.39 32.05 -113.05
C GLU G 471 -57.26 33.02 -112.68
N VAL G 472 -57.27 33.49 -111.44
CA VAL G 472 -56.27 34.42 -110.97
C VAL G 472 -54.90 33.78 -111.16
N ILE G 473 -54.76 32.53 -110.73
CA ILE G 473 -53.51 31.81 -110.84
C ILE G 473 -53.07 31.65 -112.30
N ALA G 474 -53.97 31.13 -113.13
CA ALA G 474 -53.64 30.94 -114.53
C ALA G 474 -53.25 32.25 -115.19
N GLN G 475 -53.88 33.32 -114.77
CA GLN G 475 -53.57 34.62 -115.33
C GLN G 475 -52.16 35.09 -114.97
N GLU G 476 -51.53 34.43 -114.01
CA GLU G 476 -50.17 34.80 -113.62
C GLU G 476 -49.12 33.91 -114.27
N VAL G 477 -49.55 33.06 -115.20
CA VAL G 477 -48.62 32.17 -115.91
C VAL G 477 -48.26 32.91 -117.20
N SER G 478 -46.99 33.24 -117.35
CA SER G 478 -46.55 33.97 -118.53
C SER G 478 -46.33 33.04 -119.72
N GLU G 479 -46.27 33.64 -120.89
CA GLU G 479 -46.02 32.91 -122.13
C GLU G 479 -44.69 32.22 -121.95
N GLU G 480 -43.76 32.93 -121.33
CA GLU G 480 -42.43 32.41 -121.06
C GLU G 480 -42.54 31.15 -120.19
N ASN G 481 -43.39 31.22 -119.18
CA ASN G 481 -43.60 30.10 -118.28
C ASN G 481 -44.04 28.88 -119.11
N LEU G 482 -45.11 29.07 -119.87
CA LEU G 482 -45.67 28.03 -120.72
C LEU G 482 -44.62 27.40 -121.63
N GLN G 483 -43.77 28.25 -122.20
CA GLN G 483 -42.71 27.84 -123.10
C GLN G 483 -41.70 26.89 -122.46
N GLU G 484 -41.62 26.92 -121.13
CA GLU G 484 -40.72 26.05 -120.39
C GLU G 484 -41.47 24.81 -119.89
N GLY G 485 -42.78 24.78 -120.11
CA GLY G 485 -43.57 23.66 -119.65
C GLY G 485 -44.19 23.87 -118.29
N ARG G 486 -44.28 25.13 -117.85
CA ARG G 486 -44.88 25.49 -116.56
C ARG G 486 -46.36 25.82 -116.68
N LEU G 487 -47.21 25.06 -115.99
CA LEU G 487 -48.64 25.35 -116.04
C LEU G 487 -49.01 26.24 -114.85
N TYR G 488 -48.03 26.52 -114.00
CA TYR G 488 -48.24 27.36 -112.83
C TYR G 488 -47.10 28.37 -112.74
N PRO G 489 -47.39 29.57 -112.23
CA PRO G 489 -46.32 30.57 -112.12
C PRO G 489 -45.25 29.99 -111.22
N PRO G 490 -43.98 30.43 -111.40
CA PRO G 490 -42.85 29.95 -110.61
C PRO G 490 -43.04 30.08 -109.10
N LEU G 491 -42.66 29.03 -108.39
CA LEU G 491 -42.78 28.98 -106.93
C LEU G 491 -42.26 30.23 -106.23
N VAL G 492 -41.14 30.76 -106.72
CA VAL G 492 -40.55 31.91 -106.10
C VAL G 492 -41.46 33.16 -106.11
N THR G 493 -42.45 33.19 -106.99
CA THR G 493 -43.38 34.32 -107.07
C THR G 493 -44.69 34.03 -106.33
N ILE G 494 -44.71 32.91 -105.63
CA ILE G 494 -45.91 32.50 -104.91
C ILE G 494 -46.52 33.59 -104.00
N GLN G 495 -45.69 34.42 -103.37
CA GLN G 495 -46.24 35.46 -102.50
C GLN G 495 -47.00 36.49 -103.30
N GLN G 496 -46.52 36.77 -104.50
CA GLN G 496 -47.17 37.74 -105.38
C GLN G 496 -48.51 37.18 -105.89
N VAL G 497 -48.53 35.89 -106.17
CA VAL G 497 -49.75 35.24 -106.65
C VAL G 497 -50.81 35.29 -105.56
N SER G 498 -50.43 34.90 -104.34
CA SER G 498 -51.33 34.90 -103.20
C SER G 498 -51.96 36.27 -102.97
N LEU G 499 -51.16 37.32 -103.04
CA LEU G 499 -51.69 38.66 -102.85
C LEU G 499 -52.80 38.92 -103.86
N LYS G 500 -52.55 38.56 -105.12
CA LYS G 500 -53.52 38.77 -106.18
C LYS G 500 -54.80 37.99 -105.91
N ILE G 501 -54.65 36.76 -105.42
CA ILE G 501 -55.80 35.92 -105.10
C ILE G 501 -56.60 36.60 -103.98
N ALA G 502 -55.88 37.10 -102.99
CA ALA G 502 -56.53 37.77 -101.87
C ALA G 502 -57.26 39.02 -102.31
N VAL G 503 -56.61 39.86 -103.11
CA VAL G 503 -57.24 41.08 -103.58
C VAL G 503 -58.49 40.79 -104.40
N ARG G 504 -58.41 39.80 -105.29
CA ARG G 504 -59.54 39.45 -106.13
C ARG G 504 -60.73 38.98 -105.29
N ILE G 505 -60.44 38.16 -104.27
CA ILE G 505 -61.46 37.65 -103.37
C ILE G 505 -62.13 38.78 -102.59
N ALA G 506 -61.33 39.72 -102.10
CA ALA G 506 -61.86 40.85 -101.35
C ALA G 506 -62.77 41.69 -102.23
N LYS G 507 -62.35 41.94 -103.46
CA LYS G 507 -63.14 42.74 -104.41
C LYS G 507 -64.52 42.11 -104.56
N GLU G 508 -64.57 40.82 -104.86
CA GLU G 508 -65.84 40.12 -104.99
C GLU G 508 -66.66 40.20 -103.70
N ALA G 509 -66.01 39.93 -102.58
CA ALA G 509 -66.69 39.95 -101.29
C ALA G 509 -67.47 41.24 -101.07
N TYR G 510 -66.83 42.38 -101.32
CA TYR G 510 -67.50 43.66 -101.12
C TYR G 510 -68.61 43.85 -102.12
N ARG G 511 -68.39 43.42 -103.36
CA ARG G 511 -69.38 43.55 -104.41
C ARG G 511 -70.64 42.78 -104.04
N ASN G 512 -70.47 41.53 -103.62
CA ASN G 512 -71.59 40.68 -103.23
C ASN G 512 -72.04 40.88 -101.81
N ASN G 513 -71.48 41.87 -101.14
CA ASN G 513 -71.84 42.15 -99.75
C ASN G 513 -71.68 40.91 -98.87
N THR G 514 -70.61 40.16 -99.08
CA THR G 514 -70.35 38.96 -98.28
C THR G 514 -69.19 39.24 -97.35
N ALA G 515 -68.60 40.43 -97.51
CA ALA G 515 -67.48 40.87 -96.71
C ALA G 515 -67.97 41.22 -95.31
N SER G 516 -67.04 41.48 -94.41
CA SER G 516 -67.39 41.84 -93.04
C SER G 516 -66.53 42.98 -92.54
N THR G 517 -65.34 43.11 -93.12
CA THR G 517 -64.43 44.17 -92.72
C THR G 517 -64.89 45.50 -93.29
N TYR G 518 -65.31 46.41 -92.42
CA TYR G 518 -65.78 47.75 -92.82
C TYR G 518 -65.22 48.82 -91.89
N PRO G 519 -65.13 50.06 -92.37
CA PRO G 519 -65.50 50.46 -93.73
C PRO G 519 -64.62 49.76 -94.75
N GLN G 520 -65.05 49.75 -96.01
CA GLN G 520 -64.29 49.12 -97.07
C GLN G 520 -63.10 49.99 -97.46
N PRO G 521 -61.91 49.40 -97.57
CA PRO G 521 -60.71 50.16 -97.94
C PRO G 521 -60.83 50.76 -99.35
N GLU G 522 -60.29 51.97 -99.53
CA GLU G 522 -60.35 52.60 -100.86
C GLU G 522 -59.46 51.84 -101.84
N ASP G 523 -58.30 51.38 -101.36
CA ASP G 523 -57.35 50.64 -102.17
C ASP G 523 -57.12 49.27 -101.53
N LEU G 524 -57.91 48.28 -101.94
CA LEU G 524 -57.80 46.93 -101.38
C LEU G 524 -56.40 46.34 -101.44
N GLU G 525 -55.67 46.55 -102.53
CA GLU G 525 -54.34 45.99 -102.62
C GLU G 525 -53.44 46.59 -101.54
N ALA G 526 -53.42 47.91 -101.44
CA ALA G 526 -52.61 48.58 -100.44
C ALA G 526 -52.99 48.07 -99.06
N PHE G 527 -54.28 48.02 -98.78
CA PHE G 527 -54.74 47.55 -97.48
C PHE G 527 -54.16 46.17 -97.20
N ILE G 528 -54.42 45.22 -98.09
CA ILE G 528 -53.93 43.87 -97.92
C ILE G 528 -52.41 43.83 -97.77
N ARG G 529 -51.69 44.64 -98.55
CA ARG G 529 -50.24 44.65 -98.43
C ARG G 529 -49.81 45.04 -97.03
N SER G 530 -50.55 45.97 -96.41
CA SER G 530 -50.22 46.45 -95.08
C SER G 530 -50.57 45.42 -94.00
N GLN G 531 -51.36 44.43 -94.38
CA GLN G 531 -51.80 43.39 -93.46
C GLN G 531 -50.85 42.18 -93.46
N VAL G 532 -50.01 42.11 -94.49
CA VAL G 532 -49.07 41.01 -94.65
C VAL G 532 -48.02 40.93 -93.56
N TYR G 533 -47.58 39.71 -93.27
CA TYR G 533 -46.58 39.44 -92.26
C TYR G 533 -45.19 39.93 -92.68
N SER G 534 -44.43 40.49 -91.75
CA SER G 534 -43.10 40.93 -92.09
C SER G 534 -42.12 40.04 -91.38
N THR G 535 -41.08 39.66 -92.10
CA THR G 535 -40.08 38.80 -91.54
C THR G 535 -39.00 39.59 -90.77
N ASP G 536 -39.07 40.92 -90.81
CA ASP G 536 -38.13 41.78 -90.10
C ASP G 536 -38.38 41.71 -88.58
N TYR G 537 -37.32 41.89 -87.81
CA TYR G 537 -37.44 41.88 -86.35
C TYR G 537 -38.05 43.19 -85.89
N ASN G 538 -38.70 43.17 -84.73
CA ASN G 538 -39.27 44.38 -84.17
C ASN G 538 -38.26 44.92 -83.15
N CYS G 539 -38.37 46.20 -82.81
CA CYS G 539 -37.47 46.80 -81.83
C CYS G 539 -38.08 46.71 -80.44
N PHE G 540 -37.39 46.05 -79.52
CA PHE G 540 -37.90 45.88 -78.16
C PHE G 540 -37.54 46.99 -77.17
N VAL G 541 -36.87 48.04 -77.65
CA VAL G 541 -36.50 49.15 -76.79
C VAL G 541 -37.73 49.92 -76.35
N ALA G 542 -37.73 50.38 -75.10
CA ALA G 542 -38.86 51.15 -74.60
C ALA G 542 -39.00 52.45 -75.37
N ASP G 543 -40.25 52.81 -75.67
CA ASP G 543 -40.55 54.04 -76.40
C ASP G 543 -40.34 55.22 -75.46
N SER G 544 -39.10 55.69 -75.36
CA SER G 544 -38.81 56.80 -74.49
C SER G 544 -38.76 58.10 -75.29
N TYR G 545 -39.25 59.16 -74.66
CA TYR G 545 -39.25 60.47 -75.26
C TYR G 545 -39.42 61.45 -74.13
N THR G 546 -39.14 62.71 -74.39
CA THR G 546 -39.19 63.71 -73.36
C THR G 546 -40.38 64.65 -73.45
N TRP G 547 -40.72 65.28 -72.32
CA TRP G 547 -41.80 66.26 -72.26
C TRP G 547 -41.07 67.56 -72.06
N PRO G 548 -41.76 68.70 -72.08
CA PRO G 548 -41.04 69.96 -71.88
C PRO G 548 -40.24 69.83 -70.57
N GLU G 549 -39.78 70.93 -70.01
CA GLU G 549 -39.01 70.78 -68.78
C GLU G 549 -39.83 71.10 -67.54
N GLU G 550 -40.74 72.06 -67.67
CA GLU G 550 -41.60 72.47 -66.56
C GLU G 550 -42.54 71.33 -66.26
N ALA G 551 -43.07 70.73 -67.32
CA ALA G 551 -44.03 69.63 -67.20
C ALA G 551 -43.39 68.36 -66.66
N MSE G 552 -42.07 68.27 -66.79
CA MSE G 552 -41.32 67.11 -66.31
C MSE G 552 -40.80 67.36 -64.90
O MSE G 552 -40.20 66.47 -64.28
CB MSE G 552 -40.12 66.83 -67.21
CG MSE G 552 -40.37 66.11 -68.51
SE MSE G 552 -38.71 65.29 -69.11
CE MSE G 552 -37.74 66.83 -69.74
N LYS G 553 -41.00 68.58 -64.40
CA LYS G 553 -40.56 69.02 -63.08
C LYS G 553 -41.02 68.07 -61.97
N VAL G 554 -40.14 67.84 -61.00
CA VAL G 554 -40.48 66.98 -59.88
C VAL G 554 -40.75 67.85 -58.66
N LYS G 555 -41.90 67.67 -58.01
CA LYS G 555 -42.17 68.46 -56.81
C LYS G 555 -42.19 67.54 -55.60
N LYS H 1 -45.70 28.52 -61.16
CA LYS H 1 -45.79 28.97 -62.54
C LYS H 1 -46.64 28.00 -63.37
N LYS H 2 -47.60 28.53 -64.14
CA LYS H 2 -48.51 27.71 -64.96
C LYS H 2 -48.59 28.10 -66.43
N GLY H 3 -49.41 27.37 -67.17
CA GLY H 3 -49.56 27.65 -68.58
C GLY H 3 -48.43 27.09 -69.41
N TYR H 4 -48.47 27.40 -70.70
CA TYR H 4 -47.46 26.97 -71.64
C TYR H 4 -46.07 27.37 -71.16
N GLU H 5 -46.01 28.39 -70.31
CA GLU H 5 -44.74 28.87 -69.77
C GLU H 5 -44.00 27.73 -69.08
N VAL H 6 -44.77 26.80 -68.51
CA VAL H 6 -44.21 25.64 -67.82
C VAL H 6 -43.48 24.73 -68.80
N LEU H 7 -44.10 24.49 -69.95
CA LEU H 7 -43.50 23.61 -70.96
C LEU H 7 -42.17 24.11 -71.52
N ARG H 8 -41.96 25.43 -71.49
CA ARG H 8 -40.73 26.04 -72.02
C ARG H 8 -39.61 26.14 -70.96
N ASP H 9 -39.92 25.77 -69.73
CA ASP H 9 -38.94 25.82 -68.65
C ASP H 9 -38.50 24.39 -68.43
N PRO H 10 -37.25 24.07 -68.82
CA PRO H 10 -36.71 22.72 -68.67
C PRO H 10 -36.65 22.25 -67.22
N HIS H 11 -36.62 23.19 -66.28
CA HIS H 11 -36.55 22.83 -64.87
C HIS H 11 -37.88 22.27 -64.39
N LEU H 12 -38.97 22.69 -65.04
CA LEU H 12 -40.30 22.22 -64.69
C LEU H 12 -40.84 21.21 -65.70
N ASN H 13 -40.59 21.46 -66.98
CA ASN H 13 -41.09 20.61 -68.04
C ASN H 13 -40.93 19.10 -67.88
N LYS H 14 -42.07 18.41 -67.91
CA LYS H 14 -42.09 16.96 -67.76
C LYS H 14 -42.48 16.32 -69.09
N GLY H 15 -42.83 17.17 -70.06
CA GLY H 15 -43.24 16.65 -71.35
C GLY H 15 -44.55 15.88 -71.26
N MSE H 16 -44.62 14.76 -71.96
CA MSE H 16 -45.83 13.97 -71.94
C MSE H 16 -45.99 13.18 -70.66
O MSE H 16 -46.97 12.49 -70.47
CB MSE H 16 -45.84 13.05 -73.16
CG MSE H 16 -45.78 13.80 -74.47
SE MSE H 16 -46.06 12.69 -76.01
CE MSE H 16 -44.28 12.01 -76.28
N ALA H 17 -45.01 13.30 -69.77
CA ALA H 17 -45.07 12.60 -68.50
C ALA H 17 -46.10 13.28 -67.60
N PHE H 18 -46.48 14.51 -67.98
CA PHE H 18 -47.48 15.28 -67.24
C PHE H 18 -48.82 14.51 -67.22
N THR H 19 -49.32 14.17 -66.03
CA THR H 19 -50.57 13.43 -65.91
C THR H 19 -51.73 14.26 -66.38
N LEU H 20 -52.84 13.60 -66.69
CA LEU H 20 -54.03 14.31 -67.14
C LEU H 20 -54.43 15.34 -66.11
N GLU H 21 -54.41 14.93 -64.83
CA GLU H 21 -54.78 15.84 -63.78
C GLU H 21 -53.83 17.03 -63.74
N GLU H 22 -52.52 16.76 -63.85
CA GLU H 22 -51.56 17.86 -63.83
C GLU H 22 -51.80 18.83 -64.98
N ARG H 23 -52.02 18.29 -66.17
CA ARG H 23 -52.24 19.11 -67.35
C ARG H 23 -53.43 20.02 -67.16
N GLN H 24 -54.52 19.44 -66.67
CA GLN H 24 -55.71 20.21 -66.45
C GLN H 24 -55.46 21.36 -65.49
N GLN H 25 -54.83 21.05 -64.34
CA GLN H 25 -54.56 22.08 -63.35
C GLN H 25 -53.51 23.10 -63.80
N LEU H 26 -52.54 22.66 -64.60
CA LEU H 26 -51.47 23.52 -65.09
C LEU H 26 -51.90 24.37 -66.28
N ASN H 27 -53.12 24.12 -66.75
CA ASN H 27 -53.67 24.84 -67.90
C ASN H 27 -52.90 24.57 -69.18
N ILE H 28 -52.43 23.33 -69.35
CA ILE H 28 -51.69 22.96 -70.54
C ILE H 28 -52.32 21.77 -71.24
N HIS H 29 -53.52 21.41 -70.79
CA HIS H 29 -54.21 20.29 -71.39
C HIS H 29 -54.57 20.66 -72.81
N GLY H 30 -54.07 19.88 -73.76
CA GLY H 30 -54.35 20.16 -75.16
C GLY H 30 -53.09 20.62 -75.85
N LEU H 31 -52.10 21.06 -75.06
CA LEU H 31 -50.84 21.53 -75.59
C LEU H 31 -49.91 20.34 -75.80
N LEU H 32 -50.32 19.17 -75.33
CA LEU H 32 -49.53 17.96 -75.47
C LEU H 32 -50.32 16.85 -76.11
N PRO H 33 -49.66 15.98 -76.89
CA PRO H 33 -50.45 14.90 -77.50
C PRO H 33 -51.14 14.04 -76.42
N PRO H 34 -52.27 13.41 -76.76
CA PRO H 34 -53.07 12.56 -75.89
C PRO H 34 -52.44 11.26 -75.42
N CYS H 35 -51.23 11.35 -74.86
CA CYS H 35 -50.54 10.17 -74.38
C CYS H 35 -49.75 10.45 -73.10
N PHE H 36 -49.75 9.50 -72.17
CA PHE H 36 -49.04 9.68 -70.91
C PHE H 36 -48.00 8.60 -70.72
N LEU H 37 -46.77 8.99 -70.41
CA LEU H 37 -45.72 8.01 -70.24
C LEU H 37 -44.79 8.28 -69.06
N GLY H 38 -44.00 7.28 -68.69
CA GLY H 38 -43.08 7.45 -67.60
C GLY H 38 -41.69 7.68 -68.14
N GLN H 39 -40.75 8.01 -67.26
CA GLN H 39 -39.37 8.26 -67.68
C GLN H 39 -38.80 7.15 -68.55
N ASP H 40 -39.05 5.90 -68.18
CA ASP H 40 -38.56 4.75 -68.97
C ASP H 40 -38.94 4.92 -70.43
N ALA H 41 -40.21 5.20 -70.67
CA ALA H 41 -40.70 5.35 -72.04
C ALA H 41 -40.06 6.53 -72.73
N GLN H 42 -39.89 7.63 -72.00
CA GLN H 42 -39.29 8.82 -72.57
C GLN H 42 -37.83 8.53 -72.91
N VAL H 43 -37.14 7.83 -72.03
CA VAL H 43 -35.75 7.48 -72.25
C VAL H 43 -35.62 6.66 -73.52
N TYR H 44 -36.51 5.68 -73.67
CA TYR H 44 -36.48 4.83 -74.84
C TYR H 44 -36.51 5.68 -76.11
N SER H 45 -37.40 6.66 -76.12
CA SER H 45 -37.53 7.56 -77.26
C SER H 45 -36.22 8.30 -77.51
N ILE H 46 -35.54 8.67 -76.44
CA ILE H 46 -34.28 9.39 -76.58
C ILE H 46 -33.22 8.46 -77.19
N LEU H 47 -33.10 7.25 -76.66
CA LEU H 47 -32.12 6.31 -77.18
C LEU H 47 -32.34 6.03 -78.66
N LYS H 48 -33.60 5.96 -79.09
CA LYS H 48 -33.91 5.72 -80.49
C LYS H 48 -33.37 6.88 -81.34
N ASN H 49 -33.49 8.11 -80.84
CA ASN H 49 -32.99 9.29 -81.54
C ASN H 49 -31.49 9.41 -81.49
N PHE H 50 -30.89 8.81 -80.45
CA PHE H 50 -29.45 8.83 -80.27
C PHE H 50 -28.81 7.83 -81.21
N GLU H 51 -29.39 6.64 -81.28
CA GLU H 51 -28.89 5.57 -82.13
C GLU H 51 -28.82 5.90 -83.61
N ARG H 52 -29.82 6.63 -84.11
CA ARG H 52 -29.87 6.97 -85.52
C ARG H 52 -28.87 8.03 -85.99
N LEU H 53 -28.26 8.73 -85.06
CA LEU H 53 -27.29 9.75 -85.43
C LEU H 53 -26.00 9.10 -85.90
N THR H 54 -25.21 9.83 -86.70
CA THR H 54 -23.98 9.28 -87.23
C THR H 54 -22.77 10.16 -86.99
N SER H 55 -22.82 10.98 -85.93
CA SER H 55 -21.72 11.88 -85.62
C SER H 55 -21.69 12.28 -84.17
N ASP H 56 -20.50 12.28 -83.60
CA ASP H 56 -20.35 12.66 -82.20
C ASP H 56 -20.93 14.05 -81.98
N LEU H 57 -20.71 14.96 -82.94
CA LEU H 57 -21.24 16.31 -82.81
C LEU H 57 -22.77 16.27 -82.75
N ASP H 58 -23.39 15.51 -83.66
CA ASP H 58 -24.84 15.40 -83.68
C ASP H 58 -25.36 14.85 -82.35
N ARG H 59 -24.68 13.83 -81.81
CA ARG H 59 -25.07 13.25 -80.54
C ARG H 59 -24.99 14.31 -79.43
N TYR H 60 -23.95 15.16 -79.47
CA TYR H 60 -23.80 16.23 -78.51
C TYR H 60 -25.03 17.15 -78.61
N ILE H 61 -25.28 17.65 -79.82
CA ILE H 61 -26.41 18.54 -80.11
C ILE H 61 -27.73 17.95 -79.61
N LEU H 62 -27.89 16.64 -79.80
CA LEU H 62 -29.10 15.97 -79.36
C LEU H 62 -29.23 16.12 -77.85
N LEU H 63 -28.19 15.73 -77.14
CA LEU H 63 -28.23 15.80 -75.68
C LEU H 63 -28.33 17.23 -75.12
N MSE H 64 -27.64 18.18 -75.76
CA MSE H 64 -27.70 19.55 -75.30
C MSE H 64 -29.10 20.11 -75.42
O MSE H 64 -29.55 20.86 -74.56
CB MSE H 64 -26.73 20.42 -76.10
CG MSE H 64 -25.27 20.17 -75.74
SE MSE H 64 -24.90 20.46 -73.85
CE MSE H 64 -25.82 22.16 -73.60
N SER H 65 -29.81 19.72 -76.46
CA SER H 65 -31.18 20.18 -76.65
C SER H 65 -32.10 19.48 -75.67
N LEU H 66 -31.78 18.23 -75.33
CA LEU H 66 -32.59 17.50 -74.36
C LEU H 66 -32.49 18.30 -73.07
N GLN H 67 -31.26 18.68 -72.73
CA GLN H 67 -30.97 19.45 -71.53
C GLN H 67 -31.73 20.77 -71.50
N ASP H 68 -31.97 21.36 -72.66
CA ASP H 68 -32.68 22.63 -72.71
C ASP H 68 -34.18 22.44 -72.77
N ARG H 69 -34.60 21.18 -72.81
CA ARG H 69 -36.02 20.87 -72.91
C ARG H 69 -36.61 20.25 -71.65
N ASN H 70 -35.90 19.28 -71.08
CA ASN H 70 -36.39 18.58 -69.89
C ASN H 70 -35.22 18.15 -68.99
N GLU H 71 -34.94 18.96 -67.99
CA GLU H 71 -33.86 18.74 -67.03
C GLU H 71 -33.79 17.31 -66.48
N LYS H 72 -34.86 16.90 -65.78
CA LYS H 72 -34.94 15.57 -65.19
C LYS H 72 -34.64 14.47 -66.22
N LEU H 73 -35.30 14.51 -67.36
CA LEU H 73 -35.06 13.50 -68.38
C LEU H 73 -33.61 13.50 -68.84
N PHE H 74 -33.02 14.69 -68.94
CA PHE H 74 -31.63 14.82 -69.35
C PHE H 74 -30.76 14.03 -68.37
N TYR H 75 -30.83 14.37 -67.09
CA TYR H 75 -30.04 13.64 -66.12
C TYR H 75 -30.44 12.18 -65.97
N LYS H 76 -31.70 11.87 -66.23
CA LYS H 76 -32.12 10.48 -66.15
C LYS H 76 -31.36 9.72 -67.25
N VAL H 77 -31.28 10.30 -68.45
CA VAL H 77 -30.57 9.67 -69.56
C VAL H 77 -29.08 9.47 -69.29
N LEU H 78 -28.41 10.52 -68.83
CA LEU H 78 -26.98 10.41 -68.55
C LEU H 78 -26.67 9.33 -67.52
N THR H 79 -27.37 9.37 -66.39
CA THR H 79 -27.12 8.41 -65.34
C THR H 79 -27.54 7.00 -65.73
N SER H 80 -28.33 6.87 -66.79
CA SER H 80 -28.79 5.56 -67.23
C SER H 80 -27.66 4.69 -67.75
N ASP H 81 -26.67 5.32 -68.39
CA ASP H 81 -25.50 4.62 -68.96
C ASP H 81 -24.35 5.62 -69.00
N ILE H 82 -23.88 6.00 -67.81
CA ILE H 82 -22.82 6.99 -67.71
C ILE H 82 -21.63 6.76 -68.62
N GLU H 83 -21.17 5.52 -68.72
CA GLU H 83 -20.02 5.25 -69.57
C GLU H 83 -20.30 5.56 -71.03
N ARG H 84 -21.57 5.50 -71.42
CA ARG H 84 -21.92 5.75 -72.79
C ARG H 84 -22.09 7.23 -73.12
N PHE H 85 -22.72 7.95 -72.21
CA PHE H 85 -22.99 9.35 -72.42
C PHE H 85 -21.98 10.35 -71.90
N MSE H 86 -21.11 9.92 -70.99
CA MSE H 86 -20.11 10.84 -70.48
C MSE H 86 -19.18 11.28 -71.59
O MSE H 86 -18.80 12.44 -71.67
CB MSE H 86 -19.32 10.17 -69.35
CG MSE H 86 -18.60 11.17 -68.50
SE MSE H 86 -17.75 10.31 -67.05
CE MSE H 86 -15.91 10.71 -67.43
N PRO H 87 -18.79 10.36 -72.49
CA PRO H 87 -17.90 10.72 -73.60
C PRO H 87 -18.52 11.75 -74.54
N ILE H 88 -19.84 11.84 -74.53
CA ILE H 88 -20.55 12.77 -75.41
C ILE H 88 -20.72 14.14 -74.78
N VAL H 89 -21.11 14.17 -73.50
CA VAL H 89 -21.31 15.44 -72.76
C VAL H 89 -20.01 16.00 -72.18
N TYR H 90 -19.03 15.14 -72.00
CA TYR H 90 -17.72 15.49 -71.44
C TYR H 90 -16.67 15.07 -72.47
N THR H 91 -15.44 14.82 -72.02
CA THR H 91 -14.32 14.43 -72.90
C THR H 91 -14.62 13.12 -73.58
N PRO H 92 -14.28 13.00 -74.87
CA PRO H 92 -13.63 14.01 -75.72
C PRO H 92 -14.56 14.90 -76.56
N THR H 93 -15.82 14.49 -76.68
CA THR H 93 -16.79 15.23 -77.50
C THR H 93 -17.00 16.69 -77.11
N VAL H 94 -16.92 17.00 -75.83
CA VAL H 94 -17.11 18.39 -75.43
C VAL H 94 -16.02 19.25 -76.09
N GLY H 95 -14.84 18.67 -76.28
CA GLY H 95 -13.75 19.41 -76.90
C GLY H 95 -14.10 19.75 -78.32
N LEU H 96 -14.65 18.76 -79.02
CA LEU H 96 -15.04 18.91 -80.40
C LEU H 96 -16.15 19.94 -80.45
N ALA H 97 -17.05 19.85 -79.48
CA ALA H 97 -18.16 20.78 -79.42
C ALA H 97 -17.64 22.21 -79.28
N CYS H 98 -16.66 22.40 -78.42
CA CYS H 98 -16.10 23.74 -78.24
C CYS H 98 -15.48 24.26 -79.53
N GLN H 99 -14.77 23.39 -80.22
CA GLN H 99 -14.14 23.75 -81.47
C GLN H 99 -15.16 24.20 -82.50
N HIS H 100 -16.38 23.68 -82.40
CA HIS H 100 -17.44 24.03 -83.35
C HIS H 100 -18.65 24.60 -82.63
N TYR H 101 -18.39 25.26 -81.49
CA TYR H 101 -19.46 25.84 -80.69
C TYR H 101 -20.38 26.77 -81.50
N GLY H 102 -19.81 27.61 -82.35
CA GLY H 102 -20.64 28.50 -83.13
C GLY H 102 -21.61 27.72 -84.00
N LEU H 103 -21.18 26.56 -84.44
CA LEU H 103 -21.98 25.70 -85.29
C LEU H 103 -23.05 24.98 -84.49
N ALA H 104 -22.64 24.39 -83.36
CA ALA H 104 -23.55 23.65 -82.50
C ALA H 104 -24.52 24.50 -81.69
N PHE H 105 -24.27 25.80 -81.61
CA PHE H 105 -25.13 26.67 -80.84
C PHE H 105 -26.57 26.58 -81.30
N ARG H 106 -27.49 26.62 -80.33
CA ARG H 106 -28.92 26.59 -80.60
C ARG H 106 -29.53 27.60 -79.65
N ARG H 107 -29.70 27.19 -78.39
CA ARG H 107 -30.24 28.05 -77.36
C ARG H 107 -29.09 28.33 -76.40
N PRO H 108 -28.98 29.60 -75.92
CA PRO H 108 -27.91 29.98 -75.00
C PRO H 108 -27.99 29.33 -73.63
N ARG H 109 -26.83 29.08 -73.03
CA ARG H 109 -26.76 28.47 -71.71
C ARG H 109 -25.61 29.09 -70.93
N GLY H 110 -25.87 29.47 -69.68
CA GLY H 110 -24.81 30.06 -68.87
C GLY H 110 -24.82 31.59 -68.90
N LEU H 111 -23.95 32.19 -68.11
CA LEU H 111 -23.84 33.65 -68.01
C LEU H 111 -22.60 34.13 -68.72
N PHE H 112 -22.75 35.08 -69.63
CA PHE H 112 -21.59 35.60 -70.36
C PHE H 112 -21.24 37.01 -69.89
N ILE H 113 -20.14 37.14 -69.16
CA ILE H 113 -19.73 38.44 -68.66
C ILE H 113 -18.51 38.88 -69.47
N THR H 114 -18.57 40.10 -69.99
CA THR H 114 -17.51 40.66 -70.81
C THR H 114 -16.65 41.68 -70.05
N ILE H 115 -15.44 41.91 -70.54
CA ILE H 115 -14.57 42.88 -69.89
C ILE H 115 -15.14 44.27 -70.08
N HIS H 116 -16.07 44.39 -71.03
CA HIS H 116 -16.71 45.66 -71.33
C HIS H 116 -17.83 45.99 -70.38
N ASP H 117 -18.27 45.02 -69.58
CA ASP H 117 -19.31 45.36 -68.63
C ASP H 117 -18.82 45.37 -67.18
N ARG H 118 -17.61 45.89 -67.00
CA ARG H 118 -16.99 46.01 -65.70
C ARG H 118 -17.75 47.11 -64.97
N GLY H 119 -18.00 46.88 -63.69
CA GLY H 119 -18.72 47.85 -62.89
C GLY H 119 -20.22 47.62 -62.99
N HIS H 120 -20.62 46.56 -63.70
CA HIS H 120 -22.03 46.25 -63.90
C HIS H 120 -22.32 44.77 -63.73
N ILE H 121 -21.35 44.02 -63.23
CA ILE H 121 -21.54 42.59 -63.04
C ILE H 121 -22.72 42.31 -62.11
N ALA H 122 -22.78 43.03 -60.99
CA ALA H 122 -23.85 42.85 -60.02
C ALA H 122 -25.23 42.86 -60.71
N THR H 123 -25.42 43.80 -61.62
CA THR H 123 -26.68 43.93 -62.34
C THR H 123 -26.96 42.72 -63.21
N MSE H 124 -25.90 42.19 -63.80
CA MSE H 124 -26.05 41.05 -64.69
C MSE H 124 -26.40 39.76 -63.98
O MSE H 124 -27.04 38.90 -64.56
CB MSE H 124 -24.78 40.87 -65.49
CG MSE H 124 -24.59 41.97 -66.48
SE MSE H 124 -22.92 41.78 -67.33
CE MSE H 124 -23.29 40.28 -68.46
N LEU H 125 -25.97 39.62 -62.72
CA LEU H 125 -26.29 38.42 -61.98
C LEU H 125 -27.81 38.37 -61.77
N GLN H 126 -28.43 39.55 -61.78
CA GLN H 126 -29.87 39.65 -61.60
C GLN H 126 -30.58 38.98 -62.79
N SER H 127 -30.08 39.22 -63.98
CA SER H 127 -30.65 38.64 -65.20
C SER H 127 -30.75 37.12 -65.12
N TRP H 128 -30.01 36.52 -64.19
CA TRP H 128 -30.05 35.07 -64.03
C TRP H 128 -31.28 34.72 -63.20
N PRO H 129 -32.18 33.90 -63.76
CA PRO H 129 -33.41 33.47 -63.10
C PRO H 129 -33.23 33.04 -61.65
N GLU H 130 -32.31 32.10 -61.42
CA GLU H 130 -32.03 31.60 -60.08
C GLU H 130 -31.38 32.69 -59.24
N SER H 131 -31.84 32.85 -58.01
CA SER H 131 -31.29 33.85 -57.11
C SER H 131 -30.48 33.14 -56.03
N VAL H 132 -30.61 31.81 -55.98
CA VAL H 132 -29.91 30.98 -55.01
C VAL H 132 -28.95 30.02 -55.69
N ILE H 133 -27.69 30.44 -55.80
CA ILE H 133 -26.65 29.64 -56.42
C ILE H 133 -25.64 29.19 -55.38
N LYS H 134 -25.31 27.90 -55.40
CA LYS H 134 -24.35 27.37 -54.44
C LYS H 134 -23.01 27.05 -55.08
N ALA H 135 -22.99 26.91 -56.39
CA ALA H 135 -21.75 26.60 -57.08
C ALA H 135 -21.65 27.29 -58.43
N ILE H 136 -20.41 27.48 -58.87
CA ILE H 136 -20.11 28.15 -60.12
C ILE H 136 -18.84 27.61 -60.75
N VAL H 137 -18.89 27.38 -62.05
CA VAL H 137 -17.72 26.92 -62.80
C VAL H 137 -17.47 28.03 -63.80
N VAL H 138 -16.30 28.65 -63.72
CA VAL H 138 -15.95 29.77 -64.59
C VAL H 138 -14.69 29.54 -65.40
N THR H 139 -14.67 30.11 -66.60
CA THR H 139 -13.54 29.97 -67.48
C THR H 139 -13.44 31.23 -68.33
N ASP H 140 -12.27 31.48 -68.88
CA ASP H 140 -12.10 32.63 -69.74
C ASP H 140 -11.76 32.07 -71.12
N GLY H 141 -11.70 30.73 -71.17
CA GLY H 141 -11.44 30.01 -72.41
C GLY H 141 -10.07 30.10 -73.02
N GLU H 142 -9.07 30.52 -72.24
CA GLU H 142 -7.73 30.64 -72.78
C GLU H 142 -6.99 29.29 -72.85
N ARG H 143 -7.39 28.34 -72.02
CA ARG H 143 -6.72 27.03 -72.05
C ARG H 143 -7.74 25.89 -72.02
N ILE H 144 -8.54 25.77 -73.07
CA ILE H 144 -9.56 24.73 -73.17
C ILE H 144 -8.94 23.38 -73.47
N LEU H 145 -8.88 22.51 -72.46
CA LEU H 145 -8.28 21.20 -72.65
C LEU H 145 -6.90 21.45 -73.24
N GLY H 146 -6.49 20.56 -74.15
CA GLY H 146 -5.21 20.73 -74.80
C GLY H 146 -5.45 21.32 -76.18
N LEU H 147 -6.55 22.07 -76.31
CA LEU H 147 -6.91 22.65 -77.59
C LEU H 147 -6.59 24.15 -77.69
N GLY H 148 -6.03 24.71 -76.63
CA GLY H 148 -5.65 26.11 -76.66
C GLY H 148 -6.69 27.17 -76.35
N ASP H 149 -6.53 28.31 -77.01
CA ASP H 149 -7.43 29.44 -76.80
C ASP H 149 -8.66 29.30 -77.69
N LEU H 150 -9.80 28.99 -77.09
CA LEU H 150 -11.02 28.84 -77.86
C LEU H 150 -12.01 29.95 -77.53
N GLY H 151 -11.50 30.97 -76.85
CA GLY H 151 -12.32 32.11 -76.49
C GLY H 151 -13.71 31.81 -75.95
N CYS H 152 -14.70 32.51 -76.49
CA CYS H 152 -16.06 32.32 -76.04
C CYS H 152 -16.60 30.93 -76.40
N TYR H 153 -15.88 30.20 -77.25
CA TYR H 153 -16.33 28.85 -77.61
C TYR H 153 -16.09 27.96 -76.40
N GLY H 154 -15.36 28.47 -75.43
CA GLY H 154 -15.04 27.69 -74.24
C GLY H 154 -16.18 27.41 -73.28
N MSE H 155 -17.31 28.09 -73.49
CA MSE H 155 -18.50 27.92 -72.64
C MSE H 155 -18.93 26.47 -72.56
O MSE H 155 -19.65 26.08 -71.63
CB MSE H 155 -19.65 28.78 -73.15
CG MSE H 155 -20.92 28.64 -72.32
SE MSE H 155 -20.67 29.05 -70.42
CE MSE H 155 -21.49 30.77 -70.32
N GLY H 156 -18.51 25.67 -73.53
CA GLY H 156 -18.88 24.27 -73.54
C GLY H 156 -18.33 23.53 -72.34
N ILE H 157 -17.19 23.99 -71.84
CA ILE H 157 -16.56 23.34 -70.71
C ILE H 157 -17.31 23.50 -69.41
N PRO H 158 -17.55 24.74 -68.97
CA PRO H 158 -18.28 24.88 -67.72
C PRO H 158 -19.56 24.04 -67.76
N VAL H 159 -20.28 24.17 -68.88
CA VAL H 159 -21.52 23.45 -69.09
C VAL H 159 -21.33 21.95 -68.93
N GLY H 160 -20.22 21.44 -69.47
CA GLY H 160 -19.95 20.03 -69.35
C GLY H 160 -19.59 19.67 -67.92
N LYS H 161 -18.79 20.52 -67.29
CA LYS H 161 -18.38 20.25 -65.91
C LYS H 161 -19.61 20.18 -65.03
N LEU H 162 -20.48 21.17 -65.13
CA LEU H 162 -21.68 21.18 -64.32
C LEU H 162 -22.56 19.98 -64.59
N ALA H 163 -22.48 19.44 -65.80
CA ALA H 163 -23.29 18.27 -66.12
C ALA H 163 -22.87 17.11 -65.22
N LEU H 164 -21.56 16.97 -64.99
CA LEU H 164 -21.08 15.90 -64.13
C LEU H 164 -21.37 16.24 -62.65
N TYR H 165 -21.33 17.52 -62.30
CA TYR H 165 -21.64 17.95 -60.92
C TYR H 165 -22.88 17.20 -60.46
N THR H 166 -23.84 17.07 -61.38
CA THR H 166 -25.10 16.43 -61.09
C THR H 166 -25.14 14.94 -61.41
N ALA H 167 -24.75 14.60 -62.63
CA ALA H 167 -24.74 13.21 -63.06
C ALA H 167 -23.84 12.34 -62.21
N CYS H 168 -22.64 12.83 -61.92
CA CYS H 168 -21.67 12.09 -61.13
C CYS H 168 -21.66 12.45 -59.65
N GLY H 169 -21.92 13.72 -59.33
CA GLY H 169 -21.90 14.16 -57.95
C GLY H 169 -23.19 14.23 -57.16
N GLY H 170 -24.32 14.41 -57.85
CA GLY H 170 -25.59 14.51 -57.15
C GLY H 170 -25.92 15.93 -56.73
N VAL H 171 -25.14 16.89 -57.21
CA VAL H 171 -25.37 18.29 -56.88
C VAL H 171 -26.60 18.73 -57.68
N LYS H 172 -27.49 19.51 -57.09
CA LYS H 172 -28.67 19.94 -57.82
C LYS H 172 -28.35 20.94 -58.94
N PRO H 173 -28.83 20.66 -60.16
CA PRO H 173 -28.62 21.48 -61.36
C PRO H 173 -29.00 22.94 -61.19
N HIS H 174 -30.19 23.17 -60.66
CA HIS H 174 -30.69 24.53 -60.49
C HIS H 174 -29.91 25.41 -59.54
N GLN H 175 -28.91 24.87 -58.86
CA GLN H 175 -28.12 25.69 -57.93
C GLN H 175 -26.75 25.96 -58.52
N CYS H 176 -26.55 25.51 -59.75
CA CYS H 176 -25.28 25.69 -60.43
C CYS H 176 -25.33 26.71 -61.55
N LEU H 177 -24.23 27.47 -61.67
CA LEU H 177 -24.12 28.53 -62.66
C LEU H 177 -22.82 28.49 -63.45
N PRO H 178 -22.89 28.15 -64.75
CA PRO H 178 -21.72 28.09 -65.61
C PRO H 178 -21.46 29.50 -66.11
N VAL H 179 -20.22 29.95 -66.03
CA VAL H 179 -19.91 31.30 -66.47
C VAL H 179 -18.74 31.39 -67.44
N MSE H 180 -18.83 32.37 -68.33
CA MSE H 180 -17.79 32.63 -69.31
C MSE H 180 -17.41 34.10 -69.22
O MSE H 180 -18.26 34.99 -69.41
CB MSE H 180 -18.31 32.31 -70.73
CG MSE H 180 -17.47 32.89 -71.90
SE MSE H 180 -15.56 32.40 -72.03
CE MSE H 180 -15.67 30.59 -72.63
N LEU H 181 -16.14 34.35 -68.93
CA LEU H 181 -15.61 35.69 -68.85
C LEU H 181 -14.88 35.95 -70.16
N ASP H 182 -15.56 36.61 -71.10
CA ASP H 182 -14.95 36.90 -72.39
C ASP H 182 -14.24 38.25 -72.40
N VAL H 183 -12.91 38.19 -72.35
CA VAL H 183 -12.11 39.40 -72.35
C VAL H 183 -11.43 39.54 -73.71
N GLY H 184 -11.87 38.72 -74.65
CA GLY H 184 -11.29 38.73 -75.98
C GLY H 184 -10.64 37.38 -76.21
N THR H 185 -10.02 37.21 -77.37
CA THR H 185 -9.36 35.96 -77.69
C THR H 185 -8.15 36.25 -78.56
N ASP H 186 -7.07 35.50 -78.41
CA ASP H 186 -5.89 35.73 -79.23
C ASP H 186 -5.80 34.78 -80.41
N ASN H 187 -6.80 33.92 -80.54
CA ASN H 187 -6.85 32.95 -81.61
C ASN H 187 -7.23 33.68 -82.89
N GLU H 188 -6.24 33.90 -83.74
CA GLU H 188 -6.48 34.60 -85.00
C GLU H 188 -7.54 33.91 -85.85
N THR H 189 -7.62 32.59 -85.75
CA THR H 189 -8.60 31.82 -86.53
C THR H 189 -10.01 32.21 -86.16
N LEU H 190 -10.30 32.21 -84.86
CA LEU H 190 -11.62 32.56 -84.38
C LEU H 190 -11.99 33.99 -84.79
N LEU H 191 -11.05 34.91 -84.66
CA LEU H 191 -11.32 36.29 -85.02
C LEU H 191 -11.78 36.42 -86.46
N LYS H 192 -11.44 35.43 -87.27
CA LYS H 192 -11.83 35.41 -88.67
C LYS H 192 -13.06 34.53 -88.88
N ASP H 193 -13.30 33.61 -87.94
CA ASP H 193 -14.43 32.70 -88.00
C ASP H 193 -15.77 33.45 -88.00
N PRO H 194 -16.57 33.31 -89.09
CA PRO H 194 -17.86 34.00 -89.21
C PRO H 194 -18.90 33.54 -88.21
N LEU H 195 -18.66 32.37 -87.61
CA LEU H 195 -19.59 31.83 -86.62
C LEU H 195 -19.19 32.11 -85.18
N TYR H 196 -18.00 32.68 -84.98
CA TYR H 196 -17.54 32.98 -83.62
C TYR H 196 -18.52 33.86 -82.87
N ILE H 197 -18.87 33.43 -81.66
CA ILE H 197 -19.84 34.15 -80.84
C ILE H 197 -19.24 35.07 -79.78
N GLY H 198 -17.92 35.16 -79.73
CA GLY H 198 -17.31 36.01 -78.73
C GLY H 198 -16.87 37.36 -79.22
N LEU H 199 -16.22 38.13 -78.36
CA LEU H 199 -15.72 39.46 -78.73
C LEU H 199 -14.65 39.27 -79.80
N ARG H 200 -14.79 39.99 -80.90
CA ARG H 200 -13.81 39.89 -81.98
C ARG H 200 -12.60 40.80 -81.79
N HIS H 201 -11.84 40.56 -80.74
CA HIS H 201 -10.64 41.35 -80.51
C HIS H 201 -9.68 40.60 -79.59
N LYS H 202 -8.40 40.96 -79.63
CA LYS H 202 -7.40 40.28 -78.81
C LYS H 202 -7.73 40.38 -77.32
N ARG H 203 -7.24 39.43 -76.54
CA ARG H 203 -7.52 39.44 -75.11
C ARG H 203 -7.04 40.70 -74.44
N ILE H 204 -7.85 41.24 -73.53
CA ILE H 204 -7.45 42.41 -72.78
C ILE H 204 -6.77 41.84 -71.55
N ARG H 205 -5.56 42.31 -71.27
CA ARG H 205 -4.79 41.82 -70.13
C ARG H 205 -4.44 42.98 -69.20
N GLY H 206 -3.71 42.68 -68.14
CA GLY H 206 -3.29 43.72 -67.22
C GLY H 206 -4.28 44.05 -66.14
N GLN H 207 -4.20 45.28 -65.67
CA GLN H 207 -5.06 45.80 -64.61
C GLN H 207 -6.54 45.57 -64.87
N ALA H 208 -6.99 45.92 -66.08
CA ALA H 208 -8.40 45.75 -66.44
C ALA H 208 -8.87 44.33 -66.19
N TYR H 209 -8.10 43.36 -66.67
CA TYR H 209 -8.43 41.96 -66.50
C TYR H 209 -8.55 41.66 -65.01
N ASP H 210 -7.55 42.09 -64.26
CA ASP H 210 -7.56 41.83 -62.83
C ASP H 210 -8.73 42.47 -62.09
N ASP H 211 -9.06 43.71 -62.42
CA ASP H 211 -10.18 44.38 -61.78
C ASP H 211 -11.48 43.64 -62.10
N LEU H 212 -11.60 43.17 -63.34
CA LEU H 212 -12.79 42.42 -63.78
C LEU H 212 -12.96 41.15 -62.95
N LEU H 213 -11.87 40.42 -62.73
CA LEU H 213 -11.94 39.20 -61.95
C LEU H 213 -12.26 39.49 -60.49
N ASP H 214 -11.73 40.59 -59.97
CA ASP H 214 -12.01 40.98 -58.60
C ASP H 214 -13.51 41.25 -58.48
N GLU H 215 -14.02 42.11 -59.35
CA GLU H 215 -15.43 42.47 -59.33
C GLU H 215 -16.32 41.25 -59.44
N PHE H 216 -15.94 40.30 -60.29
CA PHE H 216 -16.73 39.09 -60.46
C PHE H 216 -16.88 38.38 -59.12
N MSE H 217 -15.74 38.11 -58.47
CA MSE H 217 -15.74 37.43 -57.18
C MSE H 217 -16.53 38.18 -56.09
O MSE H 217 -17.20 37.55 -55.26
CB MSE H 217 -14.29 37.23 -56.72
CG MSE H 217 -13.43 36.42 -57.69
SE MSE H 217 -14.00 34.59 -57.90
CE MSE H 217 -13.25 33.81 -56.31
N GLU H 218 -16.46 39.49 -56.09
CA GLU H 218 -17.19 40.27 -55.08
C GLU H 218 -18.70 40.21 -55.36
N ALA H 219 -19.08 40.41 -56.62
CA ALA H 219 -20.48 40.40 -57.04
C ALA H 219 -21.15 39.06 -56.76
N VAL H 220 -20.49 37.98 -57.15
CA VAL H 220 -21.03 36.63 -56.97
C VAL H 220 -21.26 36.26 -55.51
N THR H 221 -20.31 36.60 -54.66
CA THR H 221 -20.42 36.28 -53.24
C THR H 221 -21.32 37.26 -52.49
N SER H 222 -21.41 38.49 -52.97
CA SER H 222 -22.28 39.48 -52.34
C SER H 222 -23.71 39.01 -52.51
N ARG H 223 -24.03 38.55 -53.71
CA ARG H 223 -25.37 38.10 -54.06
C ARG H 223 -25.70 36.70 -53.56
N TYR H 224 -24.84 35.74 -53.85
CA TYR H 224 -25.08 34.35 -53.45
C TYR H 224 -24.53 33.91 -52.08
N GLY H 225 -23.62 34.71 -51.52
CA GLY H 225 -23.05 34.36 -50.22
C GLY H 225 -21.60 33.93 -50.25
N MSE H 226 -20.86 34.23 -49.18
CA MSE H 226 -19.44 33.87 -49.08
C MSE H 226 -19.24 32.37 -49.16
O MSE H 226 -18.11 31.91 -49.34
CB MSE H 226 -18.85 34.39 -47.78
CG MSE H 226 -18.72 35.91 -47.72
SE MSE H 226 -17.52 36.62 -49.07
CE MSE H 226 -15.84 36.55 -48.15
N ASN H 227 -20.32 31.60 -49.03
CA ASN H 227 -20.22 30.15 -49.10
C ASN H 227 -20.32 29.66 -50.53
N CYS H 228 -20.60 30.56 -51.46
CA CYS H 228 -20.72 30.12 -52.84
C CYS H 228 -19.39 29.55 -53.31
N LEU H 229 -19.44 28.33 -53.83
CA LEU H 229 -18.27 27.61 -54.32
C LEU H 229 -17.94 28.07 -55.73
N ILE H 230 -16.73 28.57 -55.93
CA ILE H 230 -16.32 29.02 -57.25
C ILE H 230 -15.21 28.11 -57.76
N GLN H 231 -15.45 27.42 -58.88
CA GLN H 231 -14.46 26.51 -59.45
C GLN H 231 -13.85 27.10 -60.73
N PHE H 232 -12.58 27.47 -60.68
CA PHE H 232 -11.94 28.00 -61.87
C PHE H 232 -11.64 26.84 -62.82
N GLU H 233 -11.95 27.02 -64.10
CA GLU H 233 -11.70 26.00 -65.10
C GLU H 233 -11.10 26.50 -66.41
N ASP H 234 -10.05 25.81 -66.85
CA ASP H 234 -9.37 26.13 -68.09
C ASP H 234 -8.94 27.57 -68.37
N PHE H 235 -8.14 28.12 -67.44
CA PHE H 235 -7.56 29.46 -67.56
C PHE H 235 -6.11 29.26 -67.98
N ALA H 236 -5.47 30.29 -68.52
CA ALA H 236 -4.07 30.13 -68.90
C ALA H 236 -3.20 29.98 -67.65
N ASN H 237 -2.04 29.37 -67.82
CA ASN H 237 -1.09 29.12 -66.72
C ASN H 237 -0.92 30.27 -65.71
N ALA H 238 -0.35 31.40 -66.14
CA ALA H 238 -0.13 32.53 -65.24
C ALA H 238 -1.39 32.92 -64.46
N ASN H 239 -2.44 33.32 -65.18
CA ASN H 239 -3.71 33.71 -64.55
C ASN H 239 -4.22 32.65 -63.57
N ALA H 240 -4.17 31.38 -63.97
CA ALA H 240 -4.64 30.28 -63.13
C ALA H 240 -4.03 30.32 -61.74
N PHE H 241 -2.71 30.28 -61.69
CA PHE H 241 -2.02 30.29 -60.41
C PHE H 241 -2.21 31.54 -59.58
N ARG H 242 -2.02 32.70 -60.19
CA ARG H 242 -2.18 33.93 -59.42
C ARG H 242 -3.59 34.06 -58.87
N LEU H 243 -4.60 33.75 -59.68
CA LEU H 243 -5.99 33.85 -59.22
C LEU H 243 -6.29 32.92 -58.06
N LEU H 244 -5.74 31.71 -58.12
CA LEU H 244 -5.99 30.76 -57.05
C LEU H 244 -5.37 31.31 -55.78
N HIS H 245 -4.10 31.69 -55.86
CA HIS H 245 -3.40 32.22 -54.70
C HIS H 245 -4.05 33.49 -54.16
N LYS H 246 -4.63 34.28 -55.05
CA LYS H 246 -5.26 35.52 -54.63
C LYS H 246 -6.61 35.37 -53.93
N TYR H 247 -7.40 34.38 -54.33
CA TYR H 247 -8.72 34.19 -53.74
C TYR H 247 -8.87 32.98 -52.83
N ARG H 248 -7.99 32.01 -52.99
CA ARG H 248 -8.01 30.77 -52.21
C ARG H 248 -8.41 30.90 -50.72
N ASN H 249 -7.88 31.90 -50.03
CA ASN H 249 -8.16 32.08 -48.61
C ASN H 249 -9.26 33.09 -48.33
N LYS H 250 -9.61 33.89 -49.33
CA LYS H 250 -10.61 34.91 -49.16
C LYS H 250 -12.01 34.36 -49.45
N TYR H 251 -12.13 33.57 -50.51
CA TYR H 251 -13.41 32.98 -50.90
C TYR H 251 -13.38 31.45 -50.91
N CYS H 252 -14.54 30.84 -51.08
CA CYS H 252 -14.64 29.37 -51.14
C CYS H 252 -14.33 29.04 -52.59
N THR H 253 -13.05 28.78 -52.87
CA THR H 253 -12.70 28.54 -54.25
C THR H 253 -11.48 27.64 -54.46
N PHE H 254 -11.41 27.04 -55.65
CA PHE H 254 -10.29 26.19 -56.01
C PHE H 254 -10.24 26.11 -57.53
N ASN H 255 -9.09 25.70 -58.06
CA ASN H 255 -8.93 25.58 -59.50
C ASN H 255 -8.90 24.10 -59.83
N ASP H 256 -9.80 23.68 -60.70
CA ASP H 256 -9.91 22.29 -61.09
C ASP H 256 -8.67 21.72 -61.81
N ASP H 257 -8.10 22.50 -62.72
CA ASP H 257 -6.93 22.06 -63.49
C ASP H 257 -5.66 21.87 -62.65
N ILE H 258 -5.51 22.67 -61.62
CA ILE H 258 -4.34 22.61 -60.76
C ILE H 258 -4.53 21.64 -59.58
N GLN H 259 -5.67 21.75 -58.92
CA GLN H 259 -5.95 20.93 -57.75
C GLN H 259 -6.74 19.67 -57.98
N GLY H 260 -7.78 19.76 -58.80
CA GLY H 260 -8.62 18.59 -59.07
C GLY H 260 -7.83 17.50 -59.77
N THR H 261 -6.92 17.92 -60.64
CA THR H 261 -6.10 16.97 -61.38
C THR H 261 -5.14 16.30 -60.43
N ALA H 262 -4.47 17.11 -59.62
CA ALA H 262 -3.52 16.61 -58.65
C ALA H 262 -4.18 15.51 -57.82
N SER H 263 -5.37 15.80 -57.34
CA SER H 263 -6.11 14.87 -56.52
C SER H 263 -6.29 13.52 -57.20
N VAL H 264 -6.79 13.54 -58.44
CA VAL H 264 -7.05 12.30 -59.16
C VAL H 264 -5.77 11.57 -59.53
N ALA H 265 -4.76 12.35 -59.85
CA ALA H 265 -3.47 11.79 -60.23
C ALA H 265 -2.92 11.02 -59.04
N VAL H 266 -2.93 11.65 -57.87
CA VAL H 266 -2.41 11.01 -56.67
C VAL H 266 -3.25 9.78 -56.29
N ALA H 267 -4.55 9.88 -56.53
CA ALA H 267 -5.43 8.77 -56.22
C ALA H 267 -4.97 7.54 -57.00
N GLY H 268 -4.61 7.74 -58.26
CA GLY H 268 -4.17 6.65 -59.11
C GLY H 268 -2.88 6.03 -58.65
N LEU H 269 -1.93 6.87 -58.27
CA LEU H 269 -0.65 6.39 -57.80
C LEU H 269 -0.84 5.59 -56.51
N LEU H 270 -1.62 6.15 -55.60
CA LEU H 270 -1.90 5.49 -54.34
C LEU H 270 -2.44 4.09 -54.61
N ALA H 271 -3.34 3.98 -55.58
CA ALA H 271 -3.90 2.69 -55.95
C ALA H 271 -2.83 1.83 -56.57
N ALA H 272 -2.05 2.43 -57.47
CA ALA H 272 -0.97 1.73 -58.15
C ALA H 272 0.02 1.08 -57.19
N LEU H 273 0.24 1.68 -56.03
CA LEU H 273 1.18 1.12 -55.06
C LEU H 273 0.85 -0.32 -54.68
N ARG H 274 -0.43 -0.69 -54.81
CA ARG H 274 -0.83 -2.03 -54.46
C ARG H 274 -0.45 -3.04 -55.53
N ILE H 275 -0.02 -2.54 -56.69
CA ILE H 275 0.40 -3.41 -57.80
C ILE H 275 1.93 -3.40 -57.88
N THR H 276 2.54 -2.27 -57.56
CA THR H 276 3.99 -2.18 -57.60
C THR H 276 4.63 -2.66 -56.27
N LYS H 277 3.78 -2.92 -55.28
CA LYS H 277 4.24 -3.43 -53.99
C LYS H 277 5.34 -2.60 -53.32
N ASN H 278 5.21 -1.28 -53.36
CA ASN H 278 6.23 -0.43 -52.73
C ASN H 278 5.59 0.83 -52.14
N ARG H 279 6.42 1.79 -51.74
CA ARG H 279 5.89 3.01 -51.16
C ARG H 279 6.00 4.14 -52.16
N LEU H 280 5.15 5.16 -52.02
CA LEU H 280 5.17 6.27 -52.95
C LEU H 280 6.53 6.97 -52.92
N SER H 281 7.18 6.95 -51.75
CA SER H 281 8.49 7.57 -51.60
C SER H 281 9.60 6.75 -52.24
N ASP H 282 9.27 5.59 -52.82
CA ASP H 282 10.27 4.77 -53.48
C ASP H 282 10.29 5.12 -54.96
N HIS H 283 9.30 5.87 -55.42
CA HIS H 283 9.20 6.24 -56.82
C HIS H 283 10.00 7.46 -57.29
N THR H 284 10.12 7.57 -58.59
CA THR H 284 10.81 8.67 -59.25
C THR H 284 9.86 9.06 -60.37
N VAL H 285 9.27 10.24 -60.24
CA VAL H 285 8.28 10.74 -61.18
C VAL H 285 8.81 11.73 -62.21
N LEU H 286 8.50 11.48 -63.47
CA LEU H 286 8.92 12.36 -64.55
C LEU H 286 7.67 12.92 -65.23
N PHE H 287 7.57 14.25 -65.27
CA PHE H 287 6.43 14.92 -65.89
C PHE H 287 6.74 15.44 -67.29
N GLN H 288 5.89 15.14 -68.26
CA GLN H 288 6.13 15.74 -69.55
C GLN H 288 5.19 16.92 -69.47
N GLY H 289 5.75 18.09 -69.22
CA GLY H 289 4.98 19.31 -69.06
C GLY H 289 5.31 19.85 -67.68
N ALA H 290 5.12 21.15 -67.47
CA ALA H 290 5.44 21.77 -66.17
C ALA H 290 4.51 22.94 -65.90
N GLY H 291 3.24 22.76 -66.21
CA GLY H 291 2.29 23.82 -66.00
C GLY H 291 1.30 23.54 -64.90
N GLU H 292 0.09 24.05 -65.07
CA GLU H 292 -0.96 23.87 -64.08
C GLU H 292 -1.05 22.43 -63.56
N ALA H 293 -1.24 21.47 -64.47
CA ALA H 293 -1.38 20.08 -64.07
C ALA H 293 -0.15 19.49 -63.41
N ALA H 294 1.00 19.70 -64.05
CA ALA H 294 2.25 19.15 -63.54
C ALA H 294 2.60 19.70 -62.17
N LEU H 295 2.64 21.01 -62.04
CA LEU H 295 2.98 21.64 -60.78
C LEU H 295 2.00 21.31 -59.66
N GLY H 296 0.75 21.11 -60.03
CA GLY H 296 -0.27 20.80 -59.04
C GLY H 296 -0.17 19.36 -58.56
N ILE H 297 -0.01 18.43 -59.50
CA ILE H 297 0.10 17.02 -59.17
C ILE H 297 1.40 16.77 -58.41
N ALA H 298 2.45 17.47 -58.81
CA ALA H 298 3.75 17.32 -58.17
C ALA H 298 3.63 17.71 -56.71
N ASN H 299 2.98 18.84 -56.44
CA ASN H 299 2.81 19.27 -55.07
C ASN H 299 2.11 18.21 -54.24
N LEU H 300 0.96 17.74 -54.72
CA LEU H 300 0.20 16.72 -53.98
C LEU H 300 1.04 15.49 -53.78
N ILE H 301 1.86 15.14 -54.77
CA ILE H 301 2.69 13.96 -54.61
C ILE H 301 3.64 14.16 -53.42
N VAL H 302 4.26 15.33 -53.33
CA VAL H 302 5.18 15.63 -52.23
C VAL H 302 4.48 15.50 -50.88
N MSE H 303 3.28 16.05 -50.77
CA MSE H 303 2.52 15.97 -49.53
C MSE H 303 2.20 14.51 -49.19
O MSE H 303 2.20 14.10 -48.03
CB MSE H 303 1.20 16.73 -49.64
CG MSE H 303 1.37 18.22 -49.79
SE MSE H 303 -0.36 19.11 -49.77
CE MSE H 303 -0.90 18.75 -47.95
N ALA H 304 1.91 13.72 -50.22
CA ALA H 304 1.58 12.32 -50.03
C ALA H 304 2.82 11.54 -49.60
N MSE H 305 3.98 11.99 -50.08
CA MSE H 305 5.24 11.33 -49.71
C MSE H 305 5.64 11.68 -48.29
O MSE H 305 6.08 10.81 -47.53
CB MSE H 305 6.36 11.71 -50.70
CG MSE H 305 6.19 11.11 -52.10
SE MSE H 305 7.74 11.37 -53.28
CE MSE H 305 7.62 13.26 -53.55
N GLN H 306 5.47 12.94 -47.91
CA GLN H 306 5.82 13.38 -46.56
C GLN H 306 4.95 12.60 -45.58
N LYS H 307 3.69 12.37 -45.95
CA LYS H 307 2.75 11.64 -45.12
C LYS H 307 3.30 10.26 -44.79
N GLU H 308 4.17 9.74 -45.64
CA GLU H 308 4.74 8.42 -45.39
C GLU H 308 5.95 8.52 -44.47
N GLY H 309 6.34 9.75 -44.14
CA GLY H 309 7.48 9.95 -43.24
C GLY H 309 8.71 10.58 -43.85
N VAL H 310 8.73 10.74 -45.16
CA VAL H 310 9.87 11.34 -45.84
C VAL H 310 9.86 12.85 -45.67
N SER H 311 11.03 13.48 -45.74
CA SER H 311 11.11 14.92 -45.59
C SER H 311 10.72 15.61 -46.87
N LYS H 312 10.30 16.86 -46.76
CA LYS H 312 9.89 17.63 -47.93
C LYS H 312 11.01 17.65 -48.97
N GLU H 313 12.24 17.85 -48.49
CA GLU H 313 13.43 17.89 -49.35
C GLU H 313 13.61 16.59 -50.13
N GLU H 314 13.56 15.47 -49.43
CA GLU H 314 13.70 14.17 -50.07
C GLU H 314 12.63 13.98 -51.14
N ALA H 315 11.39 14.25 -50.77
CA ALA H 315 10.26 14.10 -51.68
C ALA H 315 10.49 14.85 -52.98
N ILE H 316 10.81 16.13 -52.88
CA ILE H 316 11.06 16.94 -54.07
C ILE H 316 12.13 16.38 -54.99
N LYS H 317 13.15 15.73 -54.42
CA LYS H 317 14.21 15.16 -55.23
C LYS H 317 13.74 14.01 -56.11
N ARG H 318 12.57 13.46 -55.83
CA ARG H 318 12.06 12.35 -56.63
C ARG H 318 11.18 12.82 -57.79
N ILE H 319 11.09 14.14 -57.97
CA ILE H 319 10.25 14.70 -59.02
C ILE H 319 11.00 15.47 -60.09
N TRP H 320 10.85 15.04 -61.34
CA TRP H 320 11.50 15.69 -62.47
C TRP H 320 10.49 16.24 -63.46
N MSE H 321 10.81 17.37 -64.07
CA MSE H 321 9.91 17.98 -65.04
C MSE H 321 10.55 18.42 -66.34
O MSE H 321 11.70 18.87 -66.36
CB MSE H 321 9.22 19.18 -64.42
CG MSE H 321 8.12 18.84 -63.49
SE MSE H 321 7.38 20.45 -62.81
CE MSE H 321 6.82 19.85 -61.08
N VAL H 322 9.78 18.33 -67.43
CA VAL H 322 10.23 18.74 -68.75
C VAL H 322 9.24 19.74 -69.34
N ASP H 323 9.71 20.92 -69.74
CA ASP H 323 8.82 21.89 -70.36
C ASP H 323 9.18 22.08 -71.84
N SER H 324 8.63 23.11 -72.49
CA SER H 324 8.89 23.36 -73.92
C SER H 324 10.38 23.55 -74.23
N LYS H 325 11.14 24.01 -73.24
CA LYS H 325 12.56 24.23 -73.42
C LYS H 325 13.39 22.98 -73.13
N GLY H 326 12.78 21.97 -72.52
CA GLY H 326 13.48 20.74 -72.22
C GLY H 326 13.41 20.39 -70.75
N LEU H 327 14.35 19.57 -70.27
CA LEU H 327 14.42 19.18 -68.87
C LEU H 327 14.64 20.39 -67.98
N ILE H 328 13.96 20.43 -66.84
CA ILE H 328 14.11 21.54 -65.92
C ILE H 328 15.22 21.20 -64.94
N VAL H 329 16.37 21.84 -65.12
CA VAL H 329 17.54 21.61 -64.26
C VAL H 329 18.06 22.92 -63.66
N LYS H 330 18.70 22.82 -62.49
CA LYS H 330 19.22 24.02 -61.83
C LYS H 330 20.05 24.88 -62.76
N GLY H 331 19.84 26.19 -62.65
CA GLY H 331 20.59 27.12 -63.47
C GLY H 331 20.17 27.23 -64.93
N ARG H 332 19.15 26.50 -65.35
CA ARG H 332 18.73 26.58 -66.74
C ARG H 332 18.05 27.92 -66.99
N ALA H 333 17.97 28.31 -68.27
CA ALA H 333 17.35 29.58 -68.63
C ALA H 333 15.83 29.43 -68.69
N SER H 334 15.13 30.57 -68.80
CA SER H 334 13.68 30.56 -68.88
C SER H 334 13.02 29.66 -67.83
N LEU H 335 13.26 29.95 -66.56
CA LEU H 335 12.71 29.17 -65.47
C LEU H 335 11.84 30.06 -64.58
N THR H 336 10.75 29.49 -64.06
CA THR H 336 9.82 30.20 -63.19
C THR H 336 10.09 29.82 -61.73
N PRO H 337 9.76 30.69 -60.76
CA PRO H 337 10.01 30.34 -59.37
C PRO H 337 9.39 28.99 -59.04
N GLU H 338 8.20 28.76 -59.57
CA GLU H 338 7.48 27.51 -59.36
C GLU H 338 8.29 26.35 -59.95
N LYS H 339 8.79 26.52 -61.16
CA LYS H 339 9.58 25.48 -61.80
C LYS H 339 10.90 25.28 -61.07
N GLU H 340 11.53 26.38 -60.69
CA GLU H 340 12.82 26.35 -59.98
C GLU H 340 12.76 25.37 -58.82
N HIS H 341 11.56 25.15 -58.30
CA HIS H 341 11.35 24.24 -57.18
C HIS H 341 11.80 22.82 -57.47
N PHE H 342 11.69 22.39 -58.72
CA PHE H 342 12.09 21.03 -59.08
C PHE H 342 13.27 21.00 -60.04
N ALA H 343 14.06 22.08 -60.05
CA ALA H 343 15.23 22.13 -60.92
C ALA H 343 16.39 21.45 -60.20
N HIS H 344 16.72 20.22 -60.60
CA HIS H 344 17.81 19.49 -59.97
C HIS H 344 19.13 19.74 -60.68
N GLU H 345 20.24 19.54 -59.97
CA GLU H 345 21.53 19.71 -60.59
C GLU H 345 21.64 18.55 -61.57
N HIS H 346 21.77 18.90 -62.84
CA HIS H 346 21.82 17.91 -63.90
C HIS H 346 22.14 18.67 -65.18
N CYS H 347 22.71 18.00 -66.17
CA CYS H 347 23.03 18.66 -67.43
C CYS H 347 21.74 18.89 -68.21
N GLU H 348 21.71 19.93 -69.04
CA GLU H 348 20.52 20.21 -69.83
C GLU H 348 20.23 19.15 -70.89
N MSE H 349 18.95 18.85 -71.11
CA MSE H 349 18.55 17.86 -72.12
C MSE H 349 17.28 18.32 -72.81
O MSE H 349 16.47 19.01 -72.21
CB MSE H 349 18.31 16.51 -71.48
CG MSE H 349 19.54 15.85 -70.92
SE MSE H 349 19.17 14.05 -70.32
CE MSE H 349 19.33 13.10 -71.97
N LYS H 350 17.09 17.90 -74.05
CA LYS H 350 15.91 18.28 -74.84
C LYS H 350 15.02 17.12 -75.23
N ASN H 351 15.61 16.06 -75.77
CA ASN H 351 14.84 14.91 -76.20
C ASN H 351 14.24 14.11 -75.06
N LEU H 352 12.92 13.92 -75.12
CA LEU H 352 12.18 13.18 -74.11
C LEU H 352 12.68 11.74 -73.94
N GLU H 353 12.97 11.06 -75.04
CA GLU H 353 13.43 9.70 -74.93
C GLU H 353 14.78 9.59 -74.19
N ASP H 354 15.69 10.52 -74.48
CA ASP H 354 17.01 10.52 -73.84
C ASP H 354 16.83 10.79 -72.35
N ILE H 355 15.93 11.73 -72.07
CA ILE H 355 15.62 12.12 -70.71
C ILE H 355 15.09 10.92 -69.95
N VAL H 356 14.19 10.17 -70.59
CA VAL H 356 13.61 8.97 -69.97
C VAL H 356 14.72 7.97 -69.64
N LYS H 357 15.63 7.78 -70.59
CA LYS H 357 16.74 6.85 -70.41
C LYS H 357 17.70 7.29 -69.30
N ASP H 358 17.87 8.59 -69.16
CA ASP H 358 18.75 9.14 -68.13
C ASP H 358 18.14 9.08 -66.72
N ILE H 359 16.96 9.67 -66.57
CA ILE H 359 16.26 9.70 -65.29
C ILE H 359 15.78 8.27 -64.89
N LYS H 360 15.38 7.48 -65.86
CA LYS H 360 14.91 6.13 -65.57
C LYS H 360 13.83 6.14 -64.49
N PRO H 361 12.77 6.92 -64.69
CA PRO H 361 11.67 7.01 -63.72
C PRO H 361 10.80 5.75 -63.58
N THR H 362 10.01 5.72 -62.53
CA THR H 362 9.10 4.60 -62.26
C THR H 362 7.71 5.03 -62.67
N VAL H 363 7.51 6.34 -62.74
CA VAL H 363 6.23 6.92 -63.12
C VAL H 363 6.41 7.97 -64.20
N LEU H 364 5.64 7.84 -65.27
CA LEU H 364 5.69 8.76 -66.39
C LEU H 364 4.33 9.43 -66.52
N ILE H 365 4.26 10.74 -66.31
CA ILE H 365 3.00 11.45 -66.39
C ILE H 365 3.03 12.48 -67.52
N GLY H 366 2.05 12.37 -68.41
CA GLY H 366 1.98 13.29 -69.53
C GLY H 366 0.91 14.35 -69.33
N VAL H 367 1.32 15.61 -69.36
CA VAL H 367 0.40 16.70 -69.16
C VAL H 367 0.88 17.94 -69.92
N ALA H 368 1.25 17.72 -71.18
CA ALA H 368 1.74 18.81 -72.04
C ALA H 368 0.93 18.90 -73.33
N ALA H 369 -0.09 18.06 -73.43
CA ALA H 369 -0.97 18.02 -74.60
C ALA H 369 -0.18 17.71 -75.85
N ILE H 370 0.83 16.85 -75.72
CA ILE H 370 1.65 16.49 -76.85
C ILE H 370 1.27 15.16 -77.48
N GLY H 371 0.58 15.25 -78.63
CA GLY H 371 0.14 14.11 -79.40
C GLY H 371 0.50 12.73 -78.91
N GLY H 372 1.40 12.05 -79.60
CA GLY H 372 1.77 10.71 -79.16
C GLY H 372 3.17 10.71 -78.56
N ALA H 373 3.39 11.64 -77.63
CA ALA H 373 4.69 11.79 -76.98
C ALA H 373 5.26 10.50 -76.42
N PHE H 374 4.42 9.61 -75.90
CA PHE H 374 4.96 8.37 -75.36
C PHE H 374 5.07 7.33 -76.44
N THR H 375 6.08 7.52 -77.28
CA THR H 375 6.37 6.63 -78.40
C THR H 375 6.64 5.19 -77.96
N GLN H 376 6.71 4.30 -78.95
CA GLN H 376 6.99 2.89 -78.71
C GLN H 376 8.31 2.78 -77.93
N GLN H 377 9.32 3.52 -78.41
CA GLN H 377 10.63 3.52 -77.80
C GLN H 377 10.52 3.88 -76.31
N ILE H 378 9.96 5.04 -76.02
CA ILE H 378 9.83 5.44 -74.62
C ILE H 378 9.09 4.40 -73.79
N LEU H 379 7.98 3.87 -74.31
CA LEU H 379 7.23 2.86 -73.57
C LEU H 379 8.04 1.58 -73.36
N GLN H 380 8.83 1.19 -74.36
CA GLN H 380 9.64 -0.02 -74.21
C GLN H 380 10.72 0.24 -73.16
N ASP H 381 11.29 1.44 -73.18
CA ASP H 381 12.31 1.83 -72.20
C ASP H 381 11.72 1.68 -70.79
N MSE H 382 10.52 2.23 -70.60
CA MSE H 382 9.83 2.19 -69.32
C MSE H 382 9.63 0.75 -68.82
O MSE H 382 9.74 0.47 -67.63
CB MSE H 382 8.50 2.91 -69.42
CG MSE H 382 8.18 3.80 -68.25
SE MSE H 382 9.46 5.25 -67.98
CE MSE H 382 8.64 6.12 -66.48
N ALA H 383 9.33 -0.15 -69.76
CA ALA H 383 9.12 -1.56 -69.42
C ALA H 383 10.47 -2.24 -69.18
N ALA H 384 11.55 -1.58 -69.58
CA ALA H 384 12.87 -2.15 -69.38
C ALA H 384 13.42 -1.78 -68.01
N PHE H 385 13.21 -0.54 -67.57
CA PHE H 385 13.71 -0.11 -66.27
C PHE H 385 12.79 -0.42 -65.10
N ASN H 386 11.54 -0.77 -65.41
CA ASN H 386 10.56 -1.06 -64.38
C ASN H 386 9.88 -2.38 -64.61
N LYS H 387 9.59 -3.10 -63.52
CA LYS H 387 8.91 -4.38 -63.64
C LYS H 387 7.51 -4.03 -64.08
N ARG H 388 6.93 -3.03 -63.41
CA ARG H 388 5.59 -2.57 -63.73
C ARG H 388 5.59 -1.04 -63.79
N PRO H 389 5.92 -0.48 -64.96
CA PRO H 389 5.95 0.98 -65.13
C PRO H 389 4.56 1.61 -65.11
N ILE H 390 4.43 2.72 -64.40
CA ILE H 390 3.17 3.44 -64.32
C ILE H 390 3.19 4.51 -65.43
N ILE H 391 2.18 4.47 -66.30
CA ILE H 391 2.08 5.42 -67.41
C ILE H 391 0.74 6.16 -67.34
N PHE H 392 0.81 7.49 -67.23
CA PHE H 392 -0.37 8.33 -67.17
C PHE H 392 -0.39 9.27 -68.36
N ALA H 393 -1.32 9.05 -69.28
CA ALA H 393 -1.46 9.90 -70.46
C ALA H 393 -2.64 10.81 -70.14
N LEU H 394 -2.37 11.86 -69.39
CA LEU H 394 -3.44 12.74 -68.93
C LEU H 394 -3.99 13.82 -69.85
N SER H 395 -3.30 14.14 -70.93
CA SER H 395 -3.76 15.22 -71.79
C SER H 395 -5.07 14.97 -72.53
N ASN H 396 -5.95 15.97 -72.49
CA ASN H 396 -7.25 15.90 -73.14
C ASN H 396 -7.34 16.91 -74.30
N PRO H 397 -8.15 16.60 -75.33
CA PRO H 397 -8.96 15.39 -75.45
C PRO H 397 -8.15 14.21 -76.00
N THR H 398 -8.82 13.13 -76.36
CA THR H 398 -8.17 11.93 -76.86
C THR H 398 -7.04 12.17 -77.87
N SER H 399 -7.24 13.10 -78.78
CA SER H 399 -6.25 13.40 -79.79
C SER H 399 -4.93 13.88 -79.21
N LYS H 400 -4.95 14.30 -77.95
CA LYS H 400 -3.76 14.81 -77.29
C LYS H 400 -3.13 13.82 -76.34
N ALA H 401 -3.77 12.67 -76.15
CA ALA H 401 -3.26 11.64 -75.24
C ALA H 401 -1.84 11.23 -75.60
N GLU H 402 -0.93 11.31 -74.64
CA GLU H 402 0.47 10.96 -74.86
C GLU H 402 0.60 9.61 -75.55
N CYS H 403 -0.38 8.75 -75.33
CA CYS H 403 -0.42 7.43 -75.97
C CYS H 403 -1.73 6.71 -75.66
N THR H 404 -1.99 5.66 -76.42
CA THR H 404 -3.21 4.89 -76.29
C THR H 404 -3.07 3.76 -75.28
N ALA H 405 -4.21 3.22 -74.85
CA ALA H 405 -4.21 2.10 -73.93
C ALA H 405 -3.57 0.91 -74.62
N GLU H 406 -3.98 0.65 -75.85
CA GLU H 406 -3.44 -0.46 -76.63
C GLU H 406 -1.93 -0.32 -76.85
N GLN H 407 -1.48 0.90 -77.13
CA GLN H 407 -0.05 1.14 -77.34
C GLN H 407 0.71 0.88 -76.05
N LEU H 408 0.21 1.46 -74.95
CA LEU H 408 0.85 1.28 -73.67
C LEU H 408 0.96 -0.21 -73.38
N TYR H 409 -0.15 -0.93 -73.48
CA TYR H 409 -0.16 -2.36 -73.19
C TYR H 409 0.70 -3.16 -74.16
N LYS H 410 0.70 -2.79 -75.43
CA LYS H 410 1.49 -3.53 -76.40
C LYS H 410 3.00 -3.33 -76.21
N TYR H 411 3.43 -2.08 -76.09
CA TYR H 411 4.85 -1.77 -75.95
C TYR H 411 5.51 -1.97 -74.57
N THR H 412 4.73 -2.38 -73.57
CA THR H 412 5.31 -2.65 -72.25
C THR H 412 5.02 -4.11 -71.92
N GLU H 413 4.70 -4.87 -72.96
CA GLU H 413 4.40 -6.30 -72.85
C GLU H 413 3.33 -6.59 -71.80
N GLY H 414 2.34 -5.71 -71.72
CA GLY H 414 1.26 -5.89 -70.77
C GLY H 414 1.62 -5.61 -69.34
N ARG H 415 2.83 -5.15 -69.08
CA ARG H 415 3.27 -4.86 -67.72
C ARG H 415 3.01 -3.41 -67.30
N GLY H 416 2.82 -2.55 -68.28
CA GLY H 416 2.58 -1.16 -67.98
C GLY H 416 1.25 -0.95 -67.29
N ILE H 417 1.22 -0.08 -66.27
CA ILE H 417 0.00 0.25 -65.56
C ILE H 417 -0.45 1.56 -66.19
N PHE H 418 -1.57 1.53 -66.91
CA PHE H 418 -2.06 2.71 -67.62
C PHE H 418 -3.26 3.44 -67.02
N ALA H 419 -3.34 4.72 -67.35
CA ALA H 419 -4.40 5.61 -66.91
C ALA H 419 -4.34 6.84 -67.84
N SER H 420 -5.50 7.32 -68.27
CA SER H 420 -5.55 8.47 -69.17
C SER H 420 -6.65 9.47 -68.83
N GLY H 421 -6.51 10.68 -69.35
CA GLY H 421 -7.49 11.73 -69.11
C GLY H 421 -8.77 11.47 -69.88
N SER H 422 -8.63 10.96 -71.09
CA SER H 422 -9.77 10.62 -71.94
C SER H 422 -9.96 9.11 -71.95
N PRO H 423 -11.18 8.65 -72.22
CA PRO H 423 -11.49 7.22 -72.24
C PRO H 423 -11.02 6.37 -73.41
N PHE H 424 -10.55 5.17 -73.06
CA PHE H 424 -10.10 4.16 -74.01
C PHE H 424 -10.87 2.88 -73.75
N ASP H 425 -11.06 2.07 -74.80
CA ASP H 425 -11.79 0.82 -74.66
C ASP H 425 -10.95 -0.24 -73.98
N PRO H 426 -11.62 -1.23 -73.38
CA PRO H 426 -10.90 -2.31 -72.71
C PRO H 426 -9.92 -2.90 -73.71
N VAL H 427 -8.83 -3.45 -73.23
CA VAL H 427 -7.83 -4.06 -74.11
C VAL H 427 -7.65 -5.50 -73.72
N THR H 428 -7.58 -6.38 -74.71
CA THR H 428 -7.38 -7.80 -74.44
C THR H 428 -5.98 -8.16 -74.84
N LEU H 429 -5.16 -8.44 -73.83
CA LEU H 429 -3.77 -8.82 -74.03
C LEU H 429 -3.67 -10.14 -74.78
N PRO H 430 -2.52 -10.40 -75.42
CA PRO H 430 -2.31 -11.63 -76.18
C PRO H 430 -2.62 -12.86 -75.31
N SER H 431 -2.40 -12.70 -74.01
CA SER H 431 -2.64 -13.79 -73.08
C SER H 431 -4.12 -14.13 -72.93
N GLY H 432 -4.99 -13.27 -73.42
CA GLY H 432 -6.41 -13.51 -73.30
C GLY H 432 -7.01 -12.65 -72.21
N GLN H 433 -6.15 -12.14 -71.33
CA GLN H 433 -6.59 -11.28 -70.25
C GLN H 433 -7.05 -9.91 -70.75
N THR H 434 -8.17 -9.44 -70.23
CA THR H 434 -8.72 -8.15 -70.63
C THR H 434 -8.49 -7.11 -69.55
N LEU H 435 -7.84 -6.01 -69.91
CA LEU H 435 -7.56 -4.95 -68.96
C LEU H 435 -8.47 -3.79 -69.25
N TYR H 436 -8.90 -3.10 -68.19
CA TYR H 436 -9.81 -1.97 -68.33
C TYR H 436 -9.12 -0.72 -67.83
N PRO H 437 -8.45 0.00 -68.73
CA PRO H 437 -7.72 1.24 -68.40
C PRO H 437 -8.58 2.25 -67.66
N GLY H 438 -8.05 2.76 -66.54
CA GLY H 438 -8.76 3.74 -65.74
C GLY H 438 -8.64 5.15 -66.28
N GLN H 439 -9.60 6.01 -65.96
CA GLN H 439 -9.60 7.38 -66.47
C GLN H 439 -9.18 8.39 -65.41
N GLY H 440 -7.91 8.79 -65.41
CA GLY H 440 -7.46 9.78 -64.45
C GLY H 440 -7.91 11.15 -64.90
N ASN H 441 -9.12 11.54 -64.52
CA ASN H 441 -9.70 12.80 -64.94
C ASN H 441 -10.35 13.49 -63.75
N ASN H 442 -10.39 14.83 -63.80
CA ASN H 442 -11.01 15.65 -62.76
C ASN H 442 -12.33 15.11 -62.28
N SER H 443 -13.17 14.70 -63.23
CA SER H 443 -14.48 14.17 -62.96
C SER H 443 -14.59 13.29 -61.71
N TYR H 444 -13.50 12.62 -61.33
CA TYR H 444 -13.54 11.77 -60.14
C TYR H 444 -13.44 12.60 -58.86
N VAL H 445 -13.05 13.86 -59.02
CA VAL H 445 -12.86 14.73 -57.86
C VAL H 445 -13.85 15.87 -57.66
N PHE H 446 -13.99 16.75 -58.64
CA PHE H 446 -14.85 17.91 -58.47
C PHE H 446 -16.31 17.67 -58.11
N PRO H 447 -16.91 16.57 -58.60
CA PRO H 447 -18.32 16.38 -58.22
C PRO H 447 -18.47 16.17 -56.70
N GLY H 448 -17.65 15.28 -56.14
CA GLY H 448 -17.71 15.00 -54.72
C GLY H 448 -17.24 16.15 -53.86
N VAL H 449 -16.21 16.86 -54.31
CA VAL H 449 -15.73 17.97 -53.53
C VAL H 449 -16.80 19.05 -53.45
N ALA H 450 -17.57 19.19 -54.53
CA ALA H 450 -18.64 20.19 -54.57
C ALA H 450 -19.79 19.73 -53.69
N LEU H 451 -20.10 18.44 -53.74
CA LEU H 451 -21.17 17.94 -52.91
C LEU H 451 -20.78 18.21 -51.46
N GLY H 452 -19.51 17.93 -51.15
CA GLY H 452 -19.02 18.14 -49.80
C GLY H 452 -19.03 19.59 -49.36
N VAL H 453 -18.32 20.43 -50.08
CA VAL H 453 -18.27 21.84 -49.72
C VAL H 453 -19.68 22.38 -49.52
N ILE H 454 -20.51 22.22 -50.55
CA ILE H 454 -21.88 22.72 -50.50
C ILE H 454 -22.66 22.24 -49.29
N SER H 455 -22.47 20.97 -48.93
CA SER H 455 -23.20 20.39 -47.80
C SER H 455 -22.85 20.96 -46.44
N CYS H 456 -21.56 21.09 -46.16
CA CYS H 456 -21.11 21.58 -44.87
C CYS H 456 -20.72 23.04 -44.89
N GLY H 457 -20.70 23.65 -46.07
CA GLY H 457 -20.31 25.04 -46.16
C GLY H 457 -18.87 25.29 -45.73
N LEU H 458 -17.95 24.53 -46.30
CA LEU H 458 -16.53 24.68 -46.01
C LEU H 458 -16.20 26.07 -46.53
N LYS H 459 -15.65 26.92 -45.67
CA LYS H 459 -15.35 28.29 -46.08
C LYS H 459 -14.19 28.40 -47.07
N HIS H 460 -13.17 27.59 -46.87
CA HIS H 460 -12.02 27.64 -47.75
C HIS H 460 -11.49 26.24 -47.96
N ILE H 461 -10.96 25.99 -49.14
CA ILE H 461 -10.48 24.66 -49.44
C ILE H 461 -8.96 24.61 -49.48
N GLY H 462 -8.37 23.92 -48.52
CA GLY H 462 -6.94 23.78 -48.45
C GLY H 462 -6.48 22.52 -49.18
N ASP H 463 -5.21 22.47 -49.56
CA ASP H 463 -4.66 21.32 -50.26
C ASP H 463 -4.96 20.00 -49.57
N ASP H 464 -5.07 20.06 -48.24
CA ASP H 464 -5.34 18.89 -47.42
C ASP H 464 -6.61 18.17 -47.89
N VAL H 465 -7.60 18.96 -48.31
CA VAL H 465 -8.87 18.42 -48.80
C VAL H 465 -8.64 17.54 -50.02
N PHE H 466 -7.77 17.99 -50.93
CA PHE H 466 -7.50 17.21 -52.13
C PHE H 466 -6.69 15.96 -51.85
N LEU H 467 -5.77 16.03 -50.88
CA LEU H 467 -4.98 14.84 -50.56
C LEU H 467 -5.88 13.80 -49.91
N THR H 468 -6.81 14.26 -49.07
CA THR H 468 -7.74 13.36 -48.39
C THR H 468 -8.67 12.71 -49.43
N THR H 469 -9.19 13.52 -50.34
CA THR H 469 -10.07 13.04 -51.40
C THR H 469 -9.35 11.96 -52.25
N ALA H 470 -8.05 12.14 -52.43
CA ALA H 470 -7.24 11.19 -53.21
C ALA H 470 -7.20 9.86 -52.49
N GLU H 471 -7.15 9.91 -51.16
CA GLU H 471 -7.10 8.69 -50.38
C GLU H 471 -8.48 8.05 -50.37
N VAL H 472 -9.52 8.89 -50.35
CA VAL H 472 -10.88 8.38 -50.36
C VAL H 472 -11.13 7.63 -51.66
N ILE H 473 -10.73 8.23 -52.77
CA ILE H 473 -10.91 7.60 -54.07
C ILE H 473 -10.15 6.26 -54.13
N ALA H 474 -8.86 6.30 -53.76
CA ALA H 474 -8.06 5.08 -53.78
C ALA H 474 -8.63 3.97 -52.91
N GLN H 475 -9.19 4.33 -51.76
CA GLN H 475 -9.78 3.35 -50.85
C GLN H 475 -10.99 2.65 -51.45
N GLU H 476 -11.53 3.21 -52.52
CA GLU H 476 -12.68 2.61 -53.18
C GLU H 476 -12.28 1.68 -54.31
N VAL H 477 -10.98 1.58 -54.58
CA VAL H 477 -10.49 0.70 -55.63
C VAL H 477 -10.33 -0.69 -55.02
N SER H 478 -11.11 -1.65 -55.49
CA SER H 478 -11.05 -3.00 -54.94
C SER H 478 -9.93 -3.82 -55.57
N GLU H 479 -9.64 -4.95 -54.95
CA GLU H 479 -8.62 -5.87 -55.43
C GLU H 479 -9.00 -6.28 -56.85
N GLU H 480 -10.28 -6.58 -57.02
CA GLU H 480 -10.83 -6.99 -58.31
C GLU H 480 -10.52 -5.93 -59.38
N ASN H 481 -10.74 -4.67 -59.03
CA ASN H 481 -10.49 -3.57 -59.94
C ASN H 481 -9.04 -3.60 -60.37
N LEU H 482 -8.16 -3.64 -59.37
CA LEU H 482 -6.72 -3.67 -59.61
C LEU H 482 -6.31 -4.84 -60.50
N GLN H 483 -6.91 -6.00 -60.30
CA GLN H 483 -6.57 -7.17 -61.10
C GLN H 483 -6.95 -7.01 -62.57
N GLU H 484 -7.83 -6.06 -62.87
CA GLU H 484 -8.26 -5.83 -64.25
C GLU H 484 -7.46 -4.70 -64.85
N GLY H 485 -6.61 -4.06 -64.03
CA GLY H 485 -5.80 -2.96 -64.50
C GLY H 485 -6.41 -1.59 -64.22
N ARG H 486 -7.39 -1.55 -63.33
CA ARG H 486 -8.05 -0.30 -62.99
C ARG H 486 -7.38 0.40 -61.84
N LEU H 487 -7.05 1.67 -62.01
CA LEU H 487 -6.43 2.42 -60.94
C LEU H 487 -7.49 3.27 -60.24
N TYR H 488 -8.72 3.21 -60.73
CA TYR H 488 -9.80 3.96 -60.12
C TYR H 488 -11.05 3.12 -60.10
N PRO H 489 -11.95 3.41 -59.15
CA PRO H 489 -13.16 2.59 -59.13
C PRO H 489 -13.93 2.80 -60.44
N PRO H 490 -14.66 1.77 -60.89
CA PRO H 490 -15.44 1.87 -62.14
C PRO H 490 -16.33 3.11 -62.18
N LEU H 491 -16.44 3.69 -63.36
CA LEU H 491 -17.25 4.89 -63.58
C LEU H 491 -18.70 4.72 -63.12
N VAL H 492 -19.23 3.53 -63.37
CA VAL H 492 -20.61 3.26 -63.01
C VAL H 492 -20.89 3.44 -61.50
N THR H 493 -19.82 3.56 -60.70
CA THR H 493 -19.97 3.73 -59.26
C THR H 493 -19.59 5.13 -58.81
N ILE H 494 -19.33 6.01 -59.77
CA ILE H 494 -18.90 7.37 -59.46
C ILE H 494 -19.78 8.16 -58.52
N GLN H 495 -21.08 7.84 -58.46
CA GLN H 495 -21.96 8.56 -57.53
C GLN H 495 -21.67 8.13 -56.09
N GLN H 496 -21.40 6.84 -55.89
CA GLN H 496 -21.07 6.33 -54.56
C GLN H 496 -19.76 6.96 -54.10
N VAL H 497 -18.80 6.97 -55.02
CA VAL H 497 -17.51 7.55 -54.75
C VAL H 497 -17.64 9.00 -54.32
N SER H 498 -18.48 9.74 -55.03
CA SER H 498 -18.68 11.15 -54.72
C SER H 498 -19.27 11.36 -53.34
N LEU H 499 -20.20 10.49 -52.99
CA LEU H 499 -20.85 10.58 -51.69
C LEU H 499 -19.81 10.47 -50.60
N LYS H 500 -18.96 9.44 -50.72
CA LYS H 500 -17.90 9.21 -49.76
C LYS H 500 -16.92 10.37 -49.68
N ILE H 501 -16.58 10.95 -50.82
CA ILE H 501 -15.67 12.08 -50.86
C ILE H 501 -16.32 13.25 -50.12
N ALA H 502 -17.63 13.39 -50.32
CA ALA H 502 -18.39 14.46 -49.69
C ALA H 502 -18.53 14.28 -48.19
N VAL H 503 -18.86 13.08 -47.74
CA VAL H 503 -19.03 12.80 -46.31
C VAL H 503 -17.74 13.06 -45.53
N ARG H 504 -16.63 12.60 -46.10
CA ARG H 504 -15.32 12.77 -45.50
C ARG H 504 -14.94 14.25 -45.40
N ILE H 505 -15.20 15.00 -46.46
CA ILE H 505 -14.90 16.43 -46.49
C ILE H 505 -15.69 17.11 -45.38
N ALA H 506 -16.95 16.73 -45.25
CA ALA H 506 -17.83 17.28 -44.22
C ALA H 506 -17.24 17.00 -42.84
N LYS H 507 -16.88 15.74 -42.59
CA LYS H 507 -16.31 15.38 -41.30
C LYS H 507 -15.14 16.28 -40.95
N GLU H 508 -14.16 16.34 -41.84
CA GLU H 508 -12.99 17.17 -41.59
C GLU H 508 -13.35 18.62 -41.36
N ALA H 509 -14.28 19.16 -42.12
CA ALA H 509 -14.69 20.55 -41.97
C ALA H 509 -15.15 20.82 -40.53
N TYR H 510 -16.04 19.98 -40.01
CA TYR H 510 -16.53 20.15 -38.65
C TYR H 510 -15.42 20.01 -37.62
N ARG H 511 -14.57 19.00 -37.78
CA ARG H 511 -13.47 18.77 -36.85
C ARG H 511 -12.56 19.99 -36.75
N ASN H 512 -12.19 20.54 -37.90
CA ASN H 512 -11.31 21.69 -37.96
C ASN H 512 -12.09 23.00 -37.89
N ASN H 513 -13.39 22.88 -37.60
CA ASN H 513 -14.28 24.03 -37.50
C ASN H 513 -14.24 24.99 -38.68
N THR H 514 -14.10 24.43 -39.88
CA THR H 514 -14.08 25.21 -41.10
C THR H 514 -15.45 25.17 -41.77
N ALA H 515 -16.36 24.41 -41.16
CA ALA H 515 -17.70 24.27 -41.67
C ALA H 515 -18.52 25.52 -41.39
N SER H 516 -19.72 25.57 -41.94
CA SER H 516 -20.60 26.72 -41.74
C SER H 516 -22.05 26.25 -41.52
N THR H 517 -22.39 25.08 -42.05
CA THR H 517 -23.73 24.53 -41.92
C THR H 517 -23.97 23.99 -40.51
N TYR H 518 -24.80 24.72 -39.75
CA TYR H 518 -25.12 24.37 -38.36
C TYR H 518 -26.63 24.40 -38.04
N PRO H 519 -27.05 23.61 -37.03
CA PRO H 519 -26.18 22.73 -36.23
C PRO H 519 -25.64 21.56 -37.06
N GLN H 520 -24.57 20.95 -36.57
CA GLN H 520 -23.95 19.82 -37.27
C GLN H 520 -24.85 18.58 -37.24
N PRO H 521 -25.10 17.95 -38.41
CA PRO H 521 -25.95 16.76 -38.48
C PRO H 521 -25.38 15.63 -37.64
N GLU H 522 -26.24 14.86 -36.99
CA GLU H 522 -25.76 13.76 -36.17
C GLU H 522 -25.21 12.67 -37.05
N ASP H 523 -25.76 12.55 -38.25
CA ASP H 523 -25.34 11.54 -39.21
C ASP H 523 -25.09 12.20 -40.57
N LEU H 524 -23.84 12.58 -40.81
CA LEU H 524 -23.46 13.25 -42.06
C LEU H 524 -23.83 12.51 -43.36
N GLU H 525 -23.59 11.21 -43.42
CA GLU H 525 -23.92 10.49 -44.64
C GLU H 525 -25.41 10.55 -44.93
N ALA H 526 -26.22 10.44 -43.90
CA ALA H 526 -27.66 10.50 -44.08
C ALA H 526 -28.06 11.89 -44.51
N PHE H 527 -27.41 12.89 -43.93
CA PHE H 527 -27.70 14.27 -44.27
C PHE H 527 -27.40 14.49 -45.74
N ILE H 528 -26.16 14.21 -46.13
CA ILE H 528 -25.75 14.41 -47.51
C ILE H 528 -26.68 13.63 -48.46
N ARG H 529 -26.94 12.37 -48.14
CA ARG H 529 -27.82 11.58 -48.98
C ARG H 529 -29.13 12.29 -49.24
N SER H 530 -29.66 12.93 -48.21
CA SER H 530 -30.94 13.63 -48.34
C SER H 530 -30.83 14.91 -49.15
N GLN H 531 -29.61 15.41 -49.31
CA GLN H 531 -29.36 16.64 -50.04
C GLN H 531 -29.15 16.40 -51.54
N VAL H 532 -28.87 15.15 -51.91
CA VAL H 532 -28.62 14.79 -53.30
C VAL H 532 -29.80 14.98 -54.24
N TYR H 533 -29.50 15.41 -55.46
CA TYR H 533 -30.52 15.65 -56.49
C TYR H 533 -31.23 14.36 -56.85
N SER H 534 -32.52 14.48 -57.17
CA SER H 534 -33.24 13.30 -57.59
C SER H 534 -33.66 13.40 -59.02
N THR H 535 -33.58 12.28 -59.70
CA THR H 535 -33.93 12.19 -61.11
C THR H 535 -35.45 12.13 -61.30
N ASP H 536 -36.17 11.71 -60.27
CA ASP H 536 -37.62 11.59 -60.37
C ASP H 536 -38.37 12.90 -60.57
N TYR H 537 -39.47 12.81 -61.30
CA TYR H 537 -40.31 13.96 -61.56
C TYR H 537 -41.11 14.25 -60.29
N ASN H 538 -41.41 15.51 -60.05
CA ASN H 538 -42.22 15.90 -58.89
C ASN H 538 -43.69 15.95 -59.31
N CYS H 539 -44.59 16.03 -58.35
CA CYS H 539 -46.01 16.08 -58.67
C CYS H 539 -46.47 17.54 -58.69
N PHE H 540 -47.08 17.96 -59.79
CA PHE H 540 -47.56 19.34 -59.96
C PHE H 540 -49.01 19.60 -59.56
N VAL H 541 -49.71 18.57 -59.10
CA VAL H 541 -51.09 18.72 -58.67
C VAL H 541 -51.15 19.57 -57.38
N ALA H 542 -52.10 20.47 -57.29
CA ALA H 542 -52.21 21.29 -56.08
C ALA H 542 -52.43 20.42 -54.84
N ASP H 543 -51.90 20.87 -53.71
CA ASP H 543 -52.05 20.15 -52.46
C ASP H 543 -53.42 20.46 -51.89
N SER H 544 -54.41 19.62 -52.25
CA SER H 544 -55.77 19.82 -51.79
C SER H 544 -56.13 18.85 -50.66
N TYR H 545 -56.82 19.39 -49.66
CA TYR H 545 -57.25 18.63 -48.51
C TYR H 545 -58.43 19.36 -47.93
N THR H 546 -59.24 18.64 -47.17
CA THR H 546 -60.44 19.21 -46.60
C THR H 546 -60.34 19.61 -45.12
N TRP H 547 -61.13 20.61 -44.74
CA TRP H 547 -61.22 21.11 -43.37
C TRP H 547 -62.50 20.45 -42.83
N PRO H 548 -62.74 20.50 -41.51
CA PRO H 548 -63.98 19.88 -40.99
C PRO H 548 -65.10 20.55 -41.75
N GLU H 549 -66.32 20.05 -41.71
CA GLU H 549 -67.36 20.70 -42.48
C GLU H 549 -67.92 21.98 -41.88
N GLU H 550 -67.84 22.07 -40.55
CA GLU H 550 -68.34 23.24 -39.83
C GLU H 550 -67.42 24.43 -40.10
N ALA H 551 -66.12 24.16 -40.15
CA ALA H 551 -65.12 25.19 -40.38
C ALA H 551 -65.05 25.59 -41.84
N MSE H 552 -65.48 24.69 -42.71
CA MSE H 552 -65.46 24.92 -44.14
C MSE H 552 -66.77 25.50 -44.67
O MSE H 552 -66.94 25.71 -45.88
CB MSE H 552 -65.18 23.60 -44.82
CG MSE H 552 -64.60 23.69 -46.19
SE MSE H 552 -64.18 21.89 -46.63
CE MSE H 552 -65.74 21.44 -47.67
N LYS H 553 -67.70 25.77 -43.75
CA LYS H 553 -69.01 26.33 -44.07
C LYS H 553 -68.91 27.72 -44.69
N VAL H 554 -69.71 27.97 -45.72
CA VAL H 554 -69.74 29.28 -46.39
C VAL H 554 -70.89 30.10 -45.80
N LYS H 555 -70.56 31.23 -45.18
CA LYS H 555 -71.58 32.10 -44.59
C LYS H 555 -71.78 33.30 -45.53
N LYS I 1 13.31 -60.58 -15.45
CA LYS I 1 12.99 -59.56 -14.44
C LYS I 1 12.11 -60.16 -13.35
N LYS I 2 11.84 -59.35 -12.33
CA LYS I 2 11.00 -59.75 -11.22
C LYS I 2 10.43 -58.50 -10.56
N GLY I 3 9.45 -58.68 -9.68
CA GLY I 3 8.83 -57.53 -9.03
C GLY I 3 7.83 -56.84 -9.94
N TYR I 4 7.20 -55.79 -9.41
CA TYR I 4 6.21 -55.00 -10.15
C TYR I 4 6.72 -54.56 -11.52
N GLU I 5 8.03 -54.57 -11.68
CA GLU I 5 8.66 -54.18 -12.92
C GLU I 5 8.19 -55.10 -14.06
N VAL I 6 7.80 -56.32 -13.70
CA VAL I 6 7.32 -57.30 -14.66
C VAL I 6 5.93 -56.94 -15.18
N LEU I 7 5.07 -56.47 -14.29
CA LEU I 7 3.72 -56.10 -14.67
C LEU I 7 3.69 -54.88 -15.58
N ARG I 8 4.74 -54.06 -15.52
CA ARG I 8 4.82 -52.85 -16.33
C ARG I 8 5.45 -53.12 -17.68
N ASP I 9 5.96 -54.32 -17.86
CA ASP I 9 6.60 -54.70 -19.13
C ASP I 9 5.62 -55.57 -19.92
N PRO I 10 5.01 -55.00 -20.97
CA PRO I 10 4.03 -55.74 -21.80
C PRO I 10 4.54 -57.01 -22.48
N HIS I 11 5.85 -57.14 -22.65
CA HIS I 11 6.36 -58.35 -23.27
C HIS I 11 6.32 -59.48 -22.25
N LEU I 12 6.29 -59.12 -20.97
CA LEU I 12 6.26 -60.13 -19.91
C LEU I 12 4.91 -60.27 -19.23
N ASN I 13 4.29 -59.14 -18.93
CA ASN I 13 3.02 -59.10 -18.22
C ASN I 13 1.92 -60.02 -18.73
N LYS I 14 1.42 -60.89 -17.86
CA LYS I 14 0.35 -61.81 -18.18
C LYS I 14 -0.91 -61.37 -17.45
N GLY I 15 -0.80 -60.30 -16.69
CA GLY I 15 -1.94 -59.81 -15.94
C GLY I 15 -2.43 -60.87 -14.97
N MSE I 16 -3.73 -61.00 -14.82
CA MSE I 16 -4.28 -61.99 -13.90
C MSE I 16 -4.08 -63.45 -14.33
O MSE I 16 -4.51 -64.37 -13.64
CB MSE I 16 -5.77 -61.68 -13.65
CG MSE I 16 -6.01 -60.36 -12.91
SE MSE I 16 -7.89 -59.89 -12.56
CE MSE I 16 -8.20 -58.66 -14.00
N ALA I 17 -3.40 -63.64 -15.45
CA ALA I 17 -3.13 -65.00 -15.92
C ALA I 17 -1.93 -65.57 -15.18
N PHE I 18 -1.25 -64.73 -14.40
CA PHE I 18 -0.11 -65.18 -13.63
C PHE I 18 -0.62 -66.12 -12.56
N THR I 19 -0.05 -67.32 -12.52
CA THR I 19 -0.40 -68.36 -11.57
C THR I 19 -0.04 -67.93 -10.16
N LEU I 20 -0.71 -68.52 -9.17
CA LEU I 20 -0.39 -68.18 -7.79
C LEU I 20 1.10 -68.39 -7.62
N GLU I 21 1.57 -69.57 -8.02
CA GLU I 21 2.99 -69.90 -7.89
C GLU I 21 3.88 -68.89 -8.60
N GLU I 22 3.49 -68.46 -9.80
CA GLU I 22 4.29 -67.48 -10.53
C GLU I 22 4.34 -66.17 -9.76
N ARG I 23 3.18 -65.72 -9.29
CA ARG I 23 3.12 -64.46 -8.54
C ARG I 23 4.07 -64.52 -7.36
N GLN I 24 4.00 -65.62 -6.60
CA GLN I 24 4.85 -65.79 -5.44
C GLN I 24 6.33 -65.67 -5.80
N GLN I 25 6.77 -66.46 -6.78
CA GLN I 25 8.17 -66.45 -7.19
C GLN I 25 8.62 -65.17 -7.89
N LEU I 26 7.67 -64.47 -8.51
CA LEU I 26 7.99 -63.23 -9.20
C LEU I 26 7.96 -62.04 -8.25
N ASN I 27 7.45 -62.26 -7.03
CA ASN I 27 7.36 -61.21 -6.03
C ASN I 27 6.30 -60.18 -6.38
N ILE I 28 5.16 -60.62 -6.90
CA ILE I 28 4.10 -59.70 -7.26
C ILE I 28 2.79 -60.12 -6.64
N HIS I 29 2.84 -61.20 -5.86
CA HIS I 29 1.63 -61.69 -5.22
C HIS I 29 1.09 -60.63 -4.29
N GLY I 30 -0.12 -60.17 -4.61
CA GLY I 30 -0.74 -59.12 -3.81
C GLY I 30 -0.92 -57.89 -4.68
N LEU I 31 -0.13 -57.81 -5.74
CA LEU I 31 -0.21 -56.70 -6.67
C LEU I 31 -1.35 -56.92 -7.70
N LEU I 32 -1.90 -58.12 -7.66
CA LEU I 32 -2.99 -58.50 -8.56
C LEU I 32 -4.17 -59.05 -7.77
N PRO I 33 -5.40 -58.79 -8.26
CA PRO I 33 -6.57 -59.30 -7.55
C PRO I 33 -6.53 -60.83 -7.44
N PRO I 34 -7.18 -61.39 -6.40
CA PRO I 34 -7.28 -62.81 -6.09
C PRO I 34 -8.05 -63.75 -7.03
N CYS I 35 -7.83 -63.60 -8.32
CA CYS I 35 -8.48 -64.47 -9.29
C CYS I 35 -7.49 -64.77 -10.41
N PHE I 36 -7.50 -66.00 -10.89
CA PHE I 36 -6.59 -66.43 -11.93
C PHE I 36 -7.39 -66.82 -13.14
N LEU I 37 -7.01 -66.33 -14.31
CA LEU I 37 -7.76 -66.68 -15.49
C LEU I 37 -6.92 -66.97 -16.72
N GLY I 38 -7.53 -67.62 -17.70
CA GLY I 38 -6.84 -67.95 -18.94
C GLY I 38 -7.05 -66.87 -19.97
N GLN I 39 -6.34 -66.94 -21.09
CA GLN I 39 -6.50 -65.92 -22.12
C GLN I 39 -7.95 -65.79 -22.56
N ASP I 40 -8.63 -66.92 -22.78
CA ASP I 40 -10.03 -66.87 -23.19
C ASP I 40 -10.81 -65.91 -22.31
N ALA I 41 -10.62 -66.04 -21.00
CA ALA I 41 -11.34 -65.19 -20.09
C ALA I 41 -10.92 -63.74 -20.30
N GLN I 42 -9.62 -63.51 -20.47
CA GLN I 42 -9.15 -62.14 -20.66
C GLN I 42 -9.68 -61.56 -21.95
N VAL I 43 -9.71 -62.37 -23.00
CA VAL I 43 -10.21 -61.91 -24.28
C VAL I 43 -11.66 -61.49 -24.16
N TYR I 44 -12.43 -62.24 -23.36
CA TYR I 44 -13.85 -61.91 -23.16
C TYR I 44 -13.98 -60.50 -22.59
N SER I 45 -13.16 -60.16 -21.60
CA SER I 45 -13.20 -58.84 -20.99
C SER I 45 -12.81 -57.75 -21.98
N ILE I 46 -11.87 -58.06 -22.86
CA ILE I 46 -11.48 -57.09 -23.86
C ILE I 46 -12.67 -56.85 -24.77
N LEU I 47 -13.32 -57.92 -25.22
CA LEU I 47 -14.47 -57.75 -26.10
C LEU I 47 -15.60 -56.95 -25.46
N LYS I 48 -15.85 -57.17 -24.17
CA LYS I 48 -16.90 -56.39 -23.51
C LYS I 48 -16.51 -54.92 -23.50
N ASN I 49 -15.22 -54.64 -23.31
CA ASN I 49 -14.76 -53.26 -23.30
C ASN I 49 -14.79 -52.66 -24.68
N PHE I 50 -14.55 -53.47 -25.70
CA PHE I 50 -14.56 -53.00 -27.08
C PHE I 50 -16.00 -52.73 -27.53
N GLU I 51 -16.89 -53.66 -27.21
CA GLU I 51 -18.30 -53.55 -27.59
C GLU I 51 -18.94 -52.24 -27.15
N ARG I 52 -18.69 -51.85 -25.91
CA ARG I 52 -19.31 -50.65 -25.39
C ARG I 52 -18.79 -49.33 -25.93
N LEU I 53 -17.69 -49.36 -26.67
CA LEU I 53 -17.15 -48.11 -27.24
C LEU I 53 -18.05 -47.66 -28.39
N THR I 54 -18.08 -46.35 -28.65
CA THR I 54 -18.91 -45.78 -29.71
C THR I 54 -18.18 -44.99 -30.80
N SER I 55 -16.88 -45.23 -30.95
CA SER I 55 -16.08 -44.52 -31.96
C SER I 55 -14.90 -45.39 -32.41
N ASP I 56 -14.52 -45.27 -33.68
CA ASP I 56 -13.39 -46.04 -34.17
C ASP I 56 -12.12 -45.57 -33.47
N LEU I 57 -11.98 -44.26 -33.32
CA LEU I 57 -10.81 -43.72 -32.66
C LEU I 57 -10.67 -44.30 -31.26
N ASP I 58 -11.79 -44.45 -30.55
CA ASP I 58 -11.77 -45.00 -29.20
C ASP I 58 -11.41 -46.50 -29.21
N ARG I 59 -11.93 -47.23 -30.20
CA ARG I 59 -11.64 -48.66 -30.28
C ARG I 59 -10.15 -48.81 -30.53
N TYR I 60 -9.63 -47.88 -31.32
CA TYR I 60 -8.21 -47.84 -31.64
C TYR I 60 -7.40 -47.70 -30.36
N ILE I 61 -7.66 -46.62 -29.62
CA ILE I 61 -6.95 -46.34 -28.38
C ILE I 61 -7.05 -47.50 -27.39
N LEU I 62 -8.21 -48.16 -27.36
CA LEU I 62 -8.36 -49.28 -26.46
C LEU I 62 -7.31 -50.35 -26.82
N LEU I 63 -7.29 -50.76 -28.08
CA LEU I 63 -6.33 -51.78 -28.52
C LEU I 63 -4.88 -51.36 -28.37
N MSE I 64 -4.59 -50.08 -28.62
CA MSE I 64 -3.23 -49.60 -28.48
C MSE I 64 -2.77 -49.68 -27.03
O MSE I 64 -1.62 -50.01 -26.75
CB MSE I 64 -3.12 -48.16 -28.99
CG MSE I 64 -3.21 -48.05 -30.50
SE MSE I 64 -1.93 -49.20 -31.41
CE MSE I 64 -0.40 -48.93 -30.24
N SER I 65 -3.67 -49.41 -26.10
CA SER I 65 -3.34 -49.50 -24.69
C SER I 65 -3.18 -50.95 -24.33
N LEU I 66 -3.91 -51.81 -25.03
CA LEU I 66 -3.84 -53.23 -24.76
C LEU I 66 -2.44 -53.66 -25.12
N GLN I 67 -1.99 -53.19 -26.29
CA GLN I 67 -0.66 -53.52 -26.79
C GLN I 67 0.44 -53.07 -25.86
N ASP I 68 0.23 -51.94 -25.19
CA ASP I 68 1.22 -51.40 -24.26
C ASP I 68 1.12 -52.02 -22.88
N ARG I 69 0.19 -52.95 -22.70
CA ARG I 69 0.00 -53.58 -21.39
C ARG I 69 0.29 -55.08 -21.36
N ASN I 70 -0.18 -55.80 -22.37
CA ASN I 70 -0.03 -57.26 -22.43
C ASN I 70 0.11 -57.74 -23.88
N GLU I 71 1.35 -57.88 -24.32
CA GLU I 71 1.69 -58.30 -25.69
C GLU I 71 0.91 -59.51 -26.15
N LYS I 72 1.17 -60.65 -25.52
CA LYS I 72 0.47 -61.88 -25.88
C LYS I 72 -1.02 -61.66 -26.01
N LEU I 73 -1.63 -61.10 -24.98
CA LEU I 73 -3.06 -60.86 -25.00
C LEU I 73 -3.46 -60.02 -26.22
N PHE I 74 -2.67 -58.99 -26.52
CA PHE I 74 -2.97 -58.11 -27.64
C PHE I 74 -3.09 -58.89 -28.93
N TYR I 75 -2.07 -59.69 -29.23
CA TYR I 75 -2.09 -60.48 -30.45
C TYR I 75 -3.10 -61.64 -30.38
N LYS I 76 -3.51 -62.01 -29.18
CA LYS I 76 -4.50 -63.07 -29.03
C LYS I 76 -5.83 -62.50 -29.51
N VAL I 77 -6.12 -61.27 -29.10
CA VAL I 77 -7.34 -60.61 -29.49
C VAL I 77 -7.36 -60.37 -31.00
N LEU I 78 -6.28 -59.81 -31.55
CA LEU I 78 -6.22 -59.56 -32.99
C LEU I 78 -6.44 -60.83 -33.79
N THR I 79 -5.69 -61.88 -33.52
CA THR I 79 -5.86 -63.10 -34.29
C THR I 79 -7.16 -63.85 -34.01
N SER I 80 -7.88 -63.44 -32.98
CA SER I 80 -9.13 -64.12 -32.63
C SER I 80 -10.23 -63.81 -33.62
N ASP I 81 -10.13 -62.65 -34.26
CA ASP I 81 -11.11 -62.20 -35.25
C ASP I 81 -10.41 -61.14 -36.10
N ILE I 82 -9.45 -61.60 -36.88
CA ILE I 82 -8.67 -60.73 -37.74
C ILE I 82 -9.51 -59.80 -38.60
N GLU I 83 -10.64 -60.26 -39.13
CA GLU I 83 -11.45 -59.39 -39.97
C GLU I 83 -12.14 -58.26 -39.24
N ARG I 84 -12.30 -58.45 -37.94
CA ARG I 84 -12.94 -57.45 -37.12
C ARG I 84 -11.94 -56.41 -36.60
N PHE I 85 -10.79 -56.89 -36.15
CA PHE I 85 -9.81 -55.99 -35.59
C PHE I 85 -8.74 -55.39 -36.54
N MSE I 86 -8.50 -56.01 -37.67
CA MSE I 86 -7.50 -55.46 -38.60
C MSE I 86 -7.92 -54.06 -39.05
O MSE I 86 -7.07 -53.17 -39.21
CB MSE I 86 -7.36 -56.39 -39.80
CG MSE I 86 -6.10 -56.17 -40.60
SE MSE I 86 -6.08 -57.34 -42.14
CE MSE I 86 -5.14 -58.84 -41.41
N PRO I 87 -9.22 -53.83 -39.28
CA PRO I 87 -9.73 -52.51 -39.70
C PRO I 87 -9.56 -51.42 -38.62
N ILE I 88 -9.29 -51.84 -37.38
CA ILE I 88 -9.10 -50.90 -36.28
C ILE I 88 -7.64 -50.58 -36.14
N VAL I 89 -6.83 -51.64 -36.13
CA VAL I 89 -5.39 -51.54 -35.97
C VAL I 89 -4.65 -51.16 -37.27
N TYR I 90 -5.30 -51.36 -38.41
CA TYR I 90 -4.72 -51.07 -39.71
C TYR I 90 -5.71 -50.18 -40.46
N THR I 91 -5.77 -50.25 -41.80
CA THR I 91 -6.73 -49.41 -42.53
C THR I 91 -8.17 -49.89 -42.37
N PRO I 92 -9.11 -48.94 -42.32
CA PRO I 92 -8.86 -47.51 -42.41
C PRO I 92 -8.67 -46.74 -41.10
N THR I 93 -8.91 -47.40 -39.97
CA THR I 93 -8.78 -46.68 -38.71
C THR I 93 -7.39 -46.11 -38.41
N VAL I 94 -6.33 -46.85 -38.74
CA VAL I 94 -4.98 -46.36 -38.47
C VAL I 94 -4.75 -44.99 -39.09
N GLY I 95 -5.40 -44.73 -40.22
CA GLY I 95 -5.28 -43.45 -40.88
C GLY I 95 -5.91 -42.35 -40.04
N LEU I 96 -7.11 -42.64 -39.54
CA LEU I 96 -7.83 -41.70 -38.70
C LEU I 96 -6.99 -41.45 -37.44
N ALA I 97 -6.39 -42.51 -36.92
CA ALA I 97 -5.55 -42.41 -35.74
C ALA I 97 -4.37 -41.50 -36.02
N CYS I 98 -3.79 -41.62 -37.20
CA CYS I 98 -2.65 -40.76 -37.53
C CYS I 98 -3.08 -39.29 -37.61
N GLN I 99 -4.25 -39.05 -38.16
CA GLN I 99 -4.77 -37.69 -38.29
C GLN I 99 -4.97 -37.03 -36.93
N HIS I 100 -5.19 -37.84 -35.91
CA HIS I 100 -5.40 -37.32 -34.56
C HIS I 100 -4.40 -37.97 -33.60
N TYR I 101 -3.21 -38.30 -34.09
CA TYR I 101 -2.23 -38.97 -33.26
C TYR I 101 -1.93 -38.23 -31.95
N GLY I 102 -1.83 -36.90 -32.03
CA GLY I 102 -1.56 -36.11 -30.85
C GLY I 102 -2.64 -36.35 -29.80
N LEU I 103 -3.88 -36.34 -30.27
CA LEU I 103 -5.03 -36.56 -29.41
C LEU I 103 -5.04 -38.01 -28.87
N ALA I 104 -4.76 -38.98 -29.71
CA ALA I 104 -4.78 -40.38 -29.29
C ALA I 104 -3.55 -40.84 -28.52
N PHE I 105 -2.55 -39.97 -28.42
CA PHE I 105 -1.33 -40.33 -27.73
C PHE I 105 -1.53 -40.61 -26.24
N ARG I 106 -0.94 -41.70 -25.78
CA ARG I 106 -1.01 -42.07 -24.37
C ARG I 106 0.44 -42.35 -23.93
N ARG I 107 0.97 -43.53 -24.29
CA ARG I 107 2.33 -43.92 -23.97
C ARG I 107 3.08 -44.07 -25.29
N PRO I 108 4.34 -43.62 -25.36
CA PRO I 108 5.12 -43.70 -26.59
C PRO I 108 5.40 -45.13 -27.08
N ARG I 109 5.59 -45.24 -28.37
CA ARG I 109 5.87 -46.53 -28.97
C ARG I 109 6.76 -46.28 -30.17
N GLY I 110 7.87 -46.99 -30.26
CA GLY I 110 8.78 -46.79 -31.36
C GLY I 110 9.93 -45.85 -31.07
N LEU I 111 10.82 -45.71 -32.05
CA LEU I 111 12.01 -44.86 -31.92
C LEU I 111 11.84 -43.61 -32.79
N PHE I 112 12.00 -42.44 -32.20
CA PHE I 112 11.86 -41.21 -32.94
C PHE I 112 13.24 -40.63 -33.16
N ILE I 113 13.70 -40.63 -34.41
CA ILE I 113 15.00 -40.08 -34.75
C ILE I 113 14.80 -38.83 -35.58
N THR I 114 15.43 -37.76 -35.14
CA THR I 114 15.32 -36.45 -35.77
C THR I 114 16.50 -36.05 -36.63
N ILE I 115 16.28 -35.10 -37.53
CA ILE I 115 17.31 -34.57 -38.39
C ILE I 115 18.36 -33.92 -37.49
N HIS I 116 17.93 -33.45 -36.31
CA HIS I 116 18.84 -32.79 -35.35
C HIS I 116 19.69 -33.78 -34.56
N ASP I 117 19.52 -35.07 -34.81
CA ASP I 117 20.29 -36.08 -34.09
C ASP I 117 21.36 -36.69 -34.97
N ARG I 118 21.64 -36.07 -36.10
CA ARG I 118 22.67 -36.59 -36.99
C ARG I 118 23.99 -36.72 -36.25
N GLY I 119 24.65 -37.85 -36.45
CA GLY I 119 25.91 -38.09 -35.80
C GLY I 119 25.76 -38.80 -34.48
N HIS I 120 24.52 -39.05 -34.06
CA HIS I 120 24.31 -39.70 -32.77
C HIS I 120 23.27 -40.83 -32.83
N ILE I 121 22.92 -41.29 -34.03
CA ILE I 121 21.92 -42.34 -34.15
C ILE I 121 22.33 -43.59 -33.42
N ALA I 122 23.57 -44.01 -33.61
CA ALA I 122 24.06 -45.21 -32.96
C ALA I 122 23.79 -45.17 -31.47
N THR I 123 24.03 -44.02 -30.85
CA THR I 123 23.80 -43.87 -29.42
C THR I 123 22.32 -44.07 -29.10
N MSE I 124 21.46 -43.54 -29.96
CA MSE I 124 20.03 -43.66 -29.74
C MSE I 124 19.51 -45.07 -29.84
O MSE I 124 18.54 -45.41 -29.17
CB MSE I 124 19.28 -42.76 -30.73
CG MSE I 124 19.65 -41.32 -30.58
SE MSE I 124 18.53 -40.27 -31.66
CE MSE I 124 17.03 -40.05 -30.50
N LEU I 125 20.13 -45.89 -30.66
CA LEU I 125 19.70 -47.27 -30.81
C LEU I 125 19.89 -48.00 -29.48
N GLN I 126 20.80 -47.48 -28.65
CA GLN I 126 21.06 -48.10 -27.37
C GLN I 126 19.85 -47.91 -26.48
N SER I 127 19.25 -46.72 -26.56
CA SER I 127 18.08 -46.36 -25.77
C SER I 127 16.98 -47.40 -25.92
N TRP I 128 17.03 -48.12 -27.03
CA TRP I 128 16.04 -49.14 -27.28
C TRP I 128 16.40 -50.39 -26.49
N PRO I 129 15.48 -50.84 -25.60
CA PRO I 129 15.63 -52.02 -24.74
C PRO I 129 16.20 -53.26 -25.44
N GLU I 130 15.65 -53.59 -26.60
CA GLU I 130 16.16 -54.75 -27.32
C GLU I 130 17.43 -54.43 -28.08
N SER I 131 18.34 -55.39 -28.09
CA SER I 131 19.61 -55.26 -28.78
C SER I 131 19.61 -56.20 -29.97
N VAL I 132 18.58 -57.04 -30.04
CA VAL I 132 18.41 -58.02 -31.10
C VAL I 132 17.16 -57.72 -31.93
N ILE I 133 17.34 -56.98 -33.01
CA ILE I 133 16.24 -56.61 -33.87
C ILE I 133 16.48 -57.21 -35.24
N LYS I 134 15.45 -57.83 -35.81
CA LYS I 134 15.59 -58.45 -37.12
C LYS I 134 14.82 -57.71 -38.21
N ALA I 135 13.84 -56.90 -37.81
CA ALA I 135 13.04 -56.15 -38.78
C ALA I 135 12.63 -54.74 -38.34
N ILE I 136 12.74 -53.78 -39.27
CA ILE I 136 12.41 -52.39 -39.01
C ILE I 136 11.50 -51.82 -40.07
N VAL I 137 10.49 -51.06 -39.64
CA VAL I 137 9.59 -50.39 -40.57
C VAL I 137 9.82 -48.91 -40.30
N VAL I 138 10.28 -48.17 -41.31
CA VAL I 138 10.58 -46.75 -41.12
C VAL I 138 9.76 -45.87 -42.03
N THR I 139 9.46 -44.68 -41.55
CA THR I 139 8.73 -43.72 -42.36
C THR I 139 9.19 -42.33 -41.95
N ASP I 140 8.97 -41.33 -42.80
CA ASP I 140 9.30 -39.97 -42.44
C ASP I 140 7.98 -39.22 -42.46
N GLY I 141 6.90 -40.00 -42.61
CA GLY I 141 5.54 -39.46 -42.63
C GLY I 141 5.14 -38.44 -43.69
N GLU I 142 5.79 -38.45 -44.85
CA GLU I 142 5.43 -37.46 -45.87
C GLU I 142 4.26 -37.91 -46.75
N ARG I 143 4.09 -39.22 -46.90
CA ARG I 143 3.02 -39.74 -47.72
C ARG I 143 2.28 -40.84 -46.94
N ILE I 144 1.52 -40.43 -45.93
CA ILE I 144 0.75 -41.37 -45.08
C ILE I 144 -0.56 -41.76 -45.77
N LEU I 145 -0.58 -42.95 -46.36
CA LEU I 145 -1.74 -43.42 -47.11
C LEU I 145 -2.05 -42.30 -48.13
N GLY I 146 -3.33 -42.07 -48.38
CA GLY I 146 -3.68 -41.01 -49.30
C GLY I 146 -3.95 -39.73 -48.53
N LEU I 147 -3.46 -39.66 -47.28
CA LEU I 147 -3.70 -38.51 -46.42
C LEU I 147 -2.66 -37.39 -46.44
N GLY I 148 -1.62 -37.53 -47.27
CA GLY I 148 -0.60 -36.51 -47.36
C GLY I 148 0.49 -36.53 -46.29
N ASP I 149 1.09 -35.38 -46.07
CA ASP I 149 2.16 -35.21 -45.08
C ASP I 149 1.60 -35.06 -43.66
N LEU I 150 1.69 -36.10 -42.85
CA LEU I 150 1.20 -36.02 -41.49
C LEU I 150 2.35 -35.95 -40.51
N GLY I 151 3.52 -35.57 -41.02
CA GLY I 151 4.70 -35.46 -40.18
C GLY I 151 4.89 -36.57 -39.16
N CYS I 152 5.15 -36.18 -37.91
CA CYS I 152 5.39 -37.14 -36.84
C CYS I 152 4.14 -37.92 -36.44
N TYR I 153 2.99 -37.47 -36.92
CA TYR I 153 1.74 -38.17 -36.61
C TYR I 153 1.72 -39.51 -37.35
N GLY I 154 2.59 -39.62 -38.35
CA GLY I 154 2.66 -40.84 -39.13
C GLY I 154 3.27 -42.04 -38.45
N MSE I 155 3.71 -41.88 -37.20
CA MSE I 155 4.29 -43.01 -36.49
C MSE I 155 3.25 -44.12 -36.36
O MSE I 155 3.59 -45.27 -36.10
CB MSE I 155 4.80 -42.55 -35.12
CG MSE I 155 5.31 -43.67 -34.22
SE MSE I 155 6.71 -44.75 -35.00
CE MSE I 155 8.21 -44.22 -33.91
N GLY I 156 1.98 -43.77 -36.55
CA GLY I 156 0.92 -44.75 -36.46
C GLY I 156 1.05 -45.87 -37.48
N ILE I 157 1.51 -45.51 -38.68
CA ILE I 157 1.67 -46.49 -39.75
C ILE I 157 2.69 -47.59 -39.43
N PRO I 158 3.94 -47.24 -39.08
CA PRO I 158 4.90 -48.30 -38.78
C PRO I 158 4.38 -49.27 -37.73
N VAL I 159 3.72 -48.72 -36.71
CA VAL I 159 3.17 -49.52 -35.63
C VAL I 159 2.05 -50.41 -36.16
N GLY I 160 1.29 -49.90 -37.11
CA GLY I 160 0.23 -50.69 -37.70
C GLY I 160 0.83 -51.82 -38.51
N LYS I 161 1.79 -51.51 -39.38
CA LYS I 161 2.45 -52.52 -40.21
C LYS I 161 3.04 -53.64 -39.37
N LEU I 162 3.74 -53.27 -38.30
CA LEU I 162 4.35 -54.26 -37.43
C LEU I 162 3.31 -55.11 -36.68
N ALA I 163 2.13 -54.52 -36.44
CA ALA I 163 1.08 -55.27 -35.78
C ALA I 163 0.75 -56.47 -36.65
N LEU I 164 0.62 -56.25 -37.96
CA LEU I 164 0.30 -57.30 -38.91
C LEU I 164 1.48 -58.22 -39.16
N TYR I 165 2.68 -57.70 -38.96
CA TYR I 165 3.90 -58.49 -39.13
C TYR I 165 3.67 -59.74 -38.30
N THR I 166 3.23 -59.52 -37.07
CA THR I 166 2.99 -60.58 -36.11
C THR I 166 1.64 -61.26 -36.31
N ALA I 167 0.59 -60.45 -36.39
CA ALA I 167 -0.77 -60.95 -36.54
C ALA I 167 -1.01 -61.76 -37.81
N CYS I 168 -0.48 -61.30 -38.92
CA CYS I 168 -0.66 -62.00 -40.20
C CYS I 168 0.54 -62.80 -40.62
N GLY I 169 1.72 -62.42 -40.17
CA GLY I 169 2.93 -63.13 -40.57
C GLY I 169 3.52 -64.12 -39.59
N GLY I 170 3.37 -63.87 -38.30
CA GLY I 170 3.92 -64.78 -37.33
C GLY I 170 5.32 -64.37 -36.92
N VAL I 171 5.67 -63.12 -37.19
CA VAL I 171 6.98 -62.58 -36.80
C VAL I 171 6.94 -62.16 -35.34
N LYS I 172 7.97 -62.50 -34.57
CA LYS I 172 8.00 -62.12 -33.17
C LYS I 172 8.03 -60.59 -32.98
N PRO I 173 7.08 -60.06 -32.21
CA PRO I 173 6.98 -58.61 -31.95
C PRO I 173 8.28 -58.01 -31.37
N HIS I 174 8.88 -58.77 -30.47
CA HIS I 174 10.09 -58.34 -29.79
C HIS I 174 11.29 -58.12 -30.69
N GLN I 175 11.26 -58.66 -31.90
CA GLN I 175 12.39 -58.52 -32.81
C GLN I 175 12.17 -57.42 -33.85
N CYS I 176 11.07 -56.67 -33.70
CA CYS I 176 10.74 -55.60 -34.64
C CYS I 176 10.82 -54.22 -34.00
N LEU I 177 11.14 -53.22 -34.80
CA LEU I 177 11.28 -51.85 -34.31
C LEU I 177 10.65 -50.84 -35.26
N PRO I 178 9.59 -50.15 -34.82
CA PRO I 178 8.95 -49.15 -35.68
C PRO I 178 9.71 -47.84 -35.53
N VAL I 179 10.09 -47.23 -36.64
CA VAL I 179 10.84 -45.98 -36.57
C VAL I 179 10.24 -44.80 -37.31
N MSE I 180 10.36 -43.63 -36.71
CA MSE I 180 9.89 -42.39 -37.32
C MSE I 180 11.11 -41.49 -37.50
O MSE I 180 11.81 -41.21 -36.53
CB MSE I 180 8.86 -41.70 -36.43
CG MSE I 180 8.64 -40.21 -36.71
SE MSE I 180 7.98 -39.77 -38.50
CE MSE I 180 6.38 -40.84 -38.49
N LEU I 181 11.38 -41.04 -38.73
CA LEU I 181 12.48 -40.13 -38.99
C LEU I 181 11.85 -38.77 -39.21
N ASP I 182 11.79 -37.97 -38.15
CA ASP I 182 11.18 -36.65 -38.26
C ASP I 182 12.22 -35.62 -38.67
N VAL I 183 11.99 -34.98 -39.80
CA VAL I 183 12.90 -33.97 -40.31
C VAL I 183 12.06 -32.74 -40.50
N GLY I 184 10.88 -32.75 -39.91
CA GLY I 184 9.95 -31.65 -40.03
C GLY I 184 8.74 -32.06 -40.83
N THR I 185 7.90 -31.09 -41.18
CA THR I 185 6.69 -31.33 -41.96
C THR I 185 6.23 -30.07 -42.66
N ASP I 186 5.73 -30.20 -43.88
CA ASP I 186 5.28 -29.03 -44.62
C ASP I 186 3.79 -28.79 -44.45
N ASN I 187 3.14 -29.66 -43.68
CA ASN I 187 1.72 -29.49 -43.46
C ASN I 187 1.48 -28.30 -42.53
N GLU I 188 1.00 -27.20 -43.11
CA GLU I 188 0.73 -25.98 -42.35
C GLU I 188 -0.19 -26.18 -41.17
N THR I 189 -1.20 -27.02 -41.36
CA THR I 189 -2.18 -27.29 -40.32
C THR I 189 -1.53 -27.90 -39.07
N LEU I 190 -0.63 -28.85 -39.27
CA LEU I 190 0.04 -29.49 -38.13
C LEU I 190 0.96 -28.52 -37.40
N LEU I 191 1.67 -27.70 -38.16
CA LEU I 191 2.59 -26.74 -37.56
C LEU I 191 1.85 -25.84 -36.56
N LYS I 192 0.58 -25.58 -36.84
CA LYS I 192 -0.24 -24.74 -35.97
C LYS I 192 -1.00 -25.57 -34.93
N ASP I 193 -1.06 -26.88 -35.16
CA ASP I 193 -1.76 -27.80 -34.25
C ASP I 193 -1.11 -27.85 -32.88
N PRO I 194 -1.83 -27.39 -31.85
CA PRO I 194 -1.29 -27.39 -30.49
C PRO I 194 -0.94 -28.77 -29.98
N LEU I 195 -1.61 -29.79 -30.52
CA LEU I 195 -1.32 -31.16 -30.09
C LEU I 195 -0.21 -31.86 -30.89
N TYR I 196 0.29 -31.20 -31.93
CA TYR I 196 1.34 -31.81 -32.76
C TYR I 196 2.53 -32.21 -31.90
N ILE I 197 2.98 -33.44 -32.08
CA ILE I 197 4.09 -33.99 -31.30
C ILE I 197 5.45 -33.91 -32.00
N GLY I 198 5.47 -33.60 -33.29
CA GLY I 198 6.74 -33.55 -33.99
C GLY I 198 7.43 -32.20 -34.09
N LEU I 199 8.58 -32.17 -34.76
CA LEU I 199 9.32 -30.93 -34.95
C LEU I 199 8.42 -29.92 -35.64
N ARG I 200 8.31 -28.72 -35.09
CA ARG I 200 7.45 -27.72 -35.68
C ARG I 200 8.13 -26.82 -36.72
N HIS I 201 8.71 -27.41 -37.76
CA HIS I 201 9.31 -26.61 -38.82
C HIS I 201 9.22 -27.36 -40.14
N LYS I 202 9.27 -26.63 -41.25
CA LYS I 202 9.19 -27.22 -42.58
C LYS I 202 10.20 -28.35 -42.71
N ARG I 203 9.93 -29.30 -43.59
CA ARG I 203 10.83 -30.44 -43.80
C ARG I 203 12.23 -30.03 -44.25
N ILE I 204 13.25 -30.67 -43.67
CA ILE I 204 14.63 -30.39 -44.05
C ILE I 204 14.92 -31.29 -45.23
N ARG I 205 15.32 -30.71 -46.35
CA ARG I 205 15.59 -31.48 -47.55
C ARG I 205 17.07 -31.38 -47.91
N GLY I 206 17.45 -31.91 -49.07
CA GLY I 206 18.84 -31.81 -49.49
C GLY I 206 19.82 -32.82 -48.91
N GLN I 207 21.10 -32.43 -48.89
CA GLN I 207 22.17 -33.29 -48.39
C GLN I 207 22.01 -33.70 -46.93
N ALA I 208 21.50 -32.80 -46.10
CA ALA I 208 21.30 -33.11 -44.69
C ALA I 208 20.33 -34.28 -44.54
N TYR I 209 19.26 -34.28 -45.34
CA TYR I 209 18.28 -35.36 -45.30
C TYR I 209 18.98 -36.66 -45.70
N ASP I 210 19.65 -36.62 -46.84
CA ASP I 210 20.36 -37.77 -47.36
C ASP I 210 21.38 -38.32 -46.37
N ASP I 211 22.03 -37.44 -45.63
CA ASP I 211 23.03 -37.88 -44.66
C ASP I 211 22.39 -38.56 -43.47
N LEU I 212 21.23 -38.08 -43.09
CA LEU I 212 20.52 -38.70 -41.98
C LEU I 212 20.21 -40.13 -42.34
N LEU I 213 19.61 -40.32 -43.51
CA LEU I 213 19.26 -41.67 -43.96
C LEU I 213 20.47 -42.58 -44.06
N ASP I 214 21.57 -42.09 -44.63
CA ASP I 214 22.77 -42.91 -44.74
C ASP I 214 23.21 -43.34 -43.36
N GLU I 215 23.27 -42.39 -42.45
CA GLU I 215 23.67 -42.68 -41.08
C GLU I 215 22.72 -43.68 -40.43
N PHE I 216 21.42 -43.50 -40.69
CA PHE I 216 20.44 -44.41 -40.12
C PHE I 216 20.70 -45.85 -40.53
N MSE I 217 20.84 -46.07 -41.83
CA MSE I 217 21.09 -47.39 -42.37
C MSE I 217 22.38 -48.01 -41.83
O MSE I 217 22.42 -49.19 -41.49
CB MSE I 217 21.09 -47.31 -43.88
CG MSE I 217 19.76 -46.80 -44.44
SE MSE I 217 18.37 -48.15 -44.45
CE MSE I 217 17.94 -48.27 -42.61
N GLU I 218 23.42 -47.19 -41.74
CA GLU I 218 24.73 -47.63 -41.24
C GLU I 218 24.61 -48.09 -39.80
N ALA I 219 24.09 -47.20 -38.96
CA ALA I 219 23.91 -47.47 -37.54
C ALA I 219 23.11 -48.74 -37.29
N VAL I 220 21.91 -48.80 -37.85
CA VAL I 220 21.05 -49.96 -37.67
C VAL I 220 21.72 -51.27 -38.05
N THR I 221 22.36 -51.31 -39.21
CA THR I 221 23.01 -52.52 -39.65
C THR I 221 24.26 -52.85 -38.83
N SER I 222 24.96 -51.82 -38.35
CA SER I 222 26.16 -52.06 -37.55
C SER I 222 25.82 -52.67 -36.20
N ARG I 223 24.70 -52.27 -35.62
CA ARG I 223 24.27 -52.79 -34.32
C ARG I 223 23.49 -54.09 -34.41
N TYR I 224 22.53 -54.15 -35.35
CA TYR I 224 21.69 -55.34 -35.51
C TYR I 224 22.16 -56.35 -36.57
N GLY I 225 23.12 -55.96 -37.41
CA GLY I 225 23.62 -56.86 -38.44
C GLY I 225 23.14 -56.54 -39.84
N MSE I 226 23.92 -56.92 -40.85
CA MSE I 226 23.55 -56.67 -42.23
C MSE I 226 22.32 -57.46 -42.64
O MSE I 226 21.72 -57.20 -43.66
CB MSE I 226 24.69 -57.06 -43.18
CG MSE I 226 25.96 -56.28 -43.01
SE MSE I 226 25.72 -54.42 -43.32
CE MSE I 226 25.42 -54.41 -45.22
N ASN I 227 21.93 -58.46 -41.85
CA ASN I 227 20.75 -59.25 -42.19
C ASN I 227 19.49 -58.54 -41.75
N CYS I 228 19.62 -57.45 -41.01
CA CYS I 228 18.47 -56.71 -40.53
C CYS I 228 17.62 -56.24 -41.70
N LEU I 229 16.34 -56.59 -41.65
CA LEU I 229 15.37 -56.24 -42.67
C LEU I 229 14.83 -54.83 -42.41
N ILE I 230 14.92 -53.96 -43.41
CA ILE I 230 14.47 -52.58 -43.28
C ILE I 230 13.39 -52.30 -44.32
N GLN I 231 12.17 -52.06 -43.83
CA GLN I 231 11.03 -51.80 -44.69
C GLN I 231 10.70 -50.30 -44.70
N PHE I 232 10.88 -49.65 -45.84
CA PHE I 232 10.56 -48.23 -45.95
C PHE I 232 9.05 -48.10 -46.21
N GLU I 233 8.40 -47.19 -45.49
CA GLU I 233 6.96 -47.02 -45.62
C GLU I 233 6.51 -45.56 -45.67
N ASP I 234 5.55 -45.30 -46.54
CA ASP I 234 5.00 -43.96 -46.67
C ASP I 234 5.95 -42.76 -46.78
N PHE I 235 6.94 -42.87 -47.67
CA PHE I 235 7.89 -41.79 -47.94
C PHE I 235 7.35 -41.13 -49.21
N ALA I 236 7.57 -39.84 -49.41
CA ALA I 236 7.08 -39.20 -50.61
C ALA I 236 7.74 -39.81 -51.85
N ASN I 237 7.08 -39.65 -52.99
CA ASN I 237 7.52 -40.16 -54.29
C ASN I 237 9.03 -40.14 -54.59
N ALA I 238 9.60 -38.94 -54.74
CA ALA I 238 11.03 -38.80 -55.05
C ALA I 238 11.90 -39.59 -54.09
N ASN I 239 11.78 -39.33 -52.80
CA ASN I 239 12.60 -40.06 -51.82
C ASN I 239 12.45 -41.57 -51.86
N ALA I 240 11.21 -42.04 -51.99
CA ALA I 240 10.96 -43.48 -52.03
C ALA I 240 11.83 -44.19 -53.08
N PHE I 241 11.69 -43.80 -54.34
CA PHE I 241 12.49 -44.43 -55.39
C PHE I 241 13.99 -44.26 -55.20
N ARG I 242 14.45 -43.03 -54.99
CA ARG I 242 15.88 -42.80 -54.83
C ARG I 242 16.44 -43.67 -53.72
N LEU I 243 15.85 -43.57 -52.53
CA LEU I 243 16.34 -44.37 -51.42
C LEU I 243 16.33 -45.84 -51.76
N LEU I 244 15.25 -46.32 -52.37
CA LEU I 244 15.15 -47.73 -52.71
C LEU I 244 16.31 -48.14 -53.57
N HIS I 245 16.56 -47.37 -54.62
CA HIS I 245 17.64 -47.66 -55.55
C HIS I 245 19.02 -47.60 -54.90
N LYS I 246 19.18 -46.65 -53.99
CA LYS I 246 20.45 -46.46 -53.28
C LYS I 246 20.87 -47.56 -52.31
N TYR I 247 19.93 -48.15 -51.59
CA TYR I 247 20.25 -49.19 -50.61
C TYR I 247 19.86 -50.60 -51.01
N ARG I 248 18.93 -50.71 -51.95
CA ARG I 248 18.43 -51.98 -52.45
C ARG I 248 19.45 -53.12 -52.50
N ASN I 249 20.65 -52.81 -52.99
CA ASN I 249 21.70 -53.83 -53.13
C ASN I 249 22.77 -53.83 -52.05
N LYS I 250 22.78 -52.79 -51.23
CA LYS I 250 23.76 -52.69 -50.17
C LYS I 250 23.24 -53.32 -48.88
N TYR I 251 21.94 -53.19 -48.64
CA TYR I 251 21.34 -53.75 -47.44
C TYR I 251 20.18 -54.65 -47.76
N CYS I 252 19.57 -55.21 -46.72
CA CYS I 252 18.42 -56.07 -46.89
C CYS I 252 17.22 -55.16 -46.68
N THR I 253 16.73 -54.56 -47.77
CA THR I 253 15.65 -53.61 -47.66
C THR I 253 14.74 -53.56 -48.89
N PHE I 254 13.53 -53.08 -48.69
CA PHE I 254 12.54 -52.97 -49.77
C PHE I 254 11.54 -51.90 -49.39
N ASN I 255 10.88 -51.33 -50.39
CA ASN I 255 9.91 -50.30 -50.13
C ASN I 255 8.51 -50.82 -50.36
N ASP I 256 7.82 -51.04 -49.26
CA ASP I 256 6.45 -51.55 -49.23
C ASP I 256 5.48 -50.96 -50.23
N ASP I 257 5.43 -49.64 -50.27
CA ASP I 257 4.54 -48.95 -51.17
C ASP I 257 4.84 -49.11 -52.65
N ILE I 258 6.09 -49.42 -52.99
CA ILE I 258 6.47 -49.60 -54.39
C ILE I 258 6.47 -51.07 -54.81
N GLN I 259 7.07 -51.92 -54.00
CA GLN I 259 7.18 -53.33 -54.32
C GLN I 259 6.11 -54.23 -53.66
N GLY I 260 5.75 -53.95 -52.41
CA GLY I 260 4.73 -54.76 -51.77
C GLY I 260 3.39 -54.59 -52.47
N THR I 261 3.09 -53.35 -52.85
CA THR I 261 1.85 -53.04 -53.54
C THR I 261 1.80 -53.75 -54.86
N ALA I 262 2.91 -53.68 -55.59
CA ALA I 262 3.02 -54.32 -56.91
C ALA I 262 2.72 -55.81 -56.79
N SER I 263 3.39 -56.45 -55.84
CA SER I 263 3.22 -57.86 -55.60
C SER I 263 1.75 -58.21 -55.45
N VAL I 264 1.07 -57.60 -54.50
CA VAL I 264 -0.34 -57.91 -54.28
C VAL I 264 -1.21 -57.57 -55.49
N ALA I 265 -0.92 -56.47 -56.17
CA ALA I 265 -1.70 -56.10 -57.34
C ALA I 265 -1.60 -57.18 -58.41
N VAL I 266 -0.38 -57.65 -58.70
CA VAL I 266 -0.21 -58.68 -59.70
C VAL I 266 -0.81 -59.99 -59.22
N ALA I 267 -0.89 -60.18 -57.91
CA ALA I 267 -1.45 -61.41 -57.36
C ALA I 267 -2.94 -61.47 -57.73
N GLY I 268 -3.61 -60.31 -57.63
CA GLY I 268 -5.01 -60.23 -57.94
C GLY I 268 -5.29 -60.46 -59.42
N LEU I 269 -4.47 -59.86 -60.27
CA LEU I 269 -4.61 -60.00 -61.71
C LEU I 269 -4.43 -61.47 -62.08
N LEU I 270 -3.35 -62.07 -61.57
CA LEU I 270 -3.10 -63.47 -61.83
C LEU I 270 -4.33 -64.29 -61.51
N ALA I 271 -4.95 -64.02 -60.36
CA ALA I 271 -6.14 -64.77 -59.97
C ALA I 271 -7.29 -64.44 -60.90
N ALA I 272 -7.42 -63.17 -61.26
CA ALA I 272 -8.49 -62.74 -62.14
C ALA I 272 -8.44 -63.42 -63.50
N LEU I 273 -7.24 -63.80 -63.95
CA LEU I 273 -7.08 -64.47 -65.24
C LEU I 273 -7.95 -65.72 -65.31
N ARG I 274 -8.17 -66.34 -64.15
CA ARG I 274 -8.96 -67.56 -64.08
C ARG I 274 -10.46 -67.31 -64.18
N ILE I 275 -10.85 -66.05 -64.23
CA ILE I 275 -12.23 -65.66 -64.37
C ILE I 275 -12.43 -65.12 -65.79
N THR I 276 -11.52 -64.27 -66.23
CA THR I 276 -11.61 -63.73 -67.58
C THR I 276 -11.13 -64.75 -68.61
N LYS I 277 -10.61 -65.87 -68.13
CA LYS I 277 -10.16 -66.94 -69.01
C LYS I 277 -9.25 -66.53 -70.17
N ASN I 278 -8.25 -65.69 -69.90
CA ASN I 278 -7.30 -65.29 -70.93
C ASN I 278 -5.91 -65.16 -70.33
N ARG I 279 -4.97 -64.65 -71.12
CA ARG I 279 -3.60 -64.49 -70.64
C ARG I 279 -3.33 -63.05 -70.25
N LEU I 280 -2.38 -62.87 -69.36
CA LEU I 280 -2.03 -61.54 -68.87
C LEU I 280 -1.69 -60.60 -70.01
N SER I 281 -1.07 -61.15 -71.05
CA SER I 281 -0.66 -60.41 -72.23
C SER I 281 -1.83 -60.04 -73.13
N ASP I 282 -3.06 -60.37 -72.69
CA ASP I 282 -4.26 -60.05 -73.46
C ASP I 282 -4.92 -58.77 -72.91
N HIS I 283 -4.54 -58.38 -71.71
CA HIS I 283 -5.14 -57.20 -71.12
C HIS I 283 -4.45 -55.90 -71.48
N THR I 284 -5.14 -54.81 -71.17
CA THR I 284 -4.64 -53.46 -71.40
C THR I 284 -4.94 -52.72 -70.09
N VAL I 285 -3.90 -52.42 -69.32
CA VAL I 285 -4.08 -51.75 -68.05
C VAL I 285 -4.00 -50.22 -68.12
N LEU I 286 -4.89 -49.57 -67.38
CA LEU I 286 -4.92 -48.12 -67.30
C LEU I 286 -4.85 -47.73 -65.82
N PHE I 287 -3.85 -46.93 -65.47
CA PHE I 287 -3.67 -46.48 -64.09
C PHE I 287 -4.10 -45.05 -63.85
N GLN I 288 -4.88 -44.83 -62.79
CA GLN I 288 -5.18 -43.45 -62.46
C GLN I 288 -4.12 -43.20 -61.40
N GLY I 289 -3.11 -42.43 -61.79
CA GLY I 289 -2.01 -42.14 -60.89
C GLY I 289 -0.76 -42.67 -61.56
N ALA I 290 0.37 -42.02 -61.32
CA ALA I 290 1.62 -42.46 -61.92
C ALA I 290 2.76 -42.34 -60.91
N GLY I 291 2.48 -42.72 -59.66
CA GLY I 291 3.50 -42.61 -58.64
C GLY I 291 4.08 -43.91 -58.15
N GLU I 292 4.46 -43.92 -56.89
CA GLU I 292 5.05 -45.09 -56.27
C GLU I 292 4.33 -46.40 -56.58
N ALA I 293 3.05 -46.45 -56.27
CA ALA I 293 2.26 -47.65 -56.48
C ALA I 293 2.12 -47.97 -57.95
N ALA I 294 1.71 -46.99 -58.74
CA ALA I 294 1.49 -47.21 -60.16
C ALA I 294 2.75 -47.72 -60.87
N LEU I 295 3.86 -47.03 -60.69
CA LEU I 295 5.11 -47.42 -61.32
C LEU I 295 5.62 -48.76 -60.82
N GLY I 296 5.37 -49.07 -59.56
CA GLY I 296 5.82 -50.34 -59.02
C GLY I 296 4.98 -51.46 -59.59
N ILE I 297 3.67 -51.29 -59.57
CA ILE I 297 2.74 -52.26 -60.10
C ILE I 297 2.98 -52.46 -61.60
N ALA I 298 3.08 -51.36 -62.34
CA ALA I 298 3.30 -51.47 -63.79
C ALA I 298 4.57 -52.24 -64.09
N ASN I 299 5.61 -52.02 -63.28
CA ASN I 299 6.87 -52.70 -63.47
C ASN I 299 6.69 -54.20 -63.28
N LEU I 300 6.05 -54.60 -62.19
CA LEU I 300 5.84 -56.03 -61.95
C LEU I 300 4.94 -56.65 -63.03
N ILE I 301 3.93 -55.90 -63.48
CA ILE I 301 3.01 -56.41 -64.49
C ILE I 301 3.80 -56.81 -65.72
N VAL I 302 4.68 -55.92 -66.15
CA VAL I 302 5.54 -56.16 -67.30
C VAL I 302 6.36 -57.44 -67.11
N MSE I 303 6.97 -57.61 -65.95
CA MSE I 303 7.77 -58.81 -65.71
C MSE I 303 6.91 -60.05 -65.80
O MSE I 303 7.35 -61.08 -66.33
CB MSE I 303 8.45 -58.76 -64.34
CG MSE I 303 9.59 -57.76 -64.26
SE MSE I 303 10.21 -57.51 -62.45
CE MSE I 303 11.04 -59.23 -62.15
N ALA I 304 5.69 -59.95 -65.29
CA ALA I 304 4.76 -61.06 -65.34
C ALA I 304 4.39 -61.35 -66.80
N MSE I 305 4.25 -60.30 -67.60
CA MSE I 305 3.90 -60.45 -69.01
C MSE I 305 5.02 -61.10 -69.80
O MSE I 305 4.77 -61.95 -70.66
CB MSE I 305 3.54 -59.12 -69.64
CG MSE I 305 2.34 -58.45 -69.01
SE MSE I 305 1.54 -57.07 -70.08
CE MSE I 305 2.70 -55.61 -69.66
N GLN I 306 6.25 -60.71 -69.50
CA GLN I 306 7.39 -61.29 -70.18
C GLN I 306 7.46 -62.78 -69.85
N LYS I 307 7.15 -63.13 -68.61
CA LYS I 307 7.19 -64.53 -68.23
C LYS I 307 6.20 -65.38 -68.99
N GLU I 308 5.26 -64.73 -69.68
CA GLU I 308 4.27 -65.47 -70.48
C GLU I 308 4.79 -65.67 -71.90
N GLY I 309 5.88 -64.99 -72.24
CA GLY I 309 6.46 -65.12 -73.57
C GLY I 309 6.53 -63.80 -74.32
N VAL I 310 5.81 -62.81 -73.82
CA VAL I 310 5.79 -61.50 -74.43
C VAL I 310 7.13 -60.78 -74.24
N SER I 311 7.50 -59.93 -75.19
CA SER I 311 8.75 -59.20 -75.08
C SER I 311 8.55 -57.98 -74.17
N LYS I 312 9.66 -57.48 -73.63
CA LYS I 312 9.63 -56.32 -72.75
C LYS I 312 8.89 -55.19 -73.43
N GLU I 313 9.27 -54.94 -74.68
CA GLU I 313 8.68 -53.88 -75.49
C GLU I 313 7.18 -54.03 -75.74
N GLU I 314 6.75 -55.25 -76.02
CA GLU I 314 5.34 -55.56 -76.27
C GLU I 314 4.57 -55.26 -74.99
N ALA I 315 5.06 -55.82 -73.88
CA ALA I 315 4.45 -55.68 -72.56
C ALA I 315 4.17 -54.22 -72.20
N ILE I 316 5.21 -53.40 -72.28
CA ILE I 316 5.10 -51.99 -71.97
C ILE I 316 4.00 -51.28 -72.78
N LYS I 317 3.70 -51.77 -73.98
CA LYS I 317 2.69 -51.13 -74.82
C LYS I 317 1.28 -51.30 -74.28
N ARG I 318 1.08 -52.30 -73.44
CA ARG I 318 -0.24 -52.58 -72.90
C ARG I 318 -0.56 -51.81 -71.62
N ILE I 319 0.36 -50.95 -71.19
CA ILE I 319 0.14 -50.18 -69.97
C ILE I 319 0.02 -48.67 -70.19
N TRP I 320 -1.05 -48.09 -69.64
CA TRP I 320 -1.29 -46.66 -69.77
C TRP I 320 -1.44 -46.02 -68.41
N MSE I 321 -0.93 -44.80 -68.25
CA MSE I 321 -0.98 -44.09 -66.99
C MSE I 321 -1.51 -42.66 -67.08
O MSE I 321 -1.32 -41.99 -68.08
CB MSE I 321 0.40 -44.01 -66.35
CG MSE I 321 0.94 -45.33 -65.87
SE MSE I 321 2.62 -45.08 -64.95
CE MSE I 321 3.37 -46.84 -65.14
N VAL I 322 -2.14 -42.22 -66.00
CA VAL I 322 -2.67 -40.88 -65.94
C VAL I 322 -2.18 -40.23 -64.68
N ASP I 323 -1.65 -39.01 -64.78
CA ASP I 323 -1.16 -38.29 -63.60
C ASP I 323 -1.91 -36.97 -63.44
N SER I 324 -1.50 -36.16 -62.46
CA SER I 324 -2.17 -34.88 -62.20
C SER I 324 -2.33 -33.98 -63.41
N LYS I 325 -1.51 -34.20 -64.43
CA LYS I 325 -1.58 -33.38 -65.64
C LYS I 325 -2.47 -34.02 -66.69
N GLY I 326 -2.72 -35.32 -66.54
CA GLY I 326 -3.54 -36.03 -67.50
C GLY I 326 -2.86 -37.30 -68.01
N LEU I 327 -3.32 -37.80 -69.15
CA LEU I 327 -2.75 -39.01 -69.73
C LEU I 327 -1.27 -38.81 -70.09
N ILE I 328 -0.44 -39.78 -69.71
CA ILE I 328 0.98 -39.73 -70.01
C ILE I 328 1.20 -40.19 -71.44
N VAL I 329 1.52 -39.24 -72.33
CA VAL I 329 1.74 -39.56 -73.73
C VAL I 329 3.09 -39.03 -74.19
N LYS I 330 3.61 -39.63 -75.26
CA LYS I 330 4.90 -39.21 -75.77
C LYS I 330 4.94 -37.71 -76.05
N GLY I 331 6.08 -37.10 -75.71
CA GLY I 331 6.28 -35.69 -75.93
C GLY I 331 5.48 -34.73 -75.08
N ARG I 332 4.73 -35.24 -74.10
CA ARG I 332 3.95 -34.36 -73.25
C ARG I 332 4.88 -33.63 -72.27
N ALA I 333 4.38 -32.55 -71.66
CA ALA I 333 5.16 -31.76 -70.71
C ALA I 333 5.11 -32.34 -69.30
N SER I 334 6.09 -32.01 -68.48
CA SER I 334 6.13 -32.49 -67.10
C SER I 334 6.13 -34.02 -66.99
N LEU I 335 7.10 -34.64 -67.63
CA LEU I 335 7.25 -36.09 -67.59
C LEU I 335 8.58 -36.43 -66.92
N THR I 336 8.63 -37.56 -66.24
CA THR I 336 9.86 -37.97 -65.58
C THR I 336 10.40 -39.18 -66.33
N PRO I 337 11.70 -39.44 -66.23
CA PRO I 337 12.25 -40.60 -66.93
C PRO I 337 11.42 -41.86 -66.69
N GLU I 338 11.00 -42.04 -65.43
CA GLU I 338 10.20 -43.19 -65.03
C GLU I 338 8.86 -43.19 -65.76
N LYS I 339 8.22 -42.02 -65.84
CA LYS I 339 6.94 -41.90 -66.52
C LYS I 339 7.06 -42.00 -68.04
N GLU I 340 8.11 -41.39 -68.58
CA GLU I 340 8.34 -41.42 -70.02
C GLU I 340 8.35 -42.87 -70.50
N HIS I 341 8.74 -43.79 -69.62
CA HIS I 341 8.81 -45.20 -69.94
C HIS I 341 7.47 -45.74 -70.48
N PHE I 342 6.37 -45.13 -70.05
CA PHE I 342 5.05 -45.57 -70.49
C PHE I 342 4.35 -44.51 -71.31
N ALA I 343 5.12 -43.59 -71.86
CA ALA I 343 4.53 -42.53 -72.67
C ALA I 343 4.34 -43.10 -74.07
N HIS I 344 3.11 -43.18 -74.52
CA HIS I 344 2.84 -43.73 -75.83
C HIS I 344 2.41 -42.64 -76.79
N GLU I 345 2.59 -42.87 -78.09
CA GLU I 345 2.18 -41.91 -79.10
C GLU I 345 0.69 -41.85 -78.98
N HIS I 346 0.17 -40.68 -78.64
CA HIS I 346 -1.26 -40.50 -78.48
C HIS I 346 -1.51 -39.03 -78.22
N CYS I 347 -2.75 -38.59 -78.48
CA CYS I 347 -3.08 -37.19 -78.26
C CYS I 347 -3.26 -36.96 -76.76
N GLU I 348 -2.92 -35.76 -76.31
CA GLU I 348 -3.04 -35.42 -74.90
C GLU I 348 -4.49 -35.37 -74.46
N MSE I 349 -4.76 -35.87 -73.25
CA MSE I 349 -6.10 -35.90 -72.67
C MSE I 349 -6.09 -35.63 -71.15
O MSE I 349 -5.15 -35.99 -70.46
CB MSE I 349 -6.74 -37.25 -72.90
CG MSE I 349 -7.06 -37.54 -74.35
SE MSE I 349 -8.11 -39.16 -74.45
CE MSE I 349 -9.85 -38.43 -74.17
N LYS I 350 -7.16 -35.01 -70.66
CA LYS I 350 -7.27 -34.68 -69.24
C LYS I 350 -8.40 -35.38 -68.49
N ASN I 351 -9.56 -35.48 -69.13
CA ASN I 351 -10.75 -36.11 -68.54
C ASN I 351 -10.64 -37.63 -68.44
N LEU I 352 -10.71 -38.14 -67.22
CA LEU I 352 -10.62 -39.58 -66.98
C LEU I 352 -11.63 -40.44 -67.74
N GLU I 353 -12.87 -39.99 -67.79
CA GLU I 353 -13.90 -40.74 -68.49
C GLU I 353 -13.61 -40.83 -69.97
N ASP I 354 -13.14 -39.75 -70.57
CA ASP I 354 -12.81 -39.75 -71.98
C ASP I 354 -11.61 -40.67 -72.23
N ILE I 355 -10.63 -40.61 -71.34
CA ILE I 355 -9.47 -41.46 -71.46
C ILE I 355 -9.91 -42.92 -71.40
N VAL I 356 -10.84 -43.22 -70.50
CA VAL I 356 -11.32 -44.59 -70.36
C VAL I 356 -12.01 -45.04 -71.63
N LYS I 357 -12.77 -44.16 -72.26
CA LYS I 357 -13.49 -44.54 -73.47
C LYS I 357 -12.56 -44.65 -74.66
N ASP I 358 -11.46 -43.91 -74.60
CA ASP I 358 -10.49 -43.92 -75.67
C ASP I 358 -9.63 -45.16 -75.60
N ILE I 359 -8.95 -45.35 -74.47
CA ILE I 359 -8.06 -46.49 -74.27
C ILE I 359 -8.82 -47.82 -74.21
N LYS I 360 -10.04 -47.79 -73.69
CA LYS I 360 -10.84 -49.00 -73.57
C LYS I 360 -10.00 -50.12 -72.99
N PRO I 361 -9.53 -49.95 -71.74
CA PRO I 361 -8.72 -50.91 -71.00
C PRO I 361 -9.54 -52.05 -70.40
N THR I 362 -8.88 -53.17 -70.14
CA THR I 362 -9.52 -54.35 -69.57
C THR I 362 -9.36 -54.36 -68.06
N VAL I 363 -8.42 -53.54 -67.58
CA VAL I 363 -8.15 -53.43 -66.15
C VAL I 363 -7.98 -51.96 -65.75
N LEU I 364 -8.74 -51.53 -64.74
CA LEU I 364 -8.68 -50.16 -64.23
C LEU I 364 -8.11 -50.19 -62.82
N ILE I 365 -6.91 -49.64 -62.65
CA ILE I 365 -6.26 -49.61 -61.35
C ILE I 365 -6.20 -48.18 -60.83
N GLY I 366 -6.73 -47.97 -59.63
CA GLY I 366 -6.73 -46.63 -59.06
C GLY I 366 -5.74 -46.51 -57.92
N VAL I 367 -4.74 -45.64 -58.10
CA VAL I 367 -3.72 -45.42 -57.08
C VAL I 367 -3.30 -43.96 -57.07
N ALA I 368 -4.29 -43.07 -57.06
CA ALA I 368 -4.03 -41.64 -57.07
C ALA I 368 -4.67 -40.94 -55.87
N ALA I 369 -5.31 -41.73 -55.01
CA ALA I 369 -5.98 -41.20 -53.83
C ALA I 369 -7.07 -40.20 -54.18
N ILE I 370 -7.71 -40.43 -55.32
CA ILE I 370 -8.78 -39.54 -55.72
C ILE I 370 -10.13 -40.16 -55.34
N GLY I 371 -10.73 -39.57 -54.30
CA GLY I 371 -12.03 -39.97 -53.78
C GLY I 371 -12.85 -40.95 -54.59
N GLY I 372 -13.88 -40.48 -55.29
CA GLY I 372 -14.69 -41.39 -56.08
C GLY I 372 -14.42 -41.27 -57.56
N ALA I 373 -13.15 -41.33 -57.94
CA ALA I 373 -12.77 -41.20 -59.33
C ALA I 373 -13.51 -42.13 -60.26
N PHE I 374 -13.74 -43.37 -59.83
CA PHE I 374 -14.44 -44.31 -60.68
C PHE I 374 -15.94 -44.15 -60.56
N THR I 375 -16.46 -43.09 -61.18
CA THR I 375 -17.90 -42.79 -61.13
C THR I 375 -18.71 -43.86 -61.83
N GLN I 376 -20.04 -43.74 -61.78
CA GLN I 376 -20.89 -44.75 -62.41
C GLN I 376 -20.75 -44.77 -63.93
N GLN I 377 -20.48 -43.61 -64.52
CA GLN I 377 -20.31 -43.52 -65.96
C GLN I 377 -19.08 -44.35 -66.33
N ILE I 378 -17.96 -44.13 -65.63
CA ILE I 378 -16.73 -44.86 -65.90
C ILE I 378 -16.94 -46.36 -65.65
N LEU I 379 -17.58 -46.68 -64.54
CA LEU I 379 -17.84 -48.08 -64.24
C LEU I 379 -18.73 -48.76 -65.29
N GLN I 380 -19.74 -48.05 -65.79
CA GLN I 380 -20.63 -48.57 -66.82
C GLN I 380 -19.87 -48.76 -68.12
N ASP I 381 -19.00 -47.80 -68.45
CA ASP I 381 -18.19 -47.89 -69.67
C ASP I 381 -17.31 -49.13 -69.63
N MSE I 382 -16.75 -49.39 -68.46
CA MSE I 382 -15.88 -50.54 -68.28
C MSE I 382 -16.62 -51.86 -68.49
O MSE I 382 -16.05 -52.83 -68.98
CB MSE I 382 -15.25 -50.51 -66.90
CG MSE I 382 -13.85 -51.09 -66.86
SE MSE I 382 -12.60 -50.00 -67.83
CE MSE I 382 -12.78 -48.38 -66.84
N ALA I 383 -17.89 -51.88 -68.11
CA ALA I 383 -18.71 -53.07 -68.24
C ALA I 383 -19.26 -53.16 -69.65
N ALA I 384 -19.06 -52.07 -70.42
CA ALA I 384 -19.53 -52.01 -71.81
C ALA I 384 -18.49 -52.62 -72.74
N PHE I 385 -17.23 -52.21 -72.62
CA PHE I 385 -16.17 -52.74 -73.47
C PHE I 385 -15.56 -54.04 -72.96
N ASN I 386 -15.92 -54.46 -71.77
CA ASN I 386 -15.37 -55.69 -71.22
C ASN I 386 -16.51 -56.57 -70.70
N LYS I 387 -16.43 -57.87 -70.98
CA LYS I 387 -17.45 -58.78 -70.50
C LYS I 387 -17.33 -58.81 -68.98
N ARG I 388 -16.10 -58.86 -68.50
CA ARG I 388 -15.82 -58.90 -67.08
C ARG I 388 -14.62 -58.01 -66.78
N PRO I 389 -14.85 -56.68 -66.63
CA PRO I 389 -13.81 -55.68 -66.35
C PRO I 389 -13.20 -55.85 -64.96
N ILE I 390 -11.92 -55.55 -64.86
CA ILE I 390 -11.23 -55.68 -63.58
C ILE I 390 -11.06 -54.27 -63.03
N ILE I 391 -11.63 -54.04 -61.85
CA ILE I 391 -11.58 -52.75 -61.20
C ILE I 391 -10.86 -52.82 -59.86
N PHE I 392 -9.74 -52.10 -59.75
CA PHE I 392 -8.98 -52.08 -58.51
C PHE I 392 -9.02 -50.69 -57.91
N ALA I 393 -9.73 -50.52 -56.79
CA ALA I 393 -9.79 -49.24 -56.10
C ALA I 393 -8.81 -49.41 -54.95
N LEU I 394 -7.52 -49.22 -55.24
CA LEU I 394 -6.48 -49.42 -54.25
C LEU I 394 -6.13 -48.30 -53.28
N SER I 395 -6.53 -47.06 -53.57
CA SER I 395 -6.19 -45.95 -52.67
C SER I 395 -6.75 -46.08 -51.24
N ASN I 396 -5.92 -45.77 -50.23
CA ASN I 396 -6.32 -45.83 -48.82
C ASN I 396 -6.25 -44.47 -48.15
N PRO I 397 -7.04 -44.26 -47.09
CA PRO I 397 -7.98 -45.20 -46.48
C PRO I 397 -9.29 -45.22 -47.26
N THR I 398 -10.31 -45.83 -46.68
CA THR I 398 -11.63 -45.95 -47.32
C THR I 398 -12.11 -44.67 -47.97
N SER I 399 -11.90 -43.54 -47.30
CA SER I 399 -12.36 -42.27 -47.84
C SER I 399 -11.74 -41.89 -49.18
N LYS I 400 -10.63 -42.54 -49.52
CA LYS I 400 -9.94 -42.25 -50.77
C LYS I 400 -10.12 -43.32 -51.84
N ALA I 401 -10.92 -44.34 -51.55
CA ALA I 401 -11.15 -45.41 -52.50
C ALA I 401 -11.81 -44.88 -53.77
N GLU I 402 -11.23 -45.22 -54.92
CA GLU I 402 -11.77 -44.79 -56.19
C GLU I 402 -13.25 -45.07 -56.36
N CYS I 403 -13.77 -46.06 -55.65
CA CYS I 403 -15.19 -46.39 -55.68
C CYS I 403 -15.42 -47.50 -54.67
N THR I 404 -16.67 -47.71 -54.27
CA THR I 404 -17.00 -48.74 -53.29
C THR I 404 -17.28 -50.07 -53.97
N ALA I 405 -17.39 -51.13 -53.18
CA ALA I 405 -17.68 -52.45 -53.72
C ALA I 405 -19.11 -52.38 -54.26
N GLU I 406 -20.00 -51.81 -53.45
CA GLU I 406 -21.39 -51.65 -53.83
C GLU I 406 -21.55 -50.96 -55.17
N GLN I 407 -20.84 -49.85 -55.35
CA GLN I 407 -20.90 -49.07 -56.58
C GLN I 407 -20.41 -49.89 -57.76
N LEU I 408 -19.27 -50.55 -57.59
CA LEU I 408 -18.68 -51.36 -58.65
C LEU I 408 -19.62 -52.45 -59.13
N TYR I 409 -20.13 -53.24 -58.20
CA TYR I 409 -21.05 -54.33 -58.54
C TYR I 409 -22.38 -53.84 -59.11
N LYS I 410 -22.85 -52.68 -58.66
CA LYS I 410 -24.11 -52.16 -59.16
C LYS I 410 -23.99 -51.64 -60.59
N TYR I 411 -23.06 -50.72 -60.82
CA TYR I 411 -22.87 -50.11 -62.13
C TYR I 411 -22.22 -50.96 -63.19
N THR I 412 -21.69 -52.12 -62.81
CA THR I 412 -21.10 -53.01 -63.80
C THR I 412 -22.05 -54.20 -63.82
N GLU I 413 -23.21 -54.01 -63.21
CA GLU I 413 -24.24 -55.03 -63.16
C GLU I 413 -23.73 -56.43 -62.88
N GLY I 414 -23.04 -56.54 -61.76
CA GLY I 414 -22.51 -57.82 -61.32
C GLY I 414 -21.35 -58.42 -62.08
N ARG I 415 -20.98 -57.85 -63.21
CA ARG I 415 -19.89 -58.40 -64.01
C ARG I 415 -18.48 -57.92 -63.70
N GLY I 416 -18.35 -56.78 -63.04
CA GLY I 416 -17.04 -56.26 -62.72
C GLY I 416 -16.35 -57.11 -61.67
N ILE I 417 -15.04 -57.26 -61.79
CA ILE I 417 -14.26 -58.03 -60.81
C ILE I 417 -13.55 -56.97 -59.96
N PHE I 418 -13.94 -56.89 -58.69
CA PHE I 418 -13.43 -55.87 -57.79
C PHE I 418 -12.41 -56.28 -56.74
N ALA I 419 -11.66 -55.28 -56.28
CA ALA I 419 -10.64 -55.40 -55.25
C ALA I 419 -10.31 -53.99 -54.82
N SER I 420 -10.07 -53.79 -53.53
CA SER I 420 -9.75 -52.47 -53.03
C SER I 420 -8.69 -52.56 -51.95
N GLY I 421 -8.03 -51.44 -51.69
CA GLY I 421 -6.99 -51.42 -50.67
C GLY I 421 -7.56 -51.45 -49.27
N SER I 422 -8.74 -50.88 -49.10
CA SER I 422 -9.40 -50.87 -47.80
C SER I 422 -10.62 -51.79 -47.87
N PRO I 423 -10.98 -52.42 -46.75
CA PRO I 423 -12.11 -53.35 -46.64
C PRO I 423 -13.55 -52.85 -46.87
N PHE I 424 -14.31 -53.64 -47.62
CA PHE I 424 -15.71 -53.36 -47.89
C PHE I 424 -16.50 -54.60 -47.52
N ASP I 425 -17.70 -54.42 -46.97
CA ASP I 425 -18.54 -55.55 -46.57
C ASP I 425 -19.01 -56.31 -47.80
N PRO I 426 -19.39 -57.57 -47.61
CA PRO I 426 -19.89 -58.42 -48.69
C PRO I 426 -21.10 -57.77 -49.35
N VAL I 427 -21.26 -57.99 -50.64
CA VAL I 427 -22.38 -57.40 -51.37
C VAL I 427 -23.29 -58.46 -51.96
N THR I 428 -24.59 -58.29 -51.77
CA THR I 428 -25.56 -59.25 -52.29
C THR I 428 -26.19 -58.65 -53.54
N LEU I 429 -25.88 -59.23 -54.70
CA LEU I 429 -26.43 -58.73 -55.96
C LEU I 429 -27.93 -58.97 -56.00
N PRO I 430 -28.63 -58.35 -56.97
CA PRO I 430 -30.07 -58.54 -57.09
C PRO I 430 -30.42 -59.99 -57.39
N SER I 431 -29.48 -60.75 -57.94
CA SER I 431 -29.71 -62.15 -58.24
C SER I 431 -29.69 -62.99 -56.97
N GLY I 432 -29.31 -62.35 -55.86
CA GLY I 432 -29.26 -63.05 -54.59
C GLY I 432 -27.87 -63.60 -54.31
N GLN I 433 -27.00 -63.57 -55.30
CA GLN I 433 -25.64 -64.05 -55.14
C GLN I 433 -24.87 -63.06 -54.29
N THR I 434 -24.11 -63.57 -53.32
CA THR I 434 -23.32 -62.71 -52.44
C THR I 434 -21.86 -62.75 -52.87
N LEU I 435 -21.30 -61.57 -53.11
CA LEU I 435 -19.89 -61.44 -53.50
C LEU I 435 -19.06 -60.90 -52.34
N TYR I 436 -17.85 -61.45 -52.17
CA TYR I 436 -16.94 -61.01 -51.11
C TYR I 436 -15.73 -60.35 -51.75
N PRO I 437 -15.77 -59.00 -51.91
CA PRO I 437 -14.70 -58.19 -52.50
C PRO I 437 -13.40 -58.31 -51.75
N GLY I 438 -12.36 -58.73 -52.46
CA GLY I 438 -11.06 -58.90 -51.85
C GLY I 438 -10.28 -57.62 -51.61
N GLN I 439 -9.34 -57.69 -50.68
CA GLN I 439 -8.54 -56.52 -50.35
C GLN I 439 -7.13 -56.56 -50.91
N GLY I 440 -6.92 -55.82 -52.00
CA GLY I 440 -5.61 -55.75 -52.60
C GLY I 440 -4.82 -54.75 -51.76
N ASN I 441 -4.16 -55.25 -50.72
CA ASN I 441 -3.39 -54.41 -49.81
C ASN I 441 -2.07 -55.14 -49.56
N ASN I 442 -0.97 -54.41 -49.41
CA ASN I 442 0.31 -55.06 -49.16
C ASN I 442 0.34 -55.99 -47.94
N SER I 443 -0.66 -55.89 -47.08
CA SER I 443 -0.75 -56.75 -45.91
C SER I 443 -0.68 -58.23 -46.30
N TYR I 444 -0.95 -58.53 -47.58
CA TYR I 444 -0.87 -59.92 -48.03
C TYR I 444 0.56 -60.29 -48.38
N VAL I 445 1.39 -59.27 -48.55
CA VAL I 445 2.77 -59.45 -48.94
C VAL I 445 3.86 -59.22 -47.89
N PHE I 446 3.94 -58.04 -47.30
CA PHE I 446 5.02 -57.80 -46.34
C PHE I 446 5.10 -58.75 -45.15
N PRO I 447 3.97 -59.24 -44.64
CA PRO I 447 4.19 -60.13 -43.50
C PRO I 447 4.92 -61.41 -43.90
N GLY I 448 4.54 -61.96 -45.05
CA GLY I 448 5.15 -63.19 -45.53
C GLY I 448 6.59 -63.02 -45.96
N VAL I 449 6.87 -61.90 -46.62
CA VAL I 449 8.22 -61.60 -47.06
C VAL I 449 9.12 -61.46 -45.84
N ALA I 450 8.62 -60.75 -44.83
CA ALA I 450 9.36 -60.56 -43.60
C ALA I 450 9.75 -61.90 -42.98
N LEU I 451 8.76 -62.77 -42.83
CA LEU I 451 9.01 -64.09 -42.23
C LEU I 451 10.09 -64.81 -43.04
N GLY I 452 10.01 -64.69 -44.36
CA GLY I 452 10.97 -65.34 -45.23
C GLY I 452 12.37 -64.77 -45.08
N VAL I 453 12.53 -63.48 -45.36
CA VAL I 453 13.83 -62.86 -45.29
C VAL I 453 14.49 -63.14 -43.92
N ILE I 454 13.72 -62.94 -42.87
CA ILE I 454 14.22 -63.14 -41.52
C ILE I 454 14.70 -64.57 -41.32
N SER I 455 13.88 -65.53 -41.73
CA SER I 455 14.22 -66.94 -41.55
C SER I 455 15.50 -67.39 -42.23
N CYS I 456 15.62 -67.16 -43.53
CA CYS I 456 16.81 -67.61 -44.23
C CYS I 456 17.90 -66.55 -44.37
N GLY I 457 17.62 -65.34 -43.90
CA GLY I 457 18.63 -64.29 -44.00
C GLY I 457 18.95 -63.88 -45.42
N LEU I 458 17.93 -63.71 -46.25
CA LEU I 458 18.13 -63.29 -47.63
C LEU I 458 18.88 -61.96 -47.53
N LYS I 459 20.04 -61.88 -48.18
CA LYS I 459 20.81 -60.65 -48.10
C LYS I 459 20.18 -59.44 -48.78
N HIS I 460 19.66 -59.63 -49.99
CA HIS I 460 19.02 -58.54 -50.73
C HIS I 460 17.79 -59.05 -51.44
N ILE I 461 16.78 -58.19 -51.56
CA ILE I 461 15.51 -58.56 -52.15
C ILE I 461 15.31 -58.03 -53.55
N GLY I 462 15.37 -58.94 -54.52
CA GLY I 462 15.17 -58.56 -55.91
C GLY I 462 13.70 -58.63 -56.33
N ASP I 463 13.38 -57.98 -57.44
CA ASP I 463 12.01 -57.96 -57.95
C ASP I 463 11.40 -59.35 -58.13
N ASP I 464 12.23 -60.32 -58.46
CA ASP I 464 11.70 -61.65 -58.65
C ASP I 464 11.06 -62.19 -57.38
N VAL I 465 11.49 -61.67 -56.23
CA VAL I 465 10.92 -62.12 -54.95
C VAL I 465 9.45 -61.72 -54.86
N PHE I 466 9.14 -60.52 -55.32
CA PHE I 466 7.76 -60.05 -55.29
C PHE I 466 6.93 -60.71 -56.37
N LEU I 467 7.54 -60.99 -57.51
CA LEU I 467 6.82 -61.63 -58.61
C LEU I 467 6.45 -63.04 -58.15
N THR I 468 7.43 -63.73 -57.60
CA THR I 468 7.23 -65.07 -57.10
C THR I 468 6.15 -65.07 -56.02
N THR I 469 6.24 -64.13 -55.09
CA THR I 469 5.24 -64.07 -54.04
C THR I 469 3.84 -63.81 -54.59
N ALA I 470 3.76 -63.06 -55.69
CA ALA I 470 2.47 -62.77 -56.29
C ALA I 470 1.86 -64.07 -56.77
N GLU I 471 2.72 -64.96 -57.25
CA GLU I 471 2.30 -66.24 -57.77
C GLU I 471 1.92 -67.16 -56.63
N VAL I 472 2.63 -67.04 -55.52
CA VAL I 472 2.35 -67.85 -54.34
C VAL I 472 1.00 -67.44 -53.78
N ILE I 473 0.75 -66.13 -53.72
CA ILE I 473 -0.51 -65.64 -53.20
C ILE I 473 -1.69 -66.07 -54.08
N ALA I 474 -1.56 -65.91 -55.40
CA ALA I 474 -2.63 -66.28 -56.33
C ALA I 474 -2.92 -67.79 -56.31
N GLN I 475 -1.89 -68.58 -56.03
CA GLN I 475 -2.03 -70.04 -55.95
C GLN I 475 -2.89 -70.48 -54.77
N GLU I 476 -3.09 -69.60 -53.79
CA GLU I 476 -3.89 -69.94 -52.62
C GLU I 476 -5.36 -69.48 -52.74
N VAL I 477 -5.72 -68.95 -53.91
CA VAL I 477 -7.09 -68.51 -54.15
C VAL I 477 -7.73 -69.73 -54.81
N SER I 478 -8.73 -70.32 -54.15
CA SER I 478 -9.39 -71.51 -54.66
C SER I 478 -10.54 -71.19 -55.61
N GLU I 479 -11.00 -72.22 -56.30
CA GLU I 479 -12.10 -72.09 -57.24
C GLU I 479 -13.30 -71.48 -56.52
N GLU I 480 -13.53 -71.92 -55.29
CA GLU I 480 -14.63 -71.43 -54.47
C GLU I 480 -14.47 -69.95 -54.19
N ASN I 481 -13.23 -69.55 -53.88
CA ASN I 481 -12.92 -68.15 -53.62
C ASN I 481 -13.36 -67.35 -54.84
N LEU I 482 -12.82 -67.73 -55.98
CA LEU I 482 -13.15 -67.05 -57.23
C LEU I 482 -14.65 -66.97 -57.46
N GLN I 483 -15.38 -68.04 -57.15
CA GLN I 483 -16.83 -68.05 -57.35
C GLN I 483 -17.58 -67.05 -56.47
N GLU I 484 -16.91 -66.55 -55.44
CA GLU I 484 -17.52 -65.57 -54.55
C GLU I 484 -17.07 -64.17 -54.95
N GLY I 485 -16.13 -64.10 -55.88
CA GLY I 485 -15.64 -62.80 -56.32
C GLY I 485 -14.36 -62.40 -55.61
N ARG I 486 -13.72 -63.35 -54.93
CA ARG I 486 -12.48 -63.09 -54.21
C ARG I 486 -11.23 -63.24 -55.10
N LEU I 487 -10.42 -62.19 -55.18
CA LEU I 487 -9.18 -62.28 -55.96
C LEU I 487 -8.04 -62.66 -55.01
N TYR I 488 -8.33 -62.70 -53.72
CA TYR I 488 -7.34 -63.05 -52.72
C TYR I 488 -7.87 -64.07 -51.70
N PRO I 489 -7.00 -64.99 -51.25
CA PRO I 489 -7.48 -65.96 -50.27
C PRO I 489 -8.05 -65.20 -49.10
N PRO I 490 -9.06 -65.77 -48.44
CA PRO I 490 -9.67 -65.08 -47.29
C PRO I 490 -8.67 -64.64 -46.23
N LEU I 491 -8.92 -63.48 -45.65
CA LEU I 491 -8.07 -62.93 -44.61
C LEU I 491 -7.83 -63.93 -43.48
N VAL I 492 -8.86 -64.69 -43.13
CA VAL I 492 -8.73 -65.66 -42.04
C VAL I 492 -7.59 -66.66 -42.29
N THR I 493 -7.19 -66.82 -43.54
CA THR I 493 -6.10 -67.75 -43.84
C THR I 493 -4.79 -67.02 -44.08
N ILE I 494 -4.75 -65.71 -43.84
CA ILE I 494 -3.55 -64.93 -44.11
C ILE I 494 -2.29 -65.49 -43.47
N GLN I 495 -2.41 -66.17 -42.32
CA GLN I 495 -1.23 -66.72 -41.66
C GLN I 495 -0.62 -67.86 -42.47
N GLN I 496 -1.47 -68.73 -43.01
CA GLN I 496 -0.96 -69.83 -43.80
C GLN I 496 -0.35 -69.34 -45.10
N VAL I 497 -0.96 -68.32 -45.69
CA VAL I 497 -0.44 -67.74 -46.93
C VAL I 497 0.95 -67.21 -46.64
N SER I 498 1.06 -66.42 -45.57
CA SER I 498 2.33 -65.84 -45.18
C SER I 498 3.39 -66.92 -45.09
N LEU I 499 3.00 -68.04 -44.48
CA LEU I 499 3.90 -69.16 -44.31
C LEU I 499 4.43 -69.65 -45.64
N LYS I 500 3.52 -69.95 -46.56
CA LYS I 500 3.93 -70.42 -47.87
C LYS I 500 4.79 -69.40 -48.61
N ILE I 501 4.53 -68.12 -48.38
CA ILE I 501 5.32 -67.08 -49.04
C ILE I 501 6.74 -67.10 -48.50
N ALA I 502 6.85 -67.34 -47.20
CA ALA I 502 8.14 -67.39 -46.53
C ALA I 502 8.94 -68.62 -46.98
N VAL I 503 8.34 -69.80 -46.91
CA VAL I 503 9.04 -71.02 -47.33
C VAL I 503 9.50 -70.92 -48.78
N ARG I 504 8.69 -70.28 -49.62
CA ARG I 504 9.06 -70.16 -51.02
C ARG I 504 10.28 -69.28 -51.18
N ILE I 505 10.29 -68.14 -50.47
CA ILE I 505 11.41 -67.21 -50.51
C ILE I 505 12.69 -67.88 -49.99
N ALA I 506 12.54 -68.70 -48.96
CA ALA I 506 13.66 -69.40 -48.37
C ALA I 506 14.27 -70.38 -49.35
N LYS I 507 13.43 -71.16 -50.02
CA LYS I 507 13.91 -72.15 -50.99
C LYS I 507 14.76 -71.44 -52.06
N GLU I 508 14.21 -70.38 -52.65
CA GLU I 508 14.94 -69.67 -53.69
C GLU I 508 16.21 -69.02 -53.13
N ALA I 509 16.18 -68.64 -51.86
CA ALA I 509 17.36 -68.02 -51.25
C ALA I 509 18.51 -69.01 -51.19
N TYR I 510 18.23 -70.22 -50.73
CA TYR I 510 19.29 -71.22 -50.66
C TYR I 510 19.70 -71.65 -52.07
N ARG I 511 18.72 -71.83 -52.96
CA ARG I 511 19.04 -72.22 -54.33
C ARG I 511 20.00 -71.22 -54.97
N ASN I 512 19.74 -69.93 -54.79
CA ASN I 512 20.58 -68.88 -55.38
C ASN I 512 21.75 -68.51 -54.51
N ASN I 513 21.86 -69.17 -53.38
CA ASN I 513 22.92 -68.90 -52.42
C ASN I 513 22.95 -67.45 -51.90
N THR I 514 21.78 -66.83 -51.81
CA THR I 514 21.67 -65.46 -51.32
C THR I 514 21.24 -65.48 -49.86
N ALA I 515 21.05 -66.69 -49.34
CA ALA I 515 20.63 -66.91 -47.98
C ALA I 515 21.84 -66.76 -47.05
N SER I 516 21.58 -66.56 -45.76
CA SER I 516 22.66 -66.39 -44.80
C SER I 516 22.58 -67.35 -43.63
N THR I 517 21.40 -67.89 -43.37
CA THR I 517 21.22 -68.82 -42.26
C THR I 517 21.63 -70.25 -42.57
N TYR I 518 22.74 -70.68 -41.98
CA TYR I 518 23.26 -72.04 -42.21
C TYR I 518 23.59 -72.71 -40.87
N PRO I 519 23.61 -74.04 -40.84
CA PRO I 519 23.33 -74.92 -41.98
C PRO I 519 21.90 -74.76 -42.49
N GLN I 520 21.67 -75.14 -43.75
CA GLN I 520 20.34 -75.06 -44.31
C GLN I 520 19.46 -76.13 -43.70
N PRO I 521 18.25 -75.77 -43.27
CA PRO I 521 17.35 -76.75 -42.68
C PRO I 521 16.96 -77.82 -43.69
N GLU I 522 16.82 -79.05 -43.23
CA GLU I 522 16.43 -80.13 -44.14
C GLU I 522 14.99 -79.94 -44.57
N ASP I 523 14.16 -79.43 -43.66
CA ASP I 523 12.75 -79.20 -43.95
C ASP I 523 12.41 -77.74 -43.68
N LEU I 524 12.48 -76.92 -44.71
CA LEU I 524 12.19 -75.51 -44.55
C LEU I 524 10.86 -75.17 -43.91
N GLU I 525 9.78 -75.83 -44.34
CA GLU I 525 8.49 -75.54 -43.77
C GLU I 525 8.46 -75.79 -42.27
N ALA I 526 8.99 -76.94 -41.85
CA ALA I 526 9.01 -77.25 -40.42
C ALA I 526 9.87 -76.22 -39.69
N PHE I 527 10.97 -75.82 -40.30
CA PHE I 527 11.85 -74.86 -39.66
C PHE I 527 11.13 -73.55 -39.43
N ILE I 528 10.63 -72.95 -40.50
CA ILE I 528 9.92 -71.70 -40.40
C ILE I 528 8.74 -71.79 -39.43
N ARG I 529 8.01 -72.91 -39.44
CA ARG I 529 6.87 -73.07 -38.52
C ARG I 529 7.33 -72.98 -37.08
N SER I 530 8.54 -73.48 -36.82
CA SER I 530 9.08 -73.46 -35.48
C SER I 530 9.59 -72.08 -35.10
N GLN I 531 9.79 -71.22 -36.09
CA GLN I 531 10.28 -69.88 -35.81
C GLN I 531 9.13 -68.87 -35.61
N VAL I 532 7.90 -69.30 -35.92
CA VAL I 532 6.73 -68.45 -35.80
C VAL I 532 6.35 -68.13 -34.36
N TYR I 533 5.85 -66.90 -34.19
CA TYR I 533 5.44 -66.38 -32.87
C TYR I 533 4.29 -67.16 -32.30
N SER I 534 4.28 -67.33 -30.98
CA SER I 534 3.17 -68.04 -30.35
C SER I 534 2.36 -67.10 -29.47
N THR I 535 1.06 -67.29 -29.50
CA THR I 535 0.15 -66.47 -28.72
C THR I 535 0.10 -66.92 -27.26
N ASP I 536 0.48 -68.17 -27.00
CA ASP I 536 0.42 -68.68 -25.65
C ASP I 536 1.42 -68.07 -24.70
N TYR I 537 1.00 -67.91 -23.44
CA TYR I 537 1.85 -67.37 -22.40
C TYR I 537 2.94 -68.36 -22.07
N ASN I 538 4.04 -67.88 -21.50
CA ASN I 538 5.11 -68.77 -21.10
C ASN I 538 4.99 -68.93 -19.58
N CYS I 539 5.67 -69.92 -19.03
CA CYS I 539 5.62 -70.16 -17.61
C CYS I 539 6.81 -69.49 -16.95
N PHE I 540 6.54 -68.69 -15.93
CA PHE I 540 7.59 -67.95 -15.25
C PHE I 540 8.14 -68.61 -13.98
N VAL I 541 7.70 -69.84 -13.73
CA VAL I 541 8.16 -70.59 -12.57
C VAL I 541 9.62 -70.97 -12.77
N ALA I 542 10.41 -70.90 -11.71
CA ALA I 542 11.83 -71.26 -11.79
C ALA I 542 11.97 -72.72 -12.16
N ASP I 543 12.97 -73.01 -13.00
CA ASP I 543 13.22 -74.38 -13.43
C ASP I 543 13.84 -75.14 -12.27
N SER I 544 12.99 -75.66 -11.39
CA SER I 544 13.43 -76.40 -10.23
C SER I 544 13.51 -77.91 -10.47
N TYR I 545 14.61 -78.52 -10.03
CA TYR I 545 14.81 -79.96 -10.17
C TYR I 545 15.86 -80.38 -9.16
N THR I 546 15.83 -81.65 -8.81
CA THR I 546 16.74 -82.17 -7.81
C THR I 546 17.92 -82.98 -8.35
N TRP I 547 18.97 -83.06 -7.54
CA TRP I 547 20.17 -83.83 -7.86
C TRP I 547 20.08 -85.02 -6.93
N PRO I 548 20.93 -86.03 -7.15
CA PRO I 548 20.91 -87.20 -6.27
C PRO I 548 21.02 -86.69 -4.85
N GLU I 549 20.87 -87.56 -3.86
CA GLU I 549 20.93 -87.10 -2.48
C GLU I 549 22.35 -86.78 -2.00
N GLU I 550 23.30 -87.63 -2.35
CA GLU I 550 24.68 -87.45 -1.92
C GLU I 550 25.38 -86.25 -2.56
N ALA I 551 25.02 -85.96 -3.80
CA ALA I 551 25.62 -84.84 -4.52
C ALA I 551 25.01 -83.52 -4.08
N MSE I 552 23.85 -83.61 -3.42
CA MSE I 552 23.13 -82.44 -2.96
C MSE I 552 23.33 -82.15 -1.48
O MSE I 552 22.76 -81.21 -0.94
CB MSE I 552 21.66 -82.68 -3.26
CG MSE I 552 20.81 -81.45 -3.38
SE MSE I 552 19.05 -81.95 -3.99
CE MSE I 552 18.65 -83.36 -2.74
N LYS I 553 24.17 -82.97 -0.85
CA LYS I 553 24.48 -82.85 0.59
C LYS I 553 25.21 -81.56 0.97
N VAL I 554 24.96 -81.07 2.18
CA VAL I 554 25.62 -79.86 2.66
C VAL I 554 26.76 -80.31 3.60
N LYS I 555 27.97 -79.86 3.29
CA LYS I 555 29.15 -80.25 4.08
C LYS I 555 29.52 -79.31 5.23
N LYS J 1 17.11 -44.13 -11.00
CA LYS J 1 16.99 -45.18 -12.02
C LYS J 1 17.05 -44.57 -13.43
N LYS J 2 17.25 -45.44 -14.42
CA LYS J 2 17.39 -44.99 -15.80
C LYS J 2 16.86 -45.94 -16.86
N GLY J 3 16.74 -45.41 -18.08
CA GLY J 3 16.25 -46.19 -19.19
C GLY J 3 14.74 -46.13 -19.35
N TYR J 4 14.21 -46.96 -20.25
CA TYR J 4 12.78 -47.04 -20.52
C TYR J 4 12.02 -47.35 -19.24
N GLU J 5 12.71 -47.93 -18.28
CA GLU J 5 12.11 -48.28 -17.00
C GLU J 5 11.50 -47.03 -16.38
N VAL J 6 12.11 -45.88 -16.65
CA VAL J 6 11.65 -44.60 -16.12
C VAL J 6 10.29 -44.21 -16.68
N LEU J 7 10.12 -44.42 -17.97
CA LEU J 7 8.89 -44.06 -18.65
C LEU J 7 7.68 -44.85 -18.13
N ARG J 8 7.94 -46.06 -17.62
CA ARG J 8 6.88 -46.93 -17.12
C ARG J 8 6.63 -46.80 -15.63
N ASP J 9 7.37 -45.92 -14.96
CA ASP J 9 7.18 -45.72 -13.53
C ASP J 9 6.44 -44.39 -13.38
N PRO J 10 5.13 -44.44 -13.12
CA PRO J 10 4.36 -43.21 -12.99
C PRO J 10 4.91 -42.23 -11.97
N HIS J 11 5.65 -42.71 -10.99
CA HIS J 11 6.21 -41.81 -9.97
C HIS J 11 7.34 -40.97 -10.54
N LEU J 12 7.99 -41.48 -11.58
CA LEU J 12 9.10 -40.78 -12.21
C LEU J 12 8.76 -40.15 -13.54
N ASN J 13 8.04 -40.88 -14.39
CA ASN J 13 7.66 -40.42 -15.73
C ASN J 13 7.10 -39.00 -15.88
N LYS J 14 7.76 -38.19 -16.72
CA LYS J 14 7.32 -36.81 -16.97
C LYS J 14 6.77 -36.71 -18.39
N GLY J 15 6.75 -37.84 -19.10
CA GLY J 15 6.24 -37.81 -20.45
C GLY J 15 7.10 -36.94 -21.32
N MSE J 16 6.48 -36.11 -22.16
CA MSE J 16 7.25 -35.25 -23.05
C MSE J 16 7.81 -34.03 -22.34
O MSE J 16 8.42 -33.16 -22.96
CB MSE J 16 6.43 -34.84 -24.26
CG MSE J 16 6.46 -35.86 -25.35
SE MSE J 16 5.12 -35.54 -26.68
CE MSE J 16 3.96 -37.04 -26.34
N ALA J 17 7.60 -33.97 -21.03
CA ALA J 17 8.10 -32.84 -20.26
C ALA J 17 9.58 -33.05 -19.98
N PHE J 18 10.10 -34.23 -20.33
CA PHE J 18 11.52 -34.52 -20.14
C PHE J 18 12.36 -33.64 -21.06
N THR J 19 13.32 -32.93 -20.48
CA THR J 19 14.21 -32.05 -21.23
C THR J 19 15.12 -32.88 -22.11
N LEU J 20 15.62 -32.29 -23.20
CA LEU J 20 16.55 -33.02 -24.05
C LEU J 20 17.72 -33.51 -23.20
N GLU J 21 18.22 -32.64 -22.33
CA GLU J 21 19.34 -32.99 -21.44
C GLU J 21 18.97 -34.18 -20.56
N GLU J 22 17.76 -34.14 -20.02
CA GLU J 22 17.30 -35.23 -19.17
C GLU J 22 17.21 -36.52 -19.94
N ARG J 23 16.62 -36.46 -21.13
CA ARG J 23 16.47 -37.65 -21.97
C ARG J 23 17.81 -38.25 -22.31
N GLN J 24 18.76 -37.42 -22.74
CA GLN J 24 20.07 -37.93 -23.07
C GLN J 24 20.71 -38.62 -21.86
N GLN J 25 20.59 -38.01 -20.68
CA GLN J 25 21.19 -38.59 -19.48
C GLN J 25 20.45 -39.82 -18.96
N LEU J 26 19.13 -39.84 -19.14
CA LEU J 26 18.33 -40.97 -18.69
C LEU J 26 18.36 -42.15 -19.66
N ASN J 27 19.02 -41.97 -20.81
CA ASN J 27 19.07 -43.01 -21.83
C ASN J 27 17.67 -43.33 -22.35
N ILE J 28 16.90 -42.29 -22.64
CA ILE J 28 15.56 -42.47 -23.18
C ILE J 28 15.37 -41.59 -24.40
N HIS J 29 16.39 -40.82 -24.75
CA HIS J 29 16.29 -39.94 -25.91
C HIS J 29 16.00 -40.76 -27.17
N GLY J 30 14.86 -40.48 -27.78
CA GLY J 30 14.48 -41.22 -28.95
C GLY J 30 13.22 -42.03 -28.68
N LEU J 31 12.96 -42.34 -27.40
CA LEU J 31 11.76 -43.09 -27.04
C LEU J 31 10.58 -42.14 -26.87
N LEU J 32 10.83 -40.86 -27.10
CA LEU J 32 9.78 -39.85 -26.99
C LEU J 32 9.76 -38.97 -28.22
N PRO J 33 8.56 -38.58 -28.68
CA PRO J 33 8.49 -37.71 -29.85
C PRO J 33 9.31 -36.43 -29.60
N PRO J 34 9.88 -35.85 -30.68
CA PRO J 34 10.71 -34.64 -30.70
C PRO J 34 10.10 -33.31 -30.27
N CYS J 35 9.36 -33.30 -29.18
CA CYS J 35 8.81 -32.04 -28.72
C CYS J 35 8.84 -32.08 -27.21
N PHE J 36 9.08 -30.93 -26.60
CA PHE J 36 9.17 -30.81 -25.14
C PHE J 36 8.12 -29.82 -24.69
N LEU J 37 7.35 -30.17 -23.67
CA LEU J 37 6.30 -29.26 -23.23
C LEU J 37 6.20 -29.16 -21.72
N GLY J 38 5.63 -28.06 -21.24
CA GLY J 38 5.47 -27.87 -19.81
C GLY J 38 4.17 -28.50 -19.35
N GLN J 39 3.97 -28.55 -18.04
CA GLN J 39 2.76 -29.13 -17.50
C GLN J 39 1.46 -28.56 -18.05
N ASP J 40 1.40 -27.25 -18.21
CA ASP J 40 0.21 -26.61 -18.73
C ASP J 40 -0.17 -27.19 -20.10
N ALA J 41 0.81 -27.39 -20.96
CA ALA J 41 0.55 -27.94 -22.28
C ALA J 41 0.03 -29.37 -22.12
N GLN J 42 0.65 -30.12 -21.21
CA GLN J 42 0.24 -31.49 -20.97
C GLN J 42 -1.19 -31.54 -20.44
N VAL J 43 -1.53 -30.59 -19.58
CA VAL J 43 -2.84 -30.52 -19.00
C VAL J 43 -3.86 -30.26 -20.09
N TYR J 44 -3.51 -29.36 -20.99
CA TYR J 44 -4.36 -29.01 -22.12
C TYR J 44 -4.77 -30.24 -22.91
N SER J 45 -3.79 -31.07 -23.25
CA SER J 45 -4.06 -32.28 -24.01
C SER J 45 -4.99 -33.21 -23.23
N ILE J 46 -4.78 -33.29 -21.91
CA ILE J 46 -5.60 -34.12 -21.06
C ILE J 46 -7.04 -33.61 -21.16
N LEU J 47 -7.21 -32.30 -21.03
CA LEU J 47 -8.54 -31.71 -21.11
C LEU J 47 -9.25 -32.03 -22.43
N LYS J 48 -8.52 -31.98 -23.54
CA LYS J 48 -9.11 -32.26 -24.84
C LYS J 48 -9.59 -33.71 -24.89
N ASN J 49 -8.89 -34.58 -24.18
CA ASN J 49 -9.27 -35.97 -24.15
C ASN J 49 -10.48 -36.21 -23.25
N PHE J 50 -10.54 -35.48 -22.15
CA PHE J 50 -11.64 -35.58 -21.19
C PHE J 50 -12.91 -35.07 -21.85
N GLU J 51 -12.80 -33.88 -22.44
CA GLU J 51 -13.92 -33.22 -23.10
C GLU J 51 -14.66 -34.06 -24.11
N ARG J 52 -13.94 -34.72 -25.00
CA ARG J 52 -14.60 -35.52 -26.02
C ARG J 52 -15.37 -36.73 -25.47
N LEU J 53 -15.03 -37.20 -24.28
CA LEU J 53 -15.71 -38.37 -23.74
C LEU J 53 -17.20 -38.13 -23.47
N THR J 54 -17.98 -39.20 -23.52
CA THR J 54 -19.42 -39.08 -23.30
C THR J 54 -20.03 -39.98 -22.23
N SER J 55 -19.27 -40.34 -21.21
CA SER J 55 -19.78 -41.18 -20.13
C SER J 55 -18.85 -41.00 -18.94
N ASP J 56 -19.42 -40.95 -17.75
CA ASP J 56 -18.62 -40.78 -16.54
C ASP J 56 -17.66 -41.94 -16.37
N LEU J 57 -18.10 -43.14 -16.75
CA LEU J 57 -17.24 -44.30 -16.60
C LEU J 57 -16.02 -44.15 -17.49
N ASP J 58 -16.19 -43.52 -18.67
CA ASP J 58 -15.06 -43.33 -19.55
C ASP J 58 -14.11 -42.27 -18.97
N ARG J 59 -14.68 -41.19 -18.44
CA ARG J 59 -13.88 -40.12 -17.86
C ARG J 59 -13.07 -40.70 -16.70
N TYR J 60 -13.71 -41.58 -15.93
CA TYR J 60 -13.04 -42.21 -14.83
C TYR J 60 -11.85 -42.97 -15.40
N ILE J 61 -12.11 -43.93 -16.28
CA ILE J 61 -11.06 -44.73 -16.89
C ILE J 61 -9.93 -43.85 -17.46
N LEU J 62 -10.27 -42.71 -18.06
CA LEU J 62 -9.23 -41.82 -18.62
C LEU J 62 -8.30 -41.37 -17.49
N LEU J 63 -8.88 -40.78 -16.45
CA LEU J 63 -8.11 -40.31 -15.31
C LEU J 63 -7.29 -41.39 -14.62
N MSE J 64 -7.89 -42.56 -14.36
CA MSE J 64 -7.18 -43.64 -13.71
C MSE J 64 -5.98 -44.03 -14.53
O MSE J 64 -4.94 -44.38 -13.98
CB MSE J 64 -8.09 -44.85 -13.52
CG MSE J 64 -9.17 -44.62 -12.49
SE MSE J 64 -8.44 -44.17 -10.74
CE MSE J 64 -6.98 -45.44 -10.70
N SER J 65 -6.12 -43.99 -15.84
CA SER J 65 -5.01 -44.34 -16.71
C SER J 65 -3.92 -43.24 -16.64
N LEU J 66 -4.33 -42.00 -16.41
CA LEU J 66 -3.37 -40.91 -16.30
C LEU J 66 -2.60 -41.17 -15.01
N GLN J 67 -3.32 -41.56 -13.97
CA GLN J 67 -2.68 -41.85 -12.69
C GLN J 67 -1.70 -43.02 -12.80
N ASP J 68 -1.96 -43.95 -13.74
CA ASP J 68 -1.06 -45.10 -13.93
C ASP J 68 0.10 -44.74 -14.87
N ARG J 69 0.08 -43.53 -15.41
CA ARG J 69 1.11 -43.12 -16.35
C ARG J 69 2.03 -41.99 -15.89
N ASN J 70 1.44 -40.92 -15.34
CA ASN J 70 2.19 -39.76 -14.87
C ASN J 70 1.62 -39.14 -13.58
N GLU J 71 2.17 -39.56 -12.45
CA GLU J 71 1.76 -39.13 -11.11
C GLU J 71 1.61 -37.63 -10.95
N LYS J 72 2.70 -36.90 -11.19
CA LYS J 72 2.65 -35.46 -11.07
C LYS J 72 1.53 -34.85 -11.91
N LEU J 73 1.48 -35.20 -13.19
CA LEU J 73 0.47 -34.66 -14.08
C LEU J 73 -0.93 -34.98 -13.59
N PHE J 74 -1.13 -36.22 -13.15
CA PHE J 74 -2.45 -36.61 -12.66
C PHE J 74 -2.93 -35.62 -11.58
N TYR J 75 -2.12 -35.41 -10.54
CA TYR J 75 -2.53 -34.49 -9.48
C TYR J 75 -2.52 -33.05 -9.89
N LYS J 76 -1.82 -32.74 -10.99
CA LYS J 76 -1.78 -31.37 -11.46
C LYS J 76 -3.13 -31.11 -12.10
N VAL J 77 -3.70 -32.15 -12.69
CA VAL J 77 -5.00 -32.08 -13.36
C VAL J 77 -6.11 -31.99 -12.34
N LEU J 78 -6.13 -32.90 -11.38
CA LEU J 78 -7.14 -32.87 -10.35
C LEU J 78 -7.21 -31.52 -9.66
N THR J 79 -6.06 -31.02 -9.22
CA THR J 79 -6.01 -29.76 -8.50
C THR J 79 -6.18 -28.53 -9.38
N SER J 80 -6.21 -28.71 -10.70
CA SER J 80 -6.37 -27.57 -11.59
C SER J 80 -7.83 -27.13 -11.57
N ASP J 81 -8.71 -28.07 -11.24
CA ASP J 81 -10.13 -27.80 -11.16
C ASP J 81 -10.79 -28.91 -10.36
N ILE J 82 -10.55 -28.87 -9.05
CA ILE J 82 -11.05 -29.86 -8.13
C ILE J 82 -12.57 -30.10 -8.16
N GLU J 83 -13.35 -29.05 -8.39
CA GLU J 83 -14.81 -29.22 -8.42
C GLU J 83 -15.26 -30.01 -9.64
N ARG J 84 -14.44 -29.97 -10.69
CA ARG J 84 -14.77 -30.67 -11.91
C ARG J 84 -14.33 -32.11 -11.85
N PHE J 85 -13.12 -32.35 -11.36
CA PHE J 85 -12.61 -33.70 -11.33
C PHE J 85 -12.86 -34.55 -10.09
N MSE J 86 -13.22 -33.93 -8.98
CA MSE J 86 -13.47 -34.72 -7.78
C MSE J 86 -14.66 -35.67 -7.97
O MSE J 86 -14.62 -36.83 -7.53
CB MSE J 86 -13.70 -33.80 -6.59
CG MSE J 86 -13.63 -34.49 -5.23
SE MSE J 86 -14.03 -33.25 -3.78
CE MSE J 86 -12.34 -32.36 -3.64
N PRO J 87 -15.74 -35.20 -8.61
CA PRO J 87 -16.92 -36.01 -8.85
C PRO J 87 -16.60 -37.22 -9.71
N ILE J 88 -15.50 -37.16 -10.47
CA ILE J 88 -15.10 -38.26 -11.31
C ILE J 88 -14.22 -39.25 -10.56
N VAL J 89 -13.22 -38.75 -9.83
CA VAL J 89 -12.31 -39.64 -9.11
C VAL J 89 -12.83 -40.04 -7.74
N TYR J 90 -13.78 -39.25 -7.24
CA TYR J 90 -14.40 -39.51 -5.95
C TYR J 90 -15.92 -39.64 -6.18
N THR J 91 -16.74 -39.43 -5.15
CA THR J 91 -18.20 -39.56 -5.30
C THR J 91 -18.78 -38.57 -6.31
N PRO J 92 -19.77 -39.02 -7.11
CA PRO J 92 -20.42 -40.34 -7.19
C PRO J 92 -19.81 -41.32 -8.18
N THR J 93 -18.97 -40.82 -9.07
CA THR J 93 -18.37 -41.66 -10.10
C THR J 93 -17.57 -42.84 -9.60
N VAL J 94 -16.93 -42.70 -8.45
CA VAL J 94 -16.13 -43.78 -7.89
C VAL J 94 -17.05 -44.94 -7.50
N GLY J 95 -18.33 -44.64 -7.29
CA GLY J 95 -19.29 -45.68 -6.93
C GLY J 95 -19.67 -46.46 -8.17
N LEU J 96 -19.90 -45.73 -9.25
CA LEU J 96 -20.23 -46.36 -10.51
C LEU J 96 -19.02 -47.23 -10.88
N ALA J 97 -17.82 -46.69 -10.68
CA ALA J 97 -16.60 -47.42 -11.00
C ALA J 97 -16.53 -48.75 -10.29
N CYS J 98 -16.84 -48.75 -9.00
CA CYS J 98 -16.79 -49.98 -8.21
C CYS J 98 -17.81 -51.00 -8.68
N GLN J 99 -18.98 -50.53 -9.08
CA GLN J 99 -20.04 -51.42 -9.54
C GLN J 99 -19.63 -52.09 -10.86
N HIS J 100 -18.71 -51.45 -11.58
CA HIS J 100 -18.22 -51.96 -12.86
C HIS J 100 -16.71 -52.11 -12.85
N TYR J 101 -16.14 -52.30 -11.66
CA TYR J 101 -14.70 -52.41 -11.54
C TYR J 101 -14.09 -53.43 -12.49
N GLY J 102 -14.71 -54.60 -12.59
CA GLY J 102 -14.18 -55.63 -13.47
C GLY J 102 -14.02 -55.09 -14.88
N LEU J 103 -15.02 -54.32 -15.33
CA LEU J 103 -15.00 -53.74 -16.67
C LEU J 103 -14.00 -52.61 -16.84
N ALA J 104 -13.92 -51.73 -15.84
CA ALA J 104 -13.00 -50.59 -15.90
C ALA J 104 -11.56 -50.95 -15.59
N PHE J 105 -11.35 -52.20 -15.16
CA PHE J 105 -10.00 -52.64 -14.81
C PHE J 105 -9.05 -52.55 -16.01
N ARG J 106 -7.83 -52.12 -15.74
CA ARG J 106 -6.78 -52.00 -16.75
C ARG J 106 -5.48 -52.45 -16.09
N ARG J 107 -4.81 -51.54 -15.39
CA ARG J 107 -3.59 -51.90 -14.69
C ARG J 107 -3.98 -52.00 -13.22
N PRO J 108 -3.45 -53.02 -12.50
CA PRO J 108 -3.81 -53.13 -11.09
C PRO J 108 -3.23 -52.01 -10.23
N ARG J 109 -3.89 -51.74 -9.11
CA ARG J 109 -3.42 -50.73 -8.17
C ARG J 109 -3.72 -51.16 -6.74
N GLY J 110 -2.76 -50.95 -5.85
CA GLY J 110 -2.97 -51.31 -4.47
C GLY J 110 -2.57 -52.72 -4.11
N LEU J 111 -2.72 -53.05 -2.84
CA LEU J 111 -2.36 -54.36 -2.33
C LEU J 111 -3.61 -55.18 -2.05
N PHE J 112 -3.64 -56.38 -2.59
CA PHE J 112 -4.78 -57.26 -2.36
C PHE J 112 -4.32 -58.40 -1.48
N ILE J 113 -4.72 -58.35 -0.19
CA ILE J 113 -4.38 -59.39 0.77
C ILE J 113 -5.64 -60.24 0.95
N THR J 114 -5.46 -61.55 0.82
CA THR J 114 -6.55 -62.52 0.93
C THR J 114 -6.61 -63.26 2.27
N ILE J 115 -7.80 -63.73 2.63
CA ILE J 115 -8.02 -64.49 3.84
C ILE J 115 -7.21 -65.80 3.72
N HIS J 116 -6.82 -66.15 2.49
CA HIS J 116 -6.04 -67.37 2.26
C HIS J 116 -4.54 -67.09 2.34
N ASP J 117 -4.20 -65.84 2.66
CA ASP J 117 -2.80 -65.48 2.78
C ASP J 117 -2.45 -65.32 4.25
N ARG J 118 -3.30 -65.85 5.13
CA ARG J 118 -3.06 -65.76 6.56
C ARG J 118 -1.69 -66.34 6.89
N GLY J 119 -0.87 -65.55 7.58
CA GLY J 119 0.45 -66.00 7.97
C GLY J 119 1.55 -65.61 7.00
N HIS J 120 1.18 -64.92 5.93
CA HIS J 120 2.16 -64.52 4.93
C HIS J 120 2.04 -63.05 4.54
N ILE J 121 1.26 -62.29 5.30
CA ILE J 121 1.08 -60.90 4.97
C ILE J 121 2.43 -60.19 4.94
N ALA J 122 3.23 -60.37 5.98
CA ALA J 122 4.55 -59.73 6.07
C ALA J 122 5.34 -59.83 4.77
N THR J 123 5.33 -61.03 4.19
CA THR J 123 6.01 -61.29 2.94
C THR J 123 5.41 -60.45 1.82
N MSE J 124 4.09 -60.36 1.80
CA MSE J 124 3.40 -59.60 0.77
C MSE J 124 3.71 -58.11 0.78
O MSE J 124 3.76 -57.49 -0.27
CB MSE J 124 1.90 -59.82 0.92
CG MSE J 124 1.56 -61.28 0.87
SE MSE J 124 -0.31 -61.59 0.66
CE MSE J 124 -0.62 -60.66 -0.99
N LEU J 125 3.90 -57.53 1.96
CA LEU J 125 4.20 -56.11 2.07
C LEU J 125 5.52 -55.83 1.34
N GLN J 126 6.37 -56.84 1.27
CA GLN J 126 7.66 -56.72 0.59
C GLN J 126 7.45 -56.52 -0.92
N SER J 127 6.48 -57.24 -1.49
CA SER J 127 6.16 -57.14 -2.91
C SER J 127 5.78 -55.72 -3.30
N TRP J 128 5.59 -54.88 -2.28
CA TRP J 128 5.23 -53.49 -2.52
C TRP J 128 6.52 -52.70 -2.68
N PRO J 129 6.70 -52.04 -3.84
CA PRO J 129 7.89 -51.23 -4.15
C PRO J 129 8.35 -50.29 -3.06
N GLU J 130 7.43 -49.50 -2.50
CA GLU J 130 7.80 -48.58 -1.44
C GLU J 130 7.96 -49.29 -0.11
N SER J 131 9.05 -48.96 0.60
CA SER J 131 9.35 -49.55 1.89
C SER J 131 8.93 -48.59 3.01
N VAL J 132 8.75 -47.32 2.67
CA VAL J 132 8.36 -46.33 3.64
C VAL J 132 6.97 -45.78 3.36
N ILE J 133 5.98 -46.38 4.01
CA ILE J 133 4.59 -45.96 3.88
C ILE J 133 4.24 -45.30 5.19
N LYS J 134 3.47 -44.22 5.12
CA LYS J 134 3.06 -43.52 6.32
C LYS J 134 1.55 -43.53 6.53
N ALA J 135 0.81 -43.92 5.50
CA ALA J 135 -0.64 -43.98 5.59
C ALA J 135 -1.22 -45.12 4.75
N ILE J 136 -2.27 -45.73 5.27
CA ILE J 136 -2.95 -46.83 4.60
C ILE J 136 -4.46 -46.66 4.69
N VAL J 137 -5.17 -46.90 3.60
CA VAL J 137 -6.64 -46.85 3.62
C VAL J 137 -7.04 -48.26 3.23
N VAL J 138 -7.64 -48.99 4.16
CA VAL J 138 -8.04 -50.37 3.94
C VAL J 138 -9.54 -50.59 3.99
N THR J 139 -10.01 -51.53 3.18
CA THR J 139 -11.44 -51.85 3.14
C THR J 139 -11.58 -53.34 2.91
N ASP J 140 -12.75 -53.89 3.17
CA ASP J 140 -12.96 -55.30 2.90
C ASP J 140 -14.11 -55.32 1.91
N GLY J 141 -14.53 -54.12 1.53
CA GLY J 141 -15.60 -53.94 0.55
C GLY J 141 -17.00 -54.40 0.89
N GLU J 142 -17.28 -54.63 2.17
CA GLU J 142 -18.60 -55.10 2.55
C GLU J 142 -19.66 -53.99 2.66
N ARG J 143 -19.22 -52.74 2.69
CA ARG J 143 -20.17 -51.65 2.79
C ARG J 143 -19.63 -50.48 1.97
N ILE J 144 -19.62 -50.66 0.66
CA ILE J 144 -19.13 -49.64 -0.27
C ILE J 144 -20.17 -48.55 -0.48
N LEU J 145 -19.99 -47.41 0.18
CA LEU J 145 -20.96 -46.32 0.07
C LEU J 145 -22.33 -46.95 0.37
N GLY J 146 -23.39 -46.45 -0.22
CA GLY J 146 -24.69 -47.02 0.04
C GLY J 146 -24.99 -48.03 -1.06
N LEU J 147 -23.94 -48.68 -1.57
CA LEU J 147 -24.11 -49.65 -2.65
C LEU J 147 -24.06 -51.11 -2.19
N GLY J 148 -23.80 -51.32 -0.91
CA GLY J 148 -23.74 -52.66 -0.38
C GLY J 148 -22.41 -53.37 -0.45
N ASP J 149 -22.47 -54.70 -0.48
CA ASP J 149 -21.28 -55.55 -0.56
C ASP J 149 -20.81 -55.67 -2.02
N LEU J 150 -19.75 -54.97 -2.39
CA LEU J 150 -19.22 -55.06 -3.75
C LEU J 150 -17.91 -55.82 -3.76
N GLY J 151 -17.66 -56.56 -2.67
CA GLY J 151 -16.44 -57.35 -2.56
C GLY J 151 -15.19 -56.66 -3.08
N CYS J 152 -14.40 -57.43 -3.83
CA CYS J 152 -13.13 -56.95 -4.38
C CYS J 152 -13.27 -55.75 -5.32
N TYR J 153 -14.47 -55.50 -5.81
CA TYR J 153 -14.72 -54.36 -6.69
C TYR J 153 -14.56 -53.09 -5.89
N GLY J 154 -14.57 -53.22 -4.56
CA GLY J 154 -14.46 -52.06 -3.69
C GLY J 154 -13.10 -51.40 -3.60
N MSE J 155 -12.09 -51.97 -4.25
CA MSE J 155 -10.75 -51.38 -4.21
C MSE J 155 -10.80 -49.95 -4.73
O MSE J 155 -9.91 -49.14 -4.42
CB MSE J 155 -9.77 -52.22 -5.04
CG MSE J 155 -8.38 -51.62 -5.13
SE MSE J 155 -7.45 -51.47 -3.42
CE MSE J 155 -6.27 -52.98 -3.55
N GLY J 156 -11.82 -49.64 -5.52
CA GLY J 156 -11.95 -48.30 -6.06
C GLY J 156 -12.04 -47.22 -4.99
N ILE J 157 -12.58 -47.58 -3.83
CA ILE J 157 -12.74 -46.64 -2.73
C ILE J 157 -11.40 -46.20 -2.14
N PRO J 158 -10.59 -47.15 -1.66
CA PRO J 158 -9.29 -46.77 -1.10
C PRO J 158 -8.53 -45.85 -2.05
N VAL J 159 -8.42 -46.26 -3.32
CA VAL J 159 -7.74 -45.47 -4.35
C VAL J 159 -8.29 -44.05 -4.42
N GLY J 160 -9.63 -43.95 -4.38
CA GLY J 160 -10.26 -42.64 -4.43
C GLY J 160 -9.97 -41.81 -3.19
N LYS J 161 -9.98 -42.45 -2.03
CA LYS J 161 -9.69 -41.74 -0.79
C LYS J 161 -8.28 -41.17 -0.84
N LEU J 162 -7.31 -42.02 -1.16
CA LEU J 162 -5.92 -41.61 -1.22
C LEU J 162 -5.68 -40.52 -2.27
N ALA J 163 -6.46 -40.52 -3.34
CA ALA J 163 -6.30 -39.50 -4.37
C ALA J 163 -6.59 -38.14 -3.75
N LEU J 164 -7.53 -38.10 -2.82
CA LEU J 164 -7.86 -36.85 -2.14
C LEU J 164 -6.84 -36.58 -1.03
N TYR J 165 -6.24 -37.64 -0.50
CA TYR J 165 -5.22 -37.49 0.54
C TYR J 165 -4.21 -36.50 -0.04
N THR J 166 -3.92 -36.68 -1.32
CA THR J 166 -2.96 -35.86 -2.05
C THR J 166 -3.55 -34.57 -2.65
N ALA J 167 -4.64 -34.68 -3.41
CA ALA J 167 -5.25 -33.52 -4.05
C ALA J 167 -5.87 -32.52 -3.06
N CYS J 168 -6.36 -33.02 -1.92
CA CYS J 168 -6.99 -32.15 -0.93
C CYS J 168 -6.17 -31.99 0.33
N GLY J 169 -5.39 -33.00 0.69
CA GLY J 169 -4.58 -32.91 1.88
C GLY J 169 -3.15 -32.43 1.66
N GLY J 170 -2.55 -32.81 0.54
CA GLY J 170 -1.18 -32.40 0.29
C GLY J 170 -0.25 -33.50 0.73
N VAL J 171 -0.81 -34.68 0.99
CA VAL J 171 -0.01 -35.81 1.41
C VAL J 171 0.70 -36.41 0.20
N LYS J 172 1.93 -36.87 0.39
CA LYS J 172 2.70 -37.47 -0.69
C LYS J 172 2.14 -38.83 -1.12
N PRO J 173 1.77 -38.96 -2.40
CA PRO J 173 1.20 -40.18 -2.98
C PRO J 173 2.03 -41.44 -2.70
N HIS J 174 3.33 -41.35 -2.96
CA HIS J 174 4.25 -42.46 -2.80
C HIS J 174 4.27 -43.01 -1.37
N GLN J 175 3.83 -42.20 -0.41
CA GLN J 175 3.81 -42.61 0.98
C GLN J 175 2.51 -43.28 1.41
N CYS J 176 1.55 -43.40 0.50
CA CYS J 176 0.26 -44.02 0.79
C CYS J 176 0.06 -45.40 0.15
N LEU J 177 -0.65 -46.28 0.86
CA LEU J 177 -0.91 -47.63 0.35
C LEU J 177 -2.39 -48.02 0.46
N PRO J 178 -3.09 -48.17 -0.69
CA PRO J 178 -4.50 -48.54 -0.69
C PRO J 178 -4.60 -50.08 -0.58
N VAL J 179 -5.35 -50.57 0.40
CA VAL J 179 -5.43 -52.01 0.59
C VAL J 179 -6.82 -52.62 0.52
N MSE J 180 -6.92 -53.80 -0.10
CA MSE J 180 -8.18 -54.51 -0.19
C MSE J 180 -7.97 -55.84 0.53
O MSE J 180 -7.09 -56.61 0.15
CB MSE J 180 -8.54 -54.79 -1.66
CG MSE J 180 -10.02 -54.48 -2.04
SE MSE J 180 -11.44 -55.44 -1.08
CE MSE J 180 -10.64 -57.17 -1.03
N LEU J 181 -8.76 -56.08 1.57
CA LEU J 181 -8.68 -57.33 2.31
C LEU J 181 -9.87 -58.17 1.83
N ASP J 182 -9.63 -59.09 0.91
CA ASP J 182 -10.69 -59.92 0.34
C ASP J 182 -10.86 -61.23 1.08
N VAL J 183 -11.98 -61.36 1.80
CA VAL J 183 -12.26 -62.56 2.55
C VAL J 183 -13.44 -63.26 1.89
N GLY J 184 -13.84 -62.74 0.73
CA GLY J 184 -14.97 -63.30 0.02
C GLY J 184 -16.03 -62.23 -0.09
N THR J 185 -17.16 -62.58 -0.68
CA THR J 185 -18.25 -61.63 -0.85
C THR J 185 -19.57 -62.40 -0.77
N ASP J 186 -20.60 -61.75 -0.26
CA ASP J 186 -21.90 -62.40 -0.14
C ASP J 186 -22.82 -61.94 -1.24
N ASN J 187 -22.31 -61.11 -2.14
CA ASN J 187 -23.13 -60.62 -3.24
C ASN J 187 -23.28 -61.69 -4.31
N GLU J 188 -24.43 -62.37 -4.30
CA GLU J 188 -24.74 -63.42 -5.25
C GLU J 188 -24.45 -62.96 -6.69
N THR J 189 -24.80 -61.72 -6.99
CA THR J 189 -24.59 -61.18 -8.32
C THR J 189 -23.12 -61.25 -8.71
N LEU J 190 -22.24 -60.79 -7.83
CA LEU J 190 -20.81 -60.82 -8.11
C LEU J 190 -20.28 -62.23 -8.32
N LEU J 191 -20.64 -63.15 -7.44
CA LEU J 191 -20.17 -64.52 -7.57
C LEU J 191 -20.43 -65.06 -8.97
N LYS J 192 -21.53 -64.62 -9.57
CA LYS J 192 -21.92 -65.06 -10.92
C LYS J 192 -21.30 -64.18 -12.02
N ASP J 193 -20.84 -63.00 -11.63
CA ASP J 193 -20.23 -62.06 -12.57
C ASP J 193 -18.95 -62.64 -13.19
N PRO J 194 -18.92 -62.78 -14.53
CA PRO J 194 -17.74 -63.32 -15.21
C PRO J 194 -16.55 -62.37 -15.16
N LEU J 195 -16.80 -61.11 -14.83
CA LEU J 195 -15.76 -60.12 -14.75
C LEU J 195 -15.28 -59.87 -13.34
N TYR J 196 -15.96 -60.48 -12.36
CA TYR J 196 -15.57 -60.30 -10.97
C TYR J 196 -14.10 -60.69 -10.78
N ILE J 197 -13.35 -59.83 -10.10
CA ILE J 197 -11.93 -60.05 -9.87
C ILE J 197 -11.59 -60.57 -8.47
N GLY J 198 -12.59 -60.76 -7.62
CA GLY J 198 -12.31 -61.22 -6.27
C GLY J 198 -12.55 -62.70 -6.08
N LEU J 199 -12.33 -63.17 -4.86
CA LEU J 199 -12.53 -64.57 -4.53
C LEU J 199 -13.99 -64.90 -4.75
N ARG J 200 -14.26 -65.98 -5.46
CA ARG J 200 -15.62 -66.38 -5.74
C ARG J 200 -16.25 -67.29 -4.67
N HIS J 201 -16.43 -66.77 -3.46
CA HIS J 201 -17.05 -67.53 -2.38
C HIS J 201 -17.50 -66.63 -1.24
N LYS J 202 -18.57 -67.01 -0.56
CA LYS J 202 -19.12 -66.24 0.55
C LYS J 202 -18.04 -65.75 1.52
N ARG J 203 -18.26 -64.61 2.14
CA ARG J 203 -17.29 -64.03 3.07
C ARG J 203 -16.97 -64.94 4.24
N ILE J 204 -15.69 -65.02 4.59
CA ILE J 204 -15.23 -65.81 5.71
C ILE J 204 -15.39 -64.92 6.93
N ARG J 205 -16.06 -65.44 7.96
CA ARG J 205 -16.26 -64.67 9.17
C ARG J 205 -15.71 -65.44 10.35
N GLY J 206 -15.98 -64.96 11.56
CA GLY J 206 -15.50 -65.65 12.75
C GLY J 206 -14.06 -65.37 13.09
N GLN J 207 -13.43 -66.32 13.78
CA GLN J 207 -12.04 -66.21 14.20
C GLN J 207 -11.05 -66.01 13.05
N ALA J 208 -11.29 -66.69 11.93
CA ALA J 208 -10.42 -66.56 10.78
C ALA J 208 -10.27 -65.10 10.37
N TYR J 209 -11.41 -64.42 10.24
CA TYR J 209 -11.43 -63.02 9.86
C TYR J 209 -10.64 -62.20 10.86
N ASP J 210 -11.00 -62.31 12.13
CA ASP J 210 -10.35 -61.57 13.20
C ASP J 210 -8.85 -61.75 13.22
N ASP J 211 -8.41 -62.98 12.98
CA ASP J 211 -7.00 -63.26 12.98
C ASP J 211 -6.31 -62.60 11.78
N LEU J 212 -6.99 -62.58 10.64
CA LEU J 212 -6.42 -61.95 9.46
C LEU J 212 -6.20 -60.47 9.74
N LEU J 213 -7.21 -59.82 10.32
CA LEU J 213 -7.10 -58.39 10.63
C LEU J 213 -6.00 -58.13 11.65
N ASP J 214 -5.88 -59.00 12.66
CA ASP J 214 -4.83 -58.80 13.66
C ASP J 214 -3.48 -58.87 12.98
N GLU J 215 -3.27 -59.91 12.16
CA GLU J 215 -2.01 -60.10 11.45
C GLU J 215 -1.67 -58.89 10.58
N PHE J 216 -2.68 -58.40 9.86
CA PHE J 216 -2.50 -57.24 8.99
C PHE J 216 -1.91 -56.06 9.75
N MSE J 217 -2.59 -55.67 10.82
CA MSE J 217 -2.17 -54.56 11.66
C MSE J 217 -0.77 -54.77 12.22
O MSE J 217 0.01 -53.82 12.31
CB MSE J 217 -3.16 -54.39 12.81
CG MSE J 217 -4.59 -54.08 12.36
SE MSE J 217 -4.76 -52.27 11.70
CE MSE J 217 -5.47 -52.63 9.97
N GLU J 218 -0.45 -56.00 12.61
CA GLU J 218 0.86 -56.29 13.16
C GLU J 218 1.93 -56.16 12.07
N ALA J 219 1.68 -56.79 10.92
CA ALA J 219 2.60 -56.76 9.78
C ALA J 219 2.89 -55.36 9.32
N VAL J 220 1.82 -54.61 9.07
CA VAL J 220 1.92 -53.25 8.58
C VAL J 220 2.70 -52.34 9.52
N THR J 221 2.45 -52.47 10.81
CA THR J 221 3.13 -51.63 11.78
C THR J 221 4.56 -52.10 12.04
N SER J 222 4.81 -53.39 11.87
CA SER J 222 6.14 -53.93 12.09
C SER J 222 7.08 -53.51 10.95
N ARG J 223 6.54 -53.39 9.74
CA ARG J 223 7.35 -53.00 8.61
C ARG J 223 7.45 -51.50 8.46
N TYR J 224 6.32 -50.83 8.55
CA TYR J 224 6.24 -49.39 8.36
C TYR J 224 6.37 -48.55 9.63
N GLY J 225 6.23 -49.18 10.79
CA GLY J 225 6.36 -48.45 12.03
C GLY J 225 5.04 -48.30 12.77
N MSE J 226 5.13 -48.02 14.06
CA MSE J 226 3.94 -47.85 14.88
C MSE J 226 3.17 -46.57 14.55
O MSE J 226 1.97 -46.47 14.82
CB MSE J 226 4.34 -47.86 16.36
CG MSE J 226 4.77 -49.23 16.85
SE MSE J 226 3.29 -50.49 16.69
CE MSE J 226 2.32 -50.07 18.29
N ASN J 227 3.86 -45.60 13.97
CA ASN J 227 3.25 -44.34 13.61
C ASN J 227 2.48 -44.39 12.30
N CYS J 228 2.53 -45.53 11.61
CA CYS J 228 1.82 -45.65 10.35
C CYS J 228 0.32 -45.48 10.57
N LEU J 229 -0.25 -44.56 9.79
CA LEU J 229 -1.68 -44.25 9.87
C LEU J 229 -2.49 -45.28 9.11
N ILE J 230 -3.45 -45.90 9.79
CA ILE J 230 -4.30 -46.91 9.17
C ILE J 230 -5.75 -46.42 9.23
N GLN J 231 -6.30 -46.12 8.05
CA GLN J 231 -7.67 -45.63 7.93
C GLN J 231 -8.62 -46.71 7.42
N PHE J 232 -9.56 -47.13 8.27
CA PHE J 232 -10.54 -48.13 7.88
C PHE J 232 -11.64 -47.47 7.07
N GLU J 233 -11.99 -48.09 5.95
CA GLU J 233 -13.01 -47.54 5.08
C GLU J 233 -13.97 -48.59 4.53
N ASP J 234 -15.26 -48.31 4.66
CA ASP J 234 -16.29 -49.18 4.14
C ASP J 234 -16.34 -50.64 4.55
N PHE J 235 -16.27 -50.85 5.87
CA PHE J 235 -16.39 -52.18 6.46
C PHE J 235 -17.85 -52.20 6.89
N ALA J 236 -18.41 -53.40 7.12
CA ALA J 236 -19.79 -53.51 7.56
C ALA J 236 -19.89 -53.03 9.00
N ASN J 237 -21.10 -52.62 9.39
CA ASN J 237 -21.39 -52.11 10.73
C ASN J 237 -20.64 -52.78 11.88
N ALA J 238 -21.00 -54.05 12.13
CA ALA J 238 -20.40 -54.83 13.21
C ALA J 238 -18.87 -54.79 13.21
N ASN J 239 -18.27 -55.17 12.08
CA ASN J 239 -16.82 -55.17 11.96
C ASN J 239 -16.23 -53.78 12.17
N ALA J 240 -16.88 -52.77 11.59
CA ALA J 240 -16.40 -51.41 11.72
C ALA J 240 -16.14 -51.00 13.17
N PHE J 241 -17.19 -51.00 13.98
CA PHE J 241 -17.06 -50.63 15.38
C PHE J 241 -16.09 -51.52 16.15
N ARG J 242 -16.25 -52.83 16.01
CA ARG J 242 -15.41 -53.79 16.72
C ARG J 242 -13.94 -53.55 16.47
N LEU J 243 -13.56 -53.44 15.21
CA LEU J 243 -12.16 -53.21 14.89
C LEU J 243 -11.68 -51.88 15.44
N LEU J 244 -12.47 -50.83 15.28
CA LEU J 244 -12.07 -49.51 15.76
C LEU J 244 -11.79 -49.54 17.24
N HIS J 245 -12.71 -50.13 18.00
CA HIS J 245 -12.55 -50.22 19.43
C HIS J 245 -11.33 -51.09 19.78
N LYS J 246 -11.08 -52.10 18.96
CA LYS J 246 -9.97 -53.01 19.20
C LYS J 246 -8.55 -52.49 18.93
N TYR J 247 -8.37 -51.61 17.96
CA TYR J 247 -7.02 -51.09 17.63
C TYR J 247 -6.81 -49.61 17.96
N ARG J 248 -7.93 -48.96 18.26
CA ARG J 248 -8.00 -47.55 18.61
C ARG J 248 -6.83 -47.01 19.45
N ASN J 249 -6.59 -47.67 20.58
CA ASN J 249 -5.53 -47.27 21.49
C ASN J 249 -4.21 -48.01 21.28
N LYS J 250 -4.24 -49.07 20.47
CA LYS J 250 -3.03 -49.85 20.24
C LYS J 250 -2.22 -49.33 19.07
N TYR J 251 -2.92 -48.87 18.03
CA TYR J 251 -2.24 -48.37 16.84
C TYR J 251 -2.73 -46.99 16.46
N CYS J 252 -2.09 -46.38 15.47
CA CYS J 252 -2.49 -45.07 15.01
C CYS J 252 -3.54 -45.34 13.94
N THR J 253 -4.80 -45.36 14.33
CA THR J 253 -5.88 -45.67 13.40
C THR J 253 -7.20 -44.97 13.69
N PHE J 254 -8.09 -44.96 12.71
CA PHE J 254 -9.41 -44.37 12.88
C PHE J 254 -10.28 -44.85 11.73
N ASN J 255 -11.59 -44.83 11.93
CA ASN J 255 -12.53 -45.25 10.91
C ASN J 255 -13.18 -44.01 10.32
N ASP J 256 -13.00 -43.85 9.01
CA ASP J 256 -13.53 -42.68 8.29
C ASP J 256 -15.07 -42.61 8.29
N ASP J 257 -15.71 -43.75 8.11
CA ASP J 257 -17.15 -43.80 8.06
C ASP J 257 -17.82 -43.41 9.37
N ILE J 258 -17.22 -43.83 10.48
CA ILE J 258 -17.73 -43.55 11.81
C ILE J 258 -17.30 -42.20 12.39
N GLN J 259 -16.00 -41.92 12.33
CA GLN J 259 -15.46 -40.70 12.93
C GLN J 259 -15.30 -39.55 11.95
N GLY J 260 -14.79 -39.85 10.76
CA GLY J 260 -14.62 -38.81 9.76
C GLY J 260 -15.93 -38.12 9.44
N THR J 261 -16.96 -38.91 9.22
CA THR J 261 -18.28 -38.39 8.91
C THR J 261 -18.75 -37.54 10.08
N ALA J 262 -18.52 -38.04 11.29
CA ALA J 262 -18.91 -37.34 12.50
C ALA J 262 -18.35 -35.94 12.49
N SER J 263 -17.06 -35.85 12.22
CA SER J 263 -16.38 -34.57 12.21
C SER J 263 -17.00 -33.58 11.22
N VAL J 264 -17.14 -33.97 9.96
CA VAL J 264 -17.71 -33.07 8.98
C VAL J 264 -19.18 -32.73 9.26
N ALA J 265 -19.92 -33.70 9.79
CA ALA J 265 -21.33 -33.45 10.08
C ALA J 265 -21.44 -32.36 11.13
N VAL J 266 -20.72 -32.53 12.24
CA VAL J 266 -20.77 -31.55 13.31
C VAL J 266 -20.22 -30.20 12.81
N ALA J 267 -19.25 -30.23 11.91
CA ALA J 267 -18.69 -28.99 11.38
C ALA J 267 -19.80 -28.20 10.70
N GLY J 268 -20.67 -28.92 10.01
CA GLY J 268 -21.77 -28.29 9.30
C GLY J 268 -22.78 -27.65 10.24
N LEU J 269 -23.13 -28.36 11.31
CA LEU J 269 -24.05 -27.83 12.29
C LEU J 269 -23.40 -26.62 12.93
N LEU J 270 -22.15 -26.77 13.35
CA LEU J 270 -21.44 -25.66 13.96
C LEU J 270 -21.56 -24.41 13.11
N ALA J 271 -21.56 -24.59 11.80
CA ALA J 271 -21.68 -23.47 10.87
C ALA J 271 -23.14 -23.02 10.79
N ALA J 272 -24.05 -23.99 10.76
CA ALA J 272 -25.48 -23.69 10.68
C ALA J 272 -25.97 -22.81 11.85
N LEU J 273 -25.37 -23.00 13.02
CA LEU J 273 -25.74 -22.24 14.21
C LEU J 273 -25.68 -20.73 13.99
N ARG J 274 -24.89 -20.31 12.99
CA ARG J 274 -24.74 -18.89 12.71
C ARG J 274 -25.87 -18.38 11.82
N ILE J 275 -26.66 -19.30 11.29
CA ILE J 275 -27.80 -18.99 10.44
C ILE J 275 -29.06 -19.07 11.29
N THR J 276 -29.16 -20.12 12.10
CA THR J 276 -30.29 -20.34 12.98
C THR J 276 -30.18 -19.43 14.22
N LYS J 277 -29.02 -18.84 14.41
CA LYS J 277 -28.80 -17.92 15.52
C LYS J 277 -29.14 -18.48 16.89
N ASN J 278 -28.81 -19.74 17.14
CA ASN J 278 -29.04 -20.35 18.44
C ASN J 278 -27.87 -21.23 18.83
N ARG J 279 -28.01 -21.98 19.92
CA ARG J 279 -26.94 -22.86 20.37
C ARG J 279 -27.24 -24.33 20.10
N LEU J 280 -26.17 -25.08 19.87
CA LEU J 280 -26.30 -26.48 19.57
C LEU J 280 -27.24 -27.19 20.55
N SER J 281 -27.26 -26.75 21.80
CA SER J 281 -28.11 -27.37 22.80
C SER J 281 -29.58 -26.98 22.67
N ASP J 282 -29.91 -26.26 21.61
CA ASP J 282 -31.30 -25.83 21.38
C ASP J 282 -31.94 -26.75 20.34
N HIS J 283 -31.13 -27.53 19.63
CA HIS J 283 -31.64 -28.41 18.59
C HIS J 283 -32.08 -29.80 19.04
N THR J 284 -32.81 -30.45 18.15
CA THR J 284 -33.28 -31.82 18.34
C THR J 284 -33.00 -32.48 17.01
N VAL J 285 -32.07 -33.42 17.03
CA VAL J 285 -31.66 -34.11 15.82
C VAL J 285 -32.31 -35.46 15.65
N LEU J 286 -32.78 -35.70 14.43
CA LEU J 286 -33.40 -36.97 14.11
C LEU J 286 -32.58 -37.58 13.00
N PHE J 287 -32.15 -38.83 13.21
CA PHE J 287 -31.35 -39.56 12.23
C PHE J 287 -32.15 -40.61 11.48
N GLN J 288 -31.98 -40.64 10.17
CA GLN J 288 -32.62 -41.64 9.32
C GLN J 288 -31.50 -42.64 9.16
N GLY J 289 -31.50 -43.67 9.99
CA GLY J 289 -30.44 -44.66 9.95
C GLY J 289 -29.80 -44.64 11.32
N ALA J 290 -29.31 -45.78 11.79
CA ALA J 290 -28.68 -45.84 13.10
C ALA J 290 -27.42 -46.68 13.02
N GLY J 291 -26.61 -46.44 12.00
CA GLY J 291 -25.40 -47.21 11.83
C GLY J 291 -24.12 -46.44 12.06
N GLU J 292 -23.05 -46.89 11.41
CA GLU J 292 -21.73 -46.27 11.54
C GLU J 292 -21.76 -44.76 11.53
N ALA J 293 -22.37 -44.18 10.52
CA ALA J 293 -22.44 -42.73 10.40
C ALA J 293 -23.29 -42.09 11.51
N ALA J 294 -24.51 -42.58 11.66
CA ALA J 294 -25.43 -42.06 12.66
C ALA J 294 -24.84 -42.08 14.05
N LEU J 295 -24.43 -43.26 14.52
CA LEU J 295 -23.85 -43.43 15.85
C LEU J 295 -22.60 -42.56 16.10
N GLY J 296 -21.74 -42.47 15.09
CA GLY J 296 -20.55 -41.65 15.23
C GLY J 296 -20.91 -40.18 15.28
N ILE J 297 -21.76 -39.73 14.36
CA ILE J 297 -22.17 -38.33 14.34
C ILE J 297 -22.89 -37.96 15.65
N ALA J 298 -23.78 -38.83 16.09
CA ALA J 298 -24.52 -38.59 17.31
C ALA J 298 -23.52 -38.37 18.42
N ASN J 299 -22.60 -39.32 18.55
CA ASN J 299 -21.57 -39.25 19.55
C ASN J 299 -20.84 -37.91 19.54
N LEU J 300 -20.42 -37.43 18.37
CA LEU J 300 -19.71 -36.15 18.31
C LEU J 300 -20.64 -35.01 18.68
N ILE J 301 -21.90 -35.10 18.26
CA ILE J 301 -22.87 -34.06 18.58
C ILE J 301 -22.99 -33.88 20.09
N VAL J 302 -23.06 -35.00 20.80
CA VAL J 302 -23.16 -34.95 22.25
C VAL J 302 -21.95 -34.22 22.84
N MSE J 303 -20.75 -34.64 22.45
CA MSE J 303 -19.52 -34.01 22.94
C MSE J 303 -19.52 -32.53 22.67
O MSE J 303 -19.04 -31.74 23.47
CB MSE J 303 -18.30 -34.63 22.27
CG MSE J 303 -18.00 -36.02 22.75
SE MSE J 303 -16.40 -36.67 21.94
CE MSE J 303 -15.29 -35.10 22.10
N ALA J 304 -20.06 -32.16 21.51
CA ALA J 304 -20.14 -30.77 21.13
C ALA J 304 -21.07 -30.03 22.11
N MSE J 305 -22.20 -30.64 22.42
CA MSE J 305 -23.17 -30.02 23.33
C MSE J 305 -22.64 -29.89 24.75
O MSE J 305 -22.90 -28.89 25.43
CB MSE J 305 -24.47 -30.82 23.35
CG MSE J 305 -25.19 -30.81 22.02
SE MSE J 305 -26.92 -31.62 22.14
CE MSE J 305 -26.42 -33.47 22.13
N GLN J 306 -21.92 -30.89 25.21
CA GLN J 306 -21.37 -30.84 26.55
C GLN J 306 -20.40 -29.67 26.61
N LYS J 307 -19.61 -29.51 25.55
CA LYS J 307 -18.66 -28.42 25.50
C LYS J 307 -19.39 -27.08 25.67
N GLU J 308 -20.66 -27.03 25.28
CA GLU J 308 -21.43 -25.78 25.43
C GLU J 308 -21.85 -25.56 26.86
N GLY J 309 -21.83 -26.63 27.65
CA GLY J 309 -22.21 -26.51 29.05
C GLY J 309 -23.30 -27.49 29.45
N VAL J 310 -23.92 -28.15 28.48
CA VAL J 310 -24.97 -29.10 28.74
C VAL J 310 -24.41 -30.41 29.31
N SER J 311 -25.23 -31.12 30.08
CA SER J 311 -24.82 -32.39 30.66
C SER J 311 -24.91 -33.50 29.63
N LYS J 312 -24.15 -34.57 29.85
CA LYS J 312 -24.17 -35.68 28.91
C LYS J 312 -25.57 -36.29 28.79
N GLU J 313 -26.28 -36.39 29.91
CA GLU J 313 -27.62 -36.95 29.89
C GLU J 313 -28.59 -36.07 29.11
N GLU J 314 -28.57 -34.78 29.40
CA GLU J 314 -29.45 -33.84 28.74
C GLU J 314 -29.17 -33.81 27.25
N ALA J 315 -27.89 -33.94 26.88
CA ALA J 315 -27.51 -33.92 25.48
C ALA J 315 -28.09 -35.09 24.71
N ILE J 316 -27.92 -36.29 25.26
CA ILE J 316 -28.42 -37.50 24.63
C ILE J 316 -29.93 -37.45 24.40
N LYS J 317 -30.65 -36.80 25.31
CA LYS J 317 -32.09 -36.68 25.20
C LYS J 317 -32.54 -35.92 23.95
N ARG J 318 -31.65 -35.14 23.34
CA ARG J 318 -32.01 -34.38 22.16
C ARG J 318 -31.74 -35.10 20.86
N ILE J 319 -31.31 -36.36 20.93
CA ILE J 319 -31.01 -37.09 19.71
C ILE J 319 -31.88 -38.32 19.54
N TRP J 320 -32.52 -38.42 18.37
CA TRP J 320 -33.39 -39.55 18.06
C TRP J 320 -32.92 -40.28 16.81
N MSE J 321 -33.17 -41.58 16.74
CA MSE J 321 -32.75 -42.36 15.57
C MSE J 321 -33.81 -43.33 15.08
O MSE J 321 -34.62 -43.84 15.85
CB MSE J 321 -31.51 -43.18 15.88
CG MSE J 321 -30.36 -42.41 16.44
SE MSE J 321 -28.89 -43.60 16.63
CE MSE J 321 -27.45 -42.34 16.72
N VAL J 322 -33.76 -43.60 13.78
CA VAL J 322 -34.69 -44.52 13.16
C VAL J 322 -33.87 -45.52 12.35
N ASP J 323 -34.15 -46.81 12.51
CA ASP J 323 -33.42 -47.82 11.77
C ASP J 323 -34.40 -48.60 10.91
N SER J 324 -33.94 -49.70 10.34
CA SER J 324 -34.78 -50.53 9.47
C SER J 324 -36.08 -50.97 10.13
N LYS J 325 -36.06 -51.10 11.45
CA LYS J 325 -37.23 -51.56 12.18
C LYS J 325 -38.13 -50.40 12.60
N GLY J 326 -37.63 -49.17 12.51
CA GLY J 326 -38.42 -48.02 12.89
C GLY J 326 -37.72 -47.14 13.90
N LEU J 327 -38.47 -46.26 14.58
CA LEU J 327 -37.86 -45.37 15.57
C LEU J 327 -37.28 -46.18 16.73
N ILE J 328 -36.12 -45.78 17.20
CA ILE J 328 -35.45 -46.45 18.29
C ILE J 328 -35.98 -45.91 19.62
N VAL J 329 -36.77 -46.74 20.32
CA VAL J 329 -37.36 -46.33 21.59
C VAL J 329 -37.10 -47.36 22.67
N LYS J 330 -37.03 -46.87 23.92
CA LYS J 330 -36.79 -47.72 25.08
C LYS J 330 -37.66 -48.99 25.04
N GLY J 331 -37.06 -50.12 25.38
CA GLY J 331 -37.79 -51.38 25.40
C GLY J 331 -38.11 -51.98 24.04
N ARG J 332 -37.66 -51.35 22.98
CA ARG J 332 -37.93 -51.82 21.63
C ARG J 332 -37.17 -53.12 21.34
N ALA J 333 -37.71 -53.93 20.45
CA ALA J 333 -37.05 -55.19 20.10
C ALA J 333 -35.93 -54.88 19.12
N SER J 334 -35.01 -55.82 18.94
CA SER J 334 -33.91 -55.65 18.00
C SER J 334 -33.07 -54.39 18.25
N LEU J 335 -32.58 -54.23 19.47
CA LEU J 335 -31.76 -53.08 19.81
C LEU J 335 -30.33 -53.49 20.10
N THR J 336 -29.37 -52.61 19.80
CA THR J 336 -27.95 -52.86 20.05
C THR J 336 -27.48 -52.02 21.24
N PRO J 337 -26.43 -52.47 21.95
CA PRO J 337 -25.97 -51.68 23.09
C PRO J 337 -25.74 -50.23 22.70
N GLU J 338 -25.29 -50.04 21.47
CA GLU J 338 -25.01 -48.70 20.94
C GLU J 338 -26.29 -47.94 20.65
N LYS J 339 -27.31 -48.63 20.15
CA LYS J 339 -28.57 -47.97 19.85
C LYS J 339 -29.37 -47.68 21.11
N GLU J 340 -29.35 -48.61 22.07
CA GLU J 340 -30.09 -48.44 23.31
C GLU J 340 -29.70 -47.14 23.99
N HIS J 341 -28.50 -46.64 23.68
CA HIS J 341 -28.05 -45.38 24.25
C HIS J 341 -28.99 -44.23 23.93
N PHE J 342 -29.65 -44.33 22.78
CA PHE J 342 -30.57 -43.27 22.37
C PHE J 342 -32.02 -43.72 22.38
N ALA J 343 -32.29 -44.88 22.96
CA ALA J 343 -33.64 -45.40 23.04
C ALA J 343 -34.41 -44.63 24.11
N HIS J 344 -35.19 -43.64 23.70
CA HIS J 344 -35.94 -42.86 24.67
C HIS J 344 -37.35 -43.40 24.89
N GLU J 345 -37.96 -43.07 26.02
CA GLU J 345 -39.33 -43.53 26.28
C GLU J 345 -40.19 -42.88 25.22
N HIS J 346 -40.89 -43.70 24.44
CA HIS J 346 -41.71 -43.18 23.35
C HIS J 346 -42.39 -44.39 22.76
N CYS J 347 -43.57 -44.20 22.21
CA CYS J 347 -44.28 -45.31 21.61
C CYS J 347 -43.50 -45.71 20.36
N GLU J 348 -43.66 -46.95 19.92
CA GLU J 348 -42.99 -47.40 18.72
C GLU J 348 -43.63 -46.79 17.48
N MSE J 349 -42.81 -46.48 16.48
CA MSE J 349 -43.28 -45.89 15.24
C MSE J 349 -42.42 -46.38 14.09
O MSE J 349 -41.24 -46.64 14.26
CB MSE J 349 -43.20 -44.39 15.31
CG MSE J 349 -44.18 -43.79 16.27
SE MSE J 349 -44.06 -41.88 16.15
CE MSE J 349 -45.11 -41.57 14.57
N LYS J 350 -43.02 -46.50 12.91
CA LYS J 350 -42.30 -46.99 11.74
C LYS J 350 -42.26 -46.02 10.57
N ASN J 351 -43.36 -45.30 10.34
CA ASN J 351 -43.44 -44.34 9.24
C ASN J 351 -42.53 -43.14 9.50
N LEU J 352 -41.65 -42.84 8.54
CA LEU J 352 -40.73 -41.72 8.71
C LEU J 352 -41.46 -40.38 8.79
N GLU J 353 -42.50 -40.20 7.98
CA GLU J 353 -43.25 -38.94 8.02
C GLU J 353 -43.92 -38.72 9.38
N ASP J 354 -44.57 -39.75 9.91
CA ASP J 354 -45.22 -39.62 11.21
C ASP J 354 -44.19 -39.28 12.28
N ILE J 355 -43.04 -39.96 12.24
CA ILE J 355 -41.98 -39.73 13.21
C ILE J 355 -41.52 -38.29 13.15
N VAL J 356 -41.40 -37.75 11.95
CA VAL J 356 -40.97 -36.36 11.82
C VAL J 356 -41.95 -35.42 12.50
N LYS J 357 -43.24 -35.65 12.21
CA LYS J 357 -44.34 -34.86 12.76
C LYS J 357 -44.43 -34.98 14.28
N ASP J 358 -44.10 -36.16 14.81
CA ASP J 358 -44.15 -36.38 16.25
C ASP J 358 -42.98 -35.70 16.94
N ILE J 359 -41.76 -36.10 16.57
CA ILE J 359 -40.53 -35.55 17.15
C ILE J 359 -40.32 -34.08 16.82
N LYS J 360 -40.77 -33.64 15.65
CA LYS J 360 -40.60 -32.26 15.25
C LYS J 360 -39.18 -31.76 15.49
N PRO J 361 -38.19 -32.42 14.87
CA PRO J 361 -36.77 -32.07 15.01
C PRO J 361 -36.36 -30.80 14.26
N THR J 362 -35.24 -30.23 14.67
CA THR J 362 -34.72 -29.01 14.07
C THR J 362 -33.67 -29.37 13.03
N VAL J 363 -33.16 -30.60 13.14
CA VAL J 363 -32.14 -31.09 12.22
C VAL J 363 -32.50 -32.50 11.78
N LEU J 364 -32.48 -32.71 10.47
CA LEU J 364 -32.79 -34.00 9.85
C LEU J 364 -31.51 -34.51 9.17
N ILE J 365 -30.94 -35.58 9.71
CA ILE J 365 -29.72 -36.14 9.14
C ILE J 365 -30.00 -37.52 8.54
N GLY J 366 -29.83 -37.61 7.22
CA GLY J 366 -30.06 -38.86 6.49
C GLY J 366 -28.78 -39.62 6.27
N VAL J 367 -28.75 -40.85 6.77
CA VAL J 367 -27.58 -41.72 6.62
C VAL J 367 -28.02 -43.18 6.64
N ALA J 368 -28.98 -43.51 5.78
CA ALA J 368 -29.48 -44.87 5.71
C ALA J 368 -29.46 -45.37 4.30
N ALA J 369 -28.92 -44.55 3.40
CA ALA J 369 -28.83 -44.91 1.99
C ALA J 369 -30.19 -45.18 1.39
N ILE J 370 -31.20 -44.44 1.85
CA ILE J 370 -32.55 -44.62 1.33
C ILE J 370 -32.94 -43.57 0.30
N GLY J 371 -32.89 -43.96 -0.98
CA GLY J 371 -33.23 -43.10 -2.10
C GLY J 371 -33.72 -41.68 -1.82
N GLY J 372 -35.03 -41.44 -1.96
CA GLY J 372 -35.54 -40.12 -1.68
C GLY J 372 -36.36 -40.11 -0.41
N ALA J 373 -35.78 -40.63 0.68
CA ALA J 373 -36.47 -40.67 1.95
C ALA J 373 -37.10 -39.34 2.36
N PHE J 374 -36.39 -38.23 2.13
CA PHE J 374 -36.94 -36.93 2.51
C PHE J 374 -37.87 -36.39 1.43
N THR J 375 -39.12 -36.82 1.53
CA THR J 375 -40.19 -36.46 0.59
C THR J 375 -40.71 -35.04 0.73
N GLN J 376 -41.48 -34.61 -0.27
CA GLN J 376 -42.11 -33.29 -0.28
C GLN J 376 -42.74 -33.03 1.08
N GLN J 377 -43.48 -34.03 1.54
CA GLN J 377 -44.18 -33.98 2.81
C GLN J 377 -43.22 -33.70 3.95
N ILE J 378 -42.25 -34.59 4.12
CA ILE J 378 -41.26 -34.47 5.18
C ILE J 378 -40.58 -33.10 5.14
N LEU J 379 -40.11 -32.70 3.96
CA LEU J 379 -39.43 -31.42 3.83
C LEU J 379 -40.36 -30.23 4.16
N GLN J 380 -41.61 -30.36 3.76
CA GLN J 380 -42.60 -29.30 4.02
C GLN J 380 -42.87 -29.22 5.51
N ASP J 381 -42.97 -30.39 6.14
CA ASP J 381 -43.22 -30.47 7.58
C ASP J 381 -42.08 -29.77 8.32
N MSE J 382 -40.86 -30.04 7.90
CA MSE J 382 -39.70 -29.46 8.54
C MSE J 382 -39.71 -27.93 8.41
O MSE J 382 -39.38 -27.22 9.37
CB MSE J 382 -38.43 -30.03 7.93
CG MSE J 382 -37.30 -30.21 8.92
SE MSE J 382 -37.62 -31.67 10.14
CE MSE J 382 -38.08 -33.02 8.87
N ALA J 383 -40.09 -27.43 7.24
CA ALA J 383 -40.16 -25.99 7.04
C ALA J 383 -41.36 -25.39 7.78
N ALA J 384 -42.22 -26.26 8.28
CA ALA J 384 -43.41 -25.82 9.02
C ALA J 384 -43.11 -25.68 10.51
N PHE J 385 -42.36 -26.63 11.08
CA PHE J 385 -42.03 -26.57 12.51
C PHE J 385 -40.80 -25.74 12.78
N ASN J 386 -40.04 -25.42 11.73
CA ASN J 386 -38.81 -24.68 11.93
C ASN J 386 -38.68 -23.50 10.99
N LYS J 387 -38.27 -22.36 11.54
CA LYS J 387 -38.09 -21.16 10.73
C LYS J 387 -37.11 -21.54 9.65
N ARG J 388 -35.98 -22.12 10.05
CA ARG J 388 -34.97 -22.54 9.09
C ARG J 388 -34.46 -23.93 9.44
N PRO J 389 -35.11 -24.96 8.89
CA PRO J 389 -34.72 -26.34 9.13
C PRO J 389 -33.37 -26.72 8.52
N ILE J 390 -32.66 -27.60 9.21
CA ILE J 390 -31.36 -28.09 8.73
C ILE J 390 -31.52 -29.51 8.18
N ILE J 391 -31.32 -29.64 6.87
CA ILE J 391 -31.46 -30.91 6.19
C ILE J 391 -30.14 -31.47 5.65
N PHE J 392 -29.77 -32.66 6.13
CA PHE J 392 -28.54 -33.32 5.71
C PHE J 392 -28.79 -34.64 4.98
N ALA J 393 -28.63 -34.65 3.66
CA ALA J 393 -28.81 -35.87 2.87
C ALA J 393 -27.39 -36.39 2.64
N LEU J 394 -26.87 -37.07 3.65
CA LEU J 394 -25.49 -37.55 3.59
C LEU J 394 -25.19 -38.82 2.83
N SER J 395 -26.19 -39.68 2.60
CA SER J 395 -25.95 -40.93 1.89
C SER J 395 -25.35 -40.75 0.49
N ASN J 396 -24.42 -41.63 0.15
CA ASN J 396 -23.73 -41.61 -1.15
C ASN J 396 -23.89 -42.98 -1.82
N PRO J 397 -23.81 -43.05 -3.15
CA PRO J 397 -23.59 -41.93 -4.07
C PRO J 397 -24.86 -41.12 -4.29
N THR J 398 -24.84 -40.20 -5.24
CA THR J 398 -25.98 -39.34 -5.49
C THR J 398 -27.30 -40.07 -5.56
N SER J 399 -27.31 -41.27 -6.14
CA SER J 399 -28.55 -42.02 -6.27
C SER J 399 -29.19 -42.41 -4.94
N LYS J 400 -28.46 -42.25 -3.85
CA LYS J 400 -28.98 -42.60 -2.54
C LYS J 400 -29.25 -41.39 -1.65
N ALA J 401 -28.98 -40.19 -2.17
CA ALA J 401 -29.21 -38.97 -1.41
C ALA J 401 -30.67 -38.85 -0.99
N GLU J 402 -30.90 -38.74 0.33
CA GLU J 402 -32.26 -38.62 0.86
C GLU J 402 -33.13 -37.63 0.08
N CYS J 403 -32.49 -36.67 -0.57
CA CYS J 403 -33.20 -35.69 -1.39
C CYS J 403 -32.20 -34.79 -2.13
N THR J 404 -32.68 -34.10 -3.15
CA THR J 404 -31.84 -33.20 -3.95
C THR J 404 -31.83 -31.77 -3.42
N ALA J 405 -30.78 -31.02 -3.74
CA ALA J 405 -30.70 -29.64 -3.30
C ALA J 405 -31.93 -28.93 -3.88
N GLU J 406 -32.22 -29.20 -5.14
CA GLU J 406 -33.37 -28.61 -5.81
C GLU J 406 -34.64 -28.85 -5.01
N GLN J 407 -34.87 -30.11 -4.64
CA GLN J 407 -36.09 -30.42 -3.89
C GLN J 407 -36.11 -29.91 -2.47
N LEU J 408 -34.96 -29.86 -1.82
CA LEU J 408 -34.89 -29.37 -0.45
C LEU J 408 -35.27 -27.89 -0.43
N TYR J 409 -34.59 -27.11 -1.26
CA TYR J 409 -34.86 -25.68 -1.35
C TYR J 409 -36.27 -25.40 -1.87
N LYS J 410 -36.78 -26.27 -2.73
CA LYS J 410 -38.12 -26.09 -3.30
C LYS J 410 -39.25 -26.34 -2.31
N TYR J 411 -39.17 -27.46 -1.60
CA TYR J 411 -40.21 -27.82 -0.66
C TYR J 411 -40.08 -27.19 0.74
N THR J 412 -39.06 -26.37 0.94
CA THR J 412 -38.87 -25.69 2.23
C THR J 412 -38.93 -24.20 1.94
N GLU J 413 -39.38 -23.86 0.75
CA GLU J 413 -39.51 -22.47 0.33
C GLU J 413 -38.24 -21.65 0.51
N GLY J 414 -37.11 -22.29 0.20
CA GLY J 414 -35.82 -21.64 0.30
C GLY J 414 -35.30 -21.41 1.70
N ARG J 415 -36.06 -21.85 2.70
CA ARG J 415 -35.65 -21.67 4.09
C ARG J 415 -34.79 -22.79 4.65
N GLY J 416 -34.88 -23.97 4.06
CA GLY J 416 -34.09 -25.09 4.54
C GLY J 416 -32.61 -24.89 4.29
N ILE J 417 -31.79 -25.30 5.26
CA ILE J 417 -30.33 -25.19 5.17
C ILE J 417 -29.85 -26.57 4.74
N PHE J 418 -29.39 -26.69 3.51
CA PHE J 418 -28.98 -27.97 2.94
C PHE J 418 -27.50 -28.32 2.87
N ALA J 419 -27.23 -29.63 2.87
CA ALA J 419 -25.89 -30.18 2.76
C ALA J 419 -26.08 -31.66 2.43
N SER J 420 -25.19 -32.20 1.59
CA SER J 420 -25.30 -33.61 1.22
C SER J 420 -23.92 -34.26 1.06
N GLY J 421 -23.89 -35.59 1.02
CA GLY J 421 -22.62 -36.29 0.86
C GLY J 421 -22.09 -36.17 -0.56
N SER J 422 -23.01 -36.20 -1.52
CA SER J 422 -22.65 -36.09 -2.93
C SER J 422 -22.98 -34.70 -3.46
N PRO J 423 -22.21 -34.23 -4.44
CA PRO J 423 -22.39 -32.90 -5.03
C PRO J 423 -23.66 -32.66 -5.84
N PHE J 424 -24.19 -31.45 -5.71
CA PHE J 424 -25.37 -30.98 -6.43
C PHE J 424 -25.03 -29.58 -6.90
N ASP J 425 -25.48 -29.22 -8.10
CA ASP J 425 -25.18 -27.91 -8.64
C ASP J 425 -25.88 -26.81 -7.89
N PRO J 426 -25.39 -25.58 -8.05
CA PRO J 426 -25.98 -24.42 -7.38
C PRO J 426 -27.47 -24.40 -7.71
N VAL J 427 -28.26 -23.77 -6.85
CA VAL J 427 -29.69 -23.67 -7.09
C VAL J 427 -30.11 -22.20 -7.07
N THR J 428 -30.88 -21.79 -8.08
CA THR J 428 -31.35 -20.42 -8.14
C THR J 428 -32.83 -20.40 -7.75
N LEU J 429 -33.13 -19.87 -6.57
CA LEU J 429 -34.49 -19.79 -6.09
C LEU J 429 -35.28 -18.80 -6.93
N PRO J 430 -36.62 -18.93 -6.93
CA PRO J 430 -37.50 -18.03 -7.69
C PRO J 430 -37.18 -16.57 -7.42
N SER J 431 -36.71 -16.29 -6.20
CA SER J 431 -36.34 -14.94 -5.79
C SER J 431 -35.17 -14.41 -6.60
N GLY J 432 -34.46 -15.33 -7.25
CA GLY J 432 -33.31 -14.96 -8.05
C GLY J 432 -32.01 -15.22 -7.30
N GLN J 433 -32.12 -15.49 -6.00
CA GLN J 433 -30.94 -15.74 -5.16
C GLN J 433 -30.41 -17.15 -5.47
N THR J 434 -29.10 -17.25 -5.67
CA THR J 434 -28.51 -18.55 -6.00
C THR J 434 -27.78 -19.15 -4.80
N LEU J 435 -28.20 -20.33 -4.39
CA LEU J 435 -27.58 -21.00 -3.25
C LEU J 435 -26.62 -22.10 -3.74
N TYR J 436 -25.51 -22.27 -3.02
CA TYR J 436 -24.52 -23.29 -3.37
C TYR J 436 -24.46 -24.33 -2.27
N PRO J 437 -25.34 -25.35 -2.32
CA PRO J 437 -25.35 -26.40 -1.30
C PRO J 437 -23.97 -27.01 -1.03
N GLY J 438 -23.55 -27.00 0.23
CA GLY J 438 -22.27 -27.54 0.60
C GLY J 438 -22.28 -29.06 0.61
N GLN J 439 -21.10 -29.65 0.55
CA GLN J 439 -20.97 -31.09 0.52
C GLN J 439 -20.43 -31.61 1.85
N GLY J 440 -21.31 -32.26 2.62
CA GLY J 440 -20.88 -32.80 3.91
C GLY J 440 -20.34 -34.18 3.67
N ASN J 441 -19.03 -34.27 3.40
CA ASN J 441 -18.37 -35.53 3.11
C ASN J 441 -17.02 -35.67 3.82
N ASN J 442 -16.64 -36.91 4.15
CA ASN J 442 -15.36 -37.19 4.84
C ASN J 442 -14.21 -36.40 4.25
N SER J 443 -14.22 -36.26 2.92
CA SER J 443 -13.19 -35.56 2.19
C SER J 443 -12.74 -34.28 2.88
N TYR J 444 -13.61 -33.67 3.69
CA TYR J 444 -13.24 -32.43 4.37
C TYR J 444 -12.39 -32.71 5.60
N VAL J 445 -12.46 -33.95 6.09
CA VAL J 445 -11.72 -34.31 7.29
C VAL J 445 -10.52 -35.24 7.17
N PHE J 446 -10.64 -36.37 6.49
CA PHE J 446 -9.51 -37.29 6.42
C PHE J 446 -8.20 -36.78 5.81
N PRO J 447 -8.26 -35.87 4.82
CA PRO J 447 -7.02 -35.36 4.23
C PRO J 447 -6.21 -34.57 5.27
N GLY J 448 -6.87 -33.61 5.92
CA GLY J 448 -6.23 -32.79 6.94
C GLY J 448 -5.79 -33.61 8.16
N VAL J 449 -6.64 -34.53 8.60
CA VAL J 449 -6.30 -35.38 9.75
C VAL J 449 -5.05 -36.20 9.47
N ALA J 450 -4.95 -36.73 8.25
CA ALA J 450 -3.79 -37.53 7.88
C ALA J 450 -2.54 -36.65 7.78
N LEU J 451 -2.69 -35.47 7.19
CA LEU J 451 -1.57 -34.54 7.06
C LEU J 451 -1.10 -34.23 8.48
N GLY J 452 -2.04 -34.00 9.38
CA GLY J 452 -1.69 -33.69 10.76
C GLY J 452 -0.99 -34.85 11.46
N VAL J 453 -1.65 -36.00 11.50
CA VAL J 453 -1.10 -37.19 12.15
C VAL J 453 0.29 -37.54 11.64
N ILE J 454 0.44 -37.59 10.32
CA ILE J 454 1.73 -37.93 9.76
C ILE J 454 2.81 -36.90 10.08
N SER J 455 2.48 -35.61 10.02
CA SER J 455 3.48 -34.59 10.31
C SER J 455 4.01 -34.62 11.74
N CYS J 456 3.12 -34.68 12.73
CA CYS J 456 3.56 -34.68 14.12
C CYS J 456 3.69 -36.08 14.73
N GLY J 457 3.30 -37.10 13.98
CA GLY J 457 3.41 -38.45 14.51
C GLY J 457 2.54 -38.73 15.72
N LEU J 458 1.27 -38.34 15.64
CA LEU J 458 0.33 -38.57 16.73
C LEU J 458 0.15 -40.10 16.88
N LYS J 459 0.52 -40.63 18.04
CA LYS J 459 0.42 -42.07 18.28
C LYS J 459 -0.99 -42.66 18.18
N HIS J 460 -1.98 -41.93 18.71
CA HIS J 460 -3.36 -42.41 18.66
C HIS J 460 -4.33 -41.26 18.43
N ILE J 461 -5.45 -41.56 17.78
CA ILE J 461 -6.46 -40.56 17.44
C ILE J 461 -7.69 -40.64 18.34
N GLY J 462 -7.84 -39.65 19.23
CA GLY J 462 -8.97 -39.63 20.13
C GLY J 462 -10.14 -38.81 19.58
N ASP J 463 -11.36 -39.10 20.03
CA ASP J 463 -12.52 -38.37 19.54
C ASP J 463 -12.31 -36.86 19.52
N ASP J 464 -11.61 -36.37 20.53
CA ASP J 464 -11.31 -34.95 20.67
C ASP J 464 -10.72 -34.41 19.37
N VAL J 465 -9.90 -35.23 18.73
CA VAL J 465 -9.24 -34.87 17.47
C VAL J 465 -10.27 -34.48 16.44
N PHE J 466 -11.34 -35.27 16.37
CA PHE J 466 -12.39 -35.01 15.41
C PHE J 466 -13.29 -33.83 15.78
N LEU J 467 -13.53 -33.63 17.07
CA LEU J 467 -14.37 -32.51 17.48
C LEU J 467 -13.61 -31.23 17.14
N THR J 468 -12.34 -31.19 17.51
CA THR J 468 -11.49 -30.04 17.23
C THR J 468 -11.46 -29.76 15.73
N THR J 469 -11.36 -30.82 14.93
CA THR J 469 -11.33 -30.69 13.48
C THR J 469 -12.63 -30.05 13.02
N ALA J 470 -13.73 -30.51 13.60
CA ALA J 470 -15.04 -29.96 13.24
C ALA J 470 -15.04 -28.47 13.45
N GLU J 471 -14.40 -28.03 14.54
CA GLU J 471 -14.36 -26.62 14.88
C GLU J 471 -13.44 -25.85 13.92
N VAL J 472 -12.34 -26.47 13.52
CA VAL J 472 -11.42 -25.84 12.60
C VAL J 472 -12.09 -25.60 11.24
N ILE J 473 -12.84 -26.60 10.79
CA ILE J 473 -13.52 -26.46 9.51
C ILE J 473 -14.60 -25.37 9.55
N ALA J 474 -15.45 -25.40 10.57
CA ALA J 474 -16.51 -24.39 10.68
C ALA J 474 -15.93 -22.98 10.74
N GLN J 475 -14.77 -22.85 11.37
CA GLN J 475 -14.11 -21.57 11.51
C GLN J 475 -13.69 -20.98 10.18
N GLU J 476 -13.52 -21.82 9.18
CA GLU J 476 -13.11 -21.33 7.88
C GLU J 476 -14.30 -20.95 7.03
N VAL J 477 -15.51 -21.16 7.53
CA VAL J 477 -16.71 -20.80 6.79
C VAL J 477 -16.97 -19.32 6.99
N SER J 478 -16.86 -18.55 5.91
CA SER J 478 -17.05 -17.10 5.98
C SER J 478 -18.51 -16.70 6.01
N GLU J 479 -18.75 -15.42 6.29
CA GLU J 479 -20.07 -14.83 6.32
C GLU J 479 -20.66 -14.98 4.92
N GLU J 480 -19.84 -14.64 3.94
CA GLU J 480 -20.22 -14.72 2.52
C GLU J 480 -20.65 -16.14 2.18
N ASN J 481 -19.91 -17.11 2.65
CA ASN J 481 -20.25 -18.50 2.40
C ASN J 481 -21.66 -18.77 2.93
N LEU J 482 -21.87 -18.47 4.19
CA LEU J 482 -23.17 -18.68 4.81
C LEU J 482 -24.31 -17.99 4.05
N GLN J 483 -24.08 -16.75 3.64
CA GLN J 483 -25.09 -16.00 2.93
C GLN J 483 -25.39 -16.61 1.55
N GLU J 484 -24.55 -17.54 1.13
CA GLU J 484 -24.67 -18.19 -0.18
C GLU J 484 -25.32 -19.55 0.04
N GLY J 485 -25.46 -19.94 1.31
CA GLY J 485 -26.06 -21.22 1.63
C GLY J 485 -25.04 -22.32 1.87
N ARG J 486 -23.77 -21.94 2.04
CA ARG J 486 -22.72 -22.91 2.28
C ARG J 486 -22.48 -23.18 3.77
N LEU J 487 -22.45 -24.46 4.15
CA LEU J 487 -22.19 -24.85 5.52
C LEU J 487 -20.71 -25.21 5.66
N TYR J 488 -20.04 -25.36 4.52
CA TYR J 488 -18.63 -25.69 4.47
C TYR J 488 -17.89 -24.75 3.55
N PRO J 489 -16.60 -24.51 3.84
CA PRO J 489 -15.82 -23.61 2.98
C PRO J 489 -15.76 -24.17 1.57
N PRO J 490 -15.74 -23.30 0.56
CA PRO J 490 -15.68 -23.73 -0.85
C PRO J 490 -14.61 -24.78 -1.11
N LEU J 491 -14.93 -25.76 -1.95
CA LEU J 491 -13.99 -26.85 -2.28
C LEU J 491 -12.67 -26.36 -2.83
N VAL J 492 -12.69 -25.23 -3.52
CA VAL J 492 -11.46 -24.71 -4.10
C VAL J 492 -10.45 -24.32 -3.03
N THR J 493 -10.91 -24.19 -1.79
CA THR J 493 -10.02 -23.82 -0.69
C THR J 493 -9.68 -25.01 0.20
N ILE J 494 -10.16 -26.21 -0.14
CA ILE J 494 -9.93 -27.42 0.66
C ILE J 494 -8.46 -27.65 1.06
N GLN J 495 -7.52 -27.25 0.22
CA GLN J 495 -6.11 -27.45 0.56
C GLN J 495 -5.74 -26.58 1.77
N GLN J 496 -6.25 -25.34 1.81
CA GLN J 496 -6.00 -24.43 2.93
C GLN J 496 -6.61 -25.00 4.19
N VAL J 497 -7.85 -25.45 4.06
CA VAL J 497 -8.59 -26.03 5.17
C VAL J 497 -7.80 -27.16 5.78
N SER J 498 -7.33 -28.05 4.93
CA SER J 498 -6.57 -29.22 5.37
C SER J 498 -5.33 -28.84 6.17
N LEU J 499 -4.59 -27.83 5.69
CA LEU J 499 -3.39 -27.37 6.37
C LEU J 499 -3.73 -26.92 7.78
N LYS J 500 -4.80 -26.15 7.92
CA LYS J 500 -5.21 -25.66 9.23
C LYS J 500 -5.63 -26.82 10.11
N ILE J 501 -6.30 -27.81 9.53
CA ILE J 501 -6.69 -28.98 10.31
C ILE J 501 -5.44 -29.70 10.80
N ALA J 502 -4.44 -29.79 9.92
CA ALA J 502 -3.20 -30.46 10.25
C ALA J 502 -2.41 -29.72 11.33
N VAL J 503 -2.31 -28.40 11.16
CA VAL J 503 -1.57 -27.58 12.11
C VAL J 503 -2.18 -27.65 13.51
N ARG J 504 -3.50 -27.57 13.58
CA ARG J 504 -4.19 -27.62 14.85
C ARG J 504 -3.93 -28.98 15.52
N ILE J 505 -4.08 -30.05 14.76
CA ILE J 505 -3.83 -31.40 15.28
C ILE J 505 -2.45 -31.46 15.91
N ALA J 506 -1.45 -30.94 15.18
CA ALA J 506 -0.06 -30.92 15.62
C ALA J 506 0.10 -30.17 16.94
N LYS J 507 -0.46 -28.97 17.00
CA LYS J 507 -0.41 -28.15 18.20
C LYS J 507 -0.87 -28.96 19.41
N GLU J 508 -2.07 -29.53 19.28
CA GLU J 508 -2.65 -30.34 20.35
C GLU J 508 -1.77 -31.51 20.72
N ALA J 509 -1.25 -32.19 19.71
CA ALA J 509 -0.40 -33.35 19.91
C ALA J 509 0.82 -33.03 20.76
N TYR J 510 1.45 -31.90 20.49
CA TYR J 510 2.63 -31.50 21.25
C TYR J 510 2.26 -31.08 22.67
N ARG J 511 1.15 -30.36 22.78
CA ARG J 511 0.64 -29.89 24.07
C ARG J 511 0.32 -31.06 24.98
N ASN J 512 -0.36 -32.07 24.44
CA ASN J 512 -0.74 -33.24 25.21
C ASN J 512 0.36 -34.30 25.24
N ASN J 513 1.47 -34.00 24.57
CA ASN J 513 2.63 -34.91 24.53
C ASN J 513 2.27 -36.29 23.94
N THR J 514 1.49 -36.27 22.86
CA THR J 514 1.09 -37.50 22.20
C THR J 514 1.75 -37.54 20.82
N ALA J 515 2.51 -36.49 20.52
CA ALA J 515 3.24 -36.40 19.24
C ALA J 515 4.42 -37.32 19.29
N SER J 516 5.08 -37.50 18.15
CA SER J 516 6.25 -38.37 18.08
C SER J 516 7.38 -37.73 17.30
N THR J 517 7.08 -36.73 16.47
CA THR J 517 8.13 -36.08 15.69
C THR J 517 8.90 -35.05 16.52
N TYR J 518 10.17 -35.35 16.81
CA TYR J 518 11.00 -34.44 17.60
C TYR J 518 12.40 -34.23 17.01
N PRO J 519 13.03 -33.08 17.32
CA PRO J 519 12.46 -32.03 18.17
C PRO J 519 11.22 -31.38 17.55
N GLN J 520 10.45 -30.67 18.38
CA GLN J 520 9.25 -30.00 17.89
C GLN J 520 9.58 -28.74 17.10
N PRO J 521 9.06 -28.63 15.87
CA PRO J 521 9.33 -27.47 15.03
C PRO J 521 8.98 -26.18 15.79
N GLU J 522 9.76 -25.13 15.55
CA GLU J 522 9.49 -23.84 16.21
C GLU J 522 8.22 -23.26 15.62
N ASP J 523 8.04 -23.45 14.31
CA ASP J 523 6.86 -22.97 13.59
C ASP J 523 6.14 -24.10 12.84
N LEU J 524 5.14 -24.70 13.50
CA LEU J 524 4.36 -25.81 12.95
C LEU J 524 3.78 -25.61 11.56
N GLU J 525 3.24 -24.43 11.28
CA GLU J 525 2.67 -24.20 9.96
C GLU J 525 3.75 -24.28 8.88
N ALA J 526 4.82 -23.52 9.09
CA ALA J 526 5.92 -23.51 8.14
C ALA J 526 6.42 -24.92 7.91
N PHE J 527 6.51 -25.69 9.00
CA PHE J 527 7.00 -27.05 8.92
C PHE J 527 6.09 -27.92 8.10
N ILE J 528 4.79 -27.85 8.39
CA ILE J 528 3.84 -28.66 7.66
C ILE J 528 3.80 -28.23 6.20
N ARG J 529 3.88 -26.93 5.95
CA ARG J 529 3.86 -26.44 4.58
C ARG J 529 4.99 -27.07 3.79
N SER J 530 6.14 -27.22 4.43
CA SER J 530 7.31 -27.79 3.77
C SER J 530 7.24 -29.30 3.61
N GLN J 531 6.25 -29.93 4.23
CA GLN J 531 6.11 -31.37 4.13
C GLN J 531 5.10 -31.76 3.06
N VAL J 532 4.32 -30.78 2.60
CA VAL J 532 3.31 -31.00 1.60
C VAL J 532 3.84 -31.35 0.20
N TYR J 533 3.12 -32.25 -0.45
CA TYR J 533 3.43 -32.72 -1.79
C TYR J 533 3.41 -31.58 -2.77
N SER J 534 4.27 -31.64 -3.78
CA SER J 534 4.29 -30.61 -4.81
C SER J 534 4.00 -31.22 -6.18
N THR J 535 3.25 -30.46 -6.94
CA THR J 535 2.85 -30.85 -8.27
C THR J 535 3.99 -30.71 -9.26
N ASP J 536 4.93 -29.81 -8.96
CA ASP J 536 6.05 -29.56 -9.86
C ASP J 536 6.94 -30.77 -10.15
N TYR J 537 7.39 -30.87 -11.40
CA TYR J 537 8.28 -31.94 -11.82
C TYR J 537 9.66 -31.68 -11.25
N ASN J 538 10.42 -32.74 -10.99
CA ASN J 538 11.78 -32.61 -10.47
C ASN J 538 12.68 -32.67 -11.69
N CYS J 539 13.93 -32.25 -11.52
CA CYS J 539 14.89 -32.28 -12.61
C CYS J 539 15.74 -33.55 -12.46
N PHE J 540 15.80 -34.35 -13.52
CA PHE J 540 16.56 -35.60 -13.48
C PHE J 540 18.01 -35.49 -13.92
N VAL J 541 18.44 -34.29 -14.26
CA VAL J 541 19.82 -34.05 -14.67
C VAL J 541 20.76 -34.37 -13.52
N ALA J 542 21.89 -35.01 -13.80
CA ALA J 542 22.85 -35.34 -12.76
C ALA J 542 23.39 -34.08 -12.11
N ASP J 543 23.67 -34.17 -10.81
CA ASP J 543 24.20 -33.04 -10.05
C ASP J 543 25.68 -32.89 -10.42
N SER J 544 25.94 -32.13 -11.47
CA SER J 544 27.29 -31.92 -11.94
C SER J 544 27.85 -30.60 -11.42
N TYR J 545 29.13 -30.61 -11.07
CA TYR J 545 29.81 -29.43 -10.56
C TYR J 545 31.29 -29.77 -10.56
N THR J 546 32.11 -28.73 -10.56
CA THR J 546 33.54 -28.95 -10.65
C THR J 546 34.34 -28.69 -9.37
N TRP J 547 35.46 -29.39 -9.23
CA TRP J 547 36.36 -29.22 -8.08
C TRP J 547 37.42 -28.26 -8.60
N PRO J 548 38.29 -27.73 -7.71
CA PRO J 548 39.34 -26.82 -8.18
C PRO J 548 40.01 -27.41 -9.41
N GLU J 549 41.33 -27.41 -9.52
CA GLU J 549 41.83 -27.98 -10.76
C GLU J 549 42.94 -28.95 -10.54
N GLU J 550 43.77 -28.65 -9.56
CA GLU J 550 44.87 -29.52 -9.21
C GLU J 550 44.22 -30.72 -8.52
N ALA J 551 43.14 -30.46 -7.79
CA ALA J 551 42.40 -31.51 -7.06
C ALA J 551 41.64 -32.41 -8.01
N MSE J 552 41.48 -31.94 -9.23
CA MSE J 552 40.75 -32.66 -10.24
C MSE J 552 41.70 -33.26 -11.29
O MSE J 552 41.26 -33.90 -12.25
CB MSE J 552 39.77 -31.69 -10.89
CG MSE J 552 38.72 -32.28 -11.76
SE MSE J 552 37.43 -30.88 -12.01
CE MSE J 552 38.52 -29.55 -12.86
N LYS J 553 43.00 -33.05 -11.08
CA LYS J 553 44.05 -33.55 -11.98
C LYS J 553 44.06 -35.07 -12.00
N VAL J 554 44.41 -35.64 -13.14
CA VAL J 554 44.49 -37.09 -13.23
C VAL J 554 45.95 -37.50 -13.25
N LYS J 555 46.31 -38.36 -12.29
CA LYS J 555 47.69 -38.84 -12.20
C LYS J 555 47.83 -40.24 -12.78
N LYS K 1 17.21 -57.34 -7.67
CA LYS K 1 18.65 -57.55 -7.59
C LYS K 1 19.02 -59.02 -7.39
N LYS K 2 18.48 -59.88 -8.24
CA LYS K 2 18.76 -61.32 -8.23
C LYS K 2 19.72 -61.61 -9.39
N GLY K 3 20.14 -62.85 -9.57
CA GLY K 3 21.07 -63.16 -10.65
C GLY K 3 22.50 -62.99 -10.15
N TYR K 4 23.45 -62.93 -11.07
CA TYR K 4 24.86 -62.78 -10.73
C TYR K 4 25.09 -61.56 -9.85
N GLU K 5 24.14 -60.64 -9.87
CA GLU K 5 24.22 -59.42 -9.08
C GLU K 5 24.21 -59.75 -7.59
N VAL K 6 23.60 -60.88 -7.25
CA VAL K 6 23.53 -61.31 -5.86
C VAL K 6 24.88 -61.81 -5.37
N LEU K 7 25.66 -62.43 -6.25
CA LEU K 7 26.96 -62.95 -5.87
C LEU K 7 28.00 -61.85 -5.60
N ARG K 8 27.79 -60.67 -6.17
CA ARG K 8 28.72 -59.56 -6.00
C ARG K 8 28.28 -58.60 -4.89
N ASP K 9 27.16 -58.90 -4.24
CA ASP K 9 26.69 -58.06 -3.15
C ASP K 9 27.03 -58.81 -1.86
N PRO K 10 28.10 -58.39 -1.16
CA PRO K 10 28.50 -59.05 0.07
C PRO K 10 27.40 -59.11 1.14
N HIS K 11 26.41 -58.24 1.04
CA HIS K 11 25.33 -58.24 2.02
C HIS K 11 24.39 -59.42 1.78
N LEU K 12 24.37 -59.90 0.54
CA LEU K 12 23.51 -61.00 0.18
C LEU K 12 24.30 -62.28 -0.08
N ASN K 13 25.41 -62.15 -0.79
CA ASN K 13 26.23 -63.30 -1.14
C ASN K 13 26.51 -64.28 -0.01
N LYS K 14 26.09 -65.52 -0.23
CA LYS K 14 26.25 -66.59 0.73
C LYS K 14 27.29 -67.57 0.17
N GLY K 15 27.80 -67.27 -1.01
CA GLY K 15 28.80 -68.14 -1.62
C GLY K 15 28.27 -69.54 -1.87
N MSE K 16 29.13 -70.54 -1.73
CA MSE K 16 28.71 -71.91 -1.96
C MSE K 16 27.75 -72.39 -0.89
O MSE K 16 27.38 -73.57 -0.85
CB MSE K 16 29.92 -72.82 -2.02
CG MSE K 16 30.81 -72.55 -3.20
SE MSE K 16 32.25 -73.82 -3.28
CE MSE K 16 33.69 -72.72 -2.64
N ALA K 17 27.33 -71.49 -0.01
CA ALA K 17 26.39 -71.85 1.04
C ALA K 17 24.98 -71.82 0.46
N PHE K 18 24.83 -71.24 -0.73
CA PHE K 18 23.52 -71.20 -1.38
C PHE K 18 23.10 -72.64 -1.68
N THR K 19 21.89 -72.99 -1.27
CA THR K 19 21.40 -74.34 -1.53
C THR K 19 21.02 -74.44 -3.00
N LEU K 20 20.92 -75.66 -3.50
CA LEU K 20 20.55 -75.87 -4.90
C LEU K 20 19.23 -75.17 -5.25
N GLU K 21 18.25 -75.29 -4.36
CA GLU K 21 16.96 -74.65 -4.61
C GLU K 21 17.13 -73.14 -4.67
N GLU K 22 18.02 -72.61 -3.83
CA GLU K 22 18.25 -71.17 -3.80
C GLU K 22 18.90 -70.68 -5.08
N ARG K 23 19.91 -71.42 -5.54
CA ARG K 23 20.61 -71.06 -6.77
C ARG K 23 19.68 -71.08 -7.97
N GLN K 24 18.82 -72.10 -8.02
CA GLN K 24 17.87 -72.22 -9.13
C GLN K 24 16.91 -71.04 -9.18
N GLN K 25 16.34 -70.70 -8.03
CA GLN K 25 15.39 -69.58 -7.95
C GLN K 25 16.05 -68.21 -8.08
N LEU K 26 17.32 -68.13 -7.69
CA LEU K 26 18.08 -66.87 -7.75
C LEU K 26 18.74 -66.70 -9.11
N ASN K 27 18.58 -67.71 -9.96
CA ASN K 27 19.15 -67.65 -11.29
C ASN K 27 20.66 -67.53 -11.27
N ILE K 28 21.30 -68.34 -10.44
CA ILE K 28 22.75 -68.33 -10.35
C ILE K 28 23.29 -69.74 -10.40
N HIS K 29 22.41 -70.73 -10.51
CA HIS K 29 22.86 -72.12 -10.59
C HIS K 29 23.78 -72.24 -11.79
N GLY K 30 25.02 -72.61 -11.52
CA GLY K 30 25.97 -72.74 -12.59
C GLY K 30 27.09 -71.73 -12.42
N LEU K 31 26.81 -70.66 -11.67
CA LEU K 31 27.82 -69.63 -11.44
C LEU K 31 28.71 -70.05 -10.27
N LEU K 32 28.31 -71.09 -9.56
CA LEU K 32 29.08 -71.62 -8.43
C LEU K 32 29.46 -73.07 -8.62
N PRO K 33 30.61 -73.48 -8.08
CA PRO K 33 30.99 -74.89 -8.25
C PRO K 33 29.91 -75.80 -7.62
N PRO K 34 29.85 -77.07 -8.04
CA PRO K 34 28.88 -78.09 -7.58
C PRO K 34 28.97 -78.60 -6.14
N CYS K 35 29.28 -77.76 -5.18
CA CYS K 35 29.32 -78.25 -3.82
C CYS K 35 28.57 -77.26 -2.94
N PHE K 36 27.99 -77.78 -1.87
CA PHE K 36 27.21 -76.94 -0.96
C PHE K 36 27.77 -77.11 0.44
N LEU K 37 28.04 -76.01 1.12
CA LEU K 37 28.58 -76.14 2.44
C LEU K 37 28.02 -75.18 3.46
N GLY K 38 28.26 -75.48 4.73
CA GLY K 38 27.77 -74.64 5.81
C GLY K 38 28.83 -73.65 6.24
N GLN K 39 28.42 -72.68 7.07
CA GLN K 39 29.34 -71.64 7.53
C GLN K 39 30.62 -72.23 8.12
N ASP K 40 30.49 -73.23 8.98
CA ASP K 40 31.67 -73.85 9.59
C ASP K 40 32.65 -74.33 8.54
N ALA K 41 32.15 -74.92 7.46
CA ALA K 41 33.04 -75.39 6.39
C ALA K 41 33.70 -74.17 5.74
N GLN K 42 32.91 -73.11 5.55
CA GLN K 42 33.42 -71.89 4.97
C GLN K 42 34.49 -71.27 5.85
N VAL K 43 34.24 -71.24 7.15
CA VAL K 43 35.20 -70.67 8.10
C VAL K 43 36.52 -71.44 8.04
N TYR K 44 36.42 -72.76 7.91
CA TYR K 44 37.61 -73.61 7.85
C TYR K 44 38.47 -73.20 6.66
N SER K 45 37.82 -72.95 5.53
CA SER K 45 38.51 -72.55 4.32
C SER K 45 39.27 -71.23 4.56
N ILE K 46 38.62 -70.30 5.26
CA ILE K 46 39.25 -69.01 5.54
C ILE K 46 40.47 -69.17 6.45
N LEU K 47 40.34 -69.98 7.49
CA LEU K 47 41.44 -70.19 8.43
C LEU K 47 42.67 -70.76 7.75
N LYS K 48 42.46 -71.67 6.79
CA LYS K 48 43.58 -72.26 6.06
C LYS K 48 44.28 -71.14 5.28
N ASN K 49 43.49 -70.22 4.74
CA ASN K 49 44.05 -69.11 3.98
C ASN K 49 44.74 -68.10 4.87
N PHE K 50 44.21 -67.92 6.08
CA PHE K 50 44.78 -66.99 7.05
C PHE K 50 46.09 -67.60 7.58
N GLU K 51 46.02 -68.88 7.94
CA GLU K 51 47.18 -69.60 8.44
C GLU K 51 48.44 -69.43 7.58
N ARG K 52 48.33 -69.79 6.31
CA ARG K 52 49.47 -69.72 5.40
C ARG K 52 50.07 -68.33 5.14
N LEU K 53 49.38 -67.26 5.52
CA LEU K 53 49.94 -65.92 5.30
C LEU K 53 51.12 -65.65 6.24
N THR K 54 51.96 -64.69 5.89
CA THR K 54 53.11 -64.39 6.69
C THR K 54 53.38 -62.93 6.98
N SER K 55 52.32 -62.13 7.00
CA SER K 55 52.45 -60.70 7.29
C SER K 55 51.14 -60.23 7.84
N ASP K 56 51.19 -59.30 8.79
CA ASP K 56 49.96 -58.79 9.34
C ASP K 56 49.23 -58.03 8.28
N LEU K 57 49.97 -57.33 7.44
CA LEU K 57 49.35 -56.56 6.38
C LEU K 57 48.60 -57.49 5.45
N ASP K 58 49.16 -58.68 5.22
CA ASP K 58 48.51 -59.64 4.35
C ASP K 58 47.26 -60.25 4.98
N ARG K 59 47.28 -60.44 6.31
CA ARG K 59 46.12 -60.99 7.00
C ARG K 59 45.00 -59.96 6.98
N TYR K 60 45.38 -58.69 7.05
CA TYR K 60 44.41 -57.62 7.00
C TYR K 60 43.69 -57.64 5.65
N ILE K 61 44.47 -57.63 4.57
CA ILE K 61 43.91 -57.63 3.23
C ILE K 61 43.01 -58.86 3.02
N LEU K 62 43.41 -59.98 3.62
CA LEU K 62 42.63 -61.20 3.49
C LEU K 62 41.24 -60.95 4.06
N LEU K 63 41.20 -60.50 5.31
CA LEU K 63 39.91 -60.26 5.95
C LEU K 63 39.12 -59.12 5.30
N MSE K 64 39.78 -58.03 4.92
CA MSE K 64 39.06 -56.94 4.27
C MSE K 64 38.37 -57.43 3.00
O MSE K 64 37.24 -57.04 2.71
CB MSE K 64 40.01 -55.79 3.91
CG MSE K 64 40.49 -54.98 5.10
SE MSE K 64 39.05 -54.18 6.13
CE MSE K 64 38.82 -55.55 7.47
N SER K 65 39.05 -58.28 2.24
CA SER K 65 38.46 -58.80 1.02
C SER K 65 37.28 -59.70 1.37
N LEU K 66 37.41 -60.45 2.47
CA LEU K 66 36.33 -61.34 2.88
C LEU K 66 35.13 -60.45 3.18
N GLN K 67 35.41 -59.32 3.83
CA GLN K 67 34.34 -58.41 4.18
C GLN K 67 33.66 -57.87 2.94
N ASP K 68 34.41 -57.75 1.85
CA ASP K 68 33.82 -57.24 0.61
C ASP K 68 33.24 -58.33 -0.26
N ARG K 69 33.32 -59.56 0.22
CA ARG K 69 32.81 -60.70 -0.54
C ARG K 69 31.60 -61.35 0.12
N ASN K 70 31.66 -61.54 1.44
CA ASN K 70 30.56 -62.18 2.15
C ASN K 70 30.45 -61.64 3.58
N GLU K 71 29.53 -60.69 3.77
CA GLU K 71 29.30 -60.08 5.08
C GLU K 71 29.15 -61.09 6.21
N LYS K 72 28.10 -61.89 6.15
CA LYS K 72 27.83 -62.88 7.20
C LYS K 72 29.06 -63.71 7.56
N LEU K 73 29.69 -64.32 6.57
CA LEU K 73 30.86 -65.12 6.85
C LEU K 73 31.97 -64.28 7.48
N PHE K 74 32.12 -63.05 7.01
CA PHE K 74 33.15 -62.18 7.56
C PHE K 74 32.96 -62.06 9.07
N TYR K 75 31.77 -61.64 9.49
CA TYR K 75 31.49 -61.47 10.89
C TYR K 75 31.48 -62.78 11.67
N LYS K 76 31.17 -63.87 10.96
CA LYS K 76 31.15 -65.17 11.59
C LYS K 76 32.60 -65.52 11.94
N VAL K 77 33.52 -65.10 11.09
CA VAL K 77 34.94 -65.37 11.31
C VAL K 77 35.52 -64.55 12.47
N LEU K 78 35.20 -63.26 12.50
CA LEU K 78 35.72 -62.42 13.56
C LEU K 78 35.18 -62.88 14.92
N THR K 79 33.91 -63.28 14.99
CA THR K 79 33.37 -63.70 16.30
C THR K 79 33.74 -65.13 16.67
N SER K 80 34.29 -65.87 15.73
CA SER K 80 34.69 -67.24 16.02
C SER K 80 35.90 -67.25 16.95
N ASP K 81 36.68 -66.18 16.93
CA ASP K 81 37.87 -66.08 17.77
C ASP K 81 38.29 -64.62 17.89
N ILE K 82 37.43 -63.83 18.53
CA ILE K 82 37.63 -62.41 18.69
C ILE K 82 39.04 -61.99 19.11
N GLU K 83 39.68 -62.77 19.97
CA GLU K 83 41.02 -62.41 20.41
C GLU K 83 42.07 -62.53 19.31
N ARG K 84 41.80 -63.44 18.37
CA ARG K 84 42.72 -63.70 17.27
C ARG K 84 42.59 -62.73 16.11
N PHE K 85 41.36 -62.39 15.74
CA PHE K 85 41.12 -61.52 14.60
C PHE K 85 40.98 -60.02 14.89
N MSE K 86 40.70 -59.67 16.14
CA MSE K 86 40.54 -58.25 16.49
C MSE K 86 41.85 -57.50 16.25
O MSE K 86 41.86 -56.41 15.69
CB MSE K 86 40.09 -58.09 17.94
CG MSE K 86 39.36 -56.79 18.20
SE MSE K 86 38.86 -56.59 20.05
CE MSE K 86 39.83 -54.98 20.50
N PRO K 87 42.98 -58.09 16.67
CA PRO K 87 44.27 -57.40 16.47
C PRO K 87 44.58 -57.17 14.98
N ILE K 88 43.87 -57.89 14.12
CA ILE K 88 44.06 -57.76 12.68
C ILE K 88 43.17 -56.68 12.07
N VAL K 89 41.90 -56.70 12.46
CA VAL K 89 40.93 -55.75 11.94
C VAL K 89 40.93 -54.42 12.69
N TYR K 90 41.44 -54.46 13.91
CA TYR K 90 41.48 -53.30 14.78
C TYR K 90 42.94 -53.07 15.17
N THR K 91 43.18 -52.41 16.31
CA THR K 91 44.55 -52.16 16.75
C THR K 91 45.25 -53.47 17.06
N PRO K 92 46.55 -53.55 16.74
CA PRO K 92 47.37 -52.50 16.11
C PRO K 92 47.47 -52.57 14.59
N THR K 93 47.09 -53.70 14.01
CA THR K 93 47.20 -53.85 12.57
C THR K 93 46.49 -52.75 11.79
N VAL K 94 45.31 -52.36 12.22
CA VAL K 94 44.56 -51.33 11.53
C VAL K 94 45.44 -50.08 11.37
N GLY K 95 46.37 -49.87 12.28
CA GLY K 95 47.24 -48.71 12.19
C GLY K 95 48.22 -48.91 11.03
N LEU K 96 48.77 -50.12 11.00
CA LEU K 96 49.71 -50.50 9.96
C LEU K 96 48.99 -50.31 8.63
N ALA K 97 47.77 -50.81 8.55
CA ALA K 97 46.98 -50.71 7.33
C ALA K 97 46.83 -49.25 6.90
N CYS K 98 46.48 -48.39 7.86
CA CYS K 98 46.30 -46.99 7.56
C CYS K 98 47.59 -46.41 7.00
N GLN K 99 48.71 -46.87 7.53
CA GLN K 99 50.01 -46.39 7.09
C GLN K 99 50.30 -46.79 5.64
N HIS K 100 49.81 -47.96 5.24
CA HIS K 100 50.02 -48.43 3.88
C HIS K 100 48.68 -48.58 3.14
N TYR K 101 47.71 -47.74 3.50
CA TYR K 101 46.38 -47.82 2.89
C TYR K 101 46.40 -47.82 1.36
N GLY K 102 47.15 -46.89 0.77
CA GLY K 102 47.23 -46.83 -0.68
C GLY K 102 47.65 -48.16 -1.25
N LEU K 103 48.56 -48.82 -0.54
CA LEU K 103 49.09 -50.12 -0.95
C LEU K 103 48.07 -51.26 -0.76
N ALA K 104 47.39 -51.27 0.38
CA ALA K 104 46.44 -52.33 0.68
C ALA K 104 45.10 -52.16 -0.02
N PHE K 105 44.88 -50.99 -0.61
CA PHE K 105 43.62 -50.71 -1.29
C PHE K 105 43.29 -51.73 -2.38
N ARG K 106 42.03 -52.19 -2.38
CA ARG K 106 41.52 -53.14 -3.36
C ARG K 106 40.18 -52.58 -3.84
N ARG K 107 39.12 -52.83 -3.09
CA ARG K 107 37.80 -52.32 -3.43
C ARG K 107 37.49 -51.21 -2.41
N PRO K 108 36.84 -50.12 -2.83
CA PRO K 108 36.54 -49.05 -1.88
C PRO K 108 35.46 -49.38 -0.86
N ARG K 109 35.50 -48.69 0.27
CA ARG K 109 34.52 -48.88 1.32
C ARG K 109 34.32 -47.57 2.06
N GLY K 110 33.07 -47.21 2.30
CA GLY K 110 32.77 -45.97 2.99
C GLY K 110 32.45 -44.82 2.06
N LEU K 111 32.12 -43.68 2.65
CA LEU K 111 31.81 -42.50 1.87
C LEU K 111 32.94 -41.49 1.97
N PHE K 112 33.40 -40.97 0.84
CA PHE K 112 34.47 -39.98 0.89
C PHE K 112 33.94 -38.60 0.53
N ILE K 113 33.69 -37.77 1.54
CA ILE K 113 33.21 -36.40 1.28
C ILE K 113 34.41 -35.45 1.35
N THR K 114 34.56 -34.65 0.30
CA THR K 114 35.68 -33.73 0.17
C THR K 114 35.28 -32.29 0.52
N ILE K 115 36.27 -31.45 0.79
CA ILE K 115 35.97 -30.06 1.11
C ILE K 115 35.58 -29.34 -0.18
N HIS K 116 35.83 -30.00 -1.30
CA HIS K 116 35.52 -29.43 -2.60
C HIS K 116 34.08 -29.72 -3.04
N ASP K 117 33.34 -30.51 -2.26
CA ASP K 117 31.95 -30.71 -2.63
C ASP K 117 30.99 -30.14 -1.60
N ARG K 118 31.37 -29.01 -1.03
CA ARG K 118 30.51 -28.33 -0.07
C ARG K 118 29.33 -27.85 -0.88
N GLY K 119 28.15 -28.06 -0.33
CA GLY K 119 26.94 -27.64 -1.02
C GLY K 119 26.33 -28.78 -1.82
N HIS K 120 26.97 -29.95 -1.76
CA HIS K 120 26.48 -31.12 -2.50
C HIS K 120 26.52 -32.41 -1.71
N ILE K 121 26.65 -32.31 -0.40
CA ILE K 121 26.72 -33.52 0.42
C ILE K 121 25.41 -34.31 0.41
N ALA K 122 24.29 -33.61 0.46
CA ALA K 122 22.98 -34.27 0.44
C ALA K 122 22.85 -35.17 -0.78
N THR K 123 23.41 -34.71 -1.90
CA THR K 123 23.42 -35.44 -3.15
C THR K 123 24.26 -36.70 -3.03
N MSE K 124 25.45 -36.55 -2.47
CA MSE K 124 26.36 -37.67 -2.31
C MSE K 124 25.84 -38.77 -1.39
O MSE K 124 26.18 -39.93 -1.57
CB MSE K 124 27.72 -37.17 -1.82
CG MSE K 124 28.32 -36.13 -2.73
SE MSE K 124 30.05 -35.58 -2.07
CE MSE K 124 30.72 -37.29 -1.51
N LEU K 125 25.02 -38.42 -0.40
CA LEU K 125 24.47 -39.44 0.48
C LEU K 125 23.62 -40.40 -0.35
N GLN K 126 23.00 -39.85 -1.38
CA GLN K 126 22.16 -40.64 -2.28
C GLN K 126 22.98 -41.75 -2.91
N SER K 127 24.19 -41.40 -3.35
CA SER K 127 25.09 -42.37 -3.99
C SER K 127 25.27 -43.59 -3.09
N TRP K 128 24.95 -43.45 -1.81
CA TRP K 128 25.08 -44.56 -0.87
C TRP K 128 23.85 -45.44 -1.03
N PRO K 129 24.07 -46.72 -1.33
CA PRO K 129 23.02 -47.74 -1.54
C PRO K 129 21.97 -47.84 -0.44
N GLU K 130 22.40 -47.70 0.81
CA GLU K 130 21.49 -47.78 1.94
C GLU K 130 20.82 -46.42 2.17
N SER K 131 19.52 -46.43 2.38
CA SER K 131 18.81 -45.18 2.64
C SER K 131 18.50 -45.06 4.14
N VAL K 132 18.66 -46.16 4.87
CA VAL K 132 18.42 -46.14 6.31
C VAL K 132 19.69 -46.44 7.10
N ILE K 133 20.29 -45.37 7.64
CA ILE K 133 21.50 -45.48 8.43
C ILE K 133 21.17 -45.06 9.86
N LYS K 134 21.68 -45.83 10.82
CA LYS K 134 21.43 -45.56 12.24
C LYS K 134 22.68 -45.06 12.97
N ALA K 135 23.85 -45.37 12.41
CA ALA K 135 25.10 -44.95 13.02
C ALA K 135 26.13 -44.57 11.98
N ILE K 136 26.98 -43.62 12.33
CA ILE K 136 28.03 -43.14 11.45
C ILE K 136 29.34 -42.87 12.20
N VAL K 137 30.45 -43.40 11.72
CA VAL K 137 31.74 -43.12 12.34
C VAL K 137 32.49 -42.26 11.34
N VAL K 138 32.79 -41.02 11.71
CA VAL K 138 33.48 -40.08 10.82
C VAL K 138 34.85 -39.65 11.33
N THR K 139 35.73 -39.35 10.39
CA THR K 139 37.07 -38.88 10.70
C THR K 139 37.56 -37.99 9.59
N ASP K 140 38.54 -37.14 9.87
CA ASP K 140 39.11 -36.29 8.84
C ASP K 140 40.58 -36.71 8.75
N GLY K 141 40.90 -37.76 9.49
CA GLY K 141 42.24 -38.34 9.50
C GLY K 141 43.40 -37.51 9.98
N GLU K 142 43.18 -36.49 10.80
CA GLU K 142 44.29 -35.67 11.27
C GLU K 142 44.99 -36.25 12.50
N ARG K 143 44.31 -37.12 13.23
CA ARG K 143 44.92 -37.71 14.42
C ARG K 143 44.65 -39.21 14.50
N ILE K 144 45.20 -39.95 13.55
CA ILE K 144 45.01 -41.41 13.50
C ILE K 144 45.86 -42.11 14.56
N LEU K 145 45.21 -42.58 15.61
CA LEU K 145 45.92 -43.24 16.70
C LEU K 145 47.05 -42.32 17.06
N GLY K 146 48.21 -42.87 17.40
CA GLY K 146 49.35 -42.04 17.73
C GLY K 146 50.24 -41.96 16.52
N LEU K 147 49.65 -42.10 15.34
CA LEU K 147 50.42 -42.06 14.10
C LEU K 147 50.36 -40.72 13.38
N GLY K 148 49.58 -39.79 13.90
CA GLY K 148 49.51 -38.47 13.30
C GLY K 148 48.52 -38.28 12.17
N ASP K 149 48.83 -37.32 11.31
CA ASP K 149 48.00 -36.96 10.17
C ASP K 149 48.25 -37.92 8.99
N LEU K 150 47.35 -38.87 8.82
CA LEU K 150 47.46 -39.84 7.73
C LEU K 150 46.47 -39.52 6.62
N GLY K 151 45.89 -38.33 6.71
CA GLY K 151 44.92 -37.89 5.72
C GLY K 151 43.87 -38.93 5.37
N CYS K 152 43.63 -39.07 4.06
CA CYS K 152 42.64 -39.99 3.56
C CYS K 152 42.97 -41.46 3.82
N TYR K 153 44.19 -41.75 4.25
CA TYR K 153 44.55 -43.13 4.54
C TYR K 153 43.81 -43.51 5.82
N GLY K 154 43.36 -42.49 6.55
CA GLY K 154 42.66 -42.73 7.80
C GLY K 154 41.32 -43.46 7.71
N MSE K 155 40.80 -43.61 6.49
CA MSE K 155 39.53 -44.27 6.29
C MSE K 155 39.53 -45.66 6.91
O MSE K 155 38.47 -46.23 7.18
CB MSE K 155 39.21 -44.36 4.79
CG MSE K 155 37.92 -45.14 4.47
SE MSE K 155 36.33 -44.47 5.37
CE MSE K 155 35.50 -43.50 3.92
N GLY K 156 40.72 -46.20 7.16
CA GLY K 156 40.81 -47.52 7.75
C GLY K 156 40.28 -47.58 9.16
N ILE K 157 40.28 -46.44 9.84
CA ILE K 157 39.81 -46.39 11.22
C ILE K 157 38.29 -46.50 11.33
N PRO K 158 37.54 -45.66 10.60
CA PRO K 158 36.08 -45.76 10.70
C PRO K 158 35.61 -47.18 10.38
N VAL K 159 36.26 -47.79 9.40
CA VAL K 159 35.94 -49.14 8.95
C VAL K 159 36.25 -50.16 10.04
N GLY K 160 37.33 -49.93 10.77
CA GLY K 160 37.70 -50.84 11.85
C GLY K 160 36.73 -50.69 13.00
N LYS K 161 36.42 -49.45 13.37
CA LYS K 161 35.47 -49.17 14.45
C LYS K 161 34.16 -49.88 14.19
N LEU K 162 33.62 -49.66 12.99
CA LEU K 162 32.35 -50.26 12.62
C LEU K 162 32.42 -51.78 12.62
N ALA K 163 33.59 -52.34 12.37
CA ALA K 163 33.72 -53.79 12.37
C ALA K 163 33.42 -54.29 13.79
N LEU K 164 33.83 -53.52 14.79
CA LEU K 164 33.59 -53.89 16.18
C LEU K 164 32.16 -53.55 16.60
N TYR K 165 31.56 -52.56 15.97
CA TYR K 165 30.17 -52.20 16.28
C TYR K 165 29.36 -53.50 16.19
N THR K 166 29.60 -54.21 15.10
CA THR K 166 28.91 -55.45 14.80
C THR K 166 29.50 -56.60 15.58
N ALA K 167 30.77 -56.89 15.33
CA ALA K 167 31.46 -57.98 16.00
C ALA K 167 31.33 -57.93 17.52
N CYS K 168 31.44 -56.75 18.10
CA CYS K 168 31.38 -56.63 19.54
C CYS K 168 30.07 -56.11 20.11
N GLY K 169 29.40 -55.25 19.34
CA GLY K 169 28.15 -54.69 19.83
C GLY K 169 26.89 -55.36 19.36
N GLY K 170 26.97 -56.04 18.22
CA GLY K 170 25.80 -56.71 17.69
C GLY K 170 24.99 -55.76 16.84
N VAL K 171 25.57 -54.61 16.48
CA VAL K 171 24.87 -53.64 15.65
C VAL K 171 24.87 -54.12 14.19
N LYS K 172 23.73 -54.02 13.52
CA LYS K 172 23.63 -54.46 12.14
C LYS K 172 24.52 -53.65 11.19
N PRO K 173 25.46 -54.33 10.52
CA PRO K 173 26.40 -53.69 9.58
C PRO K 173 25.74 -52.78 8.55
N HIS K 174 24.70 -53.30 7.90
CA HIS K 174 23.99 -52.58 6.86
C HIS K 174 23.48 -51.21 7.27
N GLN K 175 23.36 -50.99 8.57
CA GLN K 175 22.86 -49.70 9.05
C GLN K 175 23.94 -48.74 9.47
N CYS K 176 25.19 -49.12 9.24
CA CYS K 176 26.31 -48.27 9.61
C CYS K 176 27.02 -47.64 8.41
N LEU K 177 27.51 -46.41 8.57
CA LEU K 177 28.21 -45.73 7.50
C LEU K 177 29.55 -45.11 7.92
N PRO K 178 30.66 -45.68 7.44
CA PRO K 178 31.99 -45.14 7.78
C PRO K 178 32.26 -43.97 6.83
N VAL K 179 32.57 -42.81 7.38
CA VAL K 179 32.81 -41.63 6.56
C VAL K 179 34.19 -41.00 6.77
N MSE K 180 34.79 -40.53 5.66
CA MSE K 180 36.09 -39.86 5.68
C MSE K 180 35.88 -38.48 5.09
O MSE K 180 35.42 -38.36 3.97
CB MSE K 180 37.13 -40.61 4.84
CG MSE K 180 38.30 -39.71 4.35
SE MSE K 180 39.55 -39.06 5.72
CE MSE K 180 40.55 -40.67 6.05
N LEU K 181 36.21 -37.44 5.85
CA LEU K 181 36.05 -36.08 5.38
C LEU K 181 37.44 -35.57 5.01
N ASP K 182 37.81 -35.68 3.74
CA ASP K 182 39.13 -35.24 3.29
C ASP K 182 39.17 -33.77 2.93
N VAL K 183 39.92 -32.99 3.70
CA VAL K 183 40.03 -31.56 3.44
C VAL K 183 41.49 -31.29 3.10
N GLY K 184 42.23 -32.35 2.83
CA GLY K 184 43.62 -32.23 2.53
C GLY K 184 44.41 -32.87 3.65
N THR K 185 45.72 -32.73 3.60
CA THR K 185 46.59 -33.30 4.63
C THR K 185 47.87 -32.48 4.71
N ASP K 186 48.44 -32.38 5.90
CA ASP K 186 49.66 -31.59 6.08
C ASP K 186 50.88 -32.50 6.14
N ASN K 187 50.64 -33.79 6.01
CA ASN K 187 51.70 -34.77 6.04
C ASN K 187 52.43 -34.70 4.69
N GLU K 188 53.57 -34.00 4.69
CA GLU K 188 54.37 -33.81 3.47
C GLU K 188 54.78 -35.11 2.81
N THR K 189 54.90 -36.18 3.59
CA THR K 189 55.25 -37.50 3.05
C THR K 189 54.13 -37.99 2.16
N LEU K 190 52.92 -37.98 2.70
CA LEU K 190 51.75 -38.42 1.96
C LEU K 190 51.59 -37.63 0.66
N LEU K 191 51.85 -36.33 0.72
CA LEU K 191 51.70 -35.50 -0.47
C LEU K 191 52.64 -35.97 -1.58
N LYS K 192 53.78 -36.55 -1.20
CA LYS K 192 54.77 -37.05 -2.15
C LYS K 192 54.47 -38.52 -2.52
N ASP K 193 53.83 -39.23 -1.60
CA ASP K 193 53.48 -40.64 -1.80
C ASP K 193 52.71 -40.85 -3.09
N PRO K 194 53.25 -41.66 -4.01
CA PRO K 194 52.58 -41.93 -5.29
C PRO K 194 51.34 -42.79 -5.13
N LEU K 195 51.22 -43.44 -3.97
CA LEU K 195 50.06 -44.30 -3.70
C LEU K 195 48.96 -43.58 -2.91
N TYR K 196 49.25 -42.38 -2.42
CA TYR K 196 48.25 -41.64 -1.64
C TYR K 196 46.94 -41.51 -2.40
N ILE K 197 45.82 -41.72 -1.71
CA ILE K 197 44.49 -41.66 -2.34
C ILE K 197 43.65 -40.41 -2.03
N GLY K 198 44.17 -39.52 -1.18
CA GLY K 198 43.41 -38.32 -0.87
C GLY K 198 43.79 -37.12 -1.68
N LEU K 199 43.22 -35.97 -1.33
CA LEU K 199 43.51 -34.72 -2.01
C LEU K 199 44.98 -34.35 -1.75
N ARG K 200 45.71 -34.02 -2.82
CA ARG K 200 47.12 -33.67 -2.65
C ARG K 200 47.39 -32.20 -2.36
N HIS K 201 46.95 -31.74 -1.20
CA HIS K 201 47.20 -30.37 -0.80
C HIS K 201 47.01 -30.22 0.70
N LYS K 202 47.63 -29.19 1.27
CA LYS K 202 47.55 -28.94 2.70
C LYS K 202 46.08 -28.92 3.18
N ARG K 203 45.89 -29.18 4.48
CA ARG K 203 44.55 -29.20 5.05
C ARG K 203 43.93 -27.81 5.02
N ILE K 204 42.68 -27.74 4.54
CA ILE K 204 41.98 -26.47 4.50
C ILE K 204 41.41 -26.27 5.89
N ARG K 205 41.59 -25.08 6.43
CA ARG K 205 41.11 -24.79 7.77
C ARG K 205 40.22 -23.57 7.75
N GLY K 206 39.80 -23.13 8.93
CA GLY K 206 38.96 -21.95 9.03
C GLY K 206 37.49 -22.15 8.70
N GLN K 207 36.87 -21.09 8.22
CA GLN K 207 35.45 -21.06 7.86
C GLN K 207 35.00 -22.20 6.95
N ALA K 208 35.77 -22.42 5.88
CA ALA K 208 35.45 -23.46 4.91
C ALA K 208 35.33 -24.81 5.60
N TYR K 209 36.30 -25.11 6.46
CA TYR K 209 36.28 -26.37 7.19
C TYR K 209 35.01 -26.43 8.04
N ASP K 210 34.78 -25.37 8.82
CA ASP K 210 33.60 -25.28 9.69
C ASP K 210 32.31 -25.45 8.90
N ASP K 211 32.20 -24.79 7.74
CA ASP K 211 31.00 -24.92 6.92
C ASP K 211 30.75 -26.35 6.45
N LEU K 212 31.83 -27.02 6.06
CA LEU K 212 31.75 -28.41 5.59
C LEU K 212 31.17 -29.31 6.67
N LEU K 213 31.65 -29.14 7.89
CA LEU K 213 31.16 -29.96 8.99
C LEU K 213 29.70 -29.68 9.26
N ASP K 214 29.29 -28.41 9.25
CA ASP K 214 27.90 -28.07 9.49
C ASP K 214 27.00 -28.71 8.45
N GLU K 215 27.38 -28.56 7.18
CA GLU K 215 26.56 -29.14 6.13
C GLU K 215 26.46 -30.64 6.29
N PHE K 216 27.59 -31.27 6.58
CA PHE K 216 27.62 -32.72 6.76
C PHE K 216 26.61 -33.18 7.81
N MSE K 217 26.68 -32.56 8.99
CA MSE K 217 25.77 -32.91 10.09
C MSE K 217 24.33 -32.66 9.72
O MSE K 217 23.47 -33.46 10.02
CB MSE K 217 26.14 -32.09 11.34
CG MSE K 217 27.53 -32.40 11.85
SE MSE K 217 27.68 -34.13 12.70
CE MSE K 217 27.39 -35.31 11.23
N GLU K 218 24.08 -31.55 9.03
CA GLU K 218 22.74 -31.20 8.62
C GLU K 218 22.22 -32.17 7.54
N ALA K 219 23.09 -32.52 6.60
CA ALA K 219 22.74 -33.42 5.51
C ALA K 219 22.40 -34.81 6.01
N VAL K 220 23.28 -35.36 6.86
CA VAL K 220 23.10 -36.69 7.42
C VAL K 220 21.85 -36.85 8.27
N THR K 221 21.54 -35.87 9.10
CA THR K 221 20.37 -35.98 9.96
C THR K 221 19.09 -35.71 9.19
N SER K 222 19.20 -34.94 8.11
CA SER K 222 18.01 -34.66 7.33
C SER K 222 17.62 -35.90 6.58
N ARG K 223 18.62 -36.61 6.08
CA ARG K 223 18.35 -37.81 5.31
C ARG K 223 18.04 -39.01 6.17
N TYR K 224 18.83 -39.22 7.21
CA TYR K 224 18.68 -40.36 8.10
C TYR K 224 17.86 -40.15 9.38
N GLY K 225 17.55 -38.90 9.68
CA GLY K 225 16.79 -38.61 10.89
C GLY K 225 17.66 -38.13 12.04
N MSE K 226 17.12 -37.21 12.83
CA MSE K 226 17.84 -36.65 13.98
C MSE K 226 18.38 -37.70 14.94
O MSE K 226 19.33 -37.44 15.66
CB MSE K 226 16.92 -35.72 14.75
CG MSE K 226 16.53 -34.46 14.01
SE MSE K 226 18.11 -33.43 13.60
CE MSE K 226 18.45 -32.64 15.33
N ASN K 227 17.79 -38.89 14.95
CA ASN K 227 18.25 -39.92 15.85
C ASN K 227 19.52 -40.61 15.37
N CYS K 228 19.97 -40.25 14.17
CA CYS K 228 21.17 -40.87 13.62
C CYS K 228 22.36 -40.58 14.54
N LEU K 229 23.09 -41.64 14.90
CA LEU K 229 24.25 -41.52 15.77
C LEU K 229 25.48 -41.17 14.96
N ILE K 230 26.16 -40.09 15.35
CA ILE K 230 27.36 -39.69 14.65
C ILE K 230 28.55 -39.79 15.63
N GLN K 231 29.47 -40.71 15.36
CA GLN K 231 30.64 -40.90 16.21
C GLN K 231 31.90 -40.26 15.62
N PHE K 232 32.41 -39.21 16.25
CA PHE K 232 33.62 -38.56 15.76
C PHE K 232 34.81 -39.41 16.16
N GLU K 233 35.74 -39.61 15.24
CA GLU K 233 36.91 -40.45 15.51
C GLU K 233 38.19 -39.88 14.92
N ASP K 234 39.23 -39.87 15.73
CA ASP K 234 40.55 -39.39 15.34
C ASP K 234 40.67 -38.05 14.62
N PHE K 235 40.07 -37.02 15.23
CA PHE K 235 40.15 -35.65 14.73
C PHE K 235 41.23 -34.98 15.58
N ALA K 236 41.89 -33.95 15.05
CA ALA K 236 42.91 -33.29 15.84
C ALA K 236 42.29 -32.63 17.07
N ASN K 237 43.11 -32.44 18.09
CA ASN K 237 42.71 -31.83 19.35
C ASN K 237 41.70 -30.71 19.25
N ALA K 238 42.16 -29.56 18.76
CA ALA K 238 41.32 -28.38 18.62
C ALA K 238 39.96 -28.67 18.05
N ASN K 239 39.94 -29.31 16.88
CA ASN K 239 38.68 -29.64 16.23
C ASN K 239 37.81 -30.56 17.08
N ALA K 240 38.41 -31.64 17.57
CA ALA K 240 37.67 -32.60 18.39
C ALA K 240 36.82 -31.94 19.45
N PHE K 241 37.41 -31.05 20.23
CA PHE K 241 36.65 -30.40 21.28
C PHE K 241 35.61 -29.44 20.81
N ARG K 242 35.94 -28.53 19.90
CA ARG K 242 34.92 -27.60 19.50
C ARG K 242 33.75 -28.24 18.76
N LEU K 243 34.03 -29.26 17.94
CA LEU K 243 32.94 -29.91 17.23
C LEU K 243 32.04 -30.60 18.22
N LEU K 244 32.64 -31.26 19.20
CA LEU K 244 31.86 -31.98 20.21
C LEU K 244 30.94 -31.02 20.91
N HIS K 245 31.52 -29.93 21.43
CA HIS K 245 30.78 -28.92 22.15
C HIS K 245 29.68 -28.29 21.29
N LYS K 246 30.00 -28.11 20.01
CA LYS K 246 29.10 -27.48 19.04
C LYS K 246 27.88 -28.30 18.61
N TYR K 247 28.02 -29.62 18.53
CA TYR K 247 26.92 -30.49 18.11
C TYR K 247 26.36 -31.37 19.23
N ARG K 248 27.11 -31.48 20.32
CA ARG K 248 26.75 -32.28 21.49
C ARG K 248 25.26 -32.25 21.85
N ASN K 249 24.69 -31.05 21.95
CA ASN K 249 23.29 -30.90 22.33
C ASN K 249 22.32 -30.72 21.17
N LYS K 250 22.84 -30.61 19.97
CA LYS K 250 21.97 -30.42 18.81
C LYS K 250 21.67 -31.72 18.10
N TYR K 251 22.65 -32.61 18.08
CA TYR K 251 22.51 -33.89 17.39
C TYR K 251 22.87 -35.03 18.33
N CYS K 252 22.60 -36.26 17.89
CA CYS K 252 22.93 -37.44 18.69
C CYS K 252 24.36 -37.78 18.35
N THR K 253 25.30 -37.23 19.10
CA THR K 253 26.68 -37.47 18.79
C THR K 253 27.61 -37.45 19.98
N PHE K 254 28.79 -38.03 19.81
CA PHE K 254 29.83 -38.09 20.84
C PHE K 254 31.18 -38.35 20.16
N ASN K 255 32.25 -38.00 20.86
CA ASN K 255 33.61 -38.19 20.34
C ASN K 255 34.23 -39.38 21.07
N ASP K 256 34.59 -40.41 20.31
CA ASP K 256 35.16 -41.64 20.86
C ASP K 256 36.48 -41.43 21.60
N ASP K 257 37.34 -40.57 21.07
CA ASP K 257 38.65 -40.31 21.68
C ASP K 257 38.56 -39.56 22.99
N ILE K 258 37.60 -38.66 23.11
CA ILE K 258 37.43 -37.88 24.32
C ILE K 258 36.58 -38.61 25.37
N GLN K 259 35.36 -38.96 24.99
CA GLN K 259 34.42 -39.60 25.90
C GLN K 259 34.50 -41.11 26.02
N GLY K 260 34.74 -41.81 24.91
CA GLY K 260 34.81 -43.26 24.95
C GLY K 260 36.00 -43.74 25.75
N THR K 261 37.12 -43.05 25.58
CA THR K 261 38.35 -43.38 26.30
C THR K 261 38.11 -43.19 27.79
N ALA K 262 37.61 -42.00 28.12
CA ALA K 262 37.30 -41.65 29.51
C ALA K 262 36.56 -42.79 30.18
N SER K 263 35.48 -43.23 29.54
CA SER K 263 34.64 -44.30 30.05
C SER K 263 35.43 -45.58 30.37
N VAL K 264 36.15 -46.10 29.39
CA VAL K 264 36.91 -47.33 29.62
C VAL K 264 38.03 -47.13 30.65
N ALA K 265 38.61 -45.93 30.68
CA ALA K 265 39.69 -45.65 31.62
C ALA K 265 39.13 -45.73 33.04
N VAL K 266 38.03 -45.01 33.28
CA VAL K 266 37.41 -45.02 34.59
C VAL K 266 36.90 -46.43 34.91
N ALA K 267 36.49 -47.17 33.89
CA ALA K 267 35.99 -48.51 34.11
C ALA K 267 37.14 -49.37 34.66
N GLY K 268 38.35 -49.08 34.20
CA GLY K 268 39.51 -49.82 34.68
C GLY K 268 39.85 -49.46 36.12
N LEU K 269 39.86 -48.18 36.42
CA LEU K 269 40.15 -47.71 37.76
C LEU K 269 39.13 -48.30 38.73
N LEU K 270 37.85 -48.13 38.41
CA LEU K 270 36.79 -48.64 39.25
C LEU K 270 37.02 -50.10 39.66
N ALA K 271 37.48 -50.90 38.72
CA ALA K 271 37.76 -52.30 38.99
C ALA K 271 39.05 -52.41 39.81
N ALA K 272 40.01 -51.54 39.51
CA ALA K 272 41.29 -51.55 40.22
C ALA K 272 41.11 -51.30 41.71
N LEU K 273 40.08 -50.52 42.06
CA LEU K 273 39.83 -50.22 43.45
C LEU K 273 39.63 -51.49 44.27
N ARG K 274 39.16 -52.55 43.63
CA ARG K 274 38.91 -53.80 44.33
C ARG K 274 40.17 -54.58 44.61
N ILE K 275 41.29 -54.08 44.09
CA ILE K 275 42.59 -54.68 44.34
C ILE K 275 43.31 -53.79 45.36
N THR K 276 43.31 -52.49 45.10
CA THR K 276 43.96 -51.51 45.96
C THR K 276 43.15 -51.30 47.24
N LYS K 277 41.95 -51.86 47.28
CA LYS K 277 41.08 -51.78 48.46
C LYS K 277 40.85 -50.40 49.05
N ASN K 278 40.57 -49.40 48.23
CA ASN K 278 40.30 -48.06 48.77
C ASN K 278 39.34 -47.31 47.85
N ARG K 279 39.22 -46.00 48.04
CA ARG K 279 38.31 -45.21 47.22
C ARG K 279 39.04 -44.43 46.15
N LEU K 280 38.36 -44.17 45.04
CA LEU K 280 38.93 -43.42 43.93
C LEU K 280 39.42 -42.05 44.43
N SER K 281 38.72 -41.51 45.41
CA SER K 281 39.10 -40.21 45.95
C SER K 281 40.40 -40.25 46.77
N ASP K 282 40.95 -41.45 46.95
CA ASP K 282 42.19 -41.61 47.70
C ASP K 282 43.39 -41.56 46.75
N HIS K 283 43.14 -41.74 45.45
CA HIS K 283 44.23 -41.71 44.48
C HIS K 283 44.68 -40.34 44.03
N THR K 284 45.85 -40.33 43.39
CA THR K 284 46.45 -39.12 42.85
C THR K 284 46.89 -39.56 41.45
N VAL K 285 46.20 -39.07 40.43
CA VAL K 285 46.50 -39.47 39.07
C VAL K 285 47.43 -38.55 38.29
N LEU K 286 48.37 -39.15 37.58
CA LEU K 286 49.33 -38.40 36.76
C LEU K 286 49.20 -38.76 35.29
N PHE K 287 48.91 -37.76 34.46
CA PHE K 287 48.74 -37.97 33.03
C PHE K 287 49.95 -37.57 32.19
N GLN K 288 50.43 -38.49 31.38
CA GLN K 288 51.52 -38.19 30.45
C GLN K 288 50.72 -37.85 29.20
N GLY K 289 50.55 -36.57 28.94
CA GLY K 289 49.76 -36.14 27.80
C GLY K 289 48.65 -35.27 28.38
N ALA K 290 48.17 -34.31 27.62
CA ALA K 290 47.12 -33.42 28.10
C ALA K 290 46.18 -33.07 26.97
N GLY K 291 45.78 -34.08 26.21
CA GLY K 291 44.89 -33.85 25.09
C GLY K 291 43.51 -34.49 25.20
N GLU K 292 42.94 -34.80 24.04
CA GLU K 292 41.63 -35.41 23.95
C GLU K 292 41.41 -36.52 24.97
N ALA K 293 42.33 -37.48 25.02
CA ALA K 293 42.19 -38.58 25.96
C ALA K 293 42.36 -38.15 27.41
N ALA K 294 43.48 -37.51 27.72
CA ALA K 294 43.76 -37.06 29.08
C ALA K 294 42.65 -36.18 29.65
N LEU K 295 42.32 -35.11 28.94
CA LEU K 295 41.30 -34.19 29.40
C LEU K 295 39.94 -34.88 29.64
N GLY K 296 39.54 -35.73 28.70
CA GLY K 296 38.28 -36.43 28.82
C GLY K 296 38.29 -37.41 29.97
N ILE K 297 39.38 -38.16 30.08
CA ILE K 297 39.52 -39.14 31.15
C ILE K 297 39.53 -38.45 32.50
N ALA K 298 40.27 -37.35 32.58
CA ALA K 298 40.36 -36.58 33.81
C ALA K 298 38.97 -36.12 34.23
N ASN K 299 38.22 -35.58 33.28
CA ASN K 299 36.88 -35.09 33.59
C ASN K 299 35.96 -36.17 34.12
N LEU K 300 36.00 -37.36 33.50
CA LEU K 300 35.14 -38.45 33.96
C LEU K 300 35.59 -38.86 35.34
N ILE K 301 36.90 -38.86 35.57
CA ILE K 301 37.45 -39.22 36.89
C ILE K 301 36.84 -38.28 37.95
N VAL K 302 36.85 -36.99 37.66
CA VAL K 302 36.31 -36.01 38.58
C VAL K 302 34.86 -36.35 38.93
N MSE K 303 34.04 -36.59 37.91
CA MSE K 303 32.63 -36.93 38.14
C MSE K 303 32.53 -38.17 39.02
O MSE K 303 31.69 -38.24 39.92
CB MSE K 303 31.93 -37.22 36.82
CG MSE K 303 31.61 -36.00 35.96
SE MSE K 303 30.60 -36.47 34.36
CE MSE K 303 29.19 -37.54 35.12
N ALA K 304 33.38 -39.15 38.74
CA ALA K 304 33.36 -40.40 39.49
C ALA K 304 33.73 -40.14 40.95
N MSE K 305 34.65 -39.20 41.17
CA MSE K 305 35.08 -38.87 42.53
C MSE K 305 33.98 -38.13 43.30
O MSE K 305 33.74 -38.40 44.48
CB MSE K 305 36.36 -38.02 42.51
CG MSE K 305 37.58 -38.78 42.00
SE MSE K 305 39.27 -37.89 42.37
CE MSE K 305 39.20 -36.50 41.05
N GLN K 306 33.31 -37.21 42.61
CA GLN K 306 32.25 -36.45 43.24
C GLN K 306 31.14 -37.43 43.63
N LYS K 307 30.88 -38.39 42.77
CA LYS K 307 29.84 -39.38 43.05
C LYS K 307 30.17 -40.10 44.36
N GLU K 308 31.45 -40.15 44.72
CA GLU K 308 31.84 -40.81 45.96
C GLU K 308 31.56 -39.91 47.17
N GLY K 309 31.46 -38.60 46.93
CA GLY K 309 31.18 -37.68 48.02
C GLY K 309 32.15 -36.52 48.11
N VAL K 310 33.22 -36.57 47.33
CA VAL K 310 34.22 -35.53 47.32
C VAL K 310 33.72 -34.32 46.53
N SER K 311 34.21 -33.15 46.89
CA SER K 311 33.82 -31.93 46.21
C SER K 311 34.56 -31.79 44.88
N LYS K 312 33.94 -31.09 43.93
CA LYS K 312 34.51 -30.85 42.61
C LYS K 312 35.96 -30.35 42.75
N GLU K 313 36.10 -29.30 43.55
CA GLU K 313 37.40 -28.71 43.79
C GLU K 313 38.43 -29.71 44.32
N GLU K 314 38.04 -30.49 45.32
CA GLU K 314 38.95 -31.48 45.89
C GLU K 314 39.35 -32.54 44.89
N ALA K 315 38.40 -32.94 44.06
CA ALA K 315 38.64 -33.97 43.05
C ALA K 315 39.72 -33.50 42.08
N ILE K 316 39.52 -32.29 41.52
CA ILE K 316 40.47 -31.73 40.57
C ILE K 316 41.90 -31.64 41.09
N LYS K 317 42.06 -31.41 42.38
CA LYS K 317 43.38 -31.30 42.98
C LYS K 317 44.14 -32.63 42.98
N ARG K 318 43.42 -33.72 42.78
CA ARG K 318 44.03 -35.04 42.77
C ARG K 318 44.56 -35.42 41.38
N ILE K 319 44.36 -34.54 40.41
CA ILE K 319 44.80 -34.83 39.04
C ILE K 319 45.89 -33.91 38.49
N TRP K 320 46.99 -34.53 38.04
CA TRP K 320 48.12 -33.80 37.47
C TRP K 320 48.40 -34.21 36.03
N MSE K 321 48.78 -33.24 35.20
CA MSE K 321 49.05 -33.51 33.79
C MSE K 321 50.38 -32.96 33.28
O MSE K 321 50.91 -31.97 33.79
CB MSE K 321 47.94 -32.94 32.92
CG MSE K 321 46.57 -33.46 33.25
SE MSE K 321 45.37 -33.02 31.81
CE MSE K 321 45.42 -31.10 31.89
N VAL K 322 50.90 -33.61 32.24
CA VAL K 322 52.15 -33.21 31.62
C VAL K 322 51.96 -33.16 30.10
N ASP K 323 52.26 -32.02 29.50
CA ASP K 323 52.13 -31.87 28.06
C ASP K 323 53.52 -31.81 27.41
N SER K 324 53.58 -31.49 26.12
CA SER K 324 54.86 -31.44 25.41
C SER K 324 55.87 -30.46 26.03
N LYS K 325 55.37 -29.45 26.75
CA LYS K 325 56.26 -28.47 27.37
C LYS K 325 56.57 -28.75 28.83
N GLY K 326 56.05 -29.86 29.34
CA GLY K 326 56.30 -30.24 30.72
C GLY K 326 55.06 -30.22 31.61
N LEU K 327 55.28 -30.27 32.92
CA LEU K 327 54.20 -30.27 33.88
C LEU K 327 53.29 -29.03 33.76
N ILE K 328 51.99 -29.25 33.86
CA ILE K 328 51.06 -28.15 33.78
C ILE K 328 50.88 -27.59 35.18
N VAL K 329 51.38 -26.37 35.38
CA VAL K 329 51.31 -25.71 36.68
C VAL K 329 50.74 -24.30 36.53
N LYS K 330 50.13 -23.81 37.60
CA LYS K 330 49.54 -22.48 37.57
C LYS K 330 50.56 -21.43 37.16
N GLY K 331 50.13 -20.51 36.29
CA GLY K 331 51.01 -19.47 35.84
C GLY K 331 52.06 -19.87 34.83
N ARG K 332 52.01 -21.10 34.33
CA ARG K 332 53.00 -21.51 33.35
C ARG K 332 52.57 -20.96 31.99
N ALA K 333 53.51 -20.94 31.05
CA ALA K 333 53.22 -20.42 29.72
C ALA K 333 52.60 -21.52 28.85
N SER K 334 51.99 -21.09 27.74
CA SER K 334 51.37 -22.02 26.80
C SER K 334 50.38 -22.97 27.45
N LEU K 335 49.31 -22.40 28.00
CA LEU K 335 48.27 -23.19 28.65
C LEU K 335 46.90 -22.83 28.07
N THR K 336 46.08 -23.85 27.84
CA THR K 336 44.75 -23.61 27.30
C THR K 336 43.76 -23.59 28.45
N PRO K 337 42.61 -22.92 28.27
CA PRO K 337 41.63 -22.88 29.34
C PRO K 337 41.38 -24.26 29.91
N GLU K 338 41.32 -25.26 29.03
CA GLU K 338 41.09 -26.63 29.46
C GLU K 338 42.20 -27.10 30.38
N LYS K 339 43.44 -26.82 29.98
CA LYS K 339 44.60 -27.22 30.77
C LYS K 339 44.68 -26.47 32.10
N GLU K 340 44.45 -25.16 32.04
CA GLU K 340 44.51 -24.31 33.23
C GLU K 340 43.65 -24.88 34.34
N HIS K 341 42.62 -25.63 33.95
CA HIS K 341 41.71 -26.24 34.90
C HIS K 341 42.44 -27.19 35.87
N PHE K 342 43.54 -27.78 35.41
CA PHE K 342 44.29 -28.72 36.23
C PHE K 342 45.69 -28.20 36.55
N ALA K 343 45.87 -26.90 36.37
CA ALA K 343 47.16 -26.27 36.67
C ALA K 343 47.19 -26.02 38.17
N HIS K 344 48.10 -26.67 38.87
CA HIS K 344 48.19 -26.49 40.31
C HIS K 344 49.41 -25.68 40.69
N GLU K 345 49.42 -25.13 41.91
CA GLU K 345 50.54 -24.36 42.41
C GLU K 345 51.70 -25.33 42.56
N HIS K 346 52.76 -25.13 41.80
CA HIS K 346 53.90 -26.02 41.87
C HIS K 346 54.96 -25.45 40.92
N CYS K 347 56.22 -25.80 41.17
CA CYS K 347 57.31 -25.32 40.33
C CYS K 347 57.24 -26.01 38.97
N GLU K 348 57.77 -25.34 37.95
CA GLU K 348 57.76 -25.90 36.61
C GLU K 348 58.74 -27.08 36.57
N MSE K 349 58.45 -28.08 35.76
CA MSE K 349 59.32 -29.24 35.61
C MSE K 349 59.20 -29.79 34.20
O MSE K 349 58.23 -29.50 33.51
CB MSE K 349 58.93 -30.32 36.61
CG MSE K 349 59.27 -29.98 38.05
SE MSE K 349 59.05 -31.57 39.13
CE MSE K 349 60.76 -32.41 38.88
N LYS K 350 60.18 -30.58 33.78
CA LYS K 350 60.17 -31.12 32.44
C LYS K 350 60.39 -32.62 32.36
N ASN K 351 61.39 -33.11 33.09
CA ASN K 351 61.68 -34.53 33.08
C ASN K 351 60.55 -35.33 33.72
N LEU K 352 60.02 -36.29 32.99
CA LEU K 352 58.92 -37.11 33.49
C LEU K 352 59.27 -37.87 34.76
N GLU K 353 60.43 -38.51 34.78
CA GLU K 353 60.80 -39.26 35.97
C GLU K 353 60.87 -38.39 37.20
N ASP K 354 61.45 -37.21 37.07
CA ASP K 354 61.52 -36.33 38.22
C ASP K 354 60.11 -35.95 38.63
N ILE K 355 59.24 -35.73 37.64
CA ILE K 355 57.86 -35.38 37.95
C ILE K 355 57.19 -36.53 38.70
N VAL K 356 57.39 -37.76 38.22
CA VAL K 356 56.81 -38.91 38.89
C VAL K 356 57.26 -38.97 40.36
N LYS K 357 58.54 -38.67 40.59
CA LYS K 357 59.13 -38.68 41.94
C LYS K 357 58.56 -37.58 42.83
N ASP K 358 58.30 -36.41 42.26
CA ASP K 358 57.77 -35.31 43.04
C ASP K 358 56.30 -35.51 43.40
N ILE K 359 55.47 -35.76 42.39
CA ILE K 359 54.04 -35.96 42.59
C ILE K 359 53.72 -37.25 43.32
N LYS K 360 54.50 -38.28 43.09
CA LYS K 360 54.28 -39.57 43.73
C LYS K 360 52.81 -39.98 43.56
N PRO K 361 52.37 -40.17 42.31
CA PRO K 361 50.99 -40.56 42.05
C PRO K 361 50.75 -42.05 42.33
N THR K 362 49.47 -42.41 42.45
CA THR K 362 49.07 -43.79 42.69
C THR K 362 48.59 -44.41 41.37
N VAL K 363 48.30 -43.55 40.39
CA VAL K 363 47.85 -43.98 39.06
C VAL K 363 48.62 -43.19 37.99
N LEU K 364 49.21 -43.94 37.05
CA LEU K 364 49.99 -43.33 35.98
C LEU K 364 49.30 -43.68 34.67
N ILE K 365 48.77 -42.66 33.99
CA ILE K 365 48.08 -42.88 32.72
C ILE K 365 48.85 -42.28 31.55
N GLY K 366 49.20 -43.12 30.59
CA GLY K 366 49.93 -42.64 29.42
C GLY K 366 49.04 -42.43 28.21
N VAL K 367 48.99 -41.19 27.72
CA VAL K 367 48.19 -40.87 26.55
C VAL K 367 48.85 -39.72 25.78
N ALA K 368 50.12 -39.90 25.46
CA ALA K 368 50.87 -38.90 24.71
C ALA K 368 51.52 -39.54 23.48
N ALA K 369 51.24 -40.82 23.27
CA ALA K 369 51.80 -41.55 22.14
C ALA K 369 53.32 -41.55 22.15
N ILE K 370 53.90 -41.43 23.33
CA ILE K 370 55.36 -41.43 23.48
C ILE K 370 55.91 -42.83 23.73
N GLY K 371 56.55 -43.37 22.69
CA GLY K 371 57.16 -44.69 22.74
C GLY K 371 57.17 -45.42 24.07
N GLY K 372 58.35 -45.52 24.69
CA GLY K 372 58.43 -46.23 25.97
C GLY K 372 58.57 -45.30 27.15
N ALA K 373 57.74 -44.27 27.21
CA ALA K 373 57.80 -43.29 28.28
C ALA K 373 57.97 -43.90 29.67
N PHE K 374 57.19 -44.92 29.98
CA PHE K 374 57.28 -45.58 31.27
C PHE K 374 58.54 -46.44 31.34
N THR K 375 59.67 -45.78 31.59
CA THR K 375 60.98 -46.44 31.69
C THR K 375 61.09 -47.31 32.93
N GLN K 376 62.13 -48.14 32.97
CA GLN K 376 62.36 -49.03 34.10
C GLN K 376 62.38 -48.22 35.41
N GLN K 377 63.05 -47.07 35.36
CA GLN K 377 63.15 -46.21 36.54
C GLN K 377 61.76 -45.75 36.99
N ILE K 378 61.01 -45.17 36.05
CA ILE K 378 59.66 -44.68 36.32
C ILE K 378 58.81 -45.79 36.96
N LEU K 379 58.80 -46.95 36.32
CA LEU K 379 58.04 -48.11 36.80
C LEU K 379 58.49 -48.59 38.17
N GLN K 380 59.78 -48.46 38.44
CA GLN K 380 60.32 -48.89 39.74
C GLN K 380 59.94 -47.87 40.80
N ASP K 381 59.98 -46.59 40.45
CA ASP K 381 59.59 -45.54 41.37
C ASP K 381 58.17 -45.81 41.82
N MSE K 382 57.28 -46.06 40.85
CA MSE K 382 55.88 -46.30 41.13
C MSE K 382 55.70 -47.50 42.06
O MSE K 382 54.85 -47.47 42.96
CB MSE K 382 55.11 -46.53 39.83
CG MSE K 382 53.75 -45.83 39.79
SE MSE K 382 53.98 -43.91 39.63
CE MSE K 382 55.13 -43.89 38.10
N ALA K 383 56.48 -48.56 41.82
CA ALA K 383 56.40 -49.76 42.65
C ALA K 383 57.02 -49.46 44.02
N ALA K 384 57.69 -48.31 44.13
CA ALA K 384 58.34 -47.86 45.35
C ALA K 384 57.42 -47.08 46.29
N PHE K 385 56.67 -46.10 45.77
CA PHE K 385 55.76 -45.38 46.65
C PHE K 385 54.32 -45.87 46.61
N ASN K 386 54.10 -47.01 45.98
CA ASN K 386 52.76 -47.59 45.89
C ASN K 386 52.85 -49.10 46.14
N LYS K 387 51.97 -49.62 46.99
CA LYS K 387 51.97 -51.04 47.27
C LYS K 387 51.56 -51.76 46.00
N ARG K 388 50.58 -51.19 45.29
CA ARG K 388 50.10 -51.75 44.04
C ARG K 388 49.75 -50.61 43.10
N PRO K 389 50.74 -50.13 42.33
CA PRO K 389 50.58 -49.03 41.38
C PRO K 389 49.67 -49.37 40.18
N ILE K 390 48.93 -48.37 39.70
CA ILE K 390 48.07 -48.56 38.53
C ILE K 390 48.83 -47.91 37.36
N ILE K 391 49.19 -48.72 36.37
CA ILE K 391 49.92 -48.26 35.19
C ILE K 391 49.06 -48.49 33.93
N PHE K 392 48.72 -47.39 33.25
CA PHE K 392 47.89 -47.45 32.05
C PHE K 392 48.66 -46.98 30.81
N ALA K 393 49.07 -47.92 29.97
CA ALA K 393 49.79 -47.59 28.74
C ALA K 393 48.72 -47.58 27.65
N LEU K 394 48.01 -46.46 27.57
CA LEU K 394 46.90 -46.35 26.63
C LEU K 394 47.19 -46.02 25.18
N SER K 395 48.29 -45.31 24.91
CA SER K 395 48.59 -44.95 23.54
C SER K 395 48.63 -46.12 22.55
N ASN K 396 48.15 -45.86 21.33
CA ASN K 396 48.13 -46.87 20.25
C ASN K 396 48.79 -46.32 18.98
N PRO K 397 49.29 -47.21 18.12
CA PRO K 397 49.23 -48.66 18.29
C PRO K 397 50.29 -49.18 19.29
N THR K 398 50.54 -50.48 19.25
CA THR K 398 51.50 -51.09 20.16
C THR K 398 52.85 -50.39 20.20
N SER K 399 53.31 -49.93 19.04
CA SER K 399 54.61 -49.26 18.98
C SER K 399 54.64 -47.96 19.78
N LYS K 400 53.47 -47.45 20.12
CA LYS K 400 53.37 -46.20 20.88
C LYS K 400 53.05 -46.43 22.36
N ALA K 401 52.84 -47.70 22.74
CA ALA K 401 52.53 -48.05 24.11
C ALA K 401 53.62 -47.56 25.07
N GLU K 402 53.24 -46.74 26.04
CA GLU K 402 54.17 -46.21 27.02
C GLU K 402 55.13 -47.29 27.57
N CYS K 403 54.64 -48.53 27.63
CA CYS K 403 55.43 -49.65 28.10
C CYS K 403 54.68 -50.96 27.85
N THR K 404 55.41 -52.07 27.89
CA THR K 404 54.83 -53.38 27.66
C THR K 404 54.32 -53.99 28.95
N ALA K 405 53.51 -55.04 28.82
CA ALA K 405 52.98 -55.74 29.99
C ALA K 405 54.15 -56.41 30.70
N GLU K 406 54.99 -57.09 29.92
CA GLU K 406 56.15 -57.79 30.45
C GLU K 406 57.03 -56.83 31.23
N GLN K 407 57.25 -55.67 30.65
CA GLN K 407 58.06 -54.62 31.24
C GLN K 407 57.44 -54.11 32.54
N LEU K 408 56.15 -53.82 32.52
CA LEU K 408 55.43 -53.33 33.70
C LEU K 408 55.54 -54.33 34.85
N TYR K 409 55.15 -55.57 34.61
CA TYR K 409 55.22 -56.60 35.65
C TYR K 409 56.65 -56.84 36.15
N LYS K 410 57.61 -56.80 35.23
CA LYS K 410 58.99 -57.03 35.59
C LYS K 410 59.57 -55.95 36.50
N TYR K 411 59.36 -54.69 36.15
CA TYR K 411 59.93 -53.60 36.93
C TYR K 411 59.10 -53.09 38.11
N THR K 412 57.96 -53.73 38.35
CA THR K 412 57.11 -53.37 39.48
C THR K 412 57.03 -54.63 40.34
N GLU K 413 57.96 -55.55 40.09
CA GLU K 413 58.03 -56.80 40.82
C GLU K 413 56.68 -57.50 40.92
N GLY K 414 55.94 -57.48 39.79
CA GLY K 414 54.64 -58.12 39.74
C GLY K 414 53.54 -57.46 40.56
N ARG K 415 53.86 -56.34 41.18
CA ARG K 415 52.87 -55.66 42.01
C ARG K 415 52.10 -54.57 41.25
N GLY K 416 52.50 -54.32 40.01
CA GLY K 416 51.83 -53.31 39.21
C GLY K 416 50.55 -53.80 38.56
N ILE K 417 49.51 -52.97 38.58
CA ILE K 417 48.22 -53.31 37.97
C ILE K 417 48.28 -52.63 36.60
N PHE K 418 48.35 -53.43 35.54
CA PHE K 418 48.48 -52.90 34.19
C PHE K 418 47.26 -52.96 33.29
N ALA K 419 47.25 -52.05 32.33
CA ALA K 419 46.21 -51.93 31.31
C ALA K 419 46.84 -51.16 30.15
N SER K 420 46.45 -51.52 28.92
CA SER K 420 46.98 -50.87 27.74
C SER K 420 45.95 -50.82 26.63
N GLY K 421 46.08 -49.83 25.75
CA GLY K 421 45.15 -49.69 24.64
C GLY K 421 45.32 -50.79 23.61
N SER K 422 46.55 -51.21 23.39
CA SER K 422 46.87 -52.28 22.42
C SER K 422 47.10 -53.59 23.15
N PRO K 423 46.76 -54.72 22.52
CA PRO K 423 46.93 -56.05 23.12
C PRO K 423 48.34 -56.56 23.38
N PHE K 424 48.50 -57.20 24.55
CA PHE K 424 49.75 -57.82 24.99
C PHE K 424 49.40 -59.22 25.46
N ASP K 425 50.30 -60.17 25.22
CA ASP K 425 50.07 -61.55 25.62
C ASP K 425 50.15 -61.68 27.14
N PRO K 426 49.59 -62.76 27.68
CA PRO K 426 49.61 -63.01 29.13
C PRO K 426 51.06 -63.10 29.59
N VAL K 427 51.33 -62.68 30.82
CA VAL K 427 52.67 -62.73 31.36
C VAL K 427 52.77 -63.72 32.53
N THR K 428 53.71 -64.65 32.44
CA THR K 428 53.93 -65.64 33.49
C THR K 428 55.01 -65.10 34.41
N LEU K 429 54.62 -64.71 35.62
CA LEU K 429 55.56 -64.15 36.60
C LEU K 429 56.54 -65.19 37.12
N PRO K 430 57.66 -64.74 37.68
CA PRO K 430 58.67 -65.67 38.21
C PRO K 430 58.04 -66.64 39.20
N SER K 431 57.04 -66.14 39.92
CA SER K 431 56.30 -66.89 40.91
C SER K 431 55.53 -68.05 40.29
N GLY K 432 55.35 -67.98 38.98
CA GLY K 432 54.62 -69.02 38.28
C GLY K 432 53.21 -68.55 37.97
N GLN K 433 52.76 -67.49 38.66
CA GLN K 433 51.42 -66.95 38.46
C GLN K 433 51.33 -66.30 37.09
N THR K 434 50.25 -66.56 36.36
CA THR K 434 50.06 -65.98 35.04
C THR K 434 49.06 -64.83 35.09
N LEU K 435 49.48 -63.66 34.64
CA LEU K 435 48.61 -62.47 34.62
C LEU K 435 48.14 -62.21 33.19
N TYR K 436 46.87 -61.84 33.06
CA TYR K 436 46.32 -61.54 31.75
C TYR K 436 46.02 -60.05 31.67
N PRO K 437 46.97 -59.24 31.16
CA PRO K 437 46.76 -57.79 31.05
C PRO K 437 45.51 -57.42 30.26
N GLY K 438 44.68 -56.57 30.84
CA GLY K 438 43.47 -56.14 30.17
C GLY K 438 43.73 -55.04 29.17
N GLN K 439 42.78 -54.87 28.24
CA GLN K 439 42.94 -53.87 27.20
C GLN K 439 42.02 -52.66 27.43
N GLY K 440 42.60 -51.55 27.88
CA GLY K 440 41.80 -50.36 28.08
C GLY K 440 41.65 -49.66 26.74
N ASN K 441 40.60 -49.98 26.00
CA ASN K 441 40.38 -49.36 24.70
C ASN K 441 38.92 -49.08 24.44
N ASN K 442 38.63 -47.98 23.76
CA ASN K 442 37.25 -47.60 23.42
C ASN K 442 36.37 -48.79 23.09
N SER K 443 36.99 -49.77 22.43
CA SER K 443 36.30 -50.98 22.01
C SER K 443 35.35 -51.55 23.06
N TYR K 444 35.60 -51.27 24.33
CA TYR K 444 34.73 -51.78 25.40
C TYR K 444 33.50 -50.88 25.60
N VAL K 445 33.52 -49.70 25.01
CA VAL K 445 32.43 -48.74 25.17
C VAL K 445 31.58 -48.41 23.96
N PHE K 446 32.20 -47.89 22.89
CA PHE K 446 31.41 -47.49 21.72
C PHE K 446 30.45 -48.55 21.17
N PRO K 447 30.84 -49.83 21.18
CA PRO K 447 29.89 -50.80 20.65
C PRO K 447 28.59 -50.76 21.45
N GLY K 448 28.70 -50.98 22.76
CA GLY K 448 27.54 -50.97 23.62
C GLY K 448 26.77 -49.68 23.58
N VAL K 449 27.48 -48.57 23.62
CA VAL K 449 26.82 -47.27 23.59
C VAL K 449 25.95 -47.13 22.36
N ALA K 450 26.46 -47.57 21.21
CA ALA K 450 25.75 -47.49 19.96
C ALA K 450 24.54 -48.40 19.99
N LEU K 451 24.70 -49.60 20.55
CA LEU K 451 23.59 -50.53 20.61
C LEU K 451 22.51 -49.91 21.47
N GLY K 452 22.95 -49.20 22.51
CA GLY K 452 22.01 -48.56 23.40
C GLY K 452 21.32 -47.38 22.75
N VAL K 453 22.10 -46.39 22.32
CA VAL K 453 21.51 -45.22 21.68
C VAL K 453 20.56 -45.62 20.55
N ILE K 454 21.00 -46.49 19.64
CA ILE K 454 20.17 -46.91 18.52
C ILE K 454 18.83 -47.49 18.98
N SER K 455 18.89 -48.48 19.86
CA SER K 455 17.69 -49.15 20.36
C SER K 455 16.64 -48.22 20.96
N CYS K 456 17.03 -47.36 21.90
CA CYS K 456 16.07 -46.45 22.54
C CYS K 456 15.94 -45.09 21.89
N GLY K 457 16.83 -44.77 20.97
CA GLY K 457 16.78 -43.48 20.32
C GLY K 457 17.10 -42.30 21.23
N LEU K 458 18.13 -42.45 22.07
CA LEU K 458 18.55 -41.38 22.97
C LEU K 458 18.94 -40.17 22.13
N LYS K 459 18.20 -39.08 22.24
CA LYS K 459 18.47 -37.90 21.42
C LYS K 459 19.85 -37.30 21.54
N HIS K 460 20.36 -37.21 22.76
CA HIS K 460 21.68 -36.64 23.00
C HIS K 460 22.42 -37.46 24.07
N ILE K 461 23.74 -37.53 23.96
CA ILE K 461 24.54 -38.30 24.89
C ILE K 461 25.27 -37.41 25.89
N GLY K 462 24.86 -37.49 27.15
CA GLY K 462 25.49 -36.70 28.19
C GLY K 462 26.62 -37.48 28.83
N ASP K 463 27.50 -36.79 29.56
CA ASP K 463 28.62 -37.47 30.20
C ASP K 463 28.16 -38.59 31.14
N ASP K 464 27.03 -38.35 31.80
CA ASP K 464 26.45 -39.32 32.71
C ASP K 464 26.39 -40.69 32.04
N VAL K 465 26.06 -40.73 30.76
CA VAL K 465 25.99 -41.99 30.03
C VAL K 465 27.33 -42.74 30.04
N PHE K 466 28.44 -42.01 29.94
CA PHE K 466 29.76 -42.61 29.94
C PHE K 466 30.21 -43.05 31.32
N LEU K 467 29.84 -42.28 32.35
CA LEU K 467 30.18 -42.63 33.73
C LEU K 467 29.40 -43.89 34.10
N THR K 468 28.15 -43.93 33.65
CA THR K 468 27.30 -45.07 33.93
C THR K 468 27.85 -46.28 33.19
N THR K 469 28.27 -46.07 31.94
CA THR K 469 28.81 -47.17 31.16
C THR K 469 30.08 -47.67 31.84
N ALA K 470 30.85 -46.77 32.43
CA ALA K 470 32.07 -47.17 33.12
C ALA K 470 31.74 -48.15 34.23
N GLU K 471 30.70 -47.84 34.98
CA GLU K 471 30.28 -48.66 36.09
C GLU K 471 29.81 -50.01 35.60
N VAL K 472 29.06 -49.99 34.49
CA VAL K 472 28.55 -51.23 33.91
C VAL K 472 29.70 -52.18 33.60
N ILE K 473 30.71 -51.70 32.88
CA ILE K 473 31.85 -52.55 32.54
C ILE K 473 32.48 -53.12 33.81
N ALA K 474 32.86 -52.25 34.74
CA ALA K 474 33.49 -52.66 36.00
C ALA K 474 32.66 -53.69 36.72
N GLN K 475 31.35 -53.59 36.56
CA GLN K 475 30.39 -54.50 37.20
C GLN K 475 30.51 -55.93 36.64
N GLU K 476 31.10 -56.05 35.46
CA GLU K 476 31.25 -57.35 34.82
C GLU K 476 32.64 -57.94 35.00
N VAL K 477 33.46 -57.28 35.79
CA VAL K 477 34.80 -57.80 36.05
C VAL K 477 34.64 -58.68 37.27
N SER K 478 34.86 -59.97 37.09
CA SER K 478 34.73 -60.95 38.15
C SER K 478 35.87 -60.91 39.16
N GLU K 479 35.71 -61.67 40.25
CA GLU K 479 36.73 -61.77 41.27
C GLU K 479 37.86 -62.54 40.60
N GLU K 480 37.47 -63.60 39.88
CA GLU K 480 38.45 -64.41 39.15
C GLU K 480 39.28 -63.52 38.24
N ASN K 481 38.59 -62.69 37.46
CA ASN K 481 39.25 -61.78 36.52
C ASN K 481 40.34 -61.01 37.22
N LEU K 482 39.94 -60.31 38.28
CA LEU K 482 40.83 -59.47 39.07
C LEU K 482 42.03 -60.25 39.60
N GLN K 483 41.78 -61.50 40.00
CA GLN K 483 42.81 -62.38 40.51
C GLN K 483 43.85 -62.72 39.44
N GLU K 484 43.51 -62.48 38.17
CA GLU K 484 44.42 -62.77 37.08
C GLU K 484 45.13 -61.51 36.60
N GLY K 485 44.75 -60.37 37.17
CA GLY K 485 45.35 -59.11 36.76
C GLY K 485 44.51 -58.38 35.73
N ARG K 486 43.29 -58.87 35.48
CA ARG K 486 42.39 -58.23 34.50
C ARG K 486 41.60 -57.09 35.13
N LEU K 487 41.60 -55.93 34.47
CA LEU K 487 40.83 -54.79 34.96
C LEU K 487 39.55 -54.65 34.13
N TYR K 488 39.42 -55.52 33.13
CA TYR K 488 38.27 -55.54 32.24
C TYR K 488 37.80 -56.97 32.01
N PRO K 489 36.49 -57.17 31.76
CA PRO K 489 36.03 -58.54 31.54
C PRO K 489 36.68 -59.10 30.28
N PRO K 490 36.91 -60.42 30.23
CA PRO K 490 37.53 -61.10 29.08
C PRO K 490 36.92 -60.63 27.78
N LEU K 491 37.75 -60.48 26.76
CA LEU K 491 37.30 -60.03 25.44
C LEU K 491 36.26 -60.98 24.83
N VAL K 492 36.39 -62.26 25.11
CA VAL K 492 35.43 -63.21 24.58
C VAL K 492 34.01 -62.92 25.06
N THR K 493 33.87 -62.12 26.11
CA THR K 493 32.55 -61.80 26.66
C THR K 493 32.09 -60.41 26.28
N ILE K 494 32.87 -59.72 25.44
CA ILE K 494 32.55 -58.36 25.01
C ILE K 494 31.12 -58.17 24.47
N GLN K 495 30.53 -59.21 23.90
CA GLN K 495 29.20 -59.05 23.38
C GLN K 495 28.21 -58.90 24.52
N GLN K 496 28.31 -59.79 25.51
CA GLN K 496 27.40 -59.71 26.63
C GLN K 496 27.60 -58.42 27.43
N VAL K 497 28.82 -57.91 27.46
CA VAL K 497 29.05 -56.66 28.18
C VAL K 497 28.35 -55.54 27.43
N SER K 498 28.46 -55.55 26.11
CA SER K 498 27.81 -54.53 25.31
C SER K 498 26.31 -54.55 25.52
N LEU K 499 25.73 -55.74 25.65
CA LEU K 499 24.28 -55.83 25.85
C LEU K 499 23.89 -55.16 27.17
N LYS K 500 24.65 -55.45 28.22
CA LYS K 500 24.37 -54.84 29.53
C LYS K 500 24.49 -53.30 29.41
N ILE K 501 25.46 -52.83 28.64
CA ILE K 501 25.67 -51.39 28.47
C ILE K 501 24.46 -50.80 27.77
N ALA K 502 24.07 -51.41 26.66
CA ALA K 502 22.93 -50.92 25.91
C ALA K 502 21.65 -50.90 26.76
N VAL K 503 21.40 -51.99 27.46
CA VAL K 503 20.22 -52.12 28.29
C VAL K 503 20.17 -51.01 29.32
N ARG K 504 21.27 -50.83 30.03
CA ARG K 504 21.37 -49.80 31.05
C ARG K 504 21.12 -48.40 30.47
N ILE K 505 21.71 -48.12 29.31
CA ILE K 505 21.54 -46.82 28.67
C ILE K 505 20.07 -46.58 28.31
N ALA K 506 19.40 -47.65 27.86
CA ALA K 506 17.99 -47.58 27.49
C ALA K 506 17.12 -47.24 28.70
N LYS K 507 17.35 -47.94 29.81
CA LYS K 507 16.59 -47.69 31.04
C LYS K 507 16.73 -46.25 31.49
N GLU K 508 17.93 -45.72 31.44
CA GLU K 508 18.15 -44.34 31.82
C GLU K 508 17.41 -43.42 30.88
N ALA K 509 17.49 -43.71 29.58
CA ALA K 509 16.84 -42.89 28.57
C ALA K 509 15.35 -42.73 28.85
N TYR K 510 14.67 -43.85 29.05
CA TYR K 510 13.24 -43.82 29.33
C TYR K 510 12.92 -43.15 30.65
N ARG K 511 13.77 -43.38 31.64
CA ARG K 511 13.57 -42.77 32.95
C ARG K 511 13.66 -41.26 32.82
N ASN K 512 14.69 -40.77 32.13
CA ASN K 512 14.88 -39.34 31.94
C ASN K 512 14.15 -38.75 30.72
N ASN K 513 13.28 -39.53 30.11
CA ASN K 513 12.54 -39.07 28.94
C ASN K 513 13.45 -38.53 27.85
N THR K 514 14.59 -39.17 27.66
CA THR K 514 15.53 -38.76 26.62
C THR K 514 15.44 -39.75 25.47
N ALA K 515 14.68 -40.83 25.67
CA ALA K 515 14.49 -41.85 24.65
C ALA K 515 13.58 -41.35 23.53
N SER K 516 13.49 -42.13 22.45
CA SER K 516 12.64 -41.75 21.33
C SER K 516 11.85 -42.92 20.78
N THR K 517 12.35 -44.13 21.01
CA THR K 517 11.64 -45.31 20.55
C THR K 517 10.44 -45.62 21.43
N TYR K 518 9.24 -45.59 20.83
CA TYR K 518 8.02 -45.85 21.58
C TYR K 518 7.04 -46.72 20.78
N PRO K 519 6.13 -47.42 21.47
CA PRO K 519 6.00 -47.42 22.93
C PRO K 519 7.22 -48.07 23.59
N GLN K 520 7.43 -47.76 24.87
CA GLN K 520 8.54 -48.32 25.60
C GLN K 520 8.38 -49.82 25.78
N PRO K 521 9.41 -50.60 25.42
CA PRO K 521 9.33 -52.06 25.56
C PRO K 521 9.10 -52.44 27.03
N GLU K 522 8.33 -53.51 27.25
CA GLU K 522 8.08 -53.98 28.60
C GLU K 522 9.33 -54.62 29.17
N ASP K 523 10.07 -55.33 28.33
CA ASP K 523 11.31 -55.98 28.73
C ASP K 523 12.46 -55.49 27.83
N LEU K 524 13.17 -54.47 28.29
CA LEU K 524 14.27 -53.89 27.52
C LEU K 524 15.34 -54.87 27.06
N GLU K 525 15.76 -55.80 27.92
CA GLU K 525 16.78 -56.74 27.51
C GLU K 525 16.29 -57.58 26.33
N ALA K 526 15.09 -58.13 26.44
CA ALA K 526 14.52 -58.95 25.37
C ALA K 526 14.39 -58.14 24.06
N PHE K 527 14.02 -56.88 24.19
CA PHE K 527 13.88 -56.01 23.02
C PHE K 527 15.23 -55.85 22.33
N ILE K 528 16.21 -55.39 23.09
CA ILE K 528 17.55 -55.19 22.56
C ILE K 528 18.16 -56.48 22.01
N ARG K 529 17.95 -57.59 22.71
CA ARG K 529 18.48 -58.88 22.24
C ARG K 529 17.91 -59.23 20.88
N SER K 530 16.64 -58.88 20.66
CA SER K 530 15.98 -59.16 19.39
C SER K 530 16.38 -58.19 18.29
N GLN K 531 17.12 -57.15 18.66
CA GLN K 531 17.52 -56.13 17.70
C GLN K 531 18.94 -56.38 17.20
N VAL K 532 19.64 -57.28 17.89
CA VAL K 532 21.02 -57.64 17.57
C VAL K 532 21.20 -58.35 16.22
N TYR K 533 22.34 -58.08 15.58
CA TYR K 533 22.70 -58.67 14.31
C TYR K 533 22.92 -60.17 14.46
N SER K 534 22.57 -60.92 13.42
CA SER K 534 22.75 -62.36 13.45
C SER K 534 23.73 -62.81 12.39
N THR K 535 24.60 -63.72 12.77
CA THR K 535 25.59 -64.24 11.88
C THR K 535 25.03 -65.26 10.90
N ASP K 536 23.88 -65.85 11.24
CA ASP K 536 23.26 -66.87 10.40
C ASP K 536 22.82 -66.35 9.04
N TYR K 537 22.88 -67.24 8.05
CA TYR K 537 22.45 -66.87 6.71
C TYR K 537 20.92 -66.92 6.67
N ASN K 538 20.33 -66.14 5.78
CA ASN K 538 18.89 -66.14 5.62
C ASN K 538 18.58 -67.12 4.50
N CYS K 539 17.31 -67.50 4.36
CA CYS K 539 16.93 -68.41 3.29
C CYS K 539 16.44 -67.55 2.13
N PHE K 540 16.93 -67.82 0.91
CA PHE K 540 16.54 -67.01 -0.25
C PHE K 540 15.42 -67.59 -1.09
N VAL K 541 14.91 -68.74 -0.66
CA VAL K 541 13.81 -69.39 -1.38
C VAL K 541 12.55 -68.54 -1.28
N ALA K 542 11.79 -68.44 -2.37
CA ALA K 542 10.55 -67.67 -2.37
C ALA K 542 9.54 -68.25 -1.38
N ASP K 543 8.75 -67.39 -0.76
CA ASP K 543 7.74 -67.86 0.18
C ASP K 543 6.55 -68.43 -0.58
N SER K 544 6.63 -69.72 -0.87
CA SER K 544 5.56 -70.40 -1.58
C SER K 544 4.62 -71.12 -0.63
N TYR K 545 3.33 -71.00 -0.92
CA TYR K 545 2.29 -71.65 -0.14
C TYR K 545 1.04 -71.73 -1.00
N THR K 546 0.15 -72.67 -0.69
CA THR K 546 -1.05 -72.82 -1.49
C THR K 546 -2.30 -72.23 -0.90
N TRP K 547 -3.27 -72.00 -1.76
CA TRP K 547 -4.58 -71.47 -1.40
C TRP K 547 -5.52 -72.64 -1.52
N PRO K 548 -6.72 -72.56 -0.93
CA PRO K 548 -7.63 -73.69 -1.07
C PRO K 548 -7.68 -73.92 -2.58
N GLU K 549 -8.25 -75.02 -3.06
CA GLU K 549 -8.19 -75.17 -4.50
C GLU K 549 -9.25 -74.50 -5.36
N GLU K 550 -10.39 -74.16 -4.78
CA GLU K 550 -11.43 -73.48 -5.55
C GLU K 550 -10.99 -72.03 -5.79
N ALA K 551 -10.40 -71.42 -4.76
CA ALA K 551 -9.93 -70.04 -4.84
C ALA K 551 -8.66 -69.91 -5.70
N MSE K 552 -8.01 -71.04 -5.93
CA MSE K 552 -6.78 -71.09 -6.70
C MSE K 552 -7.03 -71.57 -8.13
O MSE K 552 -6.08 -71.78 -8.90
CB MSE K 552 -5.80 -72.01 -5.99
CG MSE K 552 -4.39 -71.91 -6.46
SE MSE K 552 -3.42 -73.14 -5.38
CE MSE K 552 -4.46 -74.75 -5.71
N LYS K 553 -8.29 -71.76 -8.47
CA LYS K 553 -8.67 -72.23 -9.80
C LYS K 553 -8.50 -71.14 -10.87
N VAL K 554 -8.15 -71.58 -12.08
CA VAL K 554 -7.99 -70.67 -13.20
C VAL K 554 -9.34 -70.64 -13.91
N LYS K 555 -9.85 -69.46 -14.25
CA LYS K 555 -11.14 -69.36 -14.93
C LYS K 555 -11.11 -69.19 -16.44
N LYS L 1 23.71 -49.56 -17.10
CA LYS L 1 23.69 -49.75 -15.65
C LYS L 1 24.46 -48.61 -14.97
N LYS L 2 24.07 -48.31 -13.73
CA LYS L 2 24.71 -47.24 -12.94
C LYS L 2 24.66 -47.50 -11.44
N GLY L 3 25.34 -46.66 -10.67
CA GLY L 3 25.38 -46.83 -9.22
C GLY L 3 26.53 -47.72 -8.78
N TYR L 4 26.57 -48.02 -7.49
CA TYR L 4 27.59 -48.88 -6.91
C TYR L 4 27.71 -50.22 -7.64
N GLU L 5 26.68 -50.55 -8.40
CA GLU L 5 26.63 -51.80 -9.15
C GLU L 5 27.72 -51.78 -10.20
N VAL L 6 28.06 -50.57 -10.65
CA VAL L 6 29.10 -50.37 -11.65
C VAL L 6 30.47 -50.78 -11.11
N LEU L 7 30.72 -50.41 -9.86
CA LEU L 7 31.99 -50.71 -9.21
C LEU L 7 32.21 -52.20 -9.00
N ARG L 8 31.13 -52.95 -8.87
CA ARG L 8 31.21 -54.40 -8.63
C ARG L 8 31.23 -55.21 -9.90
N ASP L 9 31.12 -54.53 -11.03
CA ASP L 9 31.12 -55.18 -12.34
C ASP L 9 32.48 -54.94 -12.98
N PRO L 10 33.37 -55.93 -12.90
CA PRO L 10 34.71 -55.84 -13.48
C PRO L 10 34.79 -55.41 -14.92
N HIS L 11 33.73 -55.67 -15.67
CA HIS L 11 33.69 -55.29 -17.08
C HIS L 11 33.51 -53.80 -17.25
N LEU L 12 32.97 -53.15 -16.22
CA LEU L 12 32.75 -51.71 -16.28
C LEU L 12 33.70 -50.92 -15.36
N ASN L 13 33.84 -51.40 -14.14
CA ASN L 13 34.68 -50.73 -13.16
C ASN L 13 36.05 -50.23 -13.62
N LYS L 14 36.28 -48.93 -13.45
CA LYS L 14 37.55 -48.30 -13.80
C LYS L 14 38.26 -47.88 -12.51
N GLY L 15 37.62 -48.16 -11.38
CA GLY L 15 38.21 -47.81 -10.09
C GLY L 15 38.41 -46.31 -9.99
N MSE L 16 39.56 -45.89 -9.51
CA MSE L 16 39.80 -44.47 -9.39
C MSE L 16 40.12 -43.78 -10.70
O MSE L 16 40.44 -42.59 -10.72
CB MSE L 16 40.88 -44.20 -8.35
CG MSE L 16 40.42 -44.44 -6.94
SE MSE L 16 41.88 -44.26 -5.73
CE MSE L 16 42.40 -46.11 -5.57
N ALA L 17 40.06 -44.53 -11.79
CA ALA L 17 40.31 -43.93 -13.10
C ALA L 17 39.01 -43.24 -13.54
N PHE L 18 37.94 -43.44 -12.76
CA PHE L 18 36.67 -42.80 -13.06
C PHE L 18 36.81 -41.30 -12.88
N THR L 19 36.40 -40.54 -13.89
CA THR L 19 36.49 -39.07 -13.86
C THR L 19 35.46 -38.48 -12.91
N LEU L 20 35.72 -37.25 -12.44
CA LEU L 20 34.77 -36.60 -11.55
C LEU L 20 33.41 -36.54 -12.23
N GLU L 21 33.42 -36.18 -13.51
CA GLU L 21 32.18 -36.08 -14.24
C GLU L 21 31.52 -37.46 -14.38
N GLU L 22 32.31 -38.48 -14.61
CA GLU L 22 31.73 -39.80 -14.74
C GLU L 22 31.11 -40.20 -13.42
N ARG L 23 31.87 -40.07 -12.34
CA ARG L 23 31.37 -40.44 -11.02
C ARG L 23 30.05 -39.73 -10.74
N GLN L 24 30.00 -38.43 -10.95
CA GLN L 24 28.77 -37.70 -10.70
C GLN L 24 27.58 -38.25 -11.49
N GLN L 25 27.78 -38.49 -12.78
CA GLN L 25 26.73 -39.03 -13.65
C GLN L 25 26.36 -40.48 -13.32
N LEU L 26 27.34 -41.28 -12.95
CA LEU L 26 27.11 -42.67 -12.65
C LEU L 26 26.57 -42.88 -11.25
N ASN L 27 26.38 -41.80 -10.51
CA ASN L 27 25.89 -41.88 -9.13
C ASN L 27 26.81 -42.64 -8.15
N ILE L 28 28.12 -42.49 -8.31
CA ILE L 28 29.09 -43.15 -7.43
C ILE L 28 30.10 -42.16 -6.82
N HIS L 29 29.86 -40.87 -7.02
CA HIS L 29 30.73 -39.86 -6.45
C HIS L 29 30.64 -39.98 -4.93
N GLY L 30 31.78 -40.23 -4.30
CA GLY L 30 31.81 -40.39 -2.87
C GLY L 30 32.15 -41.82 -2.48
N LEU L 31 31.89 -42.76 -3.39
CA LEU L 31 32.17 -44.17 -3.13
C LEU L 31 33.60 -44.49 -3.48
N LEU L 32 34.31 -43.49 -3.98
CA LEU L 32 35.70 -43.65 -4.36
C LEU L 32 36.53 -42.57 -3.69
N PRO L 33 37.77 -42.90 -3.27
CA PRO L 33 38.61 -41.88 -2.65
C PRO L 33 38.79 -40.74 -3.64
N PRO L 34 38.99 -39.51 -3.14
CA PRO L 34 39.16 -38.27 -3.89
C PRO L 34 40.37 -38.08 -4.80
N CYS L 35 40.80 -39.13 -5.48
CA CYS L 35 41.93 -38.95 -6.38
C CYS L 35 41.64 -39.62 -7.71
N PHE L 36 42.07 -39.00 -8.80
CA PHE L 36 41.85 -39.55 -10.12
C PHE L 36 43.18 -39.93 -10.71
N LEU L 37 43.25 -41.08 -11.37
CA LEU L 37 44.52 -41.51 -11.95
C LEU L 37 44.31 -42.25 -13.27
N GLY L 38 45.38 -42.35 -14.05
CA GLY L 38 45.30 -43.05 -15.32
C GLY L 38 45.69 -44.50 -15.12
N GLN L 39 45.60 -45.29 -16.18
CA GLN L 39 45.94 -46.72 -16.11
C GLN L 39 47.37 -46.95 -15.65
N ASP L 40 48.31 -46.15 -16.16
CA ASP L 40 49.69 -46.32 -15.77
C ASP L 40 49.86 -46.27 -14.25
N ALA L 41 49.26 -45.26 -13.64
CA ALA L 41 49.34 -45.12 -12.19
C ALA L 41 48.78 -46.35 -11.49
N GLN L 42 47.67 -46.87 -12.02
CA GLN L 42 47.04 -48.05 -11.44
C GLN L 42 47.91 -49.27 -11.64
N VAL L 43 48.62 -49.34 -12.77
CA VAL L 43 49.49 -50.48 -13.03
C VAL L 43 50.65 -50.43 -12.05
N TYR L 44 51.11 -49.21 -11.76
CA TYR L 44 52.22 -49.04 -10.82
C TYR L 44 51.82 -49.69 -9.51
N SER L 45 50.63 -49.32 -9.03
CA SER L 45 50.10 -49.85 -7.78
C SER L 45 50.04 -51.37 -7.81
N ILE L 46 49.64 -51.93 -8.94
CA ILE L 46 49.54 -53.39 -9.06
C ILE L 46 50.92 -54.02 -8.88
N LEU L 47 51.91 -53.47 -9.58
CA LEU L 47 53.28 -53.98 -9.51
C LEU L 47 53.83 -53.95 -8.09
N LYS L 48 53.61 -52.85 -7.39
CA LYS L 48 54.09 -52.73 -6.01
C LYS L 48 53.49 -53.85 -5.16
N ASN L 49 52.23 -54.18 -5.43
CA ASN L 49 51.56 -55.25 -4.69
C ASN L 49 52.02 -56.63 -5.15
N PHE L 50 52.44 -56.73 -6.41
CA PHE L 50 52.94 -57.99 -6.94
C PHE L 50 54.37 -58.24 -6.40
N GLU L 51 55.18 -57.18 -6.41
CA GLU L 51 56.56 -57.26 -5.95
C GLU L 51 56.75 -57.77 -4.52
N ARG L 52 55.91 -57.30 -3.61
CA ARG L 52 56.05 -57.72 -2.20
C ARG L 52 55.58 -59.13 -1.91
N LEU L 53 54.97 -59.80 -2.87
CA LEU L 53 54.50 -61.17 -2.62
C LEU L 53 55.73 -62.08 -2.61
N THR L 54 55.59 -63.26 -2.01
CA THR L 54 56.70 -64.19 -1.91
C THR L 54 56.31 -65.64 -2.21
N SER L 55 55.31 -65.80 -3.05
CA SER L 55 54.83 -67.13 -3.43
C SER L 55 54.09 -67.02 -4.76
N ASP L 56 54.40 -67.91 -5.69
CA ASP L 56 53.74 -67.88 -6.99
C ASP L 56 52.23 -67.97 -6.80
N LEU L 57 51.80 -68.82 -5.88
CA LEU L 57 50.39 -68.99 -5.62
C LEU L 57 49.77 -67.67 -5.19
N ASP L 58 50.50 -66.89 -4.38
CA ASP L 58 49.96 -65.61 -3.95
C ASP L 58 49.94 -64.62 -5.11
N ARG L 59 50.90 -64.75 -6.03
CA ARG L 59 50.94 -63.86 -7.18
C ARG L 59 49.75 -64.20 -8.08
N TYR L 60 49.38 -65.47 -8.12
CA TYR L 60 48.26 -65.92 -8.90
C TYR L 60 46.98 -65.31 -8.30
N ILE L 61 46.78 -65.57 -7.02
CA ILE L 61 45.61 -65.04 -6.32
C ILE L 61 45.52 -63.52 -6.49
N LEU L 62 46.65 -62.83 -6.41
CA LEU L 62 46.61 -61.38 -6.59
C LEU L 62 46.01 -61.05 -7.95
N LEU L 63 46.60 -61.59 -9.01
CA LEU L 63 46.11 -61.32 -10.36
C LEU L 63 44.69 -61.81 -10.63
N MSE L 64 44.32 -62.98 -10.14
CA MSE L 64 42.95 -63.46 -10.34
C MSE L 64 41.96 -62.44 -9.80
O MSE L 64 40.97 -62.11 -10.46
CB MSE L 64 42.73 -64.80 -9.65
CG MSE L 64 43.28 -65.98 -10.42
SE MSE L 64 42.64 -66.01 -12.27
CE MSE L 64 40.74 -65.75 -11.95
N SER L 65 42.22 -61.94 -8.60
CA SER L 65 41.34 -60.95 -7.98
C SER L 65 41.32 -59.64 -8.77
N LEU L 66 42.44 -59.33 -9.44
CA LEU L 66 42.54 -58.13 -10.25
C LEU L 66 41.51 -58.33 -11.36
N GLN L 67 41.53 -59.52 -11.93
CA GLN L 67 40.63 -59.89 -13.02
C GLN L 67 39.16 -59.84 -12.58
N ASP L 68 38.91 -60.14 -11.30
CA ASP L 68 37.55 -60.11 -10.78
C ASP L 68 37.14 -58.68 -10.41
N ARG L 69 38.10 -57.76 -10.39
CA ARG L 69 37.79 -56.40 -10.01
C ARG L 69 37.77 -55.40 -11.15
N ASN L 70 38.78 -55.45 -12.01
CA ASN L 70 38.86 -54.50 -13.12
C ASN L 70 39.46 -55.11 -14.39
N GLU L 71 38.57 -55.61 -15.25
CA GLU L 71 38.95 -56.25 -16.51
C GLU L 71 40.01 -55.52 -17.33
N LYS L 72 39.75 -54.27 -17.73
CA LYS L 72 40.72 -53.52 -18.52
C LYS L 72 42.10 -53.52 -17.87
N LEU L 73 42.14 -53.13 -16.60
CA LEU L 73 43.41 -53.06 -15.86
C LEU L 73 44.10 -54.42 -15.81
N PHE L 74 43.31 -55.48 -15.64
CA PHE L 74 43.87 -56.81 -15.58
C PHE L 74 44.65 -57.03 -16.86
N TYR L 75 44.03 -56.83 -18.00
CA TYR L 75 44.72 -57.05 -19.26
C TYR L 75 45.84 -56.04 -19.54
N LYS L 76 45.67 -54.81 -19.09
CA LYS L 76 46.72 -53.82 -19.28
C LYS L 76 47.96 -54.37 -18.57
N VAL L 77 47.77 -54.90 -17.36
CA VAL L 77 48.89 -55.45 -16.61
C VAL L 77 49.56 -56.63 -17.31
N LEU L 78 48.76 -57.59 -17.76
CA LEU L 78 49.31 -58.77 -18.44
C LEU L 78 50.04 -58.41 -19.73
N THR L 79 49.47 -57.50 -20.51
CA THR L 79 50.08 -57.13 -21.76
C THR L 79 51.25 -56.17 -21.56
N SER L 80 51.40 -55.65 -20.34
CA SER L 80 52.49 -54.71 -20.07
C SER L 80 53.84 -55.40 -19.91
N ASP L 81 53.83 -56.69 -19.59
CA ASP L 81 55.07 -57.45 -19.43
C ASP L 81 54.66 -58.91 -19.56
N ILE L 82 54.29 -59.27 -20.77
CA ILE L 82 53.81 -60.61 -21.04
C ILE L 82 54.70 -61.74 -20.56
N GLU L 83 56.01 -61.62 -20.77
CA GLU L 83 56.94 -62.68 -20.36
C GLU L 83 56.91 -62.89 -18.85
N ARG L 84 56.62 -61.81 -18.13
CA ARG L 84 56.58 -61.81 -16.68
C ARG L 84 55.32 -62.41 -16.07
N PHE L 85 54.17 -61.97 -16.56
CA PHE L 85 52.93 -62.44 -15.98
C PHE L 85 52.30 -63.68 -16.56
N MSE L 86 52.66 -64.06 -17.78
CA MSE L 86 52.11 -65.26 -18.41
C MSE L 86 52.44 -66.52 -17.57
O MSE L 86 51.60 -67.39 -17.39
CB MSE L 86 52.66 -65.42 -19.83
CG MSE L 86 51.88 -66.39 -20.67
SE MSE L 86 52.66 -66.71 -22.40
CE MSE L 86 52.66 -64.94 -23.11
N PRO L 87 53.67 -66.62 -17.05
CA PRO L 87 54.04 -67.78 -16.24
C PRO L 87 53.19 -67.89 -14.98
N ILE L 88 52.59 -66.77 -14.58
CA ILE L 88 51.75 -66.70 -13.39
C ILE L 88 50.29 -67.03 -13.67
N VAL L 89 49.77 -66.50 -14.76
CA VAL L 89 48.38 -66.73 -15.17
C VAL L 89 48.20 -68.05 -15.95
N TYR L 90 49.27 -68.47 -16.62
CA TYR L 90 49.30 -69.68 -17.45
C TYR L 90 50.32 -70.63 -16.82
N THR L 91 50.93 -71.51 -17.63
CA THR L 91 51.93 -72.45 -17.09
C THR L 91 53.18 -71.70 -16.66
N PRO L 92 53.82 -72.17 -15.58
CA PRO L 92 53.41 -73.33 -14.79
C PRO L 92 52.52 -73.06 -13.58
N THR L 93 52.42 -71.80 -13.16
CA THR L 93 51.63 -71.47 -11.99
C THR L 93 50.15 -71.87 -12.08
N VAL L 94 49.59 -71.85 -13.29
CA VAL L 94 48.20 -72.21 -13.45
C VAL L 94 48.01 -73.65 -12.95
N GLY L 95 49.00 -74.50 -13.22
CA GLY L 95 48.91 -75.88 -12.79
C GLY L 95 48.89 -75.94 -11.28
N LEU L 96 49.80 -75.17 -10.69
CA LEU L 96 49.94 -75.07 -9.25
C LEU L 96 48.58 -74.61 -8.72
N ALA L 97 48.03 -73.58 -9.35
CA ALA L 97 46.75 -73.05 -8.95
C ALA L 97 45.66 -74.12 -8.95
N CYS L 98 45.61 -74.91 -10.02
CA CYS L 98 44.61 -75.97 -10.12
C CYS L 98 44.79 -76.99 -8.99
N GLN L 99 46.05 -77.29 -8.64
CA GLN L 99 46.37 -78.24 -7.59
C GLN L 99 45.83 -77.75 -6.25
N HIS L 100 45.74 -76.43 -6.09
CA HIS L 100 45.24 -75.83 -4.85
C HIS L 100 44.06 -74.92 -5.12
N TYR L 101 43.27 -75.27 -6.14
CA TYR L 101 42.13 -74.46 -6.51
C TYR L 101 41.19 -74.23 -5.32
N GLY L 102 40.97 -75.27 -4.51
CA GLY L 102 40.10 -75.14 -3.37
C GLY L 102 40.60 -74.06 -2.43
N LEU L 103 41.91 -74.04 -2.26
CA LEU L 103 42.56 -73.08 -1.39
C LEU L 103 42.59 -71.68 -2.00
N ALA L 104 42.85 -71.60 -3.30
CA ALA L 104 42.94 -70.31 -3.98
C ALA L 104 41.59 -69.66 -4.32
N PHE L 105 40.52 -70.43 -4.16
CA PHE L 105 39.18 -69.94 -4.49
C PHE L 105 38.79 -68.70 -3.69
N ARG L 106 38.28 -67.69 -4.39
CA ARG L 106 37.82 -66.45 -3.76
C ARG L 106 36.44 -66.14 -4.30
N ARG L 107 36.38 -65.70 -5.56
CA ARG L 107 35.12 -65.41 -6.22
C ARG L 107 34.99 -66.42 -7.36
N PRO L 108 33.77 -66.91 -7.61
CA PRO L 108 33.61 -67.89 -8.70
C PRO L 108 33.74 -67.25 -10.07
N ARG L 109 34.27 -68.05 -11.00
CA ARG L 109 34.44 -67.61 -12.37
C ARG L 109 34.09 -68.77 -13.29
N GLY L 110 33.36 -68.47 -14.36
CA GLY L 110 32.98 -69.49 -15.31
C GLY L 110 31.68 -70.20 -15.00
N LEU L 111 31.31 -71.13 -15.88
CA LEU L 111 30.08 -71.91 -15.73
C LEU L 111 30.41 -73.33 -15.34
N PHE L 112 29.73 -73.82 -14.33
CA PHE L 112 29.93 -75.17 -13.86
C PHE L 112 28.67 -75.97 -14.19
N ILE L 113 28.77 -76.84 -15.20
CA ILE L 113 27.66 -77.70 -15.60
C ILE L 113 27.93 -79.10 -15.07
N THR L 114 26.94 -79.71 -14.43
CA THR L 114 27.10 -81.03 -13.84
C THR L 114 26.39 -82.13 -14.61
N ILE L 115 26.86 -83.36 -14.42
CA ILE L 115 26.27 -84.54 -15.06
C ILE L 115 24.84 -84.68 -14.53
N HIS L 116 24.61 -84.12 -13.34
CA HIS L 116 23.30 -84.14 -12.69
C HIS L 116 22.39 -83.03 -13.22
N ASP L 117 22.89 -82.24 -14.16
CA ASP L 117 22.09 -81.16 -14.71
C ASP L 117 21.61 -81.51 -16.09
N ARG L 118 21.70 -82.78 -16.45
CA ARG L 118 21.29 -83.16 -17.78
C ARG L 118 19.83 -82.81 -18.01
N GLY L 119 19.57 -82.21 -19.17
CA GLY L 119 18.22 -81.82 -19.54
C GLY L 119 17.89 -80.41 -19.13
N HIS L 120 18.83 -79.71 -18.53
CA HIS L 120 18.59 -78.34 -18.09
C HIS L 120 19.73 -77.40 -18.42
N ILE L 121 20.63 -77.85 -19.27
CA ILE L 121 21.78 -77.02 -19.64
C ILE L 121 21.36 -75.68 -20.24
N ALA L 122 20.38 -75.72 -21.15
CA ALA L 122 19.90 -74.52 -21.82
C ALA L 122 19.51 -73.47 -20.79
N THR L 123 18.86 -73.91 -19.72
CA THR L 123 18.44 -72.98 -18.67
C THR L 123 19.63 -72.36 -17.96
N MSE L 124 20.63 -73.19 -17.67
CA MSE L 124 21.82 -72.70 -16.99
C MSE L 124 22.58 -71.65 -17.80
O MSE L 124 23.16 -70.74 -17.22
CB MSE L 124 22.74 -73.86 -16.64
CG MSE L 124 22.12 -74.83 -15.67
SE MSE L 124 23.33 -76.24 -15.20
CE MSE L 124 24.72 -75.22 -14.34
N LEU L 125 22.58 -71.79 -19.12
CA LEU L 125 23.27 -70.83 -19.96
C LEU L 125 22.66 -69.44 -19.78
N GLN L 126 21.36 -69.39 -19.48
CA GLN L 126 20.72 -68.10 -19.29
C GLN L 126 21.23 -67.46 -18.02
N SER L 127 21.67 -68.28 -17.07
CA SER L 127 22.22 -67.78 -15.82
C SER L 127 23.47 -66.96 -16.08
N TRP L 128 24.07 -67.17 -17.24
CA TRP L 128 25.27 -66.43 -17.61
C TRP L 128 24.89 -65.04 -18.11
N PRO L 129 25.38 -64.00 -17.43
CA PRO L 129 25.10 -62.60 -17.77
C PRO L 129 25.18 -62.27 -19.25
N GLU L 130 26.16 -62.84 -19.93
CA GLU L 130 26.37 -62.61 -21.35
C GLU L 130 25.46 -63.46 -22.23
N SER L 131 24.83 -62.81 -23.21
CA SER L 131 23.92 -63.50 -24.12
C SER L 131 24.61 -63.72 -25.46
N VAL L 132 25.65 -62.92 -25.72
CA VAL L 132 26.42 -63.02 -26.95
C VAL L 132 27.82 -63.57 -26.68
N ILE L 133 27.96 -64.88 -26.85
CA ILE L 133 29.22 -65.58 -26.62
C ILE L 133 29.74 -66.05 -27.97
N LYS L 134 31.00 -65.72 -28.27
CA LYS L 134 31.59 -66.13 -29.54
C LYS L 134 32.58 -67.28 -29.40
N ALA L 135 33.03 -67.53 -28.17
CA ALA L 135 33.98 -68.61 -27.92
C ALA L 135 33.79 -69.25 -26.54
N ILE L 136 34.11 -70.54 -26.48
CA ILE L 136 34.01 -71.30 -25.26
C ILE L 136 35.18 -72.25 -25.11
N VAL L 137 35.76 -72.32 -23.92
CA VAL L 137 36.85 -73.25 -23.64
C VAL L 137 36.26 -74.18 -22.56
N VAL L 138 36.20 -75.46 -22.88
CA VAL L 138 35.62 -76.48 -22.02
C VAL L 138 36.58 -77.57 -21.61
N THR L 139 36.39 -78.07 -20.39
CA THR L 139 37.19 -79.17 -19.87
C THR L 139 36.35 -79.94 -18.87
N ASP L 140 36.73 -81.19 -18.65
CA ASP L 140 36.05 -82.04 -17.66
C ASP L 140 37.10 -82.36 -16.58
N GLY L 141 38.27 -81.74 -16.72
CA GLY L 141 39.35 -81.88 -15.77
C GLY L 141 39.94 -83.27 -15.52
N GLU L 142 39.90 -84.15 -16.50
CA GLU L 142 40.45 -85.49 -16.28
C GLU L 142 41.93 -85.55 -16.66
N ARG L 143 42.38 -84.59 -17.44
CA ARG L 143 43.78 -84.56 -17.86
C ARG L 143 44.29 -83.13 -17.84
N ILE L 144 44.43 -82.59 -16.64
CA ILE L 144 44.92 -81.23 -16.45
C ILE L 144 46.44 -81.25 -16.62
N LEU L 145 46.93 -80.70 -17.73
CA LEU L 145 48.37 -80.69 -18.01
C LEU L 145 48.87 -82.12 -17.74
N GLY L 146 50.09 -82.25 -17.23
CA GLY L 146 50.63 -83.56 -16.93
C GLY L 146 50.32 -83.94 -15.51
N LEU L 147 49.43 -83.17 -14.87
CA LEU L 147 49.08 -83.39 -13.47
C LEU L 147 47.99 -84.44 -13.19
N GLY L 148 47.29 -84.90 -14.22
CA GLY L 148 46.27 -85.91 -13.99
C GLY L 148 44.85 -85.42 -13.78
N ASP L 149 44.04 -86.26 -13.13
CA ASP L 149 42.65 -85.93 -12.86
C ASP L 149 42.52 -84.99 -11.66
N LEU L 150 42.31 -83.70 -11.93
CA LEU L 150 42.15 -82.73 -10.85
C LEU L 150 40.69 -82.33 -10.70
N GLY L 151 39.80 -83.08 -11.36
CA GLY L 151 38.38 -82.81 -11.27
C GLY L 151 37.94 -81.37 -11.47
N CYS L 152 37.12 -80.89 -10.55
CA CYS L 152 36.60 -79.53 -10.63
C CYS L 152 37.64 -78.45 -10.34
N TYR L 153 38.81 -78.86 -9.86
CA TYR L 153 39.88 -77.92 -9.60
C TYR L 153 40.42 -77.51 -10.97
N GLY L 154 40.06 -78.28 -11.99
CA GLY L 154 40.53 -78.00 -13.33
C GLY L 154 40.00 -76.73 -13.99
N MSE L 155 39.07 -76.05 -13.32
CA MSE L 155 38.52 -74.84 -13.90
C MSE L 155 39.59 -73.79 -14.18
O MSE L 155 39.42 -72.94 -15.05
CB MSE L 155 37.45 -74.24 -12.97
CG MSE L 155 36.09 -74.10 -13.66
SE MSE L 155 36.10 -72.97 -15.22
CE MSE L 155 34.36 -72.18 -15.07
N GLY L 156 40.69 -73.87 -13.44
CA GLY L 156 41.78 -72.94 -13.63
C GLY L 156 42.28 -72.88 -15.07
N ILE L 157 42.35 -74.03 -15.73
CA ILE L 157 42.82 -74.10 -17.09
C ILE L 157 42.00 -73.29 -18.10
N PRO L 158 40.68 -73.54 -18.20
CA PRO L 158 39.89 -72.75 -19.17
C PRO L 158 40.03 -71.26 -18.91
N VAL L 159 40.12 -70.91 -17.64
CA VAL L 159 40.26 -69.51 -17.22
C VAL L 159 41.60 -69.00 -17.74
N GLY L 160 42.62 -69.83 -17.62
CA GLY L 160 43.95 -69.45 -18.08
C GLY L 160 44.02 -69.27 -19.59
N LYS L 161 43.45 -70.22 -20.31
CA LYS L 161 43.45 -70.16 -21.77
C LYS L 161 42.77 -68.89 -22.26
N LEU L 162 41.57 -68.63 -21.76
CA LEU L 162 40.83 -67.45 -22.17
C LEU L 162 41.62 -66.20 -21.81
N ALA L 163 42.46 -66.27 -20.78
CA ALA L 163 43.25 -65.10 -20.40
C ALA L 163 44.16 -64.74 -21.56
N LEU L 164 44.73 -65.75 -22.18
CA LEU L 164 45.60 -65.54 -23.33
C LEU L 164 44.81 -65.24 -24.61
N TYR L 165 43.55 -65.67 -24.65
CA TYR L 165 42.71 -65.38 -25.81
C TYR L 165 42.76 -63.86 -26.01
N THR L 166 42.68 -63.14 -24.89
CA THR L 166 42.69 -61.68 -24.90
C THR L 166 44.09 -61.09 -24.89
N ALA L 167 44.90 -61.53 -23.93
CA ALA L 167 46.26 -61.02 -23.77
C ALA L 167 47.14 -61.25 -25.00
N CYS L 168 47.08 -62.46 -25.55
CA CYS L 168 47.87 -62.84 -26.72
C CYS L 168 47.12 -62.70 -28.04
N GLY L 169 45.83 -63.05 -28.05
CA GLY L 169 45.06 -62.99 -29.27
C GLY L 169 44.33 -61.71 -29.59
N GLY L 170 43.88 -60.98 -28.56
CA GLY L 170 43.15 -59.75 -28.81
C GLY L 170 41.66 -59.99 -28.87
N VAL L 171 41.23 -61.20 -28.51
CA VAL L 171 39.82 -61.53 -28.52
C VAL L 171 39.15 -60.82 -27.33
N LYS L 172 37.97 -60.26 -27.54
CA LYS L 172 37.27 -59.57 -26.46
C LYS L 172 36.89 -60.53 -25.31
N PRO L 173 37.27 -60.18 -24.06
CA PRO L 173 37.01 -60.97 -22.86
C PRO L 173 35.54 -61.34 -22.67
N HIS L 174 34.68 -60.33 -22.82
CA HIS L 174 33.25 -60.51 -22.64
C HIS L 174 32.52 -61.46 -23.56
N GLN L 175 33.15 -61.84 -24.65
CA GLN L 175 32.48 -62.75 -25.56
C GLN L 175 32.95 -64.18 -25.35
N CYS L 176 33.76 -64.38 -24.30
CA CYS L 176 34.29 -65.69 -23.99
C CYS L 176 33.67 -66.30 -22.75
N LEU L 177 33.55 -67.61 -22.77
CA LEU L 177 32.97 -68.34 -21.65
C LEU L 177 33.76 -69.60 -21.27
N PRO L 178 34.38 -69.60 -20.08
CA PRO L 178 35.14 -70.79 -19.66
C PRO L 178 34.14 -71.77 -19.05
N VAL L 179 34.25 -73.05 -19.37
CA VAL L 179 33.30 -74.00 -18.83
C VAL L 179 33.91 -75.26 -18.23
N MSE L 180 33.32 -75.71 -17.12
CA MSE L 180 33.73 -76.92 -16.44
C MSE L 180 32.56 -77.91 -16.45
O MSE L 180 31.45 -77.59 -16.01
CB MSE L 180 34.15 -76.62 -15.00
CG MSE L 180 34.22 -77.85 -14.08
SE MSE L 180 35.53 -79.22 -14.53
CE MSE L 180 37.11 -78.39 -13.86
N LEU L 181 32.81 -79.10 -16.98
CA LEU L 181 31.79 -80.14 -17.04
C LEU L 181 32.15 -81.12 -15.95
N ASP L 182 31.59 -80.95 -14.76
CA ASP L 182 31.93 -81.88 -13.68
C ASP L 182 31.01 -83.09 -13.66
N VAL L 183 31.60 -84.24 -13.91
CA VAL L 183 30.85 -85.48 -13.91
C VAL L 183 31.44 -86.39 -12.85
N GLY L 184 32.20 -85.78 -11.95
CA GLY L 184 32.84 -86.51 -10.88
C GLY L 184 34.34 -86.51 -11.07
N THR L 185 35.05 -87.27 -10.25
CA THR L 185 36.51 -87.36 -10.33
C THR L 185 36.93 -88.70 -9.77
N ASP L 186 37.95 -89.29 -10.36
CA ASP L 186 38.42 -90.57 -9.86
C ASP L 186 39.63 -90.39 -8.94
N ASN L 187 40.09 -89.16 -8.78
CA ASN L 187 41.22 -88.86 -7.92
C ASN L 187 40.79 -89.07 -6.48
N GLU L 188 41.20 -90.19 -5.90
CA GLU L 188 40.85 -90.53 -4.53
C GLU L 188 41.25 -89.44 -3.55
N THR L 189 42.34 -88.74 -3.86
CA THR L 189 42.82 -87.68 -3.00
C THR L 189 41.81 -86.55 -2.91
N LEU L 190 41.38 -86.04 -4.06
CA LEU L 190 40.42 -84.94 -4.09
C LEU L 190 39.15 -85.31 -3.36
N LEU L 191 38.69 -86.53 -3.55
CA LEU L 191 37.49 -86.98 -2.92
C LEU L 191 37.58 -86.84 -1.40
N LYS L 192 38.79 -87.02 -0.86
CA LYS L 192 39.02 -86.90 0.58
C LYS L 192 39.31 -85.46 0.98
N ASP L 193 39.80 -84.66 0.03
CA ASP L 193 40.15 -83.27 0.30
C ASP L 193 38.95 -82.45 0.77
N PRO L 194 39.07 -81.83 1.95
CA PRO L 194 38.00 -81.01 2.54
C PRO L 194 37.79 -79.69 1.81
N LEU L 195 38.75 -79.28 1.00
CA LEU L 195 38.58 -78.03 0.26
C LEU L 195 38.09 -78.26 -1.17
N TYR L 196 37.93 -79.52 -1.56
CA TYR L 196 37.47 -79.82 -2.92
C TYR L 196 36.10 -79.21 -3.19
N ILE L 197 35.97 -78.58 -4.35
CA ILE L 197 34.72 -77.91 -4.72
C ILE L 197 33.84 -78.65 -5.72
N GLY L 198 34.27 -79.82 -6.16
CA GLY L 198 33.49 -80.55 -7.14
C GLY L 198 32.67 -81.68 -6.56
N LEU L 199 31.92 -82.37 -7.42
CA LEU L 199 31.09 -83.49 -7.00
C LEU L 199 32.00 -84.52 -6.38
N ARG L 200 31.65 -84.96 -5.18
CA ARG L 200 32.46 -85.94 -4.48
C ARG L 200 32.05 -87.38 -4.78
N HIS L 201 32.27 -87.82 -6.01
CA HIS L 201 31.97 -89.20 -6.41
C HIS L 201 32.75 -89.46 -7.69
N LYS L 202 33.09 -90.73 -7.92
CA LYS L 202 33.88 -91.10 -9.08
C LYS L 202 33.22 -90.65 -10.37
N ARG L 203 34.01 -90.51 -11.42
CA ARG L 203 33.49 -90.04 -12.69
C ARG L 203 32.39 -90.91 -13.27
N ILE L 204 31.36 -90.27 -13.82
CA ILE L 204 30.27 -90.99 -14.47
C ILE L 204 30.67 -91.13 -15.94
N ARG L 205 30.66 -92.36 -16.44
CA ARG L 205 31.03 -92.61 -17.84
C ARG L 205 29.89 -93.23 -18.60
N GLY L 206 30.18 -93.69 -19.82
CA GLY L 206 29.16 -94.32 -20.62
C GLY L 206 28.18 -93.38 -21.28
N GLN L 207 27.00 -93.91 -21.58
CA GLN L 207 25.92 -93.19 -22.24
C GLN L 207 25.58 -91.85 -21.61
N ALA L 208 25.54 -91.83 -20.28
CA ALA L 208 25.20 -90.61 -19.55
C ALA L 208 26.15 -89.49 -19.93
N TYR L 209 27.45 -89.77 -19.83
CA TYR L 209 28.50 -88.82 -20.16
C TYR L 209 28.29 -88.31 -21.57
N ASP L 210 28.17 -89.23 -22.52
CA ASP L 210 27.98 -88.86 -23.91
C ASP L 210 26.73 -88.00 -24.13
N ASP L 211 25.63 -88.31 -23.45
CA ASP L 211 24.41 -87.51 -23.63
C ASP L 211 24.62 -86.09 -23.06
N LEU L 212 25.39 -85.99 -21.99
CA LEU L 212 25.67 -84.69 -21.38
C LEU L 212 26.41 -83.83 -22.39
N LEU L 213 27.44 -84.40 -23.01
CA LEU L 213 28.23 -83.70 -24.03
C LEU L 213 27.39 -83.30 -25.24
N ASP L 214 26.57 -84.21 -25.73
CA ASP L 214 25.69 -83.92 -26.86
C ASP L 214 24.80 -82.71 -26.52
N GLU L 215 24.16 -82.77 -25.36
CA GLU L 215 23.27 -81.70 -24.91
C GLU L 215 23.99 -80.39 -24.74
N PHE L 216 25.19 -80.47 -24.18
CA PHE L 216 26.00 -79.27 -23.99
C PHE L 216 26.20 -78.55 -25.33
N MSE L 217 26.66 -79.30 -26.32
CA MSE L 217 26.91 -78.76 -27.66
C MSE L 217 25.66 -78.20 -28.29
O MSE L 217 25.66 -77.11 -28.87
CB MSE L 217 27.52 -79.87 -28.53
CG MSE L 217 28.79 -80.41 -27.94
SE MSE L 217 30.31 -79.23 -28.17
CE MSE L 217 29.70 -77.64 -27.29
N GLU L 218 24.57 -78.94 -28.17
CA GLU L 218 23.29 -78.51 -28.72
C GLU L 218 22.89 -77.18 -28.08
N ALA L 219 22.83 -77.15 -26.75
CA ALA L 219 22.44 -75.95 -26.00
C ALA L 219 23.28 -74.71 -26.30
N VAL L 220 24.58 -74.86 -26.29
CA VAL L 220 25.48 -73.76 -26.55
C VAL L 220 25.33 -73.13 -27.92
N THR L 221 25.30 -73.96 -28.95
CA THR L 221 25.14 -73.46 -30.32
C THR L 221 23.73 -72.96 -30.56
N SER L 222 22.76 -73.56 -29.90
CA SER L 222 21.39 -73.13 -30.08
C SER L 222 21.21 -71.72 -29.53
N ARG L 223 21.85 -71.42 -28.40
CA ARG L 223 21.74 -70.10 -27.78
C ARG L 223 22.66 -69.06 -28.38
N TYR L 224 23.93 -69.43 -28.55
CA TYR L 224 24.93 -68.52 -29.08
C TYR L 224 25.10 -68.57 -30.60
N GLY L 225 24.62 -69.63 -31.24
CA GLY L 225 24.76 -69.75 -32.70
C GLY L 225 25.70 -70.86 -33.15
N MSE L 226 25.51 -71.36 -34.37
CA MSE L 226 26.36 -72.43 -34.90
C MSE L 226 27.80 -71.97 -35.13
O MSE L 226 28.72 -72.78 -35.27
CB MSE L 226 25.80 -72.97 -36.22
CG MSE L 226 24.53 -73.78 -36.07
SE MSE L 226 24.79 -75.37 -35.00
CE MSE L 226 25.69 -76.49 -36.28
N ASN L 227 27.97 -70.64 -35.18
CA ASN L 227 29.28 -70.06 -35.37
C ASN L 227 30.10 -70.01 -34.08
N CYS L 228 29.48 -70.30 -32.95
CA CYS L 228 30.20 -70.28 -31.68
C CYS L 228 31.36 -71.26 -31.69
N LEU L 229 32.55 -70.76 -31.40
CA LEU L 229 33.76 -71.56 -31.35
C LEU L 229 33.79 -72.34 -30.03
N ILE L 230 33.98 -73.65 -30.10
CA ILE L 230 34.05 -74.48 -28.90
C ILE L 230 35.39 -75.18 -28.87
N GLN L 231 36.22 -74.85 -27.88
CA GLN L 231 37.55 -75.44 -27.75
C GLN L 231 37.68 -76.43 -26.60
N PHE L 232 37.88 -77.71 -26.94
CA PHE L 232 38.04 -78.70 -25.91
C PHE L 232 39.46 -78.60 -25.38
N GLU L 233 39.57 -78.71 -24.06
CA GLU L 233 40.84 -78.62 -23.36
C GLU L 233 40.95 -79.61 -22.21
N ASP L 234 42.12 -80.22 -22.10
CA ASP L 234 42.43 -81.17 -21.04
C ASP L 234 41.42 -82.29 -20.74
N PHE L 235 40.93 -82.97 -21.77
CA PHE L 235 40.03 -84.12 -21.57
C PHE L 235 40.91 -85.36 -21.64
N ALA L 236 40.44 -86.49 -21.11
CA ALA L 236 41.22 -87.73 -21.14
C ALA L 236 41.35 -88.21 -22.58
N ASN L 237 42.39 -89.00 -22.84
CA ASN L 237 42.67 -89.54 -24.18
C ASN L 237 41.46 -89.98 -25.01
N ALA L 238 40.88 -91.11 -24.66
CA ALA L 238 39.71 -91.65 -25.39
C ALA L 238 38.61 -90.61 -25.67
N ASN L 239 38.10 -89.97 -24.62
CA ASN L 239 37.06 -88.97 -24.78
C ASN L 239 37.52 -87.82 -25.69
N ALA L 240 38.78 -87.42 -25.56
CA ALA L 240 39.32 -86.33 -26.38
C ALA L 240 39.17 -86.61 -27.88
N PHE L 241 39.62 -87.79 -28.31
CA PHE L 241 39.53 -88.14 -29.71
C PHE L 241 38.09 -88.37 -30.19
N ARG L 242 37.34 -89.15 -29.42
CA ARG L 242 35.96 -89.44 -29.81
C ARG L 242 35.15 -88.16 -29.99
N LEU L 243 35.22 -87.28 -29.01
CA LEU L 243 34.49 -86.02 -29.05
C LEU L 243 34.87 -85.15 -30.23
N LEU L 244 36.17 -85.08 -30.52
CA LEU L 244 36.63 -84.27 -31.65
C LEU L 244 36.07 -84.83 -32.94
N HIS L 245 36.23 -86.14 -33.14
CA HIS L 245 35.74 -86.79 -34.34
C HIS L 245 34.23 -86.64 -34.48
N LYS L 246 33.54 -86.75 -33.35
CA LYS L 246 32.09 -86.65 -33.35
C LYS L 246 31.48 -85.28 -33.67
N TYR L 247 32.13 -84.20 -33.24
CA TYR L 247 31.60 -82.86 -33.46
C TYR L 247 32.38 -82.00 -34.46
N ARG L 248 33.58 -82.44 -34.80
CA ARG L 248 34.43 -81.68 -35.72
C ARG L 248 33.74 -81.09 -36.96
N ASN L 249 32.91 -81.90 -37.61
CA ASN L 249 32.19 -81.49 -38.84
C ASN L 249 30.80 -80.92 -38.60
N LYS L 250 30.28 -81.13 -37.40
CA LYS L 250 28.94 -80.63 -37.06
C LYS L 250 28.93 -79.23 -36.47
N TYR L 251 29.92 -78.91 -35.64
CA TYR L 251 29.97 -77.59 -35.01
C TYR L 251 31.30 -76.90 -35.31
N CYS L 252 31.47 -75.68 -34.80
CA CYS L 252 32.73 -74.97 -35.01
C CYS L 252 33.56 -75.33 -33.79
N THR L 253 34.38 -76.37 -33.91
CA THR L 253 35.16 -76.82 -32.76
C THR L 253 36.50 -77.47 -33.12
N PHE L 254 37.34 -77.65 -32.09
CA PHE L 254 38.65 -78.28 -32.24
C PHE L 254 39.19 -78.58 -30.86
N ASN L 255 40.16 -79.49 -30.78
CA ASN L 255 40.75 -79.84 -29.49
C ASN L 255 42.15 -79.25 -29.39
N ASP L 256 42.33 -78.32 -28.48
CA ASP L 256 43.61 -77.65 -28.27
C ASP L 256 44.79 -78.62 -28.07
N ASP L 257 44.59 -79.65 -27.25
CA ASP L 257 45.63 -80.61 -26.96
C ASP L 257 46.11 -81.45 -28.13
N ILE L 258 45.19 -81.80 -29.02
CA ILE L 258 45.54 -82.61 -30.17
C ILE L 258 46.01 -81.78 -31.38
N GLN L 259 45.22 -80.77 -31.72
CA GLN L 259 45.49 -79.93 -32.87
C GLN L 259 46.33 -78.70 -32.62
N GLY L 260 46.07 -77.99 -31.52
CA GLY L 260 46.86 -76.81 -31.23
C GLY L 260 48.31 -77.14 -30.98
N THR L 261 48.53 -78.26 -30.30
CA THR L 261 49.89 -78.72 -29.99
C THR L 261 50.58 -79.14 -31.28
N ALA L 262 49.83 -79.83 -32.14
CA ALA L 262 50.40 -80.28 -33.40
C ALA L 262 50.88 -79.07 -34.17
N SER L 263 50.05 -78.03 -34.24
CA SER L 263 50.39 -76.80 -34.95
C SER L 263 51.68 -76.15 -34.47
N VAL L 264 51.79 -75.92 -33.17
CA VAL L 264 52.97 -75.29 -32.60
C VAL L 264 54.20 -76.17 -32.72
N ALA L 265 54.01 -77.48 -32.62
CA ALA L 265 55.12 -78.40 -32.74
C ALA L 265 55.71 -78.34 -34.14
N VAL L 266 54.85 -78.43 -35.15
CA VAL L 266 55.32 -78.39 -36.53
C VAL L 266 55.90 -77.03 -36.88
N ALA L 267 55.34 -75.98 -36.28
CA ALA L 267 55.83 -74.64 -36.54
C ALA L 267 57.31 -74.60 -36.11
N GLY L 268 57.59 -75.22 -34.96
CA GLY L 268 58.95 -75.26 -34.46
C GLY L 268 59.89 -75.99 -35.38
N LEU L 269 59.46 -77.17 -35.85
CA LEU L 269 60.29 -77.98 -36.73
C LEU L 269 60.54 -77.26 -38.03
N LEU L 270 59.51 -76.57 -38.52
CA LEU L 270 59.65 -75.84 -39.77
C LEU L 270 60.75 -74.81 -39.58
N ALA L 271 60.77 -74.17 -38.42
CA ALA L 271 61.78 -73.18 -38.13
C ALA L 271 63.13 -73.87 -38.01
N ALA L 272 63.15 -74.97 -37.26
CA ALA L 272 64.37 -75.71 -37.05
C ALA L 272 65.06 -76.06 -38.36
N LEU L 273 64.28 -76.37 -39.39
CA LEU L 273 64.85 -76.75 -40.69
C LEU L 273 65.87 -75.73 -41.21
N ARG L 274 65.68 -74.47 -40.86
CA ARG L 274 66.58 -73.42 -41.32
C ARG L 274 67.94 -73.45 -40.60
N ILE L 275 68.03 -74.31 -39.59
CA ILE L 275 69.24 -74.45 -38.80
C ILE L 275 69.91 -75.78 -39.15
N THR L 276 69.12 -76.82 -39.30
CA THR L 276 69.65 -78.14 -39.65
C THR L 276 69.90 -78.24 -41.18
N LYS L 277 69.54 -77.19 -41.90
CA LYS L 277 69.74 -77.13 -43.35
C LYS L 277 69.31 -78.36 -44.16
N ASN L 278 68.14 -78.92 -43.83
CA ASN L 278 67.61 -80.06 -44.56
C ASN L 278 66.09 -79.95 -44.72
N ARG L 279 65.46 -81.01 -45.22
CA ARG L 279 64.01 -81.00 -45.41
C ARG L 279 63.34 -81.80 -44.30
N LEU L 280 62.06 -81.52 -44.04
CA LEU L 280 61.33 -82.22 -43.00
C LEU L 280 61.25 -83.70 -43.30
N SER L 281 61.24 -84.04 -44.58
CA SER L 281 61.17 -85.44 -44.99
C SER L 281 62.48 -86.19 -44.81
N ASP L 282 63.52 -85.49 -44.35
CA ASP L 282 64.81 -86.10 -44.13
C ASP L 282 64.98 -86.52 -42.66
N HIS L 283 64.05 -86.10 -41.81
CA HIS L 283 64.11 -86.44 -40.38
C HIS L 283 63.45 -87.76 -39.99
N THR L 284 63.70 -88.14 -38.75
CA THR L 284 63.15 -89.35 -38.16
C THR L 284 62.76 -88.91 -36.77
N VAL L 285 61.45 -88.80 -36.54
CA VAL L 285 60.93 -88.33 -35.26
C VAL L 285 60.61 -89.44 -34.28
N LEU L 286 61.05 -89.29 -33.05
CA LEU L 286 60.75 -90.27 -32.01
C LEU L 286 59.89 -89.60 -30.94
N PHE L 287 58.78 -90.22 -30.59
CA PHE L 287 57.89 -89.66 -29.57
C PHE L 287 57.96 -90.40 -28.25
N GLN L 288 58.11 -89.64 -27.18
CA GLN L 288 58.12 -90.22 -25.84
C GLN L 288 56.66 -89.96 -25.47
N GLY L 289 55.83 -90.98 -25.68
CA GLY L 289 54.41 -90.84 -25.40
C GLY L 289 53.66 -91.02 -26.70
N ALA L 290 52.42 -91.48 -26.65
CA ALA L 290 51.65 -91.69 -27.87
C ALA L 290 50.17 -91.42 -27.64
N GLY L 291 49.89 -90.27 -27.04
CA GLY L 291 48.51 -89.92 -26.77
C GLY L 291 48.02 -88.76 -27.61
N GLU L 292 47.20 -87.91 -26.99
CA GLU L 292 46.64 -86.76 -27.67
C GLU L 292 47.71 -85.92 -28.41
N ALA L 293 48.72 -85.46 -27.68
CA ALA L 293 49.76 -84.64 -28.27
C ALA L 293 50.58 -85.37 -29.32
N ALA L 294 51.05 -86.56 -28.98
CA ALA L 294 51.87 -87.35 -29.89
C ALA L 294 51.15 -87.60 -31.21
N LEU L 295 49.98 -88.25 -31.13
CA LEU L 295 49.20 -88.57 -32.31
C LEU L 295 48.85 -87.31 -33.08
N GLY L 296 48.49 -86.24 -32.37
CA GLY L 296 48.16 -85.02 -33.05
C GLY L 296 49.33 -84.49 -33.84
N ILE L 297 50.46 -84.31 -33.16
CA ILE L 297 51.68 -83.80 -33.79
C ILE L 297 52.16 -84.70 -34.92
N ALA L 298 52.16 -86.01 -34.69
CA ALA L 298 52.60 -86.97 -35.69
C ALA L 298 51.81 -86.82 -36.97
N ASN L 299 50.52 -86.61 -36.83
CA ASN L 299 49.66 -86.46 -37.97
C ASN L 299 49.98 -85.17 -38.74
N LEU L 300 50.13 -84.05 -38.04
CA LEU L 300 50.43 -82.81 -38.72
C LEU L 300 51.80 -82.91 -39.38
N ILE L 301 52.71 -83.63 -38.76
CA ILE L 301 54.02 -83.78 -39.35
C ILE L 301 53.92 -84.50 -40.69
N VAL L 302 53.11 -85.56 -40.73
CA VAL L 302 52.93 -86.31 -41.97
C VAL L 302 52.39 -85.43 -43.07
N MSE L 303 51.44 -84.57 -42.72
CA MSE L 303 50.85 -83.66 -43.69
C MSE L 303 51.88 -82.66 -44.21
O MSE L 303 51.87 -82.31 -45.38
CB MSE L 303 49.70 -82.90 -43.05
CG MSE L 303 48.46 -83.74 -42.89
SE MSE L 303 47.02 -82.71 -42.16
CE MSE L 303 47.05 -81.19 -43.36
N ALA L 304 52.74 -82.20 -43.32
CA ALA L 304 53.77 -81.24 -43.70
C ALA L 304 54.78 -81.91 -44.62
N MSE L 305 55.10 -83.17 -44.35
CA MSE L 305 56.04 -83.91 -45.17
C MSE L 305 55.47 -84.18 -46.56
O MSE L 305 56.18 -84.05 -47.55
CB MSE L 305 56.44 -85.23 -44.51
CG MSE L 305 57.24 -85.08 -43.22
SE MSE L 305 57.95 -86.79 -42.59
CE MSE L 305 56.34 -87.62 -41.97
N GLN L 306 54.19 -84.54 -46.63
CA GLN L 306 53.54 -84.81 -47.91
C GLN L 306 53.59 -83.58 -48.78
N LYS L 307 53.44 -82.42 -48.13
CA LYS L 307 53.47 -81.13 -48.82
C LYS L 307 54.84 -80.91 -49.48
N GLU L 308 55.87 -81.53 -48.91
CA GLU L 308 57.22 -81.42 -49.46
C GLU L 308 57.41 -82.36 -50.64
N GLY L 309 56.40 -83.21 -50.89
CA GLY L 309 56.47 -84.13 -52.02
C GLY L 309 56.48 -85.61 -51.70
N VAL L 310 56.82 -85.98 -50.48
CA VAL L 310 56.87 -87.40 -50.13
C VAL L 310 55.47 -87.99 -49.98
N SER L 311 55.37 -89.30 -50.13
CA SER L 311 54.08 -89.97 -50.01
C SER L 311 53.68 -90.16 -48.56
N LYS L 312 52.38 -90.29 -48.34
CA LYS L 312 51.85 -90.50 -47.00
C LYS L 312 52.52 -91.71 -46.35
N GLU L 313 52.72 -92.76 -47.15
CA GLU L 313 53.36 -94.00 -46.66
C GLU L 313 54.78 -93.75 -46.19
N GLU L 314 55.58 -93.10 -47.03
CA GLU L 314 56.96 -92.82 -46.67
C GLU L 314 57.05 -91.92 -45.45
N ALA L 315 56.16 -90.95 -45.36
CA ALA L 315 56.14 -90.02 -44.24
C ALA L 315 55.96 -90.77 -42.92
N ILE L 316 54.95 -91.62 -42.85
CA ILE L 316 54.67 -92.39 -41.64
C ILE L 316 55.85 -93.27 -41.21
N LYS L 317 56.64 -93.71 -42.17
CA LYS L 317 57.80 -94.55 -41.85
C LYS L 317 58.86 -93.79 -41.07
N ARG L 318 58.82 -92.47 -41.09
CA ARG L 318 59.81 -91.68 -40.37
C ARG L 318 59.42 -91.35 -38.92
N ILE L 319 58.22 -91.78 -38.53
CA ILE L 319 57.68 -91.50 -37.19
C ILE L 319 57.57 -92.70 -36.26
N TRP L 320 58.27 -92.64 -35.14
CA TRP L 320 58.27 -93.70 -34.13
C TRP L 320 57.68 -93.18 -32.83
N MSE L 321 57.04 -94.07 -32.08
CA MSE L 321 56.42 -93.70 -30.82
C MSE L 321 56.66 -94.71 -29.71
O MSE L 321 56.78 -95.91 -29.95
CB MSE L 321 54.92 -93.54 -30.97
CG MSE L 321 54.50 -92.48 -31.96
SE MSE L 321 52.58 -92.25 -31.88
CE MSE L 321 52.45 -90.47 -32.62
N VAL L 322 56.68 -94.20 -28.49
CA VAL L 322 56.87 -95.03 -27.31
C VAL L 322 55.79 -94.70 -26.29
N ASP L 323 55.10 -95.73 -25.80
CA ASP L 323 54.07 -95.53 -24.78
C ASP L 323 54.43 -96.21 -23.45
N SER L 324 53.47 -96.29 -22.53
CA SER L 324 53.70 -96.91 -21.22
C SER L 324 54.22 -98.36 -21.29
N LYS L 325 53.90 -99.06 -22.38
CA LYS L 325 54.33 -100.43 -22.55
C LYS L 325 55.65 -100.53 -23.30
N GLY L 326 56.06 -99.44 -23.93
CA GLY L 326 57.32 -99.44 -24.64
C GLY L 326 57.19 -98.93 -26.06
N LEU L 327 58.13 -99.31 -26.93
CA LEU L 327 58.08 -98.89 -28.32
C LEU L 327 56.89 -99.53 -29.02
N ILE L 328 56.20 -98.76 -29.85
CA ILE L 328 55.06 -99.29 -30.58
C ILE L 328 55.56 -99.92 -31.87
N VAL L 329 55.55 -101.25 -31.90
CA VAL L 329 56.02 -102.01 -33.06
C VAL L 329 54.91 -102.92 -33.59
N LYS L 330 54.97 -103.23 -34.88
CA LYS L 330 53.99 -104.09 -35.53
C LYS L 330 53.75 -105.37 -34.74
N GLY L 331 52.48 -105.73 -34.56
CA GLY L 331 52.17 -106.95 -33.84
C GLY L 331 52.41 -106.93 -32.35
N ARG L 332 52.59 -105.76 -31.76
CA ARG L 332 52.81 -105.68 -30.32
C ARG L 332 51.45 -105.76 -29.65
N ALA L 333 51.42 -106.07 -28.36
CA ALA L 333 50.16 -106.15 -27.62
C ALA L 333 49.78 -104.74 -27.11
N SER L 334 48.53 -104.58 -26.71
CA SER L 334 48.04 -103.30 -26.19
C SER L 334 48.23 -102.15 -27.17
N LEU L 335 47.65 -102.28 -28.36
CA LEU L 335 47.74 -101.27 -29.40
C LEU L 335 46.37 -100.80 -29.81
N THR L 336 46.24 -99.50 -30.04
CA THR L 336 44.96 -98.93 -30.47
C THR L 336 45.04 -98.73 -31.98
N PRO L 337 43.88 -98.50 -32.63
CA PRO L 337 43.90 -98.30 -34.09
C PRO L 337 44.82 -97.14 -34.47
N GLU L 338 44.78 -96.08 -33.66
CA GLU L 338 45.62 -94.92 -33.90
C GLU L 338 47.11 -95.23 -33.75
N LYS L 339 47.46 -95.96 -32.70
CA LYS L 339 48.85 -96.32 -32.47
C LYS L 339 49.34 -97.22 -33.60
N GLU L 340 48.54 -98.24 -33.90
CA GLU L 340 48.86 -99.21 -34.93
C GLU L 340 49.36 -98.52 -36.20
N HIS L 341 48.89 -97.31 -36.44
CA HIS L 341 49.28 -96.60 -37.64
C HIS L 341 50.76 -96.25 -37.70
N PHE L 342 51.45 -96.26 -36.56
CA PHE L 342 52.88 -95.96 -36.54
C PHE L 342 53.66 -97.17 -36.06
N ALA L 343 53.01 -98.32 -36.05
CA ALA L 343 53.66 -99.56 -35.64
C ALA L 343 54.49 -100.07 -36.80
N HIS L 344 55.81 -100.08 -36.64
CA HIS L 344 56.71 -100.55 -37.70
C HIS L 344 57.29 -101.89 -37.33
N GLU L 345 57.75 -102.65 -38.31
CA GLU L 345 58.35 -103.93 -37.97
C GLU L 345 59.65 -103.60 -37.26
N HIS L 346 59.78 -104.15 -36.06
CA HIS L 346 60.94 -103.91 -35.23
C HIS L 346 60.73 -104.78 -33.99
N CYS L 347 61.81 -105.10 -33.31
CA CYS L 347 61.71 -105.92 -32.11
C CYS L 347 61.19 -105.02 -30.99
N GLU L 348 60.48 -105.61 -30.03
CA GLU L 348 59.96 -104.83 -28.93
C GLU L 348 61.08 -104.26 -28.06
N MSE L 349 60.81 -103.12 -27.43
CA MSE L 349 61.79 -102.46 -26.56
C MSE L 349 61.10 -101.66 -25.48
O MSE L 349 60.05 -101.05 -25.73
CB MSE L 349 62.69 -101.53 -27.38
CG MSE L 349 63.60 -102.23 -28.39
SE MSE L 349 64.92 -101.00 -29.12
CE MSE L 349 65.95 -100.66 -27.54
N LYS L 350 61.67 -101.61 -24.28
CA LYS L 350 61.06 -100.88 -23.18
C LYS L 350 61.90 -99.67 -22.74
N ASN L 351 63.22 -99.85 -22.65
CA ASN L 351 64.12 -98.80 -22.22
C ASN L 351 64.23 -97.67 -23.22
N LEU L 352 63.93 -96.45 -22.79
CA LEU L 352 64.00 -95.29 -23.69
C LEU L 352 65.39 -95.01 -24.25
N GLU L 353 66.43 -95.15 -23.43
CA GLU L 353 67.78 -94.90 -23.92
C GLU L 353 68.19 -95.87 -25.01
N ASP L 354 67.81 -97.14 -24.87
CA ASP L 354 68.15 -98.14 -25.87
C ASP L 354 67.39 -97.86 -27.15
N ILE L 355 66.15 -97.41 -27.00
CA ILE L 355 65.31 -97.11 -28.13
C ILE L 355 65.91 -95.94 -28.89
N VAL L 356 66.45 -94.97 -28.15
CA VAL L 356 67.07 -93.83 -28.81
C VAL L 356 68.33 -94.25 -29.56
N LYS L 357 69.11 -95.16 -28.99
CA LYS L 357 70.34 -95.67 -29.60
C LYS L 357 70.05 -96.49 -30.86
N ASP L 358 68.91 -97.19 -30.85
CA ASP L 358 68.50 -98.03 -31.96
C ASP L 358 67.94 -97.19 -33.11
N ILE L 359 66.90 -96.41 -32.82
CA ILE L 359 66.26 -95.56 -33.82
C ILE L 359 67.14 -94.42 -34.33
N LYS L 360 67.97 -93.87 -33.44
CA LYS L 360 68.86 -92.77 -33.80
C LYS L 360 68.08 -91.67 -34.52
N PRO L 361 67.07 -91.09 -33.85
CA PRO L 361 66.25 -90.04 -34.44
C PRO L 361 66.96 -88.70 -34.56
N THR L 362 66.39 -87.82 -35.37
CA THR L 362 66.92 -86.48 -35.60
C THR L 362 66.10 -85.51 -34.75
N VAL L 363 64.92 -85.96 -34.35
CA VAL L 363 64.01 -85.16 -33.55
C VAL L 363 63.50 -86.01 -32.40
N LEU L 364 63.58 -85.48 -31.19
CA LEU L 364 63.11 -86.19 -29.99
C LEU L 364 62.00 -85.33 -29.40
N ILE L 365 60.80 -85.88 -29.31
CA ILE L 365 59.68 -85.11 -28.78
C ILE L 365 59.09 -85.78 -27.56
N GLY L 366 59.08 -85.04 -26.45
CA GLY L 366 58.56 -85.57 -25.20
C GLY L 366 57.16 -85.06 -24.91
N VAL L 367 56.23 -85.99 -24.79
CA VAL L 367 54.83 -85.65 -24.52
C VAL L 367 54.15 -86.76 -23.74
N ALA L 368 54.78 -87.19 -22.64
CA ALA L 368 54.25 -88.24 -21.79
C ALA L 368 54.26 -87.83 -20.32
N ALA L 369 54.63 -86.57 -20.09
CA ALA L 369 54.68 -86.01 -18.74
C ALA L 369 55.65 -86.75 -17.82
N ILE L 370 56.72 -87.29 -18.40
CA ILE L 370 57.71 -88.00 -17.62
C ILE L 370 58.86 -87.11 -17.21
N GLY L 371 58.85 -86.72 -15.93
CA GLY L 371 59.87 -85.86 -15.35
C GLY L 371 61.11 -85.61 -16.18
N GLY L 372 62.23 -86.20 -15.78
CA GLY L 372 63.47 -85.97 -16.51
C GLY L 372 63.80 -87.09 -17.48
N ALA L 373 62.83 -87.48 -18.29
CA ALA L 373 63.03 -88.55 -19.26
C ALA L 373 64.27 -88.38 -20.11
N PHE L 374 64.52 -87.15 -20.57
CA PHE L 374 65.70 -86.93 -21.39
C PHE L 374 66.96 -86.76 -20.57
N THR L 375 67.46 -87.89 -20.09
CA THR L 375 68.67 -87.97 -19.27
C THR L 375 69.88 -87.44 -20.02
N GLN L 376 70.98 -87.22 -19.30
CA GLN L 376 72.16 -86.71 -19.96
C GLN L 376 72.69 -87.76 -20.95
N GLN L 377 72.40 -89.03 -20.68
CA GLN L 377 72.82 -90.10 -21.57
C GLN L 377 72.05 -89.96 -22.89
N ILE L 378 70.73 -89.81 -22.77
CA ILE L 378 69.88 -89.66 -23.94
C ILE L 378 70.32 -88.44 -24.73
N LEU L 379 70.46 -87.30 -24.04
CA LEU L 379 70.86 -86.07 -24.69
C LEU L 379 72.22 -86.17 -25.34
N GLN L 380 73.16 -86.83 -24.67
CA GLN L 380 74.50 -87.02 -25.21
C GLN L 380 74.40 -87.87 -26.47
N ASP L 381 73.63 -88.96 -26.38
CA ASP L 381 73.41 -89.86 -27.50
C ASP L 381 72.90 -89.06 -28.71
N MSE L 382 71.94 -88.16 -28.45
CA MSE L 382 71.34 -87.37 -29.52
C MSE L 382 72.35 -86.46 -30.18
O MSE L 382 72.31 -86.25 -31.39
CB MSE L 382 70.18 -86.52 -29.00
CG MSE L 382 69.04 -86.34 -30.00
SE MSE L 382 68.11 -88.02 -30.35
CE MSE L 382 68.29 -88.83 -28.63
N ALA L 383 73.26 -85.91 -29.37
CA ALA L 383 74.28 -85.01 -29.90
C ALA L 383 75.36 -85.80 -30.62
N ALA L 384 75.34 -87.11 -30.44
CA ALA L 384 76.31 -87.98 -31.08
C ALA L 384 75.88 -88.35 -32.49
N PHE L 385 74.63 -88.79 -32.64
CA PHE L 385 74.10 -89.18 -33.94
C PHE L 385 73.67 -88.01 -34.81
N ASN L 386 73.53 -86.83 -34.22
CA ASN L 386 73.11 -85.66 -34.99
C ASN L 386 74.04 -84.47 -34.79
N LYS L 387 74.29 -83.74 -35.86
CA LYS L 387 75.16 -82.58 -35.75
C LYS L 387 74.44 -81.58 -34.86
N ARG L 388 73.16 -81.38 -35.15
CA ARG L 388 72.35 -80.45 -34.39
C ARG L 388 71.00 -81.10 -34.15
N PRO L 389 70.87 -81.84 -33.05
CA PRO L 389 69.64 -82.53 -32.67
C PRO L 389 68.52 -81.57 -32.25
N ILE L 390 67.28 -81.98 -32.48
CA ILE L 390 66.14 -81.18 -32.10
C ILE L 390 65.49 -81.87 -30.91
N ILE L 391 65.44 -81.17 -29.78
CA ILE L 391 64.86 -81.72 -28.56
C ILE L 391 63.64 -80.87 -28.15
N PHE L 392 62.51 -81.54 -27.96
CA PHE L 392 61.26 -80.88 -27.57
C PHE L 392 60.72 -81.45 -26.26
N ALA L 393 60.89 -80.69 -25.17
CA ALA L 393 60.37 -81.11 -23.87
C ALA L 393 59.07 -80.34 -23.76
N LEU L 394 58.00 -80.95 -24.25
CA LEU L 394 56.72 -80.29 -24.27
C LEU L 394 55.83 -80.47 -23.06
N SER L 395 56.03 -81.55 -22.31
CA SER L 395 55.18 -81.81 -21.14
C SER L 395 55.11 -80.63 -20.18
N ASN L 396 53.90 -80.30 -19.76
CA ASN L 396 53.63 -79.22 -18.82
C ASN L 396 53.03 -79.85 -17.56
N PRO L 397 53.24 -79.21 -16.41
CA PRO L 397 53.98 -77.96 -16.23
C PRO L 397 55.48 -78.26 -16.13
N THR L 398 56.27 -77.24 -15.76
CA THR L 398 57.72 -77.37 -15.65
C THR L 398 58.26 -78.59 -14.93
N SER L 399 57.56 -79.03 -13.89
CA SER L 399 58.00 -80.17 -13.13
C SER L 399 57.92 -81.44 -13.93
N LYS L 400 57.28 -81.38 -15.09
CA LYS L 400 57.14 -82.56 -15.92
C LYS L 400 57.98 -82.50 -17.19
N ALA L 401 58.63 -81.36 -17.42
CA ALA L 401 59.46 -81.17 -18.59
C ALA L 401 60.49 -82.28 -18.71
N GLU L 402 60.51 -82.97 -19.85
CA GLU L 402 61.46 -84.07 -20.08
C GLU L 402 62.92 -83.68 -19.72
N CYS L 403 63.24 -82.39 -19.84
CA CYS L 403 64.57 -81.91 -19.47
C CYS L 403 64.59 -80.38 -19.53
N THR L 404 65.60 -79.80 -18.92
CA THR L 404 65.76 -78.34 -18.84
C THR L 404 66.55 -77.76 -20.02
N ALA L 405 66.37 -76.47 -20.25
CA ALA L 405 67.12 -75.82 -21.32
C ALA L 405 68.58 -76.00 -20.91
N GLU L 406 68.85 -75.73 -19.63
CA GLU L 406 70.18 -75.86 -19.07
C GLU L 406 70.79 -77.20 -19.43
N GLN L 407 70.08 -78.25 -19.06
CA GLN L 407 70.54 -79.61 -19.31
C GLN L 407 70.71 -79.90 -20.78
N LEU L 408 69.74 -79.49 -21.58
CA LEU L 408 69.80 -79.74 -23.01
C LEU L 408 71.09 -79.17 -23.58
N TYR L 409 71.28 -77.86 -23.43
CA TYR L 409 72.47 -77.19 -23.94
C TYR L 409 73.77 -77.73 -23.36
N LYS L 410 73.71 -78.16 -22.12
CA LYS L 410 74.89 -78.69 -21.45
C LYS L 410 75.31 -80.06 -21.98
N TYR L 411 74.37 -80.99 -22.02
CA TYR L 411 74.63 -82.35 -22.49
C TYR L 411 74.68 -82.57 -24.00
N THR L 412 74.42 -81.53 -24.78
CA THR L 412 74.49 -81.65 -26.23
C THR L 412 75.53 -80.65 -26.71
N GLU L 413 76.35 -80.22 -25.75
CA GLU L 413 77.44 -79.28 -25.97
C GLU L 413 77.05 -78.08 -26.81
N GLY L 414 75.91 -77.49 -26.47
CA GLY L 414 75.44 -76.31 -27.18
C GLY L 414 74.95 -76.53 -28.59
N ARG L 415 74.99 -77.75 -29.07
CA ARG L 415 74.54 -78.03 -30.43
C ARG L 415 73.07 -78.41 -30.53
N GLY L 416 72.47 -78.79 -29.40
CA GLY L 416 71.08 -79.19 -29.40
C GLY L 416 70.18 -78.01 -29.71
N ILE L 417 69.04 -78.27 -30.35
CA ILE L 417 68.08 -77.23 -30.68
C ILE L 417 66.95 -77.51 -29.69
N PHE L 418 66.68 -76.56 -28.80
CA PHE L 418 65.68 -76.78 -27.77
C PHE L 418 64.38 -76.00 -27.88
N ALA L 419 63.35 -76.56 -27.23
CA ALA L 419 62.01 -75.99 -27.16
C ALA L 419 61.26 -76.78 -26.08
N SER L 420 60.45 -76.09 -25.30
CA SER L 420 59.69 -76.72 -24.23
C SER L 420 58.30 -76.12 -24.07
N GLY L 421 57.42 -76.88 -23.42
CA GLY L 421 56.07 -76.41 -23.20
C GLY L 421 56.03 -75.30 -22.16
N SER L 422 56.84 -75.44 -21.12
CA SER L 422 56.93 -74.47 -20.03
C SER L 422 58.17 -73.61 -20.20
N PRO L 423 58.09 -72.32 -19.82
CA PRO L 423 59.22 -71.39 -19.94
C PRO L 423 60.48 -71.71 -19.17
N PHE L 424 61.62 -71.46 -19.80
CA PHE L 424 62.93 -71.64 -19.20
C PHE L 424 63.69 -70.36 -19.44
N ASP L 425 64.55 -69.98 -18.50
CA ASP L 425 65.31 -68.76 -18.65
C ASP L 425 66.42 -68.93 -19.66
N PRO L 426 66.89 -67.81 -20.24
CA PRO L 426 67.95 -67.83 -21.23
C PRO L 426 69.16 -68.56 -20.66
N VAL L 427 69.95 -69.17 -21.54
CA VAL L 427 71.14 -69.88 -21.12
C VAL L 427 72.38 -69.31 -21.80
N THR L 428 73.45 -69.13 -21.04
CA THR L 428 74.69 -68.63 -21.61
C THR L 428 75.65 -69.79 -21.69
N LEU L 429 75.97 -70.23 -22.91
CA LEU L 429 76.89 -71.33 -23.04
C LEU L 429 78.26 -70.92 -22.53
N PRO L 430 79.16 -71.88 -22.35
CA PRO L 430 80.51 -71.59 -21.88
C PRO L 430 81.23 -70.70 -22.86
N SER L 431 80.76 -70.69 -24.10
CA SER L 431 81.36 -69.89 -25.15
C SER L 431 81.02 -68.41 -24.97
N GLY L 432 80.07 -68.13 -24.09
CA GLY L 432 79.66 -66.76 -23.85
C GLY L 432 78.36 -66.45 -24.59
N GLN L 433 78.02 -67.29 -25.56
CA GLN L 433 76.80 -67.13 -26.34
C GLN L 433 75.59 -67.35 -25.46
N THR L 434 74.57 -66.53 -25.65
CA THR L 434 73.34 -66.63 -24.89
C THR L 434 72.24 -67.15 -25.80
N LEU L 435 71.66 -68.29 -25.42
CA LEU L 435 70.59 -68.88 -26.19
C LEU L 435 69.29 -68.61 -25.48
N TYR L 436 68.25 -68.31 -26.26
CA TYR L 436 66.94 -68.05 -25.71
C TYR L 436 65.95 -69.11 -26.15
N PRO L 437 65.86 -70.20 -25.38
CA PRO L 437 64.95 -71.33 -25.66
C PRO L 437 63.50 -70.92 -25.89
N GLY L 438 62.93 -71.39 -27.01
CA GLY L 438 61.56 -71.06 -27.35
C GLY L 438 60.55 -71.93 -26.63
N GLN L 439 59.33 -71.42 -26.49
CA GLN L 439 58.28 -72.16 -25.80
C GLN L 439 57.27 -72.78 -26.79
N GLY L 440 57.41 -74.08 -27.03
CA GLY L 440 56.48 -74.74 -27.92
C GLY L 440 55.21 -75.04 -27.14
N ASN L 441 54.27 -74.10 -27.16
CA ASN L 441 53.01 -74.23 -26.42
C ASN L 441 51.80 -73.78 -27.25
N ASN L 442 50.63 -74.40 -27.03
CA ASN L 442 49.41 -74.02 -27.76
C ASN L 442 49.25 -72.52 -27.79
N SER L 443 49.67 -71.87 -26.71
CA SER L 443 49.54 -70.43 -26.58
C SER L 443 49.91 -69.69 -27.85
N TYR L 444 50.69 -70.32 -28.72
CA TYR L 444 51.08 -69.68 -29.98
C TYR L 444 50.03 -69.91 -31.06
N VAL L 445 49.15 -70.87 -30.82
CA VAL L 445 48.15 -71.19 -31.82
C VAL L 445 46.69 -70.84 -31.52
N PHE L 446 46.16 -71.27 -30.37
CA PHE L 446 44.75 -71.00 -30.11
C PHE L 446 44.29 -69.54 -30.11
N PRO L 447 45.13 -68.60 -29.62
CA PRO L 447 44.68 -67.21 -29.64
C PRO L 447 44.39 -66.75 -31.06
N GLY L 448 45.33 -67.02 -31.97
CA GLY L 448 45.16 -66.62 -33.35
C GLY L 448 44.03 -67.37 -34.05
N VAL L 449 43.98 -68.68 -33.86
CA VAL L 449 42.94 -69.46 -34.49
C VAL L 449 41.60 -68.90 -34.08
N ALA L 450 41.44 -68.58 -32.80
CA ALA L 450 40.19 -68.04 -32.28
C ALA L 450 39.87 -66.67 -32.89
N LEU L 451 40.85 -65.78 -32.93
CA LEU L 451 40.65 -64.45 -33.51
C LEU L 451 40.22 -64.66 -34.96
N GLY L 452 40.88 -65.59 -35.65
CA GLY L 452 40.53 -65.86 -37.04
C GLY L 452 39.13 -66.44 -37.20
N VAL L 453 38.88 -67.59 -36.58
CA VAL L 453 37.57 -68.26 -36.63
C VAL L 453 36.43 -67.29 -36.34
N ILE L 454 36.53 -66.59 -35.21
CA ILE L 454 35.51 -65.64 -34.80
C ILE L 454 35.32 -64.51 -35.80
N SER L 455 36.42 -63.98 -36.33
CA SER L 455 36.35 -62.90 -37.30
C SER L 455 35.64 -63.23 -38.59
N CYS L 456 36.04 -64.31 -39.26
CA CYS L 456 35.41 -64.66 -40.53
C CYS L 456 34.30 -65.69 -40.39
N GLY L 457 34.08 -66.20 -39.19
CA GLY L 457 33.03 -67.16 -38.98
C GLY L 457 33.23 -68.48 -39.71
N LEU L 458 34.44 -69.02 -39.65
CA LEU L 458 34.73 -70.30 -40.29
C LEU L 458 33.84 -71.37 -39.64
N LYS L 459 32.97 -72.01 -40.41
CA LYS L 459 32.05 -72.99 -39.85
C LYS L 459 32.68 -74.22 -39.19
N HIS L 460 33.73 -74.77 -39.81
CA HIS L 460 34.38 -75.93 -39.25
C HIS L 460 35.86 -75.80 -39.46
N ILE L 461 36.64 -76.38 -38.55
CA ILE L 461 38.08 -76.27 -38.65
C ILE L 461 38.74 -77.57 -39.03
N GLY L 462 39.32 -77.60 -40.22
CA GLY L 462 39.99 -78.79 -40.70
C GLY L 462 41.46 -78.73 -40.35
N ASP L 463 42.14 -79.86 -40.47
CA ASP L 463 43.55 -79.91 -40.14
C ASP L 463 44.39 -78.93 -40.96
N ASP L 464 43.99 -78.66 -42.19
CA ASP L 464 44.69 -77.74 -43.05
C ASP L 464 44.94 -76.43 -42.30
N VAL L 465 43.93 -76.00 -41.56
CA VAL L 465 44.01 -74.77 -40.77
C VAL L 465 45.22 -74.77 -39.86
N PHE L 466 45.39 -75.88 -39.14
CA PHE L 466 46.51 -75.98 -38.21
C PHE L 466 47.84 -76.06 -38.93
N LEU L 467 47.87 -76.74 -40.07
CA LEU L 467 49.10 -76.84 -40.84
C LEU L 467 49.45 -75.44 -41.35
N THR L 468 48.47 -74.73 -41.91
CA THR L 468 48.73 -73.38 -42.42
C THR L 468 49.18 -72.46 -41.29
N THR L 469 48.59 -72.60 -40.11
CA THR L 469 48.97 -71.77 -38.97
C THR L 469 50.42 -72.04 -38.59
N ALA L 470 50.83 -73.30 -38.71
CA ALA L 470 52.21 -73.66 -38.39
C ALA L 470 53.18 -72.86 -39.28
N GLU L 471 52.83 -72.75 -40.56
CA GLU L 471 53.66 -72.02 -41.51
C GLU L 471 53.65 -70.54 -41.20
N VAL L 472 52.50 -70.02 -40.78
CA VAL L 472 52.43 -68.60 -40.46
C VAL L 472 53.37 -68.25 -39.31
N ILE L 473 53.34 -69.06 -38.26
CA ILE L 473 54.18 -68.86 -37.08
C ILE L 473 55.66 -68.97 -37.44
N ALA L 474 56.00 -70.02 -38.18
CA ALA L 474 57.37 -70.23 -38.62
C ALA L 474 57.85 -69.08 -39.47
N GLN L 475 56.97 -68.55 -40.30
CA GLN L 475 57.34 -67.43 -41.17
C GLN L 475 57.72 -66.20 -40.35
N GLU L 476 57.30 -66.15 -39.09
CA GLU L 476 57.60 -65.01 -38.25
C GLU L 476 58.86 -65.17 -37.39
N VAL L 477 59.58 -66.25 -37.62
CA VAL L 477 60.82 -66.49 -36.90
C VAL L 477 61.90 -65.90 -37.77
N SER L 478 62.55 -64.85 -37.28
CA SER L 478 63.59 -64.17 -38.04
C SER L 478 64.93 -64.86 -37.96
N GLU L 479 65.85 -64.41 -38.81
CA GLU L 479 67.20 -64.96 -38.83
C GLU L 479 67.77 -64.74 -37.44
N GLU L 480 67.61 -63.53 -36.92
CA GLU L 480 68.08 -63.18 -35.58
C GLU L 480 67.58 -64.20 -34.55
N ASN L 481 66.27 -64.42 -34.55
CA ASN L 481 65.64 -65.34 -33.62
C ASN L 481 66.33 -66.69 -33.63
N LEU L 482 66.48 -67.24 -34.83
CA LEU L 482 67.11 -68.53 -35.01
C LEU L 482 68.55 -68.53 -34.52
N GLN L 483 69.24 -67.41 -34.66
CA GLN L 483 70.61 -67.35 -34.22
C GLN L 483 70.79 -67.22 -32.71
N GLU L 484 69.68 -67.03 -31.99
CA GLU L 484 69.72 -66.96 -30.55
C GLU L 484 69.19 -68.28 -30.02
N GLY L 485 68.80 -69.16 -30.93
CA GLY L 485 68.29 -70.45 -30.53
C GLY L 485 66.77 -70.48 -30.38
N ARG L 486 66.08 -69.50 -30.98
CA ARG L 486 64.63 -69.43 -30.90
C ARG L 486 63.93 -70.12 -32.06
N LEU L 487 63.05 -71.05 -31.76
CA LEU L 487 62.30 -71.77 -32.79
C LEU L 487 60.93 -71.13 -32.99
N TYR L 488 60.64 -70.10 -32.20
CA TYR L 488 59.38 -69.37 -32.27
C TYR L 488 59.64 -67.89 -32.11
N PRO L 489 58.74 -67.05 -32.64
CA PRO L 489 58.97 -65.62 -32.48
C PRO L 489 58.86 -65.24 -31.00
N PRO L 490 59.62 -64.21 -30.56
CA PRO L 490 59.58 -63.78 -29.16
C PRO L 490 58.15 -63.59 -28.62
N LEU L 491 57.91 -64.04 -27.39
CA LEU L 491 56.59 -63.90 -26.77
C LEU L 491 56.06 -62.47 -26.81
N VAL L 492 56.95 -61.49 -26.70
CA VAL L 492 56.55 -60.09 -26.69
C VAL L 492 55.85 -59.66 -27.97
N THR L 493 55.96 -60.46 -29.02
CA THR L 493 55.33 -60.13 -30.30
C THR L 493 54.17 -61.06 -30.61
N ILE L 494 53.79 -61.88 -29.64
CA ILE L 494 52.71 -62.83 -29.85
C ILE L 494 51.44 -62.22 -30.42
N GLN L 495 51.12 -60.98 -30.02
CA GLN L 495 49.90 -60.37 -30.53
C GLN L 495 49.96 -60.17 -32.03
N GLN L 496 51.12 -59.71 -32.53
CA GLN L 496 51.27 -59.48 -33.96
C GLN L 496 51.20 -60.82 -34.71
N VAL L 497 51.75 -61.85 -34.09
CA VAL L 497 51.72 -63.19 -34.68
C VAL L 497 50.27 -63.65 -34.80
N SER L 498 49.50 -63.50 -33.73
CA SER L 498 48.11 -63.91 -33.71
C SER L 498 47.30 -63.21 -34.81
N LEU L 499 47.59 -61.93 -35.03
CA LEU L 499 46.87 -61.18 -36.07
C LEU L 499 47.13 -61.81 -37.42
N LYS L 500 48.39 -62.13 -37.70
CA LYS L 500 48.72 -62.75 -38.98
C LYS L 500 48.04 -64.12 -39.12
N ILE L 501 48.01 -64.89 -38.05
CA ILE L 501 47.37 -66.18 -38.11
C ILE L 501 45.89 -65.98 -38.42
N ALA L 502 45.28 -65.01 -37.74
CA ALA L 502 43.87 -64.70 -37.92
C ALA L 502 43.60 -64.27 -39.36
N VAL L 503 44.42 -63.36 -39.86
CA VAL L 503 44.25 -62.87 -41.22
C VAL L 503 44.32 -64.01 -42.26
N ARG L 504 45.29 -64.89 -42.12
CA ARG L 504 45.41 -65.98 -43.08
C ARG L 504 44.21 -66.92 -43.00
N ILE L 505 43.81 -67.30 -41.79
CA ILE L 505 42.67 -68.19 -41.65
C ILE L 505 41.45 -67.57 -42.33
N ALA L 506 41.27 -66.27 -42.16
CA ALA L 506 40.14 -65.60 -42.80
C ALA L 506 40.25 -65.67 -44.30
N LYS L 507 41.41 -65.28 -44.82
CA LYS L 507 41.66 -65.29 -46.26
C LYS L 507 41.31 -66.66 -46.86
N GLU L 508 41.73 -67.72 -46.17
CA GLU L 508 41.48 -69.07 -46.65
C GLU L 508 40.01 -69.43 -46.57
N ALA L 509 39.36 -68.98 -45.50
CA ALA L 509 37.95 -69.25 -45.28
C ALA L 509 37.12 -68.73 -46.45
N TYR L 510 37.37 -67.48 -46.85
CA TYR L 510 36.63 -66.91 -47.97
C TYR L 510 36.96 -67.63 -49.27
N ARG L 511 38.22 -68.01 -49.43
CA ARG L 511 38.64 -68.69 -50.65
C ARG L 511 37.87 -70.00 -50.84
N ASN L 512 37.81 -70.81 -49.80
CA ASN L 512 37.12 -72.09 -49.86
C ASN L 512 35.65 -71.97 -49.49
N ASN L 513 35.16 -70.73 -49.41
CA ASN L 513 33.76 -70.47 -49.08
C ASN L 513 33.31 -71.18 -47.80
N THR L 514 34.16 -71.15 -46.78
CA THR L 514 33.85 -71.75 -45.48
C THR L 514 33.47 -70.66 -44.50
N ALA L 515 33.77 -69.41 -44.89
CA ALA L 515 33.48 -68.25 -44.04
C ALA L 515 31.97 -68.06 -43.84
N SER L 516 31.59 -67.16 -42.95
CA SER L 516 30.18 -66.91 -42.67
C SER L 516 29.89 -65.42 -42.53
N THR L 517 30.94 -64.64 -42.23
CA THR L 517 30.79 -63.20 -42.08
C THR L 517 30.78 -62.52 -43.43
N TYR L 518 29.63 -61.95 -43.78
CA TYR L 518 29.43 -61.28 -45.05
C TYR L 518 28.72 -59.94 -44.93
N PRO L 519 28.99 -59.01 -45.87
CA PRO L 519 29.90 -59.21 -46.99
C PRO L 519 31.38 -59.36 -46.58
N GLN L 520 32.18 -59.92 -47.48
CA GLN L 520 33.61 -60.12 -47.22
C GLN L 520 34.31 -58.77 -47.14
N PRO L 521 35.10 -58.53 -46.08
CA PRO L 521 35.79 -57.24 -45.97
C PRO L 521 36.76 -57.04 -47.13
N GLU L 522 36.91 -55.81 -47.58
CA GLU L 522 37.83 -55.53 -48.69
C GLU L 522 39.28 -55.66 -48.25
N ASP L 523 39.54 -55.37 -46.97
CA ASP L 523 40.88 -55.46 -46.38
C ASP L 523 40.76 -56.23 -45.06
N LEU L 524 41.01 -57.54 -45.12
CA LEU L 524 40.90 -58.39 -43.93
C LEU L 524 41.74 -57.99 -42.71
N GLU L 525 42.98 -57.58 -42.95
CA GLU L 525 43.84 -57.18 -41.85
C GLU L 525 43.27 -55.97 -41.14
N ALA L 526 42.79 -54.99 -41.90
CA ALA L 526 42.23 -53.79 -41.31
C ALA L 526 40.93 -54.14 -40.60
N PHE L 527 40.19 -55.07 -41.17
CA PHE L 527 38.94 -55.47 -40.53
C PHE L 527 39.24 -56.13 -39.18
N ILE L 528 40.05 -57.17 -39.20
CA ILE L 528 40.40 -57.89 -37.99
C ILE L 528 41.01 -56.98 -36.95
N ARG L 529 41.89 -56.06 -37.38
CA ARG L 529 42.49 -55.16 -36.43
C ARG L 529 41.43 -54.35 -35.71
N SER L 530 40.38 -53.97 -36.44
CA SER L 530 39.30 -53.18 -35.86
C SER L 530 38.41 -54.00 -34.92
N GLN L 531 38.56 -55.31 -34.95
CA GLN L 531 37.76 -56.21 -34.13
C GLN L 531 38.49 -56.60 -32.83
N VAL L 532 39.78 -56.30 -32.78
CA VAL L 532 40.60 -56.66 -31.63
C VAL L 532 40.21 -55.88 -30.38
N TYR L 533 40.41 -56.53 -29.23
CA TYR L 533 40.09 -55.92 -27.93
C TYR L 533 41.02 -54.76 -27.63
N SER L 534 40.53 -53.80 -26.86
CA SER L 534 41.35 -52.65 -26.48
C SER L 534 41.43 -52.52 -24.97
N THR L 535 42.63 -52.27 -24.45
CA THR L 535 42.79 -52.11 -23.01
C THR L 535 42.44 -50.72 -22.53
N ASP L 536 42.18 -49.79 -23.45
CA ASP L 536 41.82 -48.43 -23.06
C ASP L 536 40.45 -48.39 -22.40
N TYR L 537 40.29 -47.51 -21.40
CA TYR L 537 39.00 -47.39 -20.74
C TYR L 537 38.07 -46.64 -21.67
N ASN L 538 36.77 -46.82 -21.47
CA ASN L 538 35.75 -46.12 -22.27
C ASN L 538 35.29 -44.96 -21.41
N CYS L 539 34.62 -44.00 -22.05
CA CYS L 539 34.09 -42.84 -21.34
C CYS L 539 32.62 -43.10 -20.98
N PHE L 540 32.32 -43.09 -19.69
CA PHE L 540 30.97 -43.36 -19.24
C PHE L 540 30.07 -42.15 -19.18
N VAL L 541 30.57 -41.00 -19.64
CA VAL L 541 29.76 -39.80 -19.62
C VAL L 541 28.65 -39.91 -20.67
N ALA L 542 27.49 -39.33 -20.36
CA ALA L 542 26.37 -39.36 -21.26
C ALA L 542 26.71 -38.60 -22.53
N ASP L 543 26.17 -39.07 -23.64
CA ASP L 543 26.38 -38.47 -24.95
C ASP L 543 25.46 -37.25 -25.02
N SER L 544 25.92 -36.13 -24.49
CA SER L 544 25.12 -34.91 -24.50
C SER L 544 25.50 -34.05 -25.69
N TYR L 545 24.51 -33.37 -26.25
CA TYR L 545 24.66 -32.47 -27.38
C TYR L 545 23.35 -31.71 -27.50
N THR L 546 23.38 -30.56 -28.16
CA THR L 546 22.18 -29.76 -28.27
C THR L 546 21.52 -29.76 -29.65
N TRP L 547 20.27 -29.31 -29.67
CA TRP L 547 19.50 -29.19 -30.88
C TRP L 547 19.38 -27.69 -31.10
N PRO L 548 19.00 -27.25 -32.31
CA PRO L 548 18.87 -25.81 -32.51
C PRO L 548 18.03 -25.26 -31.36
N GLU L 549 17.99 -23.94 -31.17
CA GLU L 549 17.24 -23.39 -30.04
C GLU L 549 15.72 -23.48 -30.13
N GLU L 550 15.21 -23.25 -31.33
CA GLU L 550 13.78 -23.29 -31.59
C GLU L 550 13.21 -24.69 -31.36
N ALA L 551 13.92 -25.70 -31.86
CA ALA L 551 13.51 -27.08 -31.75
C ALA L 551 13.65 -27.65 -30.35
N MSE L 552 14.44 -26.97 -29.54
CA MSE L 552 14.70 -27.39 -28.17
C MSE L 552 13.80 -26.63 -27.19
O MSE L 552 13.78 -26.93 -26.00
CB MSE L 552 16.19 -27.11 -27.88
CG MSE L 552 16.86 -27.96 -26.81
SE MSE L 552 18.80 -27.72 -26.87
CE MSE L 552 18.98 -25.98 -26.08
N LYS L 553 13.07 -25.66 -27.71
CA LYS L 553 12.18 -24.83 -26.91
C LYS L 553 11.07 -25.61 -26.21
N VAL L 554 10.81 -25.27 -24.95
CA VAL L 554 9.77 -25.91 -24.17
C VAL L 554 8.44 -25.17 -24.38
N LYS L 555 7.41 -25.90 -24.80
CA LYS L 555 6.10 -25.30 -25.04
C LYS L 555 5.10 -25.68 -23.95
N LYS M 1 -11.59 8.27 78.36
CA LYS M 1 -12.43 8.17 77.18
C LYS M 1 -11.78 8.86 75.98
N LYS M 2 -11.80 8.12 74.87
CA LYS M 2 -11.24 8.53 73.59
C LYS M 2 -12.05 7.75 72.57
N GLY M 3 -11.93 8.12 71.31
CA GLY M 3 -12.65 7.41 70.26
C GLY M 3 -14.14 7.65 70.19
N TYR M 4 -14.81 6.79 69.44
CA TYR M 4 -16.24 6.85 69.24
C TYR M 4 -17.00 6.92 70.56
N GLU M 5 -16.42 6.36 71.62
CA GLU M 5 -17.04 6.35 72.93
C GLU M 5 -17.35 7.79 73.39
N VAL M 6 -16.55 8.74 72.91
CA VAL M 6 -16.71 10.15 73.23
C VAL M 6 -17.95 10.75 72.56
N LEU M 7 -18.25 10.28 71.35
CA LEU M 7 -19.40 10.78 70.61
C LEU M 7 -20.75 10.34 71.17
N ARG M 8 -20.73 9.26 71.95
CA ARG M 8 -21.94 8.70 72.54
C ARG M 8 -22.13 9.12 74.00
N ASP M 9 -21.22 9.94 74.49
CA ASP M 9 -21.28 10.42 75.86
C ASP M 9 -21.75 11.86 75.76
N PRO M 10 -23.04 12.09 76.02
CA PRO M 10 -23.58 13.44 75.93
C PRO M 10 -22.83 14.49 76.75
N HIS M 11 -22.16 14.04 77.81
CA HIS M 11 -21.42 14.95 78.68
C HIS M 11 -20.15 15.45 77.99
N LEU M 12 -19.59 14.63 77.11
CA LEU M 12 -18.38 15.01 76.40
C LEU M 12 -18.67 15.52 74.98
N ASN M 13 -19.51 14.79 74.27
CA ASN M 13 -19.85 15.12 72.90
C ASN M 13 -20.17 16.58 72.53
N LYS M 14 -19.42 17.11 71.57
CA LYS M 14 -19.59 18.48 71.09
C LYS M 14 -20.10 18.43 69.66
N GLY M 15 -20.21 17.22 69.11
CA GLY M 15 -20.71 17.07 67.76
C GLY M 15 -19.77 17.66 66.73
N MSE M 16 -20.30 18.44 65.81
CA MSE M 16 -19.43 19.02 64.78
C MSE M 16 -18.68 20.25 65.28
O MSE M 16 -17.98 20.93 64.51
CB MSE M 16 -20.26 19.34 63.53
CG MSE M 16 -20.79 18.09 62.82
SE MSE M 16 -21.77 18.49 61.21
CE MSE M 16 -23.55 17.98 61.74
N ALA M 17 -18.81 20.53 66.57
CA ALA M 17 -18.11 21.65 67.18
C ALA M 17 -16.70 21.20 67.55
N PHE M 18 -16.43 19.92 67.35
CA PHE M 18 -15.11 19.37 67.64
C PHE M 18 -14.19 19.90 66.56
N THR M 19 -13.06 20.48 66.98
CA THR M 19 -12.09 21.04 66.06
C THR M 19 -11.31 19.93 65.37
N LEU M 20 -10.66 20.27 64.27
CA LEU M 20 -9.88 19.28 63.52
C LEU M 20 -8.81 18.69 64.42
N GLU M 21 -8.20 19.55 65.22
CA GLU M 21 -7.14 19.11 66.11
C GLU M 21 -7.72 18.18 67.15
N GLU M 22 -8.84 18.57 67.74
CA GLU M 22 -9.48 17.73 68.74
C GLU M 22 -9.86 16.36 68.19
N ARG M 23 -10.44 16.35 66.98
CA ARG M 23 -10.84 15.09 66.37
C ARG M 23 -9.64 14.19 66.13
N GLN M 24 -8.54 14.77 65.64
CA GLN M 24 -7.34 13.98 65.38
C GLN M 24 -6.78 13.38 66.66
N GLN M 25 -6.78 14.16 67.74
CA GLN M 25 -6.27 13.67 69.01
C GLN M 25 -7.24 12.73 69.71
N LEU M 26 -8.54 12.94 69.50
CA LEU M 26 -9.53 12.08 70.12
C LEU M 26 -9.81 10.82 69.31
N ASN M 27 -9.11 10.64 68.20
CA ASN M 27 -9.30 9.46 67.36
C ASN M 27 -10.73 9.29 66.83
N ILE M 28 -11.32 10.41 66.44
CA ILE M 28 -12.68 10.38 65.90
C ILE M 28 -12.71 11.13 64.58
N HIS M 29 -11.55 11.51 64.07
CA HIS M 29 -11.50 12.22 62.80
C HIS M 29 -11.99 11.24 61.75
N GLY M 30 -13.03 11.62 61.03
CA GLY M 30 -13.61 10.76 60.02
C GLY M 30 -15.00 10.30 60.43
N LEU M 31 -15.27 10.32 61.73
CA LEU M 31 -16.57 9.92 62.25
C LEU M 31 -17.57 11.07 62.22
N LEU M 32 -17.09 12.25 61.90
CA LEU M 32 -17.94 13.43 61.81
C LEU M 32 -17.80 14.04 60.42
N PRO M 33 -18.89 14.62 59.89
CA PRO M 33 -18.79 15.22 58.55
C PRO M 33 -17.74 16.33 58.56
N PRO M 34 -17.13 16.61 57.40
CA PRO M 34 -16.08 17.61 57.18
C PRO M 34 -16.40 19.07 57.41
N CYS M 35 -17.11 19.40 58.48
CA CYS M 35 -17.41 20.80 58.73
C CYS M 35 -17.35 21.08 60.22
N PHE M 36 -16.90 22.29 60.57
CA PHE M 36 -16.75 22.67 61.96
C PHE M 36 -17.61 23.86 62.26
N LEU M 37 -18.40 23.78 63.32
CA LEU M 37 -19.27 24.88 63.66
C LEU M 37 -19.29 25.25 65.13
N GLY M 38 -19.75 26.47 65.41
CA GLY M 38 -19.83 26.94 66.77
C GLY M 38 -21.19 26.62 67.36
N GLN M 39 -21.34 26.80 68.66
CA GLN M 39 -22.61 26.52 69.32
C GLN M 39 -23.78 27.24 68.67
N ASP M 40 -23.60 28.50 68.29
CA ASP M 40 -24.70 29.25 67.70
C ASP M 40 -25.17 28.70 66.38
N ALA M 41 -24.30 28.02 65.65
CA ALA M 41 -24.70 27.43 64.39
C ALA M 41 -25.51 26.18 64.75
N GLN M 42 -24.96 25.41 65.69
CA GLN M 42 -25.63 24.19 66.13
C GLN M 42 -27.01 24.54 66.63
N VAL M 43 -27.10 25.65 67.37
CA VAL M 43 -28.38 26.12 67.91
C VAL M 43 -29.35 26.39 66.79
N TYR M 44 -28.89 27.11 65.77
CA TYR M 44 -29.74 27.41 64.63
C TYR M 44 -30.38 26.12 64.10
N SER M 45 -29.54 25.12 63.82
CA SER M 45 -29.99 23.81 63.33
C SER M 45 -31.10 23.23 64.21
N ILE M 46 -30.92 23.29 65.51
CA ILE M 46 -31.89 22.77 66.46
C ILE M 46 -33.22 23.51 66.30
N LEU M 47 -33.15 24.83 66.16
CA LEU M 47 -34.36 25.61 66.02
C LEU M 47 -35.11 25.28 64.74
N LYS M 48 -34.37 25.03 63.66
CA LYS M 48 -35.03 24.70 62.40
C LYS M 48 -35.79 23.40 62.60
N ASN M 49 -35.19 22.50 63.37
CA ASN M 49 -35.82 21.22 63.67
C ASN M 49 -37.00 21.33 64.63
N PHE M 50 -36.96 22.33 65.51
CA PHE M 50 -38.03 22.56 66.48
C PHE M 50 -39.23 23.19 65.78
N GLU M 51 -38.96 24.20 64.95
CA GLU M 51 -40.01 24.90 64.23
C GLU M 51 -40.89 24.01 63.34
N ARG M 52 -40.30 23.06 62.63
CA ARG M 52 -41.07 22.18 61.76
C ARG M 52 -41.95 21.17 62.47
N LEU M 53 -41.78 21.00 63.78
CA LEU M 53 -42.57 20.04 64.53
C LEU M 53 -43.98 20.58 64.71
N THR M 54 -44.96 19.68 64.83
CA THR M 54 -46.35 20.11 64.95
C THR M 54 -47.10 19.65 66.20
N SER M 55 -46.38 19.23 67.22
CA SER M 55 -47.04 18.78 68.45
C SER M 55 -46.10 18.97 69.62
N ASP M 56 -46.65 19.40 70.75
CA ASP M 56 -45.79 19.60 71.90
C ASP M 56 -45.06 18.32 72.32
N LEU M 57 -45.73 17.18 72.19
CA LEU M 57 -45.12 15.92 72.55
C LEU M 57 -43.89 15.66 71.66
N ASP M 58 -43.97 16.04 70.38
CA ASP M 58 -42.85 15.86 69.48
C ASP M 58 -41.71 16.82 69.86
N ARG M 59 -42.06 18.06 70.20
CA ARG M 59 -41.08 19.07 70.61
C ARG M 59 -40.33 18.57 71.85
N TYR M 60 -41.08 17.96 72.76
CA TYR M 60 -40.50 17.40 73.97
C TYR M 60 -39.49 16.33 73.55
N ILE M 61 -39.95 15.37 72.74
CA ILE M 61 -39.06 14.30 72.28
C ILE M 61 -37.82 14.82 71.56
N LEU M 62 -37.95 15.93 70.84
CA LEU M 62 -36.79 16.49 70.13
C LEU M 62 -35.75 16.93 71.16
N LEU M 63 -36.20 17.75 72.11
CA LEU M 63 -35.32 18.26 73.14
C LEU M 63 -34.74 17.21 74.07
N MSE M 64 -35.49 16.15 74.36
CA MSE M 64 -34.97 15.09 75.24
C MSE M 64 -33.83 14.34 74.58
O MSE M 64 -32.89 13.91 75.24
CB MSE M 64 -36.08 14.11 75.61
CG MSE M 64 -37.08 14.71 76.61
SE MSE M 64 -36.23 15.25 78.26
CE MSE M 64 -34.98 13.76 78.44
N SER M 65 -33.92 14.17 73.26
CA SER M 65 -32.87 13.49 72.50
C SER M 65 -31.65 14.40 72.45
N LEU M 66 -31.90 15.70 72.28
CA LEU M 66 -30.85 16.70 72.24
C LEU M 66 -30.07 16.55 73.54
N GLN M 67 -30.80 16.39 74.65
CA GLN M 67 -30.18 16.23 75.95
C GLN M 67 -29.38 14.95 76.03
N ASP M 68 -29.87 13.89 75.39
CA ASP M 68 -29.17 12.60 75.41
C ASP M 68 -28.02 12.54 74.40
N ARG M 69 -27.85 13.58 73.62
CA ARG M 69 -26.78 13.59 72.63
C ARG M 69 -25.68 14.59 72.94
N ASN M 70 -26.05 15.79 73.32
CA ASN M 70 -25.06 16.84 73.59
C ASN M 70 -25.49 17.76 74.75
N GLU M 71 -25.04 17.42 75.96
CA GLU M 71 -25.36 18.19 77.17
C GLU M 71 -25.22 19.71 77.03
N LYS M 72 -24.03 20.19 76.69
CA LYS M 72 -23.79 21.63 76.53
C LYS M 72 -24.78 22.25 75.55
N LEU M 73 -24.91 21.67 74.36
CA LEU M 73 -25.84 22.21 73.38
C LEU M 73 -27.27 22.28 73.95
N PHE M 74 -27.70 21.20 74.61
CA PHE M 74 -29.01 21.16 75.21
C PHE M 74 -29.24 22.36 76.14
N TYR M 75 -28.36 22.59 77.11
CA TYR M 75 -28.55 23.73 78.00
C TYR M 75 -28.33 25.05 77.28
N LYS M 76 -27.51 25.05 76.24
CA LYS M 76 -27.29 26.27 75.49
C LYS M 76 -28.64 26.66 74.86
N VAL M 77 -29.35 25.66 74.31
CA VAL M 77 -30.66 25.87 73.70
C VAL M 77 -31.68 26.43 74.68
N LEU M 78 -31.85 25.75 75.81
CA LEU M 78 -32.81 26.19 76.82
C LEU M 78 -32.57 27.63 77.24
N THR M 79 -31.39 27.92 77.73
CA THR M 79 -31.06 29.26 78.19
C THR M 79 -31.18 30.31 77.10
N SER M 80 -31.12 29.90 75.84
CA SER M 80 -31.22 30.84 74.73
C SER M 80 -32.58 31.53 74.62
N ASP M 81 -33.63 30.84 75.10
CA ASP M 81 -34.99 31.39 75.08
C ASP M 81 -35.84 30.66 76.14
N ILE M 82 -35.45 30.82 77.39
CA ILE M 82 -36.10 30.17 78.50
C ILE M 82 -37.64 30.23 78.42
N GLU M 83 -38.19 31.39 78.11
CA GLU M 83 -39.63 31.55 78.03
C GLU M 83 -40.26 30.62 76.99
N ARG M 84 -39.47 30.26 75.99
CA ARG M 84 -39.94 29.42 74.90
C ARG M 84 -39.81 27.92 75.15
N PHE M 85 -38.66 27.51 75.68
CA PHE M 85 -38.43 26.10 75.90
C PHE M 85 -38.80 25.54 77.28
N MSE M 86 -38.99 26.41 78.27
CA MSE M 86 -39.36 25.93 79.58
C MSE M 86 -40.72 25.22 79.51
O MSE M 86 -40.90 24.14 80.08
CB MSE M 86 -39.41 27.08 80.58
CG MSE M 86 -39.18 26.63 82.01
SE MSE M 86 -39.43 28.00 83.36
CE MSE M 86 -37.75 28.88 83.23
N PRO M 87 -41.69 25.82 78.80
CA PRO M 87 -43.01 25.18 78.70
C PRO M 87 -42.93 23.79 78.06
N ILE M 88 -41.86 23.53 77.33
CA ILE M 88 -41.72 22.25 76.65
C ILE M 88 -41.06 21.21 77.53
N VAL M 89 -39.95 21.58 78.17
CA VAL M 89 -39.22 20.67 79.04
C VAL M 89 -39.81 20.61 80.46
N TYR M 90 -40.65 21.59 80.80
CA TYR M 90 -41.28 21.68 82.13
C TYR M 90 -42.80 21.82 81.92
N THR M 91 -43.53 22.36 82.91
CA THR M 91 -44.98 22.55 82.78
C THR M 91 -45.29 23.41 81.57
N PRO M 92 -46.34 23.06 80.82
CA PRO M 92 -47.24 21.94 81.02
C PRO M 92 -46.87 20.68 80.24
N THR M 93 -46.00 20.83 79.26
CA THR M 93 -45.61 19.70 78.41
C THR M 93 -45.01 18.50 79.15
N VAL M 94 -44.33 18.73 80.26
CA VAL M 94 -43.75 17.61 80.97
C VAL M 94 -44.87 16.69 81.50
N GLY M 95 -45.99 17.28 81.90
CA GLY M 95 -47.10 16.48 82.37
C GLY M 95 -47.59 15.60 81.24
N LEU M 96 -47.71 16.18 80.06
CA LEU M 96 -48.17 15.47 78.88
C LEU M 96 -47.18 14.34 78.58
N ALA M 97 -45.90 14.66 78.69
CA ALA M 97 -44.87 13.67 78.43
C ALA M 97 -45.03 12.50 79.38
N CYS M 98 -45.30 12.79 80.65
CA CYS M 98 -45.47 11.73 81.63
C CYS M 98 -46.67 10.85 81.30
N GLN M 99 -47.75 11.48 80.85
CA GLN M 99 -48.95 10.75 80.50
C GLN M 99 -48.64 9.79 79.35
N HIS M 100 -47.70 10.17 78.50
CA HIS M 100 -47.32 9.32 77.36
C HIS M 100 -45.86 8.88 77.42
N TYR M 101 -45.30 8.81 78.62
CA TYR M 101 -43.91 8.46 78.80
C TYR M 101 -43.53 7.16 78.08
N GLY M 102 -44.38 6.16 78.15
CA GLY M 102 -44.08 4.90 77.49
C GLY M 102 -43.87 5.12 76.01
N LEU M 103 -44.70 5.99 75.45
CA LEU M 103 -44.67 6.32 74.03
C LEU M 103 -43.42 7.13 73.68
N ALA M 104 -43.14 8.15 74.48
CA ALA M 104 -42.01 9.06 74.28
C ALA M 104 -40.66 8.47 74.62
N PHE M 105 -40.64 7.40 75.39
CA PHE M 105 -39.38 6.78 75.77
C PHE M 105 -38.53 6.45 74.55
N ARG M 106 -37.23 6.64 74.68
CA ARG M 106 -36.25 6.33 73.62
C ARG M 106 -35.05 5.77 74.34
N ARG M 107 -34.25 6.64 74.96
CA ARG M 107 -33.08 6.21 75.72
C ARG M 107 -33.41 6.49 77.20
N PRO M 108 -33.03 5.55 78.10
CA PRO M 108 -33.31 5.72 79.52
C PRO M 108 -32.56 6.88 80.16
N ARG M 109 -33.14 7.44 81.21
CA ARG M 109 -32.54 8.55 81.91
C ARG M 109 -32.90 8.45 83.39
N GLY M 110 -31.90 8.52 84.25
CA GLY M 110 -32.17 8.45 85.68
C GLY M 110 -31.98 7.07 86.28
N LEU M 111 -32.19 6.97 87.58
CA LEU M 111 -32.03 5.70 88.27
C LEU M 111 -33.39 5.20 88.69
N PHE M 112 -33.69 3.96 88.32
CA PHE M 112 -34.97 3.34 88.68
C PHE M 112 -34.72 2.34 89.78
N ILE M 113 -35.18 2.65 90.99
CA ILE M 113 -35.01 1.73 92.11
C ILE M 113 -36.38 1.14 92.43
N THR M 114 -36.41 -0.17 92.69
CA THR M 114 -37.65 -0.86 92.94
C THR M 114 -37.82 -1.39 94.36
N ILE M 115 -39.08 -1.60 94.75
CA ILE M 115 -39.42 -2.13 96.08
C ILE M 115 -38.84 -3.52 96.19
N HIS M 116 -38.61 -4.15 95.05
CA HIS M 116 -38.04 -5.51 95.01
C HIS M 116 -36.52 -5.49 95.08
N ASP M 117 -35.93 -4.30 95.13
CA ASP M 117 -34.47 -4.20 95.21
C ASP M 117 -34.03 -3.86 96.62
N ARG M 118 -34.93 -3.96 97.59
CA ARG M 118 -34.55 -3.66 98.96
C ARG M 118 -33.37 -4.51 99.36
N GLY M 119 -32.43 -3.88 100.05
CA GLY M 119 -31.23 -4.59 100.49
C GLY M 119 -30.14 -4.58 99.44
N HIS M 120 -30.37 -3.89 98.32
CA HIS M 120 -29.37 -3.84 97.24
C HIS M 120 -29.24 -2.48 96.59
N ILE M 121 -29.79 -1.44 97.19
CA ILE M 121 -29.69 -0.13 96.58
C ILE M 121 -28.25 0.35 96.47
N ALA M 122 -27.47 0.14 97.53
CA ALA M 122 -26.09 0.57 97.52
C ALA M 122 -25.42 0.07 96.25
N THR M 123 -25.67 -1.19 95.92
CA THR M 123 -25.08 -1.79 94.72
C THR M 123 -25.54 -1.08 93.45
N MSE M 124 -26.82 -0.74 93.40
CA MSE M 124 -27.35 -0.06 92.23
C MSE M 124 -26.78 1.34 92.03
O MSE M 124 -26.62 1.78 90.89
CB MSE M 124 -28.87 -0.02 92.31
CG MSE M 124 -29.49 -1.41 92.28
SE MSE M 124 -31.39 -1.39 92.47
CE MSE M 124 -31.90 -0.78 90.73
N LEU M 125 -26.46 2.04 93.11
CA LEU M 125 -25.90 3.37 92.96
C LEU M 125 -24.58 3.30 92.20
N GLN M 126 -23.91 2.15 92.31
CA GLN M 126 -22.64 1.93 91.62
C GLN M 126 -22.90 1.96 90.13
N SER M 127 -23.99 1.32 89.71
CA SER M 127 -24.36 1.27 88.31
C SER M 127 -24.36 2.66 87.69
N TRP M 128 -24.60 3.68 88.50
CA TRP M 128 -24.62 5.03 87.99
C TRP M 128 -23.19 5.52 87.80
N PRO M 129 -22.83 5.88 86.56
CA PRO M 129 -21.51 6.37 86.14
C PRO M 129 -20.85 7.36 87.09
N GLU M 130 -21.54 8.42 87.48
CA GLU M 130 -20.95 9.38 88.39
C GLU M 130 -20.90 8.85 89.82
N SER M 131 -19.77 9.10 90.47
CA SER M 131 -19.60 8.68 91.86
C SER M 131 -19.70 9.89 92.77
N VAL M 132 -19.77 11.05 92.14
CA VAL M 132 -19.86 12.32 92.85
C VAL M 132 -21.17 13.04 92.51
N ILE M 133 -22.18 12.84 93.36
CA ILE M 133 -23.49 13.44 93.19
C ILE M 133 -23.75 14.41 94.33
N LYS M 134 -24.22 15.61 94.01
CA LYS M 134 -24.46 16.59 95.04
C LYS M 134 -25.93 16.92 95.23
N ALA M 135 -26.76 16.51 94.27
CA ALA M 135 -28.18 16.75 94.35
C ALA M 135 -28.97 15.59 93.75
N ILE M 136 -30.15 15.34 94.31
CA ILE M 136 -31.05 14.29 93.84
C ILE M 136 -32.52 14.69 93.91
N VAL M 137 -33.25 14.41 92.84
CA VAL M 137 -34.68 14.68 92.79
C VAL M 137 -35.33 13.31 92.68
N VAL M 138 -36.10 12.95 93.71
CA VAL M 138 -36.77 11.66 93.80
C VAL M 138 -38.27 11.78 93.78
N THR M 139 -38.92 10.72 93.32
CA THR M 139 -40.38 10.67 93.28
C THR M 139 -40.82 9.22 93.23
N ASP M 140 -42.06 8.94 93.63
CA ASP M 140 -42.55 7.58 93.56
C ASP M 140 -43.70 7.62 92.57
N GLY M 141 -43.89 8.79 91.98
CA GLY M 141 -44.92 9.01 90.98
C GLY M 141 -46.36 8.85 91.36
N GLU M 142 -46.70 9.00 92.64
CA GLU M 142 -48.10 8.82 93.04
C GLU M 142 -48.91 10.11 92.95
N ARG M 143 -48.23 11.26 92.90
CA ARG M 143 -48.91 12.54 92.78
C ARG M 143 -48.21 13.44 91.74
N ILE M 144 -48.23 13.03 90.48
CA ILE M 144 -47.59 13.79 89.41
C ILE M 144 -48.42 15.02 89.05
N LEU M 145 -47.94 16.20 89.44
CA LEU M 145 -48.67 17.44 89.21
C LEU M 145 -50.11 17.17 89.63
N GLY M 146 -51.08 17.69 88.89
CA GLY M 146 -52.46 17.44 89.24
C GLY M 146 -53.00 16.30 88.40
N LEU M 147 -52.12 15.41 87.94
CA LEU M 147 -52.52 14.30 87.08
C LEU M 147 -52.69 12.96 87.81
N GLY M 148 -52.44 12.95 89.10
CA GLY M 148 -52.61 11.72 89.84
C GLY M 148 -51.43 10.78 89.83
N ASP M 149 -51.74 9.50 90.06
CA ASP M 149 -50.77 8.42 90.11
C ASP M 149 -50.37 7.94 88.73
N LEU M 150 -49.22 8.38 88.24
CA LEU M 150 -48.74 7.95 86.91
C LEU M 150 -47.61 6.95 87.04
N GLY M 151 -47.46 6.38 88.23
CA GLY M 151 -46.41 5.39 88.49
C GLY M 151 -45.03 5.69 87.94
N CYS M 152 -44.44 4.69 87.29
CA CYS M 152 -43.13 4.84 86.71
C CYS M 152 -43.07 5.89 85.60
N TYR M 153 -44.22 6.27 85.05
CA TYR M 153 -44.26 7.28 84.01
C TYR M 153 -43.86 8.63 84.61
N GLY M 154 -43.89 8.69 85.95
CA GLY M 154 -43.55 9.92 86.65
C GLY M 154 -42.09 10.36 86.57
N MSE M 155 -41.22 9.49 86.07
CA MSE M 155 -39.80 9.83 85.96
C MSE M 155 -39.60 11.14 85.20
O MSE M 155 -38.60 11.83 85.42
CB MSE M 155 -39.04 8.71 85.24
CG MSE M 155 -37.57 9.06 85.01
SE MSE M 155 -36.55 9.32 86.64
CE MSE M 155 -35.60 7.65 86.73
N GLY M 156 -40.54 11.47 84.34
CA GLY M 156 -40.42 12.69 83.57
C GLY M 156 -40.29 13.95 84.40
N ILE M 157 -40.83 13.91 85.62
CA ILE M 157 -40.78 15.07 86.52
C ILE M 157 -39.38 15.32 87.08
N PRO M 158 -38.75 14.29 87.67
CA PRO M 158 -37.41 14.53 88.20
C PRO M 158 -36.47 15.07 87.11
N VAL M 159 -36.64 14.55 85.90
CA VAL M 159 -35.82 14.99 84.77
C VAL M 159 -36.09 16.46 84.50
N GLY M 160 -37.36 16.85 84.53
CA GLY M 160 -37.70 18.25 84.29
C GLY M 160 -37.11 19.16 85.36
N LYS M 161 -37.33 18.81 86.62
CA LYS M 161 -36.81 19.63 87.70
C LYS M 161 -35.32 19.85 87.52
N LEU M 162 -34.57 18.77 87.32
CA LEU M 162 -33.14 18.90 87.16
C LEU M 162 -32.74 19.71 85.94
N ALA M 163 -33.58 19.71 84.91
CA ALA M 163 -33.27 20.49 83.74
C ALA M 163 -33.27 21.97 84.14
N LEU M 164 -34.15 22.32 85.07
CA LEU M 164 -34.22 23.70 85.54
C LEU M 164 -33.13 23.96 86.57
N TYR M 165 -32.73 22.93 87.30
CA TYR M 165 -31.65 23.05 88.28
C TYR M 165 -30.53 23.74 87.54
N THR M 166 -30.24 23.23 86.35
CA THR M 166 -29.18 23.76 85.51
C THR M 166 -29.56 25.02 84.77
N ALA M 167 -30.58 24.93 83.93
CA ALA M 167 -31.03 26.06 83.12
C ALA M 167 -31.33 27.31 83.93
N CYS M 168 -32.02 27.14 85.06
CA CYS M 168 -32.40 28.28 85.90
C CYS M 168 -31.51 28.57 87.10
N GLY M 169 -30.91 27.52 87.66
CA GLY M 169 -30.08 27.72 88.83
C GLY M 169 -28.58 27.80 88.57
N GLY M 170 -28.11 27.11 87.54
CA GLY M 170 -26.69 27.13 87.25
C GLY M 170 -25.99 25.96 87.91
N VAL M 171 -26.76 24.99 88.37
CA VAL M 171 -26.17 23.81 89.00
C VAL M 171 -25.61 22.93 87.89
N LYS M 172 -24.48 22.27 88.15
CA LYS M 172 -23.87 21.40 87.15
C LYS M 172 -24.71 20.15 86.92
N PRO M 173 -25.01 19.84 85.65
CA PRO M 173 -25.81 18.67 85.29
C PRO M 173 -25.23 17.36 85.77
N HIS M 174 -23.94 17.21 85.56
CA HIS M 174 -23.26 15.98 85.91
C HIS M 174 -23.28 15.60 87.40
N GLN M 175 -23.65 16.55 88.26
CA GLN M 175 -23.67 16.28 89.69
C GLN M 175 -25.08 16.03 90.24
N CYS M 176 -26.03 15.90 89.32
CA CYS M 176 -27.42 15.67 89.70
C CYS M 176 -27.92 14.31 89.25
N LEU M 177 -28.70 13.68 90.11
CA LEU M 177 -29.25 12.36 89.82
C LEU M 177 -30.76 12.28 90.05
N PRO M 178 -31.53 12.12 88.96
CA PRO M 178 -33.00 12.02 88.99
C PRO M 178 -33.34 10.57 89.35
N VAL M 179 -34.19 10.39 90.35
CA VAL M 179 -34.50 9.03 90.78
C VAL M 179 -35.98 8.71 90.81
N MSE M 180 -36.30 7.47 90.44
CA MSE M 180 -37.68 6.99 90.45
C MSE M 180 -37.75 5.77 91.37
O MSE M 180 -37.03 4.78 91.16
CB MSE M 180 -38.14 6.62 89.02
CG MSE M 180 -39.44 5.80 88.94
SE MSE M 180 -41.10 6.65 89.57
CE MSE M 180 -41.64 5.35 90.86
N LEU M 181 -38.57 5.87 92.40
CA LEU M 181 -38.77 4.77 93.37
C LEU M 181 -40.08 4.09 92.98
N ASP M 182 -40.00 3.02 92.19
CA ASP M 182 -41.21 2.33 91.77
C ASP M 182 -41.57 1.21 92.72
N VAL M 183 -42.69 1.40 93.41
CA VAL M 183 -43.18 0.41 94.35
C VAL M 183 -44.51 -0.14 93.82
N GLY M 184 -44.84 0.23 92.58
CA GLY M 184 -46.08 -0.20 91.96
C GLY M 184 -46.93 1.01 91.66
N THR M 185 -48.12 0.80 91.10
CA THR M 185 -49.02 1.89 90.77
C THR M 185 -50.45 1.42 91.06
N ASP M 186 -51.32 2.32 91.51
CA ASP M 186 -52.70 1.95 91.78
C ASP M 186 -53.59 2.37 90.63
N ASN M 187 -52.96 2.88 89.58
CA ASN M 187 -53.66 3.34 88.39
C ASN M 187 -54.02 2.15 87.51
N GLU M 188 -55.28 1.75 87.58
CA GLU M 188 -55.76 0.60 86.83
C GLU M 188 -55.55 0.76 85.33
N THR M 189 -55.55 1.99 84.86
CA THR M 189 -55.34 2.20 83.44
C THR M 189 -53.91 1.87 83.06
N LEU M 190 -52.95 2.33 83.86
CA LEU M 190 -51.55 2.04 83.56
C LEU M 190 -51.26 0.55 83.62
N LEU M 191 -51.84 -0.14 84.58
CA LEU M 191 -51.61 -1.57 84.73
C LEU M 191 -52.00 -2.35 83.47
N LYS M 192 -52.96 -1.80 82.73
CA LYS M 192 -53.44 -2.42 81.50
C LYS M 192 -52.71 -1.90 80.27
N ASP M 193 -52.12 -0.71 80.40
CA ASP M 193 -51.39 -0.07 79.29
C ASP M 193 -50.21 -0.90 78.82
N PRO M 194 -50.24 -1.37 77.56
CA PRO M 194 -49.16 -2.19 76.99
C PRO M 194 -47.81 -1.47 76.89
N LEU M 195 -47.81 -0.14 76.93
CA LEU M 195 -46.56 0.61 76.86
C LEU M 195 -46.02 0.99 78.25
N TYR M 196 -46.76 0.67 79.31
CA TYR M 196 -46.28 1.01 80.65
C TYR M 196 -44.91 0.39 80.91
N ILE M 197 -44.03 1.17 81.54
CA ILE M 197 -42.67 0.72 81.80
C ILE M 197 -42.38 0.37 83.24
N GLY M 198 -43.34 0.58 84.14
CA GLY M 198 -43.12 0.27 85.53
C GLY M 198 -43.57 -1.13 85.94
N LEU M 199 -43.55 -1.40 87.25
CA LEU M 199 -43.96 -2.70 87.76
C LEU M 199 -45.47 -2.82 87.62
N ARG M 200 -45.93 -3.94 87.08
CA ARG M 200 -47.36 -4.15 86.85
C ARG M 200 -48.12 -4.69 88.05
N HIS M 201 -48.21 -3.90 89.11
CA HIS M 201 -48.97 -4.31 90.28
C HIS M 201 -49.25 -3.13 91.19
N LYS M 202 -50.25 -3.28 92.04
CA LYS M 202 -50.66 -2.23 92.98
C LYS M 202 -49.49 -1.81 93.85
N ARG M 203 -49.48 -0.54 94.26
CA ARG M 203 -48.42 0.00 95.09
C ARG M 203 -48.25 -0.75 96.42
N ILE M 204 -47.00 -1.03 96.78
CA ILE M 204 -46.68 -1.71 98.03
C ILE M 204 -46.61 -0.60 99.07
N ARG M 205 -47.35 -0.75 100.16
CA ARG M 205 -47.34 0.28 101.19
C ARG M 205 -46.88 -0.34 102.50
N GLY M 206 -47.03 0.39 103.60
CA GLY M 206 -46.63 -0.16 104.89
C GLY M 206 -45.15 -0.17 105.21
N GLN M 207 -44.77 -1.11 106.07
CA GLN M 207 -43.40 -1.26 106.54
C GLN M 207 -42.40 -1.43 105.41
N ALA M 208 -42.79 -2.18 104.38
CA ALA M 208 -41.93 -2.44 103.23
C ALA M 208 -41.55 -1.15 102.55
N TYR M 209 -42.56 -0.30 102.35
CA TYR M 209 -42.34 0.98 101.70
C TYR M 209 -41.40 1.82 102.55
N ASP M 210 -41.67 1.87 103.85
CA ASP M 210 -40.86 2.65 104.77
C ASP M 210 -39.42 2.21 104.83
N ASP M 211 -39.19 0.90 104.81
CA ASP M 211 -37.84 0.37 104.85
C ASP M 211 -37.11 0.72 103.57
N LEU M 212 -37.80 0.66 102.44
CA LEU M 212 -37.19 0.98 101.18
C LEU M 212 -36.69 2.43 101.23
N LEU M 213 -37.54 3.34 101.69
CA LEU M 213 -37.16 4.75 101.79
C LEU M 213 -35.97 4.97 102.70
N ASP M 214 -35.95 4.27 103.83
CA ASP M 214 -34.85 4.43 104.75
C ASP M 214 -33.55 3.96 104.11
N GLU M 215 -33.57 2.80 103.46
CA GLU M 215 -32.39 2.28 102.81
C GLU M 215 -31.91 3.25 101.75
N PHE M 216 -32.85 3.83 101.00
CA PHE M 216 -32.51 4.78 99.96
C PHE M 216 -31.75 5.98 100.52
N MSE M 217 -32.23 6.51 101.63
CA MSE M 217 -31.58 7.65 102.25
C MSE M 217 -30.18 7.30 102.75
O MSE M 217 -29.22 8.03 102.54
CB MSE M 217 -32.42 8.19 103.41
CG MSE M 217 -33.77 8.77 103.02
SE MSE M 217 -33.71 10.23 101.71
CE MSE M 217 -34.89 9.52 100.41
N GLU M 218 -30.08 6.16 103.44
CA GLU M 218 -28.81 5.71 103.98
C GLU M 218 -27.81 5.46 102.85
N ALA M 219 -28.26 4.71 101.84
CA ALA M 219 -27.42 4.37 100.69
C ALA M 219 -26.84 5.59 99.98
N VAL M 220 -27.71 6.51 99.61
CA VAL M 220 -27.30 7.71 98.89
C VAL M 220 -26.35 8.58 99.67
N THR M 221 -26.59 8.74 100.97
CA THR M 221 -25.75 9.58 101.80
C THR M 221 -24.45 8.87 102.14
N SER M 222 -24.48 7.54 102.22
CA SER M 222 -23.27 6.82 102.53
C SER M 222 -22.30 6.95 101.38
N ARG M 223 -22.81 6.84 100.15
CA ARG M 223 -21.98 6.91 98.97
C ARG M 223 -21.62 8.32 98.57
N TYR M 224 -22.63 9.20 98.51
CA TYR M 224 -22.41 10.58 98.09
C TYR M 224 -22.07 11.57 99.21
N GLY M 225 -22.33 11.18 100.46
CA GLY M 225 -22.05 12.04 101.60
C GLY M 225 -23.28 12.65 102.26
N MSE M 226 -23.15 13.00 103.54
CA MSE M 226 -24.26 13.60 104.29
C MSE M 226 -24.68 14.97 103.75
O MSE M 226 -25.72 15.49 104.13
CB MSE M 226 -23.88 13.75 105.77
CG MSE M 226 -23.79 12.44 106.53
SE MSE M 226 -25.44 11.42 106.46
CE MSE M 226 -26.56 12.51 107.58
N ASN M 227 -23.86 15.54 102.87
CA ASN M 227 -24.15 16.84 102.31
C ASN M 227 -24.97 16.75 101.04
N CYS M 228 -25.23 15.52 100.59
CA CYS M 228 -26.02 15.36 99.38
C CYS M 228 -27.42 15.89 99.59
N LEU M 229 -27.85 16.76 98.68
CA LEU M 229 -29.18 17.35 98.76
C LEU M 229 -30.16 16.37 98.13
N ILE M 230 -31.23 16.06 98.87
CA ILE M 230 -32.27 15.13 98.41
C ILE M 230 -33.60 15.87 98.37
N GLN M 231 -34.11 16.14 97.17
CA GLN M 231 -35.38 16.86 97.00
C GLN M 231 -36.53 15.91 96.68
N PHE M 232 -37.53 15.85 97.55
CA PHE M 232 -38.67 14.98 97.27
C PHE M 232 -39.65 15.69 96.38
N GLU M 233 -40.10 14.97 95.36
CA GLU M 233 -41.04 15.52 94.40
C GLU M 233 -42.24 14.63 94.11
N ASP M 234 -43.42 15.24 94.11
CA ASP M 234 -44.66 14.53 93.78
C ASP M 234 -44.97 13.22 94.49
N PHE M 235 -44.86 13.20 95.81
CA PHE M 235 -45.21 11.99 96.55
C PHE M 235 -46.65 12.23 97.03
N ALA M 236 -47.40 11.17 97.32
CA ALA M 236 -48.76 11.38 97.78
C ALA M 236 -48.73 12.10 99.11
N ASN M 237 -49.84 12.74 99.45
CA ASN M 237 -49.99 13.52 100.67
C ASN M 237 -49.40 12.95 101.97
N ALA M 238 -49.91 11.79 102.40
CA ALA M 238 -49.44 11.18 103.63
C ALA M 238 -47.93 10.95 103.64
N ASN M 239 -47.43 10.20 102.66
CA ASN M 239 -46.01 9.91 102.55
C ASN M 239 -45.21 11.22 102.51
N ALA M 240 -45.68 12.18 101.73
CA ALA M 240 -45.01 13.47 101.57
C ALA M 240 -44.69 14.13 102.91
N PHE M 241 -45.70 14.26 103.77
CA PHE M 241 -45.46 14.91 105.05
C PHE M 241 -44.64 14.07 106.02
N ARG M 242 -44.93 12.79 106.14
CA ARG M 242 -44.16 12.01 107.11
C ARG M 242 -42.71 11.76 106.72
N LEU M 243 -42.44 11.69 105.41
CA LEU M 243 -41.07 11.49 104.95
C LEU M 243 -40.27 12.75 105.27
N LEU M 244 -40.87 13.92 105.01
CA LEU M 244 -40.20 15.19 105.30
C LEU M 244 -39.88 15.29 106.80
N HIS M 245 -40.89 15.09 107.64
CA HIS M 245 -40.67 15.17 109.09
C HIS M 245 -39.65 14.15 109.55
N LYS M 246 -39.65 12.97 108.93
CA LYS M 246 -38.74 11.91 109.32
C LYS M 246 -37.27 12.16 109.01
N TYR M 247 -36.99 12.76 107.85
CA TYR M 247 -35.62 12.99 107.41
C TYR M 247 -35.13 14.44 107.52
N ARG M 248 -36.09 15.36 107.61
CA ARG M 248 -35.83 16.79 107.72
C ARG M 248 -34.56 17.19 108.50
N ASN M 249 -34.42 16.66 109.71
CA ASN M 249 -33.29 17.00 110.60
C ASN M 249 -32.16 16.01 110.56
N LYS M 250 -32.37 14.90 109.85
CA LYS M 250 -31.37 13.87 109.76
C LYS M 250 -30.46 14.05 108.57
N TYR M 251 -31.04 14.37 107.41
CA TYR M 251 -30.25 14.53 106.20
C TYR M 251 -30.44 15.91 105.63
N CYS M 252 -29.83 16.17 104.48
CA CYS M 252 -29.97 17.46 103.83
C CYS M 252 -31.09 17.27 102.83
N THR M 253 -32.32 17.53 103.25
CA THR M 253 -33.44 17.30 102.37
C THR M 253 -34.60 18.25 102.61
N PHE M 254 -35.57 18.21 101.70
CA PHE M 254 -36.76 19.06 101.78
C PHE M 254 -37.72 18.63 100.68
N ASN M 255 -39.00 18.92 100.87
CA ASN M 255 -40.01 18.56 99.87
C ASN M 255 -40.34 19.78 99.03
N ASP M 256 -40.21 19.64 97.73
CA ASP M 256 -40.48 20.74 96.82
C ASP M 256 -41.96 21.18 96.81
N ASP M 257 -42.86 20.20 96.86
CA ASP M 257 -44.30 20.44 96.82
C ASP M 257 -44.84 21.14 98.06
N ILE M 258 -44.25 20.85 99.20
CA ILE M 258 -44.71 21.45 100.44
C ILE M 258 -44.00 22.75 100.75
N GLN M 259 -42.69 22.73 100.63
CA GLN M 259 -41.89 23.88 100.97
C GLN M 259 -41.58 24.83 99.83
N GLY M 260 -41.14 24.28 98.71
CA GLY M 260 -40.81 25.11 97.57
C GLY M 260 -41.99 25.93 97.12
N THR M 261 -43.17 25.32 97.13
CA THR M 261 -44.40 25.99 96.71
C THR M 261 -44.73 27.12 97.67
N ALA M 262 -44.60 26.81 98.96
CA ALA M 262 -44.88 27.76 100.00
C ALA M 262 -44.00 28.99 99.77
N SER M 263 -42.72 28.74 99.51
CA SER M 263 -41.77 29.83 99.28
C SER M 263 -42.16 30.76 98.15
N VAL M 264 -42.49 30.19 96.98
CA VAL M 264 -42.87 31.01 95.83
C VAL M 264 -44.22 31.70 96.03
N ALA M 265 -45.14 31.01 96.69
CA ALA M 265 -46.46 31.57 96.96
C ALA M 265 -46.37 32.78 97.89
N VAL M 266 -45.54 32.69 98.92
CA VAL M 266 -45.38 33.80 99.86
C VAL M 266 -44.62 34.94 99.16
N ALA M 267 -43.69 34.58 98.28
CA ALA M 267 -42.92 35.58 97.55
C ALA M 267 -43.88 36.49 96.77
N GLY M 268 -44.87 35.88 96.11
CA GLY M 268 -45.84 36.63 95.33
C GLY M 268 -46.70 37.56 96.16
N LEU M 269 -47.14 37.04 97.30
CA LEU M 269 -47.97 37.83 98.23
C LEU M 269 -47.17 39.04 98.72
N LEU M 270 -45.91 38.78 99.07
CA LEU M 270 -45.02 39.84 99.53
C LEU M 270 -44.94 40.92 98.47
N ALA M 271 -44.88 40.51 97.22
CA ALA M 271 -44.81 41.46 96.13
C ALA M 271 -46.17 42.13 95.92
N ALA M 272 -47.24 41.36 96.04
CA ALA M 272 -48.57 41.92 95.86
C ALA M 272 -48.88 43.04 96.85
N LEU M 273 -48.27 42.97 98.03
CA LEU M 273 -48.51 43.99 99.08
C LEU M 273 -48.17 45.39 98.60
N ARG M 274 -47.32 45.47 97.59
CA ARG M 274 -46.90 46.76 97.08
C ARG M 274 -47.92 47.29 96.09
N ILE M 275 -48.96 46.50 95.87
CA ILE M 275 -50.03 46.89 94.99
C ILE M 275 -51.27 47.14 95.83
N THR M 276 -51.55 46.22 96.75
CA THR M 276 -52.71 46.33 97.61
C THR M 276 -52.48 47.37 98.71
N LYS M 277 -51.25 47.84 98.81
CA LYS M 277 -50.90 48.86 99.80
C LYS M 277 -51.27 48.55 101.25
N ASN M 278 -51.05 47.32 101.67
CA ASN M 278 -51.35 46.92 103.05
C ASN M 278 -50.34 45.92 103.60
N ARG M 279 -50.53 45.49 104.84
CA ARG M 279 -49.64 44.53 105.48
C ARG M 279 -50.19 43.12 105.23
N LEU M 280 -49.33 42.12 105.26
CA LEU M 280 -49.78 40.75 105.04
C LEU M 280 -50.76 40.36 106.13
N SER M 281 -50.57 40.94 107.32
CA SER M 281 -51.43 40.67 108.46
C SER M 281 -52.83 41.20 108.28
N ASP M 282 -53.04 42.00 107.24
CA ASP M 282 -54.35 42.57 106.98
C ASP M 282 -55.23 41.68 106.09
N HIS M 283 -54.64 40.71 105.41
CA HIS M 283 -55.37 39.81 104.50
C HIS M 283 -56.11 38.66 105.16
N THR M 284 -56.98 38.04 104.37
CA THR M 284 -57.72 36.86 104.78
C THR M 284 -57.59 35.92 103.59
N VAL M 285 -56.87 34.83 103.79
CA VAL M 285 -56.61 33.87 102.72
C VAL M 285 -57.54 32.68 102.72
N LEU M 286 -58.01 32.32 101.53
CA LEU M 286 -58.89 31.17 101.36
C LEU M 286 -58.20 30.18 100.43
N PHE M 287 -58.07 28.93 100.87
CA PHE M 287 -57.42 27.91 100.05
C PHE M 287 -58.41 26.91 99.45
N GLN M 288 -58.32 26.68 98.14
CA GLN M 288 -59.16 25.71 97.48
C GLN M 288 -58.24 24.50 97.51
N GLY M 289 -58.41 23.66 98.52
CA GLY M 289 -57.56 22.49 98.67
C GLY M 289 -56.89 22.59 100.02
N ALA M 290 -56.48 21.47 100.60
CA ALA M 290 -55.85 21.50 101.91
C ALA M 290 -54.78 20.44 102.04
N GLY M 291 -54.01 20.26 100.97
CA GLY M 291 -52.96 19.27 100.98
C GLY M 291 -51.56 19.82 101.09
N GLU M 292 -50.60 19.08 100.57
CA GLU M 292 -49.21 19.46 100.59
C GLU M 292 -49.00 20.95 100.33
N ALA M 293 -49.44 21.44 99.17
CA ALA M 293 -49.26 22.85 98.83
C ALA M 293 -50.02 23.79 99.76
N ALA M 294 -51.28 23.51 100.01
CA ALA M 294 -52.08 24.36 100.88
C ALA M 294 -51.48 24.45 102.28
N LEU M 295 -51.25 23.30 102.89
CA LEU M 295 -50.69 23.28 104.23
C LEU M 295 -49.33 23.96 104.31
N GLY M 296 -48.49 23.73 103.30
CA GLY M 296 -47.17 24.33 103.29
C GLY M 296 -47.25 25.84 103.18
N ILE M 297 -47.95 26.31 102.15
CA ILE M 297 -48.13 27.73 101.90
C ILE M 297 -48.73 28.44 103.10
N ALA M 298 -49.71 27.82 103.74
CA ALA M 298 -50.36 28.41 104.89
C ALA M 298 -49.35 28.59 106.02
N ASN M 299 -48.51 27.58 106.23
CA ASN M 299 -47.47 27.62 107.25
C ASN M 299 -46.53 28.81 107.02
N LEU M 300 -45.99 28.94 105.81
CA LEU M 300 -45.09 30.06 105.54
C LEU M 300 -45.81 31.40 105.65
N ILE M 301 -47.09 31.42 105.29
CA ILE M 301 -47.83 32.65 105.39
C ILE M 301 -47.90 33.07 106.86
N VAL M 302 -48.14 32.08 107.74
CA VAL M 302 -48.22 32.36 109.17
C VAL M 302 -46.91 32.94 109.67
N MSE M 303 -45.80 32.33 109.26
CA MSE M 303 -44.48 32.79 109.67
C MSE M 303 -44.23 34.21 109.18
O MSE M 303 -43.73 35.05 109.93
CB MSE M 303 -43.40 31.86 109.11
CG MSE M 303 -43.27 30.58 109.87
SE MSE M 303 -41.86 29.48 109.16
CE MSE M 303 -40.32 30.52 109.68
N ALA M 304 -44.60 34.50 107.94
CA ALA M 304 -44.40 35.81 107.38
C ALA M 304 -45.19 36.86 108.16
N MSE M 305 -46.42 36.53 108.54
CA MSE M 305 -47.28 37.44 109.30
C MSE M 305 -46.70 37.69 110.68
O MSE M 305 -46.72 38.82 111.15
CB MSE M 305 -48.70 36.89 109.42
CG MSE M 305 -49.51 36.84 108.12
SE MSE M 305 -51.35 36.23 108.34
CE MSE M 305 -51.03 34.37 108.61
N GLN M 306 -46.18 36.67 111.33
CA GLN M 306 -45.60 36.84 112.67
C GLN M 306 -44.45 37.82 112.58
N LYS M 307 -43.68 37.70 111.50
CA LYS M 307 -42.54 38.55 111.28
C LYS M 307 -43.00 39.99 111.28
N GLU M 308 -44.27 40.21 110.93
CA GLU M 308 -44.82 41.57 110.90
C GLU M 308 -45.19 42.06 112.30
N GLY M 309 -45.12 41.17 113.28
CA GLY M 309 -45.45 41.56 114.65
C GLY M 309 -46.72 40.94 115.20
N VAL M 310 -47.45 40.23 114.35
CA VAL M 310 -48.69 39.61 114.78
C VAL M 310 -48.40 38.28 115.46
N SER M 311 -49.30 37.87 116.37
CA SER M 311 -49.12 36.61 117.09
C SER M 311 -49.44 35.43 116.18
N LYS M 312 -48.92 34.26 116.51
CA LYS M 312 -49.19 33.07 115.69
C LYS M 312 -50.69 32.80 115.63
N GLU M 313 -51.38 32.97 116.76
CA GLU M 313 -52.83 32.74 116.83
C GLU M 313 -53.59 33.68 115.90
N GLU M 314 -53.30 34.97 115.98
CA GLU M 314 -53.96 35.97 115.16
C GLU M 314 -53.76 35.63 113.67
N ALA M 315 -52.55 35.20 113.35
CA ALA M 315 -52.21 34.84 111.98
C ALA M 315 -53.06 33.69 111.49
N ILE M 316 -53.06 32.59 112.23
CA ILE M 316 -53.82 31.41 111.85
C ILE M 316 -55.31 31.71 111.64
N LYS M 317 -55.82 32.73 112.33
CA LYS M 317 -57.22 33.12 112.21
C LYS M 317 -57.55 33.66 110.84
N ARG M 318 -56.55 34.15 110.13
CA ARG M 318 -56.80 34.72 108.80
C ARG M 318 -56.71 33.69 107.66
N ILE M 319 -56.52 32.42 108.01
CA ILE M 319 -56.39 31.39 107.00
C ILE M 319 -57.51 30.34 107.00
N TRP M 320 -58.22 30.25 105.88
CA TRP M 320 -59.31 29.28 105.74
C TRP M 320 -59.01 28.30 104.63
N MSE M 321 -59.50 27.08 104.79
CA MSE M 321 -59.27 26.07 103.79
C MSE M 321 -60.51 25.28 103.43
O MSE M 321 -61.41 25.09 104.25
CB MSE M 321 -58.20 25.09 104.27
CG MSE M 321 -56.79 25.56 104.07
SE MSE M 321 -55.57 24.30 104.86
CE MSE M 321 -54.29 25.54 105.57
N VAL M 322 -60.53 24.78 102.19
CA VAL M 322 -61.64 23.97 101.72
C VAL M 322 -61.04 22.70 101.15
N ASP M 323 -61.54 21.54 101.58
CA ASP M 323 -61.05 20.28 101.06
C ASP M 323 -62.17 19.55 100.30
N SER M 324 -61.93 18.30 99.92
CA SER M 324 -62.92 17.51 99.18
C SER M 324 -64.29 17.42 99.87
N LYS M 325 -64.31 17.52 101.19
CA LYS M 325 -65.57 17.43 101.92
C LYS M 325 -66.20 18.80 102.14
N GLY M 326 -65.48 19.86 101.81
CA GLY M 326 -65.99 21.21 101.98
C GLY M 326 -65.13 22.08 102.87
N LEU M 327 -65.67 23.20 103.34
CA LEU M 327 -64.95 24.13 104.21
C LEU M 327 -64.49 23.42 105.47
N ILE M 328 -63.27 23.69 105.91
CA ILE M 328 -62.77 23.06 107.11
C ILE M 328 -63.14 23.93 108.30
N VAL M 329 -64.05 23.42 109.13
CA VAL M 329 -64.52 24.14 110.30
C VAL M 329 -64.46 23.31 111.59
N LYS M 330 -64.35 24.01 112.71
CA LYS M 330 -64.29 23.41 114.04
C LYS M 330 -65.29 22.27 114.20
N GLY M 331 -64.82 21.10 114.63
CA GLY M 331 -65.74 19.99 114.84
C GLY M 331 -66.37 19.35 113.61
N ARG M 332 -65.80 19.59 112.43
CA ARG M 332 -66.30 19.00 111.19
C ARG M 332 -65.77 17.56 111.20
N ALA M 333 -66.38 16.69 110.40
CA ALA M 333 -65.95 15.29 110.32
C ALA M 333 -64.81 15.16 109.30
N SER M 334 -64.05 14.08 109.34
CA SER M 334 -62.97 13.87 108.38
C SER M 334 -61.94 15.02 108.43
N LEU M 335 -61.32 15.19 109.60
CA LEU M 335 -60.30 16.23 109.80
C LEU M 335 -58.98 15.60 110.23
N THR M 336 -57.88 16.18 109.76
CA THR M 336 -56.54 15.73 110.06
C THR M 336 -56.00 16.65 111.15
N PRO M 337 -55.04 16.17 111.96
CA PRO M 337 -54.52 17.08 112.98
C PRO M 337 -53.99 18.33 112.29
N GLU M 338 -53.41 18.16 111.11
CA GLU M 338 -52.88 19.29 110.36
C GLU M 338 -54.01 20.19 109.88
N LYS M 339 -55.14 19.60 109.50
CA LYS M 339 -56.27 20.39 109.04
C LYS M 339 -57.00 21.05 110.21
N GLU M 340 -57.09 20.35 111.33
CA GLU M 340 -57.78 20.91 112.50
C GLU M 340 -57.10 22.21 112.93
N HIS M 341 -55.87 22.40 112.47
CA HIS M 341 -55.09 23.59 112.79
C HIS M 341 -55.77 24.85 112.30
N PHE M 342 -56.47 24.75 111.18
CA PHE M 342 -57.16 25.89 110.59
C PHE M 342 -58.67 25.77 110.65
N ALA M 343 -59.17 24.86 111.49
CA ALA M 343 -60.60 24.69 111.64
C ALA M 343 -61.14 25.82 112.52
N HIS M 344 -61.90 26.73 111.93
CA HIS M 344 -62.44 27.84 112.70
C HIS M 344 -63.90 27.62 113.05
N GLU M 345 -64.40 28.36 114.04
CA GLU M 345 -65.81 28.29 114.43
C GLU M 345 -66.56 28.82 113.20
N HIS M 346 -67.43 28.01 112.63
CA HIS M 346 -68.19 28.42 111.46
C HIS M 346 -69.10 27.27 111.07
N CYS M 347 -70.19 27.56 110.39
CA CYS M 347 -71.09 26.50 109.97
C CYS M 347 -70.48 25.77 108.78
N GLU M 348 -70.81 24.50 108.61
CA GLU M 348 -70.27 23.73 107.50
C GLU M 348 -70.81 24.25 106.16
N MSE M 349 -69.97 24.24 105.13
CA MSE M 349 -70.35 24.68 103.79
C MSE M 349 -69.66 23.79 102.77
O MSE M 349 -68.58 23.27 103.02
CB MSE M 349 -69.93 26.13 103.56
CG MSE M 349 -70.78 27.18 104.25
SE MSE M 349 -70.20 29.01 103.86
CE MSE M 349 -70.98 29.25 102.15
N LYS M 350 -70.28 23.59 101.62
CA LYS M 350 -69.71 22.74 100.60
C LYS M 350 -69.44 23.48 99.30
N ASN M 351 -70.36 24.37 98.93
CA ASN M 351 -70.25 25.13 97.71
C ASN M 351 -69.16 26.21 97.78
N LEU M 352 -68.20 26.14 96.87
CA LEU M 352 -67.09 27.08 96.85
C LEU M 352 -67.50 28.53 96.67
N GLU M 353 -68.47 28.79 95.81
CA GLU M 353 -68.90 30.16 95.60
C GLU M 353 -69.54 30.74 96.84
N ASP M 354 -70.36 29.94 97.53
CA ASP M 354 -71.02 30.41 98.74
C ASP M 354 -69.95 30.69 99.78
N ILE M 355 -68.95 29.82 99.84
CA ILE M 355 -67.84 29.96 100.77
C ILE M 355 -67.08 31.25 100.51
N VAL M 356 -66.92 31.60 99.24
CA VAL M 356 -66.23 32.82 98.87
C VAL M 356 -67.05 34.03 99.31
N LYS M 357 -68.37 33.96 99.16
CA LYS M 357 -69.25 35.07 99.54
C LYS M 357 -69.28 35.26 101.06
N ASP M 358 -69.25 34.15 101.77
CA ASP M 358 -69.27 34.21 103.21
C ASP M 358 -67.96 34.76 103.76
N ILE M 359 -66.87 34.04 103.52
CA ILE M 359 -65.54 34.43 104.00
C ILE M 359 -65.03 35.76 103.47
N LYS M 360 -65.49 36.13 102.28
CA LYS M 360 -65.03 37.37 101.66
C LYS M 360 -63.53 37.57 101.90
N PRO M 361 -62.69 36.70 101.32
CA PRO M 361 -61.23 36.77 101.45
C PRO M 361 -60.57 37.83 100.54
N THR M 362 -59.32 38.16 100.82
CA THR M 362 -58.60 39.14 100.01
C THR M 362 -57.65 38.39 99.06
N VAL M 363 -57.37 37.14 99.41
CA VAL M 363 -56.50 36.26 98.64
C VAL M 363 -57.17 34.90 98.43
N LEU M 364 -57.25 34.46 97.17
CA LEU M 364 -57.86 33.17 96.83
C LEU M 364 -56.78 32.30 96.20
N ILE M 365 -56.35 31.25 96.90
CA ILE M 365 -55.32 30.39 96.35
C ILE M 365 -55.86 29.01 95.95
N GLY M 366 -55.68 28.67 94.68
CA GLY M 366 -56.15 27.39 94.19
C GLY M 366 -55.07 26.32 94.10
N VAL M 367 -55.22 25.27 94.90
CA VAL M 367 -54.24 24.19 94.90
C VAL M 367 -54.89 22.84 95.11
N ALA M 368 -55.98 22.58 94.38
CA ALA M 368 -56.68 21.31 94.49
C ALA M 368 -56.81 20.61 93.13
N ALA M 369 -56.18 21.19 92.11
CA ALA M 369 -56.19 20.61 90.79
C ALA M 369 -57.59 20.56 90.19
N ILE M 370 -58.42 21.52 90.57
CA ILE M 370 -59.78 21.57 90.07
C ILE M 370 -59.94 22.49 88.88
N GLY M 371 -60.04 21.86 87.73
CA GLY M 371 -60.24 22.53 86.45
C GLY M 371 -60.50 24.02 86.45
N GLY M 372 -61.75 24.42 86.33
CA GLY M 372 -62.04 25.84 86.33
C GLY M 372 -62.77 26.27 87.59
N ALA M 373 -62.25 25.84 88.74
CA ALA M 373 -62.86 26.15 90.02
C ALA M 373 -63.19 27.61 90.21
N PHE M 374 -62.33 28.49 89.69
CA PHE M 374 -62.54 29.92 89.84
C PHE M 374 -63.43 30.49 88.74
N THR M 375 -64.70 30.12 88.80
CA THR M 375 -65.69 30.57 87.83
C THR M 375 -65.80 32.08 87.73
N GLN M 376 -66.57 32.52 86.76
CA GLN M 376 -66.81 33.93 86.52
C GLN M 376 -67.47 34.54 87.75
N GLN M 377 -68.39 33.79 88.34
CA GLN M 377 -69.12 34.23 89.52
C GLN M 377 -68.15 34.46 90.68
N ILE M 378 -67.28 33.49 90.93
CA ILE M 378 -66.30 33.60 92.00
C ILE M 378 -65.39 34.81 91.75
N LEU M 379 -64.89 34.93 90.54
CA LEU M 379 -64.01 36.03 90.17
C LEU M 379 -64.68 37.39 90.31
N GLN M 380 -65.96 37.48 89.96
CA GLN M 380 -66.64 38.76 90.07
C GLN M 380 -66.80 39.12 91.53
N ASP M 381 -67.13 38.12 92.33
CA ASP M 381 -67.30 38.30 93.77
C ASP M 381 -66.00 38.86 94.36
N MSE M 382 -64.88 38.28 93.96
CA MSE M 382 -63.58 38.70 94.45
C MSE M 382 -63.30 40.15 94.09
O MSE M 382 -62.68 40.88 94.85
CB MSE M 382 -62.45 37.82 93.89
CG MSE M 382 -62.36 36.44 94.50
SE MSE M 382 -62.10 36.45 96.42
CE MSE M 382 -60.25 36.99 96.49
N ALA M 383 -63.77 40.56 92.91
CA ALA M 383 -63.58 41.93 92.46
C ALA M 383 -64.65 42.85 93.08
N ALA M 384 -65.60 42.25 93.78
CA ALA M 384 -66.66 43.01 94.43
C ALA M 384 -66.28 43.32 95.86
N PHE M 385 -65.71 42.34 96.58
CA PHE M 385 -65.31 42.54 97.98
C PHE M 385 -63.90 43.13 98.12
N ASN M 386 -63.13 43.14 97.05
CA ASN M 386 -61.77 43.68 97.13
C ASN M 386 -61.52 44.70 96.03
N LYS M 387 -60.73 45.71 96.37
CA LYS M 387 -60.38 46.75 95.41
C LYS M 387 -59.47 46.05 94.38
N ARG M 388 -58.47 45.34 94.88
CA ARG M 388 -57.55 44.60 94.02
C ARG M 388 -57.38 43.19 94.57
N PRO M 389 -58.28 42.27 94.22
CA PRO M 389 -58.19 40.90 94.72
C PRO M 389 -56.96 40.16 94.19
N ILE M 390 -56.41 39.27 95.00
CA ILE M 390 -55.26 38.49 94.60
C ILE M 390 -55.73 37.06 94.33
N ILE M 391 -55.55 36.63 93.09
CA ILE M 391 -55.95 35.29 92.65
C ILE M 391 -54.75 34.47 92.22
N PHE M 392 -54.56 33.32 92.85
CA PHE M 392 -53.46 32.41 92.54
C PHE M 392 -54.00 31.07 92.06
N ALA M 393 -53.96 30.83 90.75
CA ALA M 393 -54.42 29.57 90.17
C ALA M 393 -53.13 28.75 90.10
N LEU M 394 -52.81 28.06 91.18
CA LEU M 394 -51.55 27.32 91.24
C LEU M 394 -51.48 25.92 90.69
N SER M 395 -52.61 25.24 90.52
CA SER M 395 -52.60 23.85 90.04
C SER M 395 -51.98 23.65 88.66
N ASN M 396 -51.27 22.54 88.52
CA ASN M 396 -50.61 22.18 87.27
C ASN M 396 -51.11 20.82 86.80
N PRO M 397 -51.06 20.57 85.49
CA PRO M 397 -50.57 21.49 84.47
C PRO M 397 -51.65 22.52 84.08
N THR M 398 -51.47 23.19 82.94
CA THR M 398 -52.43 24.19 82.49
C THR M 398 -53.90 23.77 82.50
N SER M 399 -54.17 22.51 82.18
CA SER M 399 -55.53 22.00 82.13
C SER M 399 -56.18 21.91 83.50
N LYS M 400 -55.38 22.01 84.55
CA LYS M 400 -55.92 21.96 85.90
C LYS M 400 -56.00 23.33 86.55
N ALA M 401 -55.52 24.37 85.87
CA ALA M 401 -55.53 25.73 86.41
C ALA M 401 -56.92 26.18 86.84
N GLU M 402 -57.05 26.66 88.07
CA GLU M 402 -58.34 27.12 88.58
C GLU M 402 -58.97 28.15 87.64
N CYS M 403 -58.16 28.80 86.82
CA CYS M 403 -58.70 29.74 85.85
C CYS M 403 -57.57 30.32 85.00
N THR M 404 -57.94 30.98 83.92
CA THR M 404 -56.99 31.58 82.97
C THR M 404 -56.69 33.04 83.28
N ALA M 405 -55.52 33.51 82.80
CA ALA M 405 -55.16 34.90 83.00
C ALA M 405 -56.27 35.72 82.34
N GLU M 406 -56.62 35.34 81.12
CA GLU M 406 -57.67 36.04 80.39
C GLU M 406 -58.93 36.16 81.24
N GLN M 407 -59.39 35.03 81.76
CA GLN M 407 -60.60 35.01 82.57
C GLN M 407 -60.47 35.84 83.84
N LEU M 408 -59.29 35.76 84.47
CA LEU M 408 -59.02 36.50 85.69
C LEU M 408 -59.21 37.99 85.44
N TYR M 409 -58.50 38.51 84.45
CA TYR M 409 -58.56 39.93 84.12
C TYR M 409 -59.91 40.38 83.56
N LYS M 410 -60.62 39.48 82.90
CA LYS M 410 -61.91 39.84 82.34
C LYS M 410 -62.97 39.95 83.41
N TYR M 411 -63.08 38.95 84.26
CA TYR M 411 -64.08 38.96 85.31
C TYR M 411 -63.77 39.76 86.56
N THR M 412 -62.56 40.32 86.66
CA THR M 412 -62.24 41.15 87.81
C THR M 412 -62.01 42.55 87.26
N GLU M 413 -62.61 42.81 86.10
CA GLU M 413 -62.52 44.10 85.42
C GLU M 413 -61.11 44.67 85.39
N GLY M 414 -60.12 43.79 85.24
CA GLY M 414 -58.74 44.22 85.17
C GLY M 414 -58.14 44.64 86.50
N ARG M 415 -58.83 44.35 87.59
CA ARG M 415 -58.31 44.73 88.89
C ARG M 415 -57.72 43.58 89.65
N GLY M 416 -57.95 42.36 89.15
CA GLY M 416 -57.42 41.19 89.83
C GLY M 416 -55.92 41.04 89.64
N ILE M 417 -55.21 40.68 90.71
CA ILE M 417 -53.76 40.45 90.66
C ILE M 417 -53.65 38.95 90.50
N PHE M 418 -53.17 38.52 89.33
CA PHE M 418 -53.07 37.09 89.03
C PHE M 418 -51.66 36.49 89.05
N ALA M 419 -51.63 35.17 89.20
CA ALA M 419 -50.41 34.39 89.20
C ALA M 419 -50.89 32.94 89.08
N SER M 420 -50.16 32.13 88.33
CA SER M 420 -50.51 30.73 88.12
C SER M 420 -49.29 29.83 88.11
N GLY M 421 -49.53 28.54 88.30
CA GLY M 421 -48.44 27.58 88.31
C GLY M 421 -47.92 27.31 86.91
N SER M 422 -48.84 27.31 85.95
CA SER M 422 -48.49 27.08 84.56
C SER M 422 -48.60 28.41 83.82
N PRO M 423 -47.74 28.63 82.83
CA PRO M 423 -47.65 29.84 81.99
C PRO M 423 -48.86 30.23 81.14
N PHE M 424 -49.18 31.54 81.15
CA PHE M 424 -50.26 32.11 80.34
C PHE M 424 -49.66 33.28 79.58
N ASP M 425 -50.12 33.50 78.35
CA ASP M 425 -49.59 34.60 77.55
C ASP M 425 -50.05 35.95 78.10
N PRO M 426 -49.35 37.03 77.71
CA PRO M 426 -49.72 38.37 78.18
C PRO M 426 -51.13 38.68 77.76
N VAL M 427 -51.80 39.52 78.54
CA VAL M 427 -53.16 39.91 78.24
C VAL M 427 -53.24 41.41 78.05
N THR M 428 -53.96 41.83 77.02
CA THR M 428 -54.13 43.25 76.77
C THR M 428 -55.55 43.56 77.17
N LEU M 429 -55.70 44.36 78.22
CA LEU M 429 -57.03 44.73 78.69
C LEU M 429 -57.67 45.65 77.67
N PRO M 430 -59.00 45.84 77.76
CA PRO M 430 -59.71 46.71 76.83
C PRO M 430 -59.21 48.14 76.93
N SER M 431 -58.52 48.46 78.03
CA SER M 431 -57.98 49.80 78.19
C SER M 431 -56.73 49.96 77.32
N GLY M 432 -56.23 48.83 76.80
CA GLY M 432 -55.05 48.86 75.96
C GLY M 432 -53.79 48.42 76.70
N GLN M 433 -53.85 48.45 78.02
CA GLN M 433 -52.72 48.06 78.86
C GLN M 433 -52.48 46.57 78.72
N THR M 434 -51.21 46.18 78.74
CA THR M 434 -50.85 44.78 78.62
C THR M 434 -50.31 44.31 79.96
N LEU M 435 -50.88 43.22 80.48
CA LEU M 435 -50.45 42.66 81.75
C LEU M 435 -49.75 41.35 81.49
N TYR M 436 -48.65 41.11 82.19
CA TYR M 436 -47.88 39.88 82.03
C TYR M 436 -48.00 39.01 83.29
N PRO M 437 -49.03 38.15 83.37
CA PRO M 437 -49.24 37.27 84.53
C PRO M 437 -48.00 36.49 84.94
N GLY M 438 -47.67 36.59 86.23
CA GLY M 438 -46.52 35.89 86.77
C GLY M 438 -46.75 34.42 86.98
N GLN M 439 -45.67 33.65 87.06
CA GLN M 439 -45.80 32.23 87.22
C GLN M 439 -45.37 31.78 88.60
N GLY M 440 -46.33 31.60 89.51
CA GLY M 440 -46.00 31.16 90.85
C GLY M 440 -45.76 29.65 90.84
N ASN M 441 -44.54 29.25 90.49
CA ASN M 441 -44.15 27.86 90.42
C ASN M 441 -42.86 27.70 91.22
N ASN M 442 -42.65 26.56 91.86
CA ASN M 442 -41.46 26.37 92.66
C ASN M 442 -40.17 26.46 91.84
N SER M 443 -40.30 26.51 90.51
CA SER M 443 -39.13 26.64 89.65
C SER M 443 -38.38 27.91 90.03
N TYR M 444 -39.04 28.82 90.73
CA TYR M 444 -38.41 30.08 91.16
C TYR M 444 -37.67 29.87 92.46
N VAL M 445 -37.83 28.70 93.07
CA VAL M 445 -37.20 28.45 94.34
C VAL M 445 -36.20 27.30 94.42
N PHE M 446 -36.55 26.11 93.96
CA PHE M 446 -35.63 24.99 94.09
C PHE M 446 -34.27 25.16 93.40
N PRO M 447 -34.21 25.84 92.24
CA PRO M 447 -32.91 26.02 91.58
C PRO M 447 -31.92 26.75 92.49
N GLY M 448 -32.33 27.94 92.95
CA GLY M 448 -31.50 28.73 93.84
C GLY M 448 -31.24 28.05 95.16
N VAL M 449 -32.26 27.45 95.78
CA VAL M 449 -32.03 26.77 97.04
C VAL M 449 -30.94 25.73 96.83
N ALA M 450 -31.06 24.95 95.76
CA ALA M 450 -30.08 23.93 95.43
C ALA M 450 -28.68 24.51 95.29
N LEU M 451 -28.56 25.57 94.47
CA LEU M 451 -27.28 26.21 94.25
C LEU M 451 -26.73 26.62 95.61
N GLY M 452 -27.60 27.18 96.44
CA GLY M 452 -27.18 27.61 97.76
C GLY M 452 -26.71 26.49 98.66
N VAL M 453 -27.58 25.52 98.92
CA VAL M 453 -27.23 24.40 99.77
C VAL M 453 -25.93 23.72 99.33
N ILE M 454 -25.85 23.40 98.04
CA ILE M 454 -24.67 22.75 97.51
C ILE M 454 -23.40 23.59 97.65
N SER M 455 -23.54 24.90 97.47
CA SER M 455 -22.38 25.77 97.58
C SER M 455 -21.79 25.83 98.99
N CYS M 456 -22.62 26.07 100.00
CA CYS M 456 -22.11 26.18 101.36
C CYS M 456 -22.22 24.88 102.15
N GLY M 457 -22.95 23.92 101.61
CA GLY M 457 -23.11 22.65 102.31
C GLY M 457 -23.99 22.76 103.55
N LEU M 458 -25.13 23.44 103.40
CA LEU M 458 -26.06 23.57 104.51
C LEU M 458 -26.50 22.16 104.90
N LYS M 459 -26.23 21.76 106.13
CA LYS M 459 -26.57 20.42 106.61
C LYS M 459 -28.05 20.10 106.58
N HIS M 460 -28.88 21.02 107.07
CA HIS M 460 -30.31 20.80 107.08
C HIS M 460 -31.06 22.06 106.70
N ILE M 461 -32.18 21.88 106.00
CA ILE M 461 -32.95 23.02 105.55
C ILE M 461 -34.16 23.29 106.42
N GLY M 462 -34.15 24.42 107.13
CA GLY M 462 -35.26 24.80 107.98
C GLY M 462 -36.23 25.71 107.26
N ASP M 463 -37.44 25.85 107.78
CA ASP M 463 -38.45 26.69 107.15
C ASP M 463 -37.97 28.11 106.90
N ASP M 464 -37.12 28.59 107.80
CA ASP M 464 -36.55 29.93 107.70
C ASP M 464 -35.91 30.14 106.33
N VAL M 465 -35.24 29.11 105.82
CA VAL M 465 -34.59 29.19 104.51
C VAL M 465 -35.58 29.59 103.43
N PHE M 466 -36.78 29.00 103.48
CA PHE M 466 -37.80 29.30 102.48
C PHE M 466 -38.44 30.66 102.68
N LEU M 467 -38.62 31.06 103.94
CA LEU M 467 -39.21 32.37 104.23
C LEU M 467 -38.25 33.42 103.69
N THR M 468 -36.97 33.25 104.00
CA THR M 468 -35.95 34.18 103.53
C THR M 468 -35.91 34.19 102.00
N THR M 469 -35.91 33.01 101.39
CA THR M 469 -35.89 32.93 99.94
C THR M 469 -37.09 33.67 99.35
N ALA M 470 -38.23 33.55 100.01
CA ALA M 470 -39.44 34.23 99.54
C ALA M 470 -39.21 35.71 99.51
N GLU M 471 -38.44 36.21 100.48
CA GLU M 471 -38.16 37.64 100.57
C GLU M 471 -37.19 38.01 99.49
N VAL M 472 -36.17 37.18 99.28
CA VAL M 472 -35.16 37.46 98.27
C VAL M 472 -35.81 37.62 96.91
N ILE M 473 -36.70 36.69 96.56
CA ILE M 473 -37.40 36.74 95.27
C ILE M 473 -38.21 38.03 95.15
N ALA M 474 -39.05 38.30 96.13
CA ALA M 474 -39.89 39.50 96.09
C ALA M 474 -39.04 40.74 95.95
N GLN M 475 -37.90 40.73 96.64
CA GLN M 475 -36.99 41.87 96.62
C GLN M 475 -36.51 42.14 95.21
N GLU M 476 -36.61 41.14 94.33
CA GLU M 476 -36.17 41.29 92.94
C GLU M 476 -37.28 41.67 91.97
N VAL M 477 -38.47 41.98 92.49
CA VAL M 477 -39.58 42.40 91.65
C VAL M 477 -39.53 43.93 91.61
N SER M 478 -39.35 44.50 90.42
CA SER M 478 -39.26 45.95 90.30
C SER M 478 -40.63 46.62 90.28
N GLU M 479 -40.63 47.94 90.38
CA GLU M 479 -41.89 48.67 90.33
C GLU M 479 -42.43 48.49 88.93
N GLU M 480 -41.52 48.46 87.97
CA GLU M 480 -41.84 48.30 86.56
C GLU M 480 -42.60 46.99 86.38
N ASN M 481 -42.09 45.94 87.03
CA ASN M 481 -42.69 44.61 86.96
C ASN M 481 -44.10 44.68 87.51
N LEU M 482 -44.21 45.19 88.74
CA LEU M 482 -45.49 45.31 89.40
C LEU M 482 -46.49 46.08 88.53
N GLN M 483 -46.03 47.12 87.85
CA GLN M 483 -46.90 47.91 87.00
C GLN M 483 -47.37 47.20 85.75
N GLU M 484 -46.82 46.02 85.49
CA GLU M 484 -47.25 45.24 84.33
C GLU M 484 -48.08 44.06 84.81
N GLY M 485 -48.27 43.97 86.12
CA GLY M 485 -49.04 42.89 86.68
C GLY M 485 -48.19 41.69 87.05
N ARG M 486 -46.87 41.88 87.14
CA ARG M 486 -45.96 40.79 87.50
C ARG M 486 -45.72 40.68 89.01
N LEU M 487 -45.89 39.49 89.57
CA LEU M 487 -45.66 39.33 91.00
C LEU M 487 -44.34 38.61 91.24
N TYR M 488 -43.64 38.32 90.17
CA TYR M 488 -42.35 37.66 90.23
C TYR M 488 -41.44 38.29 89.20
N PRO M 489 -40.13 38.25 89.44
CA PRO M 489 -39.25 38.87 88.43
C PRO M 489 -39.37 38.12 87.11
N PRO M 490 -39.17 38.82 85.97
CA PRO M 490 -39.30 38.14 84.67
C PRO M 490 -38.49 36.85 84.59
N LEU M 491 -39.05 35.85 83.92
CA LEU M 491 -38.40 34.55 83.80
C LEU M 491 -37.00 34.63 83.16
N VAL M 492 -36.82 35.53 82.21
CA VAL M 492 -35.53 35.70 81.55
C VAL M 492 -34.41 36.00 82.54
N THR M 493 -34.77 36.54 83.71
CA THR M 493 -33.79 36.91 84.73
C THR M 493 -33.62 35.85 85.83
N ILE M 494 -34.34 34.74 85.71
CA ILE M 494 -34.30 33.68 86.73
C ILE M 494 -32.92 33.23 87.16
N GLN M 495 -31.90 33.37 86.31
CA GLN M 495 -30.58 32.94 86.71
C GLN M 495 -30.02 33.89 87.78
N GLN M 496 -30.22 35.20 87.58
CA GLN M 496 -29.75 36.17 88.55
C GLN M 496 -30.48 36.01 89.87
N VAL M 497 -31.77 35.67 89.79
CA VAL M 497 -32.59 35.46 90.98
C VAL M 497 -32.02 34.30 91.78
N SER M 498 -31.77 33.18 91.11
CA SER M 498 -31.22 32.00 91.78
C SER M 498 -29.89 32.31 92.44
N LEU M 499 -29.07 33.13 91.78
CA LEU M 499 -27.78 33.50 92.34
C LEU M 499 -27.96 34.24 93.66
N LYS M 500 -28.86 35.20 93.68
CA LYS M 500 -29.10 35.97 94.89
C LYS M 500 -29.64 35.09 96.01
N ILE M 501 -30.54 34.17 95.67
CA ILE M 501 -31.09 33.27 96.67
C ILE M 501 -29.98 32.39 97.24
N ALA M 502 -29.10 31.93 96.36
CA ALA M 502 -27.98 31.07 96.77
C ALA M 502 -27.07 31.84 97.72
N VAL M 503 -26.66 33.03 97.33
CA VAL M 503 -25.79 33.81 98.16
C VAL M 503 -26.42 34.00 99.53
N ARG M 504 -27.63 34.51 99.55
CA ARG M 504 -28.32 34.76 100.81
C ARG M 504 -28.35 33.53 101.73
N ILE M 505 -28.62 32.36 101.16
CA ILE M 505 -28.67 31.11 101.92
C ILE M 505 -27.29 30.78 102.49
N ALA M 506 -26.25 31.02 101.70
CA ALA M 506 -24.90 30.76 102.14
C ALA M 506 -24.55 31.68 103.31
N LYS M 507 -24.86 32.97 103.17
CA LYS M 507 -24.58 33.93 104.23
C LYS M 507 -25.18 33.48 105.55
N GLU M 508 -26.48 33.21 105.57
CA GLU M 508 -27.14 32.78 106.79
C GLU M 508 -26.59 31.45 107.30
N ALA M 509 -26.21 30.56 106.39
CA ALA M 509 -25.66 29.27 106.79
C ALA M 509 -24.40 29.45 107.62
N TYR M 510 -23.51 30.33 107.16
CA TYR M 510 -22.27 30.58 107.89
C TYR M 510 -22.55 31.27 109.20
N ARG M 511 -23.45 32.25 109.18
CA ARG M 511 -23.81 33.00 110.36
C ARG M 511 -24.35 32.08 111.47
N ASN M 512 -25.25 31.17 111.07
CA ASN M 512 -25.87 30.23 112.00
C ASN M 512 -25.03 28.99 112.21
N ASN M 513 -23.87 28.95 111.56
CA ASN M 513 -22.96 27.81 111.69
C ASN M 513 -23.56 26.47 111.29
N THR M 514 -24.36 26.49 110.23
CA THR M 514 -25.00 25.29 109.71
C THR M 514 -24.31 24.91 108.41
N ALA M 515 -23.39 25.77 107.96
CA ALA M 515 -22.65 25.53 106.74
C ALA M 515 -21.69 24.34 106.94
N SER M 516 -21.07 23.87 105.85
CA SER M 516 -20.14 22.76 105.93
C SER M 516 -18.94 22.99 105.02
N THR M 517 -19.04 23.99 104.16
CA THR M 517 -17.94 24.29 103.27
C THR M 517 -16.97 25.29 103.90
N TYR M 518 -15.74 24.82 104.16
CA TYR M 518 -14.69 25.66 104.76
C TYR M 518 -13.35 25.51 104.03
N PRO M 519 -12.49 26.55 104.11
CA PRO M 519 -12.76 27.78 104.85
C PRO M 519 -13.85 28.58 104.16
N GLN M 520 -14.51 29.47 104.92
CA GLN M 520 -15.57 30.28 104.35
C GLN M 520 -15.02 31.30 103.36
N PRO M 521 -15.65 31.40 102.18
CA PRO M 521 -15.17 32.36 101.17
C PRO M 521 -15.29 33.82 101.62
N GLU M 522 -14.27 34.61 101.30
CA GLU M 522 -14.28 36.03 101.66
C GLU M 522 -15.41 36.73 100.93
N ASP M 523 -15.65 36.32 99.68
CA ASP M 523 -16.73 36.91 98.90
C ASP M 523 -17.65 35.82 98.39
N LEU M 524 -18.72 35.55 99.14
CA LEU M 524 -19.66 34.48 98.76
C LEU M 524 -20.20 34.58 97.34
N GLU M 525 -20.54 35.78 96.91
CA GLU M 525 -21.09 35.97 95.58
C GLU M 525 -20.11 35.50 94.51
N ALA M 526 -18.86 35.93 94.64
CA ALA M 526 -17.85 35.56 93.67
C ALA M 526 -17.59 34.07 93.71
N PHE M 527 -17.61 33.52 94.92
CA PHE M 527 -17.37 32.10 95.09
C PHE M 527 -18.45 31.28 94.37
N ILE M 528 -19.71 31.62 94.62
CA ILE M 528 -20.81 30.90 94.00
C ILE M 528 -20.83 31.12 92.49
N ARG M 529 -20.54 32.33 92.04
CA ARG M 529 -20.49 32.60 90.61
C ARG M 529 -19.51 31.66 89.96
N SER M 530 -18.37 31.45 90.60
CA SER M 530 -17.32 30.59 90.07
C SER M 530 -17.72 29.12 90.09
N GLN M 531 -18.76 28.81 90.86
CA GLN M 531 -19.25 27.45 90.98
C GLN M 531 -20.30 27.09 89.94
N VAL M 532 -20.91 28.11 89.35
CA VAL M 532 -21.95 27.95 88.35
C VAL M 532 -21.53 27.21 87.08
N TYR M 533 -22.47 26.48 86.52
CA TYR M 533 -22.27 25.71 85.30
C TYR M 533 -22.05 26.60 84.10
N SER M 534 -21.16 26.18 83.20
CA SER M 534 -20.91 26.96 82.00
C SER M 534 -21.46 26.27 80.78
N THR M 535 -22.00 27.07 79.88
CA THR M 535 -22.60 26.56 78.67
C THR M 535 -21.55 26.39 77.57
N ASP M 536 -20.36 26.93 77.79
CA ASP M 536 -19.30 26.85 76.81
C ASP M 536 -18.68 25.46 76.73
N TYR M 537 -18.26 25.07 75.53
CA TYR M 537 -17.62 23.78 75.34
C TYR M 537 -16.22 23.89 75.88
N ASN M 538 -15.63 22.77 76.30
CA ASN M 538 -14.26 22.78 76.79
C ASN M 538 -13.34 22.37 75.64
N CYS M 539 -12.04 22.58 75.82
CA CYS M 539 -11.08 22.22 74.80
C CYS M 539 -10.53 20.82 75.08
N PHE M 540 -10.68 19.91 74.12
CA PHE M 540 -10.25 18.53 74.29
C PHE M 540 -8.83 18.23 73.86
N VAL M 541 -8.11 19.26 73.45
CA VAL M 541 -6.72 19.09 73.03
C VAL M 541 -5.78 18.84 74.22
N ALA M 542 -4.83 17.93 74.04
CA ALA M 542 -3.88 17.59 75.09
C ALA M 542 -3.08 18.80 75.56
N ASP M 543 -2.88 18.89 76.88
CA ASP M 543 -2.12 19.98 77.47
C ASP M 543 -0.67 19.76 77.07
N SER M 544 -0.27 20.33 75.94
CA SER M 544 1.09 20.17 75.44
C SER M 544 1.94 21.39 75.73
N TYR M 545 3.17 21.15 76.16
CA TYR M 545 4.12 22.21 76.46
C TYR M 545 5.51 21.63 76.46
N THR M 546 6.50 22.50 76.35
CA THR M 546 7.88 22.08 76.26
C THR M 546 8.73 22.33 77.50
N TRP M 547 9.74 21.48 77.68
CA TRP M 547 10.70 21.58 78.78
C TRP M 547 11.96 22.16 78.14
N PRO M 548 12.92 22.65 78.94
CA PRO M 548 14.14 23.18 78.33
C PRO M 548 14.65 22.07 77.43
N GLU M 549 15.58 22.34 76.53
CA GLU M 549 16.01 21.26 75.63
C GLU M 549 16.98 20.23 76.21
N GLU M 550 17.75 20.66 77.20
CA GLU M 550 18.72 19.79 77.85
C GLU M 550 17.95 18.76 78.68
N ALA M 551 16.94 19.24 79.41
CA ALA M 551 16.13 18.40 80.28
C ALA M 551 15.23 17.45 79.49
N MSE M 552 14.96 17.84 78.26
CA MSE M 552 14.08 17.08 77.38
C MSE M 552 14.84 16.22 76.36
O MSE M 552 14.26 15.64 75.45
CB MSE M 552 13.17 18.08 76.68
CG MSE M 552 12.16 17.55 75.72
SE MSE M 552 11.20 19.10 75.11
CE MSE M 552 12.66 20.24 74.60
N LYS M 553 16.16 16.13 76.53
CA LYS M 553 16.97 15.36 75.61
C LYS M 553 16.90 13.85 75.90
N VAL M 554 17.00 13.04 74.85
CA VAL M 554 16.94 11.58 74.95
C VAL M 554 18.32 10.95 75.17
N LYS M 555 18.43 10.03 76.13
CA LYS M 555 19.69 9.35 76.41
C LYS M 555 19.60 7.89 75.99
N LYS N 1 -17.29 -5.17 76.78
CA LYS N 1 -17.47 -3.79 77.24
C LYS N 1 -18.79 -3.68 78.02
N LYS N 2 -18.67 -3.57 79.33
CA LYS N 2 -19.81 -3.50 80.25
C LYS N 2 -20.16 -2.09 80.76
N GLY N 3 -21.13 -2.02 81.68
CA GLY N 3 -21.56 -0.74 82.21
C GLY N 3 -22.43 0.02 81.25
N TYR N 4 -22.82 1.24 81.64
CA TYR N 4 -23.67 2.11 80.82
C TYR N 4 -23.17 2.26 79.39
N GLU N 5 -21.92 1.87 79.16
CA GLU N 5 -21.29 1.95 77.85
C GLU N 5 -22.01 1.00 76.90
N VAL N 6 -22.56 -0.08 77.46
CA VAL N 6 -23.28 -1.07 76.69
C VAL N 6 -24.57 -0.48 76.13
N LEU N 7 -25.28 0.27 76.95
CA LEU N 7 -26.52 0.88 76.53
C LEU N 7 -26.33 1.83 75.37
N ARG N 8 -25.17 2.48 75.32
CA ARG N 8 -24.91 3.43 74.24
C ARG N 8 -24.31 2.81 72.99
N ASP N 9 -24.06 1.51 73.02
CA ASP N 9 -23.52 0.84 71.86
C ASP N 9 -24.64 0.07 71.17
N PRO N 10 -25.22 0.64 70.09
CA PRO N 10 -26.32 0.02 69.35
C PRO N 10 -26.06 -1.42 68.91
N HIS N 11 -24.81 -1.79 68.73
CA HIS N 11 -24.51 -3.14 68.32
C HIS N 11 -24.76 -4.12 69.46
N LEU N 12 -24.70 -3.62 70.70
CA LEU N 12 -24.92 -4.44 71.89
C LEU N 12 -26.23 -4.13 72.62
N ASN N 13 -26.61 -2.87 72.63
CA ASN N 13 -27.80 -2.44 73.32
C ASN N 13 -29.07 -3.23 73.01
N LYS N 14 -29.67 -3.80 74.04
CA LYS N 14 -30.89 -4.58 73.89
C LYS N 14 -32.06 -3.84 74.52
N GLY N 15 -31.81 -2.66 75.05
CA GLY N 15 -32.87 -1.89 75.67
C GLY N 15 -33.47 -2.62 76.85
N MSE N 16 -34.79 -2.58 76.98
CA MSE N 16 -35.46 -3.26 78.09
C MSE N 16 -35.56 -4.77 77.91
O MSE N 16 -36.11 -5.47 78.75
CB MSE N 16 -36.83 -2.66 78.30
CG MSE N 16 -36.77 -1.25 78.85
SE MSE N 16 -38.51 -0.41 79.06
CE MSE N 16 -38.49 0.80 77.56
N ALA N 17 -35.00 -5.27 76.81
CA ALA N 17 -34.99 -6.70 76.54
C ALA N 17 -33.91 -7.37 77.39
N PHE N 18 -33.09 -6.57 78.06
CA PHE N 18 -32.03 -7.10 78.93
C PHE N 18 -32.65 -7.78 80.15
N THR N 19 -32.35 -9.06 80.31
CA THR N 19 -32.82 -9.87 81.44
C THR N 19 -32.33 -9.24 82.75
N LEU N 20 -33.03 -9.50 83.83
CA LEU N 20 -32.60 -8.98 85.13
C LEU N 20 -31.16 -9.45 85.36
N GLU N 21 -30.92 -10.75 85.14
CA GLU N 21 -29.60 -11.34 85.33
C GLU N 21 -28.57 -10.64 84.46
N GLU N 22 -28.93 -10.36 83.21
CA GLU N 22 -28.00 -9.67 82.33
C GLU N 22 -27.66 -8.28 82.87
N ARG N 23 -28.67 -7.56 83.33
CA ARG N 23 -28.47 -6.22 83.88
C ARG N 23 -27.55 -6.25 85.11
N GLN N 24 -27.74 -7.25 85.95
CA GLN N 24 -26.95 -7.36 87.16
C GLN N 24 -25.49 -7.69 86.87
N GLN N 25 -25.25 -8.53 85.86
CA GLN N 25 -23.87 -8.87 85.52
C GLN N 25 -23.24 -7.75 84.70
N LEU N 26 -24.05 -7.10 83.87
CA LEU N 26 -23.56 -6.02 83.02
C LEU N 26 -23.40 -4.71 83.78
N ASN N 27 -23.85 -4.69 85.03
CA ASN N 27 -23.78 -3.49 85.83
C ASN N 27 -24.57 -2.36 85.25
N ILE N 28 -25.81 -2.66 84.87
CA ILE N 28 -26.70 -1.64 84.35
C ILE N 28 -28.05 -1.72 85.08
N HIS N 29 -28.17 -2.65 86.03
CA HIS N 29 -29.43 -2.77 86.74
C HIS N 29 -29.69 -1.47 87.48
N GLY N 30 -30.76 -0.79 87.08
CA GLY N 30 -31.11 0.49 87.68
C GLY N 30 -31.09 1.56 86.62
N LEU N 31 -30.33 1.32 85.56
CA LEU N 31 -30.22 2.28 84.48
C LEU N 31 -31.42 2.17 83.56
N LEU N 32 -32.15 1.07 83.67
CA LEU N 32 -33.34 0.84 82.85
C LEU N 32 -34.58 0.75 83.71
N PRO N 33 -35.77 0.99 83.13
CA PRO N 33 -36.98 0.89 83.95
C PRO N 33 -37.18 -0.57 84.34
N PRO N 34 -37.99 -0.84 85.39
CA PRO N 34 -38.28 -2.17 85.90
C PRO N 34 -39.18 -3.12 85.12
N CYS N 35 -39.04 -3.14 83.80
CA CYS N 35 -39.86 -4.06 83.02
C CYS N 35 -38.98 -4.72 81.98
N PHE N 36 -39.23 -6.01 81.74
CA PHE N 36 -38.45 -6.77 80.79
C PHE N 36 -39.37 -7.23 79.69
N LEU N 37 -38.95 -7.08 78.44
CA LEU N 37 -39.82 -7.47 77.35
C LEU N 37 -39.10 -8.12 76.18
N GLY N 38 -39.86 -8.72 75.28
CA GLY N 38 -39.26 -9.37 74.14
C GLY N 38 -39.26 -8.47 72.93
N GLN N 39 -38.62 -8.91 71.84
CA GLN N 39 -38.56 -8.13 70.63
C GLN N 39 -39.92 -7.73 70.11
N ASP N 40 -40.89 -8.65 70.17
CA ASP N 40 -42.23 -8.35 69.67
C ASP N 40 -42.79 -7.14 70.39
N ALA N 41 -42.68 -7.14 71.72
CA ALA N 41 -43.14 -6.04 72.54
C ALA N 41 -42.46 -4.76 72.08
N GLN N 42 -41.14 -4.84 71.91
CA GLN N 42 -40.35 -3.71 71.47
C GLN N 42 -40.80 -3.20 70.10
N VAL N 43 -41.06 -4.13 69.17
CA VAL N 43 -41.50 -3.75 67.83
C VAL N 43 -42.85 -3.06 67.90
N TYR N 44 -43.69 -3.52 68.83
CA TYR N 44 -45.01 -2.93 68.99
C TYR N 44 -44.89 -1.45 69.33
N SER N 45 -44.05 -1.12 70.30
CA SER N 45 -43.90 0.29 70.66
C SER N 45 -43.31 1.09 69.49
N ILE N 46 -42.42 0.49 68.71
CA ILE N 46 -41.85 1.23 67.57
C ILE N 46 -42.98 1.53 66.59
N LEU N 47 -43.81 0.53 66.30
CA LEU N 47 -44.92 0.75 65.37
C LEU N 47 -45.84 1.87 65.84
N LYS N 48 -46.15 1.92 67.13
CA LYS N 48 -47.02 2.96 67.67
C LYS N 48 -46.36 4.31 67.42
N ASN N 49 -45.03 4.34 67.52
CA ASN N 49 -44.31 5.57 67.29
C ASN N 49 -44.27 5.95 65.83
N PHE N 50 -44.28 4.95 64.95
CA PHE N 50 -44.24 5.18 63.51
C PHE N 50 -45.60 5.66 63.03
N GLU N 51 -46.64 4.97 63.49
CA GLU N 51 -48.03 5.29 63.13
C GLU N 51 -48.36 6.77 63.32
N ARG N 52 -48.09 7.28 64.51
CA ARG N 52 -48.41 8.67 64.84
C ARG N 52 -47.67 9.74 64.06
N LEU N 53 -46.64 9.37 63.31
CA LEU N 53 -45.91 10.38 62.57
C LEU N 53 -46.71 10.82 61.36
N THR N 54 -46.43 12.02 60.86
CA THR N 54 -47.18 12.54 59.73
C THR N 54 -46.35 13.03 58.54
N SER N 55 -45.11 12.54 58.45
CA SER N 55 -44.23 12.95 57.37
C SER N 55 -43.21 11.87 57.12
N ASP N 56 -42.92 11.61 55.86
CA ASP N 56 -41.94 10.58 55.55
C ASP N 56 -40.59 10.95 56.11
N LEU N 57 -40.27 12.24 56.07
CA LEU N 57 -39.01 12.69 56.61
C LEU N 57 -38.93 12.35 58.09
N ASP N 58 -40.05 12.50 58.81
CA ASP N 58 -40.03 12.16 60.23
C ASP N 58 -39.92 10.64 60.43
N ARG N 59 -40.60 9.86 59.58
CA ARG N 59 -40.55 8.40 59.70
C ARG N 59 -39.12 7.97 59.51
N TYR N 60 -38.44 8.63 58.58
CA TYR N 60 -37.05 8.34 58.29
C TYR N 60 -36.21 8.53 59.56
N ILE N 61 -36.30 9.73 60.13
CA ILE N 61 -35.55 10.07 61.33
C ILE N 61 -35.86 9.12 62.47
N LEU N 62 -37.12 8.73 62.59
CA LEU N 62 -37.51 7.81 63.64
C LEU N 62 -36.68 6.55 63.48
N LEU N 63 -36.68 5.98 62.27
CA LEU N 63 -35.95 4.74 62.02
C LEU N 63 -34.44 4.88 62.10
N MSE N 64 -33.93 6.04 61.70
CA MSE N 64 -32.49 6.26 61.75
C MSE N 64 -32.01 6.26 63.20
O MSE N 64 -30.98 5.68 63.52
CB MSE N 64 -32.11 7.56 61.04
CG MSE N 64 -32.12 7.45 59.51
SE MSE N 64 -31.02 5.99 58.79
CE MSE N 64 -29.40 6.26 59.84
N SER N 65 -32.79 6.89 64.07
CA SER N 65 -32.39 6.90 65.47
C SER N 65 -32.55 5.50 66.07
N LEU N 66 -33.46 4.69 65.55
CA LEU N 66 -33.62 3.33 66.06
C LEU N 66 -32.33 2.62 65.69
N GLN N 67 -31.89 2.82 64.45
CA GLN N 67 -30.68 2.18 63.98
C GLN N 67 -29.50 2.61 64.85
N ASP N 68 -29.53 3.85 65.33
CA ASP N 68 -28.48 4.37 66.18
C ASP N 68 -28.67 4.01 67.66
N ARG N 69 -29.70 3.23 67.96
CA ARG N 69 -29.96 2.91 69.35
C ARG N 69 -29.93 1.42 69.62
N ASN N 70 -30.58 0.64 68.77
CA ASN N 70 -30.62 -0.81 68.96
C ASN N 70 -30.54 -1.48 67.58
N GLU N 71 -29.37 -2.02 67.26
CA GLU N 71 -29.14 -2.67 65.97
C GLU N 71 -30.16 -3.76 65.68
N LYS N 72 -30.12 -4.82 66.48
CA LYS N 72 -31.03 -5.94 66.33
C LYS N 72 -32.48 -5.50 66.11
N LEU N 73 -32.99 -4.68 67.01
CA LEU N 73 -34.36 -4.21 66.90
C LEU N 73 -34.63 -3.47 65.58
N PHE N 74 -33.66 -2.69 65.13
CA PHE N 74 -33.83 -1.96 63.88
C PHE N 74 -34.05 -2.90 62.70
N TYR N 75 -33.26 -3.96 62.63
CA TYR N 75 -33.38 -4.91 61.55
C TYR N 75 -34.59 -5.81 61.72
N LYS N 76 -35.03 -5.96 62.96
CA LYS N 76 -36.21 -6.78 63.26
C LYS N 76 -37.42 -6.02 62.72
N VAL N 77 -37.41 -4.71 62.89
CA VAL N 77 -38.49 -3.86 62.43
C VAL N 77 -38.56 -3.83 60.92
N LEU N 78 -37.42 -3.62 60.27
CA LEU N 78 -37.41 -3.59 58.80
C LEU N 78 -37.93 -4.89 58.22
N THR N 79 -37.34 -6.00 58.63
CA THR N 79 -37.73 -7.30 58.10
C THR N 79 -39.13 -7.75 58.51
N SER N 80 -39.73 -7.06 59.48
CA SER N 80 -41.07 -7.42 59.93
C SER N 80 -42.10 -7.11 58.85
N ASP N 81 -41.84 -6.04 58.10
CA ASP N 81 -42.75 -5.62 57.05
C ASP N 81 -41.93 -4.83 56.03
N ILE N 82 -41.04 -5.55 55.35
CA ILE N 82 -40.14 -4.98 54.37
C ILE N 82 -40.78 -4.03 53.36
N GLU N 83 -41.94 -4.41 52.83
CA GLU N 83 -42.61 -3.60 51.83
C GLU N 83 -43.01 -2.25 52.43
N ARG N 84 -43.18 -2.24 53.73
CA ARG N 84 -43.59 -1.03 54.42
C ARG N 84 -42.46 -0.08 54.77
N PHE N 85 -41.36 -0.64 55.25
CA PHE N 85 -40.25 0.18 55.70
C PHE N 85 -39.15 0.45 54.70
N MSE N 86 -39.00 -0.43 53.72
CA MSE N 86 -37.99 -0.22 52.70
C MSE N 86 -38.18 1.15 52.00
O MSE N 86 -37.21 1.83 51.69
CB MSE N 86 -38.04 -1.34 51.65
CG MSE N 86 -36.80 -1.39 50.78
SE MSE N 86 -36.91 -2.65 49.34
CE MSE N 86 -36.85 -4.29 50.31
N PRO N 87 -39.43 1.56 51.76
CA PRO N 87 -39.64 2.86 51.10
C PRO N 87 -39.24 4.04 52.01
N ILE N 88 -38.99 3.74 53.28
CA ILE N 88 -38.61 4.77 54.25
C ILE N 88 -37.10 4.86 54.35
N VAL N 89 -36.48 3.70 54.49
CA VAL N 89 -35.03 3.58 54.60
C VAL N 89 -34.32 3.65 53.24
N TYR N 90 -35.02 3.27 52.18
CA TYR N 90 -34.44 3.26 50.84
C TYR N 90 -35.29 4.18 49.98
N THR N 91 -35.31 3.97 48.66
CA THR N 91 -36.11 4.81 47.74
C THR N 91 -37.58 4.69 48.09
N PRO N 92 -38.33 5.79 48.03
CA PRO N 92 -37.92 7.14 47.65
C PRO N 92 -37.50 8.05 48.80
N THR N 93 -37.90 7.69 50.01
CA THR N 93 -37.60 8.50 51.20
C THR N 93 -36.11 8.86 51.36
N VAL N 94 -35.23 7.89 51.18
CA VAL N 94 -33.81 8.15 51.33
C VAL N 94 -33.37 9.30 50.41
N GLY N 95 -34.11 9.55 49.33
CA GLY N 95 -33.73 10.63 48.45
C GLY N 95 -34.09 11.95 49.08
N LEU N 96 -35.25 11.97 49.75
CA LEU N 96 -35.75 13.15 50.42
C LEU N 96 -34.85 13.44 51.62
N ALA N 97 -34.39 12.38 52.26
CA ALA N 97 -33.51 12.53 53.41
C ALA N 97 -32.21 13.16 52.93
N CYS N 98 -31.65 12.66 51.84
CA CYS N 98 -30.41 13.22 51.33
C CYS N 98 -30.60 14.71 51.03
N GLN N 99 -31.74 15.07 50.45
CA GLN N 99 -32.00 16.46 50.13
C GLN N 99 -32.07 17.35 51.35
N HIS N 100 -32.37 16.77 52.50
CA HIS N 100 -32.47 17.56 53.72
C HIS N 100 -31.59 16.95 54.78
N TYR N 101 -30.51 16.29 54.36
CA TYR N 101 -29.63 15.63 55.30
C TYR N 101 -29.18 16.49 56.47
N GLY N 102 -28.83 17.74 56.19
CA GLY N 102 -28.38 18.61 57.26
C GLY N 102 -29.46 18.79 58.31
N LEU N 103 -30.70 18.79 57.85
CA LEU N 103 -31.87 18.96 58.70
C LEU N 103 -32.15 17.71 59.54
N ALA N 104 -32.09 16.54 58.90
CA ALA N 104 -32.36 15.26 59.55
C ALA N 104 -31.19 14.71 60.35
N PHE N 105 -30.05 15.37 60.26
CA PHE N 105 -28.86 14.92 60.97
C PHE N 105 -28.99 14.97 62.50
N ARG N 106 -28.67 13.86 63.14
CA ARG N 106 -28.73 13.77 64.60
C ARG N 106 -27.36 13.26 65.08
N ARG N 107 -27.12 11.96 64.90
CA ARG N 107 -25.83 11.35 65.27
C ARG N 107 -25.14 10.96 63.96
N PRO N 108 -23.82 11.11 63.89
CA PRO N 108 -23.13 10.74 62.66
C PRO N 108 -23.07 9.25 62.45
N ARG N 109 -22.98 8.85 61.19
CA ARG N 109 -22.89 7.46 60.82
C ARG N 109 -21.99 7.34 59.60
N GLY N 110 -21.10 6.33 59.59
CA GLY N 110 -20.20 6.14 58.46
C GLY N 110 -18.87 6.89 58.56
N LEU N 111 -18.01 6.70 57.55
CA LEU N 111 -16.71 7.36 57.52
C LEU N 111 -16.66 8.49 56.50
N PHE N 112 -16.28 9.67 56.94
CA PHE N 112 -16.19 10.83 56.05
C PHE N 112 -14.74 11.13 55.70
N ILE N 113 -14.30 10.74 54.52
CA ILE N 113 -12.94 11.02 54.11
C ILE N 113 -12.97 12.19 53.15
N THR N 114 -12.10 13.16 53.40
CA THR N 114 -11.99 14.37 52.61
C THR N 114 -10.78 14.40 51.67
N ILE N 115 -10.87 15.24 50.65
CA ILE N 115 -9.80 15.42 49.68
C ILE N 115 -8.62 16.09 50.41
N HIS N 116 -8.90 16.70 51.56
CA HIS N 116 -7.87 17.35 52.32
C HIS N 116 -7.12 16.40 53.26
N ASP N 117 -7.54 15.15 53.37
CA ASP N 117 -6.74 14.25 54.20
C ASP N 117 -5.99 13.22 53.39
N ARG N 118 -5.66 13.55 52.14
CA ARG N 118 -4.88 12.64 51.31
C ARG N 118 -3.59 12.34 52.08
N GLY N 119 -3.13 11.09 52.01
CA GLY N 119 -1.91 10.73 52.71
C GLY N 119 -2.14 10.35 54.16
N HIS N 120 -3.40 10.38 54.60
CA HIS N 120 -3.71 10.05 55.98
C HIS N 120 -4.91 9.11 56.12
N ILE N 121 -5.43 8.65 54.99
CA ILE N 121 -6.58 7.76 55.00
C ILE N 121 -6.35 6.54 55.87
N ALA N 122 -5.19 5.93 55.75
CA ALA N 122 -4.88 4.76 56.52
C ALA N 122 -5.13 4.96 58.02
N THR N 123 -4.76 6.13 58.52
CA THR N 123 -4.93 6.42 59.94
C THR N 123 -6.40 6.64 60.28
N MSE N 124 -7.13 7.24 59.35
CA MSE N 124 -8.54 7.48 59.58
C MSE N 124 -9.31 6.18 59.71
O MSE N 124 -10.28 6.09 60.46
CB MSE N 124 -9.11 8.33 58.45
CG MSE N 124 -8.39 9.64 58.30
SE MSE N 124 -9.30 10.73 57.05
CE MSE N 124 -10.89 11.14 58.04
N LEU N 125 -8.89 5.15 58.99
CA LEU N 125 -9.57 3.88 59.07
C LEU N 125 -9.53 3.35 60.50
N GLN N 126 -8.48 3.72 61.22
CA GLN N 126 -8.32 3.28 62.60
C GLN N 126 -9.41 3.87 63.48
N SER N 127 -9.82 5.11 63.17
CA SER N 127 -10.85 5.82 63.93
C SER N 127 -12.13 5.02 63.93
N TRP N 128 -12.26 4.13 62.96
CA TRP N 128 -13.44 3.30 62.85
C TRP N 128 -13.30 2.16 63.86
N PRO N 129 -14.31 2.01 64.75
CA PRO N 129 -14.35 0.97 65.79
C PRO N 129 -14.01 -0.44 65.31
N GLU N 130 -14.69 -0.89 64.27
CA GLU N 130 -14.42 -2.23 63.76
C GLU N 130 -13.11 -2.31 62.99
N SER N 131 -12.39 -3.39 63.20
CA SER N 131 -11.13 -3.57 62.51
C SER N 131 -11.31 -4.63 61.43
N VAL N 132 -12.49 -5.24 61.39
CA VAL N 132 -12.76 -6.29 60.41
C VAL N 132 -13.95 -5.95 59.53
N ILE N 133 -13.67 -5.37 58.36
CA ILE N 133 -14.71 -5.02 57.42
C ILE N 133 -14.67 -5.98 56.25
N LYS N 134 -15.84 -6.40 55.78
CA LYS N 134 -15.93 -7.31 54.66
C LYS N 134 -16.47 -6.63 53.41
N ALA N 135 -17.24 -5.55 53.60
CA ALA N 135 -17.82 -4.83 52.47
C ALA N 135 -17.87 -3.32 52.73
N ILE N 136 -17.78 -2.56 51.65
CA ILE N 136 -17.80 -1.10 51.74
C ILE N 136 -18.66 -0.48 50.65
N VAL N 137 -19.49 0.48 51.00
CA VAL N 137 -20.31 1.15 49.99
C VAL N 137 -19.83 2.61 50.01
N VAL N 138 -19.24 3.04 48.89
CA VAL N 138 -18.71 4.39 48.78
C VAL N 138 -19.39 5.24 47.72
N THR N 139 -19.36 6.54 47.94
CA THR N 139 -19.93 7.49 47.02
C THR N 139 -19.23 8.82 47.19
N ASP N 140 -19.29 9.67 46.19
CA ASP N 140 -18.68 10.98 46.35
C ASP N 140 -19.82 11.96 46.18
N GLY N 141 -21.03 11.41 46.16
CA GLY N 141 -22.23 12.20 46.06
C GLY N 141 -22.46 13.11 44.87
N GLU N 142 -21.86 12.81 43.72
CA GLU N 142 -22.04 13.67 42.56
C GLU N 142 -23.30 13.28 41.79
N ARG N 143 -23.69 12.02 41.91
CA ARG N 143 -24.90 11.59 41.21
C ARG N 143 -25.81 10.78 42.12
N ILE N 144 -26.45 11.48 43.07
CA ILE N 144 -27.36 10.86 44.02
C ILE N 144 -28.72 10.63 43.35
N LEU N 145 -29.00 9.37 43.02
CA LEU N 145 -30.24 9.02 42.30
C LEU N 145 -30.37 10.00 41.14
N GLY N 146 -31.59 10.47 40.87
CA GLY N 146 -31.80 11.43 39.80
C GLY N 146 -31.89 12.84 40.36
N LEU N 147 -31.29 13.05 41.53
CA LEU N 147 -31.33 14.36 42.18
C LEU N 147 -30.08 15.21 41.94
N GLY N 148 -29.07 14.63 41.30
CA GLY N 148 -27.88 15.41 41.01
C GLY N 148 -26.79 15.39 42.08
N ASP N 149 -26.01 16.46 42.11
CA ASP N 149 -24.92 16.60 43.06
C ASP N 149 -25.43 17.09 44.42
N LEU N 150 -25.52 16.17 45.37
CA LEU N 150 -25.97 16.49 46.72
C LEU N 150 -24.80 16.54 47.68
N GLY N 151 -23.60 16.53 47.11
CA GLY N 151 -22.39 16.59 47.92
C GLY N 151 -22.37 15.64 49.11
N CYS N 152 -21.94 16.16 50.26
CA CYS N 152 -21.83 15.36 51.47
C CYS N 152 -23.18 14.84 51.99
N TYR N 153 -24.27 15.49 51.58
CA TYR N 153 -25.61 15.07 51.97
C TYR N 153 -25.87 13.66 51.42
N GLY N 154 -25.08 13.27 50.42
CA GLY N 154 -25.22 11.98 49.80
C GLY N 154 -24.86 10.79 50.66
N MSE N 155 -24.43 11.03 51.90
CA MSE N 155 -24.05 9.92 52.78
C MSE N 155 -25.25 9.03 53.07
O MSE N 155 -25.09 7.86 53.41
CB MSE N 155 -23.46 10.45 54.09
CG MSE N 155 -23.20 9.37 55.13
SE MSE N 155 -21.94 8.03 54.58
CE MSE N 155 -20.47 8.41 55.75
N GLY N 156 -26.45 9.59 52.94
CA GLY N 156 -27.67 8.82 53.19
C GLY N 156 -27.81 7.60 52.30
N ILE N 157 -27.22 7.66 51.10
CA ILE N 157 -27.27 6.56 50.13
C ILE N 157 -26.49 5.34 50.60
N PRO N 158 -25.19 5.49 50.88
CA PRO N 158 -24.46 4.29 51.33
C PRO N 158 -25.11 3.68 52.56
N VAL N 159 -25.66 4.54 53.43
CA VAL N 159 -26.32 4.08 54.64
C VAL N 159 -27.56 3.26 54.30
N GLY N 160 -28.32 3.72 53.31
CA GLY N 160 -29.49 2.98 52.90
C GLY N 160 -29.11 1.66 52.23
N LYS N 161 -28.14 1.72 51.32
CA LYS N 161 -27.71 0.51 50.62
C LYS N 161 -27.34 -0.57 51.61
N LEU N 162 -26.52 -0.22 52.60
CA LEU N 162 -26.10 -1.18 53.61
C LEU N 162 -27.29 -1.70 54.42
N ALA N 163 -28.29 -0.85 54.60
CA ALA N 163 -29.46 -1.26 55.35
C ALA N 163 -30.03 -2.50 54.68
N LEU N 164 -30.13 -2.45 53.36
CA LEU N 164 -30.66 -3.57 52.59
C LEU N 164 -29.66 -4.73 52.51
N TYR N 165 -28.37 -4.40 52.59
CA TYR N 165 -27.34 -5.44 52.57
C TYR N 165 -27.75 -6.45 53.64
N THR N 166 -28.13 -5.91 54.80
CA THR N 166 -28.52 -6.74 55.93
C THR N 166 -29.96 -7.22 55.85
N ALA N 167 -30.89 -6.27 55.75
CA ALA N 167 -32.31 -6.60 55.69
C ALA N 167 -32.65 -7.54 54.55
N CYS N 168 -32.11 -7.29 53.36
CA CYS N 168 -32.40 -8.12 52.20
C CYS N 168 -31.38 -9.22 51.92
N GLY N 169 -30.11 -8.95 52.17
CA GLY N 169 -29.05 -9.92 51.92
C GLY N 169 -28.64 -10.84 53.05
N GLY N 170 -28.77 -10.38 54.28
CA GLY N 170 -28.38 -11.21 55.41
C GLY N 170 -26.94 -11.01 55.79
N VAL N 171 -26.33 -9.97 55.24
CA VAL N 171 -24.94 -9.67 55.55
C VAL N 171 -24.92 -8.97 56.91
N LYS N 172 -23.96 -9.34 57.75
CA LYS N 172 -23.85 -8.76 59.08
C LYS N 172 -23.51 -7.26 59.04
N PRO N 173 -24.34 -6.43 59.67
CA PRO N 173 -24.14 -4.98 59.71
C PRO N 173 -22.75 -4.60 60.18
N HIS N 174 -22.33 -5.22 61.27
CA HIS N 174 -21.04 -4.96 61.88
C HIS N 174 -19.85 -4.98 60.94
N GLN N 175 -19.94 -5.77 59.87
CA GLN N 175 -18.85 -5.90 58.93
C GLN N 175 -18.93 -4.98 57.72
N CYS N 176 -19.88 -4.05 57.74
CA CYS N 176 -20.06 -3.14 56.61
C CYS N 176 -19.70 -1.70 56.94
N LEU N 177 -19.10 -1.00 55.99
CA LEU N 177 -18.67 0.38 56.21
C LEU N 177 -19.13 1.38 55.14
N PRO N 178 -20.08 2.26 55.48
CA PRO N 178 -20.51 3.22 54.47
C PRO N 178 -19.46 4.32 54.44
N VAL N 179 -19.15 4.83 53.26
CA VAL N 179 -18.14 5.88 53.18
C VAL N 179 -18.51 7.03 52.25
N MSE N 180 -18.23 8.25 52.70
CA MSE N 180 -18.48 9.46 51.90
C MSE N 180 -17.10 10.06 51.56
O MSE N 180 -16.30 10.31 52.46
CB MSE N 180 -19.28 10.50 52.68
CG MSE N 180 -20.45 11.17 51.92
SE MSE N 180 -20.13 12.09 50.22
CE MSE N 180 -18.71 13.25 50.75
N LEU N 181 -16.83 10.26 50.29
CA LEU N 181 -15.56 10.85 49.88
C LEU N 181 -15.84 12.27 49.45
N ASP N 182 -15.76 13.22 50.38
CA ASP N 182 -16.04 14.62 50.07
C ASP N 182 -14.87 15.38 49.49
N VAL N 183 -14.98 15.69 48.21
CA VAL N 183 -13.95 16.46 47.53
C VAL N 183 -14.54 17.82 47.21
N GLY N 184 -15.73 18.08 47.74
CA GLY N 184 -16.39 19.34 47.49
C GLY N 184 -17.69 19.08 46.75
N THR N 185 -18.36 20.15 46.32
CA THR N 185 -19.62 20.00 45.60
C THR N 185 -19.84 21.23 44.70
N ASP N 186 -20.40 21.01 43.52
CA ASP N 186 -20.65 22.12 42.60
C ASP N 186 -22.08 22.63 42.73
N ASN N 187 -22.85 22.03 43.64
CA ASN N 187 -24.23 22.46 43.84
C ASN N 187 -24.24 23.81 44.54
N GLU N 188 -24.35 24.88 43.76
CA GLU N 188 -24.36 26.23 44.31
C GLU N 188 -25.34 26.35 45.48
N THR N 189 -26.49 25.69 45.36
CA THR N 189 -27.49 25.74 46.42
C THR N 189 -26.91 25.29 47.76
N LEU N 190 -26.29 24.12 47.76
CA LEU N 190 -25.72 23.58 48.99
C LEU N 190 -24.62 24.45 49.58
N LEU N 191 -23.81 25.06 48.72
CA LEU N 191 -22.72 25.91 49.19
C LEU N 191 -23.28 27.07 49.99
N LYS N 192 -24.48 27.52 49.62
CA LYS N 192 -25.15 28.62 50.31
C LYS N 192 -25.99 28.11 51.49
N ASP N 193 -26.33 26.83 51.48
CA ASP N 193 -27.15 26.22 52.54
C ASP N 193 -26.48 26.19 53.90
N PRO N 194 -26.99 27.00 54.85
CA PRO N 194 -26.44 27.05 56.20
C PRO N 194 -26.38 25.71 56.94
N LEU N 195 -27.17 24.73 56.52
CA LEU N 195 -27.16 23.42 57.18
C LEU N 195 -26.26 22.38 56.52
N TYR N 196 -25.68 22.73 55.37
CA TYR N 196 -24.84 21.79 54.65
C TYR N 196 -23.72 21.31 55.55
N ILE N 197 -23.42 20.02 55.52
CA ILE N 197 -22.38 19.44 56.36
C ILE N 197 -21.06 19.09 55.67
N GLY N 198 -20.97 19.27 54.36
CA GLY N 198 -19.73 18.95 53.67
C GLY N 198 -18.80 20.14 53.50
N LEU N 199 -17.72 19.94 52.75
CA LEU N 199 -16.76 21.00 52.47
C LEU N 199 -17.46 22.04 51.59
N ARG N 200 -17.37 23.32 51.97
CA ARG N 200 -18.01 24.40 51.23
C ARG N 200 -17.22 24.95 50.05
N HIS N 201 -16.82 24.09 49.12
CA HIS N 201 -16.11 24.55 47.93
C HIS N 201 -16.37 23.63 46.75
N LYS N 202 -16.22 24.17 45.54
CA LYS N 202 -16.46 23.40 44.32
C LYS N 202 -15.65 22.10 44.35
N ARG N 203 -16.16 21.09 43.65
CA ARG N 203 -15.49 19.78 43.62
C ARG N 203 -14.09 19.86 43.04
N ILE N 204 -13.15 19.22 43.74
CA ILE N 204 -11.76 19.16 43.28
C ILE N 204 -11.72 18.06 42.24
N ARG N 205 -11.08 18.35 41.11
CA ARG N 205 -10.99 17.38 40.02
C ARG N 205 -9.55 17.14 39.66
N GLY N 206 -9.33 16.37 38.61
CA GLY N 206 -7.98 16.12 38.16
C GLY N 206 -7.17 15.07 38.88
N GLN N 207 -5.86 15.26 38.90
CA GLN N 207 -4.93 14.31 39.53
C GLN N 207 -5.12 14.17 41.03
N ALA N 208 -5.49 15.25 41.70
CA ALA N 208 -5.70 15.20 43.15
C ALA N 208 -6.80 14.20 43.46
N TYR N 209 -7.91 14.31 42.74
CA TYR N 209 -9.03 13.40 42.93
C TYR N 209 -8.55 11.97 42.70
N ASP N 210 -8.02 11.71 41.52
CA ASP N 210 -7.54 10.38 41.17
C ASP N 210 -6.59 9.77 42.19
N ASP N 211 -5.69 10.58 42.77
CA ASP N 211 -4.76 10.05 43.76
C ASP N 211 -5.48 9.70 45.06
N LEU N 212 -6.52 10.47 45.39
CA LEU N 212 -7.30 10.25 46.60
C LEU N 212 -7.99 8.89 46.51
N LEU N 213 -8.55 8.58 45.33
CA LEU N 213 -9.22 7.29 45.15
C LEU N 213 -8.21 6.16 45.23
N ASP N 214 -7.07 6.32 44.59
CA ASP N 214 -6.05 5.28 44.65
C ASP N 214 -5.67 4.99 46.10
N GLU N 215 -5.38 6.05 46.87
CA GLU N 215 -5.01 5.86 48.28
C GLU N 215 -6.17 5.20 49.04
N PHE N 216 -7.39 5.59 48.71
CA PHE N 216 -8.53 5.00 49.37
C PHE N 216 -8.55 3.49 49.19
N MSE N 217 -8.48 3.06 47.93
CA MSE N 217 -8.49 1.64 47.61
C MSE N 217 -7.33 0.91 48.27
O MSE N 217 -7.47 -0.21 48.75
CB MSE N 217 -8.42 1.44 46.09
CG MSE N 217 -9.59 2.02 45.31
SE MSE N 217 -11.33 1.33 45.82
CE MSE N 217 -11.45 -0.23 44.71
N GLU N 218 -6.16 1.56 48.28
CA GLU N 218 -4.95 0.98 48.87
C GLU N 218 -5.10 0.82 50.37
N ALA N 219 -5.46 1.91 51.04
CA ALA N 219 -5.63 1.91 52.49
C ALA N 219 -6.62 0.86 52.96
N VAL N 220 -7.79 0.84 52.33
CA VAL N 220 -8.85 -0.08 52.68
C VAL N 220 -8.47 -1.55 52.56
N THR N 221 -7.87 -1.93 51.44
CA THR N 221 -7.49 -3.33 51.22
C THR N 221 -6.25 -3.72 52.02
N SER N 222 -5.44 -2.73 52.37
CA SER N 222 -4.25 -3.01 53.15
C SER N 222 -4.72 -3.36 54.56
N ARG N 223 -5.68 -2.59 55.06
CA ARG N 223 -6.19 -2.83 56.40
C ARG N 223 -7.16 -4.01 56.47
N TYR N 224 -8.20 -3.98 55.65
CA TYR N 224 -9.23 -5.03 55.64
C TYR N 224 -8.94 -6.28 54.81
N GLY N 225 -7.94 -6.21 53.93
CA GLY N 225 -7.61 -7.35 53.10
C GLY N 225 -8.04 -7.16 51.65
N MSE N 226 -7.41 -7.87 50.73
CA MSE N 226 -7.72 -7.78 49.30
C MSE N 226 -9.11 -8.30 48.99
O MSE N 226 -9.71 -7.92 47.99
CB MSE N 226 -6.72 -8.56 48.47
CG MSE N 226 -5.31 -7.99 48.45
SE MSE N 226 -5.28 -6.22 47.70
CE MSE N 226 -5.75 -6.62 45.88
N ASN N 227 -9.63 -9.17 49.85
CA ASN N 227 -10.96 -9.73 49.66
C ASN N 227 -12.10 -8.76 49.99
N CYS N 228 -11.76 -7.63 50.60
CA CYS N 228 -12.76 -6.65 50.97
C CYS N 228 -13.54 -6.17 49.73
N LEU N 229 -14.87 -6.27 49.80
CA LEU N 229 -15.75 -5.85 48.71
C LEU N 229 -15.94 -4.33 48.75
N ILE N 230 -15.68 -3.66 47.64
CA ILE N 230 -15.86 -2.22 47.57
C ILE N 230 -16.93 -1.94 46.51
N GLN N 231 -18.08 -1.45 46.93
CA GLN N 231 -19.17 -1.16 46.01
C GLN N 231 -19.25 0.32 45.74
N PHE N 232 -19.05 0.73 44.49
CA PHE N 232 -19.13 2.16 44.17
C PHE N 232 -20.57 2.55 43.91
N GLU N 233 -21.00 3.66 44.50
CA GLU N 233 -22.39 4.09 44.35
C GLU N 233 -22.54 5.57 44.10
N ASP N 234 -23.43 5.87 43.17
CA ASP N 234 -23.74 7.25 42.82
C ASP N 234 -22.59 8.23 42.55
N PHE N 235 -21.69 7.83 41.65
CA PHE N 235 -20.57 8.66 41.22
C PHE N 235 -20.98 9.21 39.85
N ALA N 236 -20.49 10.39 39.48
CA ALA N 236 -20.86 10.94 38.17
C ALA N 236 -20.43 9.97 37.08
N ASN N 237 -21.00 10.14 35.88
CA ASN N 237 -20.74 9.29 34.72
C ASN N 237 -19.26 8.98 34.47
N ALA N 238 -18.51 10.01 34.07
CA ALA N 238 -17.10 9.85 33.78
C ALA N 238 -16.35 9.06 34.84
N ASN N 239 -16.38 9.54 36.08
CA ASN N 239 -15.69 8.87 37.16
C ASN N 239 -16.13 7.44 37.40
N ALA N 240 -17.44 7.22 37.29
CA ALA N 240 -17.99 5.89 37.51
C ALA N 240 -17.32 4.88 36.59
N PHE N 241 -17.29 5.16 35.29
CA PHE N 241 -16.69 4.23 34.36
C PHE N 241 -15.19 4.04 34.54
N ARG N 242 -14.43 5.13 34.54
CA ARG N 242 -12.98 4.97 34.67
C ARG N 242 -12.60 4.28 35.97
N LEU N 243 -13.18 4.70 37.08
CA LEU N 243 -12.86 4.09 38.36
C LEU N 243 -13.14 2.60 38.29
N LEU N 244 -14.27 2.24 37.68
CA LEU N 244 -14.64 0.84 37.55
C LEU N 244 -13.62 0.06 36.75
N HIS N 245 -13.27 0.54 35.55
CA HIS N 245 -12.29 -0.16 34.73
C HIS N 245 -10.92 -0.18 35.37
N LYS N 246 -10.61 0.87 36.13
CA LYS N 246 -9.31 1.00 36.77
C LYS N 246 -9.04 0.00 37.90
N TYR N 247 -10.03 -0.25 38.75
CA TYR N 247 -9.83 -1.17 39.88
C TYR N 247 -10.50 -2.55 39.72
N ARG N 248 -11.35 -2.66 38.71
CA ARG N 248 -12.09 -3.89 38.40
C ARG N 248 -11.29 -5.20 38.58
N ASN N 249 -10.11 -5.28 37.96
CA ASN N 249 -9.28 -6.49 38.02
C ASN N 249 -8.19 -6.45 39.09
N LYS N 250 -8.07 -5.35 39.81
CA LYS N 250 -7.04 -5.23 40.82
C LYS N 250 -7.57 -5.51 42.21
N TYR N 251 -8.81 -5.09 42.46
CA TYR N 251 -9.47 -5.26 43.75
C TYR N 251 -10.82 -5.98 43.62
N CYS N 252 -11.46 -6.28 44.75
CA CYS N 252 -12.77 -6.92 44.70
C CYS N 252 -13.81 -5.80 44.76
N THR N 253 -14.16 -5.30 43.58
CA THR N 253 -15.10 -4.20 43.49
C THR N 253 -16.02 -4.25 42.27
N PHE N 254 -17.09 -3.46 42.33
CA PHE N 254 -18.06 -3.36 41.22
C PHE N 254 -18.86 -2.08 41.43
N ASN N 255 -19.41 -1.53 40.36
CA ASN N 255 -20.19 -0.30 40.48
C ASN N 255 -21.66 -0.62 40.39
N ASP N 256 -22.37 -0.37 41.49
CA ASP N 256 -23.80 -0.65 41.57
C ASP N 256 -24.64 -0.08 40.43
N ASP N 257 -24.57 1.22 40.24
CA ASP N 257 -25.34 1.91 39.22
C ASP N 257 -25.15 1.34 37.82
N ILE N 258 -23.93 0.90 37.51
CA ILE N 258 -23.64 0.38 36.19
C ILE N 258 -23.92 -1.12 36.05
N GLN N 259 -23.36 -1.89 36.96
CA GLN N 259 -23.49 -3.34 36.89
C GLN N 259 -24.71 -3.94 37.60
N GLY N 260 -25.07 -3.40 38.77
CA GLY N 260 -26.23 -3.92 39.49
C GLY N 260 -27.55 -3.61 38.81
N THR N 261 -27.61 -2.42 38.20
CA THR N 261 -28.79 -1.96 37.48
C THR N 261 -29.00 -2.86 36.27
N ALA N 262 -27.89 -3.19 35.61
CA ALA N 262 -27.92 -4.03 34.44
C ALA N 262 -28.48 -5.40 34.77
N SER N 263 -27.97 -5.99 35.84
CA SER N 263 -28.41 -7.30 36.27
C SER N 263 -29.92 -7.36 36.54
N VAL N 264 -30.44 -6.39 37.30
CA VAL N 264 -31.86 -6.42 37.60
C VAL N 264 -32.67 -6.16 36.33
N ALA N 265 -32.22 -5.20 35.52
CA ALA N 265 -32.94 -4.88 34.28
C ALA N 265 -33.07 -6.13 33.43
N VAL N 266 -31.95 -6.81 33.21
CA VAL N 266 -31.93 -8.03 32.42
C VAL N 266 -32.79 -9.13 33.04
N ALA N 267 -32.83 -9.19 34.37
CA ALA N 267 -33.60 -10.22 35.06
C ALA N 267 -35.08 -10.00 34.82
N GLY N 268 -35.46 -8.74 34.60
CA GLY N 268 -36.85 -8.42 34.35
C GLY N 268 -37.23 -8.83 32.94
N LEU N 269 -36.37 -8.51 31.98
CA LEU N 269 -36.64 -8.86 30.60
C LEU N 269 -36.71 -10.38 30.48
N LEU N 270 -35.74 -11.07 31.06
CA LEU N 270 -35.73 -12.52 31.01
C LEU N 270 -37.11 -13.02 31.46
N ALA N 271 -37.62 -12.45 32.55
CA ALA N 271 -38.92 -12.83 33.08
C ALA N 271 -40.04 -12.53 32.09
N ALA N 272 -39.98 -11.33 31.52
CA ALA N 272 -40.98 -10.89 30.55
C ALA N 272 -41.08 -11.85 29.36
N LEU N 273 -39.94 -12.40 28.92
CA LEU N 273 -39.97 -13.30 27.79
C LEU N 273 -41.01 -14.40 27.95
N ARG N 274 -41.37 -14.72 29.19
CA ARG N 274 -42.35 -15.76 29.48
C ARG N 274 -43.78 -15.28 29.32
N ILE N 275 -43.93 -14.00 29.02
CA ILE N 275 -45.24 -13.41 28.79
C ILE N 275 -45.33 -13.13 27.30
N THR N 276 -44.31 -12.49 26.75
CA THR N 276 -44.28 -12.16 25.34
C THR N 276 -44.00 -13.39 24.50
N LYS N 277 -43.75 -14.50 25.18
CA LYS N 277 -43.50 -15.77 24.51
C LYS N 277 -42.52 -15.79 23.34
N ASN N 278 -41.39 -15.11 23.46
CA ASN N 278 -40.41 -15.10 22.39
C ASN N 278 -39.00 -15.06 22.99
N ARG N 279 -38.00 -14.80 22.15
CA ARG N 279 -36.63 -14.75 22.64
C ARG N 279 -36.16 -13.32 22.77
N LEU N 280 -35.18 -13.10 23.64
CA LEU N 280 -34.65 -11.76 23.84
C LEU N 280 -34.09 -11.19 22.54
N SER N 281 -33.52 -12.05 21.71
CA SER N 281 -32.95 -11.59 20.44
C SER N 281 -34.04 -11.14 19.46
N ASP N 282 -35.30 -11.26 19.86
CA ASP N 282 -36.38 -10.82 18.98
C ASP N 282 -36.74 -9.38 19.29
N HIS N 283 -36.37 -8.91 20.46
CA HIS N 283 -36.71 -7.56 20.84
C HIS N 283 -35.82 -6.46 20.27
N THR N 284 -36.31 -5.23 20.42
CA THR N 284 -35.61 -4.05 19.96
C THR N 284 -35.75 -3.09 21.13
N VAL N 285 -34.64 -2.83 21.81
CA VAL N 285 -34.67 -1.97 22.98
C VAL N 285 -34.33 -0.52 22.69
N LEU N 286 -35.06 0.38 23.36
CA LEU N 286 -34.85 1.80 23.22
C LEU N 286 -34.64 2.42 24.60
N PHE N 287 -33.48 3.02 24.82
CA PHE N 287 -33.15 3.65 26.09
C PHE N 287 -33.34 5.17 26.08
N GLN N 288 -33.98 5.69 27.13
CA GLN N 288 -34.17 7.12 27.28
C GLN N 288 -33.04 7.43 28.25
N GLY N 289 -31.93 7.93 27.72
CA GLY N 289 -30.77 8.22 28.53
C GLY N 289 -29.67 7.32 28.00
N ALA N 290 -28.42 7.70 28.18
CA ALA N 290 -27.32 6.88 27.69
C ALA N 290 -26.11 6.96 28.61
N GLY N 291 -26.36 6.93 29.91
CA GLY N 291 -25.27 7.01 30.87
C GLY N 291 -24.95 5.69 31.55
N GLU N 292 -24.47 5.78 32.78
CA GLU N 292 -24.11 4.61 33.56
C GLU N 292 -25.12 3.49 33.45
N ALA N 293 -26.38 3.78 33.78
CA ALA N 293 -27.41 2.75 33.73
C ALA N 293 -27.63 2.20 32.34
N ALA N 294 -27.87 3.10 31.39
CA ALA N 294 -28.12 2.70 30.00
C ALA N 294 -27.03 1.81 29.42
N LEU N 295 -25.80 2.31 29.46
CA LEU N 295 -24.66 1.56 28.92
C LEU N 295 -24.44 0.22 29.64
N GLY N 296 -24.69 0.20 30.94
CA GLY N 296 -24.52 -1.03 31.71
C GLY N 296 -25.58 -2.04 31.32
N ILE N 297 -26.83 -1.61 31.33
CA ILE N 297 -27.95 -2.47 30.95
C ILE N 297 -27.82 -2.95 29.50
N ALA N 298 -27.53 -2.03 28.59
CA ALA N 298 -27.38 -2.38 27.18
C ALA N 298 -26.33 -3.46 27.04
N ASN N 299 -25.24 -3.30 27.76
CA ASN N 299 -24.14 -4.25 27.73
C ASN N 299 -24.52 -5.63 28.19
N LEU N 300 -25.26 -5.73 29.29
CA LEU N 300 -25.65 -7.05 29.77
C LEU N 300 -26.61 -7.65 28.77
N ILE N 301 -27.55 -6.85 28.28
CA ILE N 301 -28.52 -7.35 27.31
C ILE N 301 -27.80 -8.03 26.14
N VAL N 302 -26.78 -7.38 25.61
CA VAL N 302 -26.03 -7.95 24.50
C VAL N 302 -25.46 -9.33 24.85
N MSE N 303 -24.87 -9.46 26.05
CA MSE N 303 -24.31 -10.73 26.49
C MSE N 303 -25.41 -11.78 26.54
O MSE N 303 -25.21 -12.92 26.15
CB MSE N 303 -23.71 -10.59 27.89
CG MSE N 303 -22.44 -9.76 27.94
SE MSE N 303 -21.62 -9.82 29.71
CE MSE N 303 -21.86 -11.68 30.12
N ALA N 304 -26.56 -11.36 27.06
CA ALA N 304 -27.69 -12.23 27.18
C ALA N 304 -28.13 -12.72 25.81
N MSE N 305 -28.16 -11.81 24.84
CA MSE N 305 -28.58 -12.19 23.49
C MSE N 305 -27.54 -13.10 22.84
O MSE N 305 -27.90 -14.08 22.17
CB MSE N 305 -28.79 -10.94 22.62
CG MSE N 305 -29.96 -10.07 23.04
SE MSE N 305 -30.36 -8.60 21.81
CE MSE N 305 -28.79 -7.54 22.04
N GLN N 306 -26.28 -12.80 23.05
CA GLN N 306 -25.23 -13.61 22.48
C GLN N 306 -25.37 -15.01 23.04
N LYS N 307 -25.78 -15.10 24.29
CA LYS N 307 -25.95 -16.39 24.95
C LYS N 307 -27.09 -17.16 24.30
N GLU N 308 -28.01 -16.44 23.66
CA GLU N 308 -29.11 -17.12 23.01
C GLU N 308 -28.65 -17.72 21.69
N GLY N 309 -27.55 -17.19 21.17
CA GLY N 309 -27.00 -17.69 19.92
C GLY N 309 -26.78 -16.63 18.84
N VAL N 310 -27.27 -15.42 19.10
CA VAL N 310 -27.14 -14.31 18.15
C VAL N 310 -25.68 -13.82 18.22
N SER N 311 -25.23 -13.10 17.19
CA SER N 311 -23.85 -12.60 17.18
C SER N 311 -23.73 -11.24 17.87
N LYS N 312 -22.53 -10.94 18.37
CA LYS N 312 -22.26 -9.67 19.06
C LYS N 312 -22.81 -8.52 18.21
N GLU N 313 -22.41 -8.52 16.94
CA GLU N 313 -22.83 -7.50 15.99
C GLU N 313 -24.34 -7.40 15.86
N GLU N 314 -25.00 -8.53 15.71
CA GLU N 314 -26.45 -8.55 15.55
C GLU N 314 -27.15 -8.04 16.80
N ALA N 315 -26.60 -8.41 17.95
CA ALA N 315 -27.16 -8.00 19.24
C ALA N 315 -27.10 -6.49 19.41
N ILE N 316 -25.95 -5.89 19.12
CA ILE N 316 -25.79 -4.45 19.26
C ILE N 316 -26.80 -3.67 18.41
N LYS N 317 -27.15 -4.21 17.25
CA LYS N 317 -28.08 -3.56 16.34
C LYS N 317 -29.51 -3.45 16.85
N ARG N 318 -29.87 -4.22 17.87
CA ARG N 318 -31.23 -4.20 18.39
C ARG N 318 -31.39 -3.19 19.52
N ILE N 319 -30.30 -2.47 19.81
CA ILE N 319 -30.31 -1.49 20.87
C ILE N 319 -30.16 -0.05 20.38
N TRP N 320 -31.09 0.80 20.76
CA TRP N 320 -31.05 2.21 20.38
C TRP N 320 -31.04 3.06 21.64
N MSE N 321 -30.36 4.19 21.59
CA MSE N 321 -30.26 5.10 22.73
C MSE N 321 -30.54 6.55 22.39
O MSE N 321 -30.33 7.00 21.25
CB MSE N 321 -28.86 5.03 23.35
CG MSE N 321 -28.65 3.82 24.24
SE MSE N 321 -26.87 3.76 24.97
CE MSE N 321 -26.68 1.87 25.23
N VAL N 322 -31.01 7.30 23.38
CA VAL N 322 -31.34 8.70 23.23
C VAL N 322 -30.71 9.44 24.42
N ASP N 323 -29.97 10.52 24.17
CA ASP N 323 -29.35 11.25 25.26
C ASP N 323 -29.84 12.71 25.28
N SER N 324 -29.19 13.57 26.07
CA SER N 324 -29.61 14.96 26.17
C SER N 324 -29.61 15.73 24.85
N LYS N 325 -28.87 15.24 23.85
CA LYS N 325 -28.83 15.91 22.56
C LYS N 325 -29.78 15.25 21.58
N GLY N 326 -30.22 14.03 21.88
CA GLY N 326 -31.15 13.32 21.02
C GLY N 326 -30.70 11.90 20.68
N LEU N 327 -31.37 11.28 19.73
CA LEU N 327 -31.02 9.93 19.33
C LEU N 327 -29.56 9.82 18.92
N ILE N 328 -28.90 8.80 19.43
CA ILE N 328 -27.50 8.56 19.11
C ILE N 328 -27.44 7.83 17.77
N VAL N 329 -26.98 8.56 16.74
CA VAL N 329 -26.88 8.03 15.38
C VAL N 329 -25.46 8.15 14.83
N LYS N 330 -25.09 7.19 14.00
CA LYS N 330 -23.75 7.09 13.43
C LYS N 330 -22.91 8.27 12.96
N GLY N 331 -23.38 9.50 12.90
CA GLY N 331 -22.43 10.50 12.45
C GLY N 331 -22.70 11.75 13.22
N ARG N 332 -23.40 11.58 14.33
CA ARG N 332 -23.79 12.70 15.16
C ARG N 332 -22.64 13.29 15.95
N ALA N 333 -22.84 14.53 16.39
CA ALA N 333 -21.84 15.24 17.17
C ALA N 333 -22.06 14.95 18.65
N SER N 334 -21.04 15.19 19.47
CA SER N 334 -21.12 14.95 20.91
C SER N 334 -21.38 13.47 21.21
N LEU N 335 -20.47 12.60 20.79
CA LEU N 335 -20.61 11.17 21.06
C LEU N 335 -19.35 10.68 21.76
N THR N 336 -19.52 9.75 22.69
CA THR N 336 -18.38 9.22 23.41
C THR N 336 -18.07 7.86 22.78
N PRO N 337 -16.85 7.36 22.99
CA PRO N 337 -16.49 6.07 22.42
C PRO N 337 -17.55 5.03 22.78
N GLU N 338 -18.00 5.06 24.03
CA GLU N 338 -19.01 4.13 24.51
C GLU N 338 -20.34 4.31 23.81
N LYS N 339 -20.72 5.56 23.56
CA LYS N 339 -21.99 5.84 22.86
C LYS N 339 -21.93 5.42 21.40
N GLU N 340 -20.81 5.72 20.75
CA GLU N 340 -20.61 5.39 19.34
C GLU N 340 -20.80 3.90 19.07
N HIS N 341 -20.76 3.13 20.14
CA HIS N 341 -20.93 1.70 20.07
C HIS N 341 -22.35 1.34 19.62
N PHE N 342 -23.31 2.20 19.95
CA PHE N 342 -24.70 1.94 19.58
C PHE N 342 -25.20 2.98 18.59
N ALA N 343 -24.27 3.71 17.99
CA ALA N 343 -24.65 4.72 17.01
C ALA N 343 -24.95 3.99 15.71
N HIS N 344 -26.22 3.94 15.33
CA HIS N 344 -26.62 3.27 14.09
C HIS N 344 -26.90 4.28 12.99
N GLU N 345 -26.66 3.88 11.74
CA GLU N 345 -26.91 4.77 10.62
C GLU N 345 -28.40 5.08 10.66
N HIS N 346 -28.71 6.37 10.76
CA HIS N 346 -30.10 6.81 10.83
C HIS N 346 -30.08 8.33 10.90
N CYS N 347 -31.19 8.96 10.54
CA CYS N 347 -31.28 10.42 10.56
C CYS N 347 -31.29 10.89 12.01
N GLU N 348 -30.91 12.14 12.23
CA GLU N 348 -30.90 12.68 13.58
C GLU N 348 -32.33 13.01 14.02
N MSE N 349 -32.61 12.87 15.31
CA MSE N 349 -33.93 13.15 15.86
C MSE N 349 -33.80 13.62 17.31
O MSE N 349 -32.88 13.20 18.01
CB MSE N 349 -34.80 11.89 15.84
CG MSE N 349 -35.25 11.47 14.46
SE MSE N 349 -36.43 9.93 14.58
CE MSE N 349 -38.11 10.82 14.85
N LYS N 350 -34.73 14.47 17.75
CA LYS N 350 -34.70 14.99 19.12
C LYS N 350 -35.92 14.59 19.95
N ASN N 351 -37.10 14.75 19.37
CA ASN N 351 -38.34 14.45 20.06
C ASN N 351 -38.46 12.96 20.34
N LEU N 352 -38.71 12.64 21.61
CA LEU N 352 -38.84 11.25 22.05
C LEU N 352 -40.00 10.51 21.38
N GLU N 353 -41.19 11.12 21.38
CA GLU N 353 -42.34 10.48 20.77
C GLU N 353 -42.08 10.11 19.30
N ASP N 354 -41.45 11.00 18.53
CA ASP N 354 -41.15 10.69 17.13
C ASP N 354 -40.15 9.54 17.06
N ILE N 355 -39.17 9.55 17.94
CA ILE N 355 -38.16 8.50 17.98
C ILE N 355 -38.84 7.17 18.25
N VAL N 356 -39.78 7.16 19.18
CA VAL N 356 -40.52 5.95 19.53
C VAL N 356 -41.32 5.46 18.30
N LYS N 357 -41.93 6.40 17.58
CA LYS N 357 -42.71 6.07 16.38
C LYS N 357 -41.83 5.53 15.26
N ASP N 358 -40.63 6.11 15.13
CA ASP N 358 -39.65 5.72 14.11
C ASP N 358 -39.01 4.36 14.41
N ILE N 359 -38.45 4.18 15.59
CA ILE N 359 -37.80 2.92 15.96
C ILE N 359 -38.78 1.76 16.21
N LYS N 360 -39.94 2.10 16.75
CA LYS N 360 -40.97 1.10 17.07
C LYS N 360 -40.36 -0.07 17.87
N PRO N 361 -39.80 0.23 19.05
CA PRO N 361 -39.18 -0.78 19.92
C PRO N 361 -40.19 -1.63 20.65
N THR N 362 -39.74 -2.77 21.13
CA THR N 362 -40.59 -3.71 21.88
C THR N 362 -40.36 -3.51 23.38
N VAL N 363 -39.25 -2.84 23.72
CA VAL N 363 -38.90 -2.54 25.09
C VAL N 363 -38.47 -1.07 25.22
N LEU N 364 -39.10 -0.37 26.17
CA LEU N 364 -38.84 1.03 26.44
C LEU N 364 -38.21 1.13 27.84
N ILE N 365 -36.95 1.52 27.91
CA ILE N 365 -36.27 1.63 29.20
C ILE N 365 -35.88 3.07 29.52
N GLY N 366 -36.40 3.58 30.62
CA GLY N 366 -36.10 4.95 31.00
C GLY N 366 -35.09 5.05 32.12
N VAL N 367 -33.99 5.74 31.85
CA VAL N 367 -32.94 5.94 32.84
C VAL N 367 -32.27 7.27 32.59
N ALA N 368 -33.07 8.32 32.52
CA ALA N 368 -32.53 9.65 32.30
C ALA N 368 -33.09 10.61 33.36
N ALA N 369 -33.76 10.04 34.35
CA ALA N 369 -34.34 10.83 35.43
C ALA N 369 -35.26 11.94 34.92
N ILE N 370 -35.84 11.73 33.74
CA ILE N 370 -36.75 12.74 33.21
C ILE N 370 -38.18 12.47 33.63
N GLY N 371 -38.68 13.33 34.53
CA GLY N 371 -40.03 13.25 35.05
C GLY N 371 -40.99 12.26 34.39
N GLY N 372 -41.99 12.76 33.68
CA GLY N 372 -42.94 11.87 33.04
C GLY N 372 -42.67 11.72 31.56
N ALA N 373 -41.43 11.40 31.21
CA ALA N 373 -41.03 11.25 29.82
C ALA N 373 -41.93 10.32 29.04
N PHE N 374 -42.44 9.30 29.71
CA PHE N 374 -43.33 8.34 29.06
C PHE N 374 -44.77 8.82 29.12
N THR N 375 -45.10 9.76 28.25
CA THR N 375 -46.44 10.34 28.18
C THR N 375 -47.50 9.37 27.65
N GLN N 376 -48.75 9.79 27.68
CA GLN N 376 -49.85 8.97 27.18
C GLN N 376 -49.54 8.58 25.75
N GLN N 377 -49.21 9.59 24.95
CA GLN N 377 -48.88 9.42 23.54
C GLN N 377 -47.92 8.26 23.41
N ILE N 378 -46.71 8.45 23.93
CA ILE N 378 -45.68 7.45 23.90
C ILE N 378 -46.18 6.08 24.37
N LEU N 379 -46.93 6.07 25.47
CA LEU N 379 -47.44 4.83 26.03
C LEU N 379 -48.47 4.16 25.15
N GLN N 380 -49.26 4.96 24.43
CA GLN N 380 -50.27 4.42 23.54
C GLN N 380 -49.60 3.89 22.28
N ASP N 381 -48.59 4.62 21.79
CA ASP N 381 -47.83 4.23 20.61
C ASP N 381 -47.20 2.85 20.85
N MSE N 382 -46.67 2.65 22.05
CA MSE N 382 -46.06 1.36 22.42
C MSE N 382 -47.08 0.24 22.43
O MSE N 382 -46.79 -0.88 22.02
CB MSE N 382 -45.41 1.46 23.81
CG MSE N 382 -44.11 2.21 23.85
SE MSE N 382 -42.70 1.27 22.93
CE MSE N 382 -41.48 2.72 22.67
N ALA N 383 -48.27 0.55 22.93
CA ALA N 383 -49.35 -0.43 23.00
C ALA N 383 -49.91 -0.66 21.60
N ALA N 384 -49.51 0.20 20.67
CA ALA N 384 -49.95 0.11 19.28
C ALA N 384 -49.09 -0.84 18.45
N PHE N 385 -47.77 -0.67 18.49
CA PHE N 385 -46.88 -1.53 17.71
C PHE N 385 -46.58 -2.83 18.42
N ASN N 386 -47.00 -2.94 19.67
CA ASN N 386 -46.71 -4.14 20.44
C ASN N 386 -47.95 -4.73 21.09
N LYS N 387 -48.09 -6.05 21.03
CA LYS N 387 -49.22 -6.70 21.64
C LYS N 387 -49.07 -6.57 23.14
N ARG N 388 -47.84 -6.68 23.61
CA ARG N 388 -47.55 -6.56 25.04
C ARG N 388 -46.21 -5.89 25.24
N PRO N 389 -46.20 -4.55 25.18
CA PRO N 389 -44.98 -3.75 25.33
C PRO N 389 -44.39 -3.83 26.74
N ILE N 390 -43.07 -3.78 26.80
CA ILE N 390 -42.37 -3.82 28.07
C ILE N 390 -41.93 -2.39 28.39
N ILE N 391 -42.45 -1.84 29.48
CA ILE N 391 -42.14 -0.48 29.91
C ILE N 391 -41.36 -0.47 31.25
N PHE N 392 -40.15 0.10 31.21
CA PHE N 392 -39.28 0.21 32.39
C PHE N 392 -39.03 1.66 32.79
N ALA N 393 -39.71 2.13 33.83
CA ALA N 393 -39.50 3.49 34.32
C ALA N 393 -38.52 3.30 35.47
N LEU N 394 -37.24 3.20 35.13
CA LEU N 394 -36.23 2.93 36.15
C LEU N 394 -35.72 4.09 37.00
N SER N 395 -35.86 5.32 36.53
CA SER N 395 -35.37 6.47 37.29
C SER N 395 -35.89 6.63 38.72
N ASN N 396 -34.98 7.00 39.64
CA ASN N 396 -35.30 7.22 41.05
C ASN N 396 -34.96 8.66 41.46
N PRO N 397 -35.67 9.19 42.46
CA PRO N 397 -36.73 8.50 43.18
C PRO N 397 -38.03 8.67 42.40
N THR N 398 -39.15 8.28 43.00
CA THR N 398 -40.44 8.34 42.33
C THR N 398 -40.70 9.57 41.49
N SER N 399 -40.37 10.74 42.02
CA SER N 399 -40.60 12.00 41.30
C SER N 399 -39.93 12.01 39.92
N LYS N 400 -38.93 11.16 39.76
CA LYS N 400 -38.17 11.08 38.53
C LYS N 400 -38.64 9.95 37.62
N ALA N 401 -39.57 9.13 38.11
CA ALA N 401 -40.08 7.99 37.34
C ALA N 401 -40.70 8.40 36.01
N GLU N 402 -40.19 7.84 34.90
CA GLU N 402 -40.69 8.15 33.56
C GLU N 402 -42.23 8.11 33.44
N CYS N 403 -42.85 7.37 34.36
CA CYS N 403 -44.32 7.27 34.40
C CYS N 403 -44.75 6.41 35.59
N THR N 404 -46.03 6.51 35.92
CA THR N 404 -46.58 5.75 37.03
C THR N 404 -47.10 4.40 36.57
N ALA N 405 -47.32 3.50 37.52
CA ALA N 405 -47.85 2.19 37.23
C ALA N 405 -49.27 2.41 36.71
N GLU N 406 -50.03 3.26 37.40
CA GLU N 406 -51.39 3.56 36.96
C GLU N 406 -51.38 4.02 35.52
N GLN N 407 -50.53 5.00 35.21
CA GLN N 407 -50.43 5.55 33.86
C GLN N 407 -50.13 4.47 32.83
N LEU N 408 -49.13 3.65 33.14
CA LEU N 408 -48.70 2.58 32.25
C LEU N 408 -49.86 1.66 31.91
N TYR N 409 -50.51 1.12 32.93
CA TYR N 409 -51.63 0.21 32.72
C TYR N 409 -52.85 0.87 32.07
N LYS N 410 -53.01 2.17 32.25
CA LYS N 410 -54.15 2.86 31.68
C LYS N 410 -53.99 3.15 30.21
N TYR N 411 -52.86 3.75 29.84
CA TYR N 411 -52.64 4.10 28.45
C TYR N 411 -52.16 2.98 27.53
N THR N 412 -51.95 1.79 28.09
CA THR N 412 -51.54 0.65 27.27
C THR N 412 -52.67 -0.37 27.34
N GLU N 413 -53.82 0.10 27.81
CA GLU N 413 -55.01 -0.73 27.93
C GLU N 413 -54.72 -2.05 28.65
N GLY N 414 -54.02 -1.97 29.77
CA GLY N 414 -53.71 -3.15 30.55
C GLY N 414 -52.82 -4.17 29.88
N ARG N 415 -52.24 -3.83 28.73
CA ARG N 415 -51.37 -4.77 28.03
C ARG N 415 -49.88 -4.51 28.26
N GLY N 416 -49.55 -3.33 28.79
CA GLY N 416 -48.16 -3.01 29.04
C GLY N 416 -47.56 -3.81 30.19
N ILE N 417 -46.31 -4.24 30.04
CA ILE N 417 -45.60 -5.00 31.07
C ILE N 417 -44.75 -3.96 31.77
N PHE N 418 -45.10 -3.63 33.00
CA PHE N 418 -44.39 -2.59 33.74
C PHE N 418 -43.44 -2.99 34.87
N ALA N 419 -42.48 -2.11 35.11
CA ALA N 419 -41.49 -2.27 36.17
C ALA N 419 -40.88 -0.88 36.34
N SER N 420 -40.53 -0.54 37.59
CA SER N 420 -39.95 0.76 37.87
C SER N 420 -38.90 0.62 38.97
N GLY N 421 -38.06 1.65 39.10
CA GLY N 421 -37.03 1.63 40.11
C GLY N 421 -37.61 1.92 41.48
N SER N 422 -38.63 2.78 41.54
CA SER N 422 -39.29 3.13 42.81
C SER N 422 -40.65 2.42 42.90
N PRO N 423 -41.11 2.13 44.14
CA PRO N 423 -42.38 1.44 44.36
C PRO N 423 -43.68 2.19 44.00
N PHE N 424 -44.62 1.44 43.46
CA PHE N 424 -45.94 1.94 43.11
C PHE N 424 -46.89 0.89 43.66
N ASP N 425 -48.06 1.33 44.10
CA ASP N 425 -49.01 0.39 44.67
C ASP N 425 -49.68 -0.44 43.58
N PRO N 426 -50.28 -1.59 43.96
CA PRO N 426 -50.96 -2.45 43.00
C PRO N 426 -52.03 -1.66 42.27
N VAL N 427 -52.35 -2.12 41.06
CA VAL N 427 -53.35 -1.44 40.24
C VAL N 427 -54.45 -2.42 39.89
N THR N 428 -55.69 -2.00 40.09
CA THR N 428 -56.79 -2.87 39.72
C THR N 428 -57.36 -2.33 38.42
N LEU N 429 -57.20 -3.11 37.35
CA LEU N 429 -57.66 -2.75 36.02
C LEU N 429 -59.17 -2.70 35.94
N PRO N 430 -59.72 -2.05 34.90
CA PRO N 430 -61.17 -1.97 34.75
C PRO N 430 -61.75 -3.36 34.75
N SER N 431 -60.96 -4.30 34.23
CA SER N 431 -61.36 -5.70 34.13
C SER N 431 -61.56 -6.33 35.49
N GLY N 432 -61.13 -5.63 36.54
CA GLY N 432 -61.25 -6.16 37.87
C GLY N 432 -59.98 -6.85 38.29
N GLN N 433 -59.10 -7.18 37.34
CA GLN N 433 -57.85 -7.84 37.72
C GLN N 433 -56.85 -6.88 38.34
N THR N 434 -56.17 -7.34 39.38
CA THR N 434 -55.18 -6.54 40.08
C THR N 434 -53.76 -6.93 39.71
N LEU N 435 -53.02 -5.96 39.21
CA LEU N 435 -51.63 -6.18 38.81
C LEU N 435 -50.69 -5.61 39.85
N TYR N 436 -49.65 -6.37 40.15
CA TYR N 436 -48.66 -5.94 41.13
C TYR N 436 -47.35 -5.56 40.44
N PRO N 437 -47.19 -4.28 40.07
CA PRO N 437 -45.99 -3.79 39.41
C PRO N 437 -44.70 -4.11 40.18
N GLY N 438 -43.76 -4.75 39.50
CA GLY N 438 -42.50 -5.12 40.12
C GLY N 438 -41.53 -3.95 40.17
N GLN N 439 -40.59 -4.02 41.10
CA GLN N 439 -39.62 -2.96 41.28
C GLN N 439 -38.24 -3.33 40.74
N GLY N 440 -37.90 -2.78 39.58
CA GLY N 440 -36.60 -3.05 39.00
C GLY N 440 -35.57 -2.16 39.66
N ASN N 441 -34.93 -2.65 40.71
CA ASN N 441 -33.93 -1.86 41.42
C ASN N 441 -32.74 -2.71 41.87
N ASN N 442 -31.55 -2.09 41.97
CA ASN N 442 -30.34 -2.79 42.40
C ASN N 442 -30.59 -3.66 43.63
N SER N 443 -31.50 -3.20 44.47
CA SER N 443 -31.87 -3.90 45.69
C SER N 443 -32.03 -5.42 45.51
N TYR N 444 -32.39 -5.85 44.31
CA TYR N 444 -32.55 -7.28 44.05
C TYR N 444 -31.21 -7.95 43.81
N VAL N 445 -30.20 -7.13 43.53
CA VAL N 445 -28.87 -7.61 43.21
C VAL N 445 -27.74 -7.42 44.21
N PHE N 446 -27.41 -6.18 44.57
CA PHE N 446 -26.27 -5.99 45.45
C PHE N 446 -26.28 -6.74 46.78
N PRO N 447 -27.47 -7.00 47.36
CA PRO N 447 -27.40 -7.73 48.62
C PRO N 447 -26.89 -9.16 48.41
N GLY N 448 -27.43 -9.84 47.40
CA GLY N 448 -27.03 -11.22 47.12
C GLY N 448 -25.62 -11.33 46.61
N VAL N 449 -25.23 -10.40 45.75
CA VAL N 449 -23.89 -10.39 45.20
C VAL N 449 -22.91 -10.31 46.37
N ALA N 450 -23.19 -9.40 47.29
CA ALA N 450 -22.37 -9.20 48.47
C ALA N 450 -22.29 -10.48 49.29
N LEU N 451 -23.45 -11.03 49.64
CA LEU N 451 -23.47 -12.25 50.44
C LEU N 451 -22.63 -13.28 49.73
N GLY N 452 -22.73 -13.31 48.40
CA GLY N 452 -21.98 -14.28 47.64
C GLY N 452 -20.48 -14.04 47.67
N VAL N 453 -20.07 -12.85 47.22
CA VAL N 453 -18.66 -12.49 47.18
C VAL N 453 -18.01 -12.71 48.53
N ILE N 454 -18.60 -12.15 49.58
CA ILE N 454 -18.07 -12.27 50.94
C ILE N 454 -17.91 -13.71 51.40
N SER N 455 -18.93 -14.52 51.14
CA SER N 455 -18.91 -15.90 51.57
C SER N 455 -17.83 -16.77 50.96
N CYS N 456 -17.62 -16.67 49.65
CA CYS N 456 -16.59 -17.50 48.99
C CYS N 456 -15.27 -16.76 48.77
N GLY N 457 -15.31 -15.44 48.88
CA GLY N 457 -14.11 -14.64 48.70
C GLY N 457 -13.70 -14.45 47.25
N LEU N 458 -14.68 -14.24 46.38
CA LEU N 458 -14.42 -14.02 44.97
C LEU N 458 -13.46 -12.83 44.89
N LYS N 459 -12.29 -13.06 44.31
CA LYS N 459 -11.30 -12.00 44.21
C LYS N 459 -11.70 -10.84 43.31
N HIS N 460 -12.35 -11.15 42.19
CA HIS N 460 -12.77 -10.11 41.26
C HIS N 460 -14.14 -10.47 40.65
N ILE N 461 -14.94 -9.46 40.35
CA ILE N 461 -16.27 -9.69 39.83
C ILE N 461 -16.39 -9.39 38.34
N GLY N 462 -16.56 -10.44 37.55
CA GLY N 462 -16.69 -10.27 36.12
C GLY N 462 -18.14 -10.03 35.73
N ASP N 463 -18.39 -9.53 34.54
CA ASP N 463 -19.75 -9.26 34.10
C ASP N 463 -20.61 -10.51 34.08
N ASP N 464 -19.97 -11.66 33.91
CA ASP N 464 -20.68 -12.91 33.88
C ASP N 464 -21.42 -13.09 35.21
N VAL N 465 -20.79 -12.66 36.31
CA VAL N 465 -21.41 -12.76 37.62
C VAL N 465 -22.80 -12.10 37.62
N PHE N 466 -22.91 -10.96 36.94
CA PHE N 466 -24.18 -10.24 36.87
C PHE N 466 -25.20 -10.90 35.93
N LEU N 467 -24.71 -11.49 34.84
CA LEU N 467 -25.61 -12.15 33.90
C LEU N 467 -26.19 -13.34 34.64
N THR N 468 -25.33 -14.05 35.33
CA THR N 468 -25.74 -15.22 36.10
C THR N 468 -26.76 -14.78 37.14
N THR N 469 -26.45 -13.69 37.84
CA THR N 469 -27.36 -13.19 38.86
C THR N 469 -28.71 -12.91 38.22
N ALA N 470 -28.70 -12.33 37.02
CA ALA N 470 -29.94 -12.01 36.32
C ALA N 470 -30.78 -13.25 36.05
N GLU N 471 -30.13 -14.35 35.70
CA GLU N 471 -30.83 -15.58 35.44
C GLU N 471 -31.37 -16.17 36.75
N VAL N 472 -30.59 -16.05 37.82
CA VAL N 472 -30.99 -16.54 39.13
C VAL N 472 -32.31 -15.90 39.57
N ILE N 473 -32.33 -14.56 39.50
CA ILE N 473 -33.48 -13.77 39.87
C ILE N 473 -34.73 -14.15 39.07
N ALA N 474 -34.59 -14.14 37.75
CA ALA N 474 -35.69 -14.47 36.85
C ALA N 474 -36.23 -15.87 37.14
N GLN N 475 -35.33 -16.81 37.45
CA GLN N 475 -35.73 -18.17 37.76
C GLN N 475 -36.58 -18.28 39.02
N GLU N 476 -36.57 -17.23 39.84
CA GLU N 476 -37.36 -17.23 41.06
C GLU N 476 -38.74 -16.60 40.85
N VAL N 477 -39.01 -16.17 39.62
CA VAL N 477 -40.29 -15.56 39.29
C VAL N 477 -41.20 -16.70 38.87
N SER N 478 -42.28 -16.88 39.62
CA SER N 478 -43.23 -17.97 39.35
C SER N 478 -44.24 -17.60 38.28
N GLU N 479 -44.98 -18.60 37.82
CA GLU N 479 -46.01 -18.40 36.81
C GLU N 479 -47.07 -17.52 37.47
N GLU N 480 -47.37 -17.81 38.73
CA GLU N 480 -48.36 -17.05 39.47
C GLU N 480 -47.92 -15.58 39.52
N ASN N 481 -46.64 -15.35 39.81
CA ASN N 481 -46.10 -14.00 39.85
C ASN N 481 -46.37 -13.31 38.52
N LEU N 482 -45.90 -13.92 37.45
CA LEU N 482 -46.08 -13.39 36.11
C LEU N 482 -47.52 -13.03 35.80
N GLN N 483 -48.46 -13.89 36.22
CA GLN N 483 -49.89 -13.67 35.97
C GLN N 483 -50.42 -12.44 36.72
N GLU N 484 -49.69 -11.99 37.73
CA GLU N 484 -50.08 -10.80 38.49
C GLU N 484 -49.43 -9.54 37.90
N GLY N 485 -48.48 -9.75 36.98
CA GLY N 485 -47.78 -8.64 36.36
C GLY N 485 -46.43 -8.37 37.00
N ARG N 486 -45.94 -9.35 37.77
CA ARG N 486 -44.65 -9.22 38.46
C ARG N 486 -43.50 -9.79 37.64
N LEU N 487 -42.53 -8.95 37.30
CA LEU N 487 -41.36 -9.40 36.55
C LEU N 487 -40.25 -9.78 37.51
N TYR N 488 -40.51 -9.60 38.81
CA TYR N 488 -39.54 -9.92 39.85
C TYR N 488 -40.23 -10.64 41.01
N PRO N 489 -39.50 -11.55 41.68
CA PRO N 489 -40.15 -12.25 42.79
C PRO N 489 -40.57 -11.29 43.89
N PRO N 490 -41.70 -11.58 44.56
CA PRO N 490 -42.23 -10.74 45.63
C PRO N 490 -41.17 -10.28 46.62
N LEU N 491 -41.20 -8.99 46.93
CA LEU N 491 -40.24 -8.38 47.85
C LEU N 491 -40.09 -9.12 49.18
N VAL N 492 -41.18 -9.70 49.66
CA VAL N 492 -41.13 -10.39 50.93
C VAL N 492 -40.25 -11.64 50.85
N THR N 493 -39.84 -12.02 49.64
CA THR N 493 -39.01 -13.21 49.46
C THR N 493 -37.56 -12.82 49.14
N ILE N 494 -37.28 -11.53 49.13
CA ILE N 494 -35.94 -11.04 48.80
C ILE N 494 -34.78 -11.75 49.53
N GLN N 495 -34.96 -12.10 50.80
CA GLN N 495 -33.87 -12.77 51.48
C GLN N 495 -33.53 -14.12 50.89
N GLN N 496 -34.53 -14.88 50.47
CA GLN N 496 -34.28 -16.18 49.87
C GLN N 496 -33.67 -16.01 48.49
N VAL N 497 -34.12 -14.97 47.79
CA VAL N 497 -33.60 -14.69 46.46
C VAL N 497 -32.13 -14.38 46.59
N SER N 498 -31.78 -13.59 47.59
CA SER N 498 -30.38 -13.23 47.81
C SER N 498 -29.53 -14.46 48.10
N LEU N 499 -30.06 -15.40 48.89
CA LEU N 499 -29.32 -16.61 49.22
C LEU N 499 -29.04 -17.42 47.96
N LYS N 500 -30.03 -17.50 47.07
CA LYS N 500 -29.86 -18.23 45.83
C LYS N 500 -28.76 -17.59 44.99
N ILE N 501 -28.72 -16.25 44.97
CA ILE N 501 -27.70 -15.54 44.20
C ILE N 501 -26.32 -15.79 44.83
N ALA N 502 -26.23 -15.68 46.14
CA ALA N 502 -24.97 -15.92 46.83
C ALA N 502 -24.47 -17.33 46.59
N VAL N 503 -25.36 -18.32 46.65
CA VAL N 503 -24.94 -19.71 46.45
C VAL N 503 -24.46 -19.98 45.02
N ARG N 504 -25.17 -19.41 44.06
CA ARG N 504 -24.80 -19.61 42.67
C ARG N 504 -23.46 -18.95 42.40
N ILE N 505 -23.26 -17.77 42.98
CA ILE N 505 -21.98 -17.07 42.79
C ILE N 505 -20.84 -17.88 43.39
N ALA N 506 -21.08 -18.45 44.57
CA ALA N 506 -20.07 -19.26 45.22
C ALA N 506 -19.73 -20.46 44.33
N LYS N 507 -20.76 -21.15 43.84
CA LYS N 507 -20.55 -22.32 42.99
C LYS N 507 -19.61 -21.99 41.83
N GLU N 508 -19.94 -20.96 41.08
CA GLU N 508 -19.12 -20.56 39.96
C GLU N 508 -17.71 -20.19 40.40
N ALA N 509 -17.64 -19.50 41.53
CA ALA N 509 -16.37 -19.06 42.08
C ALA N 509 -15.41 -20.22 42.28
N TYR N 510 -15.89 -21.28 42.94
CA TYR N 510 -15.04 -22.44 43.18
C TYR N 510 -14.74 -23.16 41.87
N ARG N 511 -15.71 -23.19 40.96
CA ARG N 511 -15.53 -23.84 39.66
C ARG N 511 -14.38 -23.21 38.90
N ASN N 512 -14.44 -21.89 38.74
CA ASN N 512 -13.43 -21.13 38.01
C ASN N 512 -12.21 -20.79 38.87
N ASN N 513 -12.16 -21.35 40.08
CA ASN N 513 -11.05 -21.11 41.01
C ASN N 513 -10.77 -19.64 41.29
N THR N 514 -11.83 -18.86 41.37
CA THR N 514 -11.72 -17.44 41.64
C THR N 514 -12.11 -17.16 43.08
N ALA N 515 -12.40 -18.24 43.81
CA ALA N 515 -12.79 -18.15 45.21
C ALA N 515 -11.54 -18.03 46.09
N SER N 516 -11.74 -17.70 47.36
CA SER N 516 -10.61 -17.57 48.28
C SER N 516 -10.87 -18.33 49.59
N THR N 517 -12.14 -18.56 49.91
CA THR N 517 -12.48 -19.26 51.13
C THR N 517 -12.28 -20.78 50.99
N TYR N 518 -11.29 -21.30 51.71
CA TYR N 518 -10.98 -22.73 51.67
C TYR N 518 -10.73 -23.25 53.08
N PRO N 519 -10.94 -24.56 53.29
CA PRO N 519 -11.39 -25.50 52.25
C PRO N 519 -12.80 -25.17 51.78
N GLN N 520 -13.14 -25.65 50.60
CA GLN N 520 -14.46 -25.40 50.04
C GLN N 520 -15.53 -26.18 50.79
N PRO N 521 -16.64 -25.52 51.14
CA PRO N 521 -17.74 -26.16 51.86
C PRO N 521 -18.35 -27.28 51.07
N GLU N 522 -18.72 -28.38 51.75
CA GLU N 522 -19.33 -29.52 51.05
C GLU N 522 -20.76 -29.20 50.60
N ASP N 523 -21.43 -28.33 51.36
CA ASP N 523 -22.80 -27.89 51.04
C ASP N 523 -22.83 -26.38 51.15
N LEU N 524 -22.62 -25.69 50.04
CA LEU N 524 -22.59 -24.23 50.02
C LEU N 524 -23.83 -23.54 50.59
N GLU N 525 -24.99 -24.06 50.26
CA GLU N 525 -26.27 -23.52 50.71
C GLU N 525 -26.29 -23.53 52.24
N ALA N 526 -25.86 -24.63 52.84
CA ALA N 526 -25.84 -24.72 54.30
C ALA N 526 -24.77 -23.80 54.86
N PHE N 527 -23.64 -23.71 54.18
CA PHE N 527 -22.53 -22.86 54.63
C PHE N 527 -22.94 -21.41 54.67
N ILE N 528 -23.49 -20.93 53.58
CA ILE N 528 -23.93 -19.55 53.50
C ILE N 528 -25.08 -19.26 54.44
N ARG N 529 -25.98 -20.22 54.62
CA ARG N 529 -27.10 -19.96 55.51
C ARG N 529 -26.63 -19.80 56.95
N SER N 530 -25.50 -20.40 57.29
CA SER N 530 -24.96 -20.29 58.64
C SER N 530 -24.12 -19.01 58.81
N GLN N 531 -23.90 -18.30 57.72
CA GLN N 531 -23.10 -17.09 57.73
C GLN N 531 -23.98 -15.84 57.77
N VAL N 532 -25.28 -16.04 57.63
CA VAL N 532 -26.21 -14.93 57.62
C VAL N 532 -26.47 -14.30 58.98
N TYR N 533 -26.77 -13.01 58.97
CA TYR N 533 -27.05 -12.26 60.19
C TYR N 533 -28.36 -12.72 60.81
N SER N 534 -28.38 -12.80 62.13
CA SER N 534 -29.60 -13.20 62.83
C SER N 534 -30.12 -12.02 63.60
N THR N 535 -31.43 -11.88 63.57
CA THR N 535 -32.10 -10.78 64.24
C THR N 535 -32.30 -10.97 65.74
N ASP N 536 -32.15 -12.20 66.21
CA ASP N 536 -32.33 -12.49 67.62
C ASP N 536 -31.20 -11.91 68.45
N TYR N 537 -31.54 -11.50 69.67
CA TYR N 537 -30.56 -10.95 70.60
C TYR N 537 -29.68 -12.09 71.11
N ASN N 538 -28.49 -11.74 71.60
CA ASN N 538 -27.60 -12.76 72.14
C ASN N 538 -27.77 -12.68 73.64
N CYS N 539 -27.28 -13.68 74.36
CA CYS N 539 -27.39 -13.65 75.81
C CYS N 539 -26.08 -13.10 76.33
N PHE N 540 -26.17 -12.08 77.18
CA PHE N 540 -24.98 -11.43 77.75
C PHE N 540 -24.52 -11.97 79.10
N VAL N 541 -25.10 -13.07 79.54
CA VAL N 541 -24.72 -13.67 80.82
C VAL N 541 -23.39 -14.38 80.67
N ALA N 542 -22.55 -14.32 81.70
CA ALA N 542 -21.25 -14.97 81.65
C ALA N 542 -21.44 -16.47 81.52
N ASP N 543 -20.59 -17.11 80.72
CA ASP N 543 -20.64 -18.56 80.53
C ASP N 543 -20.14 -19.23 81.81
N SER N 544 -21.04 -19.44 82.77
CA SER N 544 -20.65 -20.06 84.02
C SER N 544 -20.94 -21.55 84.05
N TYR N 545 -20.00 -22.30 84.62
CA TYR N 545 -20.13 -23.75 84.75
C TYR N 545 -19.11 -24.22 85.77
N THR N 546 -19.40 -25.36 86.37
CA THR N 546 -18.56 -25.89 87.42
C THR N 546 -17.59 -26.97 86.98
N TRP N 547 -16.50 -27.11 87.74
CA TRP N 547 -15.51 -28.14 87.48
C TRP N 547 -15.81 -29.15 88.57
N PRO N 548 -15.14 -30.30 88.56
CA PRO N 548 -15.41 -31.26 89.61
C PRO N 548 -15.33 -30.57 90.97
N GLU N 549 -14.85 -31.23 92.00
CA GLU N 549 -14.87 -30.56 93.28
C GLU N 549 -13.53 -30.40 93.92
N GLU N 550 -12.70 -31.42 93.74
CA GLU N 550 -11.35 -31.40 94.29
C GLU N 550 -10.52 -30.45 93.42
N ALA N 551 -10.85 -30.40 92.13
CA ALA N 551 -10.14 -29.55 91.18
C ALA N 551 -10.52 -28.10 91.37
N MSE N 552 -11.63 -27.89 92.07
CA MSE N 552 -12.15 -26.56 92.31
C MSE N 552 -11.87 -26.09 93.74
O MSE N 552 -12.25 -24.98 94.13
CB MSE N 552 -13.65 -26.58 92.02
CG MSE N 552 -14.27 -25.26 91.69
SE MSE N 552 -16.03 -25.49 90.89
CE MSE N 552 -16.72 -26.90 92.00
N LYS N 553 -11.19 -26.94 94.50
CA LYS N 553 -10.85 -26.66 95.90
C LYS N 553 -9.90 -25.48 96.02
N VAL N 554 -9.98 -24.80 97.16
CA VAL N 554 -9.10 -23.66 97.44
C VAL N 554 -7.99 -24.09 98.38
N LYS N 555 -6.74 -23.88 97.96
CA LYS N 555 -5.58 -24.25 98.76
C LYS N 555 -4.98 -23.03 99.48
N LYS O 1 -5.89 3.25 72.85
CA LYS O 1 -5.68 3.11 74.28
C LYS O 1 -4.87 4.31 74.81
N LYS O 2 -5.04 4.61 76.10
CA LYS O 2 -4.36 5.74 76.74
C LYS O 2 -4.43 5.66 78.27
N GLY O 3 -3.64 6.50 78.93
CA GLY O 3 -3.61 6.52 80.38
C GLY O 3 -2.64 5.50 80.92
N TYR O 4 -2.65 5.34 82.23
CA TYR O 4 -1.78 4.40 82.92
C TYR O 4 -1.92 2.97 82.39
N GLU O 5 -3.06 2.68 81.78
CA GLU O 5 -3.31 1.35 81.26
C GLU O 5 -2.29 0.99 80.18
N VAL O 6 -1.68 2.01 79.57
CA VAL O 6 -0.67 1.83 78.53
C VAL O 6 0.63 1.30 79.12
N LEU O 7 0.99 1.81 80.30
CA LEU O 7 2.20 1.39 80.98
C LEU O 7 2.16 -0.05 81.43
N ARG O 8 0.95 -0.58 81.60
CA ARG O 8 0.76 -1.95 82.08
C ARG O 8 0.59 -2.95 80.95
N ASP O 9 0.50 -2.44 79.72
CA ASP O 9 0.35 -3.30 78.57
C ASP O 9 1.77 -3.44 78.01
N PRO O 10 2.42 -4.57 78.25
CA PRO O 10 3.78 -4.75 77.75
C PRO O 10 3.90 -4.57 76.25
N HIS O 11 2.81 -4.79 75.54
CA HIS O 11 2.85 -4.67 74.10
C HIS O 11 2.95 -3.22 73.66
N LEU O 12 2.52 -2.31 74.52
CA LEU O 12 2.55 -0.89 74.22
C LEU O 12 3.63 -0.16 75.02
N ASN O 13 3.79 -0.55 76.28
CA ASN O 13 4.75 0.07 77.18
C ASN O 13 6.16 0.26 76.67
N LYS O 14 6.62 1.51 76.69
CA LYS O 14 7.98 1.87 76.26
C LYS O 14 8.85 2.28 77.45
N GLY O 15 8.22 2.44 78.61
CA GLY O 15 8.95 2.82 79.80
C GLY O 15 9.40 4.28 79.70
N MSE O 16 10.59 4.57 80.17
CA MSE O 16 11.08 5.94 80.08
C MSE O 16 11.45 6.34 78.64
O MSE O 16 11.92 7.46 78.40
CB MSE O 16 12.27 6.16 81.03
CG MSE O 16 11.86 6.13 82.51
SE MSE O 16 13.38 6.05 83.72
CE MSE O 16 13.93 4.24 83.44
N ALA O 17 11.22 5.42 77.71
CA ALA O 17 11.52 5.69 76.31
C ALA O 17 10.39 6.53 75.70
N PHE O 18 9.35 6.77 76.48
CA PHE O 18 8.23 7.58 76.02
C PHE O 18 8.65 9.04 75.96
N THR O 19 8.45 9.65 74.80
CA THR O 19 8.76 11.06 74.58
C THR O 19 7.96 11.95 75.51
N LEU O 20 8.42 13.18 75.71
CA LEU O 20 7.68 14.09 76.57
C LEU O 20 6.33 14.34 75.91
N GLU O 21 6.36 14.55 74.59
CA GLU O 21 5.12 14.78 73.87
C GLU O 21 4.20 13.55 73.91
N GLU O 22 4.79 12.37 73.81
CA GLU O 22 3.99 11.15 73.86
C GLU O 22 3.34 11.02 75.23
N ARG O 23 4.09 11.32 76.29
CA ARG O 23 3.55 11.23 77.65
C ARG O 23 2.39 12.18 77.84
N GLN O 24 2.54 13.41 77.36
CA GLN O 24 1.48 14.41 77.51
C GLN O 24 0.21 13.97 76.77
N GLN O 25 0.38 13.51 75.53
CA GLN O 25 -0.76 13.07 74.72
C GLN O 25 -1.38 11.77 75.26
N LEU O 26 -0.55 10.91 75.83
CA LEU O 26 -1.03 9.62 76.37
C LEU O 26 -1.61 9.75 77.75
N ASN O 27 -1.51 10.96 78.32
CA ASN O 27 -2.01 11.21 79.66
C ASN O 27 -1.29 10.36 80.69
N ILE O 28 0.03 10.30 80.60
CA ILE O 28 0.82 9.55 81.57
C ILE O 28 1.97 10.41 82.09
N HIS O 29 2.05 11.65 81.61
CA HIS O 29 3.12 12.54 82.04
C HIS O 29 3.10 12.75 83.53
N GLY O 30 4.12 12.23 84.20
CA GLY O 30 4.19 12.36 85.63
C GLY O 30 4.22 10.99 86.27
N LEU O 31 3.86 9.97 85.51
CA LEU O 31 3.86 8.61 86.03
C LEU O 31 5.21 7.98 85.77
N LEU O 32 6.07 8.70 85.09
CA LEU O 32 7.41 8.20 84.80
C LEU O 32 8.43 9.21 85.28
N PRO O 33 9.61 8.75 85.71
CA PRO O 33 10.60 9.73 86.17
C PRO O 33 10.98 10.66 85.02
N PRO O 34 11.37 11.91 85.34
CA PRO O 34 11.76 12.95 84.38
C PRO O 34 12.98 12.72 83.51
N CYS O 35 13.12 11.52 82.94
CA CYS O 35 14.25 11.24 82.07
C CYS O 35 13.78 10.44 80.85
N PHE O 36 14.35 10.75 79.69
CA PHE O 36 13.98 10.10 78.42
C PHE O 36 15.16 9.38 77.83
N LEU O 37 15.03 8.07 77.58
CA LEU O 37 16.16 7.36 77.03
C LEU O 37 15.85 6.47 75.83
N GLY O 38 16.90 6.08 75.12
CA GLY O 38 16.71 5.24 73.96
C GLY O 38 16.80 3.78 74.34
N GLN O 39 16.51 2.89 73.39
CA GLN O 39 16.56 1.47 73.68
C GLN O 39 17.92 1.05 74.22
N ASP O 40 18.99 1.58 73.62
CA ASP O 40 20.32 1.23 74.06
C ASP O 40 20.53 1.52 75.53
N ALA O 41 20.08 2.70 75.98
CA ALA O 41 20.24 3.05 77.38
C ALA O 41 19.42 2.07 78.24
N GLN O 42 18.26 1.68 77.72
CA GLN O 42 17.39 0.75 78.43
C GLN O 42 18.02 -0.64 78.51
N VAL O 43 18.63 -1.06 77.40
CA VAL O 43 19.27 -2.37 77.36
C VAL O 43 20.42 -2.40 78.36
N TYR O 44 21.14 -1.29 78.47
CA TYR O 44 22.24 -1.19 79.40
C TYR O 44 21.76 -1.53 80.83
N SER O 45 20.68 -0.85 81.24
CA SER O 45 20.10 -1.07 82.56
C SER O 45 19.81 -2.55 82.76
N ILE O 46 19.19 -3.18 81.75
CA ILE O 46 18.85 -4.60 81.84
C ILE O 46 20.10 -5.44 82.02
N LEU O 47 21.17 -5.05 81.33
CA LEU O 47 22.44 -5.76 81.42
C LEU O 47 23.09 -5.63 82.80
N LYS O 48 22.96 -4.47 83.42
CA LYS O 48 23.54 -4.27 84.75
C LYS O 48 22.76 -5.15 85.72
N ASN O 49 21.46 -5.28 85.50
CA ASN O 49 20.62 -6.11 86.36
C ASN O 49 20.85 -7.60 86.14
N PHE O 50 21.16 -7.96 84.90
CA PHE O 50 21.42 -9.35 84.53
C PHE O 50 22.75 -9.79 85.13
N GLU O 51 23.78 -8.98 84.91
CA GLU O 51 25.13 -9.25 85.42
C GLU O 51 25.22 -9.54 86.92
N ARG O 52 24.55 -8.75 87.75
CA ARG O 52 24.64 -8.99 89.18
C ARG O 52 23.96 -10.25 89.70
N LEU O 53 23.09 -10.86 88.90
CA LEU O 53 22.40 -12.07 89.37
C LEU O 53 23.40 -13.22 89.55
N THR O 54 23.05 -14.19 90.40
CA THR O 54 23.95 -15.32 90.65
C THR O 54 23.33 -16.71 90.52
N SER O 55 22.25 -16.82 89.75
CA SER O 55 21.56 -18.09 89.56
C SER O 55 20.88 -18.07 88.19
N ASP O 56 20.82 -19.21 87.51
CA ASP O 56 20.18 -19.26 86.20
C ASP O 56 18.69 -19.02 86.38
N LEU O 57 18.14 -19.56 87.46
CA LEU O 57 16.73 -19.39 87.73
C LEU O 57 16.42 -17.90 87.90
N ASP O 58 17.30 -17.17 88.57
CA ASP O 58 17.06 -15.76 88.77
C ASP O 58 17.15 -14.99 87.46
N ARG O 59 18.13 -15.31 86.63
CA ARG O 59 18.27 -14.63 85.35
C ARG O 59 17.02 -14.90 84.52
N TYR O 60 16.48 -16.11 84.67
CA TYR O 60 15.27 -16.49 83.96
C TYR O 60 14.16 -15.55 84.45
N ILE O 61 13.96 -15.48 85.75
CA ILE O 61 12.92 -14.63 86.31
C ILE O 61 13.08 -13.18 85.88
N LEU O 62 14.32 -12.69 85.83
CA LEU O 62 14.55 -11.32 85.40
C LEU O 62 14.01 -11.11 83.98
N LEU O 63 14.45 -11.95 83.05
CA LEU O 63 14.03 -11.86 81.67
C LEU O 63 12.51 -12.03 81.47
N MSE O 64 11.90 -12.94 82.21
CA MSE O 64 10.46 -13.15 82.09
C MSE O 64 9.68 -11.92 82.52
O MSE O 64 8.67 -11.58 81.92
CB MSE O 64 10.02 -14.37 82.90
CG MSE O 64 10.49 -15.70 82.34
SE MSE O 64 9.86 -16.01 80.53
CE MSE O 64 8.08 -15.21 80.67
N SER O 65 10.15 -11.24 83.56
CA SER O 65 9.45 -10.06 84.02
C SER O 65 9.67 -8.89 83.06
N LEU O 66 10.76 -8.95 82.29
CA LEU O 66 11.04 -7.90 81.31
C LEU O 66 10.01 -8.10 80.19
N GLN O 67 9.80 -9.36 79.82
CA GLN O 67 8.83 -9.73 78.80
C GLN O 67 7.42 -9.32 79.23
N ASP O 68 7.15 -9.35 80.54
CA ASP O 68 5.83 -8.98 81.05
C ASP O 68 5.70 -7.46 81.23
N ARG O 69 6.83 -6.77 81.10
CA ARG O 69 6.84 -5.34 81.30
C ARG O 69 6.93 -4.53 80.02
N ASN O 70 7.87 -4.89 79.16
CA ASN O 70 8.11 -4.19 77.90
C ASN O 70 8.50 -5.14 76.75
N GLU O 71 7.52 -5.45 75.91
CA GLU O 71 7.70 -6.35 74.76
C GLU O 71 8.89 -6.05 73.85
N LYS O 72 8.89 -4.87 73.25
CA LYS O 72 9.97 -4.47 72.34
C LYS O 72 11.35 -4.63 72.98
N LEU O 73 11.52 -4.07 74.18
CA LEU O 73 12.78 -4.14 74.89
C LEU O 73 13.19 -5.56 75.16
N PHE O 74 12.23 -6.41 75.50
CA PHE O 74 12.56 -7.80 75.78
C PHE O 74 13.25 -8.44 74.59
N TYR O 75 12.64 -8.30 73.41
CA TYR O 75 13.19 -8.86 72.21
C TYR O 75 14.44 -8.13 71.74
N LYS O 76 14.56 -6.86 72.11
CA LYS O 76 15.73 -6.09 71.74
C LYS O 76 16.92 -6.65 72.50
N VAL O 77 16.69 -7.08 73.73
CA VAL O 77 17.73 -7.63 74.58
C VAL O 77 18.12 -9.04 74.16
N LEU O 78 17.13 -9.85 73.79
CA LEU O 78 17.42 -11.20 73.35
C LEU O 78 18.24 -11.15 72.06
N THR O 79 17.77 -10.40 71.08
CA THR O 79 18.48 -10.34 69.82
C THR O 79 19.79 -9.55 69.90
N SER O 80 20.06 -8.91 71.04
CA SER O 80 21.30 -8.15 71.18
C SER O 80 22.50 -9.05 71.45
N ASP O 81 22.24 -10.29 71.86
CA ASP O 81 23.29 -11.27 72.15
C ASP O 81 22.61 -12.65 72.27
N ILE O 82 22.01 -13.11 71.18
CA ILE O 82 21.29 -14.37 71.20
C ILE O 82 22.06 -15.53 71.82
N GLU O 83 23.35 -15.62 71.59
CA GLU O 83 24.08 -16.73 72.19
C GLU O 83 24.11 -16.66 73.71
N ARG O 84 23.96 -15.46 74.26
CA ARG O 84 23.98 -15.30 75.70
C ARG O 84 22.63 -15.54 76.38
N PHE O 85 21.57 -15.00 75.78
CA PHE O 85 20.24 -15.12 76.36
C PHE O 85 19.37 -16.30 75.99
N MSE O 86 19.64 -16.90 74.84
CA MSE O 86 18.85 -18.05 74.41
C MSE O 86 18.91 -19.17 75.46
O MSE O 86 17.87 -19.74 75.81
CB MSE O 86 19.37 -18.57 73.04
CG MSE O 86 18.36 -19.45 72.29
SE MSE O 86 19.03 -20.22 70.62
CE MSE O 86 19.13 -18.65 69.56
N PRO O 87 20.09 -19.48 76.01
CA PRO O 87 20.23 -20.52 77.02
C PRO O 87 19.44 -20.24 78.29
N ILE O 88 19.08 -18.97 78.49
CA ILE O 88 18.32 -18.56 79.67
C ILE O 88 16.83 -18.73 79.42
N VAL O 89 16.35 -18.19 78.31
CA VAL O 89 14.94 -18.26 77.96
C VAL O 89 14.53 -19.58 77.31
N TYR O 90 15.51 -20.27 76.73
CA TYR O 90 15.28 -21.55 76.07
C TYR O 90 16.11 -22.61 76.82
N THR O 91 16.48 -23.70 76.15
CA THR O 91 17.27 -24.74 76.82
C THR O 91 18.65 -24.19 77.19
N PRO O 92 19.22 -24.63 78.33
CA PRO O 92 18.70 -25.59 79.29
C PRO O 92 17.94 -24.96 80.45
N THR O 93 18.00 -23.63 80.56
CA THR O 93 17.35 -22.95 81.67
C THR O 93 15.83 -23.09 81.69
N VAL O 94 15.21 -23.12 80.50
CA VAL O 94 13.76 -23.26 80.44
C VAL O 94 13.32 -24.58 81.06
N GLY O 95 14.24 -25.54 81.11
CA GLY O 95 13.92 -26.83 81.70
C GLY O 95 13.96 -26.69 83.21
N LEU O 96 14.94 -25.93 83.69
CA LEU O 96 15.08 -25.68 85.11
C LEU O 96 13.85 -24.88 85.56
N ALA O 97 13.45 -23.91 84.75
CA ALA O 97 12.30 -23.08 85.05
C ALA O 97 11.03 -23.89 85.19
N CYS O 98 10.82 -24.83 84.28
CA CYS O 98 9.63 -25.68 84.35
C CYS O 98 9.65 -26.56 85.61
N GLN O 99 10.81 -27.04 86.01
CA GLN O 99 10.88 -27.86 87.20
C GLN O 99 10.55 -27.03 88.43
N HIS O 100 10.67 -25.71 88.30
CA HIS O 100 10.39 -24.80 89.40
C HIS O 100 9.38 -23.75 88.98
N TYR O 101 8.49 -24.11 88.06
CA TYR O 101 7.52 -23.14 87.58
C TYR O 101 6.71 -22.49 88.68
N GLY O 102 6.22 -23.26 89.64
CA GLY O 102 5.43 -22.69 90.72
C GLY O 102 6.20 -21.62 91.47
N LEU O 103 7.46 -21.91 91.76
CA LEU O 103 8.34 -21.00 92.48
C LEU O 103 8.67 -19.76 91.65
N ALA O 104 8.91 -19.94 90.36
CA ALA O 104 9.25 -18.83 89.48
C ALA O 104 8.07 -17.99 89.02
N PHE O 105 6.87 -18.55 89.16
CA PHE O 105 5.68 -17.86 88.74
C PHE O 105 5.52 -16.47 89.34
N ARG O 106 5.14 -15.51 88.50
CA ARG O 106 4.91 -14.15 88.95
C ARG O 106 3.61 -13.70 88.32
N ARG O 107 3.64 -13.34 87.04
CA ARG O 107 2.43 -12.94 86.33
C ARG O 107 2.15 -14.08 85.35
N PRO O 108 0.86 -14.44 85.17
CA PRO O 108 0.52 -15.54 84.25
C PRO O 108 0.76 -15.17 82.82
N ARG O 109 1.01 -16.18 82.01
CA ARG O 109 1.27 -15.99 80.59
C ARG O 109 0.75 -17.18 79.81
N GLY O 110 -0.01 -16.90 78.76
CA GLY O 110 -0.56 -17.98 77.95
C GLY O 110 -1.98 -18.38 78.30
N LEU O 111 -2.53 -19.35 77.57
CA LEU O 111 -3.88 -19.81 77.81
C LEU O 111 -3.86 -21.18 78.46
N PHE O 112 -4.57 -21.29 79.58
CA PHE O 112 -4.65 -22.56 80.27
C PHE O 112 -6.05 -23.14 80.07
N ILE O 113 -6.13 -24.19 79.27
CA ILE O 113 -7.41 -24.84 79.02
C ILE O 113 -7.36 -26.19 79.70
N THR O 114 -8.38 -26.47 80.48
CA THR O 114 -8.49 -27.70 81.24
C THR O 114 -9.44 -28.74 80.65
N ILE O 115 -9.24 -30.00 81.03
CA ILE O 115 -10.07 -31.11 80.59
C ILE O 115 -11.50 -30.89 81.11
N HIS O 116 -11.62 -30.11 82.18
CA HIS O 116 -12.91 -29.82 82.81
C HIS O 116 -13.61 -28.66 82.12
N ASP O 117 -13.00 -28.14 81.04
CA ASP O 117 -13.58 -27.04 80.30
C ASP O 117 -14.14 -27.50 78.98
N ARG O 118 -14.30 -28.82 78.83
CA ARG O 118 -14.85 -29.35 77.60
C ARG O 118 -16.18 -28.69 77.26
N GLY O 119 -16.34 -28.29 76.01
CA GLY O 119 -17.57 -27.65 75.58
C GLY O 119 -17.58 -26.15 75.82
N HIS O 120 -16.46 -25.57 76.23
CA HIS O 120 -16.42 -24.13 76.48
C HIS O 120 -15.15 -23.47 75.99
N ILE O 121 -14.33 -24.23 75.26
CA ILE O 121 -13.08 -23.69 74.76
C ILE O 121 -13.28 -22.44 73.93
N ALA O 122 -14.30 -22.45 73.07
CA ALA O 122 -14.58 -21.29 72.23
C ALA O 122 -14.72 -20.02 73.06
N THR O 123 -15.41 -20.13 74.19
CA THR O 123 -15.62 -19.00 75.06
C THR O 123 -14.31 -18.52 75.66
N MSE O 124 -13.48 -19.45 76.10
CA MSE O 124 -12.20 -19.08 76.71
C MSE O 124 -11.26 -18.35 75.77
O MSE O 124 -10.47 -17.53 76.21
CB MSE O 124 -11.50 -20.33 77.26
CG MSE O 124 -12.23 -20.92 78.45
SE MSE O 124 -11.47 -22.59 79.02
CE MSE O 124 -10.44 -22.01 80.53
N LEU O 125 -11.37 -18.63 74.48
CA LEU O 125 -10.52 -17.99 73.48
C LEU O 125 -10.87 -16.50 73.47
N GLN O 126 -12.10 -16.17 73.85
CA GLN O 126 -12.56 -14.79 73.92
C GLN O 126 -11.81 -14.05 75.03
N SER O 127 -11.54 -14.77 76.13
CA SER O 127 -10.83 -14.18 77.26
C SER O 127 -9.46 -13.68 76.83
N TRP O 128 -8.94 -14.21 75.74
CA TRP O 128 -7.64 -13.78 75.24
C TRP O 128 -7.80 -12.47 74.48
N PRO O 129 -7.08 -11.42 74.92
CA PRO O 129 -7.10 -10.07 74.35
C PRO O 129 -7.02 -9.98 72.82
N GLU O 130 -6.18 -10.82 72.21
CA GLU O 130 -6.06 -10.79 70.75
C GLU O 130 -7.07 -11.69 70.06
N SER O 131 -7.67 -11.15 69.00
CA SER O 131 -8.66 -11.87 68.22
C SER O 131 -8.02 -12.32 66.91
N VAL O 132 -6.79 -11.90 66.69
CA VAL O 132 -6.06 -12.26 65.49
C VAL O 132 -4.74 -12.98 65.81
N ILE O 133 -4.82 -14.30 65.91
CA ILE O 133 -3.65 -15.12 66.19
C ILE O 133 -3.34 -15.90 64.93
N LYS O 134 -2.06 -16.00 64.60
CA LYS O 134 -1.65 -16.71 63.39
C LYS O 134 -0.84 -17.96 63.70
N ALA O 135 -0.38 -18.08 64.94
CA ALA O 135 0.41 -19.21 65.36
C ALA O 135 0.15 -19.57 66.83
N ILE O 136 0.21 -20.88 67.12
CA ILE O 136 -0.04 -21.39 68.46
C ILE O 136 0.88 -22.57 68.77
N VAL O 137 1.45 -22.60 69.97
CA VAL O 137 2.29 -23.72 70.38
C VAL O 137 1.62 -24.34 71.59
N VAL O 138 1.20 -25.59 71.46
CA VAL O 138 0.49 -26.25 72.56
C VAL O 138 1.19 -27.48 73.10
N THR O 139 0.94 -27.75 74.36
CA THR O 139 1.51 -28.92 75.01
C THR O 139 0.56 -29.31 76.12
N ASP O 140 0.72 -30.52 76.64
CA ASP O 140 -0.10 -30.94 77.74
C ASP O 140 0.86 -31.28 78.86
N GLY O 141 2.15 -31.03 78.58
CA GLY O 141 3.19 -31.25 79.58
C GLY O 141 3.52 -32.67 80.01
N GLU O 142 3.18 -33.67 79.21
CA GLU O 142 3.50 -35.03 79.62
C GLU O 142 4.93 -35.42 79.25
N ARG O 143 5.56 -34.69 78.35
CA ARG O 143 6.92 -35.05 77.96
C ARG O 143 7.80 -33.81 77.74
N ILE O 144 8.06 -33.09 78.83
CA ILE O 144 8.86 -31.88 78.81
C ILE O 144 10.35 -32.18 78.71
N LEU O 145 10.92 -31.93 77.53
CA LEU O 145 12.32 -32.22 77.27
C LEU O 145 12.50 -33.66 77.76
N GLY O 146 13.65 -33.97 78.35
CA GLY O 146 13.86 -35.30 78.85
C GLY O 146 13.61 -35.33 80.35
N LEU O 147 12.78 -34.39 80.82
CA LEU O 147 12.46 -34.26 82.24
C LEU O 147 11.22 -35.00 82.71
N GLY O 148 10.46 -35.58 81.76
CA GLY O 148 9.27 -36.32 82.11
C GLY O 148 7.96 -35.54 82.10
N ASP O 149 7.00 -36.02 82.89
CA ASP O 149 5.67 -35.44 83.02
C ASP O 149 5.73 -34.32 84.06
N LEU O 150 5.77 -33.06 83.62
CA LEU O 150 5.83 -31.94 84.54
C LEU O 150 4.50 -31.21 84.61
N GLY O 151 3.48 -31.84 84.06
CA GLY O 151 2.14 -31.26 84.05
C GLY O 151 2.05 -29.79 83.69
N CYS O 152 1.29 -29.05 84.48
CA CYS O 152 1.08 -27.64 84.22
C CYS O 152 2.36 -26.79 84.28
N TYR O 153 3.42 -27.34 84.86
CA TYR O 153 4.70 -26.63 84.94
C TYR O 153 5.30 -26.54 83.55
N GLY O 154 4.80 -27.39 82.65
CA GLY O 154 5.31 -27.43 81.29
C GLY O 154 4.92 -26.22 80.48
N MSE O 155 4.19 -25.28 81.07
CA MSE O 155 3.80 -24.09 80.30
C MSE O 155 5.03 -23.30 79.90
O MSE O 155 4.98 -22.49 78.98
CB MSE O 155 2.87 -23.19 81.10
CG MSE O 155 2.59 -21.86 80.43
SE MSE O 155 1.63 -21.84 78.74
CE MSE O 155 2.00 -23.59 78.07
N GLY O 156 6.15 -23.54 80.59
CA GLY O 156 7.36 -22.83 80.29
C GLY O 156 7.87 -23.10 78.89
N ILE O 157 7.60 -24.29 78.36
CA ILE O 157 8.05 -24.65 77.03
C ILE O 157 7.40 -23.80 75.94
N PRO O 158 6.06 -23.84 75.82
CA PRO O 158 5.43 -23.02 74.78
C PRO O 158 5.91 -21.57 74.78
N VAL O 159 6.01 -20.98 75.97
CA VAL O 159 6.45 -19.60 76.09
C VAL O 159 7.87 -19.43 75.57
N GLY O 160 8.70 -20.43 75.82
CA GLY O 160 10.06 -20.38 75.35
C GLY O 160 10.12 -20.54 73.84
N LYS O 161 9.35 -21.48 73.31
CA LYS O 161 9.33 -21.71 71.87
C LYS O 161 8.95 -20.42 71.17
N LEU O 162 7.84 -19.81 71.59
CA LEU O 162 7.39 -18.57 70.96
C LEU O 162 8.40 -17.46 71.09
N ALA O 163 9.15 -17.45 72.19
CA ALA O 163 10.14 -16.41 72.36
C ALA O 163 11.10 -16.46 71.16
N LEU O 164 11.50 -17.66 70.76
CA LEU O 164 12.38 -17.81 69.63
C LEU O 164 11.63 -17.59 68.33
N TYR O 165 10.32 -17.82 68.34
CA TYR O 165 9.53 -17.60 67.13
C TYR O 165 9.86 -16.18 66.70
N THR O 166 9.86 -15.28 67.68
CA THR O 166 10.14 -13.87 67.42
C THR O 166 11.63 -13.54 67.34
N ALA O 167 12.39 -13.92 68.36
CA ALA O 167 13.82 -13.63 68.41
C ALA O 167 14.59 -14.21 67.22
N CYS O 168 14.33 -15.48 66.91
CA CYS O 168 15.01 -16.16 65.80
C CYS O 168 14.25 -16.12 64.48
N GLY O 169 12.93 -16.28 64.52
CA GLY O 169 12.15 -16.28 63.29
C GLY O 169 11.68 -14.94 62.75
N GLY O 170 11.41 -13.97 63.63
CA GLY O 170 10.96 -12.68 63.18
C GLY O 170 9.44 -12.60 63.13
N VAL O 171 8.77 -13.59 63.73
CA VAL O 171 7.32 -13.63 63.77
C VAL O 171 6.85 -12.66 64.84
N LYS O 172 5.76 -11.92 64.58
CA LYS O 172 5.25 -10.96 65.54
C LYS O 172 4.67 -11.62 66.80
N PRO O 173 5.21 -11.25 67.97
CA PRO O 173 4.81 -11.78 69.27
C PRO O 173 3.31 -11.76 69.48
N HIS O 174 2.70 -10.61 69.21
CA HIS O 174 1.26 -10.40 69.40
C HIS O 174 0.35 -11.35 68.64
N GLN O 175 0.89 -12.01 67.61
CA GLN O 175 0.08 -12.92 66.81
C GLN O 175 0.27 -14.37 67.24
N CYS O 176 0.91 -14.59 68.38
CA CYS O 176 1.17 -15.94 68.86
C CYS O 176 0.49 -16.23 70.19
N LEU O 177 0.15 -17.50 70.40
CA LEU O 177 -0.54 -17.90 71.61
C LEU O 177 0.00 -19.18 72.22
N PRO O 178 0.69 -19.08 73.37
CA PRO O 178 1.23 -20.27 74.03
C PRO O 178 0.08 -20.91 74.79
N VAL O 179 -0.11 -22.22 74.62
CA VAL O 179 -1.24 -22.90 75.26
C VAL O 179 -0.90 -24.14 76.04
N MSE O 180 -1.54 -24.27 77.20
CA MSE O 180 -1.36 -25.43 78.06
C MSE O 180 -2.69 -26.13 78.22
O MSE O 180 -3.67 -25.52 78.66
CB MSE O 180 -0.85 -25.00 79.44
CG MSE O 180 -0.98 -26.08 80.50
SE MSE O 180 0.23 -27.54 80.21
CE MSE O 180 -0.75 -28.96 81.04
N LEU O 181 -2.74 -27.40 77.84
CA LEU O 181 -3.95 -28.19 77.97
C LEU O 181 -3.69 -29.08 79.17
N ASP O 182 -4.27 -28.69 80.30
CA ASP O 182 -4.10 -29.44 81.54
C ASP O 182 -5.20 -30.47 81.76
N VAL O 183 -4.85 -31.74 81.66
CA VAL O 183 -5.82 -32.80 81.88
C VAL O 183 -5.39 -33.58 83.10
N GLY O 184 -4.46 -32.99 83.85
CA GLY O 184 -3.96 -33.64 85.04
C GLY O 184 -2.51 -34.07 84.85
N THR O 185 -1.96 -34.78 85.82
CA THR O 185 -0.59 -35.25 85.72
C THR O 185 -0.35 -36.51 86.52
N ASP O 186 0.51 -37.38 85.99
CA ASP O 186 0.81 -38.61 86.68
C ASP O 186 2.05 -38.50 87.55
N ASN O 187 2.61 -37.31 87.63
CA ASN O 187 3.81 -37.11 88.45
C ASN O 187 3.39 -37.02 89.91
N GLU O 188 3.63 -38.09 90.65
CA GLU O 188 3.26 -38.13 92.05
C GLU O 188 3.87 -36.96 92.83
N THR O 189 5.10 -36.60 92.49
CA THR O 189 5.78 -35.51 93.18
C THR O 189 5.03 -34.19 93.03
N LEU O 190 4.63 -33.85 91.82
CA LEU O 190 3.91 -32.60 91.59
C LEU O 190 2.59 -32.57 92.35
N LEU O 191 1.89 -33.69 92.37
CA LEU O 191 0.61 -33.80 93.05
C LEU O 191 0.75 -33.42 94.53
N LYS O 192 1.92 -33.68 95.10
CA LYS O 192 2.14 -33.34 96.49
C LYS O 192 2.89 -32.02 96.66
N ASP O 193 3.28 -31.42 95.55
CA ASP O 193 4.01 -30.17 95.57
C ASP O 193 3.07 -29.01 95.94
N PRO O 194 3.32 -28.36 97.06
CA PRO O 194 2.50 -27.23 97.52
C PRO O 194 2.53 -26.04 96.58
N LEU O 195 3.51 -26.00 95.68
CA LEU O 195 3.61 -24.90 94.71
C LEU O 195 3.02 -25.26 93.34
N TYR O 196 2.63 -26.51 93.16
CA TYR O 196 2.08 -26.91 91.87
C TYR O 196 0.87 -26.05 91.51
N ILE O 197 0.82 -25.63 90.25
CA ILE O 197 -0.24 -24.77 89.74
C ILE O 197 -1.29 -25.48 88.88
N GLY O 198 -1.14 -26.79 88.68
CA GLY O 198 -2.09 -27.49 87.84
C GLY O 198 -3.09 -28.35 88.60
N LEU O 199 -4.01 -28.96 87.85
CA LEU O 199 -5.02 -29.84 88.42
C LEU O 199 -4.29 -30.89 89.22
N ARG O 200 -4.71 -31.12 90.45
CA ARG O 200 -4.05 -32.11 91.30
C ARG O 200 -4.63 -33.51 91.23
N HIS O 201 -4.71 -34.07 90.04
CA HIS O 201 -5.20 -35.44 89.89
C HIS O 201 -4.54 -36.06 88.67
N LYS O 202 -4.43 -37.39 88.64
CA LYS O 202 -3.81 -38.10 87.54
C LYS O 202 -4.39 -37.65 86.20
N ARG O 203 -3.62 -37.80 85.13
CA ARG O 203 -4.06 -37.39 83.80
C ARG O 203 -5.31 -38.13 83.30
N ILE O 204 -6.26 -37.40 82.72
CA ILE O 204 -7.47 -38.00 82.16
C ILE O 204 -7.11 -38.50 80.78
N ARG O 205 -7.32 -39.78 80.52
CA ARG O 205 -6.99 -40.32 79.22
C ARG O 205 -8.27 -40.79 78.54
N GLY O 206 -8.16 -41.54 77.45
CA GLY O 206 -9.36 -42.02 76.79
C GLY O 206 -10.07 -41.03 75.88
N GLN O 207 -11.35 -41.29 75.63
CA GLN O 207 -12.17 -40.45 74.76
C GLN O 207 -12.33 -39.02 75.24
N ALA O 208 -12.29 -38.81 76.55
CA ALA O 208 -12.44 -37.48 77.10
C ALA O 208 -11.28 -36.62 76.57
N TYR O 209 -10.07 -37.16 76.65
CA TYR O 209 -8.88 -36.45 76.18
C TYR O 209 -9.06 -36.16 74.70
N ASP O 210 -9.28 -37.22 73.93
CA ASP O 210 -9.47 -37.09 72.50
C ASP O 210 -10.48 -36.04 72.12
N ASP O 211 -11.61 -35.99 72.82
CA ASP O 211 -12.66 -35.01 72.54
C ASP O 211 -12.17 -33.61 72.85
N LEU O 212 -11.44 -33.48 73.95
CA LEU O 212 -10.92 -32.17 74.33
C LEU O 212 -10.05 -31.63 73.20
N LEU O 213 -9.15 -32.46 72.69
CA LEU O 213 -8.27 -32.05 71.62
C LEU O 213 -9.03 -31.72 70.33
N ASP O 214 -10.04 -32.52 70.01
CA ASP O 214 -10.83 -32.25 68.82
C ASP O 214 -11.50 -30.90 68.96
N GLU O 215 -12.07 -30.62 70.13
CA GLU O 215 -12.73 -29.34 70.34
C GLU O 215 -11.73 -28.19 70.25
N PHE O 216 -10.55 -28.36 70.85
CA PHE O 216 -9.52 -27.33 70.80
C PHE O 216 -9.18 -26.93 69.36
N MSE O 217 -8.84 -27.92 68.54
CA MSE O 217 -8.51 -27.64 67.15
C MSE O 217 -9.64 -26.94 66.40
O MSE O 217 -9.40 -26.02 65.62
CB MSE O 217 -8.14 -28.95 66.45
CG MSE O 217 -6.92 -29.64 67.06
SE MSE O 217 -5.24 -28.71 66.72
CE MSE O 217 -5.46 -27.13 67.77
N GLU O 218 -10.87 -27.36 66.68
CA GLU O 218 -12.04 -26.79 66.04
C GLU O 218 -12.25 -25.34 66.47
N ALA O 219 -12.23 -25.12 67.78
CA ALA O 219 -12.43 -23.77 68.32
C ALA O 219 -11.39 -22.78 67.81
N VAL O 220 -10.12 -23.17 67.94
CA VAL O 220 -9.02 -22.35 67.52
C VAL O 220 -9.08 -21.94 66.05
N THR O 221 -9.37 -22.88 65.17
CA THR O 221 -9.46 -22.58 63.75
C THR O 221 -10.76 -21.85 63.39
N SER O 222 -11.82 -22.10 64.15
CA SER O 222 -13.07 -21.42 63.87
C SER O 222 -12.85 -19.95 64.16
N ARG O 223 -12.17 -19.68 65.26
CA ARG O 223 -11.91 -18.31 65.68
C ARG O 223 -10.83 -17.54 64.90
N TYR O 224 -9.65 -18.14 64.76
CA TYR O 224 -8.54 -17.48 64.07
C TYR O 224 -8.37 -17.84 62.61
N GLY O 225 -9.09 -18.85 62.13
CA GLY O 225 -8.98 -19.25 60.74
C GLY O 225 -8.32 -20.59 60.53
N MSE O 226 -8.62 -21.23 59.41
CA MSE O 226 -8.06 -22.52 59.06
C MSE O 226 -6.57 -22.40 58.82
O MSE O 226 -5.82 -23.39 58.90
CB MSE O 226 -8.75 -23.07 57.80
CG MSE O 226 -10.16 -23.50 58.03
SE MSE O 226 -10.19 -24.93 59.33
CE MSE O 226 -9.88 -26.44 58.19
N ASN O 227 -6.11 -21.19 58.50
CA ASN O 227 -4.70 -20.94 58.25
C ASN O 227 -3.88 -20.88 59.51
N CYS O 228 -4.54 -20.85 60.67
CA CYS O 228 -3.80 -20.77 61.93
C CYS O 228 -2.90 -21.96 62.13
N LEU O 229 -1.63 -21.67 62.37
CA LEU O 229 -0.60 -22.68 62.58
C LEU O 229 -0.66 -23.21 64.00
N ILE O 230 -0.80 -24.52 64.15
CA ILE O 230 -0.83 -25.14 65.48
C ILE O 230 0.38 -26.05 65.60
N GLN O 231 1.30 -25.68 66.49
CA GLN O 231 2.51 -26.45 66.73
C GLN O 231 2.38 -27.25 68.03
N PHE O 232 2.39 -28.58 67.91
CA PHE O 232 2.30 -29.47 69.05
C PHE O 232 3.69 -29.63 69.63
N GLU O 233 3.81 -29.46 70.96
CA GLU O 233 5.08 -29.56 71.65
C GLU O 233 5.05 -30.41 72.91
N ASP O 234 6.09 -31.20 73.10
CA ASP O 234 6.22 -32.03 74.29
C ASP O 234 5.00 -32.84 74.77
N PHE O 235 4.43 -33.61 73.85
CA PHE O 235 3.31 -34.50 74.16
C PHE O 235 3.98 -35.88 74.29
N ALA O 236 3.37 -36.77 75.06
CA ALA O 236 3.92 -38.12 75.21
C ALA O 236 3.83 -38.86 73.87
N ASN O 237 4.77 -39.78 73.66
CA ASN O 237 4.88 -40.59 72.44
C ASN O 237 3.59 -40.93 71.70
N ALA O 238 2.74 -41.73 72.32
CA ALA O 238 1.47 -42.15 71.72
C ALA O 238 0.60 -41.00 71.23
N ASN O 239 0.26 -40.08 72.13
CA ASN O 239 -0.58 -38.95 71.76
C ASN O 239 0.04 -38.13 70.64
N ALA O 240 1.36 -37.93 70.72
CA ALA O 240 2.07 -37.15 69.72
C ALA O 240 1.83 -37.64 68.28
N PHE O 241 2.09 -38.93 68.04
CA PHE O 241 1.88 -39.47 66.70
C PHE O 241 0.41 -39.44 66.29
N ARG O 242 -0.46 -40.03 67.11
CA ARG O 242 -1.89 -40.06 66.84
C ARG O 242 -2.40 -38.69 66.44
N LEU O 243 -2.15 -37.71 67.30
CA LEU O 243 -2.62 -36.36 67.03
C LEU O 243 -2.09 -35.83 65.71
N LEU O 244 -0.81 -36.03 65.43
CA LEU O 244 -0.23 -35.54 64.18
C LEU O 244 -0.90 -36.17 62.98
N HIS O 245 -1.00 -37.48 62.98
CA HIS O 245 -1.62 -38.20 61.88
C HIS O 245 -3.09 -37.80 61.74
N LYS O 246 -3.75 -37.56 62.87
CA LYS O 246 -5.16 -37.19 62.87
C LYS O 246 -5.50 -35.79 62.35
N TYR O 247 -4.67 -34.78 62.63
CA TYR O 247 -4.96 -33.42 62.18
C TYR O 247 -4.03 -32.95 61.06
N ARG O 248 -3.01 -33.75 60.80
CA ARG O 248 -2.01 -33.48 59.77
C ARG O 248 -2.56 -32.84 58.51
N ASN O 249 -3.56 -33.49 57.93
CA ASN O 249 -4.17 -33.02 56.68
C ASN O 249 -5.44 -32.21 56.81
N LYS O 250 -5.93 -32.01 58.03
CA LYS O 250 -7.17 -31.27 58.21
C LYS O 250 -6.92 -29.81 58.58
N TYR O 251 -5.85 -29.57 59.33
CA TYR O 251 -5.51 -28.21 59.72
C TYR O 251 -4.05 -27.93 59.42
N CYS O 252 -3.64 -26.68 59.63
CA CYS O 252 -2.25 -26.29 59.40
C CYS O 252 -1.52 -26.60 60.72
N THR O 253 -0.96 -27.79 60.81
CA THR O 253 -0.31 -28.23 62.03
C THR O 253 0.90 -29.12 61.77
N PHE O 254 1.77 -29.21 62.78
CA PHE O 254 2.97 -30.06 62.75
C PHE O 254 3.45 -30.27 64.17
N ASN O 255 4.16 -31.37 64.40
CA ASN O 255 4.69 -31.69 65.72
C ASN O 255 6.19 -31.41 65.71
N ASP O 256 6.61 -30.45 66.53
CA ASP O 256 8.00 -30.03 66.62
C ASP O 256 8.97 -31.16 66.99
N ASP O 257 8.60 -31.95 67.98
CA ASP O 257 9.43 -33.05 68.45
C ASP O 257 9.65 -34.16 67.43
N ILE O 258 8.67 -34.39 66.56
CA ILE O 258 8.76 -35.44 65.55
C ILE O 258 9.34 -34.94 64.24
N GLN O 259 8.77 -33.84 63.74
CA GLN O 259 9.18 -33.28 62.47
C GLN O 259 10.27 -32.21 62.52
N GLY O 260 10.19 -31.27 63.45
CA GLY O 260 11.21 -30.24 63.54
C GLY O 260 12.57 -30.85 63.87
N THR O 261 12.55 -31.82 64.77
CA THR O 261 13.76 -32.50 65.17
C THR O 261 14.36 -33.23 63.99
N ALA O 262 13.50 -33.90 63.23
CA ALA O 262 13.94 -34.64 62.05
C ALA O 262 14.66 -33.70 61.11
N SER O 263 14.01 -32.59 60.80
CA SER O 263 14.57 -31.61 59.91
C SER O 263 15.98 -31.15 60.32
N VAL O 264 16.14 -30.74 61.58
CA VAL O 264 17.44 -30.26 62.05
C VAL O 264 18.52 -31.36 62.11
N ALA O 265 18.12 -32.58 62.43
CA ALA O 265 19.06 -33.70 62.52
C ALA O 265 19.62 -34.00 61.14
N VAL O 266 18.74 -33.98 60.15
CA VAL O 266 19.10 -34.26 58.78
C VAL O 266 19.93 -33.07 58.26
N ALA O 267 19.59 -31.86 58.70
CA ALA O 267 20.36 -30.70 58.27
C ALA O 267 21.83 -30.85 58.69
N GLY O 268 22.03 -31.45 59.86
CA GLY O 268 23.38 -31.66 60.36
C GLY O 268 24.12 -32.76 59.59
N LEU O 269 23.41 -33.82 59.24
CA LEU O 269 24.04 -34.90 58.49
C LEU O 269 24.43 -34.38 57.12
N LEU O 270 23.50 -33.70 56.45
CA LEU O 270 23.79 -33.16 55.13
C LEU O 270 25.09 -32.38 55.20
N ALA O 271 25.25 -31.59 56.24
CA ALA O 271 26.43 -30.79 56.42
C ALA O 271 27.64 -31.65 56.74
N ALA O 272 27.43 -32.68 57.54
CA ALA O 272 28.51 -33.58 57.90
C ALA O 272 29.09 -34.33 56.70
N LEU O 273 28.28 -34.49 55.64
CA LEU O 273 28.75 -35.20 54.45
C LEU O 273 29.87 -34.47 53.73
N ARG O 274 30.06 -33.20 54.04
CA ARG O 274 31.12 -32.43 53.42
C ARG O 274 32.42 -32.59 54.18
N ILE O 275 32.35 -33.30 55.30
CA ILE O 275 33.52 -33.56 56.15
C ILE O 275 33.93 -35.01 55.96
N THR O 276 32.95 -35.89 55.84
CA THR O 276 33.19 -37.31 55.63
C THR O 276 33.39 -37.62 54.14
N LYS O 277 33.14 -36.63 53.30
CA LYS O 277 33.33 -36.78 51.86
C LYS O 277 32.63 -37.98 51.23
N ASN O 278 31.43 -38.30 51.66
CA ASN O 278 30.70 -39.42 51.09
C ASN O 278 29.24 -39.06 50.91
N ARG O 279 28.43 -40.05 50.56
CA ARG O 279 27.01 -39.80 50.38
C ARG O 279 26.20 -40.39 51.52
N LEU O 280 25.04 -39.80 51.77
CA LEU O 280 24.21 -40.24 52.87
C LEU O 280 23.90 -41.72 52.83
N SER O 281 23.88 -42.29 51.62
CA SER O 281 23.59 -43.70 51.48
C SER O 281 24.75 -44.57 51.91
N ASP O 282 25.88 -43.95 52.26
CA ASP O 282 27.08 -44.68 52.70
C ASP O 282 27.09 -44.96 54.20
N HIS O 283 26.27 -44.22 54.94
CA HIS O 283 26.23 -44.37 56.39
C HIS O 283 25.30 -45.44 56.93
N THR O 284 25.47 -45.70 58.22
CA THR O 284 24.65 -46.66 58.96
C THR O 284 24.36 -45.95 60.28
N VAL O 285 23.12 -45.50 60.43
CA VAL O 285 22.71 -44.76 61.62
C VAL O 285 22.19 -45.65 62.73
N LEU O 286 22.64 -45.35 63.95
CA LEU O 286 22.23 -46.08 65.15
C LEU O 286 21.64 -45.09 66.15
N PHE O 287 20.36 -45.25 66.44
CA PHE O 287 19.66 -44.40 67.38
C PHE O 287 19.61 -45.00 68.79
N GLN O 288 19.90 -44.18 69.79
CA GLN O 288 19.80 -44.61 71.18
C GLN O 288 18.44 -44.02 71.51
N GLY O 289 17.40 -44.84 71.40
CA GLY O 289 16.05 -44.37 71.64
C GLY O 289 15.23 -44.67 70.40
N ALA O 290 13.92 -44.89 70.57
CA ALA O 290 13.07 -45.21 69.42
C ALA O 290 11.71 -44.53 69.54
N GLY O 291 11.71 -43.30 70.03
CA GLY O 291 10.47 -42.58 70.18
C GLY O 291 10.20 -41.52 69.12
N GLU O 292 9.56 -40.44 69.55
CA GLU O 292 9.21 -39.34 68.68
C GLU O 292 10.39 -38.81 67.86
N ALA O 293 11.48 -38.48 68.52
CA ALA O 293 12.65 -37.96 67.84
C ALA O 293 13.25 -38.99 66.90
N ALA O 294 13.55 -40.16 67.43
CA ALA O 294 14.14 -41.21 66.61
C ALA O 294 13.34 -41.49 65.33
N LEU O 295 12.10 -41.94 65.50
CA LEU O 295 11.21 -42.27 64.38
C LEU O 295 11.08 -41.13 63.37
N GLY O 296 10.95 -39.90 63.87
CA GLY O 296 10.83 -38.77 62.98
C GLY O 296 12.11 -38.51 62.22
N ILE O 297 13.24 -38.61 62.90
CA ILE O 297 14.52 -38.38 62.25
C ILE O 297 14.80 -39.51 61.26
N ALA O 298 14.58 -40.74 61.70
CA ALA O 298 14.81 -41.91 60.85
C ALA O 298 14.06 -41.75 59.54
N ASN O 299 12.80 -41.33 59.65
CA ASN O 299 11.95 -41.15 58.50
C ASN O 299 12.47 -40.10 57.52
N LEU O 300 12.99 -38.98 58.03
CA LEU O 300 13.52 -37.95 57.12
C LEU O 300 14.81 -38.43 56.49
N ILE O 301 15.60 -39.20 57.24
CA ILE O 301 16.86 -39.71 56.71
C ILE O 301 16.55 -40.56 55.49
N VAL O 302 15.57 -41.44 55.65
CA VAL O 302 15.15 -42.32 54.56
C VAL O 302 14.78 -41.53 53.31
N MSE O 303 13.95 -40.51 53.48
CA MSE O 303 13.55 -39.69 52.35
C MSE O 303 14.78 -39.04 51.75
O MSE O 303 14.89 -38.88 50.52
CB MSE O 303 12.55 -38.62 52.80
CG MSE O 303 11.15 -39.15 53.08
SE MSE O 303 9.94 -37.78 53.74
CE MSE O 303 10.16 -36.45 52.38
N ALA O 304 15.72 -38.67 52.61
CA ALA O 304 16.94 -38.04 52.19
C ALA O 304 17.75 -39.00 51.31
N MSE O 305 17.85 -40.24 51.76
CA MSE O 305 18.61 -41.25 51.03
C MSE O 305 17.92 -41.55 49.71
O MSE O 305 18.60 -41.71 48.68
CB MSE O 305 18.75 -42.53 51.86
CG MSE O 305 19.86 -42.47 52.88
SE MSE O 305 19.81 -43.99 54.08
CE MSE O 305 18.19 -43.60 55.01
N GLN O 306 16.60 -41.64 49.72
CA GLN O 306 15.90 -41.91 48.48
C GLN O 306 16.17 -40.79 47.48
N LYS O 307 16.22 -39.56 47.97
CA LYS O 307 16.49 -38.43 47.09
C LYS O 307 17.86 -38.57 46.42
N GLU O 308 18.76 -39.34 47.04
CA GLU O 308 20.08 -39.56 46.46
C GLU O 308 20.01 -40.63 45.36
N GLY O 309 18.93 -41.42 45.37
CA GLY O 309 18.77 -42.46 44.37
C GLY O 309 18.64 -43.86 44.92
N VAL O 310 18.74 -44.00 46.23
CA VAL O 310 18.60 -45.31 46.85
C VAL O 310 17.12 -45.66 46.96
N SER O 311 16.80 -46.95 47.13
CA SER O 311 15.40 -47.36 47.25
C SER O 311 14.94 -47.29 48.70
N LYS O 312 13.64 -47.17 48.90
CA LYS O 312 13.05 -47.08 50.23
C LYS O 312 13.58 -48.24 51.07
N GLU O 313 13.53 -49.42 50.48
CA GLU O 313 13.98 -50.66 51.11
C GLU O 313 15.44 -50.61 51.58
N GLU O 314 16.33 -50.28 50.65
CA GLU O 314 17.76 -50.21 50.97
C GLU O 314 18.00 -49.16 52.06
N ALA O 315 17.35 -48.00 51.93
CA ALA O 315 17.50 -46.93 52.90
C ALA O 315 17.15 -47.35 54.32
N ILE O 316 16.06 -48.10 54.46
CA ILE O 316 15.62 -48.54 55.78
C ILE O 316 16.60 -49.52 56.40
N LYS O 317 17.32 -50.25 55.56
CA LYS O 317 18.28 -51.21 56.07
C LYS O 317 19.45 -50.56 56.79
N ARG O 318 19.70 -49.29 56.52
CA ARG O 318 20.83 -48.60 57.14
C ARG O 318 20.56 -47.96 58.49
N ILE O 319 19.31 -48.00 58.94
CA ILE O 319 18.96 -47.42 60.23
C ILE O 319 18.68 -48.48 61.28
N TRP O 320 19.30 -48.34 62.46
CA TRP O 320 19.11 -49.27 63.57
C TRP O 320 18.66 -48.50 64.80
N MSE O 321 17.84 -49.11 65.63
CA MSE O 321 17.35 -48.42 66.83
C MSE O 321 17.39 -49.30 68.06
O MSE O 321 17.25 -50.52 67.99
CB MSE O 321 15.91 -47.95 66.67
CG MSE O 321 15.66 -47.00 65.53
SE MSE O 321 13.79 -46.51 65.56
CE MSE O 321 13.87 -44.82 64.65
N VAL O 322 17.56 -48.64 69.20
CA VAL O 322 17.59 -49.27 70.51
C VAL O 322 16.56 -48.56 71.39
N ASP O 323 15.70 -49.33 72.07
CA ASP O 323 14.72 -48.75 72.96
C ASP O 323 14.97 -49.29 74.35
N SER O 324 14.10 -48.95 75.30
CA SER O 324 14.27 -49.39 76.69
C SER O 324 14.47 -50.90 76.88
N LYS O 325 13.99 -51.71 75.93
CA LYS O 325 14.12 -53.16 76.05
C LYS O 325 15.39 -53.64 75.37
N GLY O 326 15.97 -52.80 74.51
CA GLY O 326 17.19 -53.18 73.83
C GLY O 326 17.13 -52.91 72.34
N LEU O 327 18.08 -53.50 71.61
CA LEU O 327 18.12 -53.33 70.16
C LEU O 327 16.84 -53.85 69.56
N ILE O 328 16.30 -53.08 68.63
CA ILE O 328 15.07 -53.47 67.96
C ILE O 328 15.40 -54.41 66.80
N VAL O 329 15.08 -55.69 66.99
CA VAL O 329 15.34 -56.70 65.96
C VAL O 329 14.06 -57.43 65.59
N LYS O 330 14.02 -57.93 64.35
CA LYS O 330 12.86 -58.66 63.86
C LYS O 330 12.42 -59.75 64.85
N GLY O 331 11.12 -59.88 65.05
CA GLY O 331 10.60 -60.89 65.95
C GLY O 331 10.85 -60.67 67.43
N ARG O 332 11.28 -59.47 67.80
CA ARG O 332 11.53 -59.20 69.21
C ARG O 332 10.20 -58.90 69.88
N ALA O 333 10.14 -59.05 71.20
CA ALA O 333 8.91 -58.77 71.93
C ALA O 333 8.73 -57.27 72.18
N SER O 334 7.51 -56.86 72.48
CA SER O 334 7.23 -55.46 72.75
C SER O 334 7.69 -54.50 71.65
N LEU O 335 7.10 -54.63 70.48
CA LEU O 335 7.43 -53.76 69.36
C LEU O 335 6.16 -53.12 68.79
N THR O 336 6.26 -51.88 68.34
CA THR O 336 5.11 -51.20 67.79
C THR O 336 5.18 -51.20 66.26
N PRO O 337 4.04 -51.02 65.58
CA PRO O 337 4.05 -51.00 64.12
C PRO O 337 5.13 -50.08 63.59
N GLU O 338 5.32 -48.95 64.25
CA GLU O 338 6.32 -47.98 63.83
C GLU O 338 7.75 -48.51 64.01
N LYS O 339 7.98 -49.22 65.12
CA LYS O 339 9.30 -49.75 65.38
C LYS O 339 9.61 -50.96 64.52
N GLU O 340 8.63 -51.81 64.30
CA GLU O 340 8.81 -53.02 63.49
C GLU O 340 9.35 -52.63 62.11
N HIS O 341 9.10 -51.39 61.73
CA HIS O 341 9.53 -50.86 60.45
C HIS O 341 11.06 -50.91 60.31
N PHE O 342 11.77 -50.79 61.43
CA PHE O 342 13.24 -50.81 61.40
C PHE O 342 13.82 -52.03 62.10
N ALA O 343 13.00 -53.03 62.35
CA ALA O 343 13.48 -54.24 63.01
C ALA O 343 14.17 -55.10 61.96
N HIS O 344 15.47 -55.34 62.12
CA HIS O 344 16.20 -56.15 61.15
C HIS O 344 16.51 -57.50 61.72
N GLU O 345 16.93 -58.42 60.86
CA GLU O 345 17.30 -59.77 61.28
C GLU O 345 18.60 -59.61 62.03
N HIS O 346 18.58 -59.92 63.32
CA HIS O 346 19.77 -59.79 64.14
C HIS O 346 19.43 -60.41 65.48
N CYS O 347 20.43 -60.91 66.19
CA CYS O 347 20.17 -61.48 67.49
C CYS O 347 19.79 -60.33 68.42
N GLU O 348 19.11 -60.63 69.52
CA GLU O 348 18.72 -59.58 70.45
C GLU O 348 19.93 -59.16 71.29
N MSE O 349 19.96 -57.89 71.71
CA MSE O 349 21.05 -57.37 72.52
C MSE O 349 20.53 -56.28 73.44
O MSE O 349 19.51 -55.64 73.15
CB MSE O 349 22.16 -56.77 71.65
CG MSE O 349 22.80 -57.74 70.66
SE MSE O 349 24.33 -56.91 69.76
CE MSE O 349 25.70 -57.29 71.05
N LYS O 350 21.23 -56.02 74.54
CA LYS O 350 20.79 -55.00 75.47
C LYS O 350 21.84 -53.94 75.78
N ASN O 351 23.09 -54.38 75.90
CA ASN O 351 24.19 -53.47 76.19
C ASN O 351 24.51 -52.57 75.00
N LEU O 352 24.39 -51.26 75.22
CA LEU O 352 24.65 -50.27 74.19
C LEU O 352 26.06 -50.36 73.59
N GLU O 353 27.06 -50.57 74.43
CA GLU O 353 28.42 -50.64 73.91
C GLU O 353 28.58 -51.82 72.97
N ASP O 354 28.03 -52.96 73.35
CA ASP O 354 28.11 -54.16 72.52
C ASP O 354 27.38 -53.94 71.21
N ILE O 355 26.24 -53.27 71.29
CA ILE O 355 25.47 -52.98 70.08
C ILE O 355 26.31 -52.11 69.16
N VAL O 356 26.97 -51.11 69.73
CA VAL O 356 27.84 -50.22 68.94
C VAL O 356 28.95 -51.01 68.24
N LYS O 357 29.62 -51.89 68.98
CA LYS O 357 30.72 -52.69 68.44
C LYS O 357 30.22 -53.68 67.40
N ASP O 358 28.98 -54.13 67.55
CA ASP O 358 28.38 -55.08 66.62
C ASP O 358 27.96 -54.37 65.32
N ILE O 359 27.03 -53.43 65.43
CA ILE O 359 26.55 -52.71 64.25
C ILE O 359 27.65 -51.89 63.62
N LYS O 360 28.51 -51.30 64.44
CA LYS O 360 29.61 -50.49 63.93
C LYS O 360 29.06 -49.43 62.98
N PRO O 361 28.21 -48.53 63.48
CA PRO O 361 27.61 -47.46 62.69
C PRO O 361 28.59 -46.31 62.41
N THR O 362 28.19 -45.44 61.50
CA THR O 362 29.00 -44.29 61.12
C THR O 362 28.38 -43.05 61.75
N VAL O 363 27.14 -43.17 62.21
CA VAL O 363 26.41 -42.08 62.83
C VAL O 363 25.73 -42.56 64.11
N LEU O 364 25.93 -41.85 65.21
CA LEU O 364 25.33 -42.24 66.48
C LEU O 364 24.43 -41.11 66.92
N ILE O 365 23.13 -41.36 67.00
CA ILE O 365 22.21 -40.32 67.41
C ILE O 365 21.54 -40.72 68.72
N GLY O 366 21.64 -39.84 69.71
CA GLY O 366 21.07 -40.08 71.01
C GLY O 366 19.86 -39.22 71.26
N VAL O 367 18.73 -39.87 71.53
CA VAL O 367 17.46 -39.20 71.79
C VAL O 367 16.64 -40.06 72.73
N ALA O 368 17.25 -40.44 73.85
CA ALA O 368 16.57 -41.27 74.81
C ALA O 368 16.67 -40.64 76.18
N ALA O 369 17.21 -39.42 76.21
CA ALA O 369 17.35 -38.69 77.47
C ALA O 369 18.16 -39.44 78.52
N ILE O 370 19.07 -40.30 78.08
CA ILE O 370 19.90 -41.06 79.00
C ILE O 370 21.24 -40.38 79.27
N GLY O 371 21.33 -39.74 80.44
CA GLY O 371 22.51 -39.04 80.89
C GLY O 371 23.78 -39.10 80.06
N GLY O 372 24.77 -39.86 80.51
CA GLY O 372 26.00 -39.95 79.75
C GLY O 372 26.09 -41.28 79.04
N ALA O 373 25.09 -41.56 78.21
CA ALA O 373 25.02 -42.82 77.47
C ALA O 373 26.23 -43.09 76.60
N PHE O 374 26.71 -42.06 75.92
CA PHE O 374 27.85 -42.22 75.04
C PHE O 374 29.14 -42.15 75.85
N THR O 375 29.45 -43.27 76.50
CA THR O 375 30.63 -43.42 77.33
C THR O 375 31.95 -43.31 76.58
N GLN O 376 33.02 -43.17 77.37
CA GLN O 376 34.37 -43.07 76.85
C GLN O 376 34.63 -44.22 75.89
N GLN O 377 34.20 -45.41 76.30
CA GLN O 377 34.40 -46.58 75.48
C GLN O 377 33.62 -46.49 74.18
N ILE O 378 32.33 -46.24 74.28
CA ILE O 378 31.49 -46.12 73.10
C ILE O 378 32.03 -45.09 72.12
N LEU O 379 32.54 -43.98 72.66
CA LEU O 379 33.11 -42.93 71.82
C LEU O 379 34.40 -43.38 71.17
N GLN O 380 35.21 -44.13 71.93
CA GLN O 380 36.48 -44.63 71.40
C GLN O 380 36.19 -45.59 70.25
N ASP O 381 35.27 -46.51 70.48
CA ASP O 381 34.88 -47.49 69.48
C ASP O 381 34.50 -46.76 68.19
N MSE O 382 33.66 -45.74 68.33
CA MSE O 382 33.19 -44.98 67.19
C MSE O 382 34.36 -44.33 66.44
O MSE O 382 34.33 -44.23 65.21
CB MSE O 382 32.19 -43.91 67.65
CG MSE O 382 31.06 -43.60 66.65
SE MSE O 382 29.77 -45.05 66.35
CE MSE O 382 29.80 -45.88 68.05
N ALA O 383 35.39 -43.91 67.17
CA ALA O 383 36.56 -43.29 66.52
C ALA O 383 37.49 -44.38 66.00
N ALA O 384 37.24 -45.62 66.41
CA ALA O 384 38.05 -46.73 65.95
C ALA O 384 37.58 -47.25 64.58
N PHE O 385 36.27 -47.47 64.40
CA PHE O 385 35.85 -47.94 63.08
C PHE O 385 35.39 -46.88 62.12
N ASN O 386 35.59 -45.61 62.49
CA ASN O 386 35.21 -44.51 61.62
C ASN O 386 36.30 -43.47 61.62
N LYS O 387 36.73 -43.05 60.45
CA LYS O 387 37.77 -42.04 60.36
C LYS O 387 37.24 -40.83 61.13
N ARG O 388 36.02 -40.42 60.79
CA ARG O 388 35.40 -39.30 61.47
C ARG O 388 33.93 -39.62 61.75
N PRO O 389 33.67 -40.19 62.93
CA PRO O 389 32.33 -40.56 63.38
C PRO O 389 31.48 -39.34 63.63
N ILE O 390 30.17 -39.48 63.40
CA ILE O 390 29.25 -38.39 63.61
C ILE O 390 28.50 -38.68 64.90
N ILE O 391 28.66 -37.81 65.90
CA ILE O 391 28.02 -38.00 67.21
C ILE O 391 27.00 -36.90 67.56
N PHE O 392 25.73 -37.31 67.68
CA PHE O 392 24.65 -36.39 68.02
C PHE O 392 24.08 -36.67 69.41
N ALA O 393 24.33 -35.79 70.35
CA ALA O 393 23.78 -35.94 71.70
C ALA O 393 22.60 -34.99 71.71
N LEU O 394 21.46 -35.44 71.17
CA LEU O 394 20.31 -34.57 71.08
C LEU O 394 19.45 -34.36 72.33
N SER O 395 19.46 -35.29 73.27
CA SER O 395 18.62 -35.14 74.45
C SER O 395 18.82 -33.84 75.22
N ASN O 396 17.71 -33.24 75.64
CA ASN O 396 17.72 -31.99 76.42
C ASN O 396 17.02 -32.26 77.76
N PRO O 397 17.32 -31.45 78.79
CA PRO O 397 18.26 -30.33 78.73
C PRO O 397 19.69 -30.86 78.84
N THR O 398 20.64 -29.98 79.11
CA THR O 398 22.04 -30.38 79.19
C THR O 398 22.34 -31.60 80.03
N SER O 399 21.72 -31.70 81.20
CA SER O 399 21.95 -32.82 82.09
C SER O 399 21.55 -34.17 81.50
N LYS O 400 20.84 -34.15 80.38
CA LYS O 400 20.42 -35.42 79.77
C LYS O 400 21.22 -35.75 78.53
N ALA O 401 22.09 -34.83 78.13
CA ALA O 401 22.92 -34.99 76.92
C ALA O 401 23.74 -36.27 76.99
N GLU O 402 23.62 -37.10 75.96
CA GLU O 402 24.35 -38.38 75.92
C GLU O 402 25.84 -38.23 76.27
N CYS O 403 26.42 -37.10 75.89
CA CYS O 403 27.82 -36.83 76.22
C CYS O 403 28.09 -35.35 76.00
N THR O 404 29.24 -34.88 76.45
CA THR O 404 29.62 -33.47 76.31
C THR O 404 30.48 -33.27 75.07
N ALA O 405 30.61 -32.01 74.66
CA ALA O 405 31.43 -31.68 73.51
C ALA O 405 32.88 -32.02 73.88
N GLU O 406 33.25 -31.62 75.10
CA GLU O 406 34.58 -31.88 75.61
C GLU O 406 34.90 -33.37 75.56
N GLN O 407 33.99 -34.19 76.09
CA GLN O 407 34.24 -35.62 76.10
C GLN O 407 34.19 -36.25 74.72
N LEU O 408 33.36 -35.70 73.84
CA LEU O 408 33.27 -36.23 72.49
C LEU O 408 34.62 -36.03 71.81
N TYR O 409 35.08 -34.79 71.79
CA TYR O 409 36.35 -34.46 71.18
C TYR O 409 37.55 -35.15 71.80
N LYS O 410 37.52 -35.34 73.12
CA LYS O 410 38.63 -35.99 73.78
C LYS O 410 38.70 -37.49 73.50
N TYR O 411 37.59 -38.19 73.64
CA TYR O 411 37.58 -39.62 73.42
C TYR O 411 37.55 -40.09 71.95
N THR O 412 37.47 -39.14 71.00
CA THR O 412 37.49 -39.51 69.60
C THR O 412 38.70 -38.84 69.00
N GLU O 413 39.66 -38.53 69.88
CA GLU O 413 40.91 -37.88 69.51
C GLU O 413 40.70 -36.73 68.53
N GLY O 414 39.67 -35.94 68.78
CA GLY O 414 39.39 -34.79 67.93
C GLY O 414 38.80 -35.07 66.56
N ARG O 415 38.58 -36.33 66.24
CA ARG O 415 38.04 -36.70 64.93
C ARG O 415 36.52 -36.80 64.87
N GLY O 416 35.88 -36.88 66.04
CA GLY O 416 34.44 -36.98 66.06
C GLY O 416 33.76 -35.69 65.67
N ILE O 417 32.71 -35.80 64.86
CA ILE O 417 31.94 -34.65 64.41
C ILE O 417 30.78 -34.58 65.39
N PHE O 418 30.71 -33.49 66.16
CA PHE O 418 29.70 -33.35 67.20
C PHE O 418 28.58 -32.35 66.99
N ALA O 419 27.44 -32.64 67.61
CA ALA O 419 26.26 -31.79 67.58
C ALA O 419 25.40 -32.22 68.78
N SER O 420 24.72 -31.27 69.40
CA SER O 420 23.88 -31.61 70.54
C SER O 420 22.64 -30.72 70.60
N GLY O 421 21.66 -31.15 71.39
CA GLY O 421 20.44 -30.38 71.54
C GLY O 421 20.66 -29.15 72.42
N SER O 422 21.45 -29.32 73.47
CA SER O 422 21.76 -28.24 74.38
C SER O 422 23.13 -27.68 74.09
N PRO O 423 23.33 -26.38 74.35
CA PRO O 423 24.58 -25.67 74.11
C PRO O 423 25.81 -26.05 74.95
N PHE O 424 26.94 -26.15 74.27
CA PHE O 424 28.22 -26.44 74.91
C PHE O 424 29.22 -25.38 74.46
N ASP O 425 30.13 -24.98 75.34
CA ASP O 425 31.13 -23.98 75.00
C ASP O 425 32.12 -24.56 74.01
N PRO O 426 32.79 -23.69 73.25
CA PRO O 426 33.79 -24.09 72.26
C PRO O 426 34.83 -24.95 72.95
N VAL O 427 35.48 -25.81 72.19
CA VAL O 427 36.50 -26.68 72.74
C VAL O 427 37.84 -26.44 72.07
N THR O 428 38.90 -26.37 72.87
CA THR O 428 40.22 -26.18 72.31
C THR O 428 40.97 -27.49 72.46
N LEU O 429 41.20 -28.16 71.32
CA LEU O 429 41.92 -29.42 71.28
C LEU O 429 43.37 -29.23 71.68
N PRO O 430 44.06 -30.31 72.06
CA PRO O 430 45.46 -30.14 72.44
C PRO O 430 46.28 -29.55 71.28
N SER O 431 45.89 -29.86 70.05
CA SER O 431 46.60 -29.36 68.88
C SER O 431 46.58 -27.84 68.84
N GLY O 432 45.67 -27.26 69.63
CA GLY O 432 45.53 -25.82 69.68
C GLY O 432 44.32 -25.30 68.92
N GLN O 433 43.75 -26.13 68.05
CA GLN O 433 42.59 -25.67 67.28
C GLN O 433 41.33 -25.65 68.13
N THR O 434 40.50 -24.64 67.91
CA THR O 434 39.28 -24.51 68.67
C THR O 434 38.06 -24.89 67.83
N LEU O 435 37.29 -25.86 68.31
CA LEU O 435 36.09 -26.31 67.61
C LEU O 435 34.83 -25.72 68.28
N TYR O 436 33.89 -25.29 67.45
CA TYR O 436 32.65 -24.72 67.94
C TYR O 436 31.50 -25.67 67.70
N PRO O 437 31.24 -26.57 68.67
CA PRO O 437 30.16 -27.56 68.54
C PRO O 437 28.77 -26.98 68.23
N GLY O 438 28.16 -27.47 67.15
CA GLY O 438 26.86 -26.99 66.74
C GLY O 438 25.74 -27.50 67.63
N GLN O 439 24.63 -26.75 67.62
CA GLN O 439 23.51 -27.14 68.43
C GLN O 439 22.38 -27.67 67.55
N GLY O 440 22.25 -28.98 67.48
CA GLY O 440 21.18 -29.57 66.70
C GLY O 440 19.91 -29.53 67.52
N ASN O 441 19.17 -28.43 67.43
CA ASN O 441 17.94 -28.24 68.19
C ASN O 441 16.89 -27.72 67.23
N ASN O 442 15.62 -28.08 67.42
CA ASN O 442 14.60 -27.60 66.49
C ASN O 442 14.50 -26.11 66.36
N SER O 443 15.11 -25.37 67.27
CA SER O 443 15.08 -23.92 67.20
C SER O 443 15.56 -23.47 65.82
N TYR O 444 16.34 -24.30 65.14
CA TYR O 444 16.81 -23.93 63.80
C TYR O 444 15.73 -24.16 62.75
N VAL O 445 14.70 -24.94 63.11
CA VAL O 445 13.62 -25.25 62.19
C VAL O 445 12.28 -24.53 62.35
N PHE O 446 11.65 -24.65 63.53
CA PHE O 446 10.33 -24.05 63.71
C PHE O 446 10.19 -22.55 63.49
N PRO O 447 11.21 -21.76 63.83
CA PRO O 447 11.03 -20.31 63.61
C PRO O 447 10.79 -20.02 62.12
N GLY O 448 11.67 -20.54 61.26
CA GLY O 448 11.52 -20.31 59.83
C GLY O 448 10.29 -20.97 59.23
N VAL O 449 9.98 -22.18 59.68
CA VAL O 449 8.81 -22.88 59.16
C VAL O 449 7.57 -22.04 59.45
N ALA O 450 7.50 -21.48 60.66
CA ALA O 450 6.37 -20.64 61.04
C ALA O 450 6.29 -19.38 60.19
N LEU O 451 7.43 -18.72 60.03
CA LEU O 451 7.51 -17.49 59.24
C LEU O 451 7.01 -17.84 57.83
N GLY O 452 7.43 -18.99 57.34
CA GLY O 452 7.03 -19.41 56.00
C GLY O 452 5.54 -19.66 55.86
N VAL O 453 5.04 -20.56 56.71
CA VAL O 453 3.65 -20.93 56.72
C VAL O 453 2.75 -19.72 56.87
N ILE O 454 3.05 -18.89 57.84
CA ILE O 454 2.22 -17.71 58.07
C ILE O 454 2.26 -16.70 56.92
N SER O 455 3.41 -16.57 56.28
CA SER O 455 3.53 -15.60 55.21
C SER O 455 2.75 -15.96 53.94
N CYS O 456 2.81 -17.23 53.54
CA CYS O 456 2.13 -17.68 52.34
C CYS O 456 0.85 -18.47 52.61
N GLY O 457 0.53 -18.68 53.89
CA GLY O 457 -0.68 -19.44 54.19
C GLY O 457 -0.71 -20.87 53.68
N LEU O 458 0.39 -21.61 53.87
CA LEU O 458 0.43 -23.00 53.45
C LEU O 458 -0.67 -23.66 54.26
N LYS O 459 -1.57 -24.40 53.60
CA LYS O 459 -2.68 -25.04 54.30
C LYS O 459 -2.34 -26.27 55.15
N HIS O 460 -1.38 -27.05 54.68
CA HIS O 460 -0.95 -28.24 55.41
C HIS O 460 0.55 -28.38 55.20
N ILE O 461 1.23 -28.96 56.18
CA ILE O 461 2.68 -29.11 56.11
C ILE O 461 3.07 -30.55 55.87
N GLY O 462 3.54 -30.86 54.67
CA GLY O 462 3.94 -32.21 54.35
C GLY O 462 5.39 -32.45 54.73
N ASP O 463 5.79 -33.71 54.87
CA ASP O 463 7.16 -34.01 55.26
C ASP O 463 8.20 -33.39 54.34
N ASP O 464 7.83 -33.20 53.09
CA ASP O 464 8.72 -32.60 52.11
C ASP O 464 9.16 -31.22 52.58
N VAL O 465 8.28 -30.54 53.31
CA VAL O 465 8.60 -29.22 53.81
C VAL O 465 9.79 -29.29 54.77
N PHE O 466 9.84 -30.36 55.55
CA PHE O 466 10.93 -30.51 56.49
C PHE O 466 12.22 -30.98 55.85
N LEU O 467 12.12 -31.74 54.76
CA LEU O 467 13.31 -32.20 54.09
C LEU O 467 13.91 -30.99 53.38
N THR O 468 13.08 -30.26 52.67
CA THR O 468 13.54 -29.06 51.96
C THR O 468 14.18 -28.11 52.95
N THR O 469 13.57 -27.93 54.12
CA THR O 469 14.11 -27.05 55.14
C THR O 469 15.49 -27.52 55.60
N ALA O 470 15.63 -28.83 55.76
CA ALA O 470 16.89 -29.44 56.16
C ALA O 470 17.98 -29.02 55.16
N GLU O 471 17.64 -29.08 53.88
CA GLU O 471 18.56 -28.73 52.83
C GLU O 471 18.88 -27.23 52.87
N VAL O 472 17.88 -26.42 53.18
CA VAL O 472 18.10 -24.99 53.24
C VAL O 472 19.09 -24.66 54.35
N ILE O 473 18.91 -25.29 55.51
CA ILE O 473 19.78 -25.04 56.64
C ILE O 473 21.22 -25.44 56.35
N ALA O 474 21.41 -26.60 55.74
CA ALA O 474 22.75 -27.05 55.42
C ALA O 474 23.42 -26.11 54.41
N GLN O 475 22.65 -25.61 53.44
CA GLN O 475 23.21 -24.72 52.43
C GLN O 475 23.82 -23.48 53.05
N GLU O 476 23.37 -23.15 54.26
CA GLU O 476 23.87 -21.98 54.94
C GLU O 476 25.12 -22.26 55.77
N VAL O 477 25.58 -23.50 55.73
CA VAL O 477 26.79 -23.87 56.46
C VAL O 477 27.97 -23.61 55.54
N SER O 478 28.82 -22.67 55.93
CA SER O 478 29.98 -22.31 55.12
C SER O 478 31.14 -23.25 55.32
N GLU O 479 32.12 -23.15 54.44
CA GLU O 479 33.31 -23.97 54.53
C GLU O 479 33.96 -23.63 55.86
N GLU O 480 34.06 -22.33 56.14
CA GLU O 480 34.66 -21.86 57.37
C GLU O 480 33.98 -22.47 58.58
N ASN O 481 32.65 -22.55 58.52
CA ASN O 481 31.89 -23.11 59.63
C ASN O 481 32.33 -24.56 59.84
N LEU O 482 32.33 -25.30 58.74
CA LEU O 482 32.71 -26.71 58.74
C LEU O 482 34.11 -26.93 59.33
N GLN O 483 35.04 -26.05 58.99
CA GLN O 483 36.40 -26.15 59.49
C GLN O 483 36.50 -25.91 61.00
N GLU O 484 35.51 -25.23 61.57
CA GLU O 484 35.50 -24.97 63.02
C GLU O 484 34.80 -26.12 63.75
N GLY O 485 34.20 -27.01 62.98
CA GLY O 485 33.49 -28.13 63.58
C GLY O 485 32.00 -27.88 63.72
N ARG O 486 31.50 -26.82 63.07
CA ARG O 486 30.06 -26.47 63.12
C ARG O 486 29.27 -27.20 62.05
N LEU O 487 28.22 -27.93 62.45
CA LEU O 487 27.35 -28.61 61.50
C LEU O 487 26.18 -27.71 61.13
N TYR O 488 26.05 -26.58 61.82
CA TYR O 488 24.98 -25.64 61.56
C TYR O 488 25.48 -24.22 61.50
N PRO O 489 24.82 -23.36 60.73
CA PRO O 489 25.29 -21.98 60.65
C PRO O 489 25.29 -21.35 62.03
N PRO O 490 26.22 -20.40 62.28
CA PRO O 490 26.33 -19.72 63.56
C PRO O 490 24.96 -19.21 64.05
N LEU O 491 24.73 -19.35 65.35
CA LEU O 491 23.48 -18.93 65.97
C LEU O 491 23.23 -17.44 65.76
N VAL O 492 24.31 -16.69 65.60
CA VAL O 492 24.18 -15.26 65.41
C VAL O 492 23.52 -14.93 64.09
N THR O 493 23.50 -15.89 63.17
CA THR O 493 22.90 -15.65 61.85
C THR O 493 21.53 -16.32 61.68
N ILE O 494 21.03 -16.93 62.76
CA ILE O 494 19.76 -17.64 62.70
C ILE O 494 18.57 -16.86 62.10
N GLN O 495 18.52 -15.55 62.31
CA GLN O 495 17.39 -14.82 61.72
C GLN O 495 17.49 -14.90 60.21
N GLN O 496 18.70 -14.77 59.68
CA GLN O 496 18.92 -14.82 58.24
C GLN O 496 18.57 -16.20 57.74
N VAL O 497 18.92 -17.21 58.50
CA VAL O 497 18.62 -18.59 58.13
C VAL O 497 17.11 -18.79 58.05
N SER O 498 16.41 -18.29 59.06
CA SER O 498 14.96 -18.38 59.13
C SER O 498 14.27 -17.72 57.92
N LEU O 499 14.79 -16.58 57.50
CA LEU O 499 14.22 -15.88 56.35
C LEU O 499 14.31 -16.74 55.09
N LYS O 500 15.48 -17.34 54.87
CA LYS O 500 15.67 -18.18 53.70
C LYS O 500 14.79 -19.43 53.79
N ILE O 501 14.56 -19.95 54.99
CA ILE O 501 13.69 -21.11 55.14
C ILE O 501 12.26 -20.69 54.77
N ALA O 502 11.87 -19.51 55.24
CA ALA O 502 10.54 -19.00 54.99
C ALA O 502 10.31 -18.78 53.51
N VAL O 503 11.29 -18.22 52.82
CA VAL O 503 11.15 -17.98 51.40
C VAL O 503 10.98 -19.27 50.60
N ARG O 504 11.84 -20.24 50.85
CA ARG O 504 11.79 -21.51 50.15
C ARG O 504 10.45 -22.22 50.34
N ILE O 505 9.93 -22.20 51.56
CA ILE O 505 8.64 -22.83 51.85
C ILE O 505 7.57 -22.09 51.02
N ALA O 506 7.65 -20.75 51.02
CA ALA O 506 6.71 -19.95 50.26
C ALA O 506 6.76 -20.30 48.77
N LYS O 507 7.97 -20.30 48.20
CA LYS O 507 8.11 -20.62 46.78
C LYS O 507 7.42 -21.93 46.48
N GLU O 508 7.78 -22.95 47.25
CA GLU O 508 7.21 -24.27 47.07
C GLU O 508 5.69 -24.25 47.19
N ALA O 509 5.19 -23.50 48.17
CA ALA O 509 3.75 -23.40 48.42
C ALA O 509 2.98 -22.91 47.20
N TYR O 510 3.50 -21.88 46.54
CA TYR O 510 2.85 -21.35 45.37
C TYR O 510 2.97 -22.28 44.17
N ARG O 511 4.11 -22.92 44.03
CA ARG O 511 4.33 -23.83 42.91
C ARG O 511 3.34 -24.99 42.97
N ASN O 512 3.14 -25.54 44.16
CA ASN O 512 2.23 -26.66 44.36
C ASN O 512 0.80 -26.18 44.61
N ASN O 513 0.60 -24.87 44.61
CA ASN O 513 -0.71 -24.27 44.81
C ASN O 513 -1.32 -24.58 46.18
N THR O 514 -0.46 -24.79 47.17
CA THR O 514 -0.91 -25.09 48.53
C THR O 514 -0.98 -23.82 49.36
N ALA O 515 -0.47 -22.72 48.79
CA ALA O 515 -0.48 -21.46 49.50
C ALA O 515 -1.90 -20.92 49.59
N SER O 516 -2.08 -19.87 50.38
CA SER O 516 -3.38 -19.25 50.56
C SER O 516 -3.30 -17.73 50.41
N THR O 517 -2.10 -17.16 50.57
CA THR O 517 -1.93 -15.70 50.46
C THR O 517 -1.88 -15.22 49.01
N TYR O 518 -2.91 -14.50 48.59
CA TYR O 518 -2.98 -13.99 47.22
C TYR O 518 -3.40 -12.54 47.20
N PRO O 519 -3.04 -11.81 46.15
CA PRO O 519 -2.27 -12.29 45.01
C PRO O 519 -0.84 -12.66 45.43
N GLN O 520 -0.22 -13.54 44.66
CA GLN O 520 1.15 -13.95 44.97
C GLN O 520 2.10 -12.76 44.80
N PRO O 521 2.96 -12.52 45.80
CA PRO O 521 3.93 -11.41 45.74
C PRO O 521 4.92 -11.65 44.63
N GLU O 522 5.33 -10.58 43.94
CA GLU O 522 6.28 -10.72 42.85
C GLU O 522 7.67 -11.04 43.36
N ASP O 523 8.01 -10.52 44.54
CA ASP O 523 9.31 -10.78 45.16
C ASP O 523 9.06 -11.29 46.58
N LEU O 524 9.07 -12.61 46.73
CA LEU O 524 8.83 -13.24 48.02
C LEU O 524 9.73 -12.77 49.14
N GLU O 525 11.03 -12.75 48.88
CA GLU O 525 11.95 -12.31 49.92
C GLU O 525 11.57 -10.93 50.41
N ALA O 526 11.30 -10.03 49.48
CA ALA O 526 10.93 -8.67 49.83
C ALA O 526 9.65 -8.66 50.65
N PHE O 527 8.69 -9.49 50.25
CA PHE O 527 7.43 -9.53 50.97
C PHE O 527 7.62 -10.04 52.38
N ILE O 528 8.30 -11.18 52.52
CA ILE O 528 8.51 -11.73 53.86
C ILE O 528 9.30 -10.77 54.73
N ARG O 529 10.29 -10.09 54.13
CA ARG O 529 11.09 -9.15 54.89
C ARG O 529 10.22 -8.08 55.51
N SER O 530 9.24 -7.60 54.74
CA SER O 530 8.34 -6.57 55.23
C SER O 530 7.37 -7.09 56.28
N GLN O 531 7.21 -8.42 56.35
CA GLN O 531 6.30 -9.02 57.31
C GLN O 531 6.97 -9.32 58.66
N VAL O 532 8.31 -9.25 58.69
CA VAL O 532 9.09 -9.53 59.90
C VAL O 532 8.98 -8.51 61.02
N TYR O 533 8.90 -9.00 62.25
CA TYR O 533 8.79 -8.16 63.45
C TYR O 533 9.93 -7.18 63.55
N SER O 534 9.65 -5.98 64.05
CA SER O 534 10.67 -4.97 64.22
C SER O 534 10.79 -4.66 65.71
N THR O 535 12.03 -4.59 66.18
CA THR O 535 12.28 -4.33 67.56
C THR O 535 12.16 -2.85 67.91
N ASP O 536 11.98 -2.00 66.91
CA ASP O 536 11.89 -0.57 67.18
C ASP O 536 10.55 -0.12 67.72
N TYR O 537 10.61 0.80 68.69
CA TYR O 537 9.41 1.35 69.30
C TYR O 537 8.65 2.12 68.24
N ASN O 538 7.34 2.22 68.39
CA ASN O 538 6.57 2.98 67.42
C ASN O 538 6.28 4.33 68.06
N CYS O 539 5.82 5.29 67.27
CA CYS O 539 5.53 6.61 67.81
C CYS O 539 4.06 6.71 68.19
N PHE O 540 3.80 7.08 69.44
CA PHE O 540 2.43 7.20 69.93
C PHE O 540 1.77 8.57 69.77
N VAL O 541 2.46 9.52 69.16
CA VAL O 541 1.88 10.85 68.98
C VAL O 541 0.73 10.80 67.97
N ALA O 542 -0.34 11.53 68.24
CA ALA O 542 -1.46 11.54 67.31
C ALA O 542 -1.02 12.05 65.95
N ASP O 543 -1.58 11.47 64.90
CA ASP O 543 -1.26 11.87 63.54
C ASP O 543 -1.91 13.22 63.31
N SER O 544 -1.16 14.29 63.54
CA SER O 544 -1.68 15.65 63.36
C SER O 544 -1.26 16.24 62.02
N TYR O 545 -2.16 17.03 61.42
CA TYR O 545 -1.89 17.68 60.14
C TYR O 545 -2.97 18.71 59.84
N THR O 546 -2.63 19.68 59.01
CA THR O 546 -3.55 20.74 58.68
C THR O 546 -4.31 20.57 57.38
N TRP O 547 -5.42 21.28 57.28
CA TRP O 547 -6.25 21.31 56.08
C TRP O 547 -6.11 22.75 55.61
N PRO O 548 -6.49 23.04 54.35
CA PRO O 548 -6.38 24.42 53.87
C PRO O 548 -7.00 25.33 54.93
N GLU O 549 -6.93 26.64 54.76
CA GLU O 549 -7.49 27.55 55.76
C GLU O 549 -9.00 27.71 55.76
N GLU O 550 -9.58 27.84 54.57
CA GLU O 550 -11.03 28.02 54.48
C GLU O 550 -11.78 26.74 54.84
N ALA O 551 -11.19 25.59 54.48
CA ALA O 551 -11.81 24.31 54.76
C ALA O 551 -11.76 23.96 56.24
N MSE O 552 -10.92 24.69 56.96
CA MSE O 552 -10.75 24.45 58.39
C MSE O 552 -11.50 25.52 59.17
O MSE O 552 -11.47 25.56 60.41
CB MSE O 552 -9.27 24.51 58.72
CG MSE O 552 -8.80 23.40 59.61
SE MSE O 552 -6.94 23.64 59.91
CE MSE O 552 -6.99 25.29 60.92
N LYS O 553 -12.17 26.41 58.42
CA LYS O 553 -12.97 27.51 58.96
C LYS O 553 -13.93 27.00 60.02
N VAL O 554 -14.20 27.85 61.01
CA VAL O 554 -15.14 27.51 62.06
C VAL O 554 -16.39 28.37 61.89
N LYS O 555 -17.50 27.74 61.53
CA LYS O 555 -18.78 28.45 61.36
C LYS O 555 -19.50 28.50 62.70
N LYS P 1 -14.77 -2.96 86.00
CA LYS P 1 -13.75 -3.26 84.99
C LYS P 1 -13.63 -4.77 84.84
N LYS P 2 -13.16 -5.21 83.68
CA LYS P 2 -13.05 -6.64 83.40
C LYS P 2 -11.93 -6.98 82.43
N GLY P 3 -11.75 -8.27 82.21
CA GLY P 3 -10.73 -8.75 81.30
C GLY P 3 -9.36 -8.81 81.95
N TYR P 4 -8.35 -9.13 81.14
CA TYR P 4 -6.98 -9.23 81.61
C TYR P 4 -6.54 -7.92 82.26
N GLU P 5 -7.24 -6.85 81.94
CA GLU P 5 -6.95 -5.53 82.49
C GLU P 5 -7.01 -5.63 84.01
N VAL P 6 -7.84 -6.53 84.49
CA VAL P 6 -8.03 -6.75 85.92
C VAL P 6 -6.78 -7.37 86.53
N LEU P 7 -6.14 -8.26 85.78
CA LEU P 7 -4.94 -8.93 86.26
C LEU P 7 -3.74 -8.00 86.38
N ARG P 8 -3.71 -6.97 85.54
CA ARG P 8 -2.61 -6.01 85.52
C ARG P 8 -2.83 -4.86 86.47
N ASP P 9 -3.99 -4.82 87.12
CA ASP P 9 -4.28 -3.77 88.08
C ASP P 9 -4.07 -4.38 89.49
N PRO P 10 -2.97 -3.99 90.17
CA PRO P 10 -2.63 -4.50 91.50
C PRO P 10 -3.64 -4.19 92.59
N HIS P 11 -4.49 -3.21 92.34
CA HIS P 11 -5.50 -2.82 93.30
C HIS P 11 -6.67 -3.81 93.24
N LEU P 12 -6.82 -4.45 92.08
CA LEU P 12 -7.88 -5.41 91.85
C LEU P 12 -7.38 -6.84 91.80
N ASN P 13 -6.20 -7.02 91.20
CA ASN P 13 -5.64 -8.36 91.01
C ASN P 13 -5.56 -9.21 92.25
N LYS P 14 -6.08 -10.41 92.14
CA LYS P 14 -6.12 -11.36 93.24
C LYS P 14 -5.30 -12.61 92.86
N GLY P 15 -4.78 -12.62 91.65
CA GLY P 15 -4.00 -13.76 91.21
C GLY P 15 -4.83 -15.03 91.18
N MSE P 16 -4.24 -16.15 91.57
CA MSE P 16 -4.97 -17.41 91.56
C MSE P 16 -6.00 -17.54 92.68
O MSE P 16 -6.64 -18.59 92.84
CB MSE P 16 -3.99 -18.58 91.61
CG MSE P 16 -3.23 -18.76 90.30
SE MSE P 16 -1.81 -20.02 90.45
CE MSE P 16 -0.40 -18.88 91.09
N ALA P 17 -6.18 -16.47 93.45
CA ALA P 17 -7.16 -16.51 94.52
C ALA P 17 -8.50 -16.17 93.93
N PHE P 18 -8.52 -15.92 92.62
CA PHE P 18 -9.77 -15.63 91.92
C PHE P 18 -10.52 -16.94 91.78
N THR P 19 -11.79 -16.91 92.18
CA THR P 19 -12.68 -18.05 92.12
C THR P 19 -13.00 -18.41 90.68
N LEU P 20 -13.28 -19.68 90.43
CA LEU P 20 -13.65 -20.09 89.09
C LEU P 20 -14.79 -19.19 88.65
N GLU P 21 -15.78 -19.03 89.53
CA GLU P 21 -16.91 -18.19 89.19
C GLU P 21 -16.48 -16.77 88.87
N GLU P 22 -15.53 -16.25 89.61
CA GLU P 22 -15.04 -14.90 89.37
C GLU P 22 -14.34 -14.78 88.02
N ARG P 23 -13.47 -15.74 87.72
CA ARG P 23 -12.75 -15.71 86.47
C ARG P 23 -13.72 -15.77 85.30
N GLN P 24 -14.75 -16.59 85.42
CA GLN P 24 -15.73 -16.69 84.35
C GLN P 24 -16.47 -15.38 84.15
N GLN P 25 -16.86 -14.72 85.24
CA GLN P 25 -17.58 -13.44 85.14
C GLN P 25 -16.66 -12.26 84.78
N LEU P 26 -15.40 -12.35 85.16
CA LEU P 26 -14.45 -11.27 84.89
C LEU P 26 -13.87 -11.40 83.48
N ASN P 27 -14.12 -12.54 82.83
CA ASN P 27 -13.62 -12.81 81.48
C ASN P 27 -12.10 -13.01 81.48
N ILE P 28 -11.60 -13.71 82.48
CA ILE P 28 -10.18 -13.97 82.55
C ILE P 28 -9.95 -15.44 82.74
N HIS P 29 -11.03 -16.24 82.71
CA HIS P 29 -10.87 -17.67 82.90
C HIS P 29 -10.02 -18.23 81.79
N GLY P 30 -8.95 -18.94 82.16
CA GLY P 30 -8.03 -19.47 81.16
C GLY P 30 -6.74 -18.67 81.18
N LEU P 31 -6.79 -17.44 81.69
CA LEU P 31 -5.62 -16.58 81.77
C LEU P 31 -4.77 -16.92 83.01
N LEU P 32 -5.33 -17.76 83.89
CA LEU P 32 -4.65 -18.18 85.10
C LEU P 32 -4.60 -19.70 85.16
N PRO P 33 -3.52 -20.27 85.73
CA PRO P 33 -3.44 -21.72 85.81
C PRO P 33 -4.64 -22.29 86.57
N PRO P 34 -5.04 -23.52 86.25
CA PRO P 34 -6.18 -24.22 86.86
C PRO P 34 -6.14 -24.54 88.34
N CYS P 35 -5.68 -23.60 89.16
CA CYS P 35 -5.64 -23.85 90.59
C CYS P 35 -6.11 -22.59 91.32
N PHE P 36 -6.78 -22.79 92.44
CA PHE P 36 -7.31 -21.69 93.20
C PHE P 36 -6.78 -21.80 94.63
N LEU P 37 -6.41 -20.68 95.22
CA LEU P 37 -5.90 -20.77 96.55
C LEU P 37 -6.17 -19.54 97.38
N GLY P 38 -6.08 -19.70 98.70
CA GLY P 38 -6.31 -18.60 99.61
C GLY P 38 -5.04 -17.82 99.85
N GLN P 39 -5.18 -16.70 100.56
CA GLN P 39 -4.05 -15.85 100.86
C GLN P 39 -2.94 -16.60 101.56
N ASP P 40 -3.28 -17.45 102.52
CA ASP P 40 -2.26 -18.21 103.22
C ASP P 40 -1.37 -18.97 102.23
N ALA P 41 -1.98 -19.60 101.24
CA ALA P 41 -1.23 -20.36 100.24
C ALA P 41 -0.32 -19.44 99.44
N GLN P 42 -0.85 -18.28 99.07
CA GLN P 42 -0.07 -17.30 98.30
C GLN P 42 1.08 -16.74 99.13
N VAL P 43 0.82 -16.41 100.39
CA VAL P 43 1.84 -15.89 101.27
C VAL P 43 2.98 -16.88 101.40
N TYR P 44 2.64 -18.17 101.42
CA TYR P 44 3.64 -19.22 101.56
C TYR P 44 4.62 -19.16 100.39
N SER P 45 4.08 -18.99 99.18
CA SER P 45 4.90 -18.93 97.96
C SER P 45 5.81 -17.70 98.00
N ILE P 46 5.29 -16.60 98.48
CA ILE P 46 6.10 -15.40 98.57
C ILE P 46 7.27 -15.63 99.51
N LEU P 47 7.03 -16.33 100.62
CA LEU P 47 8.09 -16.59 101.58
C LEU P 47 9.13 -17.54 100.99
N LYS P 48 8.68 -18.52 100.20
CA LYS P 48 9.63 -19.46 99.59
C LYS P 48 10.54 -18.66 98.67
N ASN P 49 9.97 -17.68 97.98
CA ASN P 49 10.74 -16.82 97.07
C ASN P 49 11.68 -15.84 97.82
N PHE P 50 11.22 -15.37 98.97
CA PHE P 50 11.99 -14.43 99.79
C PHE P 50 13.18 -15.15 100.41
N GLU P 51 12.90 -16.32 100.99
CA GLU P 51 13.91 -17.16 101.64
C GLU P 51 15.15 -17.42 100.77
N ARG P 52 14.94 -17.72 99.49
CA ARG P 52 16.06 -18.02 98.60
C ARG P 52 16.90 -16.82 98.15
N LEU P 53 16.40 -15.61 98.33
CA LEU P 53 17.18 -14.45 97.93
C LEU P 53 18.42 -14.33 98.83
N THR P 54 19.49 -13.76 98.28
CA THR P 54 20.74 -13.63 99.02
C THR P 54 21.23 -12.20 99.18
N SER P 55 20.32 -11.23 99.10
CA SER P 55 20.72 -9.85 99.24
C SER P 55 19.51 -9.01 99.62
N ASP P 56 19.72 -8.03 100.49
CA ASP P 56 18.62 -7.19 100.90
C ASP P 56 18.05 -6.45 99.72
N LEU P 57 18.90 -6.02 98.80
CA LEU P 57 18.40 -5.31 97.63
C LEU P 57 17.48 -6.21 96.81
N ASP P 58 17.81 -7.49 96.74
CA ASP P 58 16.99 -8.43 96.00
C ASP P 58 15.67 -8.68 96.72
N ARG P 59 15.68 -8.67 98.05
CA ARG P 59 14.45 -8.90 98.80
C ARG P 59 13.56 -7.67 98.61
N TYR P 60 14.19 -6.51 98.63
CA TYR P 60 13.49 -5.26 98.45
C TYR P 60 12.74 -5.29 97.11
N ILE P 61 13.43 -5.68 96.05
CA ILE P 61 12.85 -5.72 94.73
C ILE P 61 11.73 -6.77 94.66
N LEU P 62 11.95 -7.92 95.30
CA LEU P 62 10.93 -8.96 95.30
C LEU P 62 9.63 -8.34 95.85
N LEU P 63 9.72 -7.67 97.00
CA LEU P 63 8.54 -7.09 97.60
C LEU P 63 7.93 -5.92 96.83
N MSE P 64 8.78 -5.11 96.19
CA MSE P 64 8.27 -3.98 95.43
C MSE P 64 7.46 -4.48 94.25
O MSE P 64 6.42 -3.92 93.91
CB MSE P 64 9.42 -3.10 94.92
CG MSE P 64 10.07 -2.28 96.03
SE MSE P 64 8.84 -1.07 97.01
CE MSE P 64 7.73 -0.50 95.51
N SER P 65 7.93 -5.56 93.66
CA SER P 65 7.25 -6.18 92.53
C SER P 65 5.93 -6.79 92.97
N LEU P 66 5.89 -7.29 94.21
CA LEU P 66 4.68 -7.87 94.80
C LEU P 66 3.66 -6.73 94.94
N GLN P 67 4.15 -5.56 95.33
CA GLN P 67 3.29 -4.41 95.51
C GLN P 67 2.78 -3.88 94.18
N ASP P 68 3.44 -4.25 93.08
CA ASP P 68 3.01 -3.78 91.77
C ASP P 68 2.11 -4.81 91.14
N ARG P 69 1.95 -5.94 91.81
CA ARG P 69 1.16 -7.04 91.28
C ARG P 69 -0.16 -7.32 91.99
N ASN P 70 -0.11 -7.42 93.31
CA ASN P 70 -1.30 -7.72 94.10
C ASN P 70 -1.23 -6.97 95.44
N GLU P 71 -1.90 -5.82 95.49
CA GLU P 71 -1.91 -4.99 96.68
C GLU P 71 -2.27 -5.71 97.97
N LYS P 72 -3.42 -6.38 98.00
CA LYS P 72 -3.84 -7.08 99.20
C LYS P 72 -2.77 -8.07 99.65
N LEU P 73 -2.27 -8.86 98.72
CA LEU P 73 -1.25 -9.85 99.08
C LEU P 73 0.01 -9.16 99.63
N PHE P 74 0.37 -8.02 99.05
CA PHE P 74 1.54 -7.28 99.50
C PHE P 74 1.40 -6.89 100.97
N TYR P 75 0.28 -6.27 101.32
CA TYR P 75 0.10 -5.89 102.70
C TYR P 75 -0.20 -7.09 103.60
N LYS P 76 -0.71 -8.16 103.03
CA LYS P 76 -0.97 -9.33 103.85
C LYS P 76 0.39 -9.87 104.28
N VAL P 77 1.36 -9.78 103.38
CA VAL P 77 2.70 -10.28 103.68
C VAL P 77 3.42 -9.43 104.73
N LEU P 78 3.40 -8.11 104.54
CA LEU P 78 4.05 -7.21 105.48
C LEU P 78 3.49 -7.41 106.87
N THR P 79 2.18 -7.33 107.00
CA THR P 79 1.55 -7.48 108.30
C THR P 79 1.70 -8.88 108.88
N SER P 80 2.05 -9.86 108.05
CA SER P 80 2.18 -11.22 108.53
C SER P 80 3.38 -11.35 109.48
N ASP P 81 4.37 -10.49 109.29
CA ASP P 81 5.57 -10.50 110.15
C ASP P 81 6.23 -9.11 110.03
N ILE P 82 5.58 -8.11 110.60
CA ILE P 82 6.07 -6.73 110.54
C ILE P 82 7.55 -6.58 110.91
N GLU P 83 7.99 -7.27 111.95
CA GLU P 83 9.38 -7.15 112.38
C GLU P 83 10.37 -7.66 111.33
N ARG P 84 9.93 -8.61 110.52
CA ARG P 84 10.78 -9.19 109.50
C ARG P 84 10.79 -8.41 108.20
N PHE P 85 9.64 -7.90 107.78
CA PHE P 85 9.56 -7.18 106.53
C PHE P 85 9.67 -5.66 106.59
N MSE P 86 9.51 -5.07 107.75
CA MSE P 86 9.60 -3.63 107.85
C MSE P 86 11.02 -3.15 107.50
O MSE P 86 11.19 -2.17 106.79
CB MSE P 86 9.23 -3.18 109.26
CG MSE P 86 8.92 -1.70 109.34
SE MSE P 86 8.32 -1.16 111.09
CE MSE P 86 9.30 0.49 111.28
N PRO P 87 12.07 -3.86 108.00
CA PRO P 87 13.46 -3.50 107.73
C PRO P 87 13.80 -3.58 106.25
N ILE P 88 12.97 -4.29 105.49
CA ILE P 88 13.17 -4.43 104.05
C ILE P 88 12.51 -3.31 103.25
N VAL P 89 11.24 -3.05 103.55
CA VAL P 89 10.45 -2.01 102.88
C VAL P 89 10.72 -0.61 103.43
N TYR P 90 11.24 -0.54 104.65
CA TYR P 90 11.52 0.71 105.34
C TYR P 90 13.01 0.75 105.72
N THR P 91 13.38 1.42 106.81
CA THR P 91 14.79 1.47 107.24
C THR P 91 15.23 0.08 107.69
N PRO P 92 16.47 -0.32 107.37
CA PRO P 92 17.50 0.43 106.62
C PRO P 92 17.55 0.15 105.13
N THR P 93 16.95 -0.97 104.71
CA THR P 93 16.97 -1.32 103.31
C THR P 93 16.43 -0.28 102.36
N VAL P 94 15.45 0.51 102.80
CA VAL P 94 14.88 1.55 101.91
C VAL P 94 15.95 2.60 101.57
N GLY P 95 16.95 2.75 102.43
CA GLY P 95 18.02 3.70 102.16
C GLY P 95 18.90 3.12 101.05
N LEU P 96 19.18 1.83 101.17
CA LEU P 96 19.98 1.08 100.20
C LEU P 96 19.30 1.22 98.84
N ALA P 97 18.00 0.94 98.83
CA ALA P 97 17.19 1.01 97.63
C ALA P 97 17.36 2.36 96.98
N CYS P 98 17.18 3.45 97.73
CA CYS P 98 17.31 4.78 97.17
C CYS P 98 18.69 5.03 96.59
N GLN P 99 19.71 4.44 97.18
CA GLN P 99 21.05 4.65 96.67
C GLN P 99 21.24 3.92 95.34
N HIS P 100 20.47 2.87 95.11
CA HIS P 100 20.58 2.14 93.87
C HIS P 100 19.24 2.10 93.17
N TYR P 101 18.47 3.16 93.36
CA TYR P 101 17.13 3.23 92.80
C TYR P 101 17.13 3.04 91.29
N GLY P 102 18.13 3.59 90.61
CA GLY P 102 18.21 3.45 89.17
C GLY P 102 18.31 2.00 88.81
N LEU P 103 19.07 1.26 89.60
CA LEU P 103 19.29 -0.17 89.41
C LEU P 103 18.07 -1.03 89.83
N ALA P 104 17.39 -0.62 90.89
CA ALA P 104 16.24 -1.37 91.39
C ALA P 104 14.95 -1.09 90.64
N PHE P 105 14.94 0.01 89.88
CA PHE P 105 13.74 0.39 89.15
C PHE P 105 13.26 -0.71 88.22
N ARG P 106 11.95 -0.93 88.25
CA ARG P 106 11.30 -1.92 87.40
C ARG P 106 10.06 -1.26 86.77
N ARG P 107 9.01 -1.07 87.57
CA ARG P 107 7.78 -0.40 87.12
C ARG P 107 7.72 0.89 87.94
N PRO P 108 7.28 2.01 87.34
CA PRO P 108 7.20 3.26 88.07
C PRO P 108 6.10 3.28 89.11
N ARG P 109 6.32 4.07 90.15
CA ARG P 109 5.36 4.22 91.22
C ARG P 109 5.40 5.67 91.71
N GLY P 110 4.23 6.25 91.90
CA GLY P 110 4.16 7.62 92.36
C GLY P 110 4.06 8.65 91.25
N LEU P 111 3.98 9.90 91.66
CA LEU P 111 3.87 11.02 90.73
C LEU P 111 5.17 11.82 90.78
N PHE P 112 5.75 12.08 89.62
CA PHE P 112 6.98 12.86 89.53
C PHE P 112 6.69 14.22 88.90
N ILE P 113 6.78 15.28 89.69
CA ILE P 113 6.54 16.64 89.19
C ILE P 113 7.86 17.38 89.16
N THR P 114 8.17 17.93 88.00
CA THR P 114 9.40 18.64 87.74
C THR P 114 9.29 20.16 87.85
N ILE P 115 10.43 20.81 88.10
CA ILE P 115 10.49 22.26 88.17
C ILE P 115 10.11 22.81 86.79
N HIS P 116 10.26 21.98 85.75
CA HIS P 116 9.92 22.38 84.38
C HIS P 116 8.42 22.27 84.05
N ASP P 117 7.63 21.78 85.01
CA ASP P 117 6.20 21.64 84.79
C ASP P 117 5.43 22.75 85.48
N ARG P 118 6.12 23.78 85.95
CA ARG P 118 5.40 24.85 86.63
C ARG P 118 4.30 25.39 85.74
N GLY P 119 3.11 25.48 86.30
CA GLY P 119 1.97 25.97 85.56
C GLY P 119 1.09 24.88 84.99
N HIS P 120 1.50 23.62 85.15
CA HIS P 120 0.76 22.49 84.61
C HIS P 120 0.57 21.35 85.59
N ILE P 121 0.82 21.61 86.88
CA ILE P 121 0.68 20.57 87.87
C ILE P 121 -0.75 20.04 87.92
N ALA P 122 -1.73 20.94 87.87
CA ALA P 122 -3.13 20.53 87.91
C ALA P 122 -3.42 19.46 86.85
N THR P 123 -2.86 19.65 85.66
CA THR P 123 -3.05 18.70 84.58
C THR P 123 -2.42 17.37 84.92
N MSE P 124 -1.26 17.42 85.56
CA MSE P 124 -0.57 16.19 85.90
C MSE P 124 -1.31 15.34 86.93
O MSE P 124 -1.22 14.12 86.89
CB MSE P 124 0.84 16.49 86.38
CG MSE P 124 1.68 17.08 85.28
SE MSE P 124 3.46 17.48 85.83
CE MSE P 124 4.15 15.71 86.04
N LEU P 125 -2.05 15.98 87.83
CA LEU P 125 -2.80 15.23 88.83
C LEU P 125 -3.86 14.39 88.15
N GLN P 126 -4.36 14.86 87.01
CA GLN P 126 -5.37 14.13 86.28
C GLN P 126 -4.80 12.80 85.81
N SER P 127 -3.52 12.82 85.45
CA SER P 127 -2.81 11.63 84.96
C SER P 127 -2.80 10.54 86.00
N TRP P 128 -3.08 10.90 87.25
CA TRP P 128 -3.12 9.91 88.32
C TRP P 128 -4.51 9.26 88.32
N PRO P 129 -4.55 7.92 88.18
CA PRO P 129 -5.79 7.14 88.15
C PRO P 129 -6.87 7.56 89.15
N GLU P 130 -6.48 7.69 90.42
CA GLU P 130 -7.42 8.09 91.46
C GLU P 130 -7.71 9.58 91.47
N SER P 131 -8.98 9.88 91.67
CA SER P 131 -9.43 11.26 91.71
C SER P 131 -9.83 11.61 93.15
N VAL P 132 -9.68 10.64 94.04
CA VAL P 132 -10.01 10.83 95.45
C VAL P 132 -8.82 10.36 96.31
N ILE P 133 -7.96 11.32 96.66
CA ILE P 133 -6.77 11.04 97.47
C ILE P 133 -6.93 11.79 98.79
N LYS P 134 -6.58 11.14 99.89
CA LYS P 134 -6.72 11.78 101.19
C LYS P 134 -5.39 12.10 101.87
N ALA P 135 -4.32 11.48 101.41
CA ALA P 135 -3.00 11.72 101.99
C ALA P 135 -1.91 11.67 100.94
N ILE P 136 -0.91 12.51 101.13
CA ILE P 136 0.22 12.57 100.21
C ILE P 136 1.52 12.72 100.99
N VAL P 137 2.55 12.00 100.58
CA VAL P 137 3.86 12.12 101.21
C VAL P 137 4.77 12.57 100.09
N VAL P 138 5.30 13.78 100.22
CA VAL P 138 6.17 14.33 99.19
C VAL P 138 7.58 14.61 99.70
N THR P 139 8.52 14.63 98.75
CA THR P 139 9.93 14.91 99.06
C THR P 139 10.56 15.52 97.82
N ASP P 140 11.67 16.22 98.01
CA ASP P 140 12.38 16.78 96.88
C ASP P 140 13.70 16.04 96.82
N GLY P 141 13.85 15.06 97.73
CA GLY P 141 15.04 14.23 97.79
C GLY P 141 16.37 14.83 98.24
N GLU P 142 16.36 16.05 98.77
CA GLU P 142 17.58 16.71 99.19
C GLU P 142 18.17 16.16 100.49
N ARG P 143 17.34 15.62 101.36
CA ARG P 143 17.85 15.06 102.59
C ARG P 143 17.21 13.70 102.88
N ILE P 144 17.60 12.69 102.11
CA ILE P 144 17.09 11.34 102.27
C ILE P 144 17.82 10.66 103.42
N LEU P 145 17.14 10.56 104.56
CA LEU P 145 17.71 9.94 105.76
C LEU P 145 19.02 10.66 106.07
N GLY P 146 20.05 9.91 106.45
CA GLY P 146 21.33 10.53 106.71
C GLY P 146 22.23 10.31 105.52
N LEU P 147 21.63 10.01 104.36
CA LEU P 147 22.39 9.73 103.15
C LEU P 147 22.54 10.91 102.18
N GLY P 148 22.05 12.08 102.56
CA GLY P 148 22.19 13.24 101.71
C GLY P 148 21.27 13.39 100.51
N ASP P 149 21.70 14.24 99.57
CA ASP P 149 20.97 14.54 98.35
C ASP P 149 20.98 13.37 97.37
N LEU P 150 19.91 12.57 97.32
CA LEU P 150 19.86 11.47 96.38
C LEU P 150 18.94 11.82 95.23
N GLY P 151 18.65 13.11 95.09
CA GLY P 151 17.79 13.58 94.03
C GLY P 151 16.52 12.76 93.81
N CYS P 152 16.29 12.41 92.54
CA CYS P 152 15.11 11.67 92.17
C CYS P 152 15.11 10.22 92.70
N TYR P 153 16.27 9.71 93.08
CA TYR P 153 16.38 8.35 93.64
C TYR P 153 15.67 8.33 95.01
N GLY P 154 15.32 9.50 95.52
CA GLY P 154 14.66 9.59 96.81
C GLY P 154 13.21 9.14 96.80
N MSE P 155 12.65 8.91 95.61
CA MSE P 155 11.26 8.48 95.49
C MSE P 155 10.99 7.26 96.35
O MSE P 155 9.85 6.98 96.70
CB MSE P 155 10.89 8.19 94.04
CG MSE P 155 9.46 7.67 93.85
SE MSE P 155 8.12 8.86 94.59
CE MSE P 155 7.49 9.71 93.00
N GLY P 156 12.05 6.54 96.69
CA GLY P 156 11.89 5.34 97.50
C GLY P 156 11.34 5.62 98.88
N ILE P 157 11.58 6.82 99.39
CA ILE P 157 11.12 7.19 100.72
C ILE P 157 9.60 7.35 100.82
N PRO P 158 9.00 8.21 99.98
CA PRO P 158 7.55 8.34 100.11
C PRO P 158 6.87 6.97 100.02
N VAL P 159 7.32 6.17 99.06
CA VAL P 159 6.77 4.83 98.84
C VAL P 159 6.88 3.99 100.11
N GLY P 160 8.03 4.06 100.78
CA GLY P 160 8.21 3.31 102.01
C GLY P 160 7.30 3.87 103.10
N LYS P 161 7.27 5.19 103.22
CA LYS P 161 6.45 5.85 104.23
C LYS P 161 4.99 5.38 104.11
N LEU P 162 4.47 5.43 102.89
CA LEU P 162 3.10 5.03 102.63
C LEU P 162 2.84 3.54 102.88
N ALA P 163 3.86 2.73 102.71
CA ALA P 163 3.70 1.31 102.93
C ALA P 163 3.28 1.14 104.38
N LEU P 164 3.93 1.91 105.26
CA LEU P 164 3.63 1.83 106.68
C LEU P 164 2.34 2.54 107.01
N TYR P 165 1.94 3.51 106.20
CA TYR P 165 0.67 4.18 106.44
C TYR P 165 -0.34 3.04 106.52
N THR P 166 -0.29 2.13 105.56
CA THR P 166 -1.23 1.01 105.52
C THR P 166 -0.87 -0.11 106.50
N ALA P 167 0.33 -0.66 106.34
CA ALA P 167 0.79 -1.76 107.18
C ALA P 167 0.76 -1.48 108.69
N CYS P 168 1.08 -0.25 109.07
CA CYS P 168 1.11 0.11 110.47
C CYS P 168 -0.05 0.96 110.96
N GLY P 169 -0.64 1.76 110.06
CA GLY P 169 -1.73 2.64 110.46
C GLY P 169 -3.11 2.23 110.00
N GLY P 170 -3.17 1.37 108.99
CA GLY P 170 -4.47 0.93 108.50
C GLY P 170 -5.12 1.89 107.52
N VAL P 171 -4.36 2.82 106.98
CA VAL P 171 -4.91 3.76 106.01
C VAL P 171 -4.96 3.03 104.68
N LYS P 172 -6.06 3.23 103.94
CA LYS P 172 -6.22 2.60 102.63
C LYS P 172 -5.19 3.09 101.62
N PRO P 173 -4.45 2.16 101.01
CA PRO P 173 -3.41 2.46 100.02
C PRO P 173 -3.89 3.32 98.84
N HIS P 174 -5.05 2.97 98.30
CA HIS P 174 -5.62 3.66 97.13
C HIS P 174 -5.94 5.15 97.32
N GLN P 175 -5.91 5.61 98.57
CA GLN P 175 -6.21 7.01 98.83
C GLN P 175 -4.95 7.81 99.13
N CYS P 176 -3.79 7.15 98.98
CA CYS P 176 -2.50 7.77 99.26
C CYS P 176 -1.65 7.93 98.00
N LEU P 177 -1.02 9.10 97.88
CA LEU P 177 -0.20 9.41 96.72
C LEU P 177 1.21 9.81 97.07
N PRO P 178 2.20 9.00 96.68
CA PRO P 178 3.61 9.30 96.94
C PRO P 178 4.09 10.27 95.86
N VAL P 179 4.69 11.38 96.23
CA VAL P 179 5.15 12.36 95.25
C VAL P 179 6.62 12.79 95.37
N MSE P 180 7.26 12.97 94.21
CA MSE P 180 8.64 13.42 94.14
C MSE P 180 8.68 14.72 93.33
O MSE P 180 8.23 14.74 92.19
CB MSE P 180 9.51 12.37 93.43
CG MSE P 180 10.86 12.89 92.91
SE MSE P 180 12.27 13.32 94.21
CE MSE P 180 12.18 15.21 94.12
N LEU P 181 9.20 15.78 93.94
CA LEU P 181 9.32 17.08 93.27
C LEU P 181 10.76 17.24 92.80
N ASP P 182 11.04 16.87 91.56
CA ASP P 182 12.41 16.97 91.07
C ASP P 182 12.77 18.33 90.49
N VAL P 183 13.61 19.07 91.21
CA VAL P 183 14.06 20.37 90.74
C VAL P 183 15.54 20.26 90.44
N GLY P 184 16.02 19.03 90.37
CA GLY P 184 17.43 18.79 90.12
C GLY P 184 18.14 18.24 91.34
N THR P 185 19.44 17.99 91.23
CA THR P 185 20.24 17.44 92.33
C THR P 185 21.66 18.02 92.30
N ASP P 186 22.25 18.25 93.47
CA ASP P 186 23.60 18.80 93.52
C ASP P 186 24.62 17.71 93.71
N ASN P 187 24.14 16.47 93.76
CA ASN P 187 25.01 15.32 93.92
C ASN P 187 25.79 15.09 92.62
N GLU P 188 27.07 15.46 92.61
CA GLU P 188 27.91 15.30 91.41
C GLU P 188 27.91 13.86 90.93
N THR P 189 27.89 12.92 91.87
CA THR P 189 27.92 11.50 91.55
C THR P 189 26.71 11.05 90.75
N LEU P 190 25.53 11.49 91.16
CA LEU P 190 24.30 11.14 90.45
C LEU P 190 24.26 11.76 89.06
N LEU P 191 24.73 13.00 88.94
CA LEU P 191 24.75 13.68 87.65
C LEU P 191 25.59 12.91 86.63
N LYS P 192 26.56 12.13 87.11
CA LYS P 192 27.41 11.34 86.24
C LYS P 192 26.86 9.94 86.11
N ASP P 193 26.04 9.51 87.07
CA ASP P 193 25.47 8.17 87.04
C ASP P 193 24.63 7.88 85.78
N PRO P 194 25.00 6.84 85.02
CA PRO P 194 24.25 6.50 83.82
C PRO P 194 22.85 5.99 84.13
N LEU P 195 22.68 5.39 85.30
CA LEU P 195 21.35 4.89 85.66
C LEU P 195 20.46 5.93 86.31
N TYR P 196 20.95 7.14 86.53
CA TYR P 196 20.14 8.16 87.18
C TYR P 196 18.85 8.41 86.42
N ILE P 197 17.75 8.52 87.16
CA ILE P 197 16.44 8.72 86.56
C ILE P 197 15.88 10.12 86.71
N GLY P 198 16.62 11.01 87.38
CA GLY P 198 16.12 12.37 87.57
C GLY P 198 16.68 13.38 86.59
N LEU P 199 16.33 14.65 86.79
CA LEU P 199 16.83 15.73 85.94
C LEU P 199 18.33 15.87 86.18
N ARG P 200 19.11 15.78 85.11
CA ARG P 200 20.55 15.90 85.21
C ARG P 200 21.06 17.33 85.29
N HIS P 201 20.73 18.04 86.38
CA HIS P 201 21.21 19.40 86.55
C HIS P 201 21.12 19.82 88.01
N LYS P 202 21.98 20.75 88.42
CA LYS P 202 22.00 21.24 89.79
C LYS P 202 20.59 21.63 90.21
N ARG P 203 20.31 21.58 91.50
CA ARG P 203 18.98 21.93 91.99
C ARG P 203 18.64 23.39 91.72
N ILE P 204 17.40 23.64 91.31
CA ILE P 204 16.91 25.00 91.06
C ILE P 204 16.42 25.54 92.41
N ARG P 205 16.93 26.69 92.81
CA ARG P 205 16.50 27.28 94.07
C ARG P 205 15.88 28.64 93.82
N GLY P 206 15.60 29.37 94.90
CA GLY P 206 15.01 30.69 94.76
C GLY P 206 13.51 30.75 94.49
N GLN P 207 13.08 31.84 93.87
CA GLN P 207 11.67 32.05 93.56
C GLN P 207 11.02 30.92 92.78
N ALA P 208 11.71 30.42 91.76
CA ALA P 208 11.18 29.32 90.95
C ALA P 208 10.79 28.13 91.83
N TYR P 209 11.67 27.76 92.74
CA TYR P 209 11.43 26.64 93.64
C TYR P 209 10.20 26.93 94.50
N ASP P 210 10.21 28.09 95.14
CA ASP P 210 9.11 28.48 96.01
C ASP P 210 7.77 28.53 95.29
N ASP P 211 7.77 28.99 94.04
CA ASP P 211 6.52 29.06 93.29
C ASP P 211 6.02 27.66 92.93
N LEU P 212 6.94 26.78 92.60
CA LEU P 212 6.58 25.42 92.26
C LEU P 212 5.86 24.85 93.47
N LEU P 213 6.43 25.05 94.66
CA LEU P 213 5.83 24.54 95.88
C LEU P 213 4.44 25.12 96.13
N ASP P 214 4.27 26.42 95.89
CA ASP P 214 2.97 27.04 96.10
C ASP P 214 1.97 26.41 95.14
N GLU P 215 2.34 26.35 93.86
CA GLU P 215 1.46 25.76 92.86
C GLU P 215 1.11 24.30 93.21
N PHE P 216 2.08 23.57 93.74
CA PHE P 216 1.86 22.19 94.11
C PHE P 216 0.74 22.08 95.14
N MSE P 217 0.91 22.78 96.26
CA MSE P 217 -0.08 22.75 97.33
C MSE P 217 -1.45 23.20 96.84
O MSE P 217 -2.46 22.57 97.17
CB MSE P 217 0.37 23.66 98.48
CG MSE P 217 1.72 23.27 99.06
SE MSE P 217 1.69 21.57 99.93
CE MSE P 217 1.15 22.10 101.70
N GLU P 218 -1.49 24.26 96.05
CA GLU P 218 -2.75 24.75 95.55
C GLU P 218 -3.44 23.69 94.68
N ALA P 219 -2.71 23.18 93.69
CA ALA P 219 -3.25 22.18 92.77
C ALA P 219 -3.79 20.95 93.49
N VAL P 220 -3.01 20.44 94.44
CA VAL P 220 -3.37 19.26 95.20
C VAL P 220 -4.67 19.44 95.99
N THR P 221 -4.76 20.55 96.72
CA THR P 221 -5.95 20.82 97.54
C THR P 221 -7.16 21.22 96.71
N SER P 222 -6.93 21.77 95.53
CA SER P 222 -8.04 22.16 94.68
C SER P 222 -8.70 20.90 94.13
N ARG P 223 -7.90 19.91 93.76
CA ARG P 223 -8.47 18.68 93.22
C ARG P 223 -8.95 17.69 94.28
N TYR P 224 -8.14 17.46 95.29
CA TYR P 224 -8.50 16.50 96.34
C TYR P 224 -9.24 17.08 97.55
N GLY P 225 -9.22 18.41 97.71
CA GLY P 225 -9.91 19.04 98.83
C GLY P 225 -8.97 19.58 99.89
N MSE P 226 -9.39 20.64 100.58
CA MSE P 226 -8.58 21.26 101.62
C MSE P 226 -8.26 20.29 102.75
O MSE P 226 -7.34 20.53 103.52
CB MSE P 226 -9.31 22.48 102.18
CG MSE P 226 -9.43 23.63 101.23
SE MSE P 226 -7.68 24.30 100.75
CE MSE P 226 -7.37 25.52 102.20
N ASN P 227 -9.01 19.21 102.85
CA ASN P 227 -8.76 18.24 103.91
C ASN P 227 -7.67 17.26 103.58
N CYS P 228 -7.14 17.35 102.36
CA CYS P 228 -6.08 16.45 101.95
C CYS P 228 -4.82 16.65 102.79
N LEU P 229 -4.36 15.56 103.38
CA LEU P 229 -3.17 15.55 104.23
C LEU P 229 -1.92 15.62 103.37
N ILE P 230 -1.04 16.55 103.68
CA ILE P 230 0.23 16.70 102.96
C ILE P 230 1.38 16.49 103.96
N GLN P 231 2.11 15.39 103.81
CA GLN P 231 3.22 15.05 104.70
C GLN P 231 4.58 15.30 104.04
N PHE P 232 5.26 16.38 104.43
CA PHE P 232 6.59 16.68 103.88
C PHE P 232 7.63 15.73 104.46
N GLU P 233 8.46 15.18 103.58
CA GLU P 233 9.46 14.22 104.00
C GLU P 233 10.81 14.41 103.33
N ASP P 234 11.85 14.37 104.13
CA ASP P 234 13.23 14.48 103.67
C ASP P 234 13.62 15.69 102.81
N PHE P 235 13.17 16.87 103.21
CA PHE P 235 13.53 18.10 102.52
C PHE P 235 14.76 18.63 103.26
N ALA P 236 15.52 19.51 102.63
CA ALA P 236 16.71 20.03 103.32
C ALA P 236 16.31 21.00 104.43
N ASN P 237 17.18 21.12 105.42
CA ASN P 237 16.98 22.00 106.58
C ASN P 237 16.19 23.29 106.33
N ALA P 238 16.79 24.21 105.57
CA ALA P 238 16.15 25.49 105.29
C ALA P 238 14.74 25.34 104.71
N ASN P 239 14.62 24.57 103.62
CA ASN P 239 13.34 24.37 102.97
C ASN P 239 12.30 23.75 103.91
N ALA P 240 12.72 22.74 104.66
CA ALA P 240 11.81 22.08 105.58
C ALA P 240 11.09 23.05 106.49
N PHE P 241 11.86 23.80 107.27
CA PHE P 241 11.25 24.75 108.19
C PHE P 241 10.39 25.82 107.56
N ARG P 242 10.89 26.49 106.53
CA ARG P 242 10.09 27.56 105.94
C ARG P 242 8.80 27.08 105.28
N LEU P 243 8.85 25.93 104.60
CA LEU P 243 7.65 25.39 103.98
C LEU P 243 6.63 25.04 105.05
N LEU P 244 7.10 24.40 106.13
CA LEU P 244 6.24 24.02 107.24
C LEU P 244 5.53 25.23 107.80
N HIS P 245 6.30 26.27 108.14
CA HIS P 245 5.74 27.48 108.72
C HIS P 245 4.82 28.20 107.74
N LYS P 246 5.11 28.07 106.46
CA LYS P 246 4.33 28.72 105.41
C LYS P 246 2.97 28.09 105.15
N TYR P 247 2.89 26.77 105.16
CA TYR P 247 1.64 26.07 104.87
C TYR P 247 0.91 25.55 106.09
N ARG P 248 1.65 25.42 107.18
CA ARG P 248 1.12 24.92 108.47
C ARG P 248 -0.34 25.29 108.74
N ASN P 249 -0.63 26.58 108.71
CA ASN P 249 -1.97 27.08 108.99
C ASN P 249 -2.89 27.26 107.80
N LYS P 250 -2.35 27.12 106.60
CA LYS P 250 -3.15 27.29 105.41
C LYS P 250 -3.75 25.98 104.95
N TYR P 251 -2.97 24.90 105.05
CA TYR P 251 -3.45 23.58 104.64
C TYR P 251 -3.31 22.57 105.75
N CYS P 252 -3.71 21.33 105.49
CA CYS P 252 -3.62 20.25 106.46
C CYS P 252 -2.29 19.59 106.14
N THR P 253 -1.23 20.04 106.79
CA THR P 253 0.11 19.55 106.48
C THR P 253 1.07 19.59 107.66
N PHE P 254 2.01 18.65 107.70
CA PHE P 254 3.01 18.58 108.77
C PHE P 254 4.29 17.97 108.22
N ASN P 255 5.44 18.32 108.79
CA ASN P 255 6.70 17.75 108.34
C ASN P 255 7.09 16.60 109.27
N ASP P 256 7.21 15.42 108.69
CA ASP P 256 7.54 14.21 109.46
C ASP P 256 8.86 14.29 110.22
N ASP P 257 9.90 14.74 109.53
CA ASP P 257 11.23 14.85 110.11
C ASP P 257 11.29 15.79 111.30
N ILE P 258 10.56 16.89 111.24
CA ILE P 258 10.57 17.85 112.32
C ILE P 258 9.60 17.50 113.44
N GLN P 259 8.34 17.28 113.07
CA GLN P 259 7.30 17.00 114.04
C GLN P 259 7.09 15.53 114.42
N GLY P 260 7.13 14.65 113.43
CA GLY P 260 6.95 13.24 113.72
C GLY P 260 8.08 12.72 114.60
N THR P 261 9.30 13.17 114.32
CA THR P 261 10.45 12.74 115.09
C THR P 261 10.32 13.22 116.52
N ALA P 262 9.98 14.50 116.67
CA ALA P 262 9.83 15.07 118.01
C ALA P 262 8.85 14.21 118.81
N SER P 263 7.70 13.94 118.20
CA SER P 263 6.68 13.15 118.86
C SER P 263 7.23 11.82 119.38
N VAL P 264 7.82 11.02 118.50
CA VAL P 264 8.34 9.73 118.92
C VAL P 264 9.51 9.83 119.88
N ALA P 265 10.27 10.92 119.80
CA ALA P 265 11.40 11.10 120.69
C ALA P 265 10.91 11.39 122.11
N VAL P 266 9.92 12.28 122.23
CA VAL P 266 9.35 12.63 123.51
C VAL P 266 8.62 11.41 124.08
N ALA P 267 8.02 10.61 123.22
CA ALA P 267 7.31 9.41 123.65
C ALA P 267 8.27 8.46 124.38
N GLY P 268 9.50 8.38 123.89
CA GLY P 268 10.48 7.50 124.49
C GLY P 268 10.92 8.04 125.83
N LEU P 269 11.13 9.35 125.88
CA LEU P 269 11.56 9.99 127.12
C LEU P 269 10.46 9.80 128.18
N LEU P 270 9.22 10.08 127.78
CA LEU P 270 8.10 9.91 128.68
C LEU P 270 8.17 8.51 129.30
N ALA P 271 8.33 7.49 128.47
CA ALA P 271 8.41 6.13 128.98
C ALA P 271 9.61 5.95 129.88
N ALA P 272 10.74 6.53 129.48
CA ALA P 272 11.97 6.40 130.26
C ALA P 272 11.81 6.89 131.69
N LEU P 273 11.04 7.96 131.88
CA LEU P 273 10.84 8.50 133.22
C LEU P 273 10.42 7.41 134.21
N ARG P 274 9.70 6.40 133.74
CA ARG P 274 9.26 5.32 134.62
C ARG P 274 10.40 4.41 135.04
N ILE P 275 11.56 4.60 134.43
CA ILE P 275 12.72 3.79 134.79
C ILE P 275 13.63 4.67 135.63
N THR P 276 13.83 5.90 135.19
CA THR P 276 14.67 6.83 135.91
C THR P 276 13.96 7.32 137.16
N LYS P 277 12.67 7.01 137.26
CA LYS P 277 11.87 7.41 138.42
C LYS P 277 11.95 8.89 138.79
N ASN P 278 11.96 9.78 137.81
CA ASN P 278 11.97 11.22 138.10
C ASN P 278 11.08 11.97 137.12
N ARG P 279 11.19 13.29 137.10
CA ARG P 279 10.37 14.08 136.19
C ARG P 279 11.15 14.60 135.01
N LEU P 280 10.45 14.84 133.91
CA LEU P 280 11.10 15.33 132.72
C LEU P 280 11.90 16.59 133.01
N SER P 281 11.44 17.38 133.98
CA SER P 281 12.13 18.61 134.34
C SER P 281 13.39 18.41 135.19
N ASP P 282 13.75 17.15 135.44
CA ASP P 282 14.95 16.88 136.21
C ASP P 282 16.11 16.58 135.26
N HIS P 283 15.82 16.32 134.00
CA HIS P 283 16.87 15.98 133.05
C HIS P 283 17.56 17.17 132.40
N THR P 284 18.64 16.85 131.71
CA THR P 284 19.44 17.80 130.97
C THR P 284 19.73 17.06 129.67
N VAL P 285 19.26 17.61 128.56
CA VAL P 285 19.42 16.97 127.26
C VAL P 285 20.50 17.57 126.36
N LEU P 286 21.32 16.70 125.79
CA LEU P 286 22.39 17.10 124.87
C LEU P 286 22.16 16.45 123.51
N PHE P 287 22.05 17.27 122.48
CA PHE P 287 21.83 16.79 121.14
C PHE P 287 23.07 16.87 120.28
N GLN P 288 23.37 15.78 119.57
CA GLN P 288 24.48 15.79 118.64
C GLN P 288 23.76 16.12 117.33
N GLY P 289 23.81 17.40 116.96
CA GLY P 289 23.14 17.85 115.75
C GLY P 289 22.21 18.96 116.14
N ALA P 290 21.90 19.87 115.23
CA ALA P 290 21.00 20.98 115.56
C ALA P 290 20.10 21.31 114.38
N GLY P 291 19.62 20.28 113.69
CA GLY P 291 18.76 20.49 112.54
C GLY P 291 17.29 20.24 112.75
N GLU P 292 16.64 19.72 111.70
CA GLU P 292 15.22 19.42 111.72
C GLU P 292 14.81 18.57 112.91
N ALA P 293 15.47 17.43 113.07
CA ALA P 293 15.16 16.53 114.17
C ALA P 293 15.44 17.15 115.53
N ALA P 294 16.66 17.64 115.72
CA ALA P 294 17.03 18.25 117.00
C ALA P 294 16.08 19.38 117.40
N LEU P 295 15.97 20.39 116.55
CA LEU P 295 15.11 21.53 116.85
C LEU P 295 13.68 21.11 117.11
N GLY P 296 13.16 20.20 116.29
CA GLY P 296 11.80 19.75 116.49
C GLY P 296 11.64 19.00 117.80
N ILE P 297 12.57 18.07 118.05
CA ILE P 297 12.54 17.29 119.27
C ILE P 297 12.70 18.18 120.49
N ALA P 298 13.63 19.12 120.44
CA ALA P 298 13.87 20.02 121.55
C ALA P 298 12.63 20.85 121.86
N ASN P 299 11.97 21.33 120.82
CA ASN P 299 10.79 22.14 121.00
C ASN P 299 9.67 21.34 121.68
N LEU P 300 9.48 20.08 121.30
CA LEU P 300 8.45 19.26 121.91
C LEU P 300 8.81 18.97 123.37
N ILE P 301 10.10 18.81 123.63
CA ILE P 301 10.58 18.55 124.98
C ILE P 301 10.19 19.71 125.90
N VAL P 302 10.46 20.93 125.45
CA VAL P 302 10.14 22.13 126.22
C VAL P 302 8.66 22.17 126.57
N MSE P 303 7.81 21.93 125.57
CA MSE P 303 6.37 21.93 125.78
C MSE P 303 5.98 20.88 126.81
O MSE P 303 5.11 21.12 127.64
CB MSE P 303 5.65 21.66 124.46
CG MSE P 303 5.74 22.80 123.47
SE MSE P 303 4.91 22.39 121.77
CE MSE P 303 3.06 22.38 122.31
N ALA P 304 6.62 19.72 126.73
CA ALA P 304 6.33 18.65 127.66
C ALA P 304 6.77 19.03 129.07
N MSE P 305 7.86 19.78 129.19
CA MSE P 305 8.35 20.19 130.49
C MSE P 305 7.42 21.26 131.04
O MSE P 305 7.10 21.26 132.22
CB MSE P 305 9.79 20.71 130.41
CG MSE P 305 10.84 19.65 130.11
SE MSE P 305 12.70 20.31 130.15
CE MSE P 305 12.67 21.48 128.63
N GLN P 306 6.99 22.18 130.18
CA GLN P 306 6.09 23.24 130.65
C GLN P 306 4.82 22.62 131.20
N LYS P 307 4.36 21.55 130.54
CA LYS P 307 3.15 20.88 130.97
C LYS P 307 3.33 20.29 132.36
N GLU P 308 4.58 20.16 132.78
CA GLU P 308 4.92 19.60 134.09
C GLU P 308 4.91 20.67 135.18
N GLY P 309 4.85 21.93 134.76
CA GLY P 309 4.84 23.02 135.72
C GLY P 309 5.99 24.00 135.53
N VAL P 310 7.06 23.58 134.88
CA VAL P 310 8.21 24.45 134.67
C VAL P 310 7.88 25.57 133.68
N SER P 311 8.61 26.67 133.77
CA SER P 311 8.36 27.79 132.86
C SER P 311 9.10 27.54 131.55
N LYS P 312 8.69 28.25 130.52
CA LYS P 312 9.30 28.12 129.20
C LYS P 312 10.80 28.35 129.33
N GLU P 313 11.15 29.45 129.98
CA GLU P 313 12.54 29.84 130.19
C GLU P 313 13.38 28.75 130.86
N GLU P 314 12.92 28.25 132.00
CA GLU P 314 13.66 27.23 132.73
C GLU P 314 13.78 25.94 131.94
N ALA P 315 12.75 25.60 131.17
CA ALA P 315 12.77 24.39 130.36
C ALA P 315 13.88 24.49 129.31
N ILE P 316 13.93 25.62 128.63
CA ILE P 316 14.94 25.82 127.60
C ILE P 316 16.37 25.71 128.14
N LYS P 317 16.56 26.08 129.41
CA LYS P 317 17.89 26.04 130.03
C LYS P 317 18.43 24.62 130.15
N ARG P 318 17.55 23.63 130.04
CA ARG P 318 17.94 22.24 130.18
C ARG P 318 18.29 21.56 128.87
N ILE P 319 18.32 22.32 127.78
CA ILE P 319 18.60 21.75 126.48
C ILE P 319 19.87 22.31 125.85
N TRP P 320 20.79 21.43 125.50
CA TRP P 320 22.06 21.82 124.88
C TRP P 320 22.21 21.19 123.50
N MSE P 321 22.80 21.94 122.57
CA MSE P 321 22.96 21.45 121.20
C MSE P 321 24.35 21.62 120.62
O MSE P 321 25.03 22.60 120.92
CB MSE P 321 21.99 22.18 120.28
CG MSE P 321 20.71 21.47 120.03
SE MSE P 321 19.44 22.65 119.17
CE MSE P 321 18.08 22.66 120.52
N VAL P 322 24.72 20.68 119.76
CA VAL P 322 26.02 20.71 119.11
C VAL P 322 25.83 20.59 117.61
N ASP P 323 26.35 21.53 116.84
CA ASP P 323 26.24 21.45 115.38
C ASP P 323 27.62 21.22 114.76
N SER P 324 27.71 21.30 113.44
CA SER P 324 28.99 21.06 112.74
C SER P 324 30.14 21.92 113.24
N LYS P 325 29.83 23.07 113.83
CA LYS P 325 30.87 23.97 114.32
C LYS P 325 31.22 23.76 115.80
N GLY P 326 30.42 22.95 116.49
CA GLY P 326 30.68 22.70 117.89
C GLY P 326 29.48 23.01 118.77
N LEU P 327 29.71 23.10 120.08
CA LEU P 327 28.65 23.41 121.04
C LEU P 327 28.05 24.76 120.72
N ILE P 328 26.72 24.84 120.74
CA ILE P 328 26.05 26.11 120.45
C ILE P 328 25.97 26.89 121.75
N VAL P 329 26.68 28.01 121.76
CA VAL P 329 26.75 28.87 122.92
C VAL P 329 26.50 30.33 122.54
N LYS P 330 26.05 31.12 123.51
CA LYS P 330 25.77 32.53 123.30
C LYS P 330 26.96 33.25 122.69
N GLY P 331 26.71 34.14 121.75
CA GLY P 331 27.79 34.87 121.12
C GLY P 331 28.66 34.08 120.15
N ARG P 332 28.30 32.84 119.87
CA ARG P 332 29.08 32.03 118.94
C ARG P 332 28.79 32.47 117.50
N ALA P 333 29.72 32.19 116.59
CA ALA P 333 29.55 32.54 115.19
C ALA P 333 28.71 31.48 114.47
N SER P 334 28.24 31.80 113.27
CA SER P 334 27.44 30.86 112.48
C SER P 334 26.28 30.33 113.31
N LEU P 335 25.43 31.25 113.78
CA LEU P 335 24.26 30.89 114.58
C LEU P 335 22.99 31.24 113.84
N THR P 336 21.96 30.41 114.01
CA THR P 336 20.68 30.63 113.36
C THR P 336 19.68 31.11 114.40
N PRO P 337 18.74 31.98 114.00
CA PRO P 337 17.76 32.46 114.98
C PRO P 337 17.14 31.28 115.74
N GLU P 338 16.95 30.16 115.04
CA GLU P 338 16.38 28.98 115.67
C GLU P 338 17.37 28.37 116.66
N LYS P 339 18.66 28.35 116.29
CA LYS P 339 19.69 27.78 117.15
C LYS P 339 20.03 28.67 118.35
N GLU P 340 19.99 29.97 118.13
CA GLU P 340 20.29 30.91 119.20
C GLU P 340 19.32 30.78 120.36
N HIS P 341 18.18 30.17 120.10
CA HIS P 341 17.19 29.97 121.13
C HIS P 341 17.78 29.09 122.23
N PHE P 342 18.72 28.22 121.87
CA PHE P 342 19.35 27.32 122.83
C PHE P 342 20.81 27.64 123.12
N ALA P 343 21.25 28.82 122.69
CA ALA P 343 22.62 29.25 122.90
C ALA P 343 22.81 29.72 124.35
N HIS P 344 23.39 28.88 125.20
CA HIS P 344 23.59 29.24 126.60
C HIS P 344 24.94 29.89 126.82
N GLU P 345 25.08 30.62 127.92
CA GLU P 345 26.36 31.23 128.24
C GLU P 345 27.29 30.09 128.60
N HIS P 346 28.39 29.97 127.87
CA HIS P 346 29.34 28.90 128.10
C HIS P 346 30.49 29.07 127.11
N CYS P 347 31.65 28.53 127.44
CA CYS P 347 32.80 28.65 126.55
C CYS P 347 32.58 27.77 125.32
N GLU P 348 33.18 28.15 124.20
CA GLU P 348 33.02 27.37 122.99
C GLU P 348 33.78 26.06 123.09
N MSE P 349 33.24 25.02 122.48
CA MSE P 349 33.85 23.69 122.48
C MSE P 349 33.60 23.00 121.14
O MSE P 349 32.61 23.30 120.46
CB MSE P 349 33.28 22.84 123.61
CG MSE P 349 33.67 23.30 124.99
SE MSE P 349 32.99 22.13 126.38
CE MSE P 349 34.12 20.60 126.16
N LYS P 350 34.49 22.09 120.78
CA LYS P 350 34.36 21.37 119.51
C LYS P 350 34.28 19.85 119.69
N ASN P 351 35.07 19.31 120.61
CA ASN P 351 35.09 17.87 120.84
C ASN P 351 33.86 17.38 121.58
N LEU P 352 33.16 16.42 120.98
CA LEU P 352 31.95 15.88 121.58
C LEU P 352 32.17 15.26 122.95
N GLU P 353 33.18 14.41 123.07
CA GLU P 353 33.47 13.77 124.35
C GLU P 353 33.72 14.79 125.47
N ASP P 354 34.43 15.86 125.15
CA ASP P 354 34.68 16.87 126.17
C ASP P 354 33.37 17.59 126.51
N ILE P 355 32.56 17.84 125.50
CA ILE P 355 31.28 18.49 125.72
C ILE P 355 30.43 17.63 126.65
N VAL P 356 30.46 16.31 126.44
CA VAL P 356 29.70 15.41 127.29
C VAL P 356 30.18 15.44 128.74
N LYS P 357 31.49 15.56 128.93
CA LYS P 357 32.07 15.61 130.26
C LYS P 357 31.74 16.93 130.95
N ASP P 358 31.66 17.99 130.16
CA ASP P 358 31.36 19.32 130.68
C ASP P 358 29.89 19.46 131.07
N ILE P 359 29.00 19.25 130.10
CA ILE P 359 27.56 19.38 130.34
C ILE P 359 27.03 18.31 131.27
N LYS P 360 27.58 17.11 131.18
CA LYS P 360 27.14 15.99 132.01
C LYS P 360 25.62 15.88 131.96
N PRO P 361 25.05 15.59 130.77
CA PRO P 361 23.62 15.44 130.54
C PRO P 361 23.06 14.10 131.02
N THR P 362 21.74 14.00 131.10
CA THR P 362 21.11 12.75 131.51
C THR P 362 20.52 12.08 130.29
N VAL P 363 20.47 12.82 129.20
CA VAL P 363 19.93 12.31 127.94
C VAL P 363 20.82 12.72 126.79
N LEU P 364 21.23 11.74 125.99
CA LEU P 364 22.08 12.00 124.84
C LEU P 364 21.30 11.62 123.59
N ILE P 365 20.92 12.62 122.80
CA ILE P 365 20.16 12.39 121.58
C ILE P 365 21.02 12.63 120.35
N GLY P 366 21.13 11.61 119.51
CA GLY P 366 21.95 11.71 118.31
C GLY P 366 21.15 11.87 117.04
N VAL P 367 21.29 13.03 116.42
CA VAL P 367 20.58 13.29 115.17
C VAL P 367 21.41 14.11 114.19
N ALA P 368 22.65 13.69 113.94
CA ALA P 368 23.52 14.38 113.01
C ALA P 368 24.10 13.44 111.96
N ALA P 369 23.59 12.20 111.92
CA ALA P 369 24.03 11.19 110.98
C ALA P 369 25.54 10.93 111.03
N ILE P 370 26.11 11.04 112.21
CA ILE P 370 27.53 10.79 112.34
C ILE P 370 27.80 9.39 112.88
N GLY P 371 28.16 8.51 111.94
CA GLY P 371 28.49 7.12 112.19
C GLY P 371 28.48 6.63 113.62
N GLY P 372 29.65 6.39 114.20
CA GLY P 372 29.67 5.91 115.58
C GLY P 372 30.09 6.99 116.55
N ALA P 373 29.39 8.12 116.50
CA ALA P 373 29.67 9.27 117.35
C ALA P 373 29.66 8.92 118.83
N PHE P 374 28.81 7.98 119.21
CA PHE P 374 28.75 7.63 120.61
C PHE P 374 29.75 6.52 120.90
N THR P 375 31.02 6.92 120.93
CA THR P 375 32.15 6.04 121.18
C THR P 375 32.04 5.39 122.54
N GLN P 376 32.89 4.39 122.80
CA GLN P 376 32.85 3.73 124.09
C GLN P 376 33.20 4.67 125.22
N GLN P 377 34.03 5.66 124.95
CA GLN P 377 34.39 6.60 126.01
C GLN P 377 33.14 7.40 126.38
N ILE P 378 32.53 8.02 125.38
CA ILE P 378 31.34 8.81 125.62
C ILE P 378 30.27 7.97 126.31
N LEU P 379 30.12 6.71 125.90
CA LEU P 379 29.14 5.84 126.54
C LEU P 379 29.46 5.57 128.01
N GLN P 380 30.73 5.28 128.30
CA GLN P 380 31.13 5.00 129.68
C GLN P 380 30.95 6.22 130.57
N ASP P 381 31.30 7.39 130.03
CA ASP P 381 31.15 8.65 130.76
C ASP P 381 29.67 8.84 131.15
N MSE P 382 28.77 8.56 130.21
CA MSE P 382 27.35 8.71 130.46
C MSE P 382 26.86 7.77 131.56
O MSE P 382 25.95 8.10 132.33
CB MSE P 382 26.54 8.45 129.19
CG MSE P 382 25.25 9.25 129.11
SE MSE P 382 25.63 11.10 128.66
CE MSE P 382 26.93 10.78 127.29
N ALA P 383 27.45 6.58 131.65
CA ALA P 383 27.05 5.63 132.67
C ALA P 383 27.79 5.99 133.97
N ALA P 384 28.72 6.93 133.87
CA ALA P 384 29.48 7.37 135.03
C ALA P 384 28.74 8.43 135.81
N PHE P 385 28.25 9.47 135.14
CA PHE P 385 27.50 10.48 135.89
C PHE P 385 25.99 10.27 135.91
N ASN P 386 25.54 9.16 135.36
CA ASN P 386 24.12 8.85 135.34
C ASN P 386 23.93 7.43 135.87
N LYS P 387 22.98 7.22 136.76
CA LYS P 387 22.75 5.88 137.28
C LYS P 387 22.20 5.07 136.12
N ARG P 388 21.35 5.72 135.32
CA ARG P 388 20.79 5.09 134.14
C ARG P 388 20.58 6.10 133.03
N PRO P 389 21.65 6.36 132.25
CA PRO P 389 21.66 7.29 131.13
C PRO P 389 20.72 6.85 130.02
N ILE P 390 20.14 7.84 129.34
CA ILE P 390 19.24 7.61 128.24
C ILE P 390 20.01 7.95 126.97
N ILE P 391 20.21 6.95 126.13
CA ILE P 391 20.93 7.10 124.88
C ILE P 391 20.00 6.89 123.69
N PHE P 392 19.92 7.90 122.83
CA PHE P 392 19.09 7.85 121.63
C PHE P 392 19.94 8.02 120.39
N ALA P 393 20.20 6.92 119.70
CA ALA P 393 20.97 6.95 118.44
C ALA P 393 19.91 6.94 117.33
N LEU P 394 19.37 8.11 117.06
CA LEU P 394 18.29 8.25 116.09
C LEU P 394 18.63 8.36 114.62
N SER P 395 19.88 8.64 114.29
CA SER P 395 20.22 8.78 112.87
C SER P 395 20.00 7.51 112.05
N ASN P 396 19.42 7.67 110.85
CA ASN P 396 19.15 6.57 109.93
C ASN P 396 19.92 6.72 108.61
N PRO P 397 20.22 5.61 107.92
CA PRO P 397 19.90 4.23 108.28
C PRO P 397 20.91 3.70 109.27
N THR P 398 20.87 2.40 109.52
CA THR P 398 21.76 1.76 110.48
C THR P 398 23.23 2.20 110.43
N SER P 399 23.76 2.41 109.23
CA SER P 399 25.16 2.82 109.05
C SER P 399 25.45 4.20 109.61
N LYS P 400 24.38 4.93 109.92
CA LYS P 400 24.54 6.27 110.45
C LYS P 400 24.21 6.36 111.94
N ALA P 401 23.84 5.24 112.54
CA ALA P 401 23.49 5.21 113.96
C ALA P 401 24.69 5.62 114.83
N GLU P 402 24.48 6.59 115.72
CA GLU P 402 25.55 7.06 116.61
C GLU P 402 26.23 5.92 117.36
N CYS P 403 25.52 4.81 117.51
CA CYS P 403 26.07 3.62 118.16
C CYS P 403 25.06 2.49 118.08
N THR P 404 25.52 1.29 118.36
CA THR P 404 24.74 0.05 118.33
C THR P 404 24.14 -0.31 119.68
N ALA P 405 23.10 -1.14 119.68
CA ALA P 405 22.47 -1.57 120.93
C ALA P 405 23.51 -2.36 121.73
N GLU P 406 24.29 -3.17 121.02
CA GLU P 406 25.33 -3.97 121.65
C GLU P 406 26.34 -3.09 122.36
N GLN P 407 26.84 -2.07 121.65
CA GLN P 407 27.82 -1.14 122.19
C GLN P 407 27.25 -0.40 123.40
N LEU P 408 26.06 0.16 123.24
CA LEU P 408 25.42 0.90 124.31
C LEU P 408 25.32 0.07 125.58
N TYR P 409 24.71 -1.10 125.49
CA TYR P 409 24.55 -1.95 126.66
C TYR P 409 25.86 -2.45 127.23
N LYS P 410 26.84 -2.69 126.38
CA LYS P 410 28.14 -3.17 126.84
C LYS P 410 28.92 -2.11 127.61
N TYR P 411 29.08 -0.94 127.01
CA TYR P 411 29.86 0.13 127.64
C TYR P 411 29.15 0.93 128.72
N THR P 412 27.86 0.66 128.94
CA THR P 412 27.15 1.35 130.01
C THR P 412 26.90 0.28 131.08
N GLU P 413 27.57 -0.85 130.91
CA GLU P 413 27.47 -1.98 131.84
C GLU P 413 25.99 -2.39 132.04
N GLY P 414 25.24 -2.33 130.96
CA GLY P 414 23.84 -2.72 131.01
C GLY P 414 22.91 -1.80 131.77
N ARG P 415 23.33 -0.56 132.02
CA ARG P 415 22.50 0.39 132.75
C ARG P 415 21.93 1.48 131.83
N GLY P 416 22.48 1.59 130.63
CA GLY P 416 21.99 2.59 129.70
C GLY P 416 20.64 2.21 129.12
N ILE P 417 19.74 3.19 128.96
CA ILE P 417 18.41 2.96 128.39
C ILE P 417 18.57 3.39 126.94
N PHE P 418 18.41 2.45 126.03
CA PHE P 418 18.63 2.71 124.60
C PHE P 418 17.41 2.71 123.69
N ALA P 419 17.57 3.37 122.55
CA ALA P 419 16.55 3.47 121.53
C ALA P 419 17.27 4.01 120.30
N SER P 420 16.89 3.56 119.11
CA SER P 420 17.52 4.00 117.87
C SER P 420 16.51 4.13 116.72
N GLY P 421 16.86 4.92 115.70
CA GLY P 421 15.98 5.11 114.57
C GLY P 421 15.82 3.86 113.73
N SER P 422 16.90 3.09 113.63
CA SER P 422 16.89 1.85 112.86
C SER P 422 16.96 0.66 113.81
N PRO P 423 16.34 -0.47 113.43
CA PRO P 423 16.31 -1.70 114.22
C PRO P 423 17.63 -2.38 114.56
N PHE P 424 17.68 -2.94 115.77
CA PHE P 424 18.83 -3.70 116.27
C PHE P 424 18.23 -4.93 116.94
N ASP P 425 18.91 -6.05 116.83
CA ASP P 425 18.40 -7.26 117.43
C ASP P 425 18.50 -7.17 118.94
N PRO P 426 17.77 -8.04 119.63
CA PRO P 426 17.78 -8.05 121.08
C PRO P 426 19.21 -8.30 121.53
N VAL P 427 19.54 -7.89 122.74
CA VAL P 427 20.86 -8.10 123.27
C VAL P 427 20.70 -8.85 124.58
N THR P 428 21.55 -9.85 124.81
CA THR P 428 21.49 -10.60 126.06
C THR P 428 22.72 -10.21 126.87
N LEU P 429 22.48 -9.51 127.98
CA LEU P 429 23.56 -9.07 128.85
C LEU P 429 24.31 -10.25 129.45
N PRO P 430 25.51 -10.00 130.00
CA PRO P 430 26.28 -11.08 130.61
C PRO P 430 25.47 -11.73 131.73
N SER P 431 24.63 -10.93 132.37
CA SER P 431 23.81 -11.41 133.47
C SER P 431 22.79 -12.45 132.98
N GLY P 432 22.63 -12.55 131.67
CA GLY P 432 21.67 -13.50 131.12
C GLY P 432 20.37 -12.82 130.74
N GLN P 433 20.17 -11.59 131.21
CA GLN P 433 18.97 -10.86 130.87
C GLN P 433 19.00 -10.41 129.42
N THR P 434 17.87 -10.54 128.73
CA THR P 434 17.79 -10.10 127.35
C THR P 434 16.99 -8.82 127.25
N LEU P 435 17.57 -7.81 126.59
CA LEU P 435 16.91 -6.53 126.41
C LEU P 435 16.50 -6.35 124.96
N TYR P 436 15.36 -5.70 124.77
CA TYR P 436 14.85 -5.47 123.43
C TYR P 436 14.87 -3.98 123.09
N PRO P 437 16.00 -3.48 122.55
CA PRO P 437 16.09 -2.06 122.20
C PRO P 437 14.93 -1.63 121.33
N GLY P 438 14.31 -0.52 121.74
CA GLY P 438 13.17 0.00 121.00
C GLY P 438 13.60 0.83 119.81
N GLN P 439 12.64 1.11 118.93
CA GLN P 439 12.95 1.88 117.74
C GLN P 439 12.29 3.26 117.75
N GLY P 440 13.04 4.28 118.14
CA GLY P 440 12.49 5.62 118.12
C GLY P 440 12.47 6.11 116.67
N ASN P 441 11.38 5.85 115.96
CA ASN P 441 11.27 6.25 114.56
C ASN P 441 9.89 6.84 114.27
N ASN P 442 9.81 7.70 113.26
CA ASN P 442 8.54 8.32 112.86
C ASN P 442 7.45 7.28 112.68
N SER P 443 7.86 6.12 112.19
CA SER P 443 6.93 5.03 111.94
C SER P 443 5.94 4.80 113.07
N TYR P 444 6.23 5.31 114.27
CA TYR P 444 5.31 5.16 115.41
C TYR P 444 4.30 6.31 115.47
N VAL P 445 4.55 7.36 114.70
CA VAL P 445 3.68 8.50 114.75
C VAL P 445 2.92 8.86 113.47
N PHE P 446 3.59 9.00 112.34
CA PHE P 446 2.88 9.39 111.14
C PHE P 446 1.74 8.45 110.73
N PRO P 447 1.85 7.15 111.00
CA PRO P 447 0.74 6.29 110.59
C PRO P 447 -0.55 6.68 111.34
N GLY P 448 -0.45 6.70 112.66
CA GLY P 448 -1.59 7.05 113.48
C GLY P 448 -2.08 8.46 113.24
N VAL P 449 -1.17 9.41 113.09
CA VAL P 449 -1.61 10.78 112.85
C VAL P 449 -2.42 10.84 111.58
N ALA P 450 -1.98 10.12 110.56
CA ALA P 450 -2.71 10.12 109.29
C ALA P 450 -4.13 9.54 109.49
N LEU P 451 -4.22 8.40 110.17
CA LEU P 451 -5.52 7.78 110.40
C LEU P 451 -6.44 8.79 111.06
N GLY P 452 -5.93 9.48 112.06
CA GLY P 452 -6.73 10.44 112.78
C GLY P 452 -7.11 11.66 111.98
N VAL P 453 -6.16 12.25 111.27
CA VAL P 453 -6.47 13.45 110.52
C VAL P 453 -7.47 13.17 109.41
N ILE P 454 -7.25 12.06 108.71
CA ILE P 454 -8.13 11.64 107.63
C ILE P 454 -9.55 11.36 108.12
N SER P 455 -9.66 10.54 109.16
CA SER P 455 -10.94 10.15 109.74
C SER P 455 -11.83 11.31 110.19
N CYS P 456 -11.27 12.26 110.92
CA CYS P 456 -12.07 13.36 111.41
C CYS P 456 -11.90 14.62 110.58
N GLY P 457 -10.95 14.59 109.66
CA GLY P 457 -10.72 15.75 108.82
C GLY P 457 -10.21 16.99 109.55
N LEU P 458 -9.23 16.80 110.43
CA LEU P 458 -8.66 17.92 111.17
C LEU P 458 -8.11 18.88 110.14
N LYS P 459 -8.54 20.13 110.16
CA LYS P 459 -8.10 21.11 109.17
C LYS P 459 -6.63 21.50 109.24
N HIS P 460 -6.07 21.58 110.45
CA HIS P 460 -4.66 21.94 110.60
C HIS P 460 -4.10 21.19 111.81
N ILE P 461 -2.82 20.88 111.74
CA ILE P 461 -2.15 20.13 112.79
C ILE P 461 -1.23 20.99 113.64
N GLY P 462 -1.62 21.22 114.88
CA GLY P 462 -0.80 22.03 115.78
C GLY P 462 0.16 21.14 116.55
N ASP P 463 1.18 21.74 117.20
CA ASP P 463 2.15 20.96 117.95
C ASP P 463 1.51 20.14 119.05
N ASP P 464 0.41 20.63 119.58
CA ASP P 464 -0.33 19.95 120.63
C ASP P 464 -0.66 18.52 120.20
N VAL P 465 -0.98 18.34 118.93
CA VAL P 465 -1.31 17.02 118.39
C VAL P 465 -0.16 16.04 118.54
N PHE P 466 1.05 16.53 118.33
CA PHE P 466 2.23 15.70 118.43
C PHE P 466 2.58 15.40 119.90
N LEU P 467 2.41 16.40 120.78
CA LEU P 467 2.69 16.19 122.20
C LEU P 467 1.69 15.17 122.75
N THR P 468 0.43 15.32 122.36
CA THR P 468 -0.63 14.42 122.78
C THR P 468 -0.30 13.00 122.31
N THR P 469 0.04 12.87 121.04
CA THR P 469 0.38 11.58 120.47
C THR P 469 1.54 10.94 121.22
N ALA P 470 2.52 11.76 121.60
CA ALA P 470 3.67 11.26 122.34
C ALA P 470 3.18 10.58 123.61
N GLU P 471 2.24 11.24 124.28
CA GLU P 471 1.68 10.69 125.51
C GLU P 471 0.89 9.43 125.21
N VAL P 472 0.15 9.43 124.11
CA VAL P 472 -0.63 8.25 123.76
C VAL P 472 0.29 7.04 123.56
N ILE P 473 1.41 7.25 122.88
CA ILE P 473 2.35 6.17 122.65
C ILE P 473 2.93 5.67 123.97
N ALA P 474 3.48 6.58 124.77
CA ALA P 474 4.07 6.22 126.05
C ALA P 474 3.07 5.42 126.90
N GLN P 475 1.81 5.84 126.85
CA GLN P 475 0.72 5.18 127.58
C GLN P 475 0.61 3.71 127.23
N GLU P 476 1.03 3.36 126.02
CA GLU P 476 0.95 1.97 125.57
C GLU P 476 2.16 1.11 125.88
N VAL P 477 3.13 1.69 126.60
CA VAL P 477 4.32 0.95 126.98
C VAL P 477 4.01 0.34 128.34
N SER P 478 3.92 -0.98 128.40
CA SER P 478 3.60 -1.67 129.64
C SER P 478 4.82 -1.82 130.54
N GLU P 479 4.59 -2.16 131.80
CA GLU P 479 5.69 -2.34 132.74
C GLU P 479 6.58 -3.48 132.25
N GLU P 480 5.98 -4.50 131.64
CA GLU P 480 6.76 -5.62 131.11
C GLU P 480 7.69 -5.08 130.06
N ASN P 481 7.14 -4.28 129.14
CA ASN P 481 7.91 -3.68 128.05
C ASN P 481 9.13 -3.00 128.64
N LEU P 482 8.87 -2.13 129.62
CA LEU P 482 9.92 -1.38 130.30
C LEU P 482 10.97 -2.30 130.94
N GLN P 483 10.52 -3.41 131.51
CA GLN P 483 11.44 -4.34 132.15
C GLN P 483 12.31 -5.12 131.17
N GLU P 484 12.02 -4.98 129.88
CA GLU P 484 12.80 -5.65 128.83
C GLU P 484 13.68 -4.61 128.14
N GLY P 485 13.56 -3.35 128.55
CA GLY P 485 14.37 -2.30 127.95
C GLY P 485 13.72 -1.59 126.80
N ARG P 486 12.42 -1.83 126.63
CA ARG P 486 11.65 -1.23 125.55
C ARG P 486 11.08 0.13 125.93
N LEU P 487 11.43 1.17 125.19
CA LEU P 487 10.89 2.49 125.47
C LEU P 487 9.63 2.72 124.64
N TYR P 488 9.27 1.74 123.82
CA TYR P 488 8.09 1.84 122.98
C TYR P 488 7.33 0.54 122.93
N PRO P 489 6.02 0.59 122.65
CA PRO P 489 5.26 -0.66 122.59
C PRO P 489 5.79 -1.53 121.46
N PRO P 490 5.81 -2.86 121.66
CA PRO P 490 6.31 -3.78 120.64
C PRO P 490 5.73 -3.49 119.25
N LEU P 491 6.58 -3.61 118.23
CA LEU P 491 6.22 -3.34 116.85
C LEU P 491 5.00 -4.11 116.37
N VAL P 492 4.92 -5.37 116.79
CA VAL P 492 3.79 -6.19 116.39
C VAL P 492 2.45 -5.57 116.79
N THR P 493 2.46 -4.69 117.79
CA THR P 493 1.22 -4.04 118.27
C THR P 493 1.00 -2.67 117.65
N ILE P 494 1.88 -2.27 116.75
CA ILE P 494 1.80 -0.95 116.13
C ILE P 494 0.45 -0.56 115.55
N GLN P 495 -0.32 -1.52 115.08
CA GLN P 495 -1.62 -1.17 114.51
C GLN P 495 -2.59 -0.70 115.59
N GLN P 496 -2.54 -1.38 116.74
CA GLN P 496 -3.40 -1.05 117.87
C GLN P 496 -3.06 0.34 118.39
N VAL P 497 -1.76 0.64 118.40
CA VAL P 497 -1.25 1.92 118.86
C VAL P 497 -1.70 3.06 117.94
N SER P 498 -1.67 2.80 116.63
CA SER P 498 -2.07 3.82 115.68
C SER P 498 -3.55 4.16 115.88
N LEU P 499 -4.36 3.16 116.19
CA LEU P 499 -5.78 3.39 116.39
C LEU P 499 -6.03 4.29 117.57
N LYS P 500 -5.26 4.09 118.63
CA LYS P 500 -5.40 4.93 119.81
C LYS P 500 -5.04 6.35 119.39
N ILE P 501 -3.88 6.49 118.74
CA ILE P 501 -3.45 7.81 118.30
C ILE P 501 -4.52 8.52 117.49
N ALA P 502 -5.16 7.76 116.61
CA ALA P 502 -6.21 8.30 115.75
C ALA P 502 -7.44 8.67 116.55
N VAL P 503 -7.88 7.79 117.42
CA VAL P 503 -9.06 8.08 118.22
C VAL P 503 -8.85 9.33 119.07
N ARG P 504 -7.67 9.45 119.66
CA ARG P 504 -7.36 10.61 120.49
C ARG P 504 -7.32 11.91 119.69
N ILE P 505 -6.73 11.87 118.50
CA ILE P 505 -6.67 13.06 117.64
C ILE P 505 -8.07 13.47 117.21
N ALA P 506 -8.93 12.47 117.00
CA ALA P 506 -10.31 12.72 116.60
C ALA P 506 -11.06 13.43 117.72
N LYS P 507 -11.02 12.84 118.92
CA LYS P 507 -11.69 13.42 120.07
C LYS P 507 -11.34 14.89 120.22
N GLU P 508 -10.06 15.19 120.24
CA GLU P 508 -9.61 16.57 120.39
C GLU P 508 -10.07 17.47 119.26
N ALA P 509 -10.11 16.95 118.04
CA ALA P 509 -10.53 17.74 116.89
C ALA P 509 -11.99 18.18 116.99
N TYR P 510 -12.84 17.28 117.48
CA TYR P 510 -14.24 17.66 117.64
C TYR P 510 -14.35 18.61 118.82
N ARG P 511 -13.70 18.27 119.93
CA ARG P 511 -13.77 19.13 121.10
C ARG P 511 -13.33 20.56 120.76
N ASN P 512 -12.26 20.72 120.00
CA ASN P 512 -11.79 22.06 119.64
C ASN P 512 -12.46 22.56 118.38
N ASN P 513 -13.38 21.75 117.89
CA ASN P 513 -14.11 22.08 116.69
C ASN P 513 -13.23 22.42 115.49
N THR P 514 -12.18 21.62 115.30
CA THR P 514 -11.27 21.82 114.17
C THR P 514 -11.48 20.68 113.17
N ALA P 515 -12.29 19.71 113.59
CA ALA P 515 -12.63 18.55 112.75
C ALA P 515 -13.49 19.00 111.58
N SER P 516 -13.66 18.13 110.59
CA SER P 516 -14.47 18.48 109.43
C SER P 516 -15.48 17.40 109.07
N THR P 517 -15.26 16.19 109.57
CA THR P 517 -16.17 15.11 109.27
C THR P 517 -17.39 15.16 110.18
N TYR P 518 -18.56 15.38 109.58
CA TYR P 518 -19.79 15.46 110.35
C TYR P 518 -20.89 14.71 109.61
N PRO P 519 -21.92 14.26 110.34
CA PRO P 519 -22.11 14.40 111.78
C PRO P 519 -21.02 13.66 112.57
N GLN P 520 -20.77 14.11 113.80
CA GLN P 520 -19.73 13.46 114.59
C GLN P 520 -20.19 12.06 115.02
N PRO P 521 -19.33 11.06 114.85
CA PRO P 521 -19.69 9.71 115.24
C PRO P 521 -19.93 9.60 116.75
N GLU P 522 -20.96 8.85 117.14
CA GLU P 522 -21.25 8.69 118.55
C GLU P 522 -20.14 7.89 119.24
N ASP P 523 -19.57 6.96 118.49
CA ASP P 523 -18.48 6.12 119.00
C ASP P 523 -17.28 6.22 118.06
N LEU P 524 -16.36 7.13 118.38
CA LEU P 524 -15.19 7.33 117.53
C LEU P 524 -14.31 6.10 117.30
N GLU P 525 -14.09 5.28 118.32
CA GLU P 525 -13.26 4.10 118.10
C GLU P 525 -13.88 3.19 117.07
N ALA P 526 -15.16 2.88 117.25
CA ALA P 526 -15.86 2.02 116.30
C ALA P 526 -15.82 2.59 114.89
N PHE P 527 -16.03 3.89 114.76
CA PHE P 527 -16.01 4.52 113.45
C PHE P 527 -14.68 4.37 112.76
N ILE P 528 -13.61 4.71 113.48
CA ILE P 528 -12.29 4.61 112.90
C ILE P 528 -11.95 3.17 112.56
N ARG P 529 -12.37 2.23 113.42
CA ARG P 529 -12.12 0.81 113.14
C ARG P 529 -12.80 0.36 111.86
N SER P 530 -13.91 1.01 111.51
CA SER P 530 -14.64 0.64 110.31
C SER P 530 -14.02 1.28 109.08
N GLN P 531 -13.20 2.30 109.29
CA GLN P 531 -12.57 3.03 108.21
C GLN P 531 -11.21 2.40 107.84
N VAL P 532 -10.72 1.53 108.70
CA VAL P 532 -9.44 0.87 108.50
C VAL P 532 -9.38 -0.10 107.33
N TYR P 533 -8.26 -0.07 106.62
CA TYR P 533 -8.02 -0.93 105.47
C TYR P 533 -8.12 -2.39 105.85
N SER P 534 -8.56 -3.22 104.91
CA SER P 534 -8.63 -4.64 105.19
C SER P 534 -7.76 -5.44 104.24
N THR P 535 -7.15 -6.46 104.79
CA THR P 535 -6.26 -7.36 104.09
C THR P 535 -7.01 -8.35 103.20
N ASP P 536 -8.22 -8.70 103.61
CA ASP P 536 -8.99 -9.66 102.86
C ASP P 536 -9.35 -9.20 101.47
N TYR P 537 -9.55 -10.18 100.60
CA TYR P 537 -9.92 -9.94 99.21
C TYR P 537 -11.42 -9.64 99.16
N ASN P 538 -11.87 -8.99 98.10
CA ASN P 538 -13.29 -8.71 97.96
C ASN P 538 -13.86 -9.67 96.94
N CYS P 539 -15.17 -9.88 96.94
CA CYS P 539 -15.75 -10.81 95.98
C CYS P 539 -16.09 -10.07 94.69
N PHE P 540 -15.65 -10.60 93.56
CA PHE P 540 -15.90 -9.93 92.30
C PHE P 540 -17.08 -10.46 91.50
N VAL P 541 -17.88 -11.35 92.12
CA VAL P 541 -19.06 -11.92 91.47
C VAL P 541 -20.16 -10.90 91.48
N ALA P 542 -20.89 -10.79 90.38
CA ALA P 542 -21.97 -9.80 90.29
C ALA P 542 -23.01 -10.04 91.36
N ASP P 543 -23.60 -8.94 91.84
CA ASP P 543 -24.62 -9.00 92.86
C ASP P 543 -25.89 -9.50 92.20
N SER P 544 -26.06 -10.81 92.19
CA SER P 544 -27.23 -11.41 91.56
C SER P 544 -28.30 -11.74 92.59
N TYR P 545 -29.55 -11.39 92.23
CA TYR P 545 -30.69 -11.66 93.08
C TYR P 545 -31.91 -11.61 92.20
N THR P 546 -32.94 -12.33 92.61
CA THR P 546 -34.18 -12.41 91.86
C THR P 546 -35.30 -11.53 92.37
N TRP P 547 -36.21 -11.17 91.47
CA TRP P 547 -37.37 -10.37 91.80
C TRP P 547 -38.47 -11.40 91.82
N PRO P 548 -39.69 -11.02 92.22
CA PRO P 548 -40.80 -11.97 92.24
C PRO P 548 -40.87 -12.64 90.86
N GLU P 549 -42.03 -13.09 90.43
CA GLU P 549 -42.03 -13.76 89.16
C GLU P 549 -42.78 -13.02 88.08
N GLU P 550 -43.90 -12.42 88.47
CA GLU P 550 -44.72 -11.67 87.55
C GLU P 550 -43.96 -10.40 87.19
N ALA P 551 -43.22 -9.88 88.17
CA ALA P 551 -42.44 -8.65 87.98
C ALA P 551 -41.19 -8.87 87.13
N MSE P 552 -40.78 -10.13 87.04
CA MSE P 552 -39.58 -10.52 86.29
C MSE P 552 -39.97 -11.09 84.93
O MSE P 552 -39.11 -11.50 84.15
CB MSE P 552 -38.84 -11.54 87.13
CG MSE P 552 -37.37 -11.75 86.86
SE MSE P 552 -36.58 -12.85 88.30
CE MSE P 552 -37.39 -14.56 87.92
N LYS P 553 -41.27 -11.10 84.64
CA LYS P 553 -41.81 -11.64 83.38
C LYS P 553 -41.38 -10.86 82.15
N VAL P 554 -41.25 -11.57 81.03
CA VAL P 554 -40.86 -11.00 79.75
C VAL P 554 -42.13 -10.80 78.92
N LYS P 555 -42.33 -9.60 78.39
CA LYS P 555 -43.51 -9.37 77.57
C LYS P 555 -43.28 -9.86 76.14
PA NAP Q . 39.48 14.94 45.85
O1A NAP Q . 38.10 14.40 45.75
O2A NAP Q . 40.63 14.08 45.47
O5B NAP Q . 39.75 15.45 47.35
C5B NAP Q . 38.73 16.09 48.14
C4B NAP Q . 39.19 16.07 49.59
O4B NAP Q . 38.26 16.87 50.43
C3B NAP Q . 39.18 14.66 50.13
O3B NAP Q . 40.40 14.39 50.85
C2B NAP Q . 38.03 14.60 51.06
O2B NAP Q . 38.23 13.60 52.09
C1B NAP Q . 37.93 16.01 51.58
N9A NAP Q . 36.60 16.37 52.14
C8A NAP Q . 35.36 16.16 51.56
N7A NAP Q . 34.41 16.67 52.38
C5A NAP Q . 35.09 17.16 53.39
C6A NAP Q . 34.46 17.78 54.46
N6A NAP Q . 33.14 17.90 54.53
N1A NAP Q . 35.28 18.26 55.45
C2A NAP Q . 36.64 18.11 55.37
N3A NAP Q . 37.20 17.48 54.29
C4A NAP Q . 36.40 16.99 53.29
O3 NAP Q . 39.56 16.30 45.00
PN NAP Q . 40.70 17.34 44.61
O1N NAP Q . 41.32 16.87 43.34
O2N NAP Q . 41.57 17.59 45.78
O5D NAP Q . 39.85 18.67 44.31
C5D NAP Q . 38.98 19.18 45.32
C4D NAP Q . 38.62 20.65 45.05
O4D NAP Q . 39.83 21.43 44.76
C3D NAP Q . 37.69 20.77 43.84
O3D NAP Q . 36.47 21.47 44.20
C2D NAP Q . 38.48 21.57 42.80
O2D NAP Q . 37.63 22.51 42.11
C1D NAP Q . 39.56 22.26 43.59
N1N NAP Q . 40.80 22.49 42.76
C2N NAP Q . 41.16 23.82 42.45
C3N NAP Q . 42.27 24.09 41.65
C7N NAP Q . 42.65 25.57 41.35
O7N NAP Q . 41.99 26.49 41.82
N7N NAP Q . 43.72 25.75 40.58
C4N NAP Q . 43.05 23.01 41.15
C5N NAP Q . 42.72 21.67 41.45
C6N NAP Q . 41.60 21.40 42.26
P2B NAP Q . 38.39 11.98 52.12
O1X NAP Q . 38.15 11.58 53.53
O2X NAP Q . 37.36 11.48 51.17
O3X NAP Q . 39.78 11.71 51.67
C1 OXL R . 39.83 22.24 39.03
C2 OXL R . 40.92 22.98 38.26
O1 OXL R . 38.88 22.86 39.50
O2 OXL R . 41.92 22.31 37.76
O3 OXL R . 39.91 21.02 39.17
O4 OXL R . 40.86 24.28 38.10
MN MN S . 40.94 20.33 37.04
PA NAP T . 4.80 47.18 -4.74
O1A NAP T . 5.79 48.14 -4.20
O2A NAP T . 4.92 46.75 -6.16
O5B NAP T . 3.30 47.76 -4.51
C5B NAP T . 2.98 48.56 -3.36
C4B NAP T . 1.81 49.45 -3.73
O4B NAP T . 1.22 50.09 -2.54
C3B NAP T . 2.24 50.56 -4.65
O3B NAP T . 1.47 50.54 -5.85
C2B NAP T . 1.96 51.83 -3.89
O2B NAP T . 1.61 52.92 -4.76
C1B NAP T . 0.87 51.43 -2.95
N9A NAP T . 0.71 52.37 -1.79
C8A NAP T . 1.70 52.94 -1.02
N7A NAP T . 1.11 53.77 -0.11
C5A NAP T . -0.18 53.65 -0.35
C6A NAP T . -1.14 54.35 0.38
N6A NAP T . -0.81 55.19 1.36
N1A NAP T . -2.46 54.14 0.03
C2A NAP T . -2.77 53.28 -0.99
N3A NAP T . -1.78 52.63 -1.69
C4A NAP T . -0.47 52.83 -1.35
O3 NAP T . 4.79 45.85 -3.82
PN NAP T . 4.00 44.43 -3.83
O1N NAP T . 4.84 43.42 -4.47
O2N NAP T . 2.62 44.66 -4.35
O5D NAP T . 3.91 44.05 -2.26
C5D NAP T . 3.28 44.94 -1.32
C4D NAP T . 2.88 44.15 -0.07
O4D NAP T . 2.25 42.87 -0.49
C3D NAP T . 4.10 43.78 0.76
O3D NAP T . 3.91 44.11 2.16
C2D NAP T . 4.27 42.30 0.59
O2D NAP T . 4.82 41.68 1.76
C1D NAP T . 2.87 41.82 0.27
N1N NAP T . 2.86 40.53 -0.45
C2N NAP T . 2.17 39.42 0.12
C3N NAP T . 2.23 38.16 -0.49
C7N NAP T . 1.46 36.97 0.13
O7N NAP T . 0.78 37.12 1.16
N7N NAP T . 1.58 35.81 -0.51
C4N NAP T . 2.99 38.00 -1.68
C5N NAP T . 3.68 39.09 -2.28
C6N NAP T . 3.62 40.36 -1.67
P2B NAP T . 2.37 53.68 -5.97
O1X NAP T . 3.82 53.57 -5.63
O2X NAP T . 2.00 52.93 -7.19
O3X NAP T . 1.87 55.07 -5.96
C1 OXL U . 6.05 38.45 0.41
C2 OXL U . 5.91 36.93 0.38
O1 OXL U . 5.69 39.10 1.40
O2 OXL U . 6.22 36.28 -0.68
O3 OXL U . 6.53 39.04 -0.56
O4 OXL U . 5.45 36.29 1.41
MN MN V . 7.95 37.61 -1.66
CL CL W . 23.38 14.43 17.01
PA NAP X . 29.28 -14.00 -36.75
O1A NAP X . 29.89 -15.09 -35.91
O2A NAP X . 27.95 -13.50 -36.41
O5B NAP X . 29.27 -14.45 -38.30
C5B NAP X . 30.31 -15.24 -38.90
C4B NAP X . 29.71 -15.93 -40.12
O4B NAP X . 30.71 -16.53 -41.02
C3B NAP X . 28.82 -17.04 -39.68
O3B NAP X . 27.54 -16.97 -40.37
C2B NAP X . 29.53 -18.29 -40.09
O2B NAP X . 28.63 -19.35 -40.29
C1B NAP X . 30.24 -17.88 -41.31
N9A NAP X . 31.31 -18.78 -41.72
C8A NAP X . 32.26 -19.39 -40.91
N7A NAP X . 33.10 -20.12 -41.71
C5A NAP X . 32.64 -19.90 -42.93
C6A NAP X . 33.24 -20.46 -44.06
N6A NAP X . 34.35 -21.22 -43.98
N1A NAP X . 32.66 -20.17 -45.27
C2A NAP X . 31.57 -19.36 -45.33
N3A NAP X . 31.02 -18.83 -44.19
C4A NAP X . 31.57 -19.11 -42.97
O3 NAP X . 30.30 -12.77 -36.80
PN NAP X . 30.30 -11.30 -37.43
O1N NAP X . 30.03 -10.35 -36.35
O2N NAP X . 29.45 -11.28 -38.65
O5D NAP X . 31.82 -11.15 -37.83
C5D NAP X . 32.35 -11.88 -38.96
C4D NAP X . 33.54 -11.13 -39.56
O4D NAP X . 33.12 -9.80 -40.00
C3D NAP X . 34.62 -10.94 -38.53
O3D NAP X . 35.89 -11.46 -39.02
C2D NAP X . 34.70 -9.44 -38.29
O2D NAP X . 36.03 -9.01 -38.08
C1D NAP X . 34.11 -8.84 -39.51
N1N NAP X . 33.49 -7.52 -39.23
C2N NAP X . 33.97 -6.36 -39.90
C3N NAP X . 33.43 -5.09 -39.56
C7N NAP X . 33.86 -3.81 -40.33
O7N NAP X . 34.64 -3.85 -41.27
N7N NAP X . 33.29 -2.66 -39.89
C4N NAP X . 32.44 -5.01 -38.57
C5N NAP X . 31.95 -6.16 -37.92
C6N NAP X . 32.47 -7.41 -38.23
P2B NAP X . 27.71 -20.23 -39.35
O1X NAP X . 28.53 -20.54 -38.15
O2X NAP X . 26.53 -19.38 -39.07
O3X NAP X . 27.40 -21.42 -40.16
C1 OXL Y . 34.93 -5.74 -36.16
C2 OXL Y . 34.76 -4.21 -36.23
O1 OXL Y . 35.63 -6.32 -36.98
O2 OXL Y . 33.98 -3.60 -35.39
O3 OXL Y . 34.36 -6.38 -35.27
O4 OXL Y . 35.36 -3.55 -37.18
MN MN Z . 33.16 -4.87 -33.84
NA NA AA . 58.39 2.60 -34.92
NA NA BA . 21.36 -17.54 -50.17
NA NA CA . 10.08 3.48 -28.56
NA NA DA . 43.44 -0.87 -23.43
CL CL EA . 54.02 -6.82 -31.92
CL CL FA . 45.88 -14.03 -35.28
CL CL GA . 42.36 6.83 -46.34
CL CL HA . 47.08 23.80 -26.62
PA NAP IA . 86.61 14.83 -10.33
O1A NAP IA . 86.21 15.58 -11.55
O2A NAP IA . 86.44 15.49 -9.00
O5B NAP IA . 88.11 14.38 -10.47
C5B NAP IA . 88.56 13.60 -11.59
C4B NAP IA . 90.07 13.56 -11.50
O4B NAP IA . 90.66 12.79 -12.60
C3B NAP IA . 90.62 14.95 -11.58
O3B NAP IA . 91.58 15.18 -10.52
C2B NAP IA . 91.28 15.03 -12.91
O2B NAP IA . 92.34 15.99 -12.94
C1B NAP IA . 91.72 13.63 -13.15
N9A NAP IA . 92.00 13.33 -14.56
C8A NAP IA . 91.32 13.76 -15.68
N7A NAP IA . 91.94 13.26 -16.77
C5A NAP IA . 92.94 12.57 -16.28
C6A NAP IA . 93.83 11.89 -17.09
N6A NAP IA . 93.73 11.92 -18.42
N1A NAP IA . 94.84 11.20 -16.45
C2A NAP IA . 94.91 11.19 -15.07
N3A NAP IA . 93.99 11.89 -14.33
C4A NAP IA . 92.99 12.57 -14.97
O3 NAP IA . 85.89 13.41 -10.29
PN NAP IA . 85.47 12.39 -9.14
O1N NAP IA . 84.34 12.99 -8.40
O2N NAP IA . 86.68 12.00 -8.37
O5D NAP IA . 84.94 11.10 -9.99
C5D NAP IA . 85.70 10.61 -11.11
C4D NAP IA . 85.35 9.14 -11.41
O4D NAP IA . 85.21 8.40 -10.13
C3D NAP IA . 84.02 9.02 -12.14
O3D NAP IA . 84.16 8.18 -13.31
C2D NAP IA . 83.09 8.35 -11.16
O2D NAP IA . 82.19 7.48 -11.82
C1D NAP IA . 83.99 7.61 -10.24
N1N NAP IA . 83.36 7.38 -8.91
C2N NAP IA . 83.11 6.04 -8.49
C3N NAP IA . 82.46 5.79 -7.27
C7N NAP IA . 82.27 4.34 -6.77
O7N NAP IA . 82.68 3.39 -7.41
N7N NAP IA . 81.64 4.22 -5.62
C4N NAP IA . 82.06 6.88 -6.47
C5N NAP IA . 82.32 8.22 -6.86
C6N NAP IA . 82.96 8.48 -8.08
P2B NAP IA . 92.41 17.59 -12.76
O1X NAP IA . 91.25 18.10 -13.52
O2X NAP IA . 92.29 17.84 -11.29
O3X NAP IA . 93.73 18.00 -13.31
C1 OXL JA . 79.62 7.50 -9.07
C2 OXL JA . 78.92 6.90 -7.86
O1 OXL JA . 80.14 6.76 -9.89
O2 OXL JA . 78.39 7.67 -6.97
O3 OXL JA . 79.70 8.72 -9.20
O4 OXL JA . 78.88 5.62 -7.71
MN MN KA . 78.27 9.71 -7.61
NA NA LA . 77.66 4.02 -9.28
NA NA MA . 48.48 -5.88 -10.81
PA NAP NA . -51.27 37.36 -17.90
O1A NAP NA . -52.71 37.11 -18.09
O2A NAP NA . -50.32 36.25 -18.07
O5B NAP NA . -51.01 38.00 -16.45
C5B NAP NA . -51.97 38.87 -15.82
C4B NAP NA . -51.82 38.72 -14.31
O4B NAP NA . -52.62 39.73 -13.62
C3B NAP NA . -52.32 37.37 -13.85
O3B NAP NA . -51.34 36.75 -12.98
C2B NAP NA . -53.55 37.67 -13.06
O2B NAP NA . -53.74 36.67 -12.02
C1B NAP NA . -53.30 39.04 -12.54
N9A NAP NA . -54.51 39.76 -12.11
C8A NAP NA . -55.72 39.84 -12.76
N7A NAP NA . -56.55 40.63 -12.01
C5A NAP NA . -55.82 40.97 -10.98
C6A NAP NA . -56.31 41.79 -9.98
N6A NAP NA . -57.56 42.24 -10.01
N1A NAP NA . -55.45 42.09 -8.96
C2A NAP NA . -54.17 41.60 -8.96
N3A NAP NA . -53.73 40.78 -9.98
C4A NAP NA . -54.58 40.48 -11.00
O3 NAP NA . -50.86 38.54 -18.85
PN NAP NA . -49.50 39.30 -19.17
O1N NAP NA . -48.98 38.78 -20.45
O2N NAP NA . -48.64 39.24 -17.97
O5D NAP NA . -50.00 40.81 -19.43
C5D NAP NA . -50.78 41.54 -18.48
C4D NAP NA . -50.70 43.03 -18.78
O4D NAP NA . -49.27 43.43 -18.96
C3D NAP NA . -51.42 43.37 -20.08
O3D NAP NA . -52.43 44.38 -19.86
C2D NAP NA . -50.35 43.88 -21.03
O2D NAP NA . -50.84 45.01 -21.80
C1D NAP NA . -49.19 44.27 -20.15
N1N NAP NA . -47.88 44.13 -20.86
C2N NAP NA . -47.11 45.30 -21.14
C3N NAP NA . -45.89 45.21 -21.83
C7N NAP NA . -45.04 46.49 -22.12
O7N NAP NA . -45.41 47.60 -21.73
N7N NAP NA . -43.92 46.28 -22.80
C4N NAP NA . -45.44 43.93 -22.26
C5N NAP NA . -46.19 42.75 -22.00
C6N NAP NA . -47.40 42.84 -21.30
P2B NAP NA . -54.00 35.06 -11.97
O1X NAP NA . -54.97 34.79 -13.06
O2X NAP NA . -52.67 34.44 -12.20
O3X NAP NA . -54.54 34.81 -10.62
C1 OXL OA . -48.24 44.15 -24.73
C2 OXL OA . -46.98 44.52 -25.51
O1 OXL OA . -48.92 45.03 -24.20
O2 OXL OA . -46.24 43.61 -26.03
O3 OXL OA . -48.60 42.97 -24.64
O4 OXL OA . -46.63 45.79 -25.62
MN MN PA . -47.47 41.81 -26.15
CL CL QA . -52.42 30.91 -25.82
CL CL RA . -36.60 59.18 -52.18
CL CL SA . -48.47 45.90 -29.15
PA NAP TA . -72.17 75.28 -72.24
O1A NAP TA . -70.98 76.05 -71.74
O2A NAP TA . -72.11 74.64 -73.57
O5B NAP TA . -73.44 76.21 -72.21
C5B NAP TA . -73.72 77.05 -71.08
C4B NAP TA . -74.68 78.12 -71.55
O4B NAP TA . -75.18 78.89 -70.43
C3B NAP TA . -73.98 79.08 -72.45
O3B NAP TA . -74.74 79.26 -73.66
C2B NAP TA . -73.94 80.35 -71.67
O2B NAP TA . -73.92 81.46 -72.53
C1B NAP TA . -75.13 80.27 -70.84
N9A NAP TA . -75.16 81.24 -69.68
C8A NAP TA . -74.12 81.55 -68.81
N7A NAP TA . -74.58 82.48 -67.93
C5A NAP TA . -75.83 82.68 -68.29
C6A NAP TA . -76.66 83.59 -67.62
N6A NAP TA . -76.22 84.32 -66.59
N1A NAP TA . -77.94 83.71 -68.09
C2A NAP TA . -78.35 82.97 -69.16
N3A NAP TA . -77.50 82.10 -69.78
C4A NAP TA . -76.21 81.97 -69.32
O3 NAP TA . -72.53 74.18 -71.16
PN NAP TA . -73.49 72.92 -71.10
O1N NAP TA . -72.75 71.75 -71.60
O2N NAP TA . -74.80 73.27 -71.72
O5D NAP TA . -73.68 72.73 -69.53
C5D NAP TA . -74.25 73.76 -68.72
C4D NAP TA . -75.00 73.12 -67.56
O4D NAP TA . -75.87 72.01 -68.06
C3D NAP TA . -74.05 72.50 -66.57
O3D NAP TA . -74.32 72.96 -65.24
C2D NAP TA . -74.28 71.03 -66.66
O2D NAP TA . -74.14 70.43 -65.39
C1D NAP TA . -75.65 70.88 -67.19
N1N NAP TA . -75.83 69.60 -67.90
C2N NAP TA . -76.74 68.65 -67.37
C3N NAP TA . -76.87 67.38 -67.97
C7N NAP TA . -77.92 66.38 -67.45
O7N NAP TA . -78.70 66.68 -66.54
N7N NAP TA . -77.96 65.21 -68.07
C4N NAP TA . -76.07 67.06 -69.10
C5N NAP TA . -75.16 68.01 -69.65
C6N NAP TA . -75.02 69.27 -69.06
P2B NAP TA . -72.89 82.01 -73.62
O1X NAP TA . -73.08 81.16 -74.82
O2X NAP TA . -73.29 83.42 -73.79
O3X NAP TA . -71.55 81.84 -73.00
C1 OXL UA . -73.15 67.00 -66.80
C2 OXL UA . -73.78 65.63 -66.91
O1 OXL UA . -73.57 67.80 -65.97
O2 OXL UA . -73.33 64.77 -67.78
O3 OXL UA . -72.23 67.33 -67.55
O4 OXL UA . -74.77 65.32 -66.14
MN MN VA . -71.40 65.59 -68.62
NA NA WA . -79.47 52.96 -86.68
NA NA XA . -59.02 55.35 -58.32
CL CL YA . -71.76 63.39 -64.38
CL CL ZA . -63.72 40.13 -48.39
PA NAP AB . -60.15 9.56 -101.22
O1A NAP AB . -59.92 8.40 -100.35
O2A NAP AB . -61.41 10.34 -101.08
O5B NAP AB . -60.04 9.13 -102.77
C5B NAP AB . -59.29 7.98 -103.19
C4B NAP AB . -59.93 7.48 -104.47
O4B NAP AB . -59.01 6.63 -105.24
C3B NAP AB . -61.13 6.64 -104.16
O3B NAP AB . -62.27 7.05 -104.95
C2B NAP AB . -60.75 5.26 -104.53
O2B NAP AB . -61.88 4.52 -104.92
C1B NAP AB . -59.77 5.45 -105.63
N9A NAP AB . -58.90 4.30 -105.85
C8A NAP AB . -58.19 3.58 -104.91
N7A NAP AB . -57.47 2.62 -105.55
C5A NAP AB . -57.76 2.79 -106.83
C6A NAP AB . -57.21 2.01 -107.83
N6A NAP AB . -56.38 1.02 -107.56
N1A NAP AB . -57.58 2.31 -109.11
C2A NAP AB . -58.46 3.32 -109.37
N3A NAP AB . -58.98 4.06 -108.33
C4A NAP AB . -58.62 3.79 -107.04
O3 NAP AB . -58.92 10.55 -101.07
PN NAP AB . -58.52 11.95 -101.70
O1N NAP AB . -58.77 12.99 -100.68
O2N NAP AB . -59.17 12.10 -103.03
O5D NAP AB . -56.94 11.77 -101.91
C5D NAP AB . -56.42 10.75 -102.76
C4D NAP AB . -55.10 11.20 -103.40
O4D NAP AB . -55.26 12.57 -103.93
C3D NAP AB . -53.98 11.24 -102.37
O3D NAP AB . -52.87 10.38 -102.75
C2D NAP AB . -53.53 12.70 -102.29
O2D NAP AB . -52.08 12.81 -102.21
C1D NAP AB . -54.08 13.35 -103.53
N1N NAP AB . -54.40 14.78 -103.30
C2N NAP AB . -53.58 15.77 -103.90
C3N NAP AB . -53.80 17.12 -103.64
C7N NAP AB . -52.90 18.19 -104.31
O7N NAP AB . -51.99 17.85 -105.08
N7N NAP AB . -53.18 19.46 -103.99
C4N NAP AB . -54.84 17.50 -102.76
C5N NAP AB . -55.68 16.54 -102.16
C6N NAP AB . -55.47 15.18 -102.42
P2B NAP AB . -63.16 3.94 -104.14
O1X NAP AB . -64.10 5.07 -104.01
O2X NAP AB . -63.67 2.83 -105.01
O3X NAP AB . -62.59 3.48 -102.84
C1 OXL BB . -52.84 16.23 -99.92
C2 OXL BB . -52.30 17.66 -100.09
O1 OXL BB . -52.18 15.27 -100.28
O2 OXL BB . -53.01 18.67 -99.72
O3 OXL BB . -53.92 16.05 -99.37
O4 OXL BB . -51.12 17.87 -100.63
MN MN CB . -54.31 17.70 -97.78
NA NA DB . -37.59 30.38 -78.03
CL CL EB . -45.55 41.32 -89.14
PA NAP FB . -0.28 24.52 -69.14
O1A NAP FB . -0.27 25.37 -70.35
O2A NAP FB . -0.20 25.16 -67.81
O5B NAP FB . 0.90 23.42 -69.24
C5B NAP FB . 1.49 23.04 -70.47
C4B NAP FB . 2.93 22.73 -70.18
O4B NAP FB . 3.49 21.81 -71.18
C3B NAP FB . 3.78 23.96 -70.21
O3B NAP FB . 4.63 24.01 -69.04
C2B NAP FB . 4.62 23.84 -71.45
O2B NAP FB . 5.89 24.52 -71.29
C1B NAP FB . 4.77 22.37 -71.62
N9A NAP FB . 5.12 21.96 -73.00
C8A NAP FB . 4.68 22.49 -74.19
N7A NAP FB . 5.26 21.81 -75.21
C5A NAP FB . 6.02 20.91 -74.61
C6A NAP FB . 6.80 19.99 -75.31
N6A NAP FB . 6.86 19.99 -76.65
N1A NAP FB . 7.53 19.10 -74.56
C2A NAP FB . 7.47 19.14 -73.19
N3A NAP FB . 6.69 20.07 -72.55
C4A NAP FB . 5.95 20.97 -73.28
O3 NAP FB . -1.53 23.63 -69.16
PN NAP FB . -2.10 22.50 -68.23
O1N NAP FB . -3.16 23.11 -67.39
O2N NAP FB . -0.97 21.83 -67.57
O5D NAP FB . -2.78 21.52 -69.27
C5D NAP FB . -1.97 20.70 -70.13
C4D NAP FB . -2.73 19.41 -70.44
O4D NAP FB . -3.14 18.73 -69.17
C3D NAP FB . -4.00 19.71 -71.25
O3D NAP FB . -3.98 19.04 -72.52
C2D NAP FB . -5.15 19.20 -70.40
O2D NAP FB . -6.14 18.53 -71.19
C1D NAP FB . -4.52 18.25 -69.40
N1N NAP FB . -5.30 18.17 -68.14
C2N NAP FB . -5.84 16.92 -67.75
C3N NAP FB . -6.67 16.83 -66.63
C7N NAP FB . -7.22 15.46 -66.18
O7N NAP FB . -6.93 14.43 -66.78
N7N NAP FB . -8.01 15.48 -65.12
C4N NAP FB . -6.96 17.99 -65.88
C5N NAP FB . -6.43 19.24 -66.25
C6N NAP FB . -5.59 19.35 -67.36
P2B NAP FB . 6.35 26.03 -71.00
O1X NAP FB . 6.27 26.20 -69.52
O2X NAP FB . 7.73 26.13 -71.52
O3X NAP FB . 5.37 26.87 -71.75
C1 OXL GB . -8.86 19.37 -68.68
C2 OXL GB . -9.86 18.67 -67.74
O1 OXL GB . -8.29 18.73 -69.56
O2 OXL GB . -10.46 19.36 -66.81
O3 OXL GB . -8.63 20.56 -68.56
O4 OXL GB . -10.10 17.39 -67.88
MN MN HB . -10.16 21.66 -67.25
NA NA IB . -15.13 10.85 -70.42
NA NA JB . -11.38 18.16 -80.23
NA NA KB . 1.42 7.14 -49.60
NA NA LB . -8.61 17.16 -81.47
NA NA MB . 2.05 15.54 -73.28
CL CL NB . 11.25 -4.23 -72.00
PA NAP OB . 2.40 -40.79 -55.03
O1A NAP OB . 2.19 -39.42 -54.52
O2A NAP OB . 3.79 -41.29 -55.19
O5B NAP OB . 1.60 -40.93 -56.43
C5B NAP OB . 0.25 -40.42 -56.54
C4B NAP OB . -0.09 -40.18 -58.01
O4B NAP OB . -1.47 -39.73 -58.19
C3B NAP OB . 0.78 -39.13 -58.58
O3B NAP OB . 1.47 -39.61 -59.76
C2B NAP OB . -0.13 -38.01 -58.96
O2B NAP OB . 0.37 -37.30 -60.12
C1B NAP OB . -1.42 -38.69 -59.21
N9A NAP OB . -2.58 -37.79 -59.20
C8A NAP OB . -2.90 -36.80 -58.28
N7A NAP OB . -4.08 -36.24 -58.66
C5A NAP OB . -4.42 -36.89 -59.75
C6A NAP OB . -5.58 -36.62 -60.45
N6A NAP OB . -6.44 -35.69 -60.07
N1A NAP OB . -5.81 -37.36 -61.57
C2A NAP OB . -4.92 -38.33 -61.96
N3A NAP OB . -3.79 -38.57 -61.23
C4A NAP OB . -3.54 -37.83 -60.11
O3 NAP OB . 1.60 -41.86 -54.12
PN NAP OB . 1.59 -43.48 -54.04
O1N NAP OB . 2.55 -43.92 -53.02
O2N NAP OB . 1.68 -44.02 -55.42
O5D NAP OB . 0.14 -43.81 -53.42
C5D NAP OB . -1.09 -43.33 -54.02
C4D NAP OB . -2.28 -44.07 -53.38
O4D NAP OB . -2.06 -45.55 -53.47
C3D NAP OB . -2.41 -43.73 -51.88
O3D NAP OB . -3.77 -43.41 -51.52
C2D NAP OB . -1.99 -44.95 -51.17
O2D NAP OB . -2.68 -45.07 -49.91
C1D NAP OB . -2.30 -46.08 -52.14
N1N NAP OB . -1.48 -47.32 -51.87
C2N NAP OB . -2.16 -48.55 -51.64
C3N NAP OB . -1.44 -49.69 -51.26
C7N NAP OB . -2.20 -51.03 -51.02
O7N NAP OB . -3.42 -51.09 -51.18
N7N NAP OB . -1.45 -52.09 -50.65
C4N NAP OB . -0.02 -49.61 -51.11
C5N NAP OB . 0.68 -48.39 -51.34
C6N NAP OB . -0.03 -47.24 -51.72
P2B NAP OB . 1.72 -36.45 -60.43
O1X NAP OB . 2.81 -37.42 -60.56
O2X NAP OB . 1.44 -35.74 -61.71
O3X NAP OB . 1.86 -35.54 -59.27
C1 OXL PB . -0.59 -47.54 -48.14
C2 OXL PB . -0.39 -49.02 -47.81
O1 OXL PB . -1.72 -47.10 -48.32
O2 OXL PB . 0.82 -49.50 -47.65
O3 OXL PB . 0.37 -46.78 -48.23
O4 OXL PB . -1.42 -49.82 -47.73
MN MN QB . 2.11 -47.62 -47.17
NA NA RB . 0.33 -43.96 -70.54
NA NA SB . 5.28 -68.78 -72.39
CL CL TB . 7.17 -45.21 -49.64
CL CL UB . -19.11 -51.64 -46.55
CL CL VB . 18.11 -56.48 -55.33
CL CL WB . -13.59 -60.21 -69.80
CL CL XB . 16.00 -56.92 -58.83
PA NAP YB . -24.69 -49.08 8.16
O1A NAP YB . -25.12 -50.25 7.36
O2A NAP YB . -23.77 -49.30 9.31
O5B NAP YB . -25.97 -48.34 8.71
C5B NAP YB . -27.08 -48.06 7.84
C4B NAP YB . -28.24 -47.75 8.73
O4B NAP YB . -29.44 -47.41 7.95
C3B NAP YB . -28.60 -48.95 9.54
O3B NAP YB . -28.78 -48.58 10.94
C2B NAP YB . -29.88 -49.43 8.99
O2B NAP YB . -30.62 -50.17 9.98
C1B NAP YB . -30.53 -48.16 8.55
N9A NAP YB . -31.66 -48.30 7.63
C8A NAP YB . -31.82 -49.19 6.59
N7A NAP YB . -33.04 -48.97 6.03
C5A NAP YB . -33.55 -47.98 6.74
C6A NAP YB . -34.80 -47.46 6.48
N6A NAP YB . -35.57 -47.92 5.50
N1A NAP YB . -35.23 -46.42 7.29
C2A NAP YB . -34.41 -45.97 8.29
N3A NAP YB . -33.18 -46.53 8.50
C4A NAP YB . -32.76 -47.56 7.70
O3 NAP YB . -24.08 -47.97 7.19
PN NAP YB . -23.30 -46.57 7.39
O1N NAP YB . -21.86 -46.88 7.50
O2N NAP YB . -23.97 -45.81 8.47
O5D NAP YB . -23.54 -45.81 5.98
C5D NAP YB . -24.87 -45.54 5.53
C4D NAP YB . -24.89 -44.39 4.53
O4D NAP YB . -24.10 -43.23 5.03
C3D NAP YB . -24.28 -44.81 3.21
O3D NAP YB . -25.19 -44.50 2.12
C2D NAP YB . -23.03 -43.97 3.06
O2D NAP YB . -22.79 -43.62 1.70
C1D NAP YB . -23.29 -42.75 3.91
N1N NAP YB . -22.02 -42.10 4.38
C2N NAP YB . -21.76 -40.73 4.02
C3N NAP YB . -20.55 -40.12 4.40
C7N NAP YB . -20.27 -38.65 4.05
O7N NAP YB . -21.11 -37.96 3.45
N7N NAP YB . -19.10 -38.17 4.43
C4N NAP YB . -19.59 -40.87 5.12
C5N NAP YB . -19.83 -42.21 5.49
C6N NAP YB . -21.04 -42.84 5.12
P2B NAP YB . -30.31 -51.49 10.84
O1X NAP YB . -29.70 -52.43 9.87
O2X NAP YB . -29.39 -51.06 11.91
O3X NAP YB . -31.64 -51.93 11.36
C1 OXL ZB . -19.09 -42.97 2.23
C2 OXL ZB . -17.91 -42.01 2.23
O1 OXL ZB . -20.10 -42.70 1.58
O2 OXL ZB . -16.88 -42.22 3.00
O3 OXL ZB . -19.03 -44.04 2.84
O4 OXL ZB . -17.97 -40.92 1.54
MN MN AC . -16.82 -44.52 3.27
NA NA BC . -24.45 -25.83 2.69
NA NA CC . -17.17 -35.22 -4.82
CL CL DC . -1.96 -45.11 -20.26
CL CL EC . -6.63 -43.78 -21.78
PA NAP FC . 46.25 -35.07 21.39
O1A NAP FC . 47.16 -34.62 20.29
O2A NAP FC . 44.98 -34.33 21.61
O5B NAP FC . 47.06 -35.09 22.79
C5B NAP FC . 48.43 -35.57 22.89
C4B NAP FC . 49.07 -34.88 24.07
O4B NAP FC . 50.37 -35.48 24.43
C3B NAP FC . 49.32 -33.43 23.76
O3B NAP FC . 48.66 -32.58 24.72
C2B NAP FC . 50.80 -33.23 23.85
O2B NAP FC . 51.11 -31.93 24.35
C1B NAP FC . 51.25 -34.34 24.77
N9A NAP FC . 52.71 -34.70 24.63
C8A NAP FC . 53.43 -34.85 23.46
N7A NAP FC . 54.71 -35.19 23.77
C5A NAP FC . 54.71 -35.24 25.08
C6A NAP FC . 55.85 -35.57 25.81
N6A NAP FC . 57.01 -35.85 25.22
N1A NAP FC . 55.74 -35.60 27.17
C2A NAP FC . 54.54 -35.30 27.76
N3A NAP FC . 53.45 -34.97 27.01
C4A NAP FC . 53.54 -34.94 25.64
O3 NAP FC . 45.93 -36.60 21.20
PN NAP FC . 44.90 -37.62 21.86
O1N NAP FC . 43.65 -37.54 21.09
O2N NAP FC . 44.85 -37.36 23.32
O5D NAP FC . 45.60 -39.04 21.62
C5D NAP FC . 46.84 -39.34 22.27
C4D NAP FC . 47.07 -40.84 22.35
O4D NAP FC . 46.01 -41.46 23.16
C3D NAP FC . 47.03 -41.47 20.97
O3D NAP FC . 48.33 -41.98 20.59
C2D NAP FC . 46.04 -42.61 21.06
O2D NAP FC . 46.63 -43.82 20.58
C1D NAP FC . 45.67 -42.73 22.53
N1N NAP FC . 44.22 -43.08 22.70
C2N NAP FC . 43.87 -44.35 23.27
C3N NAP FC . 42.51 -44.73 23.35
C7N NAP FC . 42.11 -46.11 23.95
O7N NAP FC . 42.96 -46.90 24.35
N7N NAP FC . 40.80 -46.36 23.98
C4N NAP FC . 41.51 -43.84 22.86
C5N NAP FC . 41.83 -42.59 22.30
C6N NAP FC . 43.19 -42.20 22.22
P2B NAP FC . 50.85 -30.42 23.83
O1X NAP FC . 49.46 -30.09 24.25
O2X NAP FC . 51.87 -29.61 24.52
O3X NAP FC . 51.03 -30.48 22.37
C1 OXL GC . 42.89 -44.61 19.40
C2 OXL GC . 41.72 -45.59 19.56
O1 OXL GC . 44.05 -44.97 19.60
O2 OXL GC . 40.49 -45.17 19.40
O3 OXL GC . 42.67 -43.44 19.06
O4 OXL GC . 41.94 -46.85 19.88
MN MN HC . 40.50 -43.17 18.15
NA NA IC . 46.05 -38.35 -4.46
CL CL JC . 31.71 -30.76 25.48
PA NAP KC . 47.61 -88.64 -23.00
O1A NAP KC . 47.17 -89.22 -21.72
O2A NAP KC . 46.72 -88.71 -24.18
O5B NAP KC . 49.02 -89.30 -23.42
C5B NAP KC . 50.11 -89.54 -22.51
C4B NAP KC . 50.99 -90.58 -23.17
O4B NAP KC . 52.28 -90.78 -22.49
C3B NAP KC . 50.27 -91.91 -23.16
O3B NAP KC . 50.22 -92.45 -24.50
C2B NAP KC . 51.08 -92.80 -22.27
O2B NAP KC . 50.97 -94.17 -22.66
C1B NAP KC . 52.47 -92.23 -22.40
N9A NAP KC . 53.38 -92.61 -21.30
C8A NAP KC . 53.11 -92.63 -19.96
N7A NAP KC . 54.21 -93.04 -19.30
C5A NAP KC . 55.10 -93.25 -20.24
C6A NAP KC . 56.40 -93.66 -19.96
N6A NAP KC . 56.81 -93.90 -18.72
N1A NAP KC . 57.24 -93.83 -21.03
C2A NAP KC . 56.78 -93.58 -22.31
N3A NAP KC . 55.49 -93.17 -22.52
C4A NAP KC . 54.64 -93.00 -21.46
O3 NAP KC . 48.03 -87.14 -22.78
PN NAP KC . 48.33 -85.93 -23.75
O1N NAP KC . 47.06 -85.17 -23.92
O2N NAP KC . 49.00 -86.45 -24.96
O5D NAP KC . 49.38 -84.99 -22.92
C5D NAP KC . 50.62 -85.54 -22.34
C4D NAP KC . 51.56 -84.37 -21.90
O4D NAP KC . 51.75 -83.42 -23.02
C3D NAP KC . 50.98 -83.57 -20.74
O3D NAP KC . 51.91 -83.54 -19.62
C2D NAP KC . 50.78 -82.15 -21.27
O2D NAP KC . 51.18 -81.16 -20.30
C1D NAP KC . 51.63 -82.07 -22.50
N1N NAP KC . 51.06 -81.13 -23.50
C2N NAP KC . 51.85 -80.00 -23.89
C3N NAP KC . 51.32 -79.05 -24.79
C7N NAP KC . 52.19 -77.86 -25.27
O7N NAP KC . 53.37 -77.75 -24.92
N7N NAP KC . 51.61 -77.01 -26.11
C4N NAP KC . 50.00 -79.22 -25.29
C5N NAP KC . 49.21 -80.35 -24.91
C6N NAP KC . 49.73 -81.30 -24.02
P2B NAP KC . 49.77 -95.26 -22.68
O1X NAP KC . 48.95 -94.96 -21.49
O2X NAP KC . 49.06 -95.04 -23.97
O3X NAP KC . 50.42 -96.58 -22.61
C1 OXL LC . 48.54 -78.80 -21.86
C2 OXL LC . 48.39 -77.44 -22.54
O1 OXL LC . 49.59 -79.12 -21.32
O2 OXL LC . 47.28 -77.11 -23.13
O3 OXL LC . 47.60 -79.60 -21.87
O4 OXL LC . 49.39 -76.59 -22.53
MN MN MC . 45.67 -78.64 -22.45
NA NA NC . 48.17 -67.14 -31.73
CL CL OC . 62.14 -60.33 -32.79
PA NAP PC . -52.76 16.81 97.69
O1A NAP PC . -53.28 15.56 97.12
O2A NAP PC . -51.83 16.76 98.85
O5B NAP PC . -53.97 17.72 98.11
C5B NAP PC . -55.14 17.83 97.30
C4B NAP PC . -56.16 18.60 98.11
O4B NAP PC . -57.25 19.09 97.28
C3B NAP PC . -56.75 17.71 99.15
O3B NAP PC . -56.80 18.40 100.44
C2B NAP PC . -58.14 17.44 98.66
O2B NAP PC . -59.01 17.10 99.76
C1B NAP PC . -58.49 18.72 97.96
N9A NAP PC . -59.63 18.64 97.03
C8A NAP PC . -59.90 17.67 96.09
N7A NAP PC . -61.05 18.01 95.44
C5A NAP PC . -61.41 19.15 95.98
C6A NAP PC . -62.55 19.84 95.59
N6A NAP PC . -63.34 19.40 94.62
N1A NAP PC . -62.81 21.00 96.25
C2A NAP PC . -61.97 21.45 97.24
N3A NAP PC . -60.86 20.72 97.59
C4A NAP PC . -60.59 19.55 96.95
O3 NAP PC . -52.06 17.67 96.54
PN NAP PC . -51.01 18.87 96.53
O1N NAP PC . -49.66 18.29 96.69
O2N NAP PC . -51.49 19.92 97.47
O5D NAP PC . -51.11 19.45 95.05
C5D NAP PC . -52.37 19.83 94.50
C4D NAP PC . -52.12 20.72 93.29
O4D NAP PC . -51.11 21.76 93.62
C3D NAP PC . -51.56 19.91 92.11
O3D NAP PC . -52.41 20.05 90.94
C2D NAP PC . -50.21 20.48 91.83
O2D NAP PC . -49.96 20.57 90.42
C1D NAP PC . -50.21 21.86 92.49
N1N NAP PC . -48.84 22.31 92.90
C2N NAP PC . -48.31 23.50 92.32
C3N NAP PC . -47.01 23.90 92.62
C7N NAP PC . -46.44 25.20 91.98
O7N NAP PC . -47.13 25.90 91.24
N7N NAP PC . -45.20 25.50 92.31
C4N NAP PC . -46.21 23.13 93.50
C5N NAP PC . -46.73 21.94 94.10
C6N NAP PC . -48.03 21.52 93.80
P2B NAP PC . -58.97 15.98 100.92
O1X NAP PC . -58.54 14.74 100.23
O2X NAP PC . -57.98 16.44 101.92
O3X NAP PC . -60.36 15.93 101.44
C1 OXL QC . -46.04 20.72 90.78
C2 OXL QC . -44.73 21.50 90.88
O1 OXL QC . -46.94 21.11 90.03
O2 OXL QC . -43.79 21.11 91.68
O3 OXL QC . -46.23 19.71 91.46
O4 OXL QC . -44.57 22.59 90.16
MN MN RC . -44.25 18.79 92.21
NA NA SC . -44.38 41.10 105.28
NA NA TC . -43.45 43.89 100.77
NA NA UC . -34.35 30.10 91.94
NA NA VC . -56.07 41.75 98.15
NA NA WC . -45.53 0.63 88.78
NA NA XC . -29.43 3.80 75.20
CL CL YC . -23.35 19.06 65.76
CL CL ZC . -47.19 5.45 76.65
CL CL AD . -26.23 15.85 110.85
PA NAP BD . -25.83 9.50 34.04
O1A NAP BD . -25.62 10.90 34.46
O2A NAP BD . -24.65 8.64 33.79
O5B NAP BD . -26.71 9.48 32.69
C5B NAP BD . -27.92 10.24 32.54
C4B NAP BD . -28.30 10.16 31.07
O4B NAP BD . -29.61 10.79 30.77
C3B NAP BD . -27.29 10.87 30.25
O3B NAP BD . -26.82 10.03 29.16
C2B NAP BD . -28.00 12.06 29.70
O2B NAP BD . -27.42 12.48 28.48
C1B NAP BD . -29.40 11.58 29.56
N9A NAP BD . -30.40 12.66 29.40
C8A NAP BD . -30.48 13.83 30.10
N7A NAP BD . -31.56 14.54 29.65
C5A NAP BD . -32.08 13.78 28.72
C6A NAP BD . -33.23 14.15 28.03
N6A NAP BD . -33.86 15.29 28.26
N1A NAP BD . -33.69 13.26 27.08
C2A NAP BD . -33.02 12.07 26.85
N3A NAP BD . -31.88 11.77 27.58
C4A NAP BD . -31.42 12.64 28.53
O3 NAP BD . -26.80 8.76 35.07
PN NAP BD . -27.25 7.23 35.35
O1N NAP BD . -26.27 6.62 36.25
O2N NAP BD . -27.50 6.60 34.05
O5D NAP BD . -28.65 7.39 36.14
C5D NAP BD . -29.80 8.02 35.52
C4D NAP BD . -31.11 7.66 36.27
O4D NAP BD . -31.26 6.19 36.37
C3D NAP BD . -31.11 8.21 37.69
O3D NAP BD . -32.33 8.94 37.98
C2D NAP BD . -31.01 7.03 38.58
O2D NAP BD . -31.75 7.22 39.78
C1D NAP BD . -31.56 5.89 37.76
N1N NAP BD . -30.99 4.58 38.20
C2N NAP BD . -31.90 3.56 38.60
C3N NAP BD . -31.39 2.35 39.11
C7N NAP BD . -32.37 1.25 39.55
O7N NAP BD . -33.58 1.41 39.44
N7N NAP BD . -31.81 0.12 40.02
C4N NAP BD . -29.99 2.16 39.22
C5N NAP BD . -29.07 3.18 38.83
C6N NAP BD . -29.56 4.39 38.31
P2B NAP BD . -26.05 13.12 28.05
O1X NAP BD . -26.28 13.57 26.65
O2X NAP BD . -25.85 14.22 29.01
O3X NAP BD . -25.05 12.04 28.14
C1 OXL CD . -30.05 4.85 41.95
C2 OXL CD . -30.12 3.44 42.54
O1 OXL CD . -31.09 5.45 41.66
O2 OXL CD . -29.03 2.79 42.77
O3 OXL CD . -28.96 5.38 41.78
O4 OXL CD . -31.28 2.88 42.74
MN MN DD . -27.23 4.33 43.06
NA NA ED . -43.96 -6.83 53.69
CL CL FD . -36.58 -1.25 74.88
CL CL GD . -36.87 -14.72 52.40
PA NAP HD . 9.77 -40.62 73.58
O1A NAP HD . 9.27 -40.88 74.95
O2A NAP HD . 8.79 -40.57 72.48
O5B NAP HD . 10.86 -41.70 73.19
C5B NAP HD . 11.99 -41.94 74.04
C4B NAP HD . 12.66 -43.22 73.56
O4B NAP HD . 13.92 -43.49 74.32
C3B NAP HD . 11.75 -44.37 73.79
O3B NAP HD . 11.63 -45.19 72.60
C2B NAP HD . 12.38 -45.16 74.87
O2B NAP HD . 12.03 -46.51 74.74
C1B NAP HD . 13.85 -44.89 74.70
N9A NAP HD . 14.68 -45.19 75.91
C8A NAP HD . 14.43 -44.85 77.22
N7A NAP HD . 15.42 -45.36 78.01
C5A NAP HD . 16.21 -45.98 77.17
C6A NAP HD . 17.36 -46.65 77.58
N6A NAP HD . 17.73 -46.70 78.85
N1A NAP HD . 18.09 -47.25 76.60
C2A NAP HD . 17.70 -47.19 75.29
N3A NAP HD . 16.56 -46.51 74.93
C4A NAP HD . 15.80 -45.90 75.90
O3 NAP HD . 10.62 -39.26 73.61
PN NAP HD . 11.07 -38.19 72.52
O1N NAP HD . 9.94 -37.30 72.27
O2N NAP HD . 11.67 -38.91 71.38
O5D NAP HD . 12.22 -37.35 73.28
C5D NAP HD . 13.29 -38.03 73.92
C4D NAP HD . 14.52 -37.14 73.98
O4D NAP HD . 14.73 -36.46 72.66
C3D NAP HD . 14.33 -36.04 75.02
O3D NAP HD . 15.46 -35.99 75.91
C2D NAP HD . 14.24 -34.77 74.23
O2D NAP HD . 14.81 -33.67 74.96
C1D NAP HD . 15.00 -35.05 72.96
N1N NAP HD . 14.59 -34.14 71.85
C2N NAP HD . 15.54 -33.22 71.32
C3N NAP HD . 15.15 -32.32 70.31
C7N NAP HD . 16.18 -31.33 69.73
O7N NAP HD . 17.33 -31.32 70.14
N7N NAP HD . 15.74 -30.52 68.78
C4N NAP HD . 13.82 -32.34 69.82
C5N NAP HD . 12.88 -33.26 70.33
C6N NAP HD . 13.25 -34.16 71.34
P2B NAP HD . 10.66 -47.33 74.91
O1X NAP HD . 9.95 -46.64 76.03
O2X NAP HD . 9.95 -47.21 73.61
O3X NAP HD . 11.08 -48.70 75.22
C1 OXL ID . 12.77 -31.03 73.11
C2 OXL ID . 12.92 -29.85 72.14
O1 OXL ID . 13.75 -31.45 73.72
O2 OXL ID . 11.92 -29.45 71.42
O3 OXL ID . 11.67 -31.55 73.33
O4 OXL ID . 14.07 -29.30 71.98
MN MN JD . 10.01 -30.31 72.45
NA NA KD . 5.51 -33.95 71.28
NA NA LD . 9.36 -37.25 59.64
NA NA MD . 9.74 -19.89 79.24
NA NA ND . 10.72 -36.67 79.05
CL CL OD . 29.26 -17.73 59.32
CL CL PD . 0.73 -36.76 75.88
CL CL QD . 20.39 -29.15 82.30
CL CL RD . 8.12 -24.61 91.99
PA NAP SD . 19.68 18.39 109.08
O1A NAP SD . 20.64 18.32 107.94
O2A NAP SD . 18.62 19.42 109.06
O5B NAP SD . 20.47 18.53 110.48
C5B NAP SD . 21.68 17.79 110.75
C4B NAP SD . 22.46 18.49 111.84
O4B NAP SD . 23.66 17.74 112.23
C3B NAP SD . 22.92 19.83 111.38
O3B NAP SD . 22.52 20.85 112.32
C2B NAP SD . 24.41 19.75 111.32
O2B NAP SD . 25.01 21.02 111.59
C1B NAP SD . 24.73 18.72 112.34
N9A NAP SD . 26.03 18.12 112.17
C8A NAP SD . 26.63 17.70 111.01
N7A NAP SD . 27.85 17.19 111.31
C5A NAP SD . 27.94 17.32 112.61
C6A NAP SD . 29.05 16.90 113.31
N6A NAP SD . 30.10 16.38 112.70
N1A NAP SD . 29.02 17.08 114.66
C2A NAP SD . 27.93 17.64 115.27
N3A NAP SD . 26.85 18.04 114.53
C4A NAP SD . 26.86 17.86 113.17
O3 NAP SD . 19.03 16.94 109.24
PN NAP SD . 17.81 16.32 110.05
O1N NAP SD . 16.59 16.42 109.21
O2N NAP SD . 17.81 16.91 111.42
O5D NAP SD . 18.24 14.78 110.14
C5D NAP SD . 19.49 14.41 110.73
C4D NAP SD . 19.50 12.91 111.03
O4D NAP SD . 18.31 12.57 111.84
C3D NAP SD . 19.42 12.10 109.76
O3D NAP SD . 20.48 11.11 109.72
C2D NAP SD . 18.07 11.44 109.80
O2D NAP SD . 18.12 10.13 109.24
C1D NAP SD . 17.70 11.41 111.24
N1N NAP SD . 16.23 11.41 111.44
C2N NAP SD . 15.65 10.32 112.17
C3N NAP SD . 14.26 10.23 112.31
C7N NAP SD . 13.65 9.08 113.13
O7N NAP SD . 14.37 8.24 113.69
N7N NAP SD . 12.32 9.08 113.19
C4N NAP SD . 13.43 11.22 111.73
C5N NAP SD . 13.99 12.32 110.99
C6N NAP SD . 15.39 12.42 110.85
P2B NAP SD . 25.02 22.47 110.86
O1X NAP SD . 25.07 22.17 109.39
O2X NAP SD . 23.76 23.14 111.30
O3X NAP SD . 26.23 23.14 111.38
C1 OXL TD . 14.54 9.57 108.69
C2 OXL TD . 13.12 9.01 108.94
O1 OXL TD . 15.54 8.91 109.01
O2 OXL TD . 12.07 9.72 108.64
O3 OXL TD . 14.69 10.67 108.15
O4 OXL TD . 12.97 7.83 109.51
MN MN UD . 12.53 11.21 106.97
NA NA VD . -17.07 -7.49 89.52
NA NA WD . 19.55 4.47 114.10
NA NA XD . 19.45 -0.36 130.60
NA NA YD . -1.23 21.76 109.44
NA NA ZD . 15.21 -14.99 104.77
CL CL AE . -1.28 -16.26 93.01
CL CL BE . 1.13 5.32 114.57
CL CL CE . -6.89 -25.30 93.29
#